data_7P4G
#
_entry.id   7P4G
#
_cell.length_a   83.705
_cell.length_b   141.571
_cell.length_c   148.136
_cell.angle_alpha   114.550
_cell.angle_beta   94.690
_cell.angle_gamma   102.200
#
_symmetry.space_group_name_H-M   'P 1'
#
loop_
_entity.id
_entity.type
_entity.pdbx_description
1 polymer 'L-lactate dehydrogenase A chain'
2 non-polymer 'CITRIC ACID'
3 water water
#
_entity_poly.entity_id   1
_entity_poly.type   'polypeptide(L)'
_entity_poly.pdbx_seq_one_letter_code
;MAALKDQLIHNLLKEEHVPQNKITVVGVGAVGMACAISILMKDLADELALVDVMEDKLKGEMMDLQHGSLFLRTPKIVSG
KDYSVTANSKLVIITAGARQQEGESRLNLVQRNVNIFKFIIPNVVKYSPHCKLLVVSNPVDILTYVAWKISGFPKNRVIG
SGCNLDSARFRYLMGERLGVHALSCHGWILGEHGDSSVPVWSGMNVAGVSLKTLHPELGTDADKEQWKQVHKQVVDSAYE
VIKLKGYTSWAIGLSVADLAESIMKNLRRVHPISTMLKGLYGIKEDVFLSVPCVLGQNGISDVVKVTLTSEEEAHLKKSA
DTLWGIQKELQF
;
_entity_poly.pdbx_strand_id   A,B,C,D,E,F,G,H,I,J,K,L,M,N,O,P
#
loop_
_chem_comp.id
_chem_comp.type
_chem_comp.name
_chem_comp.formula
CIT non-polymer 'CITRIC ACID' 'C6 H8 O7'
#
# COMPACT_ATOMS: atom_id res chain seq x y z
N ALA A 2 -48.41 -28.13 18.07
CA ALA A 2 -47.98 -29.49 17.65
C ALA A 2 -46.83 -29.95 18.54
N ALA A 3 -45.96 -30.83 18.02
CA ALA A 3 -44.76 -31.36 18.71
C ALA A 3 -43.77 -30.21 18.97
N LEU A 4 -43.05 -30.28 20.09
CA LEU A 4 -42.04 -29.28 20.50
C LEU A 4 -41.12 -28.96 19.32
N LYS A 5 -40.65 -29.99 18.60
CA LYS A 5 -39.67 -29.90 17.49
C LYS A 5 -40.24 -29.04 16.34
N ASP A 6 -41.55 -29.07 16.10
CA ASP A 6 -42.21 -28.32 15.00
C ASP A 6 -42.38 -26.86 15.46
N GLN A 7 -42.65 -26.64 16.75
CA GLN A 7 -42.75 -25.26 17.32
C GLN A 7 -41.38 -24.59 17.19
N LEU A 8 -40.32 -25.29 17.61
CA LEU A 8 -38.93 -24.75 17.73
C LEU A 8 -38.26 -24.65 16.35
N ILE A 9 -38.39 -25.69 15.51
CA ILE A 9 -37.53 -25.85 14.30
C ILE A 9 -38.41 -26.02 13.04
N HIS A 10 -38.11 -25.25 11.99
CA HIS A 10 -38.75 -25.31 10.65
C HIS A 10 -37.86 -26.07 9.68
N ASN A 11 -38.20 -27.32 9.37
CA ASN A 11 -37.45 -28.24 8.48
C ASN A 11 -37.59 -27.79 7.02
N LEU A 12 -36.49 -27.43 6.35
CA LEU A 12 -36.52 -26.99 4.94
C LEU A 12 -35.64 -27.88 4.05
N LEU A 13 -35.47 -29.16 4.37
CA LEU A 13 -34.63 -30.08 3.55
C LEU A 13 -34.88 -31.54 3.93
N LYS A 14 -34.82 -32.41 2.92
CA LYS A 14 -35.08 -33.86 3.04
C LYS A 14 -33.73 -34.57 3.25
N GLU A 15 -33.48 -35.04 4.48
CA GLU A 15 -32.21 -35.70 4.93
C GLU A 15 -31.74 -36.67 3.84
N GLU A 16 -31.01 -36.13 2.84
CA GLU A 16 -30.33 -36.88 1.75
C GLU A 16 -28.89 -37.19 2.20
N HIS A 17 -28.72 -38.05 3.21
CA HIS A 17 -27.43 -38.23 3.93
C HIS A 17 -26.79 -39.59 3.64
N VAL A 18 -25.81 -39.58 2.72
CA VAL A 18 -24.70 -40.58 2.62
C VAL A 18 -23.47 -39.95 3.28
N PRO A 19 -22.80 -40.66 4.23
CA PRO A 19 -21.67 -40.07 4.97
C PRO A 19 -20.47 -39.83 4.05
N GLN A 20 -19.70 -38.77 4.26
CA GLN A 20 -18.58 -38.37 3.34
C GLN A 20 -17.22 -38.88 3.84
N ASN A 21 -17.08 -39.23 5.14
CA ASN A 21 -15.78 -39.48 5.81
C ASN A 21 -15.96 -40.52 6.92
N LYS A 22 -16.51 -41.68 6.57
CA LYS A 22 -16.93 -42.74 7.52
C LYS A 22 -15.79 -43.76 7.72
N ILE A 23 -15.50 -44.08 8.98
CA ILE A 23 -14.58 -45.16 9.42
C ILE A 23 -15.45 -46.22 10.09
N THR A 24 -15.25 -47.49 9.76
CA THR A 24 -15.80 -48.63 10.53
C THR A 24 -14.65 -49.27 11.33
N VAL A 25 -14.90 -49.64 12.59
CA VAL A 25 -13.97 -50.44 13.44
C VAL A 25 -14.65 -51.77 13.72
N VAL A 26 -14.16 -52.85 13.11
CA VAL A 26 -14.75 -54.22 13.20
C VAL A 26 -14.11 -54.88 14.42
N GLY A 27 -14.94 -55.31 15.38
CA GLY A 27 -14.48 -55.93 16.64
C GLY A 27 -14.31 -54.86 17.70
N VAL A 28 -14.96 -55.02 18.86
CA VAL A 28 -14.93 -54.03 19.95
C VAL A 28 -14.30 -54.67 21.19
N GLY A 29 -13.31 -55.53 20.99
CA GLY A 29 -12.29 -55.84 22.00
C GLY A 29 -11.60 -54.55 22.40
N ALA A 30 -10.58 -54.60 23.25
CA ALA A 30 -9.95 -53.40 23.83
C ALA A 30 -9.13 -52.66 22.74
N VAL A 31 -8.51 -53.42 21.83
CA VAL A 31 -7.82 -52.87 20.64
C VAL A 31 -8.81 -52.03 19.81
N GLY A 32 -9.89 -52.64 19.31
CA GLY A 32 -10.91 -51.94 18.51
C GLY A 32 -11.41 -50.65 19.17
N MET A 33 -11.72 -50.70 20.47
CA MET A 33 -12.27 -49.53 21.20
C MET A 33 -11.17 -48.47 21.42
N ALA A 34 -9.91 -48.90 21.55
CA ALA A 34 -8.74 -47.99 21.60
C ALA A 34 -8.53 -47.27 20.24
N CYS A 35 -8.74 -47.95 19.11
CA CYS A 35 -8.74 -47.34 17.75
C CYS A 35 -9.94 -46.37 17.62
N ALA A 36 -11.11 -46.74 18.14
CA ALA A 36 -12.35 -45.92 18.14
C ALA A 36 -12.09 -44.62 18.89
N ILE A 37 -11.72 -44.70 20.17
CA ILE A 37 -11.56 -43.48 21.04
C ILE A 37 -10.50 -42.57 20.39
N SER A 38 -9.37 -43.13 19.93
CA SER A 38 -8.26 -42.37 19.32
C SER A 38 -8.73 -41.71 18.01
N ILE A 39 -9.46 -42.43 17.16
CA ILE A 39 -10.01 -41.89 15.88
C ILE A 39 -10.96 -40.75 16.22
N LEU A 40 -11.87 -40.96 17.17
CA LEU A 40 -12.86 -39.94 17.59
C LEU A 40 -12.15 -38.66 18.06
N MET A 41 -11.13 -38.78 18.89
CA MET A 41 -10.50 -37.59 19.52
C MET A 41 -9.63 -36.84 18.51
N LYS A 42 -9.38 -37.40 17.32
CA LYS A 42 -8.54 -36.78 16.25
C LYS A 42 -9.41 -36.13 15.15
N ASP A 43 -10.73 -36.19 15.24
CA ASP A 43 -11.67 -35.44 14.34
C ASP A 43 -11.48 -35.95 12.90
N LEU A 44 -11.18 -37.25 12.74
CA LEU A 44 -10.86 -37.90 11.45
C LEU A 44 -12.11 -38.26 10.64
N ALA A 45 -13.23 -38.57 11.31
CA ALA A 45 -14.41 -39.22 10.69
C ALA A 45 -15.67 -38.41 10.99
N ASP A 46 -16.61 -38.33 10.05
CA ASP A 46 -17.94 -37.70 10.27
C ASP A 46 -18.96 -38.78 10.63
N GLU A 47 -18.64 -40.06 10.48
CA GLU A 47 -19.48 -41.14 11.05
C GLU A 47 -18.56 -42.29 11.46
N LEU A 48 -18.73 -42.82 12.68
CA LEU A 48 -18.02 -44.01 13.22
C LEU A 48 -19.04 -45.14 13.43
N ALA A 49 -18.79 -46.29 12.81
CA ALA A 49 -19.59 -47.53 12.92
C ALA A 49 -18.78 -48.59 13.68
N LEU A 50 -19.41 -49.26 14.66
CA LEU A 50 -18.81 -50.40 15.39
C LEU A 50 -19.67 -51.65 15.12
N VAL A 51 -19.05 -52.74 14.72
CA VAL A 51 -19.73 -54.02 14.39
C VAL A 51 -18.98 -55.14 15.11
N ASP A 52 -19.69 -56.12 15.64
CA ASP A 52 -19.11 -57.22 16.47
C ASP A 52 -20.22 -58.25 16.64
N VAL A 53 -19.87 -59.43 17.18
CA VAL A 53 -20.80 -60.61 17.30
C VAL A 53 -21.59 -60.52 18.61
N MET A 54 -21.07 -59.86 19.66
CA MET A 54 -21.74 -59.74 20.99
C MET A 54 -22.60 -58.46 21.02
N GLU A 55 -23.92 -58.58 20.86
CA GLU A 55 -24.86 -57.46 20.60
C GLU A 55 -24.95 -56.52 21.80
N ASP A 56 -24.89 -57.04 23.03
CA ASP A 56 -24.98 -56.27 24.30
C ASP A 56 -23.75 -55.35 24.45
N LYS A 57 -22.55 -55.95 24.46
CA LYS A 57 -21.23 -55.27 24.54
C LYS A 57 -21.12 -54.23 23.40
N LEU A 58 -21.54 -54.58 22.20
CA LEU A 58 -21.55 -53.68 21.03
C LEU A 58 -22.34 -52.41 21.37
N LYS A 59 -23.55 -52.60 21.88
CA LYS A 59 -24.48 -51.51 22.21
C LYS A 59 -23.89 -50.70 23.38
N GLY A 60 -23.38 -51.37 24.40
CA GLY A 60 -22.72 -50.71 25.54
C GLY A 60 -21.67 -49.71 25.07
N GLU A 61 -20.66 -50.18 24.34
CA GLU A 61 -19.61 -49.31 23.76
C GLU A 61 -20.25 -48.15 22.99
N MET A 62 -21.22 -48.44 22.12
CA MET A 62 -21.80 -47.40 21.23
C MET A 62 -22.41 -46.32 22.11
N MET A 63 -23.25 -46.72 23.07
CA MET A 63 -24.02 -45.81 23.96
C MET A 63 -23.05 -44.91 24.72
N ASP A 64 -21.98 -45.51 25.25
CA ASP A 64 -20.93 -44.81 26.03
C ASP A 64 -20.30 -43.73 25.16
N LEU A 65 -19.84 -44.08 23.96
CA LEU A 65 -19.24 -43.10 23.01
C LEU A 65 -20.27 -42.01 22.74
N GLN A 66 -21.53 -42.39 22.54
CA GLN A 66 -22.60 -41.41 22.20
C GLN A 66 -22.72 -40.43 23.35
N HIS A 67 -22.56 -40.90 24.59
CA HIS A 67 -22.71 -40.07 25.81
C HIS A 67 -21.66 -38.95 25.81
N GLY A 68 -20.54 -39.16 25.13
CA GLY A 68 -19.46 -38.16 25.02
C GLY A 68 -19.66 -37.17 23.88
N SER A 69 -20.79 -37.21 23.16
CA SER A 69 -20.99 -36.45 21.90
C SER A 69 -20.73 -34.95 22.08
N LEU A 70 -21.03 -34.38 23.25
CA LEU A 70 -20.79 -32.93 23.54
C LEU A 70 -19.30 -32.60 23.39
N PHE A 71 -18.39 -33.54 23.68
CA PHE A 71 -16.92 -33.30 23.76
C PHE A 71 -16.21 -33.82 22.50
N LEU A 72 -16.95 -34.23 21.47
CA LEU A 72 -16.42 -34.79 20.21
C LEU A 72 -16.94 -33.96 19.04
N ARG A 73 -16.44 -34.23 17.84
CA ARG A 73 -16.76 -33.52 16.57
C ARG A 73 -17.09 -34.55 15.50
N THR A 74 -17.47 -35.76 15.92
CA THR A 74 -18.02 -36.86 15.08
C THR A 74 -19.50 -36.99 15.42
N PRO A 75 -20.41 -36.43 14.60
CA PRO A 75 -21.81 -36.29 15.00
C PRO A 75 -22.55 -37.63 15.03
N LYS A 76 -22.30 -38.56 14.10
CA LYS A 76 -23.03 -39.85 14.06
C LYS A 76 -22.11 -41.01 14.48
N ILE A 77 -22.53 -41.77 15.50
CA ILE A 77 -21.87 -43.01 15.97
C ILE A 77 -22.95 -44.10 16.01
N VAL A 78 -22.80 -45.15 15.18
CA VAL A 78 -23.82 -46.21 14.91
C VAL A 78 -23.18 -47.58 15.17
N SER A 79 -23.95 -48.58 15.61
CA SER A 79 -23.45 -49.97 15.83
C SER A 79 -24.50 -50.99 15.38
N GLY A 80 -24.07 -52.22 15.12
CA GLY A 80 -24.99 -53.31 14.75
C GLY A 80 -24.25 -54.59 14.43
N LYS A 81 -24.91 -55.71 14.65
CA LYS A 81 -24.46 -57.06 14.22
C LYS A 81 -24.46 -57.06 12.68
N ASP A 82 -25.46 -56.40 12.08
CA ASP A 82 -25.70 -56.41 10.61
C ASP A 82 -24.75 -55.41 9.94
N TYR A 83 -23.90 -55.88 9.01
CA TYR A 83 -22.84 -55.05 8.38
C TYR A 83 -23.45 -53.92 7.54
N SER A 84 -24.76 -53.84 7.44
CA SER A 84 -25.44 -52.71 6.76
C SER A 84 -25.04 -51.37 7.41
N VAL A 85 -24.76 -51.35 8.72
CA VAL A 85 -24.37 -50.09 9.45
C VAL A 85 -23.02 -49.59 8.95
N THR A 86 -22.19 -50.46 8.35
CA THR A 86 -20.78 -50.18 7.99
C THR A 86 -20.70 -49.63 6.54
N ALA A 87 -21.81 -49.21 5.96
CA ALA A 87 -21.90 -48.87 4.51
C ALA A 87 -21.27 -47.50 4.22
N ASN A 88 -20.64 -47.37 3.05
CA ASN A 88 -19.97 -46.13 2.55
C ASN A 88 -18.84 -45.71 3.52
N SER A 89 -18.18 -46.65 4.17
CA SER A 89 -16.94 -46.40 4.95
C SER A 89 -15.78 -46.18 3.97
N LYS A 90 -15.01 -45.10 4.13
CA LYS A 90 -13.71 -44.88 3.41
C LYS A 90 -12.67 -45.87 3.92
N LEU A 91 -12.77 -46.26 5.19
CA LEU A 91 -11.75 -47.06 5.93
C LEU A 91 -12.46 -48.05 6.86
N VAL A 92 -12.14 -49.33 6.73
CA VAL A 92 -12.64 -50.42 7.61
C VAL A 92 -11.42 -51.06 8.28
N ILE A 93 -11.31 -50.86 9.61
CA ILE A 93 -10.24 -51.42 10.49
C ILE A 93 -10.73 -52.77 11.05
N ILE A 94 -10.14 -53.89 10.62
CA ILE A 94 -10.45 -55.29 11.08
C ILE A 94 -9.57 -55.59 12.31
N THR A 95 -10.19 -55.77 13.50
CA THR A 95 -9.50 -56.05 14.80
C THR A 95 -10.02 -57.34 15.45
N ALA A 96 -10.79 -58.16 14.73
CA ALA A 96 -11.47 -59.38 15.25
C ALA A 96 -10.64 -60.64 14.91
N GLY A 97 -10.68 -61.65 15.79
CA GLY A 97 -10.07 -62.97 15.54
C GLY A 97 -10.35 -63.99 16.65
N ALA A 98 -9.50 -65.01 16.75
CA ALA A 98 -9.40 -65.96 17.89
C ALA A 98 -8.42 -65.40 18.93
N VAL A 110 -5.59 -70.12 13.56
CA VAL A 110 -5.18 -69.38 12.33
C VAL A 110 -6.11 -69.72 11.16
N GLN A 111 -6.34 -71.01 10.90
CA GLN A 111 -7.37 -71.48 9.92
C GLN A 111 -8.74 -71.06 10.45
N ARG A 112 -8.91 -71.06 11.77
CA ARG A 112 -10.10 -70.52 12.47
C ARG A 112 -10.25 -69.04 12.08
N ASN A 113 -9.21 -68.22 12.32
CA ASN A 113 -9.16 -66.78 11.94
C ASN A 113 -9.59 -66.61 10.48
N VAL A 114 -9.04 -67.41 9.56
CA VAL A 114 -9.45 -67.38 8.12
C VAL A 114 -10.98 -67.47 8.06
N ASN A 115 -11.54 -68.42 8.80
CA ASN A 115 -12.98 -68.78 8.77
C ASN A 115 -13.79 -67.64 9.38
N ILE A 116 -13.27 -66.96 10.40
CA ILE A 116 -13.85 -65.71 10.95
C ILE A 116 -13.93 -64.67 9.81
N PHE A 117 -12.82 -64.43 9.09
CA PHE A 117 -12.69 -63.41 8.01
C PHE A 117 -13.58 -63.76 6.80
N LYS A 118 -13.94 -65.02 6.62
CA LYS A 118 -14.81 -65.45 5.48
C LYS A 118 -16.25 -65.00 5.72
N PHE A 119 -16.59 -64.62 6.95
CA PHE A 119 -17.88 -63.97 7.28
C PHE A 119 -17.71 -62.46 7.18
N ILE A 120 -16.69 -61.91 7.86
CA ILE A 120 -16.44 -60.44 8.01
C ILE A 120 -16.31 -59.78 6.62
N ILE A 121 -15.42 -60.30 5.75
CA ILE A 121 -14.83 -59.55 4.59
C ILE A 121 -15.81 -59.48 3.40
N PRO A 122 -16.52 -60.56 3.02
CA PRO A 122 -17.55 -60.46 1.97
C PRO A 122 -18.64 -59.44 2.33
N ASN A 123 -18.94 -59.32 3.63
CA ASN A 123 -19.93 -58.35 4.19
C ASN A 123 -19.36 -56.93 4.16
N VAL A 124 -18.14 -56.71 4.66
CA VAL A 124 -17.46 -55.38 4.57
C VAL A 124 -17.47 -54.94 3.09
N VAL A 125 -17.07 -55.83 2.18
CA VAL A 125 -16.89 -55.55 0.72
C VAL A 125 -18.24 -55.31 0.04
N LYS A 126 -19.31 -55.94 0.51
CA LYS A 126 -20.67 -55.75 -0.09
C LYS A 126 -21.06 -54.27 0.04
N TYR A 127 -20.96 -53.70 1.25
CA TYR A 127 -21.57 -52.41 1.68
C TYR A 127 -20.62 -51.22 1.52
N SER A 128 -19.31 -51.47 1.52
CA SER A 128 -18.25 -50.45 1.24
C SER A 128 -17.29 -51.01 0.19
N PRO A 129 -17.70 -51.12 -1.11
CA PRO A 129 -16.88 -51.77 -2.13
C PRO A 129 -15.57 -51.03 -2.43
N HIS A 130 -15.52 -49.72 -2.20
CA HIS A 130 -14.37 -48.83 -2.54
C HIS A 130 -13.52 -48.50 -1.31
N CYS A 131 -13.74 -49.18 -0.19
CA CYS A 131 -13.09 -48.86 1.11
C CYS A 131 -11.61 -49.28 1.05
N LYS A 132 -10.82 -48.74 1.97
CA LYS A 132 -9.49 -49.28 2.37
C LYS A 132 -9.71 -50.26 3.54
N LEU A 133 -8.99 -51.38 3.53
CA LEU A 133 -9.03 -52.40 4.60
C LEU A 133 -7.75 -52.24 5.39
N LEU A 134 -7.86 -51.96 6.69
CA LEU A 134 -6.74 -51.93 7.66
C LEU A 134 -6.87 -53.16 8.56
N VAL A 135 -6.04 -54.19 8.37
CA VAL A 135 -6.04 -55.42 9.20
C VAL A 135 -5.09 -55.17 10.39
N VAL A 136 -5.61 -55.32 11.60
CA VAL A 136 -4.87 -55.17 12.89
C VAL A 136 -4.77 -56.53 13.60
N SER A 137 -5.72 -57.43 13.35
CA SER A 137 -5.76 -58.80 13.94
C SER A 137 -4.38 -59.46 13.77
N ASN A 138 -3.98 -60.32 14.72
CA ASN A 138 -2.75 -61.16 14.61
C ASN A 138 -3.11 -62.61 14.31
N PRO A 139 -2.27 -63.36 13.56
CA PRO A 139 -1.00 -62.87 13.02
C PRO A 139 -1.13 -61.96 11.78
N VAL A 140 -0.73 -60.68 11.89
CA VAL A 140 -1.27 -59.57 11.06
C VAL A 140 -0.87 -59.74 9.60
N ASP A 141 0.29 -60.37 9.33
CA ASP A 141 0.86 -60.50 7.96
C ASP A 141 0.03 -61.51 7.15
N ILE A 142 -0.26 -62.67 7.75
CA ILE A 142 -1.11 -63.74 7.16
C ILE A 142 -2.54 -63.22 7.06
N LEU A 143 -3.06 -62.59 8.11
CA LEU A 143 -4.47 -62.14 8.15
C LEU A 143 -4.68 -60.97 7.19
N THR A 144 -3.62 -60.28 6.76
CA THR A 144 -3.70 -59.22 5.72
C THR A 144 -3.71 -59.88 4.33
N TYR A 145 -3.04 -61.02 4.18
CA TYR A 145 -3.12 -61.85 2.95
C TYR A 145 -4.53 -62.45 2.81
N VAL A 146 -5.05 -63.04 3.88
CA VAL A 146 -6.43 -63.60 3.92
C VAL A 146 -7.42 -62.48 3.55
N ALA A 147 -7.36 -61.33 4.24
CA ALA A 147 -8.20 -60.15 3.94
C ALA A 147 -8.10 -59.81 2.44
N TRP A 148 -6.90 -59.78 1.87
CA TRP A 148 -6.67 -59.45 0.43
C TRP A 148 -7.24 -60.55 -0.46
N LYS A 149 -6.88 -61.82 -0.24
CA LYS A 149 -7.33 -62.95 -1.10
C LYS A 149 -8.86 -62.91 -1.17
N ILE A 150 -9.54 -62.95 -0.01
CA ILE A 150 -11.03 -63.06 0.09
C ILE A 150 -11.72 -61.83 -0.52
N SER A 151 -11.17 -60.62 -0.39
CA SER A 151 -11.86 -59.35 -0.75
C SER A 151 -11.90 -59.16 -2.28
N GLY A 152 -10.88 -59.67 -2.98
CA GLY A 152 -10.64 -59.37 -4.41
C GLY A 152 -10.13 -57.95 -4.64
N PHE A 153 -9.85 -57.20 -3.57
CA PHE A 153 -9.40 -55.78 -3.61
C PHE A 153 -8.02 -55.73 -4.25
N PRO A 154 -7.67 -54.68 -5.03
CA PRO A 154 -6.29 -54.49 -5.44
C PRO A 154 -5.42 -54.15 -4.22
N LYS A 155 -4.18 -54.64 -4.22
CA LYS A 155 -3.25 -54.61 -3.06
C LYS A 155 -3.13 -53.19 -2.49
N ASN A 156 -3.27 -52.15 -3.32
CA ASN A 156 -3.16 -50.75 -2.83
C ASN A 156 -4.14 -50.52 -1.67
N ARG A 157 -5.27 -51.24 -1.66
CA ARG A 157 -6.36 -50.98 -0.69
C ARG A 157 -6.38 -51.99 0.47
N VAL A 158 -5.48 -52.98 0.53
CA VAL A 158 -5.40 -53.88 1.71
C VAL A 158 -4.10 -53.62 2.46
N ILE A 159 -4.22 -53.03 3.65
CA ILE A 159 -3.09 -52.54 4.49
C ILE A 159 -3.08 -53.33 5.80
N GLY A 160 -1.91 -53.80 6.24
CA GLY A 160 -1.71 -54.44 7.55
C GLY A 160 -1.01 -53.51 8.52
N SER A 161 -1.50 -53.41 9.77
CA SER A 161 -0.87 -52.67 10.89
C SER A 161 0.65 -52.85 10.80
N GLY A 162 1.09 -54.10 10.64
CA GLY A 162 2.48 -54.51 10.44
C GLY A 162 3.39 -54.11 11.60
N CYS A 163 4.55 -53.52 11.28
CA CYS A 163 5.57 -53.05 12.25
C CYS A 163 5.43 -51.55 12.54
N ASN A 164 4.30 -50.95 12.19
CA ASN A 164 4.02 -49.50 12.39
C ASN A 164 4.25 -49.17 13.86
N LEU A 165 3.59 -49.89 14.77
CA LEU A 165 3.71 -49.69 16.24
C LEU A 165 5.05 -50.21 16.77
N ASP A 166 5.57 -51.32 16.25
CA ASP A 166 6.92 -51.81 16.64
C ASP A 166 7.96 -50.69 16.43
N SER A 167 7.88 -49.96 15.31
CA SER A 167 8.73 -48.78 14.96
C SER A 167 8.43 -47.62 15.92
N ALA A 168 7.17 -47.37 16.22
CA ALA A 168 6.78 -46.33 17.21
C ALA A 168 7.42 -46.65 18.57
N ARG A 169 7.36 -47.91 19.02
CA ARG A 169 7.95 -48.36 20.31
C ARG A 169 9.46 -48.20 20.28
N PHE A 170 10.11 -48.68 19.21
CA PHE A 170 11.57 -48.56 18.98
C PHE A 170 12.03 -47.10 19.16
N ARG A 171 11.26 -46.17 18.59
CA ARG A 171 11.58 -44.72 18.59
C ARG A 171 11.42 -44.16 20.01
N TYR A 172 10.47 -44.70 20.77
CA TYR A 172 10.27 -44.31 22.20
C TYR A 172 11.53 -44.70 22.99
N LEU A 173 11.96 -45.98 22.89
CA LEU A 173 13.13 -46.54 23.63
C LEU A 173 14.41 -45.80 23.25
N MET A 174 14.59 -45.57 21.95
CA MET A 174 15.65 -44.70 21.40
C MET A 174 15.58 -43.35 22.12
N GLY A 175 14.38 -42.78 22.22
CA GLY A 175 14.13 -41.47 22.85
C GLY A 175 14.62 -41.40 24.28
N GLU A 176 14.27 -42.38 25.12
CA GLU A 176 14.51 -42.31 26.59
C GLU A 176 16.02 -42.43 26.86
N ARG A 177 16.71 -43.29 26.12
CA ARG A 177 18.19 -43.40 26.17
C ARG A 177 18.82 -42.05 25.80
N LEU A 178 18.52 -41.54 24.61
CA LEU A 178 19.20 -40.34 24.04
C LEU A 178 18.68 -39.06 24.74
N GLY A 179 17.58 -39.17 25.48
CA GLY A 179 16.97 -38.04 26.21
C GLY A 179 16.44 -36.99 25.26
N VAL A 180 15.84 -37.41 24.15
CA VAL A 180 15.09 -36.49 23.25
C VAL A 180 13.76 -37.17 22.89
N HIS A 181 12.78 -36.37 22.51
CA HIS A 181 11.41 -36.83 22.17
C HIS A 181 11.45 -37.81 20.99
N ALA A 182 10.58 -38.82 21.00
CA ALA A 182 10.48 -39.90 19.98
C ALA A 182 10.31 -39.32 18.56
N LEU A 183 9.69 -38.14 18.41
CA LEU A 183 9.42 -37.51 17.08
C LEU A 183 10.75 -37.20 16.37
N SER A 184 11.81 -36.94 17.15
CA SER A 184 13.16 -36.55 16.67
C SER A 184 14.14 -37.74 16.69
N CYS A 185 13.67 -38.97 16.93
CA CYS A 185 14.48 -40.23 16.89
C CYS A 185 13.96 -41.11 15.75
N HIS A 186 14.77 -41.38 14.75
CA HIS A 186 14.29 -42.01 13.50
C HIS A 186 14.82 -43.44 13.49
N GLY A 187 13.95 -44.39 13.16
CA GLY A 187 14.26 -45.83 13.24
C GLY A 187 13.19 -46.65 12.57
N TRP A 188 13.58 -47.75 11.95
CA TRP A 188 12.65 -48.58 11.15
C TRP A 188 12.86 -50.06 11.49
N ILE A 189 11.75 -50.73 11.78
CA ILE A 189 11.63 -52.20 11.95
C ILE A 189 10.73 -52.70 10.81
N LEU A 190 11.16 -53.74 10.10
CA LEU A 190 10.52 -54.14 8.81
C LEU A 190 10.31 -55.65 8.79
N GLY A 191 9.59 -56.13 7.77
CA GLY A 191 9.34 -57.57 7.59
C GLY A 191 8.17 -58.06 8.43
N GLU A 192 8.34 -59.23 9.04
CA GLU A 192 7.25 -59.98 9.71
C GLU A 192 7.17 -59.45 11.13
N HIS A 193 6.01 -58.90 11.47
CA HIS A 193 5.59 -58.50 12.84
C HIS A 193 6.02 -59.59 13.83
N GLY A 194 6.78 -59.21 14.87
CA GLY A 194 7.14 -60.10 16.01
C GLY A 194 8.62 -60.50 16.02
N ASP A 195 8.89 -61.78 16.31
CA ASP A 195 10.25 -62.34 16.56
C ASP A 195 11.19 -62.04 15.39
N SER A 196 10.71 -62.15 14.14
CA SER A 196 11.54 -62.18 12.91
C SER A 196 11.72 -60.79 12.25
N SER A 197 11.34 -59.70 12.93
CA SER A 197 11.39 -58.32 12.37
C SER A 197 12.85 -57.85 12.35
N VAL A 198 13.27 -57.15 11.29
CA VAL A 198 14.70 -56.74 11.13
C VAL A 198 14.84 -55.27 11.48
N PRO A 199 15.60 -54.97 12.56
CA PRO A 199 15.87 -53.60 12.96
C PRO A 199 17.00 -53.06 12.07
N VAL A 200 16.70 -52.04 11.28
CA VAL A 200 17.60 -51.51 10.21
C VAL A 200 18.50 -50.43 10.81
N TRP A 201 19.64 -50.85 11.39
CA TRP A 201 20.56 -50.01 12.19
C TRP A 201 21.17 -48.91 11.31
N SER A 202 21.36 -49.18 10.03
CA SER A 202 21.96 -48.23 9.05
C SER A 202 21.11 -46.96 8.98
N GLY A 203 19.79 -47.07 9.19
CA GLY A 203 18.81 -45.99 9.00
C GLY A 203 18.56 -45.18 10.26
N MET A 204 18.94 -45.73 11.42
CA MET A 204 18.74 -45.10 12.76
C MET A 204 19.61 -43.85 12.88
N ASN A 205 19.01 -42.75 13.34
CA ASN A 205 19.65 -41.41 13.30
C ASN A 205 18.84 -40.39 14.11
N VAL A 206 19.47 -39.27 14.41
CA VAL A 206 18.88 -38.05 15.02
C VAL A 206 19.43 -36.86 14.24
N ALA A 207 18.55 -35.96 13.78
CA ALA A 207 18.90 -34.81 12.94
C ALA A 207 19.77 -35.27 11.76
N GLY A 208 19.51 -36.47 11.21
CA GLY A 208 20.17 -37.00 10.01
C GLY A 208 21.57 -37.52 10.26
N VAL A 209 21.98 -37.68 11.53
CA VAL A 209 23.33 -38.14 11.94
C VAL A 209 23.29 -39.65 12.23
N SER A 210 23.98 -40.46 11.42
CA SER A 210 23.96 -41.94 11.52
C SER A 210 24.53 -42.38 12.88
N LEU A 211 23.72 -43.10 13.66
CA LEU A 211 24.10 -43.66 14.99
C LEU A 211 25.06 -44.84 14.77
N LYS A 212 24.93 -45.52 13.62
CA LYS A 212 25.85 -46.62 13.22
C LYS A 212 27.25 -46.05 12.94
N THR A 213 27.36 -44.84 12.38
CA THR A 213 28.68 -44.18 12.18
C THR A 213 29.33 -43.88 13.53
N LEU A 214 28.60 -43.36 14.52
CA LEU A 214 29.16 -42.90 15.82
C LEU A 214 29.47 -44.09 16.72
N HIS A 215 28.72 -45.18 16.57
CA HIS A 215 28.73 -46.39 17.43
C HIS A 215 28.68 -47.59 16.50
N PRO A 216 29.78 -47.89 15.77
CA PRO A 216 29.78 -48.94 14.74
C PRO A 216 29.41 -50.34 15.26
N GLU A 217 29.59 -50.59 16.56
CA GLU A 217 29.19 -51.82 17.29
C GLU A 217 27.65 -51.86 17.48
N LEU A 218 26.93 -50.80 17.10
CA LEU A 218 25.45 -50.73 17.11
C LEU A 218 24.92 -51.90 16.29
N GLY A 219 24.16 -52.79 16.93
CA GLY A 219 23.44 -53.91 16.28
C GLY A 219 24.19 -55.22 16.40
N THR A 220 25.17 -55.29 17.32
CA THR A 220 25.97 -56.50 17.60
C THR A 220 25.83 -56.89 19.08
N ASP A 221 25.98 -58.19 19.38
CA ASP A 221 25.93 -58.78 20.76
C ASP A 221 27.02 -58.17 21.64
N ALA A 222 28.20 -57.90 21.07
CA ALA A 222 29.41 -57.35 21.72
C ALA A 222 29.16 -55.96 22.32
N ASP A 223 28.31 -55.14 21.68
CA ASP A 223 28.02 -53.72 22.02
C ASP A 223 27.74 -53.55 23.53
N LYS A 224 28.51 -52.66 24.16
CA LYS A 224 28.45 -52.30 25.61
C LYS A 224 27.05 -51.78 26.00
N GLU A 225 26.45 -50.93 25.16
CA GLU A 225 25.16 -50.26 25.43
C GLU A 225 24.00 -51.20 25.05
N GLN A 226 24.28 -52.34 24.41
CA GLN A 226 23.30 -53.43 24.13
C GLN A 226 22.07 -52.82 23.42
N TRP A 227 22.29 -52.11 22.32
CA TRP A 227 21.24 -51.55 21.43
C TRP A 227 20.47 -52.68 20.70
N LYS A 228 21.10 -53.84 20.54
CA LYS A 228 20.45 -55.05 19.98
C LYS A 228 19.27 -55.45 20.88
N GLN A 229 19.37 -55.25 22.21
CA GLN A 229 18.31 -55.58 23.21
C GLN A 229 17.13 -54.60 23.08
N VAL A 230 17.35 -53.38 22.58
CA VAL A 230 16.25 -52.41 22.34
C VAL A 230 15.30 -53.02 21.30
N HIS A 231 15.80 -53.82 20.36
CA HIS A 231 14.94 -54.57 19.38
C HIS A 231 14.28 -55.78 20.06
N LYS A 232 15.01 -56.43 20.96
CA LYS A 232 14.50 -57.52 21.83
C LYS A 232 13.35 -56.96 22.68
N GLN A 233 13.55 -55.79 23.28
CA GLN A 233 12.51 -55.05 24.06
C GLN A 233 11.26 -54.83 23.21
N VAL A 234 11.42 -54.43 21.94
CA VAL A 234 10.26 -54.11 21.03
C VAL A 234 9.41 -55.37 20.82
N VAL A 235 10.03 -56.49 20.43
CA VAL A 235 9.31 -57.74 20.04
C VAL A 235 8.64 -58.32 21.30
N ASP A 236 9.26 -58.09 22.47
CA ASP A 236 8.78 -58.57 23.79
C ASP A 236 8.04 -57.48 24.57
N SER A 237 7.62 -56.37 23.94
CA SER A 237 6.80 -55.30 24.59
C SER A 237 5.39 -55.83 24.87
N ALA A 238 4.73 -56.37 23.84
CA ALA A 238 3.34 -56.91 23.88
C ALA A 238 3.19 -57.91 25.02
N TYR A 239 4.07 -58.92 25.07
CA TYR A 239 4.10 -60.00 26.09
C TYR A 239 4.25 -59.37 27.49
N GLU A 240 5.11 -58.35 27.65
CA GLU A 240 5.45 -57.73 28.96
C GLU A 240 4.28 -56.88 29.46
N VAL A 241 3.52 -56.25 28.56
CA VAL A 241 2.31 -55.46 28.89
C VAL A 241 1.14 -56.42 29.14
N ILE A 242 1.06 -57.56 28.42
CA ILE A 242 0.01 -58.61 28.60
C ILE A 242 0.23 -59.31 29.95
N LYS A 243 1.48 -59.56 30.35
CA LYS A 243 1.80 -60.15 31.67
C LYS A 243 1.31 -59.22 32.81
N LEU A 244 1.15 -57.92 32.57
CA LEU A 244 1.00 -56.91 33.65
C LEU A 244 -0.45 -56.45 33.78
N LYS A 245 -1.18 -56.28 32.68
CA LYS A 245 -2.58 -55.77 32.64
C LYS A 245 -3.50 -56.68 31.81
N GLY A 246 -2.98 -57.74 31.17
CA GLY A 246 -3.79 -58.81 30.57
C GLY A 246 -3.95 -58.66 29.06
N TYR A 247 -3.45 -57.56 28.49
CA TYR A 247 -3.63 -57.20 27.06
C TYR A 247 -2.94 -55.84 26.81
N THR A 248 -2.96 -55.39 25.55
CA THR A 248 -2.56 -54.01 25.16
C THR A 248 -3.74 -53.37 24.44
N SER A 249 -3.82 -52.05 24.50
CA SER A 249 -4.93 -51.32 23.87
C SER A 249 -4.54 -49.92 23.39
N TRP A 250 -3.92 -49.11 24.24
CA TRP A 250 -3.66 -47.68 23.97
C TRP A 250 -2.69 -47.35 22.83
N ALA A 251 -1.51 -47.95 22.81
CA ALA A 251 -0.42 -47.70 21.82
C ALA A 251 -0.89 -48.11 20.41
N ILE A 252 -1.40 -49.33 20.26
CA ILE A 252 -1.97 -49.82 18.97
C ILE A 252 -3.09 -48.88 18.56
N GLY A 253 -3.89 -48.41 19.52
CA GLY A 253 -5.00 -47.47 19.27
C GLY A 253 -4.53 -46.18 18.62
N LEU A 254 -3.55 -45.52 19.24
CA LEU A 254 -2.93 -44.27 18.75
C LEU A 254 -2.18 -44.51 17.44
N SER A 255 -1.59 -45.69 17.24
CA SER A 255 -0.84 -46.00 15.99
C SER A 255 -1.84 -46.20 14.85
N VAL A 256 -2.98 -46.85 15.10
CA VAL A 256 -3.96 -47.17 14.03
C VAL A 256 -4.63 -45.86 13.59
N ALA A 257 -4.87 -44.93 14.51
CA ALA A 257 -5.46 -43.58 14.24
C ALA A 257 -4.47 -42.73 13.42
N ASP A 258 -3.18 -42.98 13.60
CA ASP A 258 -2.09 -42.38 12.81
C ASP A 258 -2.22 -42.84 11.34
N LEU A 259 -2.36 -44.15 11.11
CA LEU A 259 -2.53 -44.73 9.75
C LEU A 259 -3.83 -44.17 9.15
N ALA A 260 -4.91 -44.16 9.93
CA ALA A 260 -6.23 -43.61 9.54
C ALA A 260 -6.11 -42.14 9.10
N GLU A 261 -5.42 -41.30 9.89
CA GLU A 261 -5.15 -39.87 9.58
C GLU A 261 -4.43 -39.74 8.22
N SER A 262 -3.43 -40.55 7.93
CA SER A 262 -2.69 -40.46 6.64
C SER A 262 -3.64 -40.76 5.49
N ILE A 263 -4.52 -41.78 5.65
CA ILE A 263 -5.51 -42.21 4.62
C ILE A 263 -6.58 -41.14 4.43
N MET A 264 -7.33 -40.78 5.49
CA MET A 264 -8.49 -39.85 5.36
C MET A 264 -8.01 -38.48 4.85
N LYS A 265 -6.85 -37.99 5.31
CA LYS A 265 -6.33 -36.64 5.01
C LYS A 265 -5.41 -36.66 3.78
N ASN A 266 -5.12 -37.86 3.27
CA ASN A 266 -4.37 -38.10 2.01
C ASN A 266 -2.95 -37.54 2.13
N LEU A 267 -2.30 -37.73 3.28
CA LEU A 267 -1.06 -36.99 3.65
C LEU A 267 0.16 -37.50 2.88
N ARG A 268 0.12 -38.71 2.36
CA ARG A 268 1.27 -39.34 1.66
C ARG A 268 2.49 -39.28 2.59
N ARG A 269 2.30 -39.67 3.85
CA ARG A 269 3.40 -39.91 4.84
C ARG A 269 3.88 -41.36 4.71
N VAL A 270 5.08 -41.64 5.19
CA VAL A 270 5.75 -42.97 5.04
C VAL A 270 5.63 -43.70 6.38
N HIS A 271 5.01 -44.88 6.36
CA HIS A 271 4.79 -45.72 7.55
C HIS A 271 5.32 -47.12 7.27
N PRO A 272 5.94 -47.79 8.28
CA PRO A 272 6.33 -49.17 8.12
C PRO A 272 5.06 -50.00 8.31
N ILE A 273 4.39 -50.34 7.22
CA ILE A 273 3.11 -51.11 7.24
C ILE A 273 3.21 -52.28 6.27
N SER A 274 2.49 -53.34 6.60
CA SER A 274 2.42 -54.61 5.84
C SER A 274 1.73 -54.34 4.50
N THR A 275 2.37 -54.69 3.40
CA THR A 275 1.84 -54.50 2.02
C THR A 275 2.13 -55.77 1.22
N MET A 276 1.36 -56.01 0.18
CA MET A 276 1.61 -57.15 -0.75
C MET A 276 2.88 -56.82 -1.56
N LEU A 277 3.96 -57.55 -1.29
CA LEU A 277 5.36 -57.19 -1.64
C LEU A 277 5.88 -57.91 -2.90
N LYS A 278 5.35 -59.08 -3.24
CA LYS A 278 5.81 -59.93 -4.36
C LYS A 278 6.36 -59.05 -5.48
N GLY A 279 7.64 -59.19 -5.82
CA GLY A 279 8.27 -58.46 -6.94
C GLY A 279 9.25 -57.40 -6.46
N LEU A 280 9.33 -57.20 -5.14
CA LEU A 280 10.26 -56.25 -4.51
C LEU A 280 11.02 -56.96 -3.39
N TYR A 281 12.14 -56.38 -2.96
CA TYR A 281 13.02 -56.90 -1.88
C TYR A 281 13.37 -58.37 -2.15
N GLY A 282 13.40 -58.80 -3.42
CA GLY A 282 13.82 -60.15 -3.84
C GLY A 282 12.81 -61.22 -3.45
N ILE A 283 11.55 -60.84 -3.25
CA ILE A 283 10.47 -61.74 -2.75
C ILE A 283 9.55 -62.08 -3.91
N LYS A 284 9.32 -63.38 -4.16
CA LYS A 284 8.71 -63.89 -5.41
C LYS A 284 7.55 -64.83 -5.09
N GLU A 285 6.88 -64.64 -3.94
CA GLU A 285 5.57 -65.26 -3.58
C GLU A 285 4.63 -64.18 -3.02
N ASP A 286 3.31 -64.36 -3.14
CA ASP A 286 2.26 -63.41 -2.66
C ASP A 286 2.20 -63.44 -1.13
N VAL A 287 3.00 -62.61 -0.45
CA VAL A 287 2.95 -62.40 1.02
C VAL A 287 2.85 -60.89 1.30
N PHE A 288 2.74 -60.54 2.57
CA PHE A 288 2.63 -59.15 3.08
C PHE A 288 3.70 -58.97 4.17
N LEU A 289 4.57 -58.00 4.01
CA LEU A 289 5.60 -57.66 5.02
C LEU A 289 5.62 -56.15 5.21
N SER A 290 6.18 -55.69 6.33
CA SER A 290 6.35 -54.24 6.58
C SER A 290 7.59 -53.74 5.82
N VAL A 291 7.39 -52.70 5.01
CA VAL A 291 8.40 -51.86 4.31
C VAL A 291 7.84 -50.44 4.33
N PRO A 292 8.66 -49.36 4.19
CA PRO A 292 8.13 -48.00 4.31
C PRO A 292 7.24 -47.73 3.09
N CYS A 293 5.96 -47.44 3.35
CA CYS A 293 4.86 -47.30 2.36
C CYS A 293 4.33 -45.87 2.40
N VAL A 294 4.07 -45.28 1.24
CA VAL A 294 3.47 -43.93 1.08
C VAL A 294 1.96 -44.14 1.18
N LEU A 295 1.34 -43.61 2.24
CA LEU A 295 -0.08 -43.89 2.63
C LEU A 295 -0.94 -42.64 2.39
N GLY A 296 -2.07 -42.78 1.69
CA GLY A 296 -2.94 -41.66 1.29
C GLY A 296 -4.35 -42.15 0.98
N GLN A 297 -5.14 -41.38 0.23
CA GLN A 297 -6.60 -41.67 0.07
C GLN A 297 -6.85 -42.97 -0.72
N ASN A 298 -5.88 -43.45 -1.49
CA ASN A 298 -6.03 -44.72 -2.26
C ASN A 298 -5.16 -45.79 -1.60
N GLY A 299 -4.93 -45.67 -0.29
CA GLY A 299 -4.14 -46.62 0.49
C GLY A 299 -2.65 -46.47 0.22
N ILE A 300 -1.98 -47.59 -0.09
CA ILE A 300 -0.51 -47.68 -0.30
C ILE A 300 -0.25 -47.46 -1.78
N SER A 301 0.36 -46.32 -2.14
CA SER A 301 0.54 -45.87 -3.55
C SER A 301 1.95 -46.28 -4.05
N ASP A 302 2.92 -46.31 -3.14
CA ASP A 302 4.37 -46.35 -3.47
C ASP A 302 5.11 -46.97 -2.27
N VAL A 303 6.15 -47.77 -2.50
CA VAL A 303 7.01 -48.30 -1.38
C VAL A 303 8.44 -47.79 -1.56
N VAL A 304 9.04 -47.27 -0.47
CA VAL A 304 10.47 -46.86 -0.40
C VAL A 304 11.28 -48.15 -0.50
N LYS A 305 12.31 -48.18 -1.36
CA LYS A 305 13.29 -49.28 -1.46
C LYS A 305 14.42 -48.99 -0.46
N VAL A 306 14.40 -49.60 0.72
CA VAL A 306 15.50 -49.46 1.70
C VAL A 306 16.67 -50.35 1.25
N THR A 307 17.90 -49.82 1.21
CA THR A 307 19.12 -50.63 0.97
C THR A 307 19.37 -51.53 2.18
N LEU A 308 19.28 -52.86 1.98
CA LEU A 308 19.47 -53.88 3.04
C LEU A 308 20.78 -54.63 2.82
N THR A 309 21.55 -54.82 3.90
CA THR A 309 22.65 -55.82 3.98
C THR A 309 22.07 -57.15 3.51
N SER A 310 22.88 -58.01 2.89
CA SER A 310 22.47 -59.36 2.38
C SER A 310 21.94 -60.21 3.53
N GLU A 311 22.36 -59.93 4.76
CA GLU A 311 21.84 -60.63 5.97
C GLU A 311 20.38 -60.18 6.20
N GLU A 312 20.12 -58.88 6.09
CA GLU A 312 18.77 -58.27 6.26
C GLU A 312 17.86 -58.76 5.12
N GLU A 313 18.38 -58.83 3.90
CA GLU A 313 17.68 -59.36 2.69
C GLU A 313 17.29 -60.84 2.89
N ALA A 314 18.23 -61.67 3.35
CA ALA A 314 18.02 -63.11 3.61
C ALA A 314 16.90 -63.28 4.64
N HIS A 315 17.06 -62.64 5.78
CA HIS A 315 16.09 -62.61 6.91
C HIS A 315 14.68 -62.28 6.40
N LEU A 316 14.53 -61.32 5.48
CA LEU A 316 13.22 -60.90 4.89
C LEU A 316 12.67 -62.01 3.99
N LYS A 317 13.52 -62.69 3.20
CA LYS A 317 13.07 -63.77 2.27
C LYS A 317 12.82 -65.05 3.06
N LYS A 318 13.50 -65.26 4.19
CA LYS A 318 13.18 -66.36 5.13
C LYS A 318 11.75 -66.19 5.64
N SER A 319 11.43 -65.03 6.25
CA SER A 319 10.07 -64.60 6.68
C SER A 319 9.07 -64.89 5.56
N ALA A 320 9.33 -64.42 4.34
CA ALA A 320 8.45 -64.62 3.18
C ALA A 320 8.19 -66.12 2.95
N ASP A 321 9.21 -66.97 3.05
CA ASP A 321 9.06 -68.45 2.90
C ASP A 321 8.16 -68.98 4.03
N THR A 322 8.47 -68.69 5.29
CA THR A 322 7.67 -69.12 6.47
C THR A 322 6.18 -68.82 6.20
N LEU A 323 5.88 -67.63 5.69
CA LEU A 323 4.49 -67.14 5.46
C LEU A 323 3.88 -67.92 4.28
N TRP A 324 4.59 -68.03 3.16
CA TRP A 324 4.05 -68.76 1.98
C TRP A 324 3.76 -70.22 2.37
N GLY A 325 4.62 -70.83 3.19
CA GLY A 325 4.46 -72.21 3.68
C GLY A 325 3.11 -72.39 4.34
N ILE A 326 2.87 -71.59 5.39
CA ILE A 326 1.61 -71.60 6.18
C ILE A 326 0.43 -71.25 5.26
N GLN A 327 0.60 -70.29 4.35
CA GLN A 327 -0.50 -69.74 3.50
C GLN A 327 -0.97 -70.78 2.46
N LYS A 328 -0.08 -71.69 2.07
CA LYS A 328 -0.30 -72.73 1.03
C LYS A 328 -1.34 -73.75 1.52
N GLU A 329 -1.32 -74.04 2.82
CA GLU A 329 -2.11 -75.12 3.48
C GLU A 329 -3.45 -74.59 3.98
N LEU A 330 -3.70 -73.28 3.91
CA LEU A 330 -4.99 -72.67 4.32
C LEU A 330 -6.05 -72.99 3.27
N GLN A 331 -7.26 -73.34 3.71
CA GLN A 331 -8.41 -73.66 2.83
C GLN A 331 -9.33 -72.44 2.77
N PHE A 332 -9.67 -72.02 1.55
CA PHE A 332 -10.55 -70.88 1.21
C PHE A 332 -11.81 -71.40 0.49
N ALA B 2 19.61 -43.99 -13.71
CA ALA B 2 18.20 -43.91 -13.22
C ALA B 2 18.06 -42.69 -12.30
N ALA B 3 16.89 -42.04 -12.32
CA ALA B 3 16.58 -40.82 -11.52
C ALA B 3 16.48 -41.21 -10.05
N LEU B 4 16.99 -40.37 -9.14
CA LEU B 4 16.96 -40.57 -7.67
C LEU B 4 15.54 -41.02 -7.26
N LYS B 5 14.50 -40.30 -7.70
CA LYS B 5 13.09 -40.59 -7.34
C LYS B 5 12.78 -42.07 -7.63
N ASP B 6 13.12 -42.59 -8.82
CA ASP B 6 12.87 -44.00 -9.21
C ASP B 6 13.84 -44.95 -8.46
N GLN B 7 14.97 -44.47 -7.94
CA GLN B 7 15.90 -45.27 -7.10
C GLN B 7 15.31 -45.46 -5.71
N LEU B 8 14.68 -44.41 -5.17
CA LEU B 8 14.23 -44.34 -3.75
C LEU B 8 12.85 -44.97 -3.57
N ILE B 9 11.95 -44.76 -4.54
CA ILE B 9 10.49 -45.05 -4.45
C ILE B 9 10.11 -45.94 -5.63
N HIS B 10 9.46 -47.07 -5.36
CA HIS B 10 8.82 -47.94 -6.39
C HIS B 10 7.34 -47.57 -6.51
N ASN B 11 6.94 -47.01 -7.66
CA ASN B 11 5.51 -46.63 -7.89
C ASN B 11 4.67 -47.89 -8.02
N LEU B 12 3.60 -48.02 -7.25
CA LEU B 12 2.72 -49.22 -7.28
C LEU B 12 1.41 -48.88 -7.98
N LEU B 13 1.07 -47.59 -8.11
CA LEU B 13 -0.30 -47.15 -8.47
C LEU B 13 -0.26 -45.80 -9.20
N LYS B 14 -0.68 -45.78 -10.47
CA LYS B 14 -1.10 -44.53 -11.12
C LYS B 14 -2.46 -44.18 -10.50
N GLU B 15 -2.63 -42.95 -10.02
CA GLU B 15 -3.89 -42.54 -9.35
C GLU B 15 -4.41 -41.23 -9.96
N GLU B 16 -5.72 -41.24 -10.27
CA GLU B 16 -6.57 -40.06 -10.57
C GLU B 16 -6.58 -39.13 -9.35
N HIS B 17 -6.38 -37.84 -9.58
CA HIS B 17 -6.28 -36.78 -8.54
C HIS B 17 -7.65 -36.07 -8.39
N VAL B 18 -8.62 -36.74 -7.76
CA VAL B 18 -9.99 -36.18 -7.51
C VAL B 18 -10.14 -35.88 -6.00
N PRO B 19 -10.16 -34.59 -5.60
CA PRO B 19 -10.03 -34.23 -4.18
C PRO B 19 -11.33 -34.57 -3.42
N GLN B 20 -11.23 -34.91 -2.13
CA GLN B 20 -12.36 -35.48 -1.35
C GLN B 20 -12.97 -34.43 -0.40
N ASN B 21 -12.20 -33.43 0.03
CA ASN B 21 -12.61 -32.46 1.08
C ASN B 21 -12.04 -31.09 0.74
N LYS B 22 -12.28 -30.65 -0.49
CA LYS B 22 -11.64 -29.43 -1.03
C LYS B 22 -12.46 -28.21 -0.63
N ILE B 23 -11.77 -27.17 -0.18
CA ILE B 23 -12.33 -25.82 0.09
C ILE B 23 -11.63 -24.83 -0.85
N THR B 24 -12.43 -23.90 -1.39
CA THR B 24 -11.97 -22.73 -2.17
C THR B 24 -12.28 -21.45 -1.38
N VAL B 25 -11.29 -20.56 -1.25
CA VAL B 25 -11.47 -19.16 -0.79
C VAL B 25 -11.31 -18.28 -2.03
N VAL B 26 -12.30 -17.44 -2.32
CA VAL B 26 -12.31 -16.51 -3.48
C VAL B 26 -11.93 -15.13 -2.95
N GLY B 27 -10.85 -14.55 -3.45
CA GLY B 27 -10.27 -13.35 -2.83
C GLY B 27 -9.20 -13.71 -1.81
N VAL B 28 -8.04 -13.07 -1.95
CA VAL B 28 -6.86 -13.25 -1.07
C VAL B 28 -6.45 -11.88 -0.51
N GLY B 29 -7.46 -11.02 -0.29
CA GLY B 29 -7.36 -9.90 0.66
C GLY B 29 -7.18 -10.40 2.08
N ALA B 30 -6.96 -9.48 3.03
CA ALA B 30 -6.71 -9.80 4.46
C ALA B 30 -7.78 -10.77 4.99
N VAL B 31 -9.04 -10.53 4.61
CA VAL B 31 -10.21 -11.36 5.02
C VAL B 31 -10.03 -12.80 4.50
N GLY B 32 -9.72 -12.99 3.22
CA GLY B 32 -9.63 -14.31 2.58
C GLY B 32 -8.49 -15.16 3.10
N MET B 33 -7.33 -14.55 3.36
CA MET B 33 -6.13 -15.25 3.89
C MET B 33 -6.33 -15.62 5.37
N ALA B 34 -7.06 -14.82 6.15
CA ALA B 34 -7.44 -15.13 7.55
C ALA B 34 -8.35 -16.37 7.58
N CYS B 35 -9.31 -16.44 6.66
CA CYS B 35 -10.16 -17.62 6.36
C CYS B 35 -9.28 -18.81 6.00
N ALA B 36 -8.26 -18.60 5.16
CA ALA B 36 -7.40 -19.66 4.60
C ALA B 36 -6.58 -20.26 5.74
N ILE B 37 -5.92 -19.44 6.53
CA ILE B 37 -4.98 -19.89 7.60
C ILE B 37 -5.78 -20.55 8.72
N SER B 38 -6.94 -20.01 9.07
CA SER B 38 -7.88 -20.56 10.10
C SER B 38 -8.38 -21.95 9.67
N ILE B 39 -8.74 -22.10 8.40
CA ILE B 39 -9.22 -23.39 7.80
C ILE B 39 -8.06 -24.39 7.81
N LEU B 40 -6.85 -23.93 7.50
CA LEU B 40 -5.64 -24.80 7.36
C LEU B 40 -5.28 -25.36 8.73
N MET B 41 -5.43 -24.56 9.76
CA MET B 41 -4.94 -24.86 11.13
C MET B 41 -6.01 -25.59 11.94
N LYS B 42 -7.21 -25.78 11.38
CA LYS B 42 -8.31 -26.57 11.97
C LYS B 42 -8.48 -27.89 11.22
N ASP B 43 -7.69 -28.14 10.17
CA ASP B 43 -7.61 -29.44 9.46
C ASP B 43 -8.98 -29.81 8.87
N LEU B 44 -9.68 -28.84 8.29
CA LEU B 44 -11.04 -29.05 7.71
C LEU B 44 -10.96 -29.53 6.25
N ALA B 45 -9.80 -29.48 5.59
CA ALA B 45 -9.67 -29.76 4.13
C ALA B 45 -8.46 -30.63 3.81
N ASP B 46 -8.55 -31.43 2.74
CA ASP B 46 -7.41 -32.20 2.17
C ASP B 46 -6.80 -31.44 0.99
N GLU B 47 -7.43 -30.34 0.58
CA GLU B 47 -6.99 -29.47 -0.56
C GLU B 47 -7.66 -28.13 -0.35
N LEU B 48 -6.86 -27.06 -0.42
CA LEU B 48 -7.34 -25.66 -0.38
C LEU B 48 -6.94 -25.00 -1.70
N ALA B 49 -7.89 -24.38 -2.39
CA ALA B 49 -7.63 -23.58 -3.61
C ALA B 49 -7.81 -22.10 -3.27
N LEU B 50 -6.96 -21.25 -3.82
CA LEU B 50 -7.12 -19.79 -3.74
C LEU B 50 -7.32 -19.26 -5.17
N VAL B 51 -8.34 -18.44 -5.38
CA VAL B 51 -8.56 -17.75 -6.69
C VAL B 51 -8.74 -16.25 -6.40
N ASP B 52 -8.18 -15.42 -7.29
CA ASP B 52 -8.25 -13.93 -7.31
C ASP B 52 -7.77 -13.42 -8.68
N VAL B 53 -7.96 -12.13 -8.94
CA VAL B 53 -7.62 -11.49 -10.25
C VAL B 53 -6.12 -11.17 -10.29
N MET B 54 -5.51 -10.78 -9.16
CA MET B 54 -4.08 -10.35 -9.05
C MET B 54 -3.19 -11.60 -8.99
N GLU B 55 -2.68 -12.06 -10.13
CA GLU B 55 -1.94 -13.35 -10.24
C GLU B 55 -0.69 -13.33 -9.34
N ASP B 56 -0.03 -12.17 -9.15
CA ASP B 56 1.25 -12.08 -8.40
C ASP B 56 0.95 -12.36 -6.93
N LYS B 57 0.09 -11.53 -6.34
CA LYS B 57 -0.43 -11.65 -4.96
C LYS B 57 -0.81 -13.12 -4.69
N LEU B 58 -1.57 -13.70 -5.61
CA LEU B 58 -2.19 -15.05 -5.49
C LEU B 58 -1.11 -16.13 -5.35
N LYS B 59 -0.12 -16.08 -6.23
CA LYS B 59 0.98 -17.07 -6.31
C LYS B 59 1.84 -16.91 -5.05
N GLY B 60 2.11 -15.66 -4.63
CA GLY B 60 2.88 -15.34 -3.41
C GLY B 60 2.25 -15.88 -2.14
N GLU B 61 0.99 -15.49 -1.88
CA GLU B 61 0.16 -16.04 -0.79
C GLU B 61 0.17 -17.58 -0.87
N MET B 62 -0.04 -18.16 -2.05
CA MET B 62 -0.07 -19.65 -2.19
C MET B 62 1.28 -20.21 -1.76
N MET B 63 2.38 -19.65 -2.26
CA MET B 63 3.75 -20.14 -1.97
C MET B 63 4.03 -20.03 -0.46
N ASP B 64 3.56 -18.95 0.17
CA ASP B 64 3.88 -18.63 1.59
C ASP B 64 3.25 -19.72 2.49
N LEU B 65 2.02 -20.15 2.20
CA LEU B 65 1.31 -21.28 2.84
C LEU B 65 2.05 -22.59 2.54
N GLN B 66 2.39 -22.86 1.28
CA GLN B 66 2.98 -24.15 0.86
C GLN B 66 4.25 -24.37 1.70
N HIS B 67 4.97 -23.30 2.04
CA HIS B 67 6.23 -23.35 2.84
C HIS B 67 5.95 -23.74 4.31
N GLY B 68 4.70 -23.73 4.75
CA GLY B 68 4.32 -24.19 6.11
C GLY B 68 3.83 -25.63 6.09
N SER B 69 3.86 -26.31 4.94
CA SER B 69 3.26 -27.66 4.74
C SER B 69 3.71 -28.61 5.87
N LEU B 70 4.97 -28.52 6.28
CA LEU B 70 5.56 -29.41 7.32
C LEU B 70 4.73 -29.29 8.60
N PHE B 71 4.08 -28.13 8.84
CA PHE B 71 3.42 -27.77 10.11
C PHE B 71 1.90 -27.92 9.98
N LEU B 72 1.43 -28.35 8.81
CA LEU B 72 -0.01 -28.51 8.49
C LEU B 72 -0.32 -29.95 8.12
N ARG B 73 -1.61 -30.30 8.09
CA ARG B 73 -2.14 -31.63 7.67
C ARG B 73 -3.07 -31.46 6.45
N THR B 74 -2.94 -30.37 5.69
CA THR B 74 -3.65 -30.11 4.42
C THR B 74 -2.64 -30.27 3.27
N PRO B 75 -2.53 -31.45 2.63
CA PRO B 75 -1.33 -31.79 1.86
C PRO B 75 -1.25 -31.11 0.48
N LYS B 76 -2.28 -30.37 0.07
CA LYS B 76 -2.33 -29.74 -1.28
C LYS B 76 -2.92 -28.34 -1.21
N ILE B 77 -2.14 -27.34 -1.64
CA ILE B 77 -2.58 -25.91 -1.74
C ILE B 77 -2.31 -25.44 -3.16
N VAL B 78 -3.36 -25.12 -3.92
CA VAL B 78 -3.27 -24.70 -5.36
C VAL B 78 -3.82 -23.27 -5.48
N SER B 79 -3.54 -22.58 -6.58
CA SER B 79 -3.97 -21.18 -6.80
C SER B 79 -4.10 -20.89 -8.31
N GLY B 80 -4.86 -19.85 -8.70
CA GLY B 80 -4.91 -19.42 -10.11
C GLY B 80 -5.98 -18.40 -10.43
N LYS B 81 -5.73 -17.54 -11.41
CA LYS B 81 -6.76 -16.61 -11.97
C LYS B 81 -7.91 -17.48 -12.52
N ASP B 82 -7.57 -18.60 -13.13
CA ASP B 82 -8.52 -19.54 -13.79
C ASP B 82 -9.20 -20.40 -12.71
N TYR B 83 -10.53 -20.47 -12.75
CA TYR B 83 -11.42 -21.14 -11.76
C TYR B 83 -11.40 -22.67 -11.96
N SER B 84 -10.68 -23.15 -12.98
CA SER B 84 -10.34 -24.60 -13.13
C SER B 84 -9.76 -25.14 -11.81
N VAL B 85 -9.02 -24.34 -11.03
CA VAL B 85 -8.34 -24.79 -9.78
C VAL B 85 -9.36 -25.08 -8.67
N THR B 86 -10.57 -24.56 -8.80
CA THR B 86 -11.61 -24.63 -7.75
C THR B 86 -12.46 -25.90 -7.96
N ALA B 87 -12.10 -26.75 -8.92
CA ALA B 87 -12.94 -27.87 -9.37
C ALA B 87 -13.18 -28.83 -8.20
N ASN B 88 -14.45 -29.15 -7.95
CA ASN B 88 -14.88 -30.20 -6.97
C ASN B 88 -14.64 -29.75 -5.53
N SER B 89 -14.73 -28.45 -5.28
CA SER B 89 -14.87 -27.86 -3.93
C SER B 89 -16.18 -28.33 -3.28
N LYS B 90 -16.11 -28.97 -2.10
CA LYS B 90 -17.28 -29.15 -1.21
C LYS B 90 -17.87 -27.78 -0.90
N LEU B 91 -16.99 -26.82 -0.64
CA LEU B 91 -17.33 -25.49 -0.06
C LEU B 91 -16.51 -24.43 -0.78
N VAL B 92 -17.18 -23.38 -1.25
CA VAL B 92 -16.52 -22.21 -1.89
C VAL B 92 -16.96 -20.98 -1.11
N ILE B 93 -15.99 -20.29 -0.50
CA ILE B 93 -16.15 -19.10 0.40
C ILE B 93 -15.81 -17.84 -0.41
N ILE B 94 -16.75 -16.89 -0.54
CA ILE B 94 -16.59 -15.67 -1.38
C ILE B 94 -16.20 -14.50 -0.49
N THR B 95 -14.99 -13.98 -0.65
CA THR B 95 -14.46 -12.82 0.12
C THR B 95 -14.17 -11.62 -0.83
N ALA B 96 -14.34 -11.77 -2.15
CA ALA B 96 -14.00 -10.75 -3.17
C ALA B 96 -15.15 -9.76 -3.37
N GLY B 97 -14.81 -8.52 -3.74
CA GLY B 97 -15.74 -7.42 -4.07
C GLY B 97 -15.00 -6.10 -4.20
N ALA B 98 -15.62 -5.11 -4.85
CA ALA B 98 -15.05 -3.76 -5.14
C ALA B 98 -14.52 -3.07 -3.87
N ASN B 108 -25.17 1.78 -5.76
CA ASN B 108 -24.27 1.62 -6.94
C ASN B 108 -23.00 0.86 -6.56
N LEU B 109 -22.37 1.20 -5.41
CA LEU B 109 -21.33 0.37 -4.74
C LEU B 109 -21.82 -1.08 -4.72
N VAL B 110 -23.10 -1.30 -4.48
CA VAL B 110 -23.76 -2.64 -4.57
C VAL B 110 -23.59 -3.17 -5.99
N GLN B 111 -23.96 -2.36 -7.00
CA GLN B 111 -23.97 -2.72 -8.44
C GLN B 111 -22.56 -3.15 -8.87
N ARG B 112 -21.50 -2.51 -8.36
CA ARG B 112 -20.10 -2.87 -8.70
C ARG B 112 -19.77 -4.25 -8.12
N ASN B 113 -20.28 -4.58 -6.93
CA ASN B 113 -20.06 -5.91 -6.31
C ASN B 113 -20.92 -6.95 -7.07
N VAL B 114 -22.10 -6.59 -7.57
CA VAL B 114 -22.92 -7.44 -8.49
C VAL B 114 -22.14 -7.71 -9.80
N ASN B 115 -21.63 -6.67 -10.46
CA ASN B 115 -20.82 -6.77 -11.71
C ASN B 115 -19.77 -7.87 -11.50
N ILE B 116 -18.98 -7.73 -10.44
CA ILE B 116 -17.95 -8.70 -9.99
C ILE B 116 -18.57 -10.09 -9.79
N PHE B 117 -19.69 -10.19 -9.08
CA PHE B 117 -20.28 -11.51 -8.73
C PHE B 117 -20.76 -12.20 -10.01
N LYS B 118 -21.13 -11.44 -11.04
CA LYS B 118 -21.69 -11.97 -12.31
C LYS B 118 -20.62 -12.73 -13.10
N PHE B 119 -19.32 -12.44 -12.83
CA PHE B 119 -18.17 -13.25 -13.32
C PHE B 119 -17.86 -14.39 -12.34
N ILE B 120 -17.63 -14.06 -11.06
CA ILE B 120 -17.11 -15.00 -10.03
C ILE B 120 -18.07 -16.20 -9.92
N ILE B 121 -19.36 -15.95 -9.67
CA ILE B 121 -20.30 -17.02 -9.23
C ILE B 121 -20.52 -18.04 -10.36
N PRO B 122 -20.79 -17.64 -11.62
CA PRO B 122 -20.89 -18.62 -12.70
C PRO B 122 -19.63 -19.51 -12.83
N ASN B 123 -18.43 -18.97 -12.60
CA ASN B 123 -17.17 -19.78 -12.67
C ASN B 123 -17.16 -20.81 -11.53
N VAL B 124 -17.45 -20.40 -10.29
CA VAL B 124 -17.60 -21.33 -9.14
C VAL B 124 -18.54 -22.50 -9.53
N VAL B 125 -19.67 -22.20 -10.19
CA VAL B 125 -20.78 -23.16 -10.47
C VAL B 125 -20.37 -24.15 -11.56
N LYS B 126 -19.57 -23.69 -12.54
CA LYS B 126 -19.09 -24.52 -13.68
C LYS B 126 -18.23 -25.65 -13.12
N TYR B 127 -17.34 -25.34 -12.17
CA TYR B 127 -16.27 -26.25 -11.71
C TYR B 127 -16.68 -27.00 -10.43
N SER B 128 -17.70 -26.50 -9.71
CA SER B 128 -18.27 -27.11 -8.49
C SER B 128 -19.80 -27.00 -8.54
N PRO B 129 -20.49 -27.70 -9.47
CA PRO B 129 -21.95 -27.66 -9.51
C PRO B 129 -22.63 -28.10 -8.20
N HIS B 130 -21.95 -28.85 -7.34
CA HIS B 130 -22.56 -29.48 -6.14
C HIS B 130 -22.14 -28.78 -4.84
N CYS B 131 -21.28 -27.76 -4.89
CA CYS B 131 -20.66 -27.13 -3.70
C CYS B 131 -21.66 -26.30 -2.89
N LYS B 132 -21.34 -26.01 -1.62
CA LYS B 132 -22.00 -24.94 -0.83
C LYS B 132 -21.27 -23.63 -1.06
N LEU B 133 -22.01 -22.54 -1.03
CA LEU B 133 -21.49 -21.16 -1.22
C LEU B 133 -21.61 -20.44 0.11
N LEU B 134 -20.50 -19.94 0.64
CA LEU B 134 -20.47 -19.13 1.88
C LEU B 134 -20.00 -17.71 1.52
N VAL B 135 -20.94 -16.78 1.42
CA VAL B 135 -20.68 -15.37 1.00
C VAL B 135 -20.24 -14.57 2.22
N VAL B 136 -19.22 -13.72 2.07
CA VAL B 136 -18.62 -12.92 3.20
C VAL B 136 -18.54 -11.44 2.79
N SER B 137 -18.27 -11.14 1.53
CA SER B 137 -18.19 -9.75 0.99
C SER B 137 -19.38 -8.91 1.51
N ASN B 138 -19.16 -7.61 1.78
CA ASN B 138 -20.22 -6.67 2.23
C ASN B 138 -20.70 -5.77 1.09
N PRO B 139 -22.00 -5.43 1.05
CA PRO B 139 -22.97 -5.87 2.07
C PRO B 139 -23.40 -7.33 1.88
N VAL B 140 -23.36 -8.12 2.95
CA VAL B 140 -23.35 -9.61 2.92
C VAL B 140 -24.75 -10.20 2.73
N ASP B 141 -25.81 -9.54 3.23
CA ASP B 141 -27.19 -10.06 3.08
C ASP B 141 -27.61 -9.86 1.61
N ILE B 142 -27.31 -8.71 1.04
CA ILE B 142 -27.61 -8.39 -0.39
C ILE B 142 -26.80 -9.33 -1.30
N LEU B 143 -25.49 -9.42 -1.09
CA LEU B 143 -24.59 -10.16 -2.02
C LEU B 143 -24.75 -11.68 -1.82
N THR B 144 -25.26 -12.16 -0.69
CA THR B 144 -25.69 -13.57 -0.60
C THR B 144 -26.87 -13.74 -1.57
N TYR B 145 -27.84 -12.82 -1.53
CA TYR B 145 -29.02 -12.79 -2.45
C TYR B 145 -28.51 -12.84 -3.89
N VAL B 146 -27.54 -11.98 -4.23
CA VAL B 146 -26.96 -11.88 -5.61
C VAL B 146 -26.42 -13.26 -6.04
N ALA B 147 -25.62 -13.90 -5.18
CA ALA B 147 -25.01 -15.22 -5.46
C ALA B 147 -26.11 -16.28 -5.61
N TRP B 148 -27.18 -16.17 -4.84
CA TRP B 148 -28.32 -17.13 -4.91
C TRP B 148 -29.02 -17.00 -6.27
N LYS B 149 -29.31 -15.75 -6.69
CA LYS B 149 -29.98 -15.46 -7.99
C LYS B 149 -29.08 -15.94 -9.12
N ILE B 150 -27.80 -15.54 -9.10
CA ILE B 150 -26.85 -15.82 -10.21
C ILE B 150 -26.59 -17.33 -10.30
N SER B 151 -26.45 -18.03 -9.17
CA SER B 151 -25.99 -19.44 -9.10
C SER B 151 -27.09 -20.40 -9.55
N GLY B 152 -28.37 -20.07 -9.27
CA GLY B 152 -29.52 -20.98 -9.44
C GLY B 152 -29.50 -22.13 -8.45
N PHE B 153 -28.62 -22.08 -7.45
CA PHE B 153 -28.51 -23.09 -6.37
C PHE B 153 -29.77 -23.06 -5.51
N PRO B 154 -30.16 -24.20 -4.88
CA PRO B 154 -31.18 -24.18 -3.84
C PRO B 154 -30.65 -23.43 -2.61
N LYS B 155 -31.57 -22.85 -1.83
CA LYS B 155 -31.27 -21.85 -0.77
C LYS B 155 -30.44 -22.49 0.35
N ASN B 156 -30.59 -23.79 0.53
CA ASN B 156 -29.91 -24.55 1.60
C ASN B 156 -28.40 -24.54 1.35
N ARG B 157 -27.97 -24.30 0.10
CA ARG B 157 -26.54 -24.41 -0.32
C ARG B 157 -25.93 -23.02 -0.51
N VAL B 158 -26.73 -21.96 -0.39
CA VAL B 158 -26.22 -20.56 -0.41
C VAL B 158 -26.43 -19.97 0.98
N ILE B 159 -25.33 -19.79 1.69
CA ILE B 159 -25.22 -19.25 3.08
C ILE B 159 -24.47 -17.91 3.00
N GLY B 160 -24.88 -16.90 3.79
CA GLY B 160 -24.12 -15.66 4.03
C GLY B 160 -23.56 -15.66 5.44
N SER B 161 -22.39 -15.05 5.68
CA SER B 161 -21.71 -15.11 7.01
C SER B 161 -22.58 -14.39 8.03
N GLY B 162 -23.32 -13.39 7.55
CA GLY B 162 -24.35 -12.65 8.31
C GLY B 162 -23.87 -12.20 9.68
N CYS B 163 -24.65 -12.51 10.71
CA CYS B 163 -24.47 -12.03 12.10
C CYS B 163 -23.71 -13.09 12.92
N ASN B 164 -22.97 -13.99 12.28
CA ASN B 164 -22.17 -15.04 12.96
C ASN B 164 -21.05 -14.35 13.75
N LEU B 165 -20.46 -13.30 13.18
CA LEU B 165 -19.37 -12.56 13.88
C LEU B 165 -19.96 -11.58 14.90
N ASP B 166 -21.04 -10.87 14.56
CA ASP B 166 -21.71 -9.93 15.48
C ASP B 166 -22.01 -10.67 16.80
N SER B 167 -22.67 -11.84 16.72
CA SER B 167 -23.05 -12.66 17.90
C SER B 167 -21.79 -13.05 18.69
N ALA B 168 -20.71 -13.42 18.01
CA ALA B 168 -19.42 -13.83 18.64
C ALA B 168 -18.81 -12.69 19.45
N ARG B 169 -18.77 -11.49 18.84
CA ARG B 169 -18.34 -10.22 19.47
C ARG B 169 -19.22 -9.92 20.69
N PHE B 170 -20.52 -10.11 20.51
CA PHE B 170 -21.54 -9.83 21.55
C PHE B 170 -21.25 -10.73 22.74
N ARG B 171 -20.84 -11.96 22.46
CA ARG B 171 -20.60 -12.98 23.50
C ARG B 171 -19.31 -12.66 24.24
N TYR B 172 -18.28 -12.24 23.51
CA TYR B 172 -17.00 -11.74 24.10
C TYR B 172 -17.31 -10.55 25.01
N LEU B 173 -18.10 -9.59 24.52
CA LEU B 173 -18.41 -8.36 25.27
C LEU B 173 -19.16 -8.75 26.55
N MET B 174 -20.16 -9.64 26.42
CA MET B 174 -20.98 -10.21 27.52
C MET B 174 -20.05 -10.85 28.57
N GLY B 175 -19.12 -11.68 28.11
CA GLY B 175 -18.15 -12.42 28.93
C GLY B 175 -17.22 -11.51 29.70
N GLU B 176 -16.88 -10.33 29.15
CA GLU B 176 -15.95 -9.36 29.79
C GLU B 176 -16.65 -8.70 30.98
N ARG B 177 -17.94 -8.35 30.84
CA ARG B 177 -18.77 -7.73 31.92
C ARG B 177 -19.16 -8.71 33.02
N LEU B 178 -19.30 -10.00 32.73
CA LEU B 178 -19.71 -11.01 33.76
C LEU B 178 -18.48 -11.73 34.36
N GLY B 179 -17.35 -11.78 33.67
CA GLY B 179 -16.14 -12.47 34.15
C GLY B 179 -16.19 -13.97 33.89
N VAL B 180 -16.80 -14.37 32.77
CA VAL B 180 -16.84 -15.81 32.32
C VAL B 180 -16.42 -15.81 30.86
N HIS B 181 -15.88 -16.95 30.38
CA HIS B 181 -15.50 -17.15 28.96
C HIS B 181 -16.72 -16.96 28.06
N ALA B 182 -16.50 -16.50 26.83
CA ALA B 182 -17.56 -16.22 25.84
C ALA B 182 -18.35 -17.51 25.56
N LEU B 183 -17.70 -18.69 25.66
CA LEU B 183 -18.33 -20.03 25.43
C LEU B 183 -19.55 -20.16 26.35
N SER B 184 -19.46 -19.67 27.59
CA SER B 184 -20.52 -19.82 28.64
C SER B 184 -21.48 -18.63 28.64
N CYS B 185 -21.31 -17.67 27.72
CA CYS B 185 -22.20 -16.50 27.51
C CYS B 185 -22.98 -16.64 26.21
N HIS B 186 -24.29 -16.80 26.32
CA HIS B 186 -25.19 -17.03 25.18
C HIS B 186 -25.97 -15.74 24.89
N GLY B 187 -26.13 -15.43 23.60
CA GLY B 187 -26.76 -14.21 23.09
C GLY B 187 -26.80 -14.30 21.58
N TRP B 188 -27.82 -13.73 20.94
CA TRP B 188 -28.07 -13.90 19.50
C TRP B 188 -28.33 -12.53 18.88
N ILE B 189 -27.56 -12.20 17.84
CA ILE B 189 -27.76 -10.98 17.01
C ILE B 189 -28.23 -11.46 15.63
N LEU B 190 -29.40 -10.93 15.22
CA LEU B 190 -30.25 -11.50 14.13
C LEU B 190 -30.61 -10.42 13.11
N GLY B 191 -31.06 -10.83 11.93
CA GLY B 191 -31.53 -9.91 10.87
C GLY B 191 -30.39 -9.41 10.02
N GLU B 192 -30.38 -8.12 9.72
CA GLU B 192 -29.39 -7.43 8.84
C GLU B 192 -28.06 -7.27 9.58
N HIS B 193 -26.95 -7.71 9.01
CA HIS B 193 -25.58 -7.44 9.57
C HIS B 193 -25.33 -5.92 9.51
N GLY B 194 -25.06 -5.27 10.66
CA GLY B 194 -24.66 -3.86 10.72
C GLY B 194 -25.61 -3.02 11.54
N ASP B 195 -25.74 -1.73 11.20
CA ASP B 195 -26.46 -0.69 12.00
C ASP B 195 -27.82 -1.23 12.48
N SER B 196 -28.48 -2.08 11.69
CA SER B 196 -29.90 -2.49 11.88
C SER B 196 -30.03 -3.91 12.47
N SER B 197 -28.94 -4.51 12.96
CA SER B 197 -28.96 -5.87 13.57
C SER B 197 -29.82 -5.84 14.85
N VAL B 198 -30.45 -6.97 15.15
CA VAL B 198 -31.47 -7.10 16.25
C VAL B 198 -30.86 -7.85 17.43
N PRO B 199 -30.51 -7.15 18.53
CA PRO B 199 -30.12 -7.84 19.77
C PRO B 199 -31.33 -8.48 20.49
N VAL B 200 -31.49 -9.80 20.42
CA VAL B 200 -32.61 -10.53 21.09
C VAL B 200 -32.28 -10.66 22.58
N TRP B 201 -32.70 -9.69 23.39
CA TRP B 201 -32.44 -9.60 24.85
C TRP B 201 -32.96 -10.83 25.59
N SER B 202 -34.05 -11.43 25.12
CA SER B 202 -34.78 -12.52 25.82
C SER B 202 -33.88 -13.75 25.95
N GLY B 203 -33.17 -14.11 24.88
CA GLY B 203 -32.31 -15.31 24.78
C GLY B 203 -30.92 -15.16 25.41
N MET B 204 -30.54 -13.97 25.90
CA MET B 204 -29.25 -13.77 26.60
C MET B 204 -29.28 -14.47 27.96
N ASN B 205 -28.34 -15.40 28.18
CA ASN B 205 -28.31 -16.31 29.36
C ASN B 205 -26.86 -16.71 29.67
N VAL B 206 -26.56 -16.94 30.96
CA VAL B 206 -25.48 -17.83 31.45
C VAL B 206 -26.17 -18.99 32.16
N ALA B 207 -25.85 -20.22 31.75
CA ALA B 207 -26.35 -21.46 32.35
C ALA B 207 -27.89 -21.44 32.46
N GLY B 208 -28.56 -20.93 31.43
CA GLY B 208 -30.01 -21.05 31.26
C GLY B 208 -30.78 -20.06 32.10
N VAL B 209 -30.09 -19.16 32.81
CA VAL B 209 -30.68 -18.00 33.54
C VAL B 209 -30.85 -16.82 32.56
N SER B 210 -32.09 -16.56 32.17
CA SER B 210 -32.56 -15.39 31.39
C SER B 210 -32.15 -14.08 32.08
N LEU B 211 -31.12 -13.39 31.57
CA LEU B 211 -30.61 -12.11 32.16
C LEU B 211 -31.70 -11.05 32.02
N LYS B 212 -32.56 -11.14 31.01
CA LYS B 212 -33.69 -10.19 30.83
C LYS B 212 -34.75 -10.44 31.93
N THR B 213 -35.01 -11.69 32.29
CA THR B 213 -35.91 -12.04 33.43
C THR B 213 -35.28 -11.55 34.73
N LEU B 214 -33.98 -11.77 34.89
CA LEU B 214 -33.21 -11.50 36.15
C LEU B 214 -33.17 -10.00 36.37
N HIS B 215 -33.13 -9.23 35.28
CA HIS B 215 -32.78 -7.78 35.26
C HIS B 215 -33.68 -7.09 34.24
N PRO B 216 -34.99 -6.89 34.55
CA PRO B 216 -35.99 -6.55 33.53
C PRO B 216 -35.72 -5.27 32.72
N GLU B 217 -34.86 -4.40 33.24
CA GLU B 217 -34.50 -3.10 32.59
C GLU B 217 -33.42 -3.35 31.53
N LEU B 218 -32.98 -4.59 31.37
CA LEU B 218 -31.90 -4.97 30.44
C LEU B 218 -32.36 -4.75 28.99
N GLY B 219 -31.60 -3.94 28.25
CA GLY B 219 -31.86 -3.64 26.83
C GLY B 219 -32.76 -2.44 26.64
N THR B 220 -33.07 -1.72 27.73
CA THR B 220 -33.91 -0.49 27.70
C THR B 220 -33.05 0.70 28.10
N ASP B 221 -33.52 1.91 27.77
CA ASP B 221 -32.73 3.17 27.86
C ASP B 221 -32.36 3.43 29.32
N ALA B 222 -33.32 3.30 30.22
CA ALA B 222 -33.16 3.56 31.67
C ALA B 222 -32.56 2.33 32.38
N ASP B 223 -31.45 1.79 31.85
CA ASP B 223 -30.65 0.73 32.51
C ASP B 223 -29.29 1.34 32.86
N LYS B 224 -28.98 1.48 34.15
CA LYS B 224 -27.73 2.11 34.67
C LYS B 224 -26.52 1.23 34.31
N GLU B 225 -26.76 -0.02 33.95
CA GLU B 225 -25.71 -0.97 33.47
C GLU B 225 -25.55 -0.88 31.95
N GLN B 226 -26.50 -0.22 31.26
CA GLN B 226 -26.31 0.30 29.88
C GLN B 226 -26.04 -0.87 28.93
N TRP B 227 -26.86 -1.92 28.97
CA TRP B 227 -26.61 -3.16 28.20
C TRP B 227 -26.98 -2.95 26.73
N LYS B 228 -27.84 -1.98 26.43
CA LYS B 228 -28.23 -1.59 25.04
C LYS B 228 -27.03 -0.98 24.32
N GLN B 229 -26.08 -0.38 25.05
CA GLN B 229 -24.86 0.29 24.51
C GLN B 229 -23.81 -0.78 24.17
N VAL B 230 -24.03 -2.03 24.60
CA VAL B 230 -23.17 -3.22 24.35
C VAL B 230 -23.45 -3.79 22.95
N HIS B 231 -24.69 -3.71 22.46
CA HIS B 231 -25.06 -4.07 21.06
C HIS B 231 -24.61 -3.00 20.07
N LYS B 232 -24.46 -1.75 20.54
CA LYS B 232 -23.96 -0.60 19.75
C LYS B 232 -22.44 -0.76 19.60
N GLN B 233 -21.77 -1.41 20.56
CA GLN B 233 -20.33 -1.76 20.47
C GLN B 233 -20.14 -2.82 19.37
N VAL B 234 -21.08 -3.77 19.26
CA VAL B 234 -21.05 -4.85 18.24
C VAL B 234 -21.29 -4.27 16.85
N VAL B 235 -22.34 -3.43 16.69
CA VAL B 235 -22.61 -2.57 15.50
C VAL B 235 -21.34 -1.82 15.09
N ASP B 236 -20.62 -1.23 16.05
CA ASP B 236 -19.53 -0.24 15.83
C ASP B 236 -18.15 -0.92 15.78
N SER B 237 -18.07 -2.19 16.21
CA SER B 237 -16.80 -2.96 16.35
C SER B 237 -15.94 -2.84 15.08
N ALA B 238 -16.43 -3.30 13.93
CA ALA B 238 -15.69 -3.24 12.65
C ALA B 238 -15.11 -1.83 12.52
N TYR B 239 -15.99 -0.83 12.55
CA TYR B 239 -15.69 0.59 12.23
C TYR B 239 -14.49 1.07 13.06
N GLU B 240 -14.42 0.68 14.35
CA GLU B 240 -13.39 1.11 15.34
C GLU B 240 -12.06 0.42 15.06
N VAL B 241 -12.09 -0.90 14.79
CA VAL B 241 -10.90 -1.73 14.43
C VAL B 241 -10.36 -1.23 13.08
N ILE B 242 -11.22 -0.83 12.15
CA ILE B 242 -10.85 -0.30 10.80
C ILE B 242 -10.11 1.03 10.98
N LYS B 243 -10.64 1.93 11.83
CA LYS B 243 -10.02 3.27 12.05
C LYS B 243 -8.73 3.10 12.85
N LEU B 244 -8.47 1.91 13.41
CA LEU B 244 -7.26 1.65 14.24
C LEU B 244 -6.17 0.96 13.40
N LYS B 245 -6.49 -0.11 12.67
CA LYS B 245 -5.49 -0.97 11.97
C LYS B 245 -5.77 -1.05 10.47
N GLY B 246 -6.76 -0.32 9.95
CA GLY B 246 -7.03 -0.24 8.51
C GLY B 246 -8.13 -1.20 8.05
N TYR B 247 -8.22 -2.39 8.65
CA TYR B 247 -9.19 -3.46 8.29
C TYR B 247 -9.41 -4.40 9.48
N THR B 248 -10.33 -5.34 9.32
CA THR B 248 -10.58 -6.43 10.29
C THR B 248 -10.21 -7.73 9.59
N SER B 249 -9.62 -8.70 10.29
CA SER B 249 -9.28 -9.96 9.60
C SER B 249 -9.37 -11.19 10.50
N TRP B 250 -8.68 -11.21 11.62
CA TRP B 250 -8.59 -12.39 12.50
C TRP B 250 -9.91 -12.99 12.96
N ALA B 251 -10.77 -12.19 13.58
CA ALA B 251 -12.10 -12.57 14.10
C ALA B 251 -12.98 -13.11 12.96
N ILE B 252 -13.12 -12.37 11.84
CA ILE B 252 -13.96 -12.85 10.69
C ILE B 252 -13.41 -14.20 10.23
N GLY B 253 -12.10 -14.30 10.00
CA GLY B 253 -11.41 -15.54 9.58
C GLY B 253 -11.68 -16.73 10.50
N LEU B 254 -11.60 -16.55 11.82
CA LEU B 254 -11.92 -17.62 12.81
C LEU B 254 -13.42 -17.98 12.76
N SER B 255 -14.31 -16.98 12.70
CA SER B 255 -15.77 -17.16 12.65
C SER B 255 -16.16 -17.85 11.35
N VAL B 256 -15.39 -17.69 10.27
CA VAL B 256 -15.74 -18.32 8.95
C VAL B 256 -15.31 -19.79 8.99
N ALA B 257 -14.13 -20.08 9.52
CA ALA B 257 -13.66 -21.46 9.79
C ALA B 257 -14.67 -22.21 10.67
N ASP B 258 -15.29 -21.51 11.62
CA ASP B 258 -16.31 -22.13 12.52
C ASP B 258 -17.47 -22.64 11.68
N LEU B 259 -17.95 -21.83 10.72
CA LEU B 259 -19.03 -22.26 9.80
C LEU B 259 -18.48 -23.37 8.93
N ALA B 260 -17.23 -23.25 8.48
CA ALA B 260 -16.60 -24.28 7.65
C ALA B 260 -16.63 -25.60 8.41
N GLU B 261 -16.28 -25.59 9.69
CA GLU B 261 -16.19 -26.84 10.50
C GLU B 261 -17.56 -27.52 10.54
N SER B 262 -18.62 -26.76 10.81
CA SER B 262 -20.01 -27.28 10.91
C SER B 262 -20.37 -27.97 9.59
N ILE B 263 -20.09 -27.28 8.49
CA ILE B 263 -20.43 -27.76 7.11
C ILE B 263 -19.63 -29.04 6.83
N MET B 264 -18.30 -28.97 6.89
CA MET B 264 -17.42 -30.07 6.42
C MET B 264 -17.54 -31.27 7.34
N LYS B 265 -17.86 -31.09 8.62
CA LYS B 265 -17.94 -32.22 9.60
C LYS B 265 -19.41 -32.63 9.81
N ASN B 266 -20.35 -31.91 9.21
CA ASN B 266 -21.81 -32.24 9.25
C ASN B 266 -22.32 -32.22 10.70
N LEU B 267 -21.85 -31.27 11.50
CA LEU B 267 -22.12 -31.26 12.95
C LEU B 267 -23.60 -30.97 13.24
N ARG B 268 -24.30 -30.25 12.34
CA ARG B 268 -25.70 -29.78 12.57
C ARG B 268 -25.73 -28.91 13.83
N ARG B 269 -24.80 -27.96 13.96
CA ARG B 269 -24.83 -26.92 15.03
C ARG B 269 -25.66 -25.74 14.55
N VAL B 270 -26.09 -24.91 15.49
CA VAL B 270 -26.96 -23.75 15.19
C VAL B 270 -26.11 -22.48 15.19
N HIS B 271 -26.10 -21.80 14.05
CA HIS B 271 -25.35 -20.55 13.82
C HIS B 271 -26.29 -19.42 13.40
N PRO B 272 -26.07 -18.18 13.88
CA PRO B 272 -26.80 -17.03 13.38
C PRO B 272 -26.18 -16.64 12.03
N ILE B 273 -26.61 -17.31 10.96
CA ILE B 273 -26.09 -17.08 9.58
C ILE B 273 -27.27 -16.63 8.73
N SER B 274 -26.97 -16.04 7.58
CA SER B 274 -27.94 -15.39 6.64
C SER B 274 -28.45 -16.42 5.64
N THR B 275 -29.75 -16.73 5.70
CA THR B 275 -30.46 -17.68 4.82
C THR B 275 -31.62 -16.96 4.11
N MET B 276 -32.03 -17.47 2.96
CA MET B 276 -33.19 -16.94 2.20
C MET B 276 -34.43 -17.25 3.04
N LEU B 277 -35.16 -16.21 3.46
CA LEU B 277 -36.09 -16.29 4.61
C LEU B 277 -37.56 -16.09 4.18
N LYS B 278 -37.85 -16.04 2.89
CA LYS B 278 -39.25 -15.86 2.39
C LYS B 278 -40.13 -16.95 3.01
N GLY B 279 -41.19 -16.59 3.72
CA GLY B 279 -42.15 -17.55 4.32
C GLY B 279 -41.84 -17.88 5.78
N LEU B 280 -40.81 -17.29 6.38
CA LEU B 280 -40.50 -17.37 7.84
C LEU B 280 -40.45 -15.94 8.40
N TYR B 281 -40.75 -15.76 9.69
CA TYR B 281 -40.66 -14.49 10.47
C TYR B 281 -41.52 -13.36 9.86
N GLY B 282 -42.59 -13.74 9.14
CA GLY B 282 -43.58 -12.81 8.57
C GLY B 282 -43.04 -12.03 7.38
N ILE B 283 -42.11 -12.60 6.62
CA ILE B 283 -41.38 -11.90 5.51
C ILE B 283 -41.82 -12.55 4.19
N LYS B 284 -42.16 -11.75 3.19
CA LYS B 284 -42.98 -12.18 2.03
C LYS B 284 -42.23 -11.90 0.72
N GLU B 285 -40.97 -11.43 0.81
CA GLU B 285 -40.07 -11.17 -0.36
C GLU B 285 -38.80 -12.03 -0.26
N ASP B 286 -38.06 -12.10 -1.38
CA ASP B 286 -36.80 -12.88 -1.52
C ASP B 286 -35.65 -12.06 -0.94
N VAL B 287 -35.37 -12.21 0.35
CA VAL B 287 -34.22 -11.54 1.03
C VAL B 287 -33.51 -12.54 1.95
N PHE B 288 -32.26 -12.23 2.30
CA PHE B 288 -31.39 -13.00 3.21
C PHE B 288 -31.23 -12.21 4.50
N LEU B 289 -31.51 -12.84 5.63
CA LEU B 289 -31.37 -12.25 6.99
C LEU B 289 -30.83 -13.35 7.91
N SER B 290 -30.09 -13.00 8.97
CA SER B 290 -29.52 -13.96 9.96
C SER B 290 -30.60 -14.43 10.94
N VAL B 291 -30.82 -15.75 10.96
CA VAL B 291 -31.59 -16.46 12.02
C VAL B 291 -30.81 -17.72 12.41
N PRO B 292 -31.08 -18.27 13.62
CA PRO B 292 -30.42 -19.50 14.01
C PRO B 292 -30.71 -20.58 12.95
N CYS B 293 -29.67 -21.03 12.24
CA CYS B 293 -29.74 -22.05 11.15
C CYS B 293 -28.93 -23.30 11.52
N VAL B 294 -29.53 -24.47 11.32
CA VAL B 294 -28.85 -25.79 11.48
C VAL B 294 -27.95 -25.98 10.26
N LEU B 295 -26.65 -25.86 10.48
CA LEU B 295 -25.61 -25.93 9.45
C LEU B 295 -25.02 -27.35 9.47
N GLY B 296 -25.02 -28.00 8.31
CA GLY B 296 -24.43 -29.33 8.10
C GLY B 296 -23.86 -29.48 6.70
N GLN B 297 -23.72 -30.71 6.24
CA GLN B 297 -22.94 -31.04 5.03
C GLN B 297 -23.74 -30.64 3.80
N ASN B 298 -25.07 -30.53 3.92
CA ASN B 298 -25.98 -30.11 2.81
C ASN B 298 -26.29 -28.61 2.98
N GLY B 299 -25.53 -27.91 3.84
CA GLY B 299 -25.70 -26.49 4.18
C GLY B 299 -26.71 -26.29 5.29
N ILE B 300 -27.69 -25.40 5.08
CA ILE B 300 -28.74 -25.03 6.07
C ILE B 300 -29.94 -25.96 5.90
N SER B 301 -30.09 -26.97 6.75
CA SER B 301 -31.16 -27.98 6.63
C SER B 301 -32.44 -27.51 7.36
N ASP B 302 -32.31 -26.55 8.28
CA ASP B 302 -33.39 -26.19 9.23
C ASP B 302 -33.12 -24.79 9.81
N VAL B 303 -34.19 -24.10 10.21
CA VAL B 303 -34.18 -22.73 10.78
C VAL B 303 -34.91 -22.78 12.12
N VAL B 304 -34.33 -22.22 13.18
CA VAL B 304 -34.97 -22.19 14.53
C VAL B 304 -35.94 -21.02 14.48
N LYS B 305 -37.20 -21.27 14.83
CA LYS B 305 -38.24 -20.21 14.97
C LYS B 305 -38.01 -19.55 16.33
N VAL B 306 -37.49 -18.32 16.37
CA VAL B 306 -37.23 -17.55 17.63
C VAL B 306 -38.50 -16.76 17.96
N THR B 307 -38.95 -16.80 19.21
CA THR B 307 -40.05 -15.92 19.69
C THR B 307 -39.46 -14.51 19.82
N LEU B 308 -40.05 -13.55 19.12
CA LEU B 308 -39.63 -12.13 19.09
C LEU B 308 -40.72 -11.27 19.72
N THR B 309 -40.31 -10.25 20.47
CA THR B 309 -41.13 -9.07 20.84
C THR B 309 -41.66 -8.42 19.55
N SER B 310 -42.76 -7.70 19.62
CA SER B 310 -43.39 -7.09 18.41
C SER B 310 -42.41 -6.07 17.81
N GLU B 311 -41.62 -5.39 18.65
CA GLU B 311 -40.55 -4.44 18.24
C GLU B 311 -39.50 -5.20 17.39
N GLU B 312 -39.20 -6.45 17.74
CA GLU B 312 -38.18 -7.32 17.05
C GLU B 312 -38.74 -7.82 15.70
N GLU B 313 -39.95 -8.40 15.69
CA GLU B 313 -40.67 -8.85 14.46
C GLU B 313 -40.63 -7.70 13.45
N ALA B 314 -40.86 -6.47 13.92
CA ALA B 314 -41.04 -5.26 13.08
C ALA B 314 -39.69 -4.82 12.49
N HIS B 315 -38.65 -4.79 13.33
CA HIS B 315 -37.29 -4.38 12.94
C HIS B 315 -36.83 -5.29 11.77
N LEU B 316 -37.04 -6.60 11.90
CA LEU B 316 -36.75 -7.65 10.87
C LEU B 316 -37.53 -7.39 9.58
N LYS B 317 -38.85 -7.20 9.66
CA LYS B 317 -39.75 -6.96 8.49
C LYS B 317 -39.34 -5.68 7.75
N LYS B 318 -38.81 -4.69 8.50
CA LYS B 318 -38.37 -3.38 7.98
C LYS B 318 -37.06 -3.54 7.22
N SER B 319 -36.12 -4.31 7.79
CA SER B 319 -34.85 -4.74 7.14
C SER B 319 -35.16 -5.47 5.82
N ALA B 320 -36.19 -6.32 5.80
CA ALA B 320 -36.60 -7.11 4.62
C ALA B 320 -37.12 -6.20 3.52
N ASP B 321 -37.69 -5.05 3.90
CA ASP B 321 -38.26 -4.05 2.96
C ASP B 321 -37.13 -3.21 2.36
N THR B 322 -36.18 -2.74 3.17
CA THR B 322 -35.06 -1.89 2.70
C THR B 322 -34.16 -2.74 1.79
N LEU B 323 -33.90 -4.01 2.16
CA LEU B 323 -33.12 -4.99 1.34
C LEU B 323 -33.83 -5.25 0.01
N TRP B 324 -35.07 -5.73 0.02
CA TRP B 324 -35.85 -6.04 -1.21
C TRP B 324 -35.90 -4.82 -2.14
N GLY B 325 -35.99 -3.61 -1.56
CA GLY B 325 -36.03 -2.32 -2.28
C GLY B 325 -34.70 -2.02 -2.96
N ILE B 326 -33.58 -2.34 -2.30
CA ILE B 326 -32.22 -2.20 -2.90
C ILE B 326 -32.08 -3.24 -4.01
N GLN B 327 -32.56 -4.47 -3.81
CA GLN B 327 -32.45 -5.60 -4.77
C GLN B 327 -33.36 -5.37 -5.99
N LYS B 328 -34.43 -4.59 -5.86
CA LYS B 328 -35.36 -4.27 -6.98
C LYS B 328 -34.60 -3.46 -8.04
N GLU B 329 -33.76 -2.53 -7.58
CA GLU B 329 -33.01 -1.55 -8.43
C GLU B 329 -31.77 -2.19 -9.09
N LEU B 330 -31.40 -3.44 -8.75
CA LEU B 330 -30.18 -4.11 -9.29
C LEU B 330 -30.45 -4.65 -10.69
N GLN B 331 -29.43 -4.65 -11.53
CA GLN B 331 -29.49 -5.28 -12.87
C GLN B 331 -28.49 -6.45 -12.90
N PHE B 332 -29.02 -7.65 -13.13
CA PHE B 332 -28.26 -8.91 -13.38
C PHE B 332 -28.03 -9.05 -14.89
N ALA C 3 29.94 -43.21 25.33
CA ALA C 3 28.46 -43.47 25.21
C ALA C 3 27.91 -42.78 23.96
N LEU C 4 27.03 -43.47 23.22
CA LEU C 4 26.32 -42.93 22.03
C LEU C 4 25.63 -41.61 22.40
N LYS C 5 24.96 -41.54 23.55
CA LYS C 5 24.26 -40.31 24.02
C LYS C 5 25.24 -39.13 23.99
N ASP C 6 26.53 -39.37 24.28
CA ASP C 6 27.55 -38.32 24.56
C ASP C 6 28.35 -38.01 23.29
N GLN C 7 28.52 -38.98 22.38
CA GLN C 7 29.17 -38.81 21.04
C GLN C 7 28.24 -38.00 20.12
N LEU C 8 26.91 -38.06 20.31
CA LEU C 8 25.89 -37.51 19.38
C LEU C 8 25.34 -36.17 19.88
N ILE C 9 25.15 -36.04 21.20
CA ILE C 9 24.57 -34.83 21.87
C ILE C 9 25.64 -34.24 22.81
N HIS C 10 25.94 -32.94 22.68
CA HIS C 10 26.70 -32.15 23.68
C HIS C 10 25.69 -31.59 24.67
N ASN C 11 25.85 -31.86 25.97
CA ASN C 11 25.02 -31.25 27.05
C ASN C 11 25.52 -29.83 27.32
N LEU C 12 24.59 -28.88 27.49
CA LEU C 12 24.86 -27.42 27.68
C LEU C 12 24.21 -26.90 28.96
N LEU C 13 23.49 -27.75 29.71
CA LEU C 13 22.59 -27.34 30.83
C LEU C 13 22.30 -28.53 31.77
N HIS C 17 14.45 -30.07 36.66
CA HIS C 17 13.26 -30.86 36.28
C HIS C 17 12.16 -30.71 37.35
N VAL C 18 11.43 -29.58 37.35
CA VAL C 18 10.15 -29.39 38.11
C VAL C 18 9.05 -29.11 37.09
N PRO C 19 7.99 -29.94 36.99
CA PRO C 19 7.04 -29.84 35.88
C PRO C 19 6.01 -28.74 36.15
N GLN C 20 5.55 -28.06 35.09
CA GLN C 20 4.80 -26.79 35.17
C GLN C 20 3.32 -27.04 34.88
N ASN C 21 2.96 -28.16 34.26
CA ASN C 21 1.56 -28.43 33.80
C ASN C 21 1.25 -29.92 34.02
N LYS C 22 1.47 -30.39 35.25
CA LYS C 22 1.41 -31.82 35.62
C LYS C 22 -0.01 -32.17 36.07
N ILE C 23 -0.52 -33.32 35.61
CA ILE C 23 -1.78 -33.93 36.11
C ILE C 23 -1.48 -35.33 36.63
N THR C 24 -2.01 -35.68 37.80
CA THR C 24 -2.03 -37.08 38.33
C THR C 24 -3.46 -37.61 38.19
N VAL C 25 -3.62 -38.83 37.65
CA VAL C 25 -4.87 -39.62 37.81
C VAL C 25 -4.60 -40.66 38.89
N VAL C 26 -5.40 -40.66 39.96
CA VAL C 26 -5.36 -41.69 41.04
C VAL C 26 -6.35 -42.80 40.64
N GLY C 27 -5.84 -44.02 40.47
CA GLY C 27 -6.69 -45.20 40.17
C GLY C 27 -6.67 -45.48 38.69
N VAL C 28 -6.32 -46.72 38.32
CA VAL C 28 -6.19 -47.17 36.89
C VAL C 28 -7.29 -48.20 36.59
N GLY C 29 -8.44 -48.06 37.24
CA GLY C 29 -9.74 -48.62 36.79
C GLY C 29 -10.10 -48.06 35.42
N ALA C 30 -11.12 -48.62 34.79
CA ALA C 30 -11.55 -48.27 33.42
C ALA C 30 -11.77 -46.77 33.36
N VAL C 31 -12.25 -46.16 34.45
CA VAL C 31 -12.55 -44.71 34.51
C VAL C 31 -11.25 -43.91 34.42
N GLY C 32 -10.34 -44.06 35.39
CA GLY C 32 -9.08 -43.27 35.46
C GLY C 32 -8.27 -43.32 34.16
N MET C 33 -8.23 -44.48 33.50
CA MET C 33 -7.54 -44.66 32.19
C MET C 33 -8.32 -43.91 31.09
N ALA C 34 -9.65 -43.98 31.07
CA ALA C 34 -10.47 -43.18 30.13
C ALA C 34 -10.14 -41.68 30.31
N CYS C 35 -9.96 -41.24 31.57
CA CYS C 35 -9.54 -39.86 31.95
C CYS C 35 -8.12 -39.58 31.45
N ALA C 36 -7.22 -40.56 31.60
CA ALA C 36 -5.79 -40.43 31.28
C ALA C 36 -5.59 -40.25 29.77
N ILE C 37 -6.20 -41.11 28.93
CA ILE C 37 -6.06 -41.09 27.44
C ILE C 37 -6.69 -39.79 26.89
N SER C 38 -7.90 -39.44 27.35
CA SER C 38 -8.61 -38.19 26.97
C SER C 38 -7.74 -36.96 27.30
N ILE C 39 -7.05 -36.95 28.46
CA ILE C 39 -6.13 -35.84 28.88
C ILE C 39 -4.95 -35.80 27.90
N LEU C 40 -4.27 -36.92 27.68
CA LEU C 40 -3.09 -36.98 26.77
C LEU C 40 -3.51 -36.48 25.37
N MET C 41 -4.65 -36.96 24.88
CA MET C 41 -5.14 -36.67 23.50
C MET C 41 -5.74 -35.26 23.41
N LYS C 42 -5.73 -34.46 24.47
CA LYS C 42 -6.04 -33.02 24.37
C LYS C 42 -4.83 -32.17 24.78
N ASP C 43 -3.65 -32.76 24.97
CA ASP C 43 -2.39 -32.04 25.29
C ASP C 43 -2.57 -31.08 26.48
N LEU C 44 -3.22 -31.50 27.56
CA LEU C 44 -3.51 -30.62 28.71
C LEU C 44 -2.33 -30.59 29.67
N ALA C 45 -1.44 -31.58 29.58
CA ALA C 45 -0.41 -31.86 30.61
C ALA C 45 0.96 -32.06 29.95
N ASP C 46 2.00 -31.42 30.50
CA ASP C 46 3.42 -31.71 30.13
C ASP C 46 3.96 -32.90 30.95
N GLU C 47 3.22 -33.37 31.96
CA GLU C 47 3.55 -34.59 32.72
C GLU C 47 2.29 -35.26 33.26
N LEU C 48 2.18 -36.57 33.08
CA LEU C 48 1.07 -37.42 33.59
C LEU C 48 1.67 -38.44 34.56
N ALA C 49 1.17 -38.46 35.80
CA ALA C 49 1.45 -39.49 36.83
C ALA C 49 0.19 -40.33 37.02
N LEU C 50 0.32 -41.66 37.01
CA LEU C 50 -0.72 -42.62 37.48
C LEU C 50 -0.26 -43.19 38.82
N VAL C 51 -1.20 -43.46 39.73
CA VAL C 51 -0.97 -44.19 41.02
C VAL C 51 -2.16 -45.13 41.21
N ASP C 52 -1.88 -46.31 41.74
CA ASP C 52 -2.90 -47.32 42.10
C ASP C 52 -2.19 -48.36 42.98
N VAL C 53 -2.93 -48.95 43.90
CA VAL C 53 -2.41 -49.95 44.88
C VAL C 53 -1.97 -51.21 44.14
N MET C 54 -2.64 -51.58 43.03
CA MET C 54 -2.41 -52.84 42.25
C MET C 54 -1.20 -52.66 41.32
N GLU C 55 -0.02 -53.15 41.72
CA GLU C 55 1.31 -52.79 41.15
C GLU C 55 1.49 -53.19 39.66
N ASP C 56 1.22 -54.44 39.30
CA ASP C 56 1.40 -54.96 37.92
C ASP C 56 0.59 -54.10 36.94
N LYS C 57 -0.74 -54.22 37.00
CA LYS C 57 -1.73 -53.45 36.21
C LYS C 57 -1.23 -52.03 35.95
N LEU C 58 -0.67 -51.38 36.98
CA LEU C 58 -0.23 -49.94 36.97
C LEU C 58 0.93 -49.77 35.99
N LYS C 59 2.03 -50.48 36.25
CA LYS C 59 3.23 -50.56 35.39
C LYS C 59 2.76 -50.83 33.95
N GLY C 60 1.92 -51.87 33.76
CA GLY C 60 1.37 -52.31 32.46
C GLY C 60 0.63 -51.21 31.74
N GLU C 61 -0.24 -50.49 32.44
CA GLU C 61 -1.05 -49.38 31.88
C GLU C 61 -0.09 -48.25 31.49
N MET C 62 0.77 -47.81 32.40
CA MET C 62 1.79 -46.74 32.17
C MET C 62 2.58 -47.06 30.90
N MET C 63 3.08 -48.29 30.80
CA MET C 63 3.91 -48.77 29.68
C MET C 63 3.11 -48.68 28.38
N ASP C 64 1.81 -48.96 28.43
CA ASP C 64 0.94 -49.02 27.21
C ASP C 64 0.80 -47.58 26.70
N LEU C 65 0.70 -46.60 27.58
CA LEU C 65 0.69 -45.15 27.21
C LEU C 65 2.11 -44.75 26.77
N GLN C 66 3.15 -45.18 27.46
CA GLN C 66 4.54 -44.77 27.14
C GLN C 66 4.83 -45.11 25.68
N HIS C 67 4.37 -46.27 25.22
CA HIS C 67 4.64 -46.79 23.85
C HIS C 67 3.89 -45.95 22.80
N GLY C 68 2.87 -45.19 23.22
CA GLY C 68 2.12 -44.28 22.32
C GLY C 68 2.73 -42.90 22.24
N SER C 69 3.93 -42.69 22.82
CA SER C 69 4.55 -41.34 22.97
C SER C 69 4.78 -40.69 21.60
N LEU C 70 5.12 -41.48 20.58
CA LEU C 70 5.35 -40.91 19.22
C LEU C 70 4.13 -40.06 18.82
N PHE C 71 2.92 -40.50 19.20
CA PHE C 71 1.65 -39.93 18.67
C PHE C 71 1.07 -38.89 19.65
N LEU C 72 1.85 -38.49 20.66
CA LEU C 72 1.42 -37.58 21.74
C LEU C 72 2.37 -36.38 21.82
N ARG C 73 2.03 -35.46 22.73
CA ARG C 73 2.76 -34.21 23.05
C ARG C 73 2.82 -34.09 24.58
N THR C 74 2.71 -35.20 25.31
CA THR C 74 2.94 -35.29 26.77
C THR C 74 4.26 -36.03 26.96
N PRO C 75 5.39 -35.30 27.15
CA PRO C 75 6.73 -35.89 27.04
C PRO C 75 7.18 -36.83 28.16
N LYS C 76 6.53 -36.81 29.35
CA LYS C 76 6.89 -37.64 30.54
C LYS C 76 5.67 -38.35 31.13
N ILE C 77 5.66 -39.69 31.08
CA ILE C 77 4.62 -40.55 31.71
C ILE C 77 5.29 -41.41 32.81
N VAL C 78 4.94 -41.15 34.08
CA VAL C 78 5.50 -41.83 35.30
C VAL C 78 4.36 -42.46 36.11
N SER C 79 4.63 -43.58 36.77
CA SER C 79 3.67 -44.24 37.69
C SER C 79 4.39 -44.64 38.99
N GLY C 80 3.72 -45.43 39.84
CA GLY C 80 4.22 -45.92 41.14
C GLY C 80 3.09 -46.04 42.15
N LYS C 81 3.20 -46.95 43.12
CA LYS C 81 2.27 -47.05 44.27
C LYS C 81 2.62 -45.92 45.26
N ASP C 82 3.90 -45.57 45.40
CA ASP C 82 4.35 -44.45 46.25
C ASP C 82 3.91 -43.13 45.59
N TYR C 83 3.43 -42.17 46.39
CA TYR C 83 2.78 -40.92 45.90
C TYR C 83 3.83 -39.85 45.61
N SER C 84 5.13 -40.14 45.80
CA SER C 84 6.24 -39.21 45.44
C SER C 84 6.19 -38.89 43.93
N VAL C 85 5.69 -39.84 43.12
CA VAL C 85 5.59 -39.76 41.63
C VAL C 85 4.59 -38.67 41.23
N THR C 86 3.70 -38.23 42.13
CA THR C 86 2.63 -37.24 41.89
C THR C 86 3.05 -35.83 42.33
N ALA C 87 4.26 -35.68 42.85
CA ALA C 87 4.82 -34.40 43.35
C ALA C 87 4.61 -33.26 42.35
N ASN C 88 4.08 -32.14 42.83
CA ASN C 88 3.97 -30.84 42.10
C ASN C 88 2.97 -30.95 40.93
N SER C 89 1.86 -31.65 41.15
CA SER C 89 0.73 -31.75 40.19
C SER C 89 -0.13 -30.49 40.35
N LYS C 90 -0.60 -29.89 39.26
CA LYS C 90 -1.52 -28.72 39.30
C LYS C 90 -2.94 -29.26 39.54
N LEU C 91 -3.23 -30.43 38.99
CA LEU C 91 -4.54 -31.14 39.11
C LEU C 91 -4.30 -32.58 39.52
N VAL C 92 -5.09 -33.07 40.47
CA VAL C 92 -5.09 -34.50 40.90
C VAL C 92 -6.54 -34.99 40.85
N ILE C 93 -6.77 -36.01 40.02
CA ILE C 93 -8.11 -36.57 39.67
C ILE C 93 -8.27 -37.88 40.43
N ILE C 94 -9.24 -37.95 41.34
CA ILE C 94 -9.45 -39.12 42.24
C ILE C 94 -10.54 -40.01 41.61
N THR C 95 -10.17 -41.23 41.22
CA THR C 95 -11.08 -42.24 40.62
C THR C 95 -11.09 -43.53 41.44
N ALA C 96 -10.10 -43.74 42.31
CA ALA C 96 -9.97 -44.93 43.19
C ALA C 96 -11.13 -44.95 44.18
N GLY C 97 -11.73 -46.12 44.39
CA GLY C 97 -12.78 -46.31 45.40
C GLY C 97 -13.08 -47.77 45.69
N ALA C 98 -14.17 -48.02 46.42
CA ALA C 98 -14.80 -49.35 46.59
C ALA C 98 -16.20 -49.28 45.98
N ARG C 99 -16.60 -50.27 45.20
CA ARG C 99 -17.98 -50.37 44.66
C ARG C 99 -18.88 -50.95 45.76
N GLN C 100 -20.14 -50.49 45.83
CA GLN C 100 -21.20 -50.98 46.75
C GLN C 100 -21.40 -52.48 46.58
N GLN C 101 -21.32 -53.25 47.68
CA GLN C 101 -21.48 -54.72 47.71
C GLN C 101 -22.96 -55.05 48.04
N GLU C 102 -23.38 -56.28 47.76
CA GLU C 102 -24.80 -56.72 47.87
C GLU C 102 -25.23 -56.61 49.32
N GLY C 103 -26.28 -55.82 49.58
CA GLY C 103 -26.84 -55.61 50.93
C GLY C 103 -26.23 -54.43 51.68
N GLU C 104 -25.13 -53.86 51.18
CA GLU C 104 -24.36 -52.83 51.91
C GLU C 104 -25.14 -51.51 51.93
N SER C 105 -25.33 -50.94 53.12
CA SER C 105 -25.93 -49.62 53.37
C SER C 105 -25.11 -48.53 52.66
N ARG C 106 -25.67 -47.32 52.56
CA ARG C 106 -25.01 -46.13 51.94
C ARG C 106 -23.93 -45.63 52.91
N LEU C 107 -24.21 -45.56 54.21
CA LEU C 107 -23.18 -45.15 55.22
C LEU C 107 -22.00 -46.13 55.22
N ASN C 108 -22.22 -47.43 55.05
CA ASN C 108 -21.09 -48.41 55.14
C ASN C 108 -20.24 -48.25 53.89
N LEU C 109 -20.84 -47.97 52.74
CA LEU C 109 -20.10 -47.77 51.47
C LEU C 109 -19.21 -46.54 51.60
N VAL C 110 -19.80 -45.41 51.99
CA VAL C 110 -19.06 -44.13 52.14
C VAL C 110 -17.91 -44.38 53.12
N GLN C 111 -18.22 -44.94 54.30
CA GLN C 111 -17.21 -45.25 55.35
C GLN C 111 -16.04 -46.02 54.73
N ARG C 112 -16.30 -47.10 54.01
CA ARG C 112 -15.24 -47.91 53.36
C ARG C 112 -14.35 -46.98 52.51
N ASN C 113 -14.96 -46.14 51.66
CA ASN C 113 -14.25 -45.18 50.77
C ASN C 113 -13.48 -44.16 51.61
N VAL C 114 -14.09 -43.65 52.68
CA VAL C 114 -13.41 -42.75 53.67
C VAL C 114 -12.12 -43.43 54.13
N ASN C 115 -12.15 -44.73 54.46
CA ASN C 115 -10.96 -45.46 54.96
C ASN C 115 -9.88 -45.47 53.84
N ILE C 116 -10.30 -45.62 52.58
CA ILE C 116 -9.38 -45.60 51.42
C ILE C 116 -8.84 -44.18 51.25
N PHE C 117 -9.72 -43.16 51.25
CA PHE C 117 -9.34 -41.72 51.09
C PHE C 117 -8.36 -41.26 52.18
N LYS C 118 -8.45 -41.84 53.39
CA LYS C 118 -7.57 -41.54 54.55
C LYS C 118 -6.11 -41.87 54.20
N PHE C 119 -5.90 -42.79 53.26
CA PHE C 119 -4.55 -43.16 52.75
C PHE C 119 -4.22 -42.28 51.53
N ILE C 120 -5.16 -42.17 50.58
CA ILE C 120 -4.96 -41.45 49.29
C ILE C 120 -4.74 -39.96 49.54
N ILE C 121 -5.71 -39.29 50.17
CA ILE C 121 -5.70 -37.80 50.24
C ILE C 121 -4.45 -37.31 50.97
N PRO C 122 -4.17 -37.64 52.25
CA PRO C 122 -3.00 -37.05 52.92
C PRO C 122 -1.72 -37.19 52.10
N ASN C 123 -1.58 -38.29 51.37
CA ASN C 123 -0.44 -38.56 50.46
C ASN C 123 -0.43 -37.57 49.29
N VAL C 124 -1.61 -37.20 48.78
CA VAL C 124 -1.73 -36.26 47.64
C VAL C 124 -1.28 -34.86 48.08
N VAL C 125 -1.69 -34.41 49.27
CA VAL C 125 -1.42 -33.01 49.76
C VAL C 125 0.07 -32.88 50.09
N LYS C 126 0.69 -33.92 50.63
CA LYS C 126 2.08 -33.77 51.13
C LYS C 126 2.97 -33.45 49.92
N TYR C 127 2.88 -34.22 48.82
CA TYR C 127 3.76 -34.08 47.63
C TYR C 127 3.21 -33.02 46.64
N SER C 128 1.97 -32.55 46.77
CA SER C 128 1.35 -31.58 45.81
C SER C 128 0.44 -30.63 46.57
N PRO C 129 0.96 -29.85 47.53
CA PRO C 129 0.12 -29.10 48.48
C PRO C 129 -0.67 -27.91 47.89
N HIS C 130 -0.51 -27.59 46.61
CA HIS C 130 -1.16 -26.43 45.97
C HIS C 130 -2.09 -26.87 44.83
N CYS C 131 -2.10 -28.17 44.50
CA CYS C 131 -2.98 -28.79 43.48
C CYS C 131 -4.46 -28.54 43.78
N LYS C 132 -5.29 -28.55 42.73
CA LYS C 132 -6.75 -28.70 42.86
C LYS C 132 -7.06 -30.20 42.88
N LEU C 133 -8.05 -30.62 43.68
CA LEU C 133 -8.53 -32.03 43.69
C LEU C 133 -9.81 -32.10 42.86
N LEU C 134 -9.86 -33.08 41.95
CA LEU C 134 -11.08 -33.40 41.19
C LEU C 134 -11.48 -34.84 41.52
N VAL C 135 -12.57 -34.97 42.28
CA VAL C 135 -13.09 -36.27 42.76
C VAL C 135 -14.14 -36.74 41.76
N VAL C 136 -13.90 -37.89 41.14
CA VAL C 136 -14.85 -38.56 40.22
C VAL C 136 -15.57 -39.70 40.96
N SER C 137 -14.84 -40.38 41.86
CA SER C 137 -15.28 -41.53 42.69
C SER C 137 -16.71 -41.32 43.21
N ASN C 138 -17.58 -42.32 43.05
CA ASN C 138 -18.99 -42.31 43.52
C ASN C 138 -19.10 -42.97 44.90
N PRO C 139 -20.05 -42.53 45.75
CA PRO C 139 -20.93 -41.40 45.46
C PRO C 139 -20.26 -40.01 45.61
N VAL C 140 -20.22 -39.27 44.49
CA VAL C 140 -19.26 -38.16 44.23
C VAL C 140 -19.56 -36.96 45.15
N ASP C 141 -20.83 -36.67 45.43
CA ASP C 141 -21.17 -35.51 46.30
C ASP C 141 -20.55 -35.72 47.70
N ILE C 142 -20.62 -36.93 48.24
CA ILE C 142 -20.15 -37.26 49.62
C ILE C 142 -18.63 -37.40 49.57
N LEU C 143 -18.14 -38.17 48.61
CA LEU C 143 -16.70 -38.52 48.57
C LEU C 143 -15.88 -37.26 48.34
N THR C 144 -16.48 -36.22 47.72
CA THR C 144 -15.87 -34.87 47.52
C THR C 144 -15.79 -34.15 48.87
N TYR C 145 -16.87 -34.13 49.64
CA TYR C 145 -16.88 -33.68 51.07
C TYR C 145 -15.75 -34.40 51.81
N VAL C 146 -15.67 -35.72 51.70
CA VAL C 146 -14.68 -36.57 52.42
C VAL C 146 -13.28 -36.06 52.10
N ALA C 147 -12.98 -35.84 50.82
CA ALA C 147 -11.63 -35.42 50.35
C ALA C 147 -11.36 -33.99 50.83
N TRP C 148 -12.39 -33.14 50.83
CA TRP C 148 -12.29 -31.75 51.33
C TRP C 148 -11.82 -31.78 52.79
N LYS C 149 -12.67 -32.30 53.69
CA LYS C 149 -12.39 -32.38 55.14
C LYS C 149 -10.99 -32.99 55.38
N ILE C 150 -10.64 -34.10 54.74
CA ILE C 150 -9.35 -34.81 55.01
C ILE C 150 -8.18 -33.93 54.56
N SER C 151 -8.24 -33.35 53.36
CA SER C 151 -7.16 -32.53 52.75
C SER C 151 -6.87 -31.28 53.60
N GLY C 152 -7.94 -30.70 54.18
CA GLY C 152 -7.89 -29.38 54.83
C GLY C 152 -7.66 -28.27 53.82
N PHE C 153 -7.92 -28.55 52.53
CA PHE C 153 -7.86 -27.55 51.42
C PHE C 153 -9.01 -26.56 51.56
N PRO C 154 -8.85 -25.31 51.06
CA PRO C 154 -9.97 -24.39 50.94
C PRO C 154 -10.92 -24.97 49.89
N LYS C 155 -12.17 -24.48 49.88
CA LYS C 155 -13.29 -25.11 49.12
C LYS C 155 -13.10 -24.90 47.61
N ASN C 156 -12.64 -23.71 47.21
CA ASN C 156 -12.33 -23.35 45.80
C ASN C 156 -11.56 -24.49 45.12
N ARG C 157 -10.70 -25.21 45.87
CA ARG C 157 -9.70 -26.15 45.32
C ARG C 157 -10.11 -27.62 45.45
N VAL C 158 -11.32 -27.92 45.94
CA VAL C 158 -11.88 -29.31 45.92
C VAL C 158 -13.21 -29.30 45.14
N ILE C 159 -13.25 -30.11 44.08
CA ILE C 159 -14.31 -30.13 43.01
C ILE C 159 -14.78 -31.57 42.85
N GLY C 160 -16.09 -31.80 42.79
CA GLY C 160 -16.66 -33.09 42.37
C GLY C 160 -17.09 -33.04 40.91
N SER C 161 -16.99 -34.15 40.18
CA SER C 161 -17.47 -34.21 38.77
C SER C 161 -19.00 -34.03 38.72
N GLY C 162 -19.69 -34.37 39.81
CA GLY C 162 -21.12 -34.05 40.00
C GLY C 162 -21.95 -34.33 38.76
N CYS C 163 -22.70 -33.34 38.27
CA CYS C 163 -23.72 -33.51 37.18
C CYS C 163 -23.18 -33.03 35.83
N ASN C 164 -21.86 -32.99 35.67
CA ASN C 164 -21.17 -32.68 34.39
C ASN C 164 -21.63 -33.70 33.35
N LEU C 165 -21.35 -34.99 33.58
CA LEU C 165 -21.69 -36.04 32.59
C LEU C 165 -23.21 -36.13 32.42
N ASP C 166 -23.98 -35.98 33.51
CA ASP C 166 -25.45 -35.98 33.49
C ASP C 166 -25.92 -34.91 32.51
N SER C 167 -25.46 -33.67 32.65
CA SER C 167 -25.92 -32.54 31.80
C SER C 167 -25.52 -32.82 30.36
N ALA C 168 -24.41 -33.54 30.17
CA ALA C 168 -23.83 -33.84 28.84
C ALA C 168 -24.74 -34.84 28.11
N ARG C 169 -25.04 -35.97 28.77
CA ARG C 169 -26.01 -37.02 28.33
C ARG C 169 -27.39 -36.40 28.11
N PHE C 170 -27.74 -35.40 28.92
CA PHE C 170 -29.00 -34.64 28.77
C PHE C 170 -28.98 -33.86 27.45
N ARG C 171 -27.88 -33.16 27.20
CA ARG C 171 -27.73 -32.36 25.97
C ARG C 171 -27.67 -33.27 24.74
N TYR C 172 -27.11 -34.48 24.87
CA TYR C 172 -27.15 -35.52 23.81
C TYR C 172 -28.60 -35.94 23.50
N LEU C 173 -29.36 -36.31 24.54
CA LEU C 173 -30.76 -36.83 24.38
C LEU C 173 -31.66 -35.72 23.85
N MET C 174 -31.45 -34.49 24.34
CA MET C 174 -32.18 -33.29 23.88
C MET C 174 -31.93 -33.11 22.38
N GLY C 175 -30.74 -33.46 21.89
CA GLY C 175 -30.27 -33.25 20.51
C GLY C 175 -30.69 -34.36 19.57
N GLU C 176 -30.78 -35.60 20.06
CA GLU C 176 -31.34 -36.72 19.26
C GLU C 176 -32.85 -36.51 19.05
N ARG C 177 -33.50 -35.69 19.88
CA ARG C 177 -34.96 -35.44 19.82
C ARG C 177 -35.31 -34.22 18.95
N LEU C 178 -34.42 -33.23 18.90
CA LEU C 178 -34.62 -31.95 18.17
C LEU C 178 -33.90 -31.94 16.81
N GLY C 179 -33.00 -32.91 16.58
CA GLY C 179 -32.28 -33.05 15.31
C GLY C 179 -31.17 -32.03 15.19
N VAL C 180 -30.60 -31.58 16.30
CA VAL C 180 -29.40 -30.68 16.30
C VAL C 180 -28.33 -31.25 17.23
N HIS C 181 -27.10 -30.74 17.10
CA HIS C 181 -25.92 -31.26 17.84
C HIS C 181 -26.14 -30.94 19.31
N ALA C 182 -25.53 -31.74 20.18
CA ALA C 182 -25.59 -31.55 21.65
C ALA C 182 -25.02 -30.16 21.97
N LEU C 183 -24.03 -29.71 21.19
CA LEU C 183 -23.34 -28.40 21.38
C LEU C 183 -24.34 -27.26 21.28
N SER C 184 -25.43 -27.42 20.52
CA SER C 184 -26.44 -26.36 20.26
C SER C 184 -27.68 -26.55 21.16
N CYS C 185 -27.70 -27.59 21.99
CA CYS C 185 -28.80 -27.91 22.95
C CYS C 185 -28.37 -27.62 24.40
N HIS C 186 -29.03 -26.68 25.06
CA HIS C 186 -28.70 -26.23 26.44
C HIS C 186 -29.73 -26.75 27.46
N GLY C 187 -29.24 -27.37 28.53
CA GLY C 187 -30.02 -27.98 29.62
C GLY C 187 -29.11 -28.34 30.78
N TRP C 188 -29.57 -28.09 31.99
CA TRP C 188 -28.76 -28.19 33.23
C TRP C 188 -29.42 -29.16 34.19
N ILE C 189 -28.65 -30.17 34.61
CA ILE C 189 -29.05 -31.13 35.67
C ILE C 189 -28.20 -30.76 36.89
N LEU C 190 -28.85 -30.44 38.01
CA LEU C 190 -28.18 -29.86 39.19
C LEU C 190 -28.53 -30.69 40.41
N GLY C 191 -27.83 -30.41 41.51
CA GLY C 191 -28.08 -31.00 42.83
C GLY C 191 -27.25 -32.24 43.03
N GLU C 192 -27.88 -33.28 43.57
CA GLU C 192 -27.23 -34.57 43.91
C GLU C 192 -27.19 -35.40 42.62
N HIS C 193 -26.00 -35.78 42.20
CA HIS C 193 -25.75 -36.85 41.20
C HIS C 193 -26.47 -38.13 41.64
N GLY C 194 -27.21 -38.77 40.73
CA GLY C 194 -28.02 -39.97 41.02
C GLY C 194 -29.50 -39.73 40.74
N ASP C 195 -30.39 -40.49 41.38
CA ASP C 195 -31.85 -40.49 41.05
C ASP C 195 -32.49 -39.19 41.56
N SER C 196 -31.80 -38.45 42.43
CA SER C 196 -32.25 -37.15 43.01
C SER C 196 -31.73 -35.95 42.21
N SER C 197 -31.07 -36.17 41.07
CA SER C 197 -30.73 -35.13 40.06
C SER C 197 -31.92 -34.17 39.89
N VAL C 198 -31.67 -32.88 39.72
CA VAL C 198 -32.75 -31.88 39.45
C VAL C 198 -32.60 -31.39 38.01
N PRO C 199 -33.57 -31.67 37.10
CA PRO C 199 -33.54 -31.12 35.74
C PRO C 199 -34.19 -29.73 35.61
N VAL C 200 -33.40 -28.67 35.49
CA VAL C 200 -33.92 -27.27 35.46
C VAL C 200 -34.56 -27.04 34.09
N TRP C 201 -35.85 -27.38 33.97
CA TRP C 201 -36.64 -27.27 32.72
C TRP C 201 -36.61 -25.84 32.19
N SER C 202 -36.65 -24.85 33.09
CA SER C 202 -36.76 -23.41 32.78
C SER C 202 -35.59 -22.96 31.90
N GLY C 203 -34.38 -23.42 32.23
CA GLY C 203 -33.13 -22.99 31.58
C GLY C 203 -32.81 -23.75 30.31
N MET C 204 -33.71 -24.61 29.82
CA MET C 204 -33.51 -25.48 28.62
C MET C 204 -33.83 -24.66 27.36
N ASN C 205 -32.86 -24.51 26.46
CA ASN C 205 -33.00 -23.63 25.28
C ASN C 205 -32.16 -24.18 24.13
N VAL C 206 -32.61 -23.90 22.91
CA VAL C 206 -31.79 -23.91 21.67
C VAL C 206 -31.87 -22.49 21.11
N ALA C 207 -30.73 -21.84 20.95
CA ALA C 207 -30.60 -20.48 20.38
C ALA C 207 -31.28 -19.48 21.31
N GLY C 208 -31.23 -19.74 22.62
CA GLY C 208 -31.80 -18.84 23.65
C GLY C 208 -33.31 -18.73 23.56
N VAL C 209 -33.99 -19.78 23.09
CA VAL C 209 -35.49 -19.91 23.01
C VAL C 209 -35.94 -20.92 24.08
N SER C 210 -36.59 -20.48 25.15
CA SER C 210 -37.08 -21.35 26.26
C SER C 210 -38.06 -22.39 25.73
N LEU C 211 -37.73 -23.69 25.79
CA LEU C 211 -38.59 -24.85 25.42
C LEU C 211 -39.70 -25.03 26.47
N LYS C 212 -39.50 -24.53 27.69
CA LYS C 212 -40.52 -24.53 28.77
C LYS C 212 -41.57 -23.44 28.49
N THR C 213 -41.18 -22.26 27.98
CA THR C 213 -42.13 -21.18 27.59
C THR C 213 -42.94 -21.60 26.35
N LEU C 214 -42.29 -22.24 25.37
CA LEU C 214 -42.88 -22.59 24.05
C LEU C 214 -43.79 -23.81 24.16
N HIS C 215 -43.65 -24.58 25.24
CA HIS C 215 -44.29 -25.90 25.44
C HIS C 215 -44.43 -26.13 26.93
N PRO C 216 -45.41 -25.44 27.58
CA PRO C 216 -45.47 -25.36 29.05
C PRO C 216 -45.61 -26.68 29.80
N GLU C 217 -45.98 -27.75 29.09
CA GLU C 217 -46.16 -29.15 29.58
C GLU C 217 -44.79 -29.73 29.95
N LEU C 218 -43.73 -29.23 29.31
CA LEU C 218 -42.34 -29.71 29.52
C LEU C 218 -42.09 -29.86 31.01
N GLY C 219 -41.78 -31.09 31.44
CA GLY C 219 -41.37 -31.41 32.82
C GLY C 219 -42.47 -32.15 33.56
N THR C 220 -43.73 -31.85 33.25
CA THR C 220 -44.94 -32.39 33.92
C THR C 220 -45.27 -33.80 33.41
N ASP C 221 -46.14 -34.52 34.11
CA ASP C 221 -46.66 -35.87 33.71
C ASP C 221 -47.58 -35.75 32.49
N ALA C 222 -48.43 -34.72 32.45
CA ALA C 222 -49.39 -34.45 31.35
C ALA C 222 -48.68 -34.51 30.00
N ASP C 223 -47.52 -33.85 29.86
CA ASP C 223 -46.71 -33.72 28.61
C ASP C 223 -46.76 -34.99 27.78
N LYS C 224 -47.25 -34.87 26.54
CA LYS C 224 -47.52 -36.00 25.60
C LYS C 224 -46.21 -36.52 25.01
N GLU C 225 -45.13 -35.74 25.10
CA GLU C 225 -43.78 -36.11 24.59
C GLU C 225 -42.92 -36.67 25.74
N GLN C 226 -43.45 -36.70 26.96
CA GLN C 226 -42.84 -37.47 28.08
C GLN C 226 -41.41 -36.99 28.33
N TRP C 227 -41.16 -35.68 28.28
CA TRP C 227 -39.80 -35.10 28.50
C TRP C 227 -39.27 -35.49 29.89
N LYS C 228 -40.15 -35.70 30.86
CA LYS C 228 -39.80 -36.17 32.23
C LYS C 228 -39.02 -37.49 32.11
N GLN C 229 -39.28 -38.31 31.08
CA GLN C 229 -38.57 -39.61 30.87
C GLN C 229 -37.20 -39.38 30.21
N VAL C 230 -36.88 -38.14 29.81
CA VAL C 230 -35.51 -37.76 29.34
C VAL C 230 -34.63 -37.59 30.58
N HIS C 231 -35.12 -36.93 31.64
CA HIS C 231 -34.39 -36.85 32.93
C HIS C 231 -34.24 -38.25 33.53
N LYS C 232 -35.13 -39.20 33.22
CA LYS C 232 -35.04 -40.60 33.70
C LYS C 232 -33.97 -41.35 32.90
N GLN C 233 -33.98 -41.20 31.57
CA GLN C 233 -32.94 -41.75 30.65
C GLN C 233 -31.53 -41.37 31.13
N VAL C 234 -31.34 -40.16 31.66
CA VAL C 234 -30.04 -39.67 32.21
C VAL C 234 -29.74 -40.38 33.54
N VAL C 235 -30.71 -40.34 34.46
CA VAL C 235 -30.63 -41.05 35.77
C VAL C 235 -30.21 -42.51 35.52
N ASP C 236 -30.75 -43.15 34.50
CA ASP C 236 -30.58 -44.61 34.23
C ASP C 236 -29.47 -44.88 33.18
N SER C 237 -28.63 -43.90 32.82
CA SER C 237 -27.62 -44.05 31.74
C SER C 237 -26.55 -45.06 32.18
N ALA C 238 -25.96 -44.90 33.36
CA ALA C 238 -24.93 -45.82 33.88
C ALA C 238 -25.54 -47.23 33.96
N TYR C 239 -26.71 -47.35 34.61
CA TYR C 239 -27.44 -48.64 34.74
C TYR C 239 -27.43 -49.31 33.37
N GLU C 240 -27.89 -48.61 32.34
CA GLU C 240 -28.17 -49.18 31.00
C GLU C 240 -26.86 -49.61 30.31
N VAL C 241 -25.74 -48.91 30.56
CA VAL C 241 -24.41 -49.15 29.89
C VAL C 241 -23.72 -50.30 30.61
N ILE C 242 -23.70 -50.27 31.94
CA ILE C 242 -23.16 -51.36 32.79
C ILE C 242 -23.90 -52.68 32.50
N LYS C 243 -25.19 -52.62 32.23
CA LYS C 243 -26.00 -53.82 31.93
C LYS C 243 -25.48 -54.45 30.63
N LEU C 244 -25.13 -53.61 29.64
CA LEU C 244 -24.71 -54.07 28.28
C LEU C 244 -23.21 -54.37 28.24
N LYS C 245 -22.36 -53.55 28.88
CA LYS C 245 -20.88 -53.71 28.75
C LYS C 245 -20.18 -53.81 30.11
N GLY C 246 -20.90 -53.77 31.23
CA GLY C 246 -20.33 -54.21 32.53
C GLY C 246 -19.70 -53.06 33.30
N TYR C 247 -19.60 -51.87 32.68
CA TYR C 247 -19.00 -50.64 33.28
C TYR C 247 -19.14 -49.50 32.28
N THR C 248 -18.91 -48.27 32.72
CA THR C 248 -18.87 -47.09 31.83
C THR C 248 -17.45 -46.54 31.86
N SER C 249 -16.98 -45.94 30.78
CA SER C 249 -15.60 -45.40 30.80
C SER C 249 -15.44 -44.17 29.91
N TRP C 250 -15.69 -44.33 28.62
CA TRP C 250 -15.48 -43.29 27.60
C TRP C 250 -16.08 -41.93 27.93
N ALA C 251 -17.37 -41.89 28.17
CA ALA C 251 -18.14 -40.65 28.37
C ALA C 251 -17.62 -39.92 29.61
N ILE C 252 -17.42 -40.61 30.73
CA ILE C 252 -16.95 -39.93 31.98
C ILE C 252 -15.59 -39.31 31.68
N GLY C 253 -14.69 -40.07 31.04
CA GLY C 253 -13.38 -39.59 30.58
C GLY C 253 -13.51 -38.28 29.83
N LEU C 254 -14.24 -38.29 28.73
CA LEU C 254 -14.40 -37.06 27.92
C LEU C 254 -14.83 -35.95 28.87
N SER C 255 -15.78 -36.24 29.77
CA SER C 255 -16.37 -35.24 30.71
C SER C 255 -15.29 -34.69 31.63
N VAL C 256 -14.47 -35.55 32.23
CA VAL C 256 -13.38 -35.14 33.18
C VAL C 256 -12.33 -34.32 32.42
N ALA C 257 -11.89 -34.80 31.26
CA ALA C 257 -10.89 -34.09 30.42
C ALA C 257 -11.43 -32.70 30.13
N ASP C 258 -12.73 -32.57 29.92
CA ASP C 258 -13.41 -31.25 29.71
C ASP C 258 -13.18 -30.35 30.93
N LEU C 259 -13.28 -30.86 32.15
CA LEU C 259 -13.06 -30.05 33.39
C LEU C 259 -11.57 -29.76 33.52
N ALA C 260 -10.71 -30.76 33.25
CA ALA C 260 -9.24 -30.59 33.26
C ALA C 260 -8.88 -29.38 32.37
N GLU C 261 -9.37 -29.32 31.13
CA GLU C 261 -9.07 -28.21 30.19
C GLU C 261 -9.37 -26.85 30.86
N SER C 262 -10.57 -26.66 31.39
CA SER C 262 -11.01 -25.38 31.99
C SER C 262 -10.03 -24.99 33.09
N ILE C 263 -9.57 -25.98 33.85
CA ILE C 263 -8.66 -25.72 34.99
C ILE C 263 -7.27 -25.37 34.44
N MET C 264 -6.69 -26.23 33.62
CA MET C 264 -5.28 -26.15 33.18
C MET C 264 -5.06 -24.84 32.43
N LYS C 265 -6.04 -24.41 31.64
CA LYS C 265 -5.98 -23.25 30.72
C LYS C 265 -6.74 -22.05 31.29
N ASN C 266 -7.31 -22.17 32.50
CA ASN C 266 -7.93 -21.03 33.23
C ASN C 266 -9.02 -20.39 32.36
N LEU C 267 -9.85 -21.22 31.70
CA LEU C 267 -10.87 -20.74 30.73
C LEU C 267 -11.97 -19.93 31.45
N ARG C 268 -12.30 -20.26 32.70
CA ARG C 268 -13.47 -19.69 33.43
C ARG C 268 -14.73 -19.96 32.60
N ARG C 269 -14.84 -21.21 32.16
CA ARG C 269 -16.08 -21.79 31.59
C ARG C 269 -17.01 -22.17 32.76
N VAL C 270 -18.32 -22.25 32.48
CA VAL C 270 -19.35 -22.66 33.48
C VAL C 270 -19.69 -24.14 33.24
N HIS C 271 -19.38 -25.00 34.22
CA HIS C 271 -19.72 -26.44 34.27
C HIS C 271 -20.66 -26.74 35.45
N PRO C 272 -21.56 -27.72 35.33
CA PRO C 272 -22.34 -28.19 36.47
C PRO C 272 -21.51 -29.19 37.27
N ILE C 273 -20.97 -28.79 38.41
CA ILE C 273 -20.00 -29.61 39.20
C ILE C 273 -20.23 -29.42 40.71
N SER C 274 -19.70 -30.35 41.49
CA SER C 274 -19.96 -30.45 42.95
C SER C 274 -19.02 -29.49 43.70
N THR C 275 -19.59 -28.43 44.30
CA THR C 275 -18.87 -27.46 45.15
C THR C 275 -19.55 -27.42 46.52
N MET C 276 -18.81 -27.08 47.58
CA MET C 276 -19.31 -26.88 48.95
C MET C 276 -20.15 -25.60 48.97
N LEU C 277 -21.49 -25.67 48.99
CA LEU C 277 -22.34 -24.44 48.87
C LEU C 277 -23.15 -24.16 50.15
N LYS C 278 -22.60 -24.45 51.33
CA LYS C 278 -23.08 -23.84 52.58
C LYS C 278 -23.26 -22.33 52.31
N GLY C 279 -24.49 -21.83 52.48
CA GLY C 279 -24.78 -20.38 52.43
C GLY C 279 -25.41 -19.99 51.12
N LEU C 280 -25.76 -20.96 50.28
CA LEU C 280 -26.42 -20.70 48.96
C LEU C 280 -27.52 -21.74 48.73
N TYR C 281 -28.55 -21.39 47.96
CA TYR C 281 -29.74 -22.23 47.65
C TYR C 281 -30.33 -22.80 48.93
N GLY C 282 -30.35 -22.00 50.00
CA GLY C 282 -30.99 -22.31 51.29
C GLY C 282 -30.40 -23.54 51.96
N ILE C 283 -29.12 -23.84 51.72
CA ILE C 283 -28.37 -24.99 52.32
C ILE C 283 -27.56 -24.44 53.49
N LYS C 284 -27.64 -25.02 54.69
CA LYS C 284 -27.07 -24.36 55.90
C LYS C 284 -25.90 -25.18 56.46
N GLU C 285 -25.60 -26.34 55.87
CA GLU C 285 -24.56 -27.26 56.39
C GLU C 285 -23.54 -27.59 55.28
N ASP C 286 -22.45 -28.26 55.65
CA ASP C 286 -21.27 -28.49 54.79
C ASP C 286 -21.52 -29.66 53.84
N VAL C 287 -22.17 -29.42 52.71
CA VAL C 287 -22.42 -30.48 51.68
C VAL C 287 -21.98 -29.99 50.29
N PHE C 288 -21.75 -30.95 49.38
CA PHE C 288 -21.37 -30.70 47.96
C PHE C 288 -22.57 -31.05 47.06
N LEU C 289 -23.23 -30.04 46.51
CA LEU C 289 -24.21 -30.23 45.42
C LEU C 289 -23.68 -29.60 44.14
N SER C 290 -24.15 -30.08 43.00
CA SER C 290 -23.78 -29.54 41.66
C SER C 290 -24.64 -28.31 41.38
N VAL C 291 -23.97 -27.19 41.20
CA VAL C 291 -24.57 -25.92 40.69
C VAL C 291 -23.66 -25.45 39.57
N PRO C 292 -24.09 -24.53 38.68
CA PRO C 292 -23.22 -24.05 37.60
C PRO C 292 -22.08 -23.21 38.18
N CYS C 293 -20.86 -23.74 38.13
CA CYS C 293 -19.65 -23.11 38.72
C CYS C 293 -18.73 -22.59 37.63
N VAL C 294 -18.05 -21.46 37.88
CA VAL C 294 -16.94 -20.95 37.02
C VAL C 294 -15.67 -21.70 37.41
N LEU C 295 -15.06 -22.39 36.44
CA LEU C 295 -13.88 -23.27 36.61
C LEU C 295 -12.66 -22.62 35.94
N GLY C 296 -11.66 -22.20 36.73
CA GLY C 296 -10.40 -21.58 36.28
C GLY C 296 -9.18 -22.23 36.89
N GLN C 297 -8.00 -21.61 36.78
CA GLN C 297 -6.72 -22.18 37.28
C GLN C 297 -6.72 -22.34 38.81
N ASN C 298 -7.56 -21.61 39.55
CA ASN C 298 -7.69 -21.71 41.03
C ASN C 298 -8.96 -22.48 41.40
N GLY C 299 -9.46 -23.32 40.50
CA GLY C 299 -10.64 -24.19 40.68
C GLY C 299 -11.91 -23.39 40.57
N ILE C 300 -12.86 -23.66 41.46
CA ILE C 300 -14.21 -23.01 41.49
C ILE C 300 -14.03 -21.68 42.20
N SER C 301 -14.27 -20.58 41.50
CA SER C 301 -14.01 -19.20 41.95
C SER C 301 -15.33 -18.44 42.12
N ASP C 302 -16.35 -18.82 41.34
CA ASP C 302 -17.68 -18.16 41.31
C ASP C 302 -18.75 -19.23 41.09
N VAL C 303 -19.96 -18.93 41.50
CA VAL C 303 -21.16 -19.81 41.35
C VAL C 303 -22.28 -18.99 40.72
N VAL C 304 -22.84 -19.45 39.59
CA VAL C 304 -24.08 -18.84 39.01
C VAL C 304 -25.27 -19.21 39.92
N LYS C 305 -26.13 -18.22 40.18
CA LYS C 305 -27.37 -18.35 40.99
C LYS C 305 -28.57 -18.54 40.05
N VAL C 306 -28.93 -19.80 39.80
CA VAL C 306 -30.14 -20.16 38.99
C VAL C 306 -31.38 -19.80 39.80
N THR C 307 -32.40 -19.17 39.19
CA THR C 307 -33.75 -19.05 39.81
C THR C 307 -34.40 -20.45 39.77
N LEU C 308 -34.58 -21.09 40.91
CA LEU C 308 -35.29 -22.40 41.01
C LEU C 308 -36.77 -22.18 41.38
N THR C 309 -37.66 -23.01 40.86
CA THR C 309 -39.04 -23.18 41.39
C THR C 309 -38.97 -23.55 42.88
N SER C 310 -40.05 -23.29 43.65
CA SER C 310 -40.28 -23.75 45.06
C SER C 310 -40.00 -25.26 45.16
N GLU C 311 -40.62 -26.04 44.28
CA GLU C 311 -40.33 -27.48 44.07
C GLU C 311 -38.81 -27.74 44.10
N GLU C 312 -38.04 -27.04 43.27
CA GLU C 312 -36.63 -27.39 42.92
C GLU C 312 -35.68 -27.09 44.09
N GLU C 313 -35.77 -25.92 44.72
CA GLU C 313 -34.88 -25.59 45.88
C GLU C 313 -35.24 -26.52 47.06
N ALA C 314 -36.45 -27.09 47.06
CA ALA C 314 -36.90 -28.11 48.03
C ALA C 314 -36.19 -29.45 47.77
N HIS C 315 -36.05 -29.87 46.51
CA HIS C 315 -35.29 -31.09 46.15
C HIS C 315 -33.85 -30.97 46.65
N LEU C 316 -33.24 -29.79 46.51
CA LEU C 316 -31.82 -29.54 46.92
C LEU C 316 -31.70 -29.55 48.45
N LYS C 317 -32.68 -29.02 49.17
CA LYS C 317 -32.62 -28.99 50.66
C LYS C 317 -32.68 -30.45 51.16
N LYS C 318 -33.52 -31.28 50.55
CA LYS C 318 -33.75 -32.69 51.00
C LYS C 318 -32.48 -33.51 50.75
N SER C 319 -31.80 -33.30 49.62
CA SER C 319 -30.49 -33.94 49.29
C SER C 319 -29.43 -33.50 50.29
N ALA C 320 -29.40 -32.20 50.60
CA ALA C 320 -28.48 -31.60 51.60
C ALA C 320 -28.78 -32.20 52.98
N ASP C 321 -30.07 -32.37 53.35
CA ASP C 321 -30.47 -33.06 54.62
C ASP C 321 -29.96 -34.50 54.60
N THR C 322 -30.17 -35.25 53.52
CA THR C 322 -29.70 -36.66 53.37
C THR C 322 -28.18 -36.74 53.47
N LEU C 323 -27.44 -35.93 52.69
CA LEU C 323 -25.96 -36.01 52.62
C LEU C 323 -25.39 -35.77 54.02
N TRP C 324 -25.83 -34.71 54.70
CA TRP C 324 -25.38 -34.36 56.08
C TRP C 324 -25.65 -35.53 57.02
N GLY C 325 -26.79 -36.21 56.83
CA GLY C 325 -27.25 -37.37 57.63
C GLY C 325 -26.26 -38.52 57.60
N ILE C 326 -25.62 -38.76 56.46
CA ILE C 326 -24.53 -39.77 56.33
C ILE C 326 -23.23 -39.16 56.84
N GLN C 327 -22.98 -37.89 56.53
CA GLN C 327 -21.68 -37.21 56.74
C GLN C 327 -21.40 -37.14 58.25
N LYS C 328 -22.37 -36.69 59.05
CA LYS C 328 -22.23 -36.57 60.53
C LYS C 328 -21.87 -37.94 61.15
N GLU C 329 -22.32 -39.06 60.56
CA GLU C 329 -22.09 -40.45 61.05
C GLU C 329 -20.79 -41.08 60.51
N LEU C 330 -19.88 -40.32 59.88
CA LEU C 330 -18.60 -40.87 59.34
C LEU C 330 -17.50 -40.77 60.40
N GLN C 331 -16.76 -41.86 60.61
CA GLN C 331 -15.59 -41.92 61.54
C GLN C 331 -14.34 -41.58 60.70
N PHE C 332 -13.77 -40.39 60.91
CA PHE C 332 -12.64 -39.83 60.13
C PHE C 332 -11.32 -40.21 60.83
N ALA D 2 -29.72 -3.69 42.43
CA ALA D 2 -28.46 -4.51 42.48
C ALA D 2 -27.84 -4.65 41.08
N ALA D 3 -26.53 -4.92 41.01
CA ALA D 3 -25.77 -5.08 39.74
C ALA D 3 -26.04 -6.47 39.13
N LEU D 4 -26.20 -6.54 37.79
CA LEU D 4 -26.52 -7.80 37.06
C LEU D 4 -25.49 -8.88 37.39
N LYS D 5 -24.20 -8.52 37.36
CA LYS D 5 -23.10 -9.45 37.75
C LYS D 5 -23.35 -10.00 39.17
N ASP D 6 -23.79 -9.15 40.09
CA ASP D 6 -23.95 -9.51 41.51
C ASP D 6 -25.22 -10.37 41.64
N GLN D 7 -26.25 -10.10 40.84
CA GLN D 7 -27.49 -10.91 40.84
C GLN D 7 -27.20 -12.34 40.34
N LEU D 8 -26.59 -12.44 39.16
CA LEU D 8 -26.26 -13.71 38.46
C LEU D 8 -25.23 -14.52 39.25
N ILE D 9 -24.07 -13.93 39.53
CA ILE D 9 -22.87 -14.70 39.99
C ILE D 9 -22.55 -14.34 41.44
N HIS D 10 -22.33 -15.37 42.26
CA HIS D 10 -21.81 -15.24 43.64
C HIS D 10 -20.31 -15.53 43.66
N ASN D 11 -19.50 -14.52 43.98
CA ASN D 11 -18.02 -14.65 44.10
C ASN D 11 -17.69 -15.46 45.38
N LEU D 12 -16.79 -16.43 45.28
CA LEU D 12 -16.38 -17.30 46.42
C LEU D 12 -14.90 -17.07 46.77
N LEU D 13 -14.18 -16.35 45.93
CA LEU D 13 -12.69 -16.42 45.86
C LEU D 13 -12.17 -15.11 45.25
N LYS D 14 -11.55 -14.26 46.07
CA LYS D 14 -10.92 -12.99 45.59
C LYS D 14 -9.77 -13.45 44.69
N GLU D 15 -9.84 -13.11 43.40
CA GLU D 15 -8.94 -13.67 42.36
C GLU D 15 -7.97 -12.60 41.86
N GLU D 16 -6.68 -12.77 42.15
CA GLU D 16 -5.54 -12.01 41.55
C GLU D 16 -4.82 -12.95 40.57
N HIS D 17 -5.20 -12.86 39.30
CA HIS D 17 -4.47 -13.33 38.10
C HIS D 17 -2.95 -13.19 38.26
N VAL D 18 -2.24 -14.31 38.40
CA VAL D 18 -0.79 -14.44 38.03
C VAL D 18 -0.70 -15.54 36.97
N PRO D 19 -0.42 -15.18 35.69
CA PRO D 19 -0.53 -16.13 34.56
C PRO D 19 0.62 -17.16 34.49
N GLN D 20 0.28 -18.38 34.08
CA GLN D 20 1.11 -19.60 34.27
C GLN D 20 1.73 -20.05 32.95
N ASN D 21 1.25 -19.52 31.81
CA ASN D 21 1.62 -20.00 30.44
C ASN D 21 1.56 -18.84 29.44
N LYS D 22 2.12 -17.68 29.82
CA LYS D 22 2.00 -16.39 29.08
C LYS D 22 3.06 -16.33 27.98
N ILE D 23 2.65 -15.90 26.78
CA ILE D 23 3.54 -15.64 25.61
C ILE D 23 3.32 -14.17 25.21
N THR D 24 4.43 -13.44 25.05
CA THR D 24 4.47 -12.06 24.48
C THR D 24 5.03 -12.16 23.05
N VAL D 25 4.36 -11.53 22.08
CA VAL D 25 4.88 -11.30 20.70
C VAL D 25 5.23 -9.80 20.65
N VAL D 26 6.50 -9.44 20.46
CA VAL D 26 6.93 -8.02 20.32
C VAL D 26 6.97 -7.68 18.82
N GLY D 27 6.16 -6.73 18.38
CA GLY D 27 6.02 -6.36 16.96
C GLY D 27 4.78 -6.99 16.37
N VAL D 28 3.88 -6.18 15.84
CA VAL D 28 2.60 -6.63 15.25
C VAL D 28 2.59 -6.30 13.75
N GLY D 29 3.77 -6.23 13.15
CA GLY D 29 3.96 -6.43 11.70
C GLY D 29 3.31 -7.73 11.27
N ALA D 30 3.19 -7.93 9.96
CA ALA D 30 2.63 -9.15 9.35
C ALA D 30 3.25 -10.42 9.99
N VAL D 31 4.50 -10.36 10.44
CA VAL D 31 5.19 -11.54 11.07
C VAL D 31 4.73 -11.74 12.51
N GLY D 32 4.69 -10.67 13.31
CA GLY D 32 4.18 -10.77 14.68
C GLY D 32 2.81 -11.41 14.69
N MET D 33 1.94 -10.97 13.78
CA MET D 33 0.50 -11.35 13.78
C MET D 33 0.32 -12.78 13.25
N ALA D 34 1.24 -13.29 12.43
CA ALA D 34 1.21 -14.69 11.97
C ALA D 34 1.73 -15.61 13.09
N CYS D 35 2.71 -15.16 13.87
CA CYS D 35 3.12 -15.83 15.13
C CYS D 35 1.94 -15.86 16.11
N ALA D 36 1.20 -14.75 16.25
CA ALA D 36 0.12 -14.57 17.23
C ALA D 36 -1.01 -15.55 16.95
N ILE D 37 -1.43 -15.64 15.69
CA ILE D 37 -2.64 -16.40 15.27
C ILE D 37 -2.30 -17.89 15.36
N SER D 38 -1.08 -18.26 15.00
CA SER D 38 -0.64 -19.69 14.97
C SER D 38 -0.45 -20.17 16.41
N ILE D 39 0.03 -19.30 17.30
CA ILE D 39 0.17 -19.60 18.75
C ILE D 39 -1.23 -19.79 19.31
N LEU D 40 -2.15 -18.87 19.02
CA LEU D 40 -3.54 -18.86 19.53
C LEU D 40 -4.24 -20.13 19.05
N MET D 41 -4.07 -20.48 17.79
CA MET D 41 -4.79 -21.59 17.14
C MET D 41 -4.19 -22.94 17.52
N LYS D 42 -3.04 -22.99 18.17
CA LYS D 42 -2.44 -24.24 18.71
C LYS D 42 -2.63 -24.35 20.25
N ASP D 43 -3.30 -23.39 20.88
CA ASP D 43 -3.71 -23.42 22.31
C ASP D 43 -2.48 -23.53 23.22
N LEU D 44 -1.42 -22.76 22.95
CA LEU D 44 -0.11 -22.87 23.66
C LEU D 44 0.03 -21.85 24.82
N ALA D 45 -0.89 -20.89 24.95
CA ALA D 45 -0.80 -19.78 25.92
C ALA D 45 -2.13 -19.58 26.63
N ASP D 46 -2.08 -19.26 27.93
CA ASP D 46 -3.29 -18.92 28.74
C ASP D 46 -3.44 -17.41 28.70
N GLU D 47 -2.32 -16.67 28.56
CA GLU D 47 -2.32 -15.21 28.25
C GLU D 47 -1.45 -15.00 27.01
N LEU D 48 -1.87 -14.09 26.13
CA LEU D 48 -1.03 -13.55 25.05
C LEU D 48 -0.98 -12.03 25.21
N ALA D 49 0.24 -11.48 25.12
CA ALA D 49 0.52 -10.02 25.13
C ALA D 49 1.18 -9.67 23.80
N LEU D 50 0.58 -8.74 23.05
CA LEU D 50 1.20 -8.08 21.87
C LEU D 50 1.83 -6.76 22.34
N VAL D 51 2.99 -6.39 21.79
CA VAL D 51 3.64 -5.07 22.07
C VAL D 51 4.29 -4.52 20.78
N ASP D 52 4.17 -3.22 20.58
CA ASP D 52 4.76 -2.47 19.44
C ASP D 52 4.76 -0.98 19.80
N VAL D 53 5.18 -0.13 18.87
CA VAL D 53 5.31 1.34 19.04
C VAL D 53 4.14 2.06 18.33
N MET D 54 3.52 1.43 17.33
CA MET D 54 2.35 2.01 16.62
C MET D 54 1.13 1.78 17.52
N GLU D 55 0.66 2.82 18.20
CA GLU D 55 -0.40 2.70 19.25
C GLU D 55 -1.73 2.30 18.62
N ASP D 56 -2.13 3.00 17.57
CA ASP D 56 -3.38 2.73 16.79
C ASP D 56 -3.39 1.27 16.32
N LYS D 57 -2.39 0.88 15.54
CA LYS D 57 -2.25 -0.46 14.90
C LYS D 57 -2.35 -1.57 15.96
N LEU D 58 -1.64 -1.40 17.07
CA LEU D 58 -1.50 -2.40 18.15
C LEU D 58 -2.86 -2.69 18.80
N LYS D 59 -3.57 -1.63 19.18
CA LYS D 59 -4.89 -1.72 19.87
C LYS D 59 -5.89 -2.38 18.91
N GLY D 60 -5.88 -1.97 17.64
CA GLY D 60 -6.74 -2.53 16.57
C GLY D 60 -6.53 -4.02 16.36
N GLU D 61 -5.28 -4.46 16.24
CA GLU D 61 -4.95 -5.90 16.10
C GLU D 61 -5.48 -6.64 17.34
N MET D 62 -5.09 -6.17 18.54
CA MET D 62 -5.51 -6.76 19.84
C MET D 62 -7.02 -7.06 19.80
N MET D 63 -7.83 -6.12 19.29
CA MET D 63 -9.30 -6.21 19.35
C MET D 63 -9.80 -7.30 18.39
N ASP D 64 -9.24 -7.32 17.19
CA ASP D 64 -9.60 -8.33 16.16
C ASP D 64 -9.41 -9.72 16.78
N LEU D 65 -8.30 -9.96 17.48
CA LEU D 65 -8.03 -11.27 18.13
C LEU D 65 -9.05 -11.48 19.26
N GLN D 66 -9.24 -10.45 20.08
CA GLN D 66 -10.20 -10.51 21.20
C GLN D 66 -11.56 -10.93 20.62
N HIS D 67 -11.96 -10.35 19.51
CA HIS D 67 -13.30 -10.57 18.88
C HIS D 67 -13.49 -11.99 18.35
N GLY D 68 -12.49 -12.85 18.38
CA GLY D 68 -12.62 -14.26 18.02
C GLY D 68 -12.32 -15.16 19.21
N SER D 69 -12.48 -14.63 20.44
CA SER D 69 -12.20 -15.34 21.72
C SER D 69 -13.12 -16.54 21.84
N LEU D 70 -14.36 -16.43 21.33
CA LEU D 70 -15.36 -17.54 21.30
C LEU D 70 -14.80 -18.77 20.57
N PHE D 71 -13.93 -18.57 19.58
CA PHE D 71 -13.36 -19.65 18.72
C PHE D 71 -11.98 -20.09 19.24
N LEU D 72 -11.57 -19.61 20.40
CA LEU D 72 -10.22 -19.86 20.95
C LEU D 72 -10.32 -20.42 22.37
N ARG D 73 -9.15 -20.75 22.92
CA ARG D 73 -8.96 -21.30 24.28
C ARG D 73 -7.88 -20.48 24.99
N THR D 74 -7.77 -19.19 24.65
CA THR D 74 -6.80 -18.27 25.30
C THR D 74 -7.61 -17.11 25.89
N PRO D 75 -7.96 -17.22 27.18
CA PRO D 75 -8.92 -16.31 27.82
C PRO D 75 -8.50 -14.84 27.83
N LYS D 76 -7.20 -14.56 27.86
CA LYS D 76 -6.63 -13.22 28.14
C LYS D 76 -5.72 -12.81 26.96
N ILE D 77 -6.17 -11.84 26.17
CA ILE D 77 -5.38 -11.19 25.09
C ILE D 77 -5.28 -9.69 25.40
N VAL D 78 -4.08 -9.23 25.75
CA VAL D 78 -3.80 -7.81 26.11
C VAL D 78 -2.72 -7.25 25.18
N SER D 79 -2.56 -5.94 25.19
CA SER D 79 -1.59 -5.19 24.34
C SER D 79 -1.18 -3.90 25.05
N GLY D 80 -0.09 -3.28 24.60
CA GLY D 80 0.27 -1.89 24.93
C GLY D 80 1.63 -1.48 24.40
N LYS D 81 1.80 -0.16 24.21
CA LYS D 81 3.11 0.51 24.04
C LYS D 81 3.98 0.17 25.27
N ASP D 82 3.43 0.28 26.48
CA ASP D 82 4.12 0.05 27.78
C ASP D 82 4.33 -1.44 28.04
N TYR D 83 5.55 -1.85 28.41
CA TYR D 83 5.99 -3.27 28.45
C TYR D 83 5.51 -3.99 29.72
N SER D 84 4.87 -3.28 30.67
CA SER D 84 4.28 -3.85 31.92
C SER D 84 3.25 -4.91 31.58
N VAL D 85 2.58 -4.77 30.43
CA VAL D 85 1.55 -5.73 29.92
C VAL D 85 2.20 -7.09 29.67
N THR D 86 3.53 -7.18 29.67
CA THR D 86 4.27 -8.40 29.26
C THR D 86 4.84 -9.14 30.47
N ALA D 87 4.57 -8.69 31.69
CA ALA D 87 5.10 -9.32 32.94
C ALA D 87 4.72 -10.81 32.98
N ASN D 88 5.65 -11.63 33.46
CA ASN D 88 5.43 -13.07 33.77
C ASN D 88 5.11 -13.82 32.48
N SER D 89 5.76 -13.43 31.38
CA SER D 89 5.79 -14.21 30.13
C SER D 89 6.75 -15.36 30.36
N LYS D 90 6.42 -16.57 29.89
CA LYS D 90 7.37 -17.72 29.83
C LYS D 90 8.25 -17.58 28.58
N LEU D 91 7.73 -16.95 27.52
CA LEU D 91 8.34 -16.87 26.17
C LEU D 91 7.98 -15.51 25.56
N VAL D 92 8.98 -14.69 25.25
CA VAL D 92 8.82 -13.38 24.58
C VAL D 92 9.43 -13.50 23.18
N ILE D 93 8.60 -13.62 22.14
CA ILE D 93 9.04 -13.71 20.71
C ILE D 93 9.24 -12.30 20.17
N ILE D 94 10.49 -11.94 19.83
CA ILE D 94 10.86 -10.59 19.29
C ILE D 94 10.80 -10.62 17.75
N THR D 95 9.86 -9.88 17.13
CA THR D 95 9.70 -9.78 15.64
C THR D 95 9.89 -8.35 15.12
N ALA D 96 10.20 -7.38 15.98
CA ALA D 96 10.26 -5.93 15.67
C ALA D 96 11.65 -5.57 15.13
N GLY D 97 11.74 -4.46 14.40
CA GLY D 97 13.00 -4.02 13.77
C GLY D 97 12.84 -2.69 13.06
N ALA D 98 13.95 -2.04 12.76
CA ALA D 98 14.00 -0.75 12.04
C ALA D 98 13.42 -0.91 10.64
N ARG D 99 12.68 0.10 10.17
CA ARG D 99 12.12 0.20 8.79
C ARG D 99 13.27 0.59 7.85
N GLN D 100 13.28 0.04 6.63
CA GLN D 100 14.36 0.29 5.65
C GLN D 100 14.20 1.71 5.10
N GLN D 101 15.22 2.56 5.29
CA GLN D 101 15.41 3.85 4.59
C GLN D 101 16.14 3.58 3.27
N GLU D 102 15.69 4.21 2.17
CA GLU D 102 16.28 4.04 0.82
C GLU D 102 17.70 4.63 0.84
N GLY D 103 18.67 3.90 0.26
CA GLY D 103 20.08 4.33 0.13
C GLY D 103 20.85 4.23 1.44
N GLU D 104 20.60 3.17 2.22
CA GLU D 104 21.24 2.93 3.53
C GLU D 104 22.12 1.67 3.42
N SER D 105 23.24 1.66 4.14
CA SER D 105 24.25 0.54 4.16
C SER D 105 23.68 -0.64 4.95
N ARG D 106 24.15 -1.87 4.68
CA ARG D 106 23.84 -3.06 5.49
C ARG D 106 24.13 -2.73 6.96
N LEU D 107 25.25 -2.07 7.23
CA LEU D 107 25.74 -1.85 8.62
C LEU D 107 24.87 -0.81 9.35
N ASN D 108 24.40 0.25 8.68
CA ASN D 108 23.59 1.30 9.35
C ASN D 108 22.23 0.70 9.72
N LEU D 109 21.70 -0.20 8.89
CA LEU D 109 20.44 -0.97 9.08
C LEU D 109 20.56 -1.84 10.33
N VAL D 110 21.63 -2.64 10.42
CA VAL D 110 21.91 -3.56 11.57
C VAL D 110 21.94 -2.70 12.83
N GLN D 111 22.61 -1.54 12.77
CA GLN D 111 22.93 -0.68 13.95
C GLN D 111 21.67 0.04 14.44
N ARG D 112 20.74 0.37 13.54
CA ARG D 112 19.41 0.92 13.89
C ARG D 112 18.57 -0.17 14.58
N ASN D 113 18.72 -1.43 14.15
CA ASN D 113 18.03 -2.61 14.74
C ASN D 113 18.61 -2.90 16.13
N VAL D 114 19.88 -2.53 16.38
CA VAL D 114 20.54 -2.70 17.71
C VAL D 114 19.97 -1.63 18.64
N ASN D 115 19.88 -0.38 18.17
CA ASN D 115 19.37 0.75 18.99
C ASN D 115 17.91 0.47 19.36
N ILE D 116 17.15 -0.21 18.48
CA ILE D 116 15.73 -0.59 18.73
C ILE D 116 15.72 -1.67 19.83
N PHE D 117 16.64 -2.65 19.74
CA PHE D 117 16.80 -3.76 20.72
C PHE D 117 17.34 -3.22 22.04
N LYS D 118 17.96 -2.04 22.04
CA LYS D 118 18.46 -1.38 23.28
C LYS D 118 17.27 -0.87 24.09
N PHE D 119 16.21 -0.43 23.41
CA PHE D 119 14.91 -0.03 24.00
C PHE D 119 14.14 -1.30 24.40
N ILE D 120 14.00 -2.26 23.48
CA ILE D 120 13.08 -3.43 23.66
C ILE D 120 13.62 -4.34 24.75
N ILE D 121 14.88 -4.80 24.68
CA ILE D 121 15.33 -5.97 25.49
C ILE D 121 15.26 -5.66 26.99
N PRO D 122 15.82 -4.54 27.52
CA PRO D 122 15.81 -4.30 28.96
C PRO D 122 14.40 -4.15 29.55
N ASN D 123 13.46 -3.63 28.75
CA ASN D 123 12.02 -3.53 29.08
C ASN D 123 11.40 -4.95 29.16
N VAL D 124 11.85 -5.89 28.33
CA VAL D 124 11.33 -7.28 28.33
C VAL D 124 11.82 -7.95 29.61
N VAL D 125 13.12 -7.80 29.91
CA VAL D 125 13.81 -8.45 31.05
C VAL D 125 13.31 -7.85 32.35
N LYS D 126 13.00 -6.55 32.35
CA LYS D 126 12.46 -5.87 33.56
C LYS D 126 11.28 -6.72 34.05
N TYR D 127 10.22 -6.78 33.22
CA TYR D 127 8.87 -7.30 33.55
C TYR D 127 8.75 -8.84 33.45
N SER D 128 9.64 -9.50 32.71
CA SER D 128 9.60 -10.98 32.50
C SER D 128 11.01 -11.54 32.63
N PRO D 129 11.67 -11.38 33.80
CA PRO D 129 13.10 -11.67 33.95
C PRO D 129 13.52 -13.14 33.81
N HIS D 130 12.56 -14.08 33.79
CA HIS D 130 12.79 -15.54 33.77
C HIS D 130 12.41 -16.14 32.41
N CYS D 131 11.89 -15.32 31.50
CA CYS D 131 11.39 -15.70 30.14
C CYS D 131 12.50 -16.32 29.29
N LYS D 132 12.15 -17.18 28.33
CA LYS D 132 13.00 -17.56 27.19
C LYS D 132 12.82 -16.50 26.10
N LEU D 133 13.90 -16.04 25.46
CA LEU D 133 13.80 -15.11 24.30
C LEU D 133 13.89 -15.95 23.02
N LEU D 134 12.97 -15.72 22.09
CA LEU D 134 13.02 -16.30 20.71
C LEU D 134 13.05 -15.11 19.77
N VAL D 135 14.23 -14.80 19.23
CA VAL D 135 14.48 -13.65 18.31
C VAL D 135 14.11 -14.12 16.91
N VAL D 136 13.22 -13.40 16.23
CA VAL D 136 12.77 -13.69 14.83
C VAL D 136 13.34 -12.64 13.87
N SER D 137 13.44 -11.36 14.28
CA SER D 137 13.82 -10.19 13.45
C SER D 137 15.18 -10.42 12.76
N ASN D 138 15.26 -10.05 11.49
CA ASN D 138 16.49 -10.15 10.63
C ASN D 138 17.31 -8.86 10.72
N PRO D 139 18.67 -8.95 10.67
CA PRO D 139 19.39 -10.22 10.63
C PRO D 139 19.33 -11.00 11.95
N VAL D 140 18.98 -12.28 11.87
CA VAL D 140 18.46 -13.09 13.02
C VAL D 140 19.64 -13.61 13.83
N ASP D 141 20.69 -14.06 13.16
CA ASP D 141 21.91 -14.55 13.86
C ASP D 141 22.54 -13.36 14.62
N ILE D 142 22.55 -12.15 14.05
CA ILE D 142 23.21 -10.97 14.69
C ILE D 142 22.35 -10.50 15.86
N LEU D 143 21.06 -10.31 15.64
CA LEU D 143 20.17 -9.66 16.64
C LEU D 143 19.92 -10.63 17.79
N THR D 144 20.11 -11.94 17.57
CA THR D 144 20.02 -12.97 18.65
C THR D 144 21.20 -12.76 19.60
N TYR D 145 22.40 -12.47 19.05
CA TYR D 145 23.61 -12.09 19.83
C TYR D 145 23.33 -10.78 20.58
N VAL D 146 22.89 -9.76 19.86
CA VAL D 146 22.51 -8.44 20.44
C VAL D 146 21.65 -8.70 21.68
N ALA D 147 20.56 -9.48 21.52
CA ALA D 147 19.57 -9.83 22.58
C ALA D 147 20.23 -10.60 23.72
N TRP D 148 21.13 -11.54 23.41
CA TRP D 148 21.90 -12.29 24.43
C TRP D 148 22.74 -11.32 25.26
N LYS D 149 23.51 -10.43 24.61
CA LYS D 149 24.44 -9.47 25.26
C LYS D 149 23.66 -8.44 26.08
N ILE D 150 22.66 -7.76 25.50
CA ILE D 150 21.86 -6.72 26.20
C ILE D 150 21.13 -7.36 27.41
N SER D 151 20.50 -8.51 27.20
CA SER D 151 19.73 -9.24 28.24
C SER D 151 20.64 -9.66 29.40
N GLY D 152 21.80 -10.22 29.08
CA GLY D 152 22.65 -10.91 30.06
C GLY D 152 22.01 -12.20 30.56
N PHE D 153 21.07 -12.77 29.82
CA PHE D 153 20.55 -14.15 30.03
C PHE D 153 21.63 -15.16 29.66
N PRO D 154 21.63 -16.36 30.27
CA PRO D 154 22.50 -17.44 29.83
C PRO D 154 22.02 -18.01 28.49
N LYS D 155 22.95 -18.51 27.68
CA LYS D 155 22.72 -18.87 26.26
C LYS D 155 21.50 -19.81 26.10
N ASN D 156 21.18 -20.63 27.11
CA ASN D 156 20.11 -21.67 26.98
C ASN D 156 18.75 -20.98 26.79
N ARG D 157 18.62 -19.72 27.22
CA ARG D 157 17.35 -18.95 27.23
C ARG D 157 17.32 -17.89 26.12
N VAL D 158 18.26 -17.94 25.17
CA VAL D 158 18.20 -17.11 23.94
C VAL D 158 18.29 -18.04 22.74
N ILE D 159 17.20 -18.08 21.96
CA ILE D 159 17.03 -18.85 20.71
C ILE D 159 16.81 -17.85 19.58
N GLY D 160 17.39 -18.10 18.40
CA GLY D 160 17.02 -17.42 17.15
C GLY D 160 16.15 -18.32 16.30
N SER D 161 15.18 -17.77 15.58
CA SER D 161 14.40 -18.54 14.58
C SER D 161 15.40 -19.24 13.64
N GLY D 162 16.49 -18.58 13.29
CA GLY D 162 17.62 -19.15 12.51
C GLY D 162 17.18 -19.84 11.21
N CYS D 163 17.66 -21.06 10.99
CA CYS D 163 17.43 -21.87 9.76
C CYS D 163 16.23 -22.79 9.94
N ASN D 164 15.39 -22.53 10.93
CA ASN D 164 14.25 -23.41 11.28
C ASN D 164 13.30 -23.49 10.07
N LEU D 165 12.91 -22.35 9.53
CA LEU D 165 12.00 -22.27 8.35
C LEU D 165 12.77 -22.65 7.08
N ASP D 166 14.08 -22.43 7.01
CA ASP D 166 14.86 -22.78 5.80
C ASP D 166 14.79 -24.29 5.62
N SER D 167 15.01 -25.03 6.73
CA SER D 167 14.84 -26.50 6.83
C SER D 167 13.41 -26.89 6.45
N ALA D 168 12.39 -26.23 7.01
CA ALA D 168 10.97 -26.52 6.66
C ALA D 168 10.69 -26.26 5.17
N ARG D 169 11.24 -25.17 4.60
CA ARG D 169 11.15 -24.84 3.17
C ARG D 169 11.84 -25.93 2.37
N PHE D 170 13.03 -26.30 2.81
CA PHE D 170 13.85 -27.36 2.17
C PHE D 170 13.10 -28.70 2.16
N ARG D 171 12.37 -29.02 3.22
CA ARG D 171 11.65 -30.30 3.35
C ARG D 171 10.39 -30.27 2.47
N TYR D 172 9.71 -29.13 2.37
CA TYR D 172 8.62 -28.95 1.38
C TYR D 172 9.16 -29.31 -0.02
N LEU D 173 10.34 -28.76 -0.38
CA LEU D 173 10.89 -28.84 -1.75
C LEU D 173 11.27 -30.29 -2.03
N MET D 174 11.96 -30.92 -1.10
CA MET D 174 12.25 -32.38 -1.11
C MET D 174 10.95 -33.14 -1.39
N GLY D 175 9.89 -32.84 -0.62
CA GLY D 175 8.55 -33.45 -0.73
C GLY D 175 8.02 -33.44 -2.14
N GLU D 176 8.00 -32.26 -2.78
CA GLU D 176 7.43 -32.04 -4.14
C GLU D 176 8.19 -32.89 -5.18
N ARG D 177 9.51 -33.05 -5.05
CA ARG D 177 10.35 -33.82 -6.01
C ARG D 177 10.12 -35.32 -5.85
N LEU D 178 9.99 -35.81 -4.60
CA LEU D 178 9.82 -37.26 -4.31
C LEU D 178 8.33 -37.64 -4.21
N GLY D 179 7.42 -36.66 -4.25
CA GLY D 179 5.97 -36.91 -4.18
C GLY D 179 5.57 -37.55 -2.86
N VAL D 180 6.12 -37.03 -1.76
CA VAL D 180 5.92 -37.52 -0.36
C VAL D 180 5.69 -36.28 0.55
N HIS D 181 4.98 -36.43 1.68
CA HIS D 181 4.78 -35.31 2.64
C HIS D 181 6.14 -34.88 3.18
N ALA D 182 6.24 -33.61 3.56
CA ALA D 182 7.45 -32.97 4.13
C ALA D 182 7.75 -33.59 5.50
N LEU D 183 6.74 -34.13 6.20
CA LEU D 183 6.96 -34.81 7.51
C LEU D 183 7.85 -36.04 7.31
N SER D 184 7.87 -36.61 6.10
CA SER D 184 8.52 -37.91 5.79
C SER D 184 9.83 -37.70 5.03
N CYS D 185 10.12 -36.47 4.59
CA CYS D 185 11.42 -36.08 3.98
C CYS D 185 12.23 -35.33 5.03
N HIS D 186 13.44 -35.81 5.34
CA HIS D 186 14.33 -35.17 6.32
C HIS D 186 15.53 -34.57 5.58
N GLY D 187 15.86 -33.34 5.94
CA GLY D 187 17.10 -32.66 5.55
C GLY D 187 17.29 -31.48 6.46
N TRP D 188 18.54 -31.14 6.75
CA TRP D 188 18.89 -30.06 7.69
C TRP D 188 19.65 -28.98 6.95
N ILE D 189 19.21 -27.74 7.15
CA ILE D 189 19.88 -26.50 6.69
C ILE D 189 20.42 -25.87 7.97
N LEU D 190 21.71 -25.54 7.98
CA LEU D 190 22.44 -25.16 9.21
C LEU D 190 23.20 -23.86 8.99
N GLY D 191 23.89 -23.40 10.03
CA GLY D 191 24.80 -22.25 9.99
C GLY D 191 24.02 -20.96 9.93
N GLU D 192 24.50 -20.01 9.11
CA GLU D 192 23.94 -18.64 8.97
C GLU D 192 22.65 -18.72 8.12
N HIS D 193 21.58 -18.06 8.57
CA HIS D 193 20.24 -18.05 7.92
C HIS D 193 20.30 -17.28 6.60
N GLY D 194 19.71 -17.85 5.53
CA GLY D 194 19.60 -17.22 4.20
C GLY D 194 20.71 -17.64 3.25
N ASP D 195 21.49 -16.68 2.77
CA ASP D 195 22.34 -16.81 1.56
C ASP D 195 23.48 -17.80 1.86
N SER D 196 24.11 -17.69 3.03
CA SER D 196 25.26 -18.51 3.46
C SER D 196 24.80 -19.84 4.09
N SER D 197 23.50 -20.16 4.06
CA SER D 197 22.96 -21.40 4.66
C SER D 197 23.72 -22.61 4.13
N VAL D 198 24.06 -23.54 5.03
CA VAL D 198 24.83 -24.78 4.77
C VAL D 198 23.83 -25.92 4.63
N PRO D 199 23.63 -26.51 3.42
CA PRO D 199 22.80 -27.72 3.29
C PRO D 199 23.56 -29.03 3.51
N VAL D 200 23.12 -29.87 4.47
CA VAL D 200 23.85 -31.09 4.91
C VAL D 200 23.34 -32.31 4.13
N TRP D 201 23.88 -32.51 2.93
CA TRP D 201 23.56 -33.62 1.99
C TRP D 201 23.58 -34.99 2.67
N SER D 202 24.60 -35.29 3.49
CA SER D 202 24.80 -36.60 4.13
C SER D 202 23.53 -36.97 4.91
N GLY D 203 22.93 -35.98 5.59
CA GLY D 203 21.79 -36.17 6.50
C GLY D 203 20.48 -36.40 5.78
N MET D 204 20.37 -36.05 4.49
CA MET D 204 19.08 -36.03 3.76
C MET D 204 18.59 -37.45 3.50
N ASN D 205 17.34 -37.76 3.89
CA ASN D 205 16.77 -39.12 3.69
C ASN D 205 15.24 -39.14 3.75
N VAL D 206 14.70 -40.29 3.33
CA VAL D 206 13.34 -40.82 3.59
C VAL D 206 13.50 -42.21 4.22
N ALA D 207 12.89 -42.46 5.36
CA ALA D 207 12.86 -43.79 6.02
C ALA D 207 14.28 -44.27 6.32
N GLY D 208 15.19 -43.34 6.68
CA GLY D 208 16.60 -43.62 7.03
C GLY D 208 17.40 -44.17 5.85
N VAL D 209 17.03 -43.83 4.62
CA VAL D 209 17.76 -44.20 3.36
C VAL D 209 18.46 -42.94 2.84
N SER D 210 19.77 -42.80 3.12
CA SER D 210 20.61 -41.64 2.69
C SER D 210 20.46 -41.48 1.18
N LEU D 211 19.96 -40.31 0.75
CA LEU D 211 19.76 -39.88 -0.67
C LEU D 211 21.13 -39.65 -1.34
N LYS D 212 22.07 -39.13 -0.55
CA LYS D 212 23.50 -38.92 -0.92
C LYS D 212 24.11 -40.27 -1.31
N THR D 213 23.75 -41.35 -0.62
CA THR D 213 24.24 -42.72 -0.91
C THR D 213 23.57 -43.22 -2.19
N LEU D 214 22.24 -43.14 -2.30
CA LEU D 214 21.54 -43.66 -3.51
C LEU D 214 22.06 -42.98 -4.76
N HIS D 215 22.46 -41.71 -4.64
CA HIS D 215 22.74 -40.76 -5.74
C HIS D 215 23.95 -39.93 -5.33
N PRO D 216 25.19 -40.46 -5.45
CA PRO D 216 26.38 -39.82 -4.87
C PRO D 216 26.68 -38.42 -5.42
N GLU D 217 26.21 -38.10 -6.62
CA GLU D 217 26.37 -36.74 -7.22
C GLU D 217 25.45 -35.71 -6.53
N LEU D 218 24.45 -36.15 -5.74
CA LEU D 218 23.57 -35.24 -4.94
C LEU D 218 24.47 -34.22 -4.22
N GLY D 219 24.29 -32.93 -4.50
CA GLY D 219 25.08 -31.83 -3.90
C GLY D 219 26.02 -31.21 -4.91
N THR D 220 26.75 -32.03 -5.66
CA THR D 220 27.75 -31.57 -6.65
C THR D 220 27.04 -30.78 -7.76
N ASP D 221 27.82 -30.09 -8.60
CA ASP D 221 27.34 -29.29 -9.75
C ASP D 221 27.08 -30.19 -10.97
N ALA D 222 27.79 -31.30 -11.09
CA ALA D 222 27.64 -32.29 -12.18
C ALA D 222 26.21 -32.83 -12.19
N ASP D 223 25.83 -33.61 -11.16
CA ASP D 223 24.47 -34.14 -10.86
C ASP D 223 23.43 -33.52 -11.80
N LYS D 224 22.84 -34.30 -12.72
CA LYS D 224 21.92 -33.74 -13.74
C LYS D 224 20.51 -33.55 -13.15
N GLU D 225 20.27 -33.89 -11.88
CA GLU D 225 18.96 -33.70 -11.21
C GLU D 225 18.92 -32.36 -10.44
N GLN D 226 20.06 -31.67 -10.31
CA GLN D 226 20.16 -30.23 -9.90
C GLN D 226 19.68 -30.08 -8.45
N TRP D 227 20.09 -30.97 -7.56
CA TRP D 227 19.63 -30.96 -6.15
C TRP D 227 20.22 -29.74 -5.42
N LYS D 228 21.39 -29.25 -5.82
CA LYS D 228 22.04 -28.02 -5.31
C LYS D 228 21.11 -26.81 -5.51
N GLN D 229 20.38 -26.78 -6.63
CA GLN D 229 19.36 -25.75 -6.99
C GLN D 229 18.20 -25.81 -5.98
N VAL D 230 17.96 -26.97 -5.40
CA VAL D 230 16.90 -27.12 -4.36
C VAL D 230 17.34 -26.27 -3.16
N HIS D 231 18.62 -26.29 -2.80
CA HIS D 231 19.18 -25.43 -1.72
C HIS D 231 19.06 -23.96 -2.10
N LYS D 232 19.30 -23.61 -3.36
CA LYS D 232 19.18 -22.20 -3.83
C LYS D 232 17.69 -21.79 -3.81
N GLN D 233 16.77 -22.69 -4.19
CA GLN D 233 15.29 -22.49 -4.13
C GLN D 233 14.87 -22.02 -2.72
N VAL D 234 15.50 -22.54 -1.65
CA VAL D 234 15.24 -22.15 -0.23
C VAL D 234 15.77 -20.73 0.00
N VAL D 235 17.08 -20.54 -0.17
CA VAL D 235 17.80 -19.23 -0.01
C VAL D 235 16.96 -18.13 -0.64
N ASP D 236 16.36 -18.42 -1.81
CA ASP D 236 15.68 -17.48 -2.74
C ASP D 236 14.17 -17.43 -2.47
N SER D 237 13.62 -18.44 -1.78
CA SER D 237 12.16 -18.64 -1.57
C SER D 237 11.51 -17.34 -1.13
N ALA D 238 11.97 -16.79 -0.01
CA ALA D 238 11.58 -15.47 0.54
C ALA D 238 11.56 -14.41 -0.58
N TYR D 239 12.73 -14.13 -1.16
CA TYR D 239 12.94 -13.14 -2.24
C TYR D 239 11.79 -13.23 -3.24
N GLU D 240 11.43 -14.44 -3.72
CA GLU D 240 10.35 -14.62 -4.73
C GLU D 240 8.96 -14.37 -4.10
N VAL D 241 8.72 -14.78 -2.84
CA VAL D 241 7.41 -14.53 -2.17
C VAL D 241 7.29 -13.02 -1.98
N ILE D 242 8.42 -12.35 -1.68
CA ILE D 242 8.46 -10.87 -1.41
C ILE D 242 8.09 -10.14 -2.69
N LYS D 243 8.67 -10.51 -3.83
CA LYS D 243 8.35 -9.89 -5.14
C LYS D 243 6.85 -10.04 -5.42
N LEU D 244 6.26 -11.18 -5.10
CA LEU D 244 4.86 -11.50 -5.48
C LEU D 244 3.85 -10.81 -4.55
N LYS D 245 4.05 -10.84 -3.23
CA LYS D 245 3.06 -10.30 -2.26
C LYS D 245 3.69 -9.25 -1.34
N GLY D 246 5.01 -9.01 -1.44
CA GLY D 246 5.70 -7.91 -0.75
C GLY D 246 6.35 -8.30 0.56
N TYR D 247 6.05 -9.49 1.08
CA TYR D 247 6.51 -9.95 2.42
C TYR D 247 6.19 -11.44 2.59
N THR D 248 6.72 -12.02 3.66
CA THR D 248 6.44 -13.40 4.07
C THR D 248 5.85 -13.30 5.49
N SER D 249 4.83 -14.08 5.79
CA SER D 249 4.23 -14.02 7.14
C SER D 249 3.75 -15.39 7.62
N TRP D 250 3.00 -16.11 6.79
CA TRP D 250 2.35 -17.40 7.14
C TRP D 250 3.30 -18.53 7.55
N ALA D 251 4.31 -18.79 6.75
CA ALA D 251 5.28 -19.90 6.96
C ALA D 251 6.06 -19.64 8.27
N ILE D 252 6.61 -18.44 8.43
CA ILE D 252 7.49 -18.13 9.60
C ILE D 252 6.61 -18.21 10.85
N GLY D 253 5.37 -17.72 10.75
CA GLY D 253 4.34 -17.82 11.79
C GLY D 253 4.16 -19.25 12.25
N LEU D 254 3.91 -20.13 11.29
CA LEU D 254 3.74 -21.59 11.55
C LEU D 254 4.99 -22.11 12.23
N SER D 255 6.17 -21.82 11.66
CA SER D 255 7.50 -22.34 12.10
C SER D 255 7.88 -21.80 13.49
N VAL D 256 7.55 -20.54 13.80
CA VAL D 256 7.80 -19.93 15.14
C VAL D 256 6.92 -20.66 16.17
N ALA D 257 5.65 -20.87 15.83
CA ALA D 257 4.65 -21.55 16.69
C ALA D 257 5.16 -22.95 17.04
N ASP D 258 5.77 -23.64 16.07
CA ASP D 258 6.37 -24.99 16.27
C ASP D 258 7.43 -24.92 17.38
N LEU D 259 8.22 -23.85 17.42
CA LEU D 259 9.30 -23.68 18.42
C LEU D 259 8.67 -23.37 19.78
N ALA D 260 7.65 -22.48 19.79
CA ALA D 260 6.88 -22.13 21.01
C ALA D 260 6.32 -23.42 21.65
N GLU D 261 5.74 -24.31 20.85
CA GLU D 261 5.14 -25.58 21.31
C GLU D 261 6.18 -26.42 22.06
N SER D 262 7.38 -26.52 21.49
CA SER D 262 8.50 -27.34 22.02
C SER D 262 8.93 -26.75 23.36
N ILE D 263 8.89 -25.43 23.50
CA ILE D 263 9.26 -24.73 24.76
C ILE D 263 8.13 -24.94 25.77
N MET D 264 6.88 -24.66 25.38
CA MET D 264 5.73 -24.55 26.32
C MET D 264 5.32 -25.94 26.81
N LYS D 265 5.46 -26.98 25.97
CA LYS D 265 5.09 -28.40 26.29
C LYS D 265 6.30 -29.22 26.73
N ASN D 266 7.48 -28.59 26.79
CA ASN D 266 8.77 -29.21 27.21
C ASN D 266 9.04 -30.48 26.41
N LEU D 267 8.90 -30.41 25.08
CA LEU D 267 8.91 -31.62 24.22
C LEU D 267 10.31 -32.23 24.12
N ARG D 268 11.38 -31.44 24.19
CA ARG D 268 12.78 -31.86 23.90
C ARG D 268 12.87 -32.46 22.48
N ARG D 269 12.26 -31.78 21.51
CA ARG D 269 12.36 -32.08 20.05
C ARG D 269 13.59 -31.35 19.47
N VAL D 270 14.20 -31.91 18.42
CA VAL D 270 15.42 -31.35 17.76
C VAL D 270 14.97 -30.38 16.66
N HIS D 271 15.26 -29.08 16.80
CA HIS D 271 14.95 -27.99 15.82
C HIS D 271 16.24 -27.33 15.36
N PRO D 272 16.38 -26.99 14.05
CA PRO D 272 17.55 -26.28 13.55
C PRO D 272 17.37 -24.79 13.85
N ILE D 273 17.80 -24.37 15.03
CA ILE D 273 17.63 -22.98 15.54
C ILE D 273 19.01 -22.41 15.84
N SER D 274 19.10 -21.08 15.92
CA SER D 274 20.36 -20.32 16.15
C SER D 274 20.67 -20.32 17.64
N THR D 275 21.80 -20.91 18.04
CA THR D 275 22.28 -20.99 19.43
C THR D 275 23.68 -20.39 19.47
N MET D 276 24.13 -19.96 20.64
CA MET D 276 25.49 -19.43 20.86
C MET D 276 26.44 -20.63 20.98
N LEU D 277 27.26 -20.90 19.96
CA LEU D 277 28.02 -22.18 19.90
C LEU D 277 29.54 -22.01 20.06
N LYS D 278 30.02 -20.92 20.68
CA LYS D 278 31.43 -20.83 21.12
C LYS D 278 31.79 -22.10 21.91
N GLY D 279 32.71 -22.92 21.41
CA GLY D 279 33.15 -24.18 22.03
C GLY D 279 32.77 -25.38 21.20
N LEU D 280 31.73 -25.26 20.37
CA LEU D 280 31.18 -26.36 19.54
C LEU D 280 31.60 -26.13 18.08
N TYR D 281 31.61 -27.18 17.25
CA TYR D 281 31.75 -27.11 15.77
C TYR D 281 33.05 -26.39 15.34
N GLY D 282 34.03 -26.30 16.24
CA GLY D 282 35.31 -25.60 16.00
C GLY D 282 35.14 -24.08 15.93
N ILE D 283 33.97 -23.56 16.31
CA ILE D 283 33.71 -22.10 16.36
C ILE D 283 34.36 -21.57 17.64
N LYS D 284 35.06 -20.44 17.57
CA LYS D 284 35.95 -19.93 18.66
C LYS D 284 35.42 -18.60 19.25
N GLU D 285 34.52 -17.88 18.57
CA GLU D 285 34.03 -16.56 19.04
C GLU D 285 32.55 -16.65 19.44
N ASP D 286 32.05 -15.65 20.17
CA ASP D 286 30.63 -15.51 20.61
C ASP D 286 29.73 -15.15 19.42
N VAL D 287 29.26 -16.14 18.66
CA VAL D 287 28.27 -15.94 17.55
C VAL D 287 27.18 -17.00 17.63
N PHE D 288 26.05 -16.73 16.98
CA PHE D 288 24.85 -17.60 16.92
C PHE D 288 24.79 -18.24 15.53
N LEU D 289 24.81 -19.57 15.45
CA LEU D 289 24.62 -20.35 14.19
C LEU D 289 23.61 -21.47 14.44
N SER D 290 22.86 -21.84 13.40
CA SER D 290 21.80 -22.88 13.46
C SER D 290 22.47 -24.25 13.42
N VAL D 291 22.33 -25.01 14.51
CA VAL D 291 22.65 -26.46 14.62
C VAL D 291 21.40 -27.16 15.15
N PRO D 292 21.26 -28.50 15.02
CA PRO D 292 20.11 -29.21 15.56
C PRO D 292 20.13 -29.16 17.10
N CYS D 293 19.27 -28.31 17.67
CA CYS D 293 19.14 -28.03 19.13
C CYS D 293 17.95 -28.73 19.76
N VAL D 294 18.11 -29.20 21.00
CA VAL D 294 17.03 -29.85 21.79
C VAL D 294 16.33 -28.75 22.58
N LEU D 295 15.06 -28.52 22.28
CA LEU D 295 14.26 -27.35 22.75
C LEU D 295 13.18 -27.82 23.75
N GLY D 296 13.08 -27.15 24.89
CA GLY D 296 12.30 -27.58 26.07
C GLY D 296 12.00 -26.42 26.98
N GLN D 297 11.52 -26.66 28.20
CA GLN D 297 10.96 -25.57 29.06
C GLN D 297 12.09 -24.61 29.48
N ASN D 298 13.35 -25.06 29.43
CA ASN D 298 14.55 -24.28 29.82
C ASN D 298 15.22 -23.64 28.59
N GLY D 299 14.61 -23.74 27.42
CA GLY D 299 15.16 -23.21 26.16
C GLY D 299 16.00 -24.28 25.50
N ILE D 300 17.21 -23.94 25.02
CA ILE D 300 18.10 -24.94 24.35
C ILE D 300 18.93 -25.62 25.42
N SER D 301 18.75 -26.93 25.55
CA SER D 301 19.26 -27.76 26.67
C SER D 301 20.53 -28.52 26.25
N ASP D 302 20.56 -28.98 25.00
CA ASP D 302 21.70 -29.74 24.41
C ASP D 302 21.73 -29.42 22.92
N VAL D 303 22.85 -29.67 22.24
CA VAL D 303 22.97 -29.55 20.76
C VAL D 303 23.49 -30.88 20.21
N VAL D 304 22.94 -31.31 19.08
CA VAL D 304 23.40 -32.51 18.33
C VAL D 304 24.69 -32.08 17.61
N LYS D 305 25.67 -32.99 17.58
CA LYS D 305 26.98 -32.85 16.91
C LYS D 305 26.90 -33.56 15.55
N VAL D 306 26.57 -32.81 14.49
CA VAL D 306 26.48 -33.34 13.10
C VAL D 306 27.91 -33.52 12.60
N THR D 307 28.21 -34.70 12.06
CA THR D 307 29.47 -34.99 11.33
C THR D 307 29.39 -34.18 10.03
N LEU D 308 30.21 -33.14 9.90
CA LEU D 308 30.26 -32.27 8.69
C LEU D 308 31.45 -32.66 7.80
N THR D 309 31.32 -32.51 6.48
CA THR D 309 32.46 -32.59 5.51
C THR D 309 33.41 -31.44 5.89
N SER D 310 34.71 -31.60 5.61
CA SER D 310 35.74 -30.54 5.80
C SER D 310 35.26 -29.22 5.15
N GLU D 311 34.53 -29.29 4.02
CA GLU D 311 33.92 -28.13 3.30
C GLU D 311 32.84 -27.45 4.14
N GLU D 312 31.78 -28.17 4.52
CA GLU D 312 30.67 -27.66 5.37
C GLU D 312 31.26 -27.03 6.65
N GLU D 313 32.34 -27.60 7.20
CA GLU D 313 33.05 -27.10 8.41
C GLU D 313 33.73 -25.76 8.09
N ALA D 314 34.23 -25.59 6.88
CA ALA D 314 34.84 -24.31 6.41
C ALA D 314 33.75 -23.23 6.39
N HIS D 315 32.58 -23.55 5.82
CA HIS D 315 31.44 -22.60 5.62
C HIS D 315 30.97 -22.05 6.96
N LEU D 316 30.81 -22.92 7.96
CA LEU D 316 30.41 -22.50 9.33
C LEU D 316 31.44 -21.49 9.85
N LYS D 317 32.72 -21.88 9.86
CA LYS D 317 33.84 -21.04 10.37
C LYS D 317 33.83 -19.71 9.60
N LYS D 318 33.67 -19.79 8.29
CA LYS D 318 33.55 -18.61 7.38
C LYS D 318 32.45 -17.69 7.91
N SER D 319 31.26 -18.23 8.13
CA SER D 319 30.07 -17.52 8.70
C SER D 319 30.40 -16.95 10.09
N ALA D 320 31.16 -17.67 10.90
CA ALA D 320 31.52 -17.23 12.28
C ALA D 320 32.50 -16.04 12.26
N ASP D 321 33.36 -15.97 11.23
CA ASP D 321 34.29 -14.81 11.04
C ASP D 321 33.47 -13.62 10.55
N THR D 322 32.64 -13.81 9.52
CA THR D 322 31.68 -12.77 9.03
C THR D 322 30.90 -12.17 10.21
N LEU D 323 30.24 -13.04 10.99
CA LEU D 323 29.33 -12.63 12.06
C LEU D 323 30.14 -11.91 13.15
N TRP D 324 31.25 -12.51 13.57
CA TRP D 324 32.14 -11.91 14.60
C TRP D 324 32.67 -10.57 14.08
N GLY D 325 33.00 -10.52 12.78
CA GLY D 325 33.48 -9.32 12.07
C GLY D 325 32.49 -8.17 12.14
N ILE D 326 31.20 -8.47 11.89
CA ILE D 326 30.09 -7.48 11.88
C ILE D 326 29.82 -7.02 13.31
N GLN D 327 29.82 -7.95 14.27
CA GLN D 327 29.42 -7.73 15.68
C GLN D 327 30.42 -6.77 16.36
N LYS D 328 31.73 -6.88 16.05
CA LYS D 328 32.82 -6.00 16.57
C LYS D 328 32.48 -4.52 16.35
N GLU D 329 31.94 -4.18 15.17
CA GLU D 329 31.71 -2.79 14.69
C GLU D 329 30.38 -2.21 15.23
N LEU D 330 29.64 -2.93 16.09
CA LEU D 330 28.30 -2.52 16.60
C LEU D 330 28.45 -1.76 17.92
N GLN D 331 27.78 -0.61 18.05
CA GLN D 331 27.78 0.28 19.27
C GLN D 331 26.66 -0.16 20.24
N PHE D 332 27.03 -0.97 21.23
CA PHE D 332 26.16 -1.39 22.36
C PHE D 332 26.07 -0.25 23.39
N ALA E 2 64.83 49.27 -8.31
CA ALA E 2 63.62 48.63 -7.70
C ALA E 2 62.91 47.77 -8.75
N ALA E 3 63.25 46.47 -8.84
CA ALA E 3 62.68 45.47 -9.78
C ALA E 3 61.19 45.27 -9.48
N LEU E 4 60.35 45.22 -10.53
CA LEU E 4 58.87 45.07 -10.41
C LEU E 4 58.51 43.70 -9.86
N LYS E 5 59.37 42.70 -10.09
CA LYS E 5 59.18 41.28 -9.70
C LYS E 5 59.24 41.17 -8.17
N ASP E 6 60.12 41.95 -7.55
CA ASP E 6 60.27 42.06 -6.07
C ASP E 6 59.06 42.77 -5.47
N GLN E 7 58.58 43.85 -6.10
CA GLN E 7 57.46 44.70 -5.60
C GLN E 7 56.18 43.85 -5.56
N LEU E 8 56.01 42.94 -6.53
CA LEU E 8 54.77 42.14 -6.72
C LEU E 8 54.84 40.78 -6.00
N ILE E 9 56.00 40.10 -6.04
CA ILE E 9 56.12 38.66 -5.66
C ILE E 9 57.13 38.49 -4.52
N HIS E 10 56.69 37.92 -3.38
CA HIS E 10 57.58 37.50 -2.28
C HIS E 10 57.99 36.05 -2.53
N ASN E 11 59.26 35.84 -2.87
CA ASN E 11 59.82 34.51 -3.22
C ASN E 11 60.05 33.75 -1.92
N LEU E 12 59.70 32.46 -1.88
CA LEU E 12 59.82 31.64 -0.64
C LEU E 12 60.49 30.28 -0.90
N LEU E 13 60.99 30.00 -2.11
CA LEU E 13 61.51 28.65 -2.43
C LEU E 13 62.51 28.70 -3.60
N LYS E 14 63.62 27.98 -3.43
CA LYS E 14 64.68 27.80 -4.47
C LYS E 14 64.11 26.93 -5.60
N GLU E 15 64.08 27.43 -6.83
CA GLU E 15 63.45 26.76 -8.01
C GLU E 15 64.35 25.65 -8.58
N GLU E 16 64.93 24.81 -7.72
CA GLU E 16 65.72 23.61 -8.12
C GLU E 16 64.75 22.57 -8.69
N HIS E 17 64.51 22.66 -10.01
CA HIS E 17 63.40 22.02 -10.74
C HIS E 17 63.97 20.91 -11.63
N VAL E 18 63.71 19.65 -11.26
CA VAL E 18 63.82 18.45 -12.14
C VAL E 18 62.44 18.18 -12.71
N PRO E 19 62.26 18.14 -14.06
CA PRO E 19 60.97 17.78 -14.65
C PRO E 19 60.48 16.41 -14.21
N GLN E 20 59.16 16.24 -14.12
CA GLN E 20 58.53 15.02 -13.53
C GLN E 20 57.91 14.17 -14.63
N ASN E 21 57.48 14.79 -15.73
CA ASN E 21 56.69 14.14 -16.80
C ASN E 21 57.15 14.70 -18.14
N LYS E 22 58.46 14.66 -18.40
CA LYS E 22 59.06 15.31 -19.59
C LYS E 22 58.99 14.40 -20.81
N ILE E 23 58.55 14.95 -21.94
CA ILE E 23 58.62 14.31 -23.27
C ILE E 23 59.55 15.14 -24.13
N THR E 24 60.41 14.46 -24.89
CA THR E 24 61.34 15.05 -25.90
C THR E 24 60.92 14.56 -27.28
N VAL E 25 60.73 15.45 -28.25
CA VAL E 25 60.52 15.04 -29.67
C VAL E 25 61.78 15.40 -30.45
N VAL E 26 62.52 14.39 -30.93
CA VAL E 26 63.75 14.55 -31.77
C VAL E 26 63.31 14.64 -33.24
N GLY E 27 63.63 15.75 -33.91
CA GLY E 27 63.22 16.06 -35.29
C GLY E 27 61.99 16.97 -35.31
N VAL E 28 62.11 18.16 -35.92
CA VAL E 28 60.99 19.15 -36.02
C VAL E 28 60.56 19.33 -37.49
N GLY E 29 60.63 18.25 -38.27
CA GLY E 29 59.89 18.08 -39.54
C GLY E 29 58.40 18.03 -39.28
N ALA E 30 57.59 17.78 -40.30
CA ALA E 30 56.12 17.81 -40.22
C ALA E 30 55.64 16.75 -39.19
N VAL E 31 56.23 15.55 -39.26
CA VAL E 31 55.85 14.39 -38.41
C VAL E 31 56.10 14.76 -36.94
N GLY E 32 57.32 15.20 -36.63
CA GLY E 32 57.79 15.54 -35.27
C GLY E 32 57.03 16.72 -34.68
N MET E 33 56.52 17.63 -35.51
CA MET E 33 55.81 18.84 -35.02
C MET E 33 54.33 18.49 -34.85
N ALA E 34 53.80 17.53 -35.62
CA ALA E 34 52.44 16.95 -35.45
C ALA E 34 52.37 16.16 -34.14
N CYS E 35 53.41 15.38 -33.83
CA CYS E 35 53.59 14.67 -32.54
C CYS E 35 53.53 15.70 -31.38
N ALA E 36 54.25 16.83 -31.51
CA ALA E 36 54.45 17.88 -30.47
C ALA E 36 53.15 18.63 -30.15
N ILE E 37 52.42 19.05 -31.19
CA ILE E 37 51.12 19.76 -31.00
C ILE E 37 50.16 18.79 -30.33
N SER E 38 50.12 17.54 -30.80
CA SER E 38 49.17 16.51 -30.34
C SER E 38 49.44 16.20 -28.86
N ILE E 39 50.71 16.22 -28.45
CA ILE E 39 51.14 15.89 -27.06
C ILE E 39 50.79 17.08 -26.14
N LEU E 40 51.01 18.30 -26.61
CA LEU E 40 50.69 19.55 -25.87
C LEU E 40 49.17 19.71 -25.71
N MET E 41 48.36 19.16 -26.62
CA MET E 41 46.90 19.39 -26.60
C MET E 41 46.21 18.26 -25.82
N LYS E 42 46.92 17.18 -25.46
CA LYS E 42 46.36 16.10 -24.62
C LYS E 42 46.88 16.20 -23.18
N ASP E 43 47.70 17.22 -22.88
CA ASP E 43 48.30 17.45 -21.53
C ASP E 43 48.99 16.16 -21.03
N LEU E 44 49.90 15.57 -21.81
CA LEU E 44 50.63 14.34 -21.42
C LEU E 44 51.95 14.70 -20.73
N ALA E 45 52.42 15.95 -20.86
CA ALA E 45 53.76 16.36 -20.40
C ALA E 45 53.67 17.64 -19.58
N ASP E 46 54.54 17.79 -18.57
CA ASP E 46 54.81 19.06 -17.84
C ASP E 46 56.02 19.80 -18.48
N GLU E 47 56.73 19.16 -19.40
CA GLU E 47 57.86 19.80 -20.12
C GLU E 47 58.01 19.15 -21.49
N LEU E 48 57.98 19.94 -22.55
CA LEU E 48 58.29 19.48 -23.92
C LEU E 48 59.66 20.02 -24.33
N ALA E 49 60.59 19.13 -24.67
CA ALA E 49 61.90 19.46 -25.30
C ALA E 49 61.87 19.04 -26.77
N LEU E 50 62.23 19.96 -27.67
CA LEU E 50 62.42 19.70 -29.13
C LEU E 50 63.92 19.69 -29.44
N VAL E 51 64.38 18.87 -30.38
CA VAL E 51 65.82 18.88 -30.77
C VAL E 51 65.96 18.51 -32.26
N ASP E 52 66.81 19.25 -32.94
CA ASP E 52 67.08 19.14 -34.40
C ASP E 52 68.37 19.90 -34.72
N VAL E 53 68.98 19.62 -35.87
CA VAL E 53 70.31 20.19 -36.24
C VAL E 53 70.09 21.59 -36.85
N MET E 54 69.00 21.77 -37.59
CA MET E 54 68.59 23.07 -38.17
C MET E 54 68.17 24.00 -37.02
N GLU E 55 69.09 24.85 -36.52
CA GLU E 55 68.88 25.68 -35.30
C GLU E 55 67.70 26.65 -35.47
N ASP E 56 67.58 27.33 -36.62
CA ASP E 56 66.60 28.43 -36.85
C ASP E 56 65.15 27.88 -36.81
N LYS E 57 64.88 26.87 -37.66
CA LYS E 57 63.63 26.08 -37.74
C LYS E 57 63.22 25.61 -36.34
N LEU E 58 64.18 25.06 -35.59
CA LEU E 58 63.99 24.54 -34.22
C LEU E 58 63.49 25.67 -33.31
N LYS E 59 64.17 26.82 -33.36
CA LYS E 59 63.89 27.98 -32.49
C LYS E 59 62.48 28.55 -32.74
N GLY E 60 62.08 28.62 -34.01
CA GLY E 60 60.79 29.18 -34.43
C GLY E 60 59.65 28.22 -34.14
N GLU E 61 59.91 26.92 -34.18
CA GLU E 61 58.91 25.93 -33.74
C GLU E 61 58.72 26.06 -32.22
N MET E 62 59.79 26.34 -31.47
CA MET E 62 59.70 26.51 -30.00
C MET E 62 58.95 27.79 -29.64
N MET E 63 59.27 28.92 -30.30
CA MET E 63 58.67 30.25 -30.02
C MET E 63 57.19 30.27 -30.40
N ASP E 64 56.82 29.58 -31.46
CA ASP E 64 55.43 29.54 -31.97
C ASP E 64 54.58 28.79 -30.94
N LEU E 65 55.10 27.68 -30.41
CA LEU E 65 54.42 26.86 -29.36
C LEU E 65 54.38 27.69 -28.07
N GLN E 66 55.52 28.25 -27.64
CA GLN E 66 55.62 29.13 -26.45
C GLN E 66 54.53 30.23 -26.50
N HIS E 67 54.18 30.75 -27.67
CA HIS E 67 53.21 31.85 -27.84
C HIS E 67 51.79 31.35 -27.55
N GLY E 68 51.58 30.04 -27.60
CA GLY E 68 50.27 29.41 -27.28
C GLY E 68 50.08 29.05 -25.80
N SER E 69 51.07 29.31 -24.93
CA SER E 69 51.12 28.88 -23.49
C SER E 69 49.78 29.12 -22.80
N LEU E 70 49.17 30.26 -23.09
CA LEU E 70 47.89 30.69 -22.46
C LEU E 70 46.86 29.59 -22.63
N PHE E 71 46.84 28.97 -23.82
CA PHE E 71 45.81 27.98 -24.24
C PHE E 71 46.26 26.53 -23.97
N LEU E 72 47.37 26.31 -23.26
CA LEU E 72 47.93 24.94 -23.04
C LEU E 72 48.11 24.70 -21.53
N ARG E 73 48.33 23.46 -21.13
CA ARG E 73 48.62 23.07 -19.73
C ARG E 73 49.99 22.38 -19.67
N THR E 74 50.92 22.71 -20.58
CA THR E 74 52.34 22.30 -20.55
C THR E 74 53.19 23.55 -20.36
N PRO E 75 53.69 23.84 -19.15
CA PRO E 75 54.27 25.16 -18.85
C PRO E 75 55.72 25.47 -19.27
N LYS E 76 56.50 24.48 -19.67
CA LYS E 76 57.92 24.68 -20.03
C LYS E 76 58.11 24.02 -21.39
N ILE E 77 58.32 24.81 -22.45
CA ILE E 77 58.71 24.31 -23.80
C ILE E 77 60.12 24.79 -24.08
N VAL E 78 61.05 23.88 -24.42
CA VAL E 78 62.51 24.16 -24.57
C VAL E 78 63.05 23.54 -25.88
N SER E 79 64.15 24.06 -26.41
CA SER E 79 64.82 23.52 -27.63
C SER E 79 66.32 23.82 -27.62
N GLY E 80 67.09 22.99 -28.35
CA GLY E 80 68.54 23.13 -28.56
C GLY E 80 69.06 22.18 -29.63
N LYS E 81 70.17 22.52 -30.29
CA LYS E 81 71.02 21.53 -31.01
C LYS E 81 71.50 20.51 -29.97
N ASP E 82 71.82 20.97 -28.74
CA ASP E 82 72.48 20.21 -27.65
C ASP E 82 71.45 19.38 -26.87
N TYR E 83 71.74 18.11 -26.61
CA TYR E 83 70.82 17.12 -26.01
C TYR E 83 70.75 17.27 -24.48
N SER E 84 71.48 18.23 -23.91
CA SER E 84 71.32 18.60 -22.47
C SER E 84 69.88 19.06 -22.18
N VAL E 85 69.19 19.70 -23.13
CA VAL E 85 67.77 20.15 -22.98
C VAL E 85 66.80 18.96 -22.93
N THR E 86 67.22 17.75 -23.32
CA THR E 86 66.36 16.55 -23.33
C THR E 86 66.49 15.80 -22.00
N ALA E 87 67.28 16.34 -21.07
CA ALA E 87 67.66 15.68 -19.80
C ALA E 87 66.39 15.28 -19.04
N ASN E 88 66.42 14.11 -18.42
CA ASN E 88 65.33 13.55 -17.58
C ASN E 88 64.02 13.47 -18.38
N SER E 89 64.05 13.11 -19.67
CA SER E 89 62.82 12.75 -20.42
C SER E 89 62.34 11.40 -19.90
N LYS E 90 61.02 11.19 -19.84
CA LYS E 90 60.41 9.86 -19.59
C LYS E 90 60.15 9.16 -20.92
N LEU E 91 60.03 9.93 -22.01
CA LEU E 91 59.68 9.41 -23.35
C LEU E 91 60.38 10.27 -24.39
N VAL E 92 61.33 9.70 -25.11
CA VAL E 92 62.06 10.42 -26.19
C VAL E 92 61.58 9.82 -27.51
N ILE E 93 61.03 10.68 -28.37
CA ILE E 93 60.32 10.32 -29.63
C ILE E 93 61.21 10.73 -30.80
N ILE E 94 61.69 9.73 -31.56
CA ILE E 94 62.66 9.86 -32.67
C ILE E 94 61.88 9.90 -33.99
N THR E 95 61.90 11.04 -34.68
CA THR E 95 61.31 11.21 -36.02
C THR E 95 62.39 11.56 -37.04
N ALA E 96 63.62 11.85 -36.60
CA ALA E 96 64.76 12.27 -37.46
C ALA E 96 65.19 11.11 -38.35
N GLY E 97 65.65 11.40 -39.57
CA GLY E 97 66.05 10.37 -40.57
C GLY E 97 66.72 11.00 -41.78
N ALA E 98 66.68 10.33 -42.94
CA ALA E 98 67.43 10.67 -44.16
C ALA E 98 66.52 11.37 -45.19
N VAL E 110 69.81 3.68 -45.46
CA VAL E 110 69.58 2.80 -44.26
C VAL E 110 70.78 2.87 -43.32
N GLN E 111 71.99 2.59 -43.81
CA GLN E 111 73.25 2.65 -43.01
C GLN E 111 73.57 4.13 -42.79
N ARG E 112 73.09 5.03 -43.66
CA ARG E 112 73.23 6.50 -43.47
C ARG E 112 72.33 6.95 -42.30
N ASN E 113 71.16 6.32 -42.15
CA ASN E 113 70.23 6.52 -40.99
C ASN E 113 70.93 6.02 -39.72
N VAL E 114 71.70 4.93 -39.81
CA VAL E 114 72.44 4.35 -38.64
C VAL E 114 73.53 5.35 -38.22
N ASN E 115 74.16 6.02 -39.18
CA ASN E 115 75.24 7.00 -38.93
C ASN E 115 74.64 8.21 -38.19
N ILE E 116 73.40 8.61 -38.54
CA ILE E 116 72.65 9.69 -37.83
C ILE E 116 72.31 9.23 -36.40
N PHE E 117 71.81 7.99 -36.26
CA PHE E 117 71.34 7.35 -35.00
C PHE E 117 72.52 7.12 -34.05
N LYS E 118 73.72 6.91 -34.62
CA LYS E 118 74.99 6.79 -33.85
C LYS E 118 75.25 8.11 -33.13
N PHE E 119 74.84 9.23 -33.71
CA PHE E 119 74.93 10.55 -33.06
C PHE E 119 73.79 10.71 -32.05
N ILE E 120 72.54 10.52 -32.49
CA ILE E 120 71.32 10.91 -31.71
C ILE E 120 71.22 10.07 -30.42
N ILE E 121 71.31 8.74 -30.53
CA ILE E 121 70.89 7.79 -29.45
C ILE E 121 71.81 7.86 -28.24
N PRO E 122 73.14 7.82 -28.37
CA PRO E 122 74.01 7.98 -27.18
C PRO E 122 73.81 9.30 -26.45
N ASN E 123 73.36 10.36 -27.14
CA ASN E 123 73.10 11.70 -26.55
C ASN E 123 71.79 11.64 -25.73
N VAL E 124 70.79 10.91 -26.24
CA VAL E 124 69.48 10.63 -25.57
C VAL E 124 69.73 9.84 -24.29
N VAL E 125 70.41 8.70 -24.42
CA VAL E 125 70.76 7.71 -23.35
C VAL E 125 71.65 8.40 -22.30
N LYS E 126 72.42 9.40 -22.69
CA LYS E 126 73.38 10.10 -21.80
C LYS E 126 72.61 10.93 -20.76
N TYR E 127 71.64 11.73 -21.23
CA TYR E 127 70.94 12.76 -20.42
C TYR E 127 69.63 12.23 -19.82
N SER E 128 69.05 11.17 -20.40
CA SER E 128 67.82 10.49 -19.89
C SER E 128 67.99 8.97 -19.97
N PRO E 129 68.80 8.36 -19.07
CA PRO E 129 69.11 6.93 -19.17
C PRO E 129 67.98 5.95 -18.78
N HIS E 130 66.88 6.41 -18.17
CA HIS E 130 65.71 5.54 -17.82
C HIS E 130 64.52 5.83 -18.75
N CYS E 131 64.70 6.60 -19.83
CA CYS E 131 63.59 6.98 -20.74
C CYS E 131 63.14 5.77 -21.55
N LYS E 132 61.93 5.85 -22.10
CA LYS E 132 61.43 4.98 -23.20
C LYS E 132 61.74 5.64 -24.54
N LEU E 133 62.16 4.87 -25.54
CA LEU E 133 62.39 5.34 -26.93
C LEU E 133 61.21 4.93 -27.79
N LEU E 134 60.53 5.90 -28.39
CA LEU E 134 59.56 5.70 -29.50
C LEU E 134 60.26 6.10 -30.80
N VAL E 135 60.54 5.14 -31.66
CA VAL E 135 61.14 5.41 -32.99
C VAL E 135 60.00 5.48 -33.98
N VAL E 136 59.85 6.61 -34.67
CA VAL E 136 58.82 6.80 -35.74
C VAL E 136 59.51 6.76 -37.11
N SER E 137 60.74 7.27 -37.21
CA SER E 137 61.54 7.36 -38.46
C SER E 137 61.49 6.05 -39.23
N ASN E 138 61.19 6.10 -40.54
CA ASN E 138 61.12 4.91 -41.44
C ASN E 138 62.48 4.65 -42.10
N PRO E 139 62.81 3.37 -42.46
CA PRO E 139 61.93 2.21 -42.22
C PRO E 139 61.91 1.68 -40.78
N VAL E 140 60.74 1.77 -40.12
CA VAL E 140 60.62 1.86 -38.63
C VAL E 140 61.10 0.56 -37.96
N ASP E 141 60.77 -0.59 -38.54
CA ASP E 141 60.98 -1.91 -37.87
C ASP E 141 62.49 -2.13 -37.67
N ILE E 142 63.37 -1.62 -38.55
CA ILE E 142 64.85 -1.84 -38.43
C ILE E 142 65.44 -0.67 -37.64
N LEU E 143 65.06 0.56 -37.95
CA LEU E 143 65.58 1.76 -37.23
C LEU E 143 65.29 1.61 -35.73
N THR E 144 64.28 0.83 -35.34
CA THR E 144 63.99 0.52 -33.92
C THR E 144 65.07 -0.39 -33.35
N TYR E 145 65.49 -1.40 -34.12
CA TYR E 145 66.61 -2.32 -33.79
C TYR E 145 67.90 -1.50 -33.62
N VAL E 146 68.19 -0.63 -34.58
CA VAL E 146 69.40 0.25 -34.57
C VAL E 146 69.42 1.06 -33.25
N ALA E 147 68.28 1.65 -32.88
CA ALA E 147 68.06 2.40 -31.62
C ALA E 147 68.26 1.45 -30.42
N TRP E 148 67.78 0.21 -30.50
CA TRP E 148 67.94 -0.82 -29.45
C TRP E 148 69.42 -1.19 -29.24
N LYS E 149 70.13 -1.48 -30.34
CA LYS E 149 71.53 -1.99 -30.31
C LYS E 149 72.46 -0.89 -29.79
N ILE E 150 72.28 0.36 -30.23
CA ILE E 150 73.16 1.51 -29.91
C ILE E 150 72.92 1.96 -28.45
N SER E 151 71.69 1.81 -27.95
CA SER E 151 71.25 2.36 -26.63
C SER E 151 71.84 1.54 -25.48
N GLY E 152 71.75 0.21 -25.61
CA GLY E 152 72.02 -0.76 -24.53
C GLY E 152 70.75 -1.10 -23.76
N PHE E 153 69.62 -0.50 -24.15
CA PHE E 153 68.34 -0.52 -23.41
C PHE E 153 67.77 -1.93 -23.49
N PRO E 154 67.17 -2.46 -22.38
CA PRO E 154 66.41 -3.70 -22.47
C PRO E 154 65.21 -3.46 -23.39
N LYS E 155 64.78 -4.50 -24.11
CA LYS E 155 63.78 -4.45 -25.22
C LYS E 155 62.47 -3.77 -24.81
N ASN E 156 62.08 -3.80 -23.53
CA ASN E 156 60.79 -3.22 -23.07
C ASN E 156 60.81 -1.69 -23.23
N ARG E 157 61.99 -1.06 -23.10
CA ARG E 157 62.14 0.42 -23.13
C ARG E 157 62.42 0.95 -24.55
N VAL E 158 62.29 0.16 -25.61
CA VAL E 158 62.52 0.63 -27.01
C VAL E 158 61.37 0.12 -27.89
N ILE E 159 60.61 1.05 -28.47
CA ILE E 159 59.33 0.77 -29.19
C ILE E 159 59.39 1.40 -30.58
N GLY E 160 58.78 0.77 -31.57
CA GLY E 160 58.58 1.37 -32.90
C GLY E 160 57.11 1.64 -33.18
N SER E 161 56.76 2.84 -33.60
CA SER E 161 55.37 3.21 -33.95
C SER E 161 54.74 2.05 -34.72
N GLY E 162 55.51 1.42 -35.60
CA GLY E 162 55.12 0.23 -36.38
C GLY E 162 53.77 0.37 -37.07
N CYS E 163 52.88 -0.61 -36.84
CA CYS E 163 51.59 -0.77 -37.55
C CYS E 163 50.44 -0.08 -36.79
N ASN E 164 50.78 0.82 -35.86
CA ASN E 164 49.80 1.58 -35.06
C ASN E 164 48.93 2.44 -36.01
N LEU E 165 49.55 3.24 -36.87
CA LEU E 165 48.76 4.11 -37.79
C LEU E 165 48.09 3.25 -38.85
N ASP E 166 48.79 2.21 -39.33
CA ASP E 166 48.22 1.22 -40.27
C ASP E 166 46.89 0.74 -39.69
N SER E 167 46.92 0.25 -38.44
CA SER E 167 45.75 -0.29 -37.71
C SER E 167 44.68 0.78 -37.61
N ALA E 168 45.06 1.99 -37.19
CA ALA E 168 44.15 3.15 -37.01
C ALA E 168 43.58 3.59 -38.37
N ARG E 169 44.33 3.41 -39.47
CA ARG E 169 43.85 3.70 -40.84
C ARG E 169 42.87 2.60 -41.31
N PHE E 170 43.14 1.34 -40.94
CA PHE E 170 42.35 0.15 -41.33
C PHE E 170 40.94 0.24 -40.71
N ARG E 171 40.89 0.54 -39.41
CA ARG E 171 39.63 0.71 -38.65
C ARG E 171 38.84 1.90 -39.23
N TYR E 172 39.51 2.97 -39.66
CA TYR E 172 38.83 4.15 -40.25
C TYR E 172 38.06 3.70 -41.49
N LEU E 173 38.73 2.97 -42.38
CA LEU E 173 38.16 2.50 -43.66
C LEU E 173 37.08 1.43 -43.39
N MET E 174 37.24 0.67 -42.31
CA MET E 174 36.22 -0.30 -41.84
C MET E 174 34.95 0.49 -41.50
N GLY E 175 35.11 1.58 -40.75
CA GLY E 175 34.02 2.48 -40.36
C GLY E 175 33.28 3.02 -41.57
N GLU E 176 34.00 3.58 -42.53
CA GLU E 176 33.39 4.22 -43.73
C GLU E 176 32.52 3.18 -44.46
N ARG E 177 32.96 1.92 -44.52
CA ARG E 177 32.25 0.82 -45.23
C ARG E 177 31.02 0.32 -44.48
N LEU E 178 31.08 0.20 -43.14
CA LEU E 178 30.00 -0.42 -42.34
C LEU E 178 29.07 0.66 -41.74
N GLY E 179 29.47 1.94 -41.82
CA GLY E 179 28.68 3.09 -41.32
C GLY E 179 28.70 3.23 -39.80
N VAL E 180 29.77 2.76 -39.14
CA VAL E 180 30.00 3.01 -37.69
C VAL E 180 31.34 3.74 -37.55
N HIS E 181 31.67 4.19 -36.34
CA HIS E 181 32.92 4.92 -36.00
C HIS E 181 34.03 3.90 -35.77
N ALA E 182 35.26 4.28 -36.13
CA ALA E 182 36.47 3.43 -36.08
C ALA E 182 36.66 2.85 -34.69
N LEU E 183 36.16 3.54 -33.66
CA LEU E 183 36.36 3.15 -32.24
C LEU E 183 35.63 1.84 -31.95
N SER E 184 34.58 1.56 -32.73
CA SER E 184 33.71 0.37 -32.63
C SER E 184 33.95 -0.61 -33.79
N CYS E 185 34.81 -0.27 -34.75
CA CYS E 185 35.34 -1.21 -35.78
C CYS E 185 36.74 -1.68 -35.36
N HIS E 186 36.88 -2.98 -35.07
CA HIS E 186 38.12 -3.60 -34.52
C HIS E 186 38.82 -4.35 -35.65
N GLY E 187 40.16 -4.31 -35.69
CA GLY E 187 40.98 -4.85 -36.78
C GLY E 187 42.45 -4.59 -36.56
N TRP E 188 43.29 -5.57 -36.87
CA TRP E 188 44.73 -5.56 -36.53
C TRP E 188 45.57 -5.87 -37.76
N ILE E 189 46.51 -4.98 -38.07
CA ILE E 189 47.59 -5.17 -39.08
C ILE E 189 48.90 -5.31 -38.30
N LEU E 190 49.57 -6.46 -38.41
CA LEU E 190 50.80 -6.79 -37.66
C LEU E 190 51.98 -6.92 -38.62
N GLY E 191 53.11 -7.38 -38.09
CA GLY E 191 54.33 -7.66 -38.87
C GLY E 191 55.03 -6.38 -39.27
N GLU E 192 55.49 -6.32 -40.51
CA GLU E 192 56.37 -5.26 -41.04
C GLU E 192 55.49 -4.09 -41.47
N HIS E 193 55.82 -2.87 -41.06
CA HIS E 193 55.14 -1.63 -41.54
C HIS E 193 55.47 -1.44 -43.02
N GLY E 194 54.48 -1.65 -43.90
CA GLY E 194 54.59 -1.40 -45.35
C GLY E 194 53.86 -2.47 -46.15
N ASP E 195 54.29 -2.68 -47.39
CA ASP E 195 53.63 -3.60 -48.37
C ASP E 195 53.48 -5.02 -47.80
N SER E 196 54.41 -5.46 -46.95
CA SER E 196 54.48 -6.84 -46.41
C SER E 196 53.63 -7.03 -45.14
N SER E 197 53.10 -5.95 -44.53
CA SER E 197 52.17 -5.97 -43.36
C SER E 197 51.04 -6.99 -43.59
N VAL E 198 50.63 -7.70 -42.53
CA VAL E 198 49.63 -8.80 -42.63
C VAL E 198 48.36 -8.42 -41.88
N PRO E 199 47.22 -8.22 -42.57
CA PRO E 199 45.96 -7.93 -41.91
C PRO E 199 45.35 -9.23 -41.40
N VAL E 200 45.16 -9.36 -40.09
CA VAL E 200 44.55 -10.55 -39.43
C VAL E 200 43.03 -10.42 -39.55
N TRP E 201 42.43 -11.18 -40.49
CA TRP E 201 40.99 -11.19 -40.87
C TRP E 201 40.16 -11.95 -39.83
N SER E 202 40.77 -12.96 -39.18
CA SER E 202 40.20 -13.72 -38.05
C SER E 202 39.77 -12.76 -36.92
N GLY E 203 40.47 -11.63 -36.80
CA GLY E 203 40.35 -10.68 -35.67
C GLY E 203 39.35 -9.58 -35.93
N MET E 204 39.05 -9.31 -37.20
CA MET E 204 38.16 -8.19 -37.60
C MET E 204 36.76 -8.44 -37.03
N ASN E 205 36.14 -7.43 -36.44
CA ASN E 205 34.78 -7.56 -35.86
C ASN E 205 34.19 -6.18 -35.55
N VAL E 206 32.86 -6.14 -35.44
CA VAL E 206 32.08 -5.12 -34.68
C VAL E 206 31.31 -5.85 -33.57
N ALA E 207 31.48 -5.46 -32.31
CA ALA E 207 30.70 -5.94 -31.15
C ALA E 207 30.94 -7.45 -30.89
N GLY E 208 32.14 -7.96 -31.20
CA GLY E 208 32.54 -9.36 -30.99
C GLY E 208 31.90 -10.28 -32.01
N VAL E 209 31.55 -9.75 -33.19
CA VAL E 209 30.93 -10.50 -34.32
C VAL E 209 31.95 -10.62 -35.45
N SER E 210 32.63 -11.78 -35.53
CA SER E 210 33.68 -12.09 -36.53
C SER E 210 33.14 -11.86 -37.94
N LEU E 211 33.54 -10.75 -38.57
CA LEU E 211 33.19 -10.42 -39.97
C LEU E 211 33.72 -11.54 -40.86
N LYS E 212 34.73 -12.28 -40.39
CA LYS E 212 35.28 -13.46 -41.10
C LYS E 212 34.20 -14.55 -41.18
N THR E 213 33.52 -14.90 -40.09
CA THR E 213 32.57 -16.04 -40.09
C THR E 213 31.32 -15.63 -40.88
N LEU E 214 30.75 -14.44 -40.64
CA LEU E 214 29.60 -13.91 -41.43
C LEU E 214 29.93 -13.96 -42.94
N HIS E 215 31.03 -13.35 -43.37
CA HIS E 215 31.46 -13.29 -44.79
C HIS E 215 32.76 -14.08 -44.95
N PRO E 216 32.69 -15.43 -45.13
CA PRO E 216 33.88 -16.29 -45.10
C PRO E 216 34.91 -16.07 -46.21
N GLU E 217 34.48 -15.53 -47.36
CA GLU E 217 35.38 -15.23 -48.51
C GLU E 217 36.09 -13.89 -48.24
N LEU E 218 36.00 -13.34 -47.03
CA LEU E 218 36.65 -12.05 -46.65
C LEU E 218 38.17 -12.23 -46.61
N GLY E 219 38.91 -11.43 -47.37
CA GLY E 219 40.38 -11.47 -47.44
C GLY E 219 40.88 -12.44 -48.49
N THR E 220 40.05 -12.75 -49.50
CA THR E 220 40.41 -13.58 -50.67
C THR E 220 40.18 -12.76 -51.94
N ASP E 221 40.76 -13.17 -53.06
CA ASP E 221 40.62 -12.48 -54.37
C ASP E 221 39.22 -12.72 -54.93
N ALA E 222 38.47 -13.71 -54.42
CA ALA E 222 37.11 -14.09 -54.88
C ALA E 222 36.04 -13.11 -54.34
N ASP E 223 36.33 -12.41 -53.25
CA ASP E 223 35.37 -11.58 -52.45
C ASP E 223 34.65 -10.55 -53.31
N LYS E 224 33.32 -10.53 -53.24
CA LYS E 224 32.44 -9.52 -53.88
C LYS E 224 32.85 -8.11 -53.45
N GLU E 225 33.27 -7.95 -52.19
CA GLU E 225 33.37 -6.63 -51.49
C GLU E 225 34.81 -6.13 -51.39
N GLN E 226 35.78 -6.77 -52.04
CA GLN E 226 37.13 -6.19 -52.32
C GLN E 226 37.94 -5.97 -51.03
N TRP E 227 37.58 -6.61 -49.92
CA TRP E 227 38.16 -6.31 -48.57
C TRP E 227 39.68 -6.41 -48.57
N LYS E 228 40.25 -7.32 -49.37
CA LYS E 228 41.73 -7.48 -49.47
C LYS E 228 42.36 -6.18 -49.96
N GLN E 229 41.63 -5.41 -50.79
CA GLN E 229 42.08 -4.12 -51.37
C GLN E 229 42.00 -3.02 -50.31
N VAL E 230 41.18 -3.21 -49.26
CA VAL E 230 41.12 -2.30 -48.07
C VAL E 230 42.50 -2.37 -47.37
N HIS E 231 43.11 -3.56 -47.28
CA HIS E 231 44.51 -3.68 -46.81
C HIS E 231 45.44 -2.89 -47.72
N LYS E 232 45.37 -3.10 -49.04
CA LYS E 232 46.27 -2.40 -50.01
C LYS E 232 46.04 -0.88 -49.89
N GLN E 233 44.78 -0.49 -49.70
CA GLN E 233 44.37 0.92 -49.45
C GLN E 233 45.18 1.48 -48.27
N VAL E 234 45.28 0.71 -47.18
CA VAL E 234 46.03 1.09 -45.94
C VAL E 234 47.50 1.33 -46.26
N VAL E 235 48.16 0.36 -46.91
CA VAL E 235 49.63 0.41 -47.18
C VAL E 235 49.92 1.50 -48.22
N ASP E 236 48.95 1.79 -49.10
CA ASP E 236 49.04 2.83 -50.17
C ASP E 236 48.62 4.22 -49.65
N SER E 237 48.08 4.30 -48.44
CA SER E 237 47.46 5.51 -47.86
C SER E 237 48.47 6.66 -47.81
N ALA E 238 49.65 6.43 -47.23
CA ALA E 238 50.72 7.43 -47.06
C ALA E 238 51.23 7.90 -48.43
N TYR E 239 51.41 6.97 -49.38
CA TYR E 239 51.76 7.27 -50.80
C TYR E 239 50.71 8.22 -51.38
N GLU E 240 49.43 7.85 -51.24
CA GLU E 240 48.27 8.59 -51.81
C GLU E 240 48.16 9.99 -51.19
N VAL E 241 48.54 10.16 -49.92
CA VAL E 241 48.51 11.47 -49.21
C VAL E 241 49.74 12.28 -49.67
N ILE E 242 50.93 11.67 -49.61
CA ILE E 242 52.23 12.30 -50.03
C ILE E 242 52.07 12.87 -51.45
N LYS E 243 51.44 12.12 -52.35
CA LYS E 243 51.14 12.54 -53.75
C LYS E 243 50.39 13.87 -53.72
N LEU E 244 49.47 14.06 -52.77
CA LEU E 244 48.46 15.16 -52.78
C LEU E 244 48.95 16.39 -52.00
N LYS E 245 49.64 16.21 -50.86
CA LYS E 245 50.09 17.36 -50.01
C LYS E 245 51.61 17.37 -49.83
N GLY E 246 52.32 16.29 -50.19
CA GLY E 246 53.80 16.26 -50.17
C GLY E 246 54.39 15.54 -48.95
N TYR E 247 53.61 15.32 -47.89
CA TYR E 247 54.02 14.55 -46.68
C TYR E 247 52.76 14.02 -45.98
N THR E 248 52.97 13.42 -44.81
CA THR E 248 51.94 12.93 -43.89
C THR E 248 52.27 13.57 -42.54
N SER E 249 51.28 14.04 -41.78
CA SER E 249 51.67 14.65 -40.48
C SER E 249 50.64 14.42 -39.38
N TRP E 250 49.38 14.72 -39.66
CA TRP E 250 48.28 14.74 -38.65
C TRP E 250 47.98 13.37 -38.05
N ALA E 251 47.70 12.40 -38.88
CA ALA E 251 47.34 11.03 -38.47
C ALA E 251 48.50 10.41 -37.69
N ILE E 252 49.75 10.54 -38.17
CA ILE E 252 50.93 9.98 -37.43
C ILE E 252 51.06 10.76 -36.11
N GLY E 253 50.87 12.08 -36.14
CA GLY E 253 50.91 12.93 -34.94
C GLY E 253 49.97 12.45 -33.84
N LEU E 254 48.75 12.01 -34.19
CA LEU E 254 47.70 11.59 -33.23
C LEU E 254 48.00 10.18 -32.73
N SER E 255 48.44 9.28 -33.61
CA SER E 255 48.70 7.85 -33.26
C SER E 255 49.84 7.78 -32.24
N VAL E 256 50.80 8.72 -32.30
CA VAL E 256 52.00 8.78 -31.41
C VAL E 256 51.62 9.44 -30.08
N ALA E 257 50.80 10.49 -30.10
CA ALA E 257 50.15 11.06 -28.89
C ALA E 257 49.39 9.93 -28.16
N ASP E 258 48.77 9.00 -28.90
CA ASP E 258 48.03 7.84 -28.33
C ASP E 258 49.01 6.92 -27.61
N LEU E 259 50.14 6.60 -28.25
CA LEU E 259 51.11 5.67 -27.65
C LEU E 259 51.74 6.37 -26.43
N ALA E 260 51.96 7.68 -26.55
CA ALA E 260 52.54 8.54 -25.50
C ALA E 260 51.60 8.59 -24.29
N GLU E 261 50.29 8.55 -24.50
CA GLU E 261 49.28 8.64 -23.41
C GLU E 261 49.37 7.36 -22.57
N SER E 262 49.36 6.20 -23.23
CA SER E 262 49.46 4.87 -22.58
C SER E 262 50.74 4.81 -21.76
N ILE E 263 51.83 5.40 -22.25
CA ILE E 263 53.13 5.31 -21.55
C ILE E 263 53.12 6.25 -20.34
N MET E 264 52.69 7.49 -20.55
CA MET E 264 52.81 8.55 -19.53
C MET E 264 51.78 8.35 -18.40
N LYS E 265 50.66 7.67 -18.68
CA LYS E 265 49.59 7.40 -17.68
C LYS E 265 49.53 5.91 -17.35
N ASN E 266 50.49 5.12 -17.84
CA ASN E 266 50.58 3.66 -17.56
C ASN E 266 49.22 2.99 -17.73
N LEU E 267 48.56 3.17 -18.87
CA LEU E 267 47.20 2.62 -19.09
C LEU E 267 47.21 1.10 -19.29
N ARG E 268 48.29 0.53 -19.83
CA ARG E 268 48.39 -0.90 -20.21
C ARG E 268 47.26 -1.23 -21.19
N ARG E 269 47.00 -0.36 -22.18
CA ARG E 269 46.20 -0.70 -23.38
C ARG E 269 47.08 -1.50 -24.34
N VAL E 270 46.45 -2.26 -25.22
CA VAL E 270 47.13 -3.14 -26.23
C VAL E 270 47.19 -2.35 -27.53
N HIS E 271 48.38 -1.96 -27.97
CA HIS E 271 48.62 -1.26 -29.26
C HIS E 271 49.32 -2.20 -30.24
N PRO E 272 49.14 -2.04 -31.58
CA PRO E 272 49.91 -2.79 -32.56
C PRO E 272 51.20 -2.04 -32.91
N ILE E 273 52.26 -2.27 -32.13
CA ILE E 273 53.55 -1.52 -32.16
C ILE E 273 54.73 -2.52 -32.23
N SER E 274 55.88 -2.08 -32.75
CA SER E 274 56.99 -2.98 -33.11
C SER E 274 57.94 -3.15 -31.91
N THR E 275 58.04 -4.39 -31.46
CA THR E 275 58.87 -4.86 -30.31
C THR E 275 59.86 -5.90 -30.83
N MET E 276 60.98 -6.09 -30.11
CA MET E 276 61.96 -7.19 -30.33
C MET E 276 61.25 -8.54 -30.08
N LEU E 277 60.88 -9.25 -31.15
CA LEU E 277 59.94 -10.42 -31.12
C LEU E 277 60.64 -11.77 -30.92
N LYS E 278 61.95 -11.84 -30.76
CA LYS E 278 62.71 -13.13 -30.72
C LYS E 278 62.27 -13.96 -29.51
N GLY E 279 61.88 -15.21 -29.76
CA GLY E 279 61.34 -16.17 -28.77
C GLY E 279 59.85 -16.37 -28.96
N LEU E 280 59.27 -15.79 -30.01
CA LEU E 280 57.81 -15.69 -30.19
C LEU E 280 57.48 -15.61 -31.69
N TYR E 281 56.27 -16.04 -32.04
CA TYR E 281 55.72 -16.11 -33.42
C TYR E 281 56.69 -16.91 -34.30
N GLY E 282 57.37 -17.90 -33.70
CA GLY E 282 58.37 -18.77 -34.34
C GLY E 282 59.45 -17.98 -35.05
N ILE E 283 60.02 -16.97 -34.38
CA ILE E 283 61.10 -16.08 -34.92
C ILE E 283 62.32 -16.18 -33.99
N LYS E 284 63.53 -16.25 -34.55
CA LYS E 284 64.75 -16.69 -33.82
C LYS E 284 65.95 -15.75 -34.04
N GLU E 285 65.77 -14.61 -34.72
CA GLU E 285 66.82 -13.56 -34.86
C GLU E 285 66.27 -12.24 -34.30
N ASP E 286 67.14 -11.47 -33.62
CA ASP E 286 66.89 -10.15 -32.98
C ASP E 286 66.22 -9.17 -33.96
N VAL E 287 64.92 -9.31 -34.20
CA VAL E 287 64.13 -8.48 -35.17
C VAL E 287 62.98 -7.77 -34.44
N PHE E 288 62.53 -6.62 -34.98
CA PHE E 288 61.35 -5.85 -34.47
C PHE E 288 60.21 -5.90 -35.49
N LEU E 289 59.10 -6.55 -35.13
CA LEU E 289 57.83 -6.52 -35.89
C LEU E 289 56.69 -6.03 -34.97
N SER E 290 55.59 -5.57 -35.57
CA SER E 290 54.35 -5.15 -34.88
C SER E 290 53.52 -6.37 -34.46
N VAL E 291 53.22 -6.47 -33.16
CA VAL E 291 52.21 -7.39 -32.57
C VAL E 291 51.44 -6.65 -31.49
N PRO E 292 50.22 -7.11 -31.08
CA PRO E 292 49.51 -6.50 -29.96
C PRO E 292 50.35 -6.57 -28.68
N CYS E 293 50.83 -5.41 -28.22
CA CYS E 293 51.64 -5.24 -27.01
C CYS E 293 50.89 -4.43 -25.95
N VAL E 294 50.99 -4.86 -24.70
CA VAL E 294 50.50 -4.09 -23.52
C VAL E 294 51.51 -2.97 -23.28
N LEU E 295 51.05 -1.71 -23.33
CA LEU E 295 51.90 -0.48 -23.30
C LEU E 295 51.56 0.35 -22.05
N GLY E 296 52.59 0.64 -21.24
CA GLY E 296 52.49 1.25 -19.90
C GLY E 296 53.75 2.03 -19.57
N GLN E 297 54.01 2.27 -18.28
CA GLN E 297 55.08 3.20 -17.82
C GLN E 297 56.48 2.57 -18.01
N ASN E 298 56.59 1.24 -18.09
CA ASN E 298 57.89 0.54 -18.30
C ASN E 298 57.98 0.07 -19.75
N GLY E 299 57.33 0.78 -20.66
CA GLY E 299 57.22 0.41 -22.08
C GLY E 299 56.39 -0.85 -22.26
N ILE E 300 56.88 -1.75 -23.11
CA ILE E 300 56.20 -3.00 -23.55
C ILE E 300 56.49 -4.09 -22.52
N SER E 301 55.50 -4.51 -21.74
CA SER E 301 55.70 -5.44 -20.58
C SER E 301 55.16 -6.84 -20.91
N ASP E 302 54.24 -6.94 -21.87
CA ASP E 302 53.62 -8.21 -22.30
C ASP E 302 53.28 -8.12 -23.78
N VAL E 303 53.02 -9.26 -24.42
CA VAL E 303 52.56 -9.33 -25.84
C VAL E 303 51.34 -10.24 -25.89
N VAL E 304 50.40 -9.94 -26.79
CA VAL E 304 49.25 -10.84 -27.07
C VAL E 304 49.70 -11.84 -28.11
N LYS E 305 49.40 -13.12 -27.88
CA LYS E 305 49.71 -14.22 -28.84
C LYS E 305 48.48 -14.40 -29.72
N VAL E 306 48.46 -13.73 -30.86
CA VAL E 306 47.39 -13.94 -31.86
C VAL E 306 47.59 -15.35 -32.43
N THR E 307 46.52 -16.12 -32.57
CA THR E 307 46.46 -17.34 -33.41
C THR E 307 46.49 -16.90 -34.88
N LEU E 308 47.53 -17.25 -35.61
CA LEU E 308 47.71 -16.90 -37.05
C LEU E 308 47.64 -18.18 -37.89
N THR E 309 47.01 -18.12 -39.06
CA THR E 309 47.00 -19.24 -40.05
C THR E 309 48.45 -19.53 -40.44
N SER E 310 48.72 -20.73 -40.97
CA SER E 310 50.08 -21.13 -41.42
C SER E 310 50.61 -20.12 -42.45
N GLU E 311 49.74 -19.54 -43.30
CA GLU E 311 50.16 -18.63 -44.41
C GLU E 311 50.40 -17.21 -43.87
N GLU E 312 49.88 -16.89 -42.69
CA GLU E 312 50.10 -15.58 -42.01
C GLU E 312 51.39 -15.64 -41.20
N GLU E 313 51.62 -16.76 -40.49
CA GLU E 313 52.81 -16.93 -39.60
C GLU E 313 54.04 -17.20 -40.48
N ALA E 314 53.83 -17.48 -41.78
CA ALA E 314 54.88 -17.67 -42.79
C ALA E 314 55.33 -16.30 -43.32
N HIS E 315 54.40 -15.34 -43.49
CA HIS E 315 54.68 -13.93 -43.90
C HIS E 315 55.53 -13.21 -42.84
N LEU E 316 55.24 -13.46 -41.55
CA LEU E 316 55.98 -12.84 -40.41
C LEU E 316 57.42 -13.31 -40.42
N LYS E 317 57.64 -14.60 -40.68
CA LYS E 317 59.00 -15.20 -40.68
C LYS E 317 59.75 -14.71 -41.94
N LYS E 318 59.05 -14.47 -43.06
CA LYS E 318 59.74 -14.01 -44.30
C LYS E 318 60.10 -12.52 -44.13
N SER E 319 59.30 -11.78 -43.36
CA SER E 319 59.65 -10.39 -42.95
C SER E 319 60.88 -10.45 -42.04
N ALA E 320 60.91 -11.39 -41.08
CA ALA E 320 62.02 -11.56 -40.10
C ALA E 320 63.32 -11.95 -40.81
N ASP E 321 63.24 -12.82 -41.83
CA ASP E 321 64.37 -13.20 -42.73
C ASP E 321 64.89 -11.93 -43.43
N THR E 322 64.02 -11.26 -44.19
CA THR E 322 64.33 -9.97 -44.88
C THR E 322 64.97 -9.01 -43.89
N LEU E 323 64.29 -8.71 -42.79
CA LEU E 323 64.76 -7.66 -41.86
C LEU E 323 66.17 -8.03 -41.39
N TRP E 324 66.36 -9.21 -40.79
CA TRP E 324 67.69 -9.72 -40.34
C TRP E 324 68.67 -9.71 -41.52
N GLY E 325 68.17 -9.99 -42.73
CA GLY E 325 68.92 -9.88 -43.99
C GLY E 325 69.69 -8.56 -44.08
N ILE E 326 68.98 -7.43 -43.98
CA ILE E 326 69.54 -6.06 -44.09
C ILE E 326 70.34 -5.71 -42.82
N GLN E 327 69.97 -6.24 -41.66
CA GLN E 327 70.48 -5.83 -40.32
C GLN E 327 71.87 -6.41 -40.05
N LYS E 328 72.21 -7.52 -40.68
CA LYS E 328 73.55 -8.16 -40.59
C LYS E 328 74.57 -7.28 -41.32
N GLU E 329 74.17 -6.71 -42.47
CA GLU E 329 75.00 -5.89 -43.40
C GLU E 329 75.31 -4.50 -42.82
N LEU E 330 74.64 -4.07 -41.74
CA LEU E 330 74.83 -2.71 -41.19
C LEU E 330 76.08 -2.69 -40.30
N GLN E 331 76.84 -1.60 -40.38
CA GLN E 331 78.10 -1.34 -39.62
C GLN E 331 77.75 -0.35 -38.52
N PHE E 332 77.92 -0.76 -37.27
CA PHE E 332 77.57 0.01 -36.05
C PHE E 332 78.81 0.71 -35.53
N ALA F 2 46.73 -25.13 -19.60
CA ALA F 2 47.33 -23.77 -19.36
C ALA F 2 46.23 -22.81 -18.91
N ALA F 3 46.56 -21.83 -18.06
CA ALA F 3 45.65 -20.74 -17.66
C ALA F 3 45.42 -19.81 -18.86
N LEU F 4 44.15 -19.51 -19.17
CA LEU F 4 43.71 -18.65 -20.31
C LEU F 4 44.68 -17.47 -20.47
N LYS F 5 45.00 -16.79 -19.36
CA LYS F 5 45.89 -15.60 -19.35
C LYS F 5 47.23 -15.94 -20.03
N ASP F 6 47.79 -17.09 -19.67
CA ASP F 6 49.09 -17.58 -20.22
C ASP F 6 48.86 -18.02 -21.67
N GLN F 7 47.69 -18.58 -21.99
CA GLN F 7 47.35 -18.97 -23.38
C GLN F 7 47.32 -17.72 -24.26
N LEU F 8 46.98 -16.57 -23.67
CA LEU F 8 46.63 -15.32 -24.39
C LEU F 8 47.80 -14.33 -24.35
N ILE F 9 48.48 -14.21 -23.21
CA ILE F 9 49.51 -13.15 -23.04
C ILE F 9 50.83 -13.82 -22.66
N HIS F 10 51.87 -13.55 -23.44
CA HIS F 10 53.29 -13.85 -23.08
C HIS F 10 53.83 -12.68 -22.26
N ASN F 11 54.20 -12.95 -21.01
CA ASN F 11 54.81 -11.92 -20.15
C ASN F 11 56.29 -11.80 -20.50
N LEU F 12 56.74 -10.58 -20.80
CA LEU F 12 58.12 -10.27 -21.29
C LEU F 12 58.92 -9.62 -20.16
N LEU F 13 58.26 -9.22 -19.08
CA LEU F 13 58.84 -8.39 -18.02
C LEU F 13 57.87 -8.35 -16.86
N LYS F 14 58.29 -8.76 -15.66
CA LYS F 14 57.44 -8.53 -14.45
C LYS F 14 58.11 -7.42 -13.65
N GLU F 15 57.30 -6.41 -13.29
CA GLU F 15 57.74 -5.03 -13.01
C GLU F 15 57.24 -4.62 -11.62
N GLU F 16 57.98 -3.71 -10.97
CA GLU F 16 57.70 -3.24 -9.59
C GLU F 16 56.66 -2.11 -9.64
N HIS F 17 55.67 -2.21 -8.76
CA HIS F 17 54.55 -1.24 -8.59
C HIS F 17 55.12 0.03 -7.92
N VAL F 18 55.59 0.99 -8.73
CA VAL F 18 56.05 2.34 -8.26
C VAL F 18 55.34 3.42 -9.07
N PRO F 19 54.33 4.09 -8.48
CA PRO F 19 53.44 4.99 -9.21
C PRO F 19 53.99 6.41 -9.41
N GLN F 20 53.62 7.05 -10.52
CA GLN F 20 54.31 8.27 -11.00
C GLN F 20 53.56 9.53 -10.58
N ASN F 21 52.23 9.49 -10.52
CA ASN F 21 51.41 10.69 -10.25
C ASN F 21 50.24 10.29 -9.35
N LYS F 22 50.56 9.73 -8.19
CA LYS F 22 49.55 9.13 -7.28
C LYS F 22 48.98 10.24 -6.37
N ILE F 23 47.64 10.29 -6.29
CA ILE F 23 46.90 11.20 -5.37
C ILE F 23 46.12 10.34 -4.36
N THR F 24 46.25 10.68 -3.09
CA THR F 24 45.46 10.10 -1.99
C THR F 24 44.38 11.11 -1.58
N VAL F 25 43.13 10.67 -1.47
CA VAL F 25 42.05 11.44 -0.77
C VAL F 25 41.80 10.78 0.60
N VAL F 26 42.01 11.53 1.70
CA VAL F 26 41.65 11.11 3.09
C VAL F 26 40.23 11.58 3.38
N GLY F 27 39.31 10.63 3.62
CA GLY F 27 37.91 10.90 3.99
C GLY F 27 37.03 10.78 2.76
N VAL F 28 36.18 9.75 2.72
CA VAL F 28 35.31 9.46 1.55
C VAL F 28 33.85 9.84 1.90
N GLY F 29 33.67 10.94 2.63
CA GLY F 29 32.38 11.63 2.68
C GLY F 29 32.09 12.28 1.34
N ALA F 30 31.07 13.14 1.30
CA ALA F 30 30.57 13.83 0.08
C ALA F 30 31.66 14.74 -0.50
N VAL F 31 32.37 15.48 0.36
CA VAL F 31 33.47 16.41 -0.01
C VAL F 31 34.63 15.62 -0.63
N GLY F 32 35.07 14.56 0.05
CA GLY F 32 36.18 13.69 -0.38
C GLY F 32 35.87 13.04 -1.72
N MET F 33 34.67 12.46 -1.85
CA MET F 33 34.28 11.67 -3.05
C MET F 33 34.09 12.59 -4.24
N ALA F 34 33.85 13.90 -4.00
CA ALA F 34 33.64 14.92 -5.06
C ALA F 34 35.00 15.46 -5.53
N CYS F 35 35.97 15.61 -4.60
CA CYS F 35 37.40 15.79 -4.93
C CYS F 35 37.85 14.65 -5.88
N ALA F 36 37.43 13.41 -5.58
CA ALA F 36 37.87 12.15 -6.23
C ALA F 36 37.31 12.04 -7.64
N ILE F 37 35.99 12.12 -7.81
CA ILE F 37 35.39 12.06 -9.18
C ILE F 37 36.00 13.19 -10.04
N SER F 38 36.29 14.36 -9.43
CA SER F 38 36.81 15.56 -10.13
C SER F 38 38.24 15.31 -10.61
N ILE F 39 39.08 14.81 -9.73
CA ILE F 39 40.47 14.43 -10.09
C ILE F 39 40.43 13.32 -11.16
N LEU F 40 39.55 12.32 -11.08
CA LEU F 40 39.55 11.20 -12.06
C LEU F 40 39.19 11.71 -13.46
N MET F 41 38.24 12.64 -13.57
CA MET F 41 37.71 13.12 -14.86
C MET F 41 38.61 14.23 -15.41
N LYS F 42 39.64 14.65 -14.68
CA LYS F 42 40.66 15.63 -15.15
C LYS F 42 41.99 14.91 -15.45
N ASP F 43 42.00 13.57 -15.46
CA ASP F 43 43.19 12.75 -15.81
C ASP F 43 44.46 13.35 -15.17
N LEU F 44 44.42 13.66 -13.86
CA LEU F 44 45.55 14.30 -13.10
C LEU F 44 46.43 13.25 -12.42
N ALA F 45 46.02 11.98 -12.41
CA ALA F 45 46.68 10.90 -11.63
C ALA F 45 46.63 9.57 -12.38
N ASP F 46 47.64 8.73 -12.15
CA ASP F 46 47.75 7.36 -12.69
C ASP F 46 47.32 6.38 -11.59
N GLU F 47 47.31 6.84 -10.35
CA GLU F 47 46.82 6.03 -9.21
C GLU F 47 46.06 6.93 -8.25
N LEU F 48 44.86 6.51 -7.86
CA LEU F 48 44.04 7.15 -6.81
C LEU F 48 43.88 6.18 -5.64
N ALA F 49 44.37 6.57 -4.47
CA ALA F 49 44.12 5.88 -3.18
C ALA F 49 43.05 6.65 -2.38
N LEU F 50 42.09 5.93 -1.79
CA LEU F 50 41.11 6.48 -0.80
C LEU F 50 41.40 5.93 0.60
N VAL F 51 41.26 6.77 1.62
CA VAL F 51 41.42 6.35 3.05
C VAL F 51 40.33 6.98 3.93
N ASP F 52 39.66 6.15 4.73
CA ASP F 52 38.68 6.55 5.77
C ASP F 52 38.61 5.45 6.83
N VAL F 53 38.04 5.74 8.00
CA VAL F 53 37.92 4.78 9.14
C VAL F 53 36.71 3.85 8.93
N MET F 54 35.67 4.29 8.21
CA MET F 54 34.54 3.42 7.79
C MET F 54 35.01 2.47 6.68
N GLU F 55 35.36 1.24 7.02
CA GLU F 55 35.86 0.19 6.08
C GLU F 55 34.78 -0.11 5.02
N ASP F 56 33.50 -0.14 5.42
CA ASP F 56 32.37 -0.57 4.55
C ASP F 56 32.09 0.49 3.47
N LYS F 57 32.03 1.76 3.84
CA LYS F 57 31.86 2.96 2.98
C LYS F 57 33.06 3.05 2.01
N LEU F 58 34.27 2.94 2.54
CA LEU F 58 35.52 3.06 1.74
C LEU F 58 35.51 2.06 0.57
N LYS F 59 35.21 0.79 0.84
CA LYS F 59 35.27 -0.31 -0.16
C LYS F 59 34.14 -0.15 -1.19
N GLY F 60 32.96 0.23 -0.74
CA GLY F 60 31.80 0.48 -1.62
C GLY F 60 32.09 1.58 -2.62
N GLU F 61 32.60 2.71 -2.13
CA GLU F 61 33.03 3.88 -2.95
C GLU F 61 34.14 3.46 -3.92
N MET F 62 35.21 2.86 -3.39
CA MET F 62 36.32 2.34 -4.23
C MET F 62 35.71 1.52 -5.37
N MET F 63 34.87 0.53 -5.04
CA MET F 63 34.35 -0.48 -6.00
C MET F 63 33.53 0.21 -7.10
N ASP F 64 32.86 1.32 -6.75
CA ASP F 64 31.93 2.06 -7.63
C ASP F 64 32.75 2.78 -8.71
N LEU F 65 33.70 3.62 -8.28
CA LEU F 65 34.73 4.26 -9.14
C LEU F 65 35.30 3.21 -10.10
N GLN F 66 35.80 2.11 -9.54
CA GLN F 66 36.46 1.01 -10.29
C GLN F 66 35.59 0.55 -11.47
N HIS F 67 34.26 0.45 -11.29
CA HIS F 67 33.29 -0.07 -12.31
C HIS F 67 33.17 0.90 -13.49
N GLY F 68 33.65 2.15 -13.30
CA GLY F 68 33.71 3.17 -14.35
C GLY F 68 35.07 3.27 -15.06
N SER F 69 36.05 2.43 -14.71
CA SER F 69 37.44 2.46 -15.29
C SER F 69 37.39 2.58 -16.81
N LEU F 70 36.49 1.86 -17.46
CA LEU F 70 36.32 1.88 -18.94
C LEU F 70 36.30 3.33 -19.45
N PHE F 71 35.65 4.22 -18.70
CA PHE F 71 35.34 5.62 -19.08
C PHE F 71 36.38 6.58 -18.50
N LEU F 72 37.41 6.07 -17.83
CA LEU F 72 38.47 6.86 -17.18
C LEU F 72 39.84 6.56 -17.82
N ARG F 73 40.87 7.26 -17.36
CA ARG F 73 42.27 7.12 -17.82
C ARG F 73 43.15 7.09 -16.58
N THR F 74 42.61 6.64 -15.46
CA THR F 74 43.35 6.43 -14.19
C THR F 74 43.28 4.95 -13.88
N PRO F 75 44.31 4.17 -14.28
CA PRO F 75 44.18 2.72 -14.44
C PRO F 75 44.11 1.94 -13.11
N LYS F 76 44.45 2.55 -11.98
CA LYS F 76 44.46 1.83 -10.68
C LYS F 76 43.82 2.71 -9.61
N ILE F 77 42.79 2.19 -8.91
CA ILE F 77 42.10 2.89 -7.80
C ILE F 77 42.10 1.98 -6.58
N VAL F 78 42.81 2.35 -5.53
CA VAL F 78 42.99 1.49 -4.31
C VAL F 78 42.41 2.20 -3.08
N SER F 79 42.19 1.44 -2.00
CA SER F 79 41.63 1.99 -0.74
C SER F 79 41.87 1.04 0.42
N GLY F 80 41.85 1.59 1.63
CA GLY F 80 41.83 0.80 2.87
C GLY F 80 42.02 1.67 4.10
N LYS F 81 41.63 1.18 5.27
CA LYS F 81 41.85 1.81 6.59
C LYS F 81 43.36 2.01 6.77
N ASP F 82 44.19 1.14 6.17
CA ASP F 82 45.66 1.13 6.36
C ASP F 82 46.36 2.06 5.37
N TYR F 83 47.26 2.93 5.86
CA TYR F 83 47.86 4.07 5.11
C TYR F 83 49.02 3.60 4.20
N SER F 84 49.41 2.34 4.30
CA SER F 84 50.30 1.69 3.32
C SER F 84 49.73 1.84 1.90
N VAL F 85 48.40 1.86 1.71
CA VAL F 85 47.75 2.00 0.36
C VAL F 85 48.01 3.42 -0.20
N THR F 86 48.45 4.38 0.63
CA THR F 86 48.76 5.80 0.26
C THR F 86 50.25 5.99 -0.09
N ALA F 87 51.03 4.93 -0.30
CA ALA F 87 52.51 5.00 -0.47
C ALA F 87 52.88 5.75 -1.76
N ASN F 88 53.81 6.69 -1.66
CA ASN F 88 54.39 7.41 -2.82
C ASN F 88 53.33 8.29 -3.47
N SER F 89 52.49 8.92 -2.66
CA SER F 89 51.55 9.96 -3.13
C SER F 89 52.35 11.23 -3.39
N LYS F 90 52.14 11.85 -4.54
CA LYS F 90 52.67 13.19 -4.83
C LYS F 90 51.90 14.18 -3.97
N LEU F 91 50.60 13.93 -3.81
CA LEU F 91 49.65 14.87 -3.16
C LEU F 91 48.65 14.06 -2.32
N VAL F 92 48.50 14.43 -1.05
CA VAL F 92 47.49 13.83 -0.12
C VAL F 92 46.49 14.94 0.28
N ILE F 93 45.22 14.74 -0.09
CA ILE F 93 44.10 15.71 0.11
C ILE F 93 43.29 15.28 1.33
N ILE F 94 43.48 15.96 2.46
CA ILE F 94 42.80 15.68 3.75
C ILE F 94 41.41 16.34 3.71
N THR F 95 40.34 15.55 3.90
CA THR F 95 38.94 16.02 4.03
C THR F 95 38.26 15.49 5.29
N ALA F 96 38.90 14.61 6.08
CA ALA F 96 38.30 13.94 7.27
C ALA F 96 38.46 14.82 8.52
N GLY F 97 37.53 14.69 9.47
CA GLY F 97 37.52 15.49 10.72
C GLY F 97 36.29 15.24 11.59
N ALA F 98 36.09 16.08 12.61
CA ALA F 98 35.12 15.83 13.70
C ALA F 98 33.90 16.74 13.53
N ASN F 108 37.75 23.37 21.14
CA ASN F 108 37.30 22.00 21.55
C ASN F 108 36.77 21.18 20.35
N LEU F 109 36.02 21.78 19.40
CA LEU F 109 35.77 21.13 18.09
C LEU F 109 37.12 21.06 17.37
N VAL F 110 38.01 22.02 17.66
CA VAL F 110 39.38 22.09 17.06
C VAL F 110 40.29 21.01 17.66
N GLN F 111 40.27 20.80 18.98
CA GLN F 111 41.20 19.85 19.66
C GLN F 111 40.87 18.38 19.28
N ARG F 112 39.61 18.08 18.94
CA ARG F 112 39.17 16.72 18.51
C ARG F 112 39.78 16.41 17.15
N ASN F 113 39.72 17.36 16.21
CA ASN F 113 40.39 17.27 14.89
C ASN F 113 41.90 17.09 15.13
N VAL F 114 42.53 17.91 15.98
CA VAL F 114 43.97 17.71 16.31
C VAL F 114 44.15 16.22 16.64
N ASN F 115 43.28 15.66 17.48
CA ASN F 115 43.37 14.24 17.90
C ASN F 115 43.20 13.34 16.68
N ILE F 116 42.31 13.69 15.75
CA ILE F 116 42.12 12.90 14.49
C ILE F 116 43.37 13.05 13.59
N PHE F 117 44.00 14.24 13.58
CA PHE F 117 45.17 14.61 12.73
C PHE F 117 46.48 14.10 13.38
N LYS F 118 46.46 13.73 14.67
CA LYS F 118 47.63 13.11 15.35
C LYS F 118 47.77 11.64 14.93
N PHE F 119 46.69 11.04 14.39
CA PHE F 119 46.70 9.70 13.76
C PHE F 119 46.90 9.81 12.23
N ILE F 120 46.13 10.67 11.53
CA ILE F 120 46.14 10.78 10.04
C ILE F 120 47.52 11.23 9.54
N ILE F 121 47.99 12.41 9.96
CA ILE F 121 49.18 13.09 9.37
C ILE F 121 50.44 12.24 9.55
N PRO F 122 50.81 11.75 10.76
CA PRO F 122 51.97 10.85 10.88
C PRO F 122 51.95 9.62 9.94
N ASN F 123 50.79 9.01 9.72
CA ASN F 123 50.63 7.84 8.81
C ASN F 123 50.89 8.25 7.35
N VAL F 124 50.40 9.45 6.96
CA VAL F 124 50.52 10.04 5.59
C VAL F 124 52.01 10.25 5.28
N VAL F 125 52.74 10.79 6.26
CA VAL F 125 54.18 11.20 6.18
C VAL F 125 55.09 9.96 6.12
N LYS F 126 54.75 8.92 6.89
CA LYS F 126 55.48 7.63 6.86
C LYS F 126 55.57 7.13 5.41
N TYR F 127 54.43 7.12 4.69
CA TYR F 127 54.24 6.41 3.40
C TYR F 127 54.42 7.35 2.20
N SER F 128 54.35 8.67 2.43
CA SER F 128 54.58 9.71 1.39
C SER F 128 55.37 10.85 2.01
N PRO F 129 56.67 10.62 2.35
CA PRO F 129 57.48 11.65 3.02
C PRO F 129 57.79 12.88 2.16
N HIS F 130 57.56 12.81 0.84
CA HIS F 130 57.79 13.90 -0.17
C HIS F 130 56.48 14.45 -0.77
N CYS F 131 55.32 14.04 -0.24
CA CYS F 131 53.99 14.45 -0.77
C CYS F 131 53.77 15.93 -0.47
N LYS F 132 52.90 16.59 -1.23
CA LYS F 132 52.26 17.86 -0.80
C LYS F 132 51.02 17.48 0.01
N LEU F 133 50.76 18.23 1.10
CA LEU F 133 49.49 18.15 1.88
C LEU F 133 48.56 19.29 1.46
N LEU F 134 47.39 18.94 0.96
CA LEU F 134 46.29 19.89 0.70
C LEU F 134 45.17 19.64 1.71
N VAL F 135 45.05 20.49 2.74
CA VAL F 135 44.05 20.35 3.83
C VAL F 135 42.75 21.02 3.37
N VAL F 136 41.64 20.28 3.33
CA VAL F 136 40.30 20.84 2.96
C VAL F 136 39.40 20.93 4.20
N SER F 137 39.67 20.13 5.25
CA SER F 137 38.87 20.01 6.51
C SER F 137 38.70 21.36 7.22
N ASN F 138 37.48 21.68 7.66
CA ASN F 138 37.15 22.93 8.40
C ASN F 138 37.28 22.77 9.91
N PRO F 139 37.75 23.80 10.64
CA PRO F 139 38.09 25.11 10.07
C PRO F 139 39.48 25.12 9.42
N VAL F 140 39.53 25.46 8.12
CA VAL F 140 40.64 25.08 7.18
C VAL F 140 41.95 25.72 7.62
N ASP F 141 41.92 26.94 8.14
CA ASP F 141 43.16 27.73 8.38
C ASP F 141 43.89 27.16 9.62
N ILE F 142 43.16 26.84 10.69
CA ILE F 142 43.72 26.23 11.94
C ILE F 142 44.21 24.81 11.61
N LEU F 143 43.38 24.02 10.92
CA LEU F 143 43.66 22.58 10.66
C LEU F 143 44.85 22.45 9.70
N THR F 144 45.08 23.41 8.80
CA THR F 144 46.26 23.42 7.90
C THR F 144 47.50 23.70 8.76
N TYR F 145 47.39 24.63 9.71
CA TYR F 145 48.41 24.85 10.77
C TYR F 145 48.69 23.52 11.48
N VAL F 146 47.62 22.85 11.94
CA VAL F 146 47.69 21.54 12.66
C VAL F 146 48.56 20.56 11.85
N ALA F 147 48.21 20.35 10.57
CA ALA F 147 48.85 19.39 9.63
C ALA F 147 50.33 19.71 9.44
N TRP F 148 50.68 21.00 9.43
CA TRP F 148 52.06 21.53 9.21
C TRP F 148 52.98 21.20 10.39
N LYS F 149 52.48 21.42 11.62
CA LYS F 149 53.19 21.16 12.90
C LYS F 149 53.40 19.65 13.11
N ILE F 150 52.39 18.81 12.89
CA ILE F 150 52.47 17.33 13.12
C ILE F 150 53.35 16.69 12.03
N SER F 151 53.16 17.07 10.77
CA SER F 151 53.95 16.53 9.61
C SER F 151 55.42 16.94 9.74
N GLY F 152 55.71 18.12 10.29
CA GLY F 152 57.06 18.71 10.35
C GLY F 152 57.57 19.12 8.98
N PHE F 153 56.68 19.24 7.98
CA PHE F 153 56.99 19.59 6.56
C PHE F 153 57.34 21.08 6.43
N PRO F 154 58.15 21.49 5.43
CA PRO F 154 58.41 22.91 5.19
C PRO F 154 57.11 23.57 4.70
N LYS F 155 56.89 24.84 5.08
CA LYS F 155 55.63 25.59 4.84
C LYS F 155 55.19 25.42 3.39
N ASN F 156 56.14 25.26 2.45
CA ASN F 156 55.81 25.22 1.01
C ASN F 156 55.00 23.96 0.69
N ARG F 157 55.10 22.88 1.47
CA ARG F 157 54.42 21.60 1.11
C ARG F 157 53.13 21.43 1.91
N VAL F 158 52.65 22.47 2.58
CA VAL F 158 51.40 22.37 3.38
C VAL F 158 50.48 23.56 3.09
N ILE F 159 49.27 23.21 2.65
CA ILE F 159 48.38 24.07 1.83
C ILE F 159 46.96 23.92 2.36
N GLY F 160 46.28 25.02 2.65
CA GLY F 160 44.84 25.00 2.93
C GLY F 160 44.09 25.40 1.68
N SER F 161 42.96 24.75 1.41
CA SER F 161 42.07 25.16 0.29
C SER F 161 41.56 26.58 0.54
N GLY F 162 41.52 27.00 1.82
CA GLY F 162 41.28 28.39 2.25
C GLY F 162 40.10 29.02 1.53
N CYS F 163 40.33 30.17 0.89
CA CYS F 163 39.30 30.97 0.17
C CYS F 163 39.30 30.67 -1.35
N ASN F 164 39.91 29.55 -1.78
CA ASN F 164 39.93 29.15 -3.21
C ASN F 164 38.47 29.13 -3.72
N LEU F 165 37.56 28.45 -3.02
CA LEU F 165 36.15 28.34 -3.48
C LEU F 165 35.38 29.63 -3.21
N ASP F 166 35.64 30.31 -2.09
CA ASP F 166 34.99 31.61 -1.76
C ASP F 166 35.19 32.56 -2.96
N SER F 167 36.44 32.66 -3.45
CA SER F 167 36.85 33.43 -4.65
C SER F 167 36.07 32.98 -5.89
N ALA F 168 35.94 31.67 -6.12
CA ALA F 168 35.22 31.13 -7.31
C ALA F 168 33.75 31.53 -7.25
N ARG F 169 33.12 31.33 -6.09
CA ARG F 169 31.68 31.68 -5.83
C ARG F 169 31.47 33.17 -6.12
N PHE F 170 32.37 34.01 -5.62
CA PHE F 170 32.34 35.48 -5.78
C PHE F 170 32.32 35.83 -7.27
N ARG F 171 33.23 35.24 -8.03
CA ARG F 171 33.37 35.48 -9.48
C ARG F 171 32.11 34.96 -10.17
N TYR F 172 31.53 33.84 -9.71
CA TYR F 172 30.27 33.30 -10.30
C TYR F 172 29.19 34.38 -10.22
N LEU F 173 29.08 35.02 -9.05
CA LEU F 173 28.01 36.00 -8.72
C LEU F 173 28.25 37.28 -9.53
N MET F 174 29.49 37.77 -9.46
CA MET F 174 30.03 38.88 -10.29
C MET F 174 29.62 38.70 -11.76
N GLY F 175 29.64 37.46 -12.26
CA GLY F 175 29.34 37.13 -13.67
C GLY F 175 27.86 37.07 -13.97
N GLU F 176 27.03 36.64 -13.02
CA GLU F 176 25.55 36.66 -13.19
C GLU F 176 25.09 38.13 -13.20
N ARG F 177 25.73 38.98 -12.39
CA ARG F 177 25.39 40.43 -12.26
C ARG F 177 25.90 41.27 -13.45
N LEU F 178 27.06 40.93 -14.04
CA LEU F 178 27.61 41.66 -15.22
C LEU F 178 27.15 41.02 -16.53
N GLY F 179 26.68 39.76 -16.52
CA GLY F 179 26.27 39.01 -17.72
C GLY F 179 27.44 38.48 -18.56
N VAL F 180 28.65 38.38 -17.99
CA VAL F 180 29.84 37.67 -18.55
C VAL F 180 30.13 36.39 -17.73
N HIS F 181 30.82 35.42 -18.33
CA HIS F 181 31.28 34.18 -17.66
C HIS F 181 32.17 34.54 -16.47
N ALA F 182 32.17 33.71 -15.44
CA ALA F 182 33.01 33.91 -14.24
C ALA F 182 34.48 34.00 -14.64
N LEU F 183 34.87 33.29 -15.70
CA LEU F 183 36.28 33.24 -16.19
C LEU F 183 36.81 34.64 -16.54
N SER F 184 35.93 35.55 -16.99
CA SER F 184 36.29 36.92 -17.43
C SER F 184 36.07 37.96 -16.33
N CYS F 185 35.43 37.59 -15.22
CA CYS F 185 35.37 38.43 -13.99
C CYS F 185 36.52 38.05 -13.09
N HIS F 186 37.31 39.02 -12.64
CA HIS F 186 38.43 38.78 -11.71
C HIS F 186 38.09 39.46 -10.39
N GLY F 187 38.47 38.84 -9.28
CA GLY F 187 38.10 39.34 -7.94
C GLY F 187 38.53 38.34 -6.90
N TRP F 188 39.25 38.84 -5.90
CA TRP F 188 39.92 38.00 -4.88
C TRP F 188 39.26 38.18 -3.53
N ILE F 189 39.20 37.10 -2.77
CA ILE F 189 38.73 37.04 -1.35
C ILE F 189 39.81 36.34 -0.54
N LEU F 190 40.45 37.06 0.38
CA LEU F 190 41.71 36.63 1.06
C LEU F 190 41.47 36.53 2.57
N GLY F 191 42.47 35.99 3.28
CA GLY F 191 42.50 35.81 4.75
C GLY F 191 41.68 34.60 5.21
N GLU F 192 41.05 34.72 6.39
CA GLU F 192 40.31 33.63 7.07
C GLU F 192 39.07 33.24 6.25
N HIS F 193 39.01 31.99 5.78
CA HIS F 193 37.83 31.41 5.06
C HIS F 193 36.59 31.55 5.96
N GLY F 194 35.46 32.00 5.40
CA GLY F 194 34.18 32.15 6.14
C GLY F 194 33.88 33.60 6.52
N ASP F 195 33.28 33.81 7.70
CA ASP F 195 32.68 35.09 8.19
C ASP F 195 33.63 36.28 7.96
N SER F 196 34.89 36.15 8.36
CA SER F 196 35.88 37.25 8.46
C SER F 196 36.79 37.32 7.21
N SER F 197 36.36 36.79 6.06
CA SER F 197 37.09 36.87 4.77
C SER F 197 37.04 38.32 4.27
N VAL F 198 38.13 38.77 3.61
CA VAL F 198 38.38 40.19 3.18
C VAL F 198 38.20 40.34 1.67
N PRO F 199 37.02 40.79 1.18
CA PRO F 199 36.83 41.02 -0.25
C PRO F 199 37.70 42.22 -0.62
N VAL F 200 38.64 42.00 -1.55
CA VAL F 200 39.58 43.04 -2.04
C VAL F 200 38.91 43.76 -3.21
N TRP F 201 38.31 44.92 -2.92
CA TRP F 201 37.51 45.73 -3.87
C TRP F 201 38.44 46.35 -4.92
N SER F 202 39.66 46.76 -4.51
CA SER F 202 40.74 47.28 -5.39
C SER F 202 40.84 46.42 -6.66
N GLY F 203 40.99 45.10 -6.48
CA GLY F 203 41.39 44.12 -7.49
C GLY F 203 40.27 43.61 -8.38
N MET F 204 39.00 43.84 -8.04
CA MET F 204 37.84 43.34 -8.85
C MET F 204 37.81 44.07 -10.20
N ASN F 205 37.76 43.31 -11.30
CA ASN F 205 37.85 43.90 -12.67
C ASN F 205 37.26 42.94 -13.72
N VAL F 206 36.85 43.52 -14.86
CA VAL F 206 36.72 42.85 -16.19
C VAL F 206 37.65 43.58 -17.14
N ALA F 207 38.52 42.83 -17.84
CA ALA F 207 39.40 43.30 -18.92
C ALA F 207 40.39 44.37 -18.43
N GLY F 208 40.78 44.36 -17.15
CA GLY F 208 41.73 45.32 -16.57
C GLY F 208 41.07 46.64 -16.15
N VAL F 209 39.77 46.80 -16.41
CA VAL F 209 38.96 47.95 -15.93
C VAL F 209 38.66 47.70 -14.44
N SER F 210 39.31 48.42 -13.53
CA SER F 210 38.99 48.39 -12.07
C SER F 210 37.54 48.85 -11.89
N LEU F 211 36.71 48.02 -11.25
CA LEU F 211 35.31 48.37 -10.90
C LEU F 211 35.34 49.38 -9.75
N LYS F 212 36.44 49.43 -8.98
CA LYS F 212 36.62 50.37 -7.84
C LYS F 212 36.69 51.83 -8.34
N THR F 213 37.58 52.11 -9.29
CA THR F 213 37.87 53.47 -9.83
C THR F 213 36.69 53.93 -10.71
N LEU F 214 35.92 52.99 -11.25
CA LEU F 214 34.81 53.28 -12.21
C LEU F 214 33.50 53.46 -11.45
N HIS F 215 33.37 52.88 -10.25
CA HIS F 215 32.17 52.97 -9.38
C HIS F 215 32.60 53.20 -7.93
N PRO F 216 33.12 54.40 -7.57
CA PRO F 216 33.80 54.61 -6.28
C PRO F 216 32.99 54.13 -5.06
N GLU F 217 31.67 54.05 -5.23
CA GLU F 217 30.69 53.61 -4.21
C GLU F 217 30.93 52.15 -3.82
N LEU F 218 31.60 51.37 -4.69
CA LEU F 218 31.64 49.88 -4.60
C LEU F 218 32.35 49.47 -3.31
N GLY F 219 31.72 48.55 -2.56
CA GLY F 219 32.27 47.99 -1.31
C GLY F 219 31.64 48.63 -0.08
N THR F 220 31.39 49.94 -0.14
CA THR F 220 30.75 50.76 0.93
C THR F 220 29.34 50.21 1.17
N ASP F 221 28.62 50.75 2.16
CA ASP F 221 27.18 50.41 2.43
C ASP F 221 26.28 51.35 1.63
N ALA F 222 26.76 52.55 1.30
CA ALA F 222 26.03 53.61 0.56
C ALA F 222 25.99 53.31 -0.96
N ASP F 223 26.11 52.03 -1.33
CA ASP F 223 26.22 51.56 -2.74
C ASP F 223 24.82 51.18 -3.23
N LYS F 224 24.26 51.92 -4.19
CA LYS F 224 22.89 51.70 -4.72
C LYS F 224 22.64 50.20 -4.94
N GLU F 225 23.57 49.50 -5.58
CA GLU F 225 23.35 48.12 -6.11
C GLU F 225 23.95 47.08 -5.13
N GLN F 226 24.62 47.52 -4.06
CA GLN F 226 24.91 46.72 -2.83
C GLN F 226 25.99 45.67 -3.10
N TRP F 227 27.14 46.08 -3.62
CA TRP F 227 28.21 45.13 -4.00
C TRP F 227 28.87 44.54 -2.74
N LYS F 228 28.57 45.07 -1.54
CA LYS F 228 29.00 44.47 -0.25
C LYS F 228 28.12 43.25 0.09
N GLN F 229 26.83 43.32 -0.22
CA GLN F 229 25.84 42.21 -0.01
C GLN F 229 26.32 40.96 -0.77
N VAL F 230 27.04 41.13 -1.89
CA VAL F 230 27.55 40.04 -2.76
C VAL F 230 28.60 39.23 -1.99
N HIS F 231 29.51 39.88 -1.26
CA HIS F 231 30.54 39.20 -0.43
C HIS F 231 29.86 38.45 0.71
N LYS F 232 28.77 39.00 1.25
CA LYS F 232 27.98 38.35 2.34
C LYS F 232 27.28 37.12 1.76
N GLN F 233 26.76 37.23 0.52
CA GLN F 233 26.15 36.11 -0.26
C GLN F 233 27.13 34.92 -0.34
N VAL F 234 28.44 35.21 -0.48
CA VAL F 234 29.53 34.17 -0.59
C VAL F 234 29.71 33.49 0.77
N VAL F 235 29.96 34.27 1.82
CA VAL F 235 30.02 33.80 3.24
C VAL F 235 28.83 32.86 3.57
N ASP F 236 27.61 33.17 3.11
CA ASP F 236 26.37 32.43 3.46
C ASP F 236 26.13 31.29 2.47
N SER F 237 26.98 31.15 1.45
CA SER F 237 26.77 30.17 0.33
C SER F 237 26.74 28.75 0.91
N ALA F 238 27.85 28.32 1.52
CA ALA F 238 27.93 27.03 2.22
C ALA F 238 26.61 26.82 2.98
N TYR F 239 26.29 27.73 3.93
CA TYR F 239 25.11 27.60 4.81
C TYR F 239 23.85 27.35 3.95
N GLU F 240 23.64 28.16 2.90
CA GLU F 240 22.38 28.20 2.10
C GLU F 240 22.21 26.87 1.36
N VAL F 241 23.32 26.23 0.97
CA VAL F 241 23.28 24.95 0.19
C VAL F 241 23.01 23.81 1.17
N ILE F 242 23.77 23.77 2.27
CA ILE F 242 23.57 22.84 3.42
C ILE F 242 22.08 22.83 3.79
N LYS F 243 21.49 24.01 3.99
CA LYS F 243 20.04 24.22 4.28
C LYS F 243 19.20 23.43 3.25
N LEU F 244 19.56 23.48 1.97
CA LEU F 244 18.67 23.02 0.88
C LEU F 244 18.87 21.53 0.57
N LYS F 245 20.10 21.00 0.68
CA LYS F 245 20.41 19.61 0.22
C LYS F 245 21.32 18.84 1.19
N GLY F 246 21.60 19.37 2.39
CA GLY F 246 22.31 18.64 3.45
C GLY F 246 23.77 19.06 3.59
N TYR F 247 24.43 19.35 2.46
CA TYR F 247 25.91 19.45 2.33
C TYR F 247 26.31 20.14 1.01
N THR F 248 27.56 20.57 0.95
CA THR F 248 28.18 21.10 -0.29
C THR F 248 29.13 19.99 -0.76
N SER F 249 29.09 19.65 -2.02
CA SER F 249 30.01 18.60 -2.52
C SER F 249 30.69 19.05 -3.80
N TRP F 250 29.93 19.17 -4.88
CA TRP F 250 30.33 19.50 -6.27
C TRP F 250 31.36 20.63 -6.41
N ALA F 251 30.96 21.84 -6.02
CA ALA F 251 31.73 23.11 -6.03
C ALA F 251 33.07 22.94 -5.29
N ILE F 252 33.08 22.44 -4.05
CA ILE F 252 34.39 22.29 -3.32
C ILE F 252 35.27 21.27 -4.07
N GLY F 253 34.69 20.18 -4.59
CA GLY F 253 35.43 19.14 -5.35
C GLY F 253 36.15 19.71 -6.58
N LEU F 254 35.47 20.56 -7.35
CA LEU F 254 36.02 21.20 -8.58
C LEU F 254 37.09 22.23 -8.21
N SER F 255 36.91 22.97 -7.12
CA SER F 255 37.93 23.91 -6.59
C SER F 255 39.20 23.10 -6.23
N VAL F 256 39.06 21.93 -5.58
CA VAL F 256 40.22 21.14 -5.07
C VAL F 256 40.98 20.56 -6.27
N ALA F 257 40.27 19.93 -7.22
CA ALA F 257 40.83 19.38 -8.49
C ALA F 257 41.63 20.45 -9.25
N ASP F 258 41.20 21.72 -9.19
CA ASP F 258 41.88 22.91 -9.78
C ASP F 258 43.25 23.15 -9.14
N LEU F 259 43.34 23.12 -7.81
CA LEU F 259 44.63 23.21 -7.07
C LEU F 259 45.51 21.98 -7.40
N ALA F 260 44.89 20.80 -7.53
CA ALA F 260 45.52 19.52 -7.91
C ALA F 260 46.11 19.65 -9.32
N GLU F 261 45.41 20.32 -10.23
CA GLU F 261 45.89 20.52 -11.61
C GLU F 261 47.20 21.31 -11.58
N SER F 262 47.29 22.35 -10.75
CA SER F 262 48.46 23.25 -10.65
C SER F 262 49.67 22.52 -10.07
N ILE F 263 49.44 21.57 -9.17
CA ILE F 263 50.52 20.83 -8.46
C ILE F 263 51.03 19.75 -9.41
N MET F 264 50.14 18.88 -9.88
CA MET F 264 50.52 17.70 -10.70
C MET F 264 51.14 18.15 -12.03
N LYS F 265 50.72 19.31 -12.57
CA LYS F 265 51.20 19.83 -13.87
C LYS F 265 52.14 21.04 -13.70
N ASN F 266 52.52 21.40 -12.47
CA ASN F 266 53.55 22.43 -12.20
C ASN F 266 53.26 23.75 -12.94
N LEU F 267 51.98 24.12 -13.06
CA LEU F 267 51.49 25.28 -13.86
C LEU F 267 52.00 26.60 -13.30
N ARG F 268 52.26 26.69 -12.00
CA ARG F 268 52.64 27.98 -11.35
C ARG F 268 51.54 29.03 -11.62
N ARG F 269 50.27 28.63 -11.51
CA ARG F 269 49.09 29.53 -11.50
C ARG F 269 48.99 30.16 -10.11
N VAL F 270 48.33 31.31 -9.99
CA VAL F 270 48.12 32.04 -8.71
C VAL F 270 46.71 31.65 -8.22
N HIS F 271 46.61 31.11 -7.00
CA HIS F 271 45.32 30.78 -6.34
C HIS F 271 45.25 31.46 -4.98
N PRO F 272 44.05 31.83 -4.49
CA PRO F 272 43.89 32.36 -3.14
C PRO F 272 43.67 31.18 -2.17
N ILE F 273 44.79 30.70 -1.59
CA ILE F 273 44.88 29.43 -0.79
C ILE F 273 45.64 29.69 0.51
N SER F 274 45.39 28.87 1.53
CA SER F 274 45.92 29.09 2.90
C SER F 274 47.39 28.64 2.94
N THR F 275 48.29 29.57 3.27
CA THR F 275 49.75 29.33 3.41
C THR F 275 50.21 29.95 4.74
N MET F 276 51.32 29.46 5.29
CA MET F 276 51.88 30.00 6.54
C MET F 276 52.55 31.34 6.21
N LEU F 277 51.82 32.45 6.30
CA LEU F 277 52.32 33.80 5.89
C LEU F 277 52.78 34.63 7.09
N LYS F 278 53.54 34.01 7.99
CA LYS F 278 54.33 34.76 9.01
C LYS F 278 55.37 35.58 8.26
N GLY F 279 55.42 36.89 8.52
CA GLY F 279 56.42 37.79 7.92
C GLY F 279 55.82 38.67 6.83
N LEU F 280 54.73 38.22 6.20
CA LEU F 280 54.01 38.96 5.13
C LEU F 280 52.80 39.63 5.77
N TYR F 281 52.30 40.71 5.16
CA TYR F 281 51.08 41.47 5.55
C TYR F 281 51.15 41.84 7.04
N GLY F 282 52.35 42.11 7.58
CA GLY F 282 52.59 42.64 8.95
C GLY F 282 52.33 41.63 10.07
N ILE F 283 52.27 40.33 9.74
CA ILE F 283 51.87 39.22 10.65
C ILE F 283 53.14 38.55 11.20
N LYS F 284 53.17 38.31 12.51
CA LYS F 284 54.39 37.95 13.27
C LYS F 284 54.23 36.57 13.92
N GLU F 285 53.05 35.93 13.80
CA GLU F 285 52.70 34.63 14.43
C GLU F 285 52.55 33.54 13.36
N ASP F 286 52.83 32.28 13.72
CA ASP F 286 52.73 31.10 12.83
C ASP F 286 51.26 30.76 12.56
N VAL F 287 50.66 31.34 11.53
CA VAL F 287 49.21 31.14 11.17
C VAL F 287 49.05 31.01 9.65
N PHE F 288 47.91 30.48 9.22
CA PHE F 288 47.60 30.20 7.81
C PHE F 288 46.43 31.08 7.35
N LEU F 289 46.66 31.82 6.28
CA LEU F 289 45.68 32.77 5.68
C LEU F 289 45.75 32.65 4.15
N SER F 290 44.61 32.80 3.48
CA SER F 290 44.50 32.80 2.00
C SER F 290 45.14 34.10 1.47
N VAL F 291 46.21 33.97 0.68
CA VAL F 291 46.74 35.07 -0.16
C VAL F 291 47.03 34.50 -1.54
N PRO F 292 47.09 35.32 -2.61
CA PRO F 292 47.35 34.79 -3.94
C PRO F 292 48.75 34.14 -3.94
N CYS F 293 48.81 32.82 -4.17
CA CYS F 293 50.05 32.01 -4.07
C CYS F 293 50.37 31.36 -5.40
N VAL F 294 51.66 31.30 -5.74
CA VAL F 294 52.13 30.55 -6.94
C VAL F 294 52.19 29.08 -6.57
N LEU F 295 51.33 28.26 -7.18
CA LEU F 295 51.14 26.82 -6.87
C LEU F 295 51.78 26.01 -7.99
N GLY F 296 52.73 25.13 -7.64
CA GLY F 296 53.49 24.29 -8.58
C GLY F 296 53.86 22.95 -7.96
N GLN F 297 54.77 22.22 -8.60
CA GLN F 297 55.05 20.80 -8.28
C GLN F 297 55.75 20.69 -6.92
N ASN F 298 56.29 21.79 -6.38
CA ASN F 298 56.83 21.86 -4.99
C ASN F 298 55.91 22.68 -4.08
N GLY F 299 54.63 22.85 -4.43
CA GLY F 299 53.63 23.56 -3.62
C GLY F 299 53.62 25.05 -3.89
N ILE F 300 53.84 25.84 -2.84
CA ILE F 300 53.79 27.33 -2.84
C ILE F 300 55.22 27.86 -2.84
N SER F 301 55.71 28.26 -4.02
CA SER F 301 57.10 28.77 -4.23
C SER F 301 57.17 30.27 -3.96
N ASP F 302 56.05 30.96 -4.15
CA ASP F 302 55.99 32.44 -4.18
C ASP F 302 54.61 32.87 -3.68
N VAL F 303 54.53 34.08 -3.14
CA VAL F 303 53.27 34.74 -2.71
C VAL F 303 53.19 36.10 -3.42
N VAL F 304 52.07 36.40 -4.06
CA VAL F 304 51.78 37.75 -4.63
C VAL F 304 51.51 38.69 -3.46
N LYS F 305 52.13 39.87 -3.47
CA LYS F 305 52.06 40.89 -2.39
C LYS F 305 50.95 41.89 -2.69
N VAL F 306 49.72 41.60 -2.30
CA VAL F 306 48.53 42.44 -2.67
C VAL F 306 48.62 43.74 -1.87
N THR F 307 48.30 44.88 -2.50
CA THR F 307 48.20 46.23 -1.87
C THR F 307 46.82 46.37 -1.23
N LEU F 308 46.75 46.45 0.11
CA LEU F 308 45.47 46.46 0.89
C LEU F 308 45.24 47.84 1.54
N THR F 309 43.97 48.23 1.70
CA THR F 309 43.52 49.43 2.44
C THR F 309 43.74 49.21 3.94
N SER F 310 44.06 50.24 4.72
CA SER F 310 44.38 50.15 6.18
C SER F 310 43.39 49.23 6.92
N GLU F 311 42.09 49.31 6.65
CA GLU F 311 41.04 48.48 7.32
C GLU F 311 41.13 47.01 6.86
N GLU F 312 41.62 46.74 5.64
CA GLU F 312 41.86 45.37 5.06
C GLU F 312 43.11 44.75 5.73
N GLU F 313 44.25 45.49 5.80
CA GLU F 313 45.48 45.10 6.54
C GLU F 313 45.09 44.73 7.98
N ALA F 314 44.23 45.55 8.60
CA ALA F 314 43.65 45.32 9.94
C ALA F 314 42.87 44.00 9.94
N HIS F 315 41.77 43.93 9.18
CA HIS F 315 40.84 42.76 9.13
C HIS F 315 41.61 41.43 9.05
N LEU F 316 42.74 41.38 8.34
CA LEU F 316 43.65 40.20 8.28
C LEU F 316 44.34 40.05 9.63
N LYS F 317 45.04 41.09 10.10
CA LYS F 317 45.83 41.11 11.36
C LYS F 317 44.93 40.70 12.54
N LYS F 318 43.64 41.07 12.50
CA LYS F 318 42.62 40.67 13.51
C LYS F 318 42.42 39.16 13.48
N SER F 319 42.16 38.60 12.30
CA SER F 319 41.95 37.14 12.07
C SER F 319 43.16 36.34 12.58
N ALA F 320 44.38 36.86 12.41
CA ALA F 320 45.66 36.20 12.80
C ALA F 320 45.81 36.14 14.33
N ASP F 321 45.36 37.18 15.04
CA ASP F 321 45.32 37.19 16.52
C ASP F 321 44.32 36.10 16.90
N THR F 322 43.08 36.18 16.41
CA THR F 322 41.98 35.19 16.64
C THR F 322 42.47 33.75 16.44
N LEU F 323 43.29 33.48 15.42
CA LEU F 323 43.72 32.10 15.06
C LEU F 323 44.82 31.65 16.03
N TRP F 324 45.77 32.53 16.33
CA TRP F 324 46.91 32.21 17.22
C TRP F 324 46.38 32.03 18.64
N GLY F 325 45.37 32.84 18.99
CA GLY F 325 44.63 32.79 20.26
C GLY F 325 44.10 31.40 20.51
N ILE F 326 43.52 30.78 19.48
CA ILE F 326 43.05 29.36 19.56
C ILE F 326 44.27 28.45 19.49
N GLN F 327 45.15 28.65 18.51
CA GLN F 327 46.26 27.71 18.19
C GLN F 327 47.13 27.46 19.44
N LYS F 328 47.42 28.49 20.25
CA LYS F 328 48.37 28.35 21.39
C LYS F 328 47.72 27.57 22.56
N GLU F 329 46.39 27.49 22.63
CA GLU F 329 45.67 26.63 23.61
C GLU F 329 45.69 25.15 23.19
N LEU F 330 45.93 24.84 21.92
CA LEU F 330 45.84 23.44 21.41
C LEU F 330 46.94 22.56 22.02
N GLN F 331 46.65 21.27 22.19
CA GLN F 331 47.53 20.28 22.85
C GLN F 331 48.00 19.26 21.81
N PHE F 332 49.26 19.37 21.37
CA PHE F 332 49.89 18.39 20.45
C PHE F 332 50.58 17.33 21.32
N ALA G 2 22.91 -9.88 -48.71
CA ALA G 2 24.11 -10.31 -49.48
C ALA G 2 25.33 -9.61 -48.89
N ALA G 3 25.36 -8.27 -48.98
CA ALA G 3 26.45 -7.38 -48.52
C ALA G 3 26.76 -7.66 -47.04
N LEU G 4 28.03 -7.58 -46.66
CA LEU G 4 28.52 -7.79 -45.27
C LEU G 4 27.90 -6.74 -44.34
N LYS G 5 27.82 -5.48 -44.79
CA LYS G 5 27.14 -4.38 -44.07
C LYS G 5 25.78 -4.88 -43.58
N ASP G 6 25.06 -5.60 -44.46
CA ASP G 6 23.64 -6.00 -44.29
C ASP G 6 23.54 -7.28 -43.44
N GLN G 7 24.53 -8.17 -43.54
CA GLN G 7 24.57 -9.42 -42.72
C GLN G 7 24.85 -9.07 -41.25
N LEU G 8 25.56 -7.96 -40.99
CA LEU G 8 26.07 -7.50 -39.66
C LEU G 8 25.16 -6.46 -39.00
N ILE G 9 24.56 -5.56 -39.80
CA ILE G 9 23.86 -4.32 -39.34
C ILE G 9 22.46 -4.31 -39.94
N HIS G 10 21.42 -4.19 -39.12
CA HIS G 10 20.02 -3.96 -39.52
C HIS G 10 19.74 -2.47 -39.35
N ASN G 11 19.37 -1.79 -40.43
CA ASN G 11 19.12 -0.34 -40.45
C ASN G 11 17.67 -0.10 -40.06
N LEU G 12 17.42 0.75 -39.06
CA LEU G 12 16.07 1.04 -38.51
C LEU G 12 15.59 2.43 -38.94
N LEU G 13 16.47 3.22 -39.56
CA LEU G 13 16.24 4.68 -39.72
C LEU G 13 17.00 5.18 -40.96
N LYS G 14 16.26 5.83 -41.85
CA LYS G 14 16.81 6.51 -43.05
C LYS G 14 17.23 7.91 -42.60
N GLU G 15 18.39 8.37 -43.10
CA GLU G 15 19.20 9.49 -42.53
C GLU G 15 18.48 10.83 -42.68
N GLU G 16 18.66 11.71 -41.69
CA GLU G 16 18.14 13.10 -41.64
C GLU G 16 19.31 14.04 -41.31
N HIS G 17 20.54 13.68 -41.73
CA HIS G 17 21.80 14.30 -41.23
C HIS G 17 21.97 15.70 -41.83
N VAL G 18 21.38 16.69 -41.16
CA VAL G 18 21.86 18.10 -41.13
C VAL G 18 22.80 18.19 -39.94
N PRO G 19 23.98 18.86 -40.06
CA PRO G 19 24.95 18.88 -38.97
C PRO G 19 24.49 19.89 -37.91
N GLN G 20 24.89 19.70 -36.65
CA GLN G 20 24.42 20.51 -35.50
C GLN G 20 25.47 21.55 -35.10
N ASN G 21 26.76 21.18 -35.15
CA ASN G 21 27.89 22.02 -34.69
C ASN G 21 29.00 22.01 -35.75
N LYS G 22 28.63 22.25 -37.00
CA LYS G 22 29.58 22.25 -38.15
C LYS G 22 30.44 23.51 -38.08
N ILE G 23 31.75 23.34 -38.29
CA ILE G 23 32.70 24.47 -38.48
C ILE G 23 33.32 24.34 -39.88
N THR G 24 33.46 25.44 -40.60
CA THR G 24 34.18 25.48 -41.88
C THR G 24 35.44 26.32 -41.73
N VAL G 25 36.58 25.79 -42.17
CA VAL G 25 37.83 26.57 -42.32
C VAL G 25 38.15 26.79 -43.81
N VAL G 26 38.06 28.04 -44.25
CA VAL G 26 38.49 28.50 -45.59
C VAL G 26 40.00 28.68 -45.54
N GLY G 27 40.71 28.11 -46.51
CA GLY G 27 42.19 28.11 -46.54
C GLY G 27 42.77 26.95 -45.73
N VAL G 28 43.60 26.13 -46.38
CA VAL G 28 44.38 25.03 -45.74
C VAL G 28 45.87 25.38 -45.84
N GLY G 29 46.14 26.67 -45.77
CA GLY G 29 47.47 27.18 -45.37
C GLY G 29 47.85 26.69 -43.98
N ALA G 30 49.03 27.09 -43.52
CA ALA G 30 49.60 26.69 -42.23
C ALA G 30 48.66 27.20 -41.14
N VAL G 31 48.18 28.44 -41.29
CA VAL G 31 47.21 29.08 -40.38
C VAL G 31 45.92 28.26 -40.37
N GLY G 32 45.38 28.02 -41.58
CA GLY G 32 44.12 27.29 -41.80
C GLY G 32 44.11 25.93 -41.13
N MET G 33 45.20 25.19 -41.32
CA MET G 33 45.32 23.80 -40.83
C MET G 33 45.61 23.77 -39.31
N ALA G 34 46.24 24.79 -38.72
CA ALA G 34 46.58 24.82 -37.28
C ALA G 34 45.30 25.10 -36.47
N CYS G 35 44.44 25.99 -36.99
CA CYS G 35 43.01 26.13 -36.61
C CYS G 35 42.31 24.78 -36.67
N ALA G 36 42.39 24.08 -37.80
CA ALA G 36 41.67 22.81 -38.06
C ALA G 36 42.07 21.75 -37.02
N ILE G 37 43.38 21.58 -36.75
CA ILE G 37 43.88 20.55 -35.77
C ILE G 37 43.48 21.00 -34.35
N SER G 38 43.55 22.29 -34.05
CA SER G 38 43.29 22.84 -32.70
C SER G 38 41.82 22.61 -32.34
N ILE G 39 40.93 22.61 -33.34
CA ILE G 39 39.46 22.47 -33.21
C ILE G 39 39.11 20.98 -33.08
N LEU G 40 39.68 20.11 -33.92
CA LEU G 40 39.45 18.65 -33.88
C LEU G 40 39.83 18.09 -32.49
N MET G 41 40.84 18.70 -31.87
CA MET G 41 41.47 18.20 -30.63
C MET G 41 40.85 18.86 -29.39
N LYS G 42 39.98 19.84 -29.57
CA LYS G 42 39.19 20.45 -28.49
C LYS G 42 37.71 20.05 -28.65
N ASP G 43 37.38 19.24 -29.65
CA ASP G 43 36.06 18.55 -29.79
C ASP G 43 34.93 19.59 -29.80
N LEU G 44 35.11 20.69 -30.56
CA LEU G 44 34.17 21.82 -30.70
C LEU G 44 33.19 21.60 -31.86
N ALA G 45 33.39 20.59 -32.71
CA ALA G 45 32.50 20.35 -33.87
C ALA G 45 32.12 18.88 -34.00
N ASP G 46 30.95 18.62 -34.58
CA ASP G 46 30.45 17.27 -35.00
C ASP G 46 30.65 17.10 -36.52
N GLU G 47 30.94 18.18 -37.26
CA GLU G 47 31.42 18.12 -38.67
C GLU G 47 32.46 19.22 -38.88
N LEU G 48 33.55 18.94 -39.62
CA LEU G 48 34.57 19.93 -40.06
C LEU G 48 34.72 19.91 -41.58
N ALA G 49 34.45 21.05 -42.23
CA ALA G 49 34.59 21.26 -43.69
C ALA G 49 35.81 22.15 -43.94
N LEU G 50 36.63 21.77 -44.92
CA LEU G 50 37.74 22.61 -45.46
C LEU G 50 37.38 23.05 -46.88
N VAL G 51 37.66 24.31 -47.23
CA VAL G 51 37.64 24.78 -48.65
C VAL G 51 38.96 25.49 -48.95
N ASP G 52 39.50 25.27 -50.14
CA ASP G 52 40.70 25.99 -50.68
C ASP G 52 40.68 25.81 -52.20
N VAL G 53 41.28 26.75 -52.93
CA VAL G 53 41.27 26.79 -54.41
C VAL G 53 42.16 25.65 -54.95
N MET G 54 43.22 25.28 -54.23
CA MET G 54 44.20 24.26 -54.69
C MET G 54 43.70 22.85 -54.32
N GLU G 55 43.18 22.13 -55.32
CA GLU G 55 42.29 20.94 -55.19
C GLU G 55 43.02 19.73 -54.57
N ASP G 56 44.31 19.54 -54.87
CA ASP G 56 45.10 18.35 -54.41
C ASP G 56 45.51 18.53 -52.95
N LYS G 57 46.15 19.65 -52.61
CA LYS G 57 46.60 19.98 -51.23
C LYS G 57 45.42 19.83 -50.26
N LEU G 58 44.22 20.30 -50.67
CA LEU G 58 42.97 20.26 -49.89
C LEU G 58 42.58 18.81 -49.59
N LYS G 59 42.46 17.96 -50.61
CA LYS G 59 42.01 16.56 -50.45
C LYS G 59 43.07 15.79 -49.65
N GLY G 60 44.35 16.09 -49.87
CA GLY G 60 45.48 15.48 -49.11
C GLY G 60 45.46 15.86 -47.64
N GLU G 61 45.05 17.10 -47.32
CA GLU G 61 44.94 17.55 -45.91
C GLU G 61 43.72 16.85 -45.26
N MET G 62 42.60 16.80 -45.97
CA MET G 62 41.34 16.17 -45.51
C MET G 62 41.62 14.70 -45.20
N MET G 63 42.34 14.00 -46.07
CA MET G 63 42.57 12.54 -45.92
C MET G 63 43.44 12.28 -44.69
N ASP G 64 44.46 13.12 -44.46
CA ASP G 64 45.45 12.98 -43.35
C ASP G 64 44.71 13.17 -42.03
N LEU G 65 43.74 14.09 -42.00
CA LEU G 65 42.88 14.30 -40.81
C LEU G 65 41.98 13.07 -40.63
N GLN G 66 41.30 12.63 -41.69
CA GLN G 66 40.37 11.46 -41.66
C GLN G 66 41.08 10.26 -40.99
N HIS G 67 42.30 9.96 -41.42
CA HIS G 67 43.14 8.83 -40.95
C HIS G 67 43.34 8.88 -39.42
N GLY G 68 43.26 10.06 -38.80
CA GLY G 68 43.35 10.20 -37.34
C GLY G 68 41.99 10.05 -36.65
N SER G 69 40.97 9.58 -37.37
CA SER G 69 39.57 9.58 -36.87
C SER G 69 39.44 8.75 -35.59
N LEU G 70 40.23 7.69 -35.46
CA LEU G 70 40.23 6.78 -34.29
C LEU G 70 40.52 7.57 -33.01
N PHE G 71 41.38 8.59 -33.11
CA PHE G 71 41.91 9.38 -31.98
C PHE G 71 41.11 10.68 -31.79
N LEU G 72 39.99 10.86 -32.51
CA LEU G 72 39.17 12.09 -32.48
C LEU G 72 37.71 11.76 -32.11
N ARG G 73 36.98 12.82 -31.74
CA ARG G 73 35.54 12.81 -31.36
C ARG G 73 34.83 13.85 -32.24
N THR G 74 35.35 14.05 -33.46
CA THR G 74 34.72 14.79 -34.59
C THR G 74 34.54 13.80 -35.74
N PRO G 75 33.32 13.24 -35.93
CA PRO G 75 33.14 12.06 -36.79
C PRO G 75 33.05 12.27 -38.30
N LYS G 76 32.93 13.49 -38.80
CA LYS G 76 32.80 13.76 -40.27
C LYS G 76 33.72 14.94 -40.65
N ILE G 77 34.70 14.68 -41.52
CA ILE G 77 35.63 15.70 -42.08
C ILE G 77 35.51 15.60 -43.61
N VAL G 78 35.13 16.72 -44.24
CA VAL G 78 34.78 16.82 -45.69
C VAL G 78 35.55 18.01 -46.28
N SER G 79 35.71 18.05 -47.60
CA SER G 79 36.37 19.19 -48.30
C SER G 79 36.06 19.21 -49.80
N GLY G 80 36.25 20.37 -50.40
CA GLY G 80 36.13 20.59 -51.86
C GLY G 80 36.32 22.06 -52.19
N LYS G 81 36.44 22.37 -53.47
CA LYS G 81 36.50 23.77 -53.99
C LYS G 81 35.07 24.33 -54.00
N ASP G 82 34.07 23.48 -54.25
CA ASP G 82 32.64 23.90 -54.28
C ASP G 82 32.21 24.13 -52.83
N TYR G 83 31.59 25.27 -52.57
CA TYR G 83 31.26 25.76 -51.21
C TYR G 83 30.02 25.02 -50.67
N SER G 84 29.39 24.14 -51.45
CA SER G 84 28.25 23.31 -50.99
C SER G 84 28.71 22.41 -49.83
N VAL G 85 30.01 22.13 -49.70
CA VAL G 85 30.53 21.29 -48.56
C VAL G 85 30.51 22.10 -47.25
N THR G 86 30.35 23.42 -47.29
CA THR G 86 30.37 24.31 -46.09
C THR G 86 28.94 24.49 -45.55
N ALA G 87 27.95 23.88 -46.22
CA ALA G 87 26.50 24.03 -45.95
C ALA G 87 26.23 23.87 -44.44
N ASN G 88 25.36 24.74 -43.89
CA ASN G 88 24.84 24.65 -42.50
C ASN G 88 25.99 24.72 -41.51
N SER G 89 26.88 25.70 -41.66
CA SER G 89 28.01 25.95 -40.74
C SER G 89 27.53 26.90 -39.65
N LYS G 90 27.82 26.61 -38.37
CA LYS G 90 27.58 27.55 -37.25
C LYS G 90 28.65 28.63 -37.31
N LEU G 91 29.90 28.24 -37.56
CA LEU G 91 31.09 29.14 -37.61
C LEU G 91 31.87 28.85 -38.89
N VAL G 92 32.14 29.90 -39.67
CA VAL G 92 32.97 29.81 -40.90
C VAL G 92 34.21 30.68 -40.67
N ILE G 93 35.38 30.04 -40.64
CA ILE G 93 36.69 30.67 -40.29
C ILE G 93 37.43 30.98 -41.60
N ILE G 94 37.81 32.24 -41.82
CA ILE G 94 38.46 32.72 -43.09
C ILE G 94 39.96 32.91 -42.84
N THR G 95 40.81 32.16 -43.54
CA THR G 95 42.29 32.30 -43.46
C THR G 95 42.88 32.62 -44.84
N ALA G 96 42.07 32.60 -45.90
CA ALA G 96 42.51 32.76 -47.30
C ALA G 96 42.76 34.24 -47.57
N GLY G 97 43.62 34.53 -48.53
CA GLY G 97 43.87 35.91 -49.00
C GLY G 97 45.18 36.00 -49.76
N ALA G 98 45.75 37.20 -49.80
CA ALA G 98 46.98 37.54 -50.56
C ALA G 98 47.98 38.18 -49.60
N ARG G 99 49.21 37.66 -49.60
CA ARG G 99 50.34 38.21 -48.83
C ARG G 99 50.87 39.40 -49.63
N GLN G 100 51.08 40.53 -48.97
CA GLN G 100 51.71 41.75 -49.55
C GLN G 100 52.89 41.32 -50.42
N GLN G 101 53.01 41.89 -51.62
CA GLN G 101 54.21 41.74 -52.47
C GLN G 101 55.06 43.00 -52.27
N GLU G 102 56.32 42.96 -52.69
CA GLU G 102 57.33 44.00 -52.34
C GLU G 102 56.93 45.33 -52.97
N GLY G 103 56.89 46.41 -52.16
CA GLY G 103 56.51 47.79 -52.58
C GLY G 103 55.00 47.99 -52.69
N GLU G 104 54.21 46.92 -52.64
CA GLU G 104 52.72 46.95 -52.79
C GLU G 104 52.14 47.95 -51.77
N SER G 105 51.18 48.79 -52.19
CA SER G 105 50.50 49.78 -51.33
C SER G 105 49.51 49.07 -50.39
N ARG G 106 49.16 49.68 -49.26
CA ARG G 106 48.12 49.14 -48.34
C ARG G 106 46.81 49.04 -49.10
N LEU G 107 46.43 50.11 -49.79
CA LEU G 107 45.19 50.15 -50.61
C LEU G 107 45.15 48.95 -51.54
N ASN G 108 46.21 48.69 -52.29
CA ASN G 108 46.17 47.68 -53.39
C ASN G 108 46.16 46.27 -52.78
N LEU G 109 46.87 46.08 -51.67
CA LEU G 109 46.92 44.77 -50.96
C LEU G 109 45.49 44.37 -50.57
N VAL G 110 44.76 45.31 -49.97
CA VAL G 110 43.37 45.08 -49.49
C VAL G 110 42.46 44.83 -50.68
N GLN G 111 42.59 45.63 -51.75
CA GLN G 111 41.72 45.50 -52.96
C GLN G 111 41.95 44.11 -53.53
N ARG G 112 43.19 43.62 -53.62
CA ARG G 112 43.52 42.25 -54.11
C ARG G 112 42.77 41.19 -53.26
N ASN G 113 42.65 41.46 -51.95
CA ASN G 113 41.94 40.60 -50.97
C ASN G 113 40.44 40.81 -51.17
N VAL G 114 40.01 42.05 -51.34
CA VAL G 114 38.56 42.35 -51.58
C VAL G 114 38.09 41.49 -52.76
N ASN G 115 38.93 41.31 -53.79
CA ASN G 115 38.55 40.66 -55.06
C ASN G 115 38.52 39.14 -54.84
N ILE G 116 39.34 38.62 -53.91
CA ILE G 116 39.30 37.19 -53.50
C ILE G 116 38.03 36.96 -52.65
N PHE G 117 37.81 37.81 -51.63
CA PHE G 117 36.63 37.79 -50.73
C PHE G 117 35.33 37.93 -51.54
N LYS G 118 35.35 38.64 -52.69
CA LYS G 118 34.16 38.85 -53.56
C LYS G 118 33.67 37.49 -54.10
N PHE G 119 34.52 36.45 -54.04
CA PHE G 119 34.19 35.06 -54.45
C PHE G 119 33.98 34.13 -53.24
N ILE G 120 34.72 34.33 -52.14
CA ILE G 120 34.61 33.49 -50.92
C ILE G 120 33.29 33.82 -50.21
N ILE G 121 33.16 35.05 -49.74
CA ILE G 121 32.09 35.47 -48.78
C ILE G 121 30.72 35.14 -49.38
N PRO G 122 30.32 35.59 -50.59
CA PRO G 122 28.95 35.34 -51.07
C PRO G 122 28.61 33.85 -51.26
N ASN G 123 29.62 33.01 -51.52
CA ASN G 123 29.48 31.54 -51.50
C ASN G 123 29.21 31.04 -50.06
N VAL G 124 29.89 31.60 -49.06
CA VAL G 124 29.76 31.19 -47.63
C VAL G 124 28.32 31.52 -47.20
N VAL G 125 27.82 32.70 -47.58
CA VAL G 125 26.48 33.20 -47.14
C VAL G 125 25.37 32.42 -47.89
N LYS G 126 25.65 31.94 -49.09
CA LYS G 126 24.70 31.14 -49.91
C LYS G 126 24.27 29.89 -49.13
N TYR G 127 25.24 29.20 -48.54
CA TYR G 127 25.14 27.81 -48.02
C TYR G 127 25.05 27.78 -46.48
N SER G 128 25.50 28.83 -45.79
CA SER G 128 25.40 28.98 -44.32
C SER G 128 24.95 30.40 -43.96
N PRO G 129 23.74 30.81 -44.39
CA PRO G 129 23.25 32.18 -44.17
C PRO G 129 23.12 32.67 -42.71
N HIS G 130 23.11 31.77 -41.73
CA HIS G 130 22.86 32.10 -40.30
C HIS G 130 24.16 32.05 -39.50
N CYS G 131 25.29 31.75 -40.16
CA CYS G 131 26.59 31.41 -39.53
C CYS G 131 27.24 32.67 -38.95
N LYS G 132 28.22 32.52 -38.07
CA LYS G 132 29.16 33.62 -37.70
C LYS G 132 30.38 33.47 -38.60
N LEU G 133 30.91 34.62 -39.05
CA LEU G 133 32.19 34.75 -39.77
C LEU G 133 33.27 35.16 -38.78
N LEU G 134 34.31 34.35 -38.67
CA LEU G 134 35.57 34.68 -37.94
C LEU G 134 36.68 34.86 -38.96
N VAL G 135 37.13 36.10 -39.16
CA VAL G 135 38.17 36.46 -40.16
C VAL G 135 39.53 36.49 -39.46
N VAL G 136 40.47 35.66 -39.92
CA VAL G 136 41.88 35.57 -39.45
C VAL G 136 42.86 36.27 -40.44
N SER G 137 42.51 36.35 -41.73
CA SER G 137 43.31 36.92 -42.86
C SER G 137 43.84 38.33 -42.56
N ASN G 138 45.14 38.59 -42.74
CA ASN G 138 45.71 39.96 -42.57
C ASN G 138 45.59 40.75 -43.88
N PRO G 139 45.51 42.09 -43.82
CA PRO G 139 45.32 42.84 -42.56
C PRO G 139 43.87 42.72 -42.01
N VAL G 140 43.74 42.15 -40.82
CA VAL G 140 42.47 41.57 -40.25
C VAL G 140 41.44 42.68 -40.00
N ASP G 141 41.83 43.81 -39.42
CA ASP G 141 40.87 44.89 -39.07
C ASP G 141 40.14 45.36 -40.33
N ILE G 142 40.85 45.46 -41.47
CA ILE G 142 40.27 45.96 -42.76
C ILE G 142 39.47 44.82 -43.42
N LEU G 143 39.99 43.59 -43.41
CA LEU G 143 39.40 42.44 -44.14
C LEU G 143 38.13 41.96 -43.42
N THR G 144 38.05 42.14 -42.10
CA THR G 144 36.81 41.90 -41.33
C THR G 144 35.76 42.89 -41.84
N TYR G 145 36.13 44.16 -41.98
CA TYR G 145 35.25 45.22 -42.56
C TYR G 145 34.74 44.77 -43.93
N VAL G 146 35.64 44.19 -44.73
CA VAL G 146 35.38 43.78 -46.14
C VAL G 146 34.39 42.60 -46.14
N ALA G 147 34.61 41.64 -45.23
CA ALA G 147 33.77 40.43 -45.06
C ALA G 147 32.38 40.88 -44.63
N TRP G 148 32.32 41.90 -43.77
CA TRP G 148 31.05 42.46 -43.24
C TRP G 148 30.27 43.11 -44.38
N LYS G 149 30.89 44.04 -45.13
CA LYS G 149 30.23 44.79 -46.24
C LYS G 149 29.70 43.81 -47.30
N ILE G 150 30.48 42.82 -47.73
CA ILE G 150 30.04 41.83 -48.78
C ILE G 150 28.97 40.88 -48.22
N SER G 151 29.22 40.22 -47.08
CA SER G 151 28.27 39.27 -46.44
C SER G 151 26.89 39.93 -46.32
N GLY G 152 26.89 41.20 -45.91
CA GLY G 152 25.68 41.93 -45.47
C GLY G 152 25.16 41.40 -44.15
N PHE G 153 26.00 40.72 -43.36
CA PHE G 153 25.60 40.17 -42.03
C PHE G 153 25.49 41.32 -41.04
N PRO G 154 24.75 41.13 -39.92
CA PRO G 154 24.78 42.11 -38.83
C PRO G 154 26.17 42.10 -38.18
N LYS G 155 26.62 43.26 -37.71
CA LYS G 155 27.97 43.42 -37.12
C LYS G 155 28.24 42.33 -36.09
N ASN G 156 27.23 41.91 -35.33
CA ASN G 156 27.37 40.93 -34.21
C ASN G 156 27.96 39.61 -34.75
N ARG G 157 27.69 39.28 -36.01
CA ARG G 157 28.02 37.96 -36.60
C ARG G 157 29.23 38.05 -37.55
N VAL G 158 30.00 39.13 -37.52
CA VAL G 158 31.28 39.24 -38.28
C VAL G 158 32.38 39.71 -37.31
N ILE G 159 33.33 38.80 -37.02
CA ILE G 159 34.43 39.01 -36.02
C ILE G 159 35.77 38.92 -36.74
N GLY G 160 36.73 39.74 -36.31
CA GLY G 160 38.15 39.57 -36.64
C GLY G 160 38.92 38.98 -35.48
N SER G 161 39.93 38.14 -35.75
CA SER G 161 40.84 37.58 -34.72
C SER G 161 41.46 38.72 -33.93
N GLY G 162 41.63 39.91 -34.54
CA GLY G 162 42.15 41.12 -33.89
C GLY G 162 43.38 40.86 -33.02
N CYS G 163 43.38 41.37 -31.79
CA CYS G 163 44.53 41.36 -30.85
C CYS G 163 44.42 40.22 -29.82
N ASN G 164 43.71 39.16 -30.18
CA ASN G 164 43.58 37.91 -29.41
C ASN G 164 44.96 37.28 -29.21
N LEU G 165 45.69 37.02 -30.28
CA LEU G 165 47.02 36.40 -30.17
C LEU G 165 48.00 37.42 -29.58
N ASP G 166 47.94 38.68 -30.04
CA ASP G 166 48.75 39.80 -29.51
C ASP G 166 48.63 39.79 -27.98
N SER G 167 47.41 39.68 -27.46
CA SER G 167 47.14 39.66 -26.01
C SER G 167 47.69 38.36 -25.37
N ALA G 168 47.57 37.22 -26.05
CA ALA G 168 48.08 35.93 -25.51
C ALA G 168 49.61 36.01 -25.44
N ARG G 169 50.23 36.48 -26.52
CA ARG G 169 51.69 36.64 -26.65
C ARG G 169 52.16 37.57 -25.54
N PHE G 170 51.46 38.67 -25.35
CA PHE G 170 51.83 39.69 -24.34
C PHE G 170 51.76 39.05 -22.95
N ARG G 171 50.72 38.24 -22.70
CA ARG G 171 50.52 37.60 -21.38
C ARG G 171 51.62 36.57 -21.15
N TYR G 172 52.04 35.85 -22.19
CA TYR G 172 53.18 34.91 -22.11
C TYR G 172 54.42 35.67 -21.61
N LEU G 173 54.78 36.78 -22.27
CA LEU G 173 56.03 37.54 -22.01
C LEU G 173 55.99 38.20 -20.63
N MET G 174 54.82 38.72 -20.23
CA MET G 174 54.53 39.18 -18.86
C MET G 174 54.77 38.00 -17.90
N GLY G 175 54.34 36.80 -18.27
CA GLY G 175 54.50 35.55 -17.50
C GLY G 175 55.96 35.17 -17.30
N GLU G 176 56.78 35.14 -18.36
CA GLU G 176 58.21 34.73 -18.25
C GLU G 176 58.96 35.77 -17.41
N ARG G 177 58.56 37.03 -17.39
CA ARG G 177 59.25 38.09 -16.61
C ARG G 177 58.90 37.98 -15.12
N LEU G 178 57.74 37.43 -14.77
CA LEU G 178 57.21 37.45 -13.39
C LEU G 178 57.31 36.07 -12.71
N GLY G 179 57.72 35.03 -13.42
CA GLY G 179 57.77 33.66 -12.89
C GLY G 179 56.39 33.11 -12.52
N VAL G 180 55.32 33.55 -13.18
CA VAL G 180 53.97 32.93 -13.03
C VAL G 180 53.41 32.66 -14.45
N HIS G 181 52.40 31.77 -14.52
CA HIS G 181 51.74 31.32 -15.77
C HIS G 181 51.00 32.49 -16.43
N ALA G 182 50.99 32.48 -17.77
CA ALA G 182 50.21 33.40 -18.62
C ALA G 182 48.75 33.45 -18.16
N LEU G 183 48.19 32.35 -17.65
CA LEU G 183 46.76 32.30 -17.22
C LEU G 183 46.54 33.28 -16.07
N SER G 184 47.55 33.56 -15.25
CA SER G 184 47.42 34.41 -14.04
C SER G 184 48.00 35.82 -14.28
N CYS G 185 48.48 36.07 -15.48
CA CYS G 185 49.02 37.39 -15.92
C CYS G 185 47.97 38.08 -16.79
N HIS G 186 47.51 39.24 -16.35
CA HIS G 186 46.41 39.97 -17.04
C HIS G 186 47.01 41.19 -17.73
N GLY G 187 46.60 41.40 -18.98
CA GLY G 187 47.12 42.46 -19.85
C GLY G 187 46.29 42.49 -21.12
N TRP G 188 46.00 43.70 -21.61
CA TRP G 188 45.18 43.88 -22.83
C TRP G 188 45.98 44.67 -23.88
N ILE G 189 45.89 44.20 -25.11
CA ILE G 189 46.38 44.89 -26.32
C ILE G 189 45.17 45.18 -27.20
N LEU G 190 44.82 46.47 -27.32
CA LEU G 190 43.61 46.90 -28.06
C LEU G 190 44.03 47.73 -29.29
N GLY G 191 43.04 48.14 -30.08
CA GLY G 191 43.23 48.95 -31.29
C GLY G 191 43.48 48.10 -32.51
N GLU G 192 44.47 48.46 -33.31
CA GLU G 192 44.69 47.92 -34.68
C GLU G 192 45.80 46.86 -34.62
N HIS G 193 45.51 45.63 -35.01
CA HIS G 193 46.47 44.50 -34.95
C HIS G 193 47.68 44.83 -35.83
N GLY G 194 48.86 45.00 -35.21
CA GLY G 194 50.13 45.31 -35.88
C GLY G 194 50.87 46.44 -35.17
N ASP G 195 51.58 47.26 -35.95
CA ASP G 195 52.46 48.37 -35.46
C ASP G 195 51.68 49.29 -34.52
N SER G 196 50.38 49.49 -34.74
CA SER G 196 49.59 50.53 -34.03
C SER G 196 48.93 49.98 -32.75
N SER G 197 49.09 48.68 -32.46
CA SER G 197 48.59 47.99 -31.23
C SER G 197 48.71 48.95 -30.04
N VAL G 198 47.65 49.13 -29.25
CA VAL G 198 47.71 49.94 -28.00
C VAL G 198 47.85 49.01 -26.81
N PRO G 199 49.00 49.04 -26.11
CA PRO G 199 49.13 48.34 -24.84
C PRO G 199 48.44 49.14 -23.73
N VAL G 200 47.36 48.59 -23.18
CA VAL G 200 46.58 49.24 -22.09
C VAL G 200 47.22 48.91 -20.73
N TRP G 201 48.25 49.68 -20.36
CA TRP G 201 49.08 49.51 -19.14
C TRP G 201 48.25 49.57 -17.87
N SER G 202 47.17 50.34 -17.85
CA SER G 202 46.34 50.61 -16.65
C SER G 202 45.82 49.29 -16.05
N GLY G 203 45.51 48.31 -16.91
CA GLY G 203 44.84 47.04 -16.58
C GLY G 203 45.81 45.86 -16.51
N MET G 204 47.11 46.09 -16.53
CA MET G 204 48.10 44.99 -16.39
C MET G 204 48.24 44.63 -14.90
N ASN G 205 47.71 43.47 -14.52
CA ASN G 205 47.66 43.01 -13.11
C ASN G 205 47.97 41.51 -13.01
N VAL G 206 48.56 41.14 -11.88
CA VAL G 206 48.49 39.76 -11.29
C VAL G 206 47.58 39.84 -10.06
N ALA G 207 46.59 38.95 -9.95
CA ALA G 207 45.70 38.80 -8.78
C ALA G 207 45.09 40.15 -8.41
N GLY G 208 44.76 40.98 -9.41
CA GLY G 208 44.10 42.28 -9.22
C GLY G 208 45.06 43.35 -8.68
N VAL G 209 46.37 43.11 -8.69
CA VAL G 209 47.37 44.13 -8.27
C VAL G 209 47.86 44.86 -9.52
N SER G 210 47.30 46.04 -9.78
CA SER G 210 47.71 47.01 -10.84
C SER G 210 49.23 47.17 -10.84
N LEU G 211 49.90 46.75 -11.92
CA LEU G 211 51.37 46.93 -12.05
C LEU G 211 51.66 48.40 -12.38
N LYS G 212 50.67 49.13 -12.88
CA LYS G 212 50.82 50.58 -13.17
C LYS G 212 50.92 51.34 -11.84
N THR G 213 50.06 51.03 -10.86
CA THR G 213 50.05 51.66 -9.51
C THR G 213 51.24 51.22 -8.66
N LEU G 214 51.63 49.95 -8.73
CA LEU G 214 52.78 49.36 -7.99
C LEU G 214 54.12 49.96 -8.46
N HIS G 215 54.19 50.44 -9.71
CA HIS G 215 55.43 50.78 -10.43
C HIS G 215 55.09 51.82 -11.47
N PRO G 216 54.87 53.11 -11.09
CA PRO G 216 54.29 54.10 -12.00
C PRO G 216 55.12 54.41 -13.26
N GLU G 217 56.41 54.03 -13.29
CA GLU G 217 57.29 54.23 -14.47
C GLU G 217 56.83 53.35 -15.66
N LEU G 218 55.98 52.34 -15.42
CA LEU G 218 55.61 51.27 -16.39
C LEU G 218 55.11 51.89 -17.69
N GLY G 219 55.70 51.50 -18.82
CA GLY G 219 55.17 51.82 -20.15
C GLY G 219 55.60 53.18 -20.65
N THR G 220 56.32 53.96 -19.83
CA THR G 220 57.02 55.22 -20.24
C THR G 220 58.48 54.86 -20.54
N ASP G 221 59.22 55.76 -21.20
CA ASP G 221 60.62 55.51 -21.61
C ASP G 221 61.53 55.54 -20.37
N ALA G 222 61.16 56.33 -19.35
CA ALA G 222 61.95 56.52 -18.11
C ALA G 222 62.16 55.18 -17.40
N ASP G 223 61.23 54.22 -17.60
CA ASP G 223 61.22 52.85 -16.99
C ASP G 223 62.57 52.15 -17.18
N LYS G 224 63.18 51.68 -16.08
CA LYS G 224 64.47 50.94 -16.11
C LYS G 224 64.21 49.48 -16.53
N GLU G 225 62.95 49.03 -16.47
CA GLU G 225 62.54 47.65 -16.84
C GLU G 225 62.02 47.60 -18.28
N GLN G 226 61.98 48.73 -18.98
CA GLN G 226 61.74 48.83 -20.46
C GLN G 226 60.56 47.94 -20.89
N TRP G 227 59.44 48.02 -20.18
CA TRP G 227 58.23 47.19 -20.44
C TRP G 227 57.68 47.50 -21.84
N LYS G 228 57.78 48.75 -22.30
CA LYS G 228 57.39 49.16 -23.68
C LYS G 228 58.12 48.26 -24.71
N GLN G 229 59.32 47.74 -24.39
CA GLN G 229 60.06 46.76 -25.25
C GLN G 229 59.35 45.38 -25.24
N VAL G 230 58.50 45.11 -24.25
CA VAL G 230 57.69 43.86 -24.21
C VAL G 230 56.55 43.98 -25.23
N HIS G 231 55.89 45.14 -25.29
CA HIS G 231 54.86 45.43 -26.33
C HIS G 231 55.54 45.39 -27.70
N LYS G 232 56.74 45.94 -27.81
CA LYS G 232 57.51 45.92 -29.08
C LYS G 232 57.74 44.45 -29.45
N GLN G 233 58.00 43.59 -28.45
CA GLN G 233 58.24 42.12 -28.64
C GLN G 233 56.97 41.45 -29.20
N VAL G 234 55.79 41.90 -28.78
CA VAL G 234 54.48 41.36 -29.25
C VAL G 234 54.28 41.72 -30.71
N VAL G 235 54.55 42.98 -31.06
CA VAL G 235 54.49 43.54 -32.45
C VAL G 235 55.52 42.79 -33.33
N ASP G 236 56.74 42.59 -32.85
CA ASP G 236 57.85 42.04 -33.66
C ASP G 236 57.72 40.52 -33.73
N SER G 237 56.67 39.94 -33.14
CA SER G 237 56.58 38.48 -32.89
C SER G 237 56.47 37.71 -34.21
N ALA G 238 55.45 37.97 -35.02
CA ALA G 238 55.27 37.28 -36.33
C ALA G 238 56.55 37.44 -37.15
N TYR G 239 57.09 38.66 -37.19
CA TYR G 239 58.39 38.99 -37.83
C TYR G 239 59.41 37.91 -37.41
N GLU G 240 59.66 37.77 -36.10
CA GLU G 240 60.76 36.93 -35.54
C GLU G 240 60.54 35.46 -35.90
N VAL G 241 59.32 34.95 -35.76
CA VAL G 241 59.04 33.49 -35.99
C VAL G 241 59.15 33.22 -37.49
N ILE G 242 58.67 34.14 -38.34
CA ILE G 242 58.79 34.01 -39.83
C ILE G 242 60.28 33.93 -40.20
N LYS G 243 61.11 34.79 -39.61
CA LYS G 243 62.57 34.87 -39.87
C LYS G 243 63.22 33.52 -39.58
N LEU G 244 62.66 32.77 -38.62
CA LEU G 244 63.23 31.51 -38.08
C LEU G 244 62.66 30.28 -38.80
N LYS G 245 61.33 30.16 -38.95
CA LYS G 245 60.67 28.93 -39.50
C LYS G 245 59.89 29.21 -40.79
N GLY G 246 59.76 30.47 -41.22
CA GLY G 246 59.23 30.84 -42.54
C GLY G 246 57.77 31.26 -42.52
N TYR G 247 57.06 31.04 -41.39
CA TYR G 247 55.60 31.27 -41.23
C TYR G 247 55.22 31.08 -39.76
N THR G 248 54.03 31.52 -39.36
CA THR G 248 53.51 31.28 -37.99
C THR G 248 52.26 30.42 -38.14
N SER G 249 51.97 29.54 -37.19
CA SER G 249 50.81 28.63 -37.34
C SER G 249 50.22 28.12 -36.03
N TRP G 250 51.03 27.62 -35.10
CA TRP G 250 50.59 26.99 -33.84
C TRP G 250 49.84 27.93 -32.90
N ALA G 251 50.46 29.06 -32.60
CA ALA G 251 49.97 30.14 -31.71
C ALA G 251 48.64 30.73 -32.23
N ILE G 252 48.54 31.04 -33.53
CA ILE G 252 47.29 31.62 -34.11
C ILE G 252 46.20 30.56 -34.11
N GLY G 253 46.55 29.28 -34.37
CA GLY G 253 45.61 28.14 -34.38
C GLY G 253 44.98 27.83 -33.02
N LEU G 254 45.74 27.90 -31.94
CA LEU G 254 45.22 27.70 -30.56
C LEU G 254 44.34 28.90 -30.18
N SER G 255 44.72 30.11 -30.62
CA SER G 255 43.99 31.37 -30.30
C SER G 255 42.62 31.37 -31.00
N VAL G 256 42.55 30.93 -32.26
CA VAL G 256 41.29 30.87 -33.05
C VAL G 256 40.40 29.78 -32.41
N ALA G 257 40.93 28.57 -32.20
CA ALA G 257 40.28 27.44 -31.52
C ALA G 257 39.64 27.92 -30.22
N ASP G 258 40.32 28.81 -29.49
CA ASP G 258 39.85 29.39 -28.21
C ASP G 258 38.61 30.25 -28.47
N LEU G 259 38.62 31.07 -29.52
CA LEU G 259 37.47 31.92 -29.91
C LEU G 259 36.30 31.01 -30.32
N ALA G 260 36.59 29.94 -31.06
CA ALA G 260 35.63 28.90 -31.51
C ALA G 260 34.90 28.29 -30.31
N GLU G 261 35.63 28.05 -29.20
CA GLU G 261 35.09 27.45 -27.97
C GLU G 261 34.06 28.42 -27.38
N SER G 262 34.40 29.70 -27.23
CA SER G 262 33.48 30.75 -26.72
C SER G 262 32.23 30.86 -27.61
N ILE G 263 32.38 30.84 -28.93
CA ILE G 263 31.24 30.92 -29.88
C ILE G 263 30.37 29.68 -29.75
N MET G 264 30.97 28.49 -29.92
CA MET G 264 30.25 27.19 -30.09
C MET G 264 29.63 26.69 -28.78
N LYS G 265 30.18 27.08 -27.62
CA LYS G 265 29.68 26.67 -26.29
C LYS G 265 29.06 27.86 -25.57
N ASN G 266 28.86 28.97 -26.27
CA ASN G 266 28.09 30.16 -25.82
C ASN G 266 28.58 30.63 -24.44
N LEU G 267 29.89 30.73 -24.26
CA LEU G 267 30.53 30.96 -22.94
C LEU G 267 30.34 32.40 -22.49
N ARG G 268 30.20 33.36 -23.41
CA ARG G 268 30.24 34.80 -23.07
C ARG G 268 31.50 35.09 -22.24
N ARG G 269 32.66 34.68 -22.76
CA ARG G 269 34.00 35.14 -22.27
C ARG G 269 34.38 36.43 -22.99
N VAL G 270 35.33 37.17 -22.42
CA VAL G 270 35.73 38.51 -22.93
C VAL G 270 37.11 38.34 -23.59
N HIS G 271 37.16 38.40 -24.93
CA HIS G 271 38.40 38.32 -25.75
C HIS G 271 38.69 39.68 -26.36
N PRO G 272 39.98 40.07 -26.51
CA PRO G 272 40.35 41.22 -27.35
C PRO G 272 40.22 40.84 -28.84
N ILE G 273 39.06 41.09 -29.43
CA ILE G 273 38.74 40.71 -30.84
C ILE G 273 38.18 41.93 -31.59
N SER G 274 38.24 41.88 -32.92
CA SER G 274 37.91 42.96 -33.88
C SER G 274 36.40 43.02 -34.12
N THR G 275 35.74 44.08 -33.64
CA THR G 275 34.28 44.33 -33.84
C THR G 275 34.04 45.73 -34.37
N MET G 276 32.91 45.92 -35.04
CA MET G 276 32.48 47.19 -35.69
C MET G 276 32.08 48.20 -34.59
N LEU G 277 32.98 49.12 -34.24
CA LEU G 277 32.83 50.01 -33.05
C LEU G 277 32.47 51.44 -33.46
N LYS G 278 31.73 51.64 -34.55
CA LYS G 278 31.12 52.96 -34.85
C LYS G 278 30.09 53.23 -33.75
N GLY G 279 30.25 54.33 -33.01
CA GLY G 279 29.37 54.74 -31.90
C GLY G 279 30.14 54.84 -30.60
N LEU G 280 31.27 54.16 -30.51
CA LEU G 280 31.99 53.93 -29.23
C LEU G 280 33.47 54.31 -29.37
N TYR G 281 34.14 54.61 -28.24
CA TYR G 281 35.57 55.03 -28.10
C TYR G 281 35.88 56.31 -28.90
N GLY G 282 34.85 57.12 -29.16
CA GLY G 282 34.96 58.34 -30.00
C GLY G 282 35.37 58.01 -31.44
N ILE G 283 34.85 56.91 -32.00
CA ILE G 283 35.08 56.43 -33.39
C ILE G 283 33.78 56.63 -34.17
N LYS G 284 33.79 57.48 -35.21
CA LYS G 284 32.54 57.99 -35.84
C LYS G 284 32.40 57.40 -37.25
N GLU G 285 33.22 56.41 -37.63
CA GLU G 285 33.18 55.76 -38.98
C GLU G 285 32.93 54.26 -38.83
N ASP G 286 32.58 53.58 -39.95
CA ASP G 286 32.40 52.11 -40.02
C ASP G 286 33.79 51.43 -40.08
N VAL G 287 34.43 51.21 -38.94
CA VAL G 287 35.75 50.51 -38.84
C VAL G 287 35.67 49.40 -37.78
N PHE G 288 36.61 48.47 -37.82
CA PHE G 288 36.74 47.33 -36.89
C PHE G 288 38.05 47.47 -36.10
N LEU G 289 37.96 47.55 -34.79
CA LEU G 289 39.13 47.70 -33.88
C LEU G 289 39.00 46.68 -32.76
N SER G 290 40.13 46.14 -32.29
CA SER G 290 40.19 45.18 -31.16
C SER G 290 39.83 45.90 -29.86
N VAL G 291 38.72 45.48 -29.24
CA VAL G 291 38.28 45.91 -27.88
C VAL G 291 37.75 44.68 -27.14
N PRO G 292 37.73 44.67 -25.79
CA PRO G 292 37.23 43.49 -25.08
C PRO G 292 35.77 43.21 -25.46
N CYS G 293 35.52 42.04 -26.05
CA CYS G 293 34.20 41.62 -26.61
C CYS G 293 33.67 40.37 -25.91
N VAL G 294 32.39 40.43 -25.53
CA VAL G 294 31.62 39.30 -24.98
C VAL G 294 31.20 38.43 -26.16
N LEU G 295 31.85 37.28 -26.26
CA LEU G 295 31.73 36.29 -27.37
C LEU G 295 30.80 35.17 -26.93
N GLY G 296 29.76 34.87 -27.71
CA GLY G 296 28.86 33.73 -27.47
C GLY G 296 28.31 33.20 -28.78
N GLN G 297 27.21 32.42 -28.70
CA GLN G 297 26.61 31.67 -29.85
C GLN G 297 26.05 32.62 -30.92
N ASN G 298 25.82 33.90 -30.59
CA ASN G 298 25.32 34.94 -31.54
C ASN G 298 26.47 35.84 -31.98
N GLY G 299 27.70 35.40 -31.75
CA GLY G 299 28.92 36.19 -31.93
C GLY G 299 29.07 37.21 -30.81
N ILE G 300 29.14 38.49 -31.18
CA ILE G 300 29.52 39.62 -30.28
C ILE G 300 28.25 40.36 -29.86
N SER G 301 27.88 40.20 -28.60
CA SER G 301 26.61 40.71 -28.02
C SER G 301 26.90 41.98 -27.21
N ASP G 302 28.14 42.16 -26.75
CA ASP G 302 28.49 43.19 -25.73
C ASP G 302 29.95 43.63 -25.93
N VAL G 303 30.28 44.85 -25.48
CA VAL G 303 31.65 45.42 -25.50
C VAL G 303 31.95 46.06 -24.14
N VAL G 304 33.12 45.75 -23.57
CA VAL G 304 33.62 46.38 -22.31
C VAL G 304 34.14 47.77 -22.69
N LYS G 305 33.72 48.78 -21.94
CA LYS G 305 34.17 50.19 -22.11
C LYS G 305 35.40 50.39 -21.23
N VAL G 306 36.58 50.23 -21.82
CA VAL G 306 37.86 50.44 -21.11
C VAL G 306 38.08 51.94 -21.03
N THR G 307 38.36 52.47 -19.84
CA THR G 307 38.82 53.86 -19.68
C THR G 307 40.25 53.98 -20.22
N LEU G 308 40.42 54.70 -21.31
CA LEU G 308 41.73 54.97 -21.96
C LEU G 308 42.23 56.35 -21.54
N THR G 309 43.53 56.52 -21.27
CA THR G 309 44.19 57.85 -21.18
C THR G 309 44.03 58.57 -22.53
N SER G 310 44.22 59.89 -22.56
CA SER G 310 44.11 60.76 -23.77
C SER G 310 44.96 60.20 -24.93
N GLU G 311 46.21 59.86 -24.66
CA GLU G 311 47.18 59.30 -25.66
C GLU G 311 46.66 58.00 -26.28
N GLU G 312 45.97 57.17 -25.50
CA GLU G 312 45.44 55.85 -25.93
C GLU G 312 44.19 56.04 -26.80
N GLU G 313 43.22 56.86 -26.39
CA GLU G 313 42.08 57.30 -27.24
C GLU G 313 42.61 57.81 -28.60
N ALA G 314 43.56 58.75 -28.54
CA ALA G 314 44.22 59.40 -29.70
C ALA G 314 44.80 58.33 -30.64
N HIS G 315 45.41 57.27 -30.10
CA HIS G 315 45.96 56.14 -30.88
C HIS G 315 44.83 55.49 -31.69
N LEU G 316 43.68 55.23 -31.07
CA LEU G 316 42.60 54.43 -31.70
C LEU G 316 41.89 55.30 -32.75
N LYS G 317 41.64 56.57 -32.46
CA LYS G 317 40.95 57.49 -33.42
C LYS G 317 41.81 57.65 -34.68
N LYS G 318 43.14 57.79 -34.55
CA LYS G 318 44.09 57.87 -35.68
C LYS G 318 44.00 56.57 -36.50
N SER G 319 44.10 55.42 -35.84
CA SER G 319 43.94 54.08 -36.45
C SER G 319 42.62 54.05 -37.23
N ALA G 320 41.55 54.61 -36.67
CA ALA G 320 40.20 54.64 -37.28
C ALA G 320 40.20 55.52 -38.54
N ASP G 321 40.91 56.66 -38.52
CA ASP G 321 41.02 57.64 -39.63
C ASP G 321 41.82 57.01 -40.78
N THR G 322 42.87 56.23 -40.47
CA THR G 322 43.70 55.50 -41.46
C THR G 322 42.84 54.41 -42.14
N LEU G 323 42.21 53.53 -41.35
CA LEU G 323 41.40 52.39 -41.86
C LEU G 323 40.30 52.92 -42.78
N TRP G 324 39.63 54.01 -42.38
CA TRP G 324 38.57 54.62 -43.21
C TRP G 324 39.23 55.25 -44.44
N GLY G 325 40.42 55.82 -44.26
CA GLY G 325 41.22 56.42 -45.33
C GLY G 325 41.45 55.46 -46.48
N ILE G 326 41.50 54.16 -46.17
CA ILE G 326 41.70 53.05 -47.15
C ILE G 326 40.34 52.49 -47.56
N GLN G 327 39.43 52.30 -46.61
CA GLN G 327 38.13 51.62 -46.84
C GLN G 327 37.32 52.38 -47.91
N LYS G 328 37.29 53.72 -47.83
CA LYS G 328 36.50 54.58 -48.76
C LYS G 328 37.04 54.44 -50.19
N GLU G 329 38.31 54.04 -50.37
CA GLU G 329 38.97 53.91 -51.69
C GLU G 329 38.71 52.55 -52.32
N LEU G 330 38.00 51.64 -51.63
CA LEU G 330 37.86 50.24 -52.13
C LEU G 330 36.71 50.17 -53.13
N GLN G 331 36.94 49.43 -54.21
CA GLN G 331 35.95 49.10 -55.27
C GLN G 331 35.41 47.70 -54.93
N PHE G 332 34.10 47.57 -54.77
CA PHE G 332 33.41 46.29 -54.43
C PHE G 332 32.77 45.68 -55.69
N ALA H 3 24.16 52.81 -13.45
CA ALA H 3 24.46 51.43 -12.95
C ALA H 3 25.92 51.05 -13.27
N LEU H 4 26.40 49.94 -12.70
CA LEU H 4 27.78 49.44 -12.97
C LEU H 4 27.79 48.69 -14.30
N LYS H 5 26.76 47.86 -14.56
CA LYS H 5 26.65 47.07 -15.81
C LYS H 5 26.75 48.02 -17.02
N ASP H 6 25.95 49.09 -17.03
CA ASP H 6 25.87 50.07 -18.15
C ASP H 6 27.12 50.95 -18.21
N GLN H 7 27.89 51.07 -17.12
CA GLN H 7 29.19 51.81 -17.07
C GLN H 7 30.31 50.98 -17.72
N LEU H 8 30.25 49.65 -17.53
CA LEU H 8 31.32 48.70 -17.93
C LEU H 8 31.04 48.11 -19.31
N ILE H 9 29.78 47.73 -19.57
CA ILE H 9 29.35 46.93 -20.74
C ILE H 9 28.37 47.78 -21.59
N HIS H 10 28.67 47.98 -22.86
CA HIS H 10 27.70 48.50 -23.85
C HIS H 10 27.04 47.31 -24.55
N ASN H 11 25.73 47.17 -24.45
CA ASN H 11 24.96 46.07 -25.09
C ASN H 11 24.78 46.43 -26.57
N LEU H 12 25.05 45.49 -27.48
CA LEU H 12 24.98 45.71 -28.96
C LEU H 12 23.84 44.87 -29.57
N LEU H 13 23.25 43.95 -28.81
CA LEU H 13 22.48 42.81 -29.35
C LEU H 13 21.49 42.33 -28.29
N LYS H 14 20.19 42.50 -28.54
CA LYS H 14 19.11 42.03 -27.64
C LYS H 14 19.10 40.49 -27.72
N GLU H 15 19.72 39.84 -26.73
CA GLU H 15 20.08 38.39 -26.77
C GLU H 15 19.01 37.56 -26.08
N GLU H 16 17.99 37.15 -26.84
CA GLU H 16 17.06 36.05 -26.44
C GLU H 16 17.73 34.74 -26.89
N HIS H 17 18.36 34.05 -25.94
CA HIS H 17 19.04 32.75 -26.13
C HIS H 17 17.96 31.66 -26.24
N VAL H 18 17.91 30.93 -27.36
CA VAL H 18 17.23 29.59 -27.46
C VAL H 18 18.34 28.55 -27.50
N PRO H 19 18.37 27.57 -26.56
CA PRO H 19 19.58 26.78 -26.30
C PRO H 19 19.84 25.74 -27.39
N GLN H 20 21.11 25.56 -27.77
CA GLN H 20 21.52 24.80 -28.97
C GLN H 20 21.92 23.36 -28.61
N ASN H 21 22.58 23.16 -27.47
CA ASN H 21 23.05 21.81 -27.04
C ASN H 21 22.69 21.59 -25.56
N LYS H 22 21.39 21.72 -25.24
CA LYS H 22 20.83 21.57 -23.87
C LYS H 22 20.63 20.09 -23.53
N ILE H 23 20.87 19.74 -22.27
CA ILE H 23 20.54 18.39 -21.75
C ILE H 23 19.77 18.55 -20.43
N THR H 24 18.76 17.71 -20.25
CA THR H 24 17.95 17.66 -19.02
C THR H 24 18.18 16.35 -18.27
N VAL H 25 18.42 16.46 -16.97
CA VAL H 25 18.45 15.31 -16.04
C VAL H 25 17.21 15.41 -15.14
N VAL H 26 16.23 14.55 -15.37
CA VAL H 26 15.09 14.25 -14.44
C VAL H 26 15.59 13.37 -13.28
N GLY H 27 15.42 13.84 -12.04
CA GLY H 27 15.84 13.10 -10.82
C GLY H 27 17.19 13.59 -10.33
N VAL H 28 17.22 14.26 -9.18
CA VAL H 28 18.46 14.84 -8.60
C VAL H 28 18.89 13.99 -7.41
N GLY H 29 18.62 12.68 -7.49
CA GLY H 29 19.19 11.65 -6.61
C GLY H 29 20.62 11.32 -7.00
N ALA H 30 21.29 10.54 -6.17
CA ALA H 30 22.68 10.08 -6.38
C ALA H 30 22.91 9.79 -7.86
N VAL H 31 22.03 8.97 -8.45
CA VAL H 31 22.19 8.50 -9.86
C VAL H 31 22.06 9.69 -10.81
N GLY H 32 21.17 10.63 -10.52
CA GLY H 32 20.92 11.79 -11.41
C GLY H 32 22.08 12.77 -11.39
N MET H 33 22.62 13.04 -10.19
CA MET H 33 23.65 14.08 -9.92
C MET H 33 25.01 13.56 -10.38
N ALA H 34 25.16 12.24 -10.48
CA ALA H 34 26.34 11.57 -11.08
C ALA H 34 26.27 11.72 -12.61
N CYS H 35 25.11 11.44 -13.23
CA CYS H 35 24.90 11.73 -14.66
C CYS H 35 25.21 13.22 -14.89
N ALA H 36 24.75 14.10 -13.99
CA ALA H 36 24.95 15.57 -14.10
C ALA H 36 26.44 15.94 -14.12
N ILE H 37 27.20 15.69 -13.04
CA ILE H 37 28.63 16.11 -12.89
C ILE H 37 29.48 15.47 -14.00
N SER H 38 29.19 14.24 -14.40
CA SER H 38 29.86 13.52 -15.52
C SER H 38 29.61 14.29 -16.83
N ILE H 39 28.38 14.71 -17.10
CA ILE H 39 28.04 15.46 -18.33
C ILE H 39 28.74 16.84 -18.30
N LEU H 40 28.86 17.49 -17.14
CA LEU H 40 29.41 18.88 -17.06
C LEU H 40 30.91 18.87 -17.36
N MET H 41 31.58 17.83 -16.88
CA MET H 41 33.06 17.74 -16.89
C MET H 41 33.55 17.10 -18.18
N LYS H 42 32.63 16.64 -19.03
CA LYS H 42 32.90 16.15 -20.41
C LYS H 42 32.45 17.18 -21.45
N ASP H 43 31.88 18.32 -21.03
CA ASP H 43 31.55 19.47 -21.91
C ASP H 43 30.64 18.98 -23.04
N LEU H 44 29.53 18.30 -22.71
CA LEU H 44 28.60 17.74 -23.74
C LEU H 44 27.48 18.72 -24.04
N ALA H 45 27.34 19.81 -23.27
CA ALA H 45 26.13 20.65 -23.32
C ALA H 45 26.47 22.13 -23.10
N ASP H 46 25.70 23.02 -23.74
CA ASP H 46 25.77 24.49 -23.54
C ASP H 46 24.75 24.89 -22.47
N GLU H 47 23.77 24.03 -22.17
CA GLU H 47 22.75 24.27 -21.09
C GLU H 47 22.38 22.93 -20.45
N LEU H 48 22.46 22.85 -19.11
CA LEU H 48 22.02 21.66 -18.31
C LEU H 48 20.79 22.05 -17.49
N ALA H 49 19.71 21.30 -17.63
CA ALA H 49 18.46 21.47 -16.86
C ALA H 49 18.26 20.27 -15.91
N LEU H 50 18.21 20.52 -14.62
CA LEU H 50 17.74 19.56 -13.57
C LEU H 50 16.25 19.80 -13.23
N VAL H 51 15.41 18.74 -13.30
CA VAL H 51 14.03 18.72 -12.72
C VAL H 51 13.89 17.57 -11.70
N ASP H 52 13.17 17.85 -10.60
CA ASP H 52 12.77 16.89 -9.54
C ASP H 52 11.50 17.44 -8.84
N VAL H 53 10.73 16.57 -8.18
CA VAL H 53 9.53 16.94 -7.39
C VAL H 53 9.98 17.56 -6.06
N MET H 54 11.16 17.20 -5.54
CA MET H 54 11.67 17.76 -4.25
C MET H 54 12.33 19.12 -4.53
N GLU H 55 11.63 20.21 -4.25
CA GLU H 55 12.00 21.62 -4.62
C GLU H 55 13.26 22.08 -3.88
N ASP H 56 13.47 21.67 -2.63
CA ASP H 56 14.58 22.17 -1.76
C ASP H 56 15.88 21.46 -2.17
N LYS H 57 15.82 20.14 -2.34
CA LYS H 57 16.95 19.30 -2.79
C LYS H 57 17.42 19.81 -4.16
N LEU H 58 16.46 20.14 -5.04
CA LEU H 58 16.70 20.50 -6.46
C LEU H 58 17.51 21.79 -6.56
N LYS H 59 17.12 22.80 -5.78
CA LYS H 59 17.72 24.17 -5.87
C LYS H 59 19.13 24.15 -5.26
N GLY H 60 19.38 23.25 -4.31
CA GLY H 60 20.70 23.08 -3.67
C GLY H 60 21.70 22.49 -4.64
N GLU H 61 21.35 21.37 -5.28
CA GLU H 61 22.19 20.68 -6.30
C GLU H 61 22.53 21.69 -7.40
N MET H 62 21.50 22.35 -7.96
CA MET H 62 21.62 23.47 -8.94
C MET H 62 22.67 24.49 -8.46
N MET H 63 22.53 25.02 -7.24
CA MET H 63 23.42 26.07 -6.68
C MET H 63 24.85 25.52 -6.50
N ASP H 64 24.96 24.27 -6.06
CA ASP H 64 26.26 23.60 -5.83
C ASP H 64 27.01 23.52 -7.17
N LEU H 65 26.47 22.81 -8.17
CA LEU H 65 26.91 22.87 -9.58
C LEU H 65 27.26 24.32 -9.96
N GLN H 66 26.33 25.28 -9.84
CA GLN H 66 26.53 26.68 -10.33
C GLN H 66 27.80 27.32 -9.72
N HIS H 67 28.15 27.01 -8.46
CA HIS H 67 29.22 27.67 -7.67
C HIS H 67 30.62 27.24 -8.15
N GLY H 68 30.70 26.15 -8.91
CA GLY H 68 31.96 25.73 -9.57
C GLY H 68 32.00 26.05 -11.06
N SER H 69 31.20 27.02 -11.53
CA SER H 69 31.03 27.38 -12.97
C SER H 69 32.39 27.69 -13.61
N LEU H 70 33.25 28.39 -12.86
CA LEU H 70 34.62 28.82 -13.22
C LEU H 70 35.47 27.64 -13.74
N PHE H 71 35.39 26.48 -13.08
CA PHE H 71 36.14 25.24 -13.39
C PHE H 71 35.41 24.39 -14.46
N LEU H 72 34.26 24.87 -14.97
CA LEU H 72 33.42 24.16 -15.96
C LEU H 72 33.31 24.99 -17.24
N ARG H 73 32.73 24.42 -18.29
CA ARG H 73 32.57 25.08 -19.59
C ARG H 73 31.13 24.94 -20.06
N THR H 74 30.18 24.78 -19.13
CA THR H 74 28.72 24.78 -19.41
C THR H 74 28.10 26.01 -18.75
N PRO H 75 27.77 27.07 -19.51
CA PRO H 75 27.60 28.41 -18.93
C PRO H 75 26.23 28.64 -18.29
N LYS H 76 25.25 27.76 -18.54
CA LYS H 76 23.87 27.87 -18.00
C LYS H 76 23.43 26.54 -17.37
N ILE H 77 23.34 26.52 -16.03
CA ILE H 77 22.70 25.43 -15.26
C ILE H 77 21.41 25.95 -14.61
N VAL H 78 20.28 25.35 -14.98
CA VAL H 78 18.92 25.76 -14.53
C VAL H 78 18.20 24.58 -13.84
N SER H 79 17.32 24.86 -12.89
CA SER H 79 16.40 23.84 -12.33
C SER H 79 14.99 24.45 -12.17
N GLY H 80 14.02 23.58 -11.88
CA GLY H 80 12.67 23.93 -11.44
C GLY H 80 11.80 22.70 -11.33
N LYS H 81 10.80 22.72 -10.44
CA LYS H 81 9.72 21.69 -10.38
C LYS H 81 8.93 21.74 -11.69
N ASP H 82 8.85 22.92 -12.33
CA ASP H 82 8.11 23.15 -13.60
C ASP H 82 8.90 22.59 -14.80
N TYR H 83 8.28 21.77 -15.65
CA TYR H 83 8.95 21.17 -16.83
C TYR H 83 9.17 22.18 -17.97
N SER H 84 8.91 23.47 -17.75
CA SER H 84 9.26 24.55 -18.72
C SER H 84 10.79 24.67 -18.80
N VAL H 85 11.51 24.46 -17.68
CA VAL H 85 13.00 24.57 -17.60
C VAL H 85 13.69 23.56 -18.53
N THR H 86 13.00 22.53 -19.03
CA THR H 86 13.53 21.44 -19.90
C THR H 86 13.20 21.65 -21.38
N ALA H 87 12.86 22.86 -21.81
CA ALA H 87 12.41 23.13 -23.21
C ALA H 87 13.62 23.19 -24.16
N ASN H 88 13.41 22.71 -25.39
CA ASN H 88 14.42 22.61 -26.48
C ASN H 88 15.65 21.84 -25.96
N SER H 89 15.43 20.74 -25.25
CA SER H 89 16.49 19.77 -24.86
C SER H 89 16.74 18.86 -26.07
N LYS H 90 18.01 18.56 -26.35
CA LYS H 90 18.41 17.58 -27.40
C LYS H 90 18.25 16.18 -26.80
N LEU H 91 18.47 16.09 -25.49
CA LEU H 91 18.51 14.80 -24.75
C LEU H 91 17.92 15.02 -23.36
N VAL H 92 17.00 14.15 -22.97
CA VAL H 92 16.42 14.13 -21.60
C VAL H 92 16.75 12.77 -20.97
N ILE H 93 17.47 12.82 -19.85
CA ILE H 93 17.98 11.63 -19.09
C ILE H 93 17.06 11.42 -17.88
N ILE H 94 16.29 10.33 -17.90
CA ILE H 94 15.24 10.00 -16.91
C ILE H 94 15.82 9.03 -15.87
N THR H 95 16.09 9.53 -14.66
CA THR H 95 16.57 8.73 -13.49
C THR H 95 15.53 8.68 -12.37
N ALA H 96 14.44 9.45 -12.46
CA ALA H 96 13.44 9.58 -11.38
C ALA H 96 12.58 8.30 -11.27
N GLY H 97 12.19 7.97 -10.04
CA GLY H 97 11.30 6.82 -9.75
C GLY H 97 10.64 6.87 -8.38
N ALA H 98 9.64 6.01 -8.20
CA ALA H 98 8.99 5.71 -6.91
C ALA H 98 10.05 5.24 -5.92
N ARG H 99 10.05 5.82 -4.71
CA ARG H 99 10.77 5.27 -3.53
C ARG H 99 10.03 4.02 -3.05
N GLN H 100 10.76 2.92 -2.80
CA GLN H 100 10.18 1.62 -2.37
C GLN H 100 9.48 1.83 -1.01
N GLN H 101 8.35 1.17 -0.80
CA GLN H 101 7.71 1.02 0.54
C GLN H 101 7.98 -0.40 1.02
N GLU H 102 8.23 -0.59 2.33
CA GLU H 102 8.35 -1.95 2.95
C GLU H 102 7.07 -2.73 2.66
N GLY H 103 7.19 -4.01 2.36
CA GLY H 103 6.02 -4.90 2.22
C GLY H 103 5.23 -4.59 0.97
N GLU H 104 5.85 -3.92 0.00
CA GLU H 104 5.25 -3.64 -1.32
C GLU H 104 5.74 -4.68 -2.35
N SER H 105 4.85 -5.24 -3.13
CA SER H 105 5.20 -6.23 -4.18
C SER H 105 6.01 -5.55 -5.31
N ARG H 106 6.70 -6.34 -6.13
CA ARG H 106 7.42 -5.86 -7.35
C ARG H 106 6.42 -5.12 -8.25
N LEU H 107 5.29 -5.76 -8.58
CA LEU H 107 4.32 -5.26 -9.59
C LEU H 107 3.75 -3.91 -9.16
N ASN H 108 3.55 -3.71 -7.86
CA ASN H 108 2.99 -2.46 -7.31
C ASN H 108 4.03 -1.33 -7.40
N LEU H 109 5.33 -1.63 -7.22
CA LEU H 109 6.43 -0.63 -7.33
C LEU H 109 6.56 -0.18 -8.78
N VAL H 110 6.54 -1.12 -9.70
CA VAL H 110 6.61 -0.82 -11.15
C VAL H 110 5.42 0.08 -11.51
N GLN H 111 4.20 -0.29 -11.14
CA GLN H 111 2.96 0.46 -11.47
C GLN H 111 3.03 1.88 -10.87
N ARG H 112 3.54 2.05 -9.65
CA ARG H 112 3.72 3.40 -9.03
C ARG H 112 4.70 4.23 -9.87
N ASN H 113 5.74 3.61 -10.41
CA ASN H 113 6.74 4.25 -11.31
C ASN H 113 6.00 4.64 -12.59
N VAL H 114 5.31 3.68 -13.22
CA VAL H 114 4.50 3.93 -14.47
C VAL H 114 3.71 5.22 -14.26
N ASN H 115 3.14 5.43 -13.06
CA ASN H 115 2.27 6.60 -12.73
C ASN H 115 3.11 7.87 -12.67
N ILE H 116 4.35 7.76 -12.18
CA ILE H 116 5.26 8.94 -12.13
C ILE H 116 5.64 9.31 -13.56
N PHE H 117 5.81 8.30 -14.41
CA PHE H 117 6.19 8.43 -15.83
C PHE H 117 5.05 9.09 -16.64
N LYS H 118 3.78 8.87 -16.27
CA LYS H 118 2.65 9.43 -17.07
C LYS H 118 2.40 10.89 -16.67
N PHE H 119 3.04 11.39 -15.60
CA PHE H 119 3.28 12.83 -15.35
C PHE H 119 4.54 13.32 -16.08
N ILE H 120 5.66 12.57 -16.01
CA ILE H 120 7.00 13.04 -16.48
C ILE H 120 7.08 13.02 -18.01
N ILE H 121 6.64 11.96 -18.69
CA ILE H 121 6.92 11.75 -20.15
C ILE H 121 6.16 12.76 -21.01
N PRO H 122 4.84 13.04 -20.80
CA PRO H 122 4.12 14.00 -21.65
C PRO H 122 4.53 15.46 -21.39
N ASN H 123 4.96 15.79 -20.17
CA ASN H 123 5.55 17.10 -19.79
C ASN H 123 6.86 17.32 -20.56
N VAL H 124 7.73 16.30 -20.56
CA VAL H 124 9.04 16.31 -21.25
C VAL H 124 8.80 16.51 -22.75
N VAL H 125 7.75 15.85 -23.27
CA VAL H 125 7.42 15.81 -24.72
C VAL H 125 6.78 17.14 -25.14
N LYS H 126 6.08 17.82 -24.21
CA LYS H 126 5.42 19.14 -24.45
C LYS H 126 6.49 20.21 -24.76
N TYR H 127 7.62 20.16 -24.07
CA TYR H 127 8.66 21.22 -24.09
C TYR H 127 9.86 20.84 -24.97
N SER H 128 10.06 19.56 -25.26
CA SER H 128 11.18 19.07 -26.11
C SER H 128 10.65 17.96 -27.01
N PRO H 129 9.71 18.29 -27.93
CA PRO H 129 9.05 17.31 -28.79
C PRO H 129 9.94 16.51 -29.76
N HIS H 130 11.20 16.92 -29.99
CA HIS H 130 12.15 16.25 -30.93
C HIS H 130 13.36 15.63 -30.19
N CYS H 131 13.37 15.63 -28.85
CA CYS H 131 14.51 15.16 -28.00
C CYS H 131 14.67 13.63 -28.11
N LYS H 132 15.83 13.11 -27.73
CA LYS H 132 16.03 11.66 -27.47
C LYS H 132 15.76 11.43 -25.98
N LEU H 133 15.03 10.35 -25.64
CA LEU H 133 14.73 9.95 -24.24
C LEU H 133 15.71 8.86 -23.84
N LEU H 134 16.53 9.13 -22.82
CA LEU H 134 17.45 8.13 -22.23
C LEU H 134 16.97 7.77 -20.83
N VAL H 135 16.40 6.58 -20.71
CA VAL H 135 15.77 6.04 -19.47
C VAL H 135 16.84 5.25 -18.72
N VAL H 136 17.11 5.65 -17.48
CA VAL H 136 18.10 5.05 -16.53
C VAL H 136 17.37 4.40 -15.33
N SER H 137 16.18 4.90 -15.00
CA SER H 137 15.36 4.46 -13.84
C SER H 137 15.08 2.95 -13.95
N ASN H 138 15.11 2.23 -12.82
CA ASN H 138 14.87 0.76 -12.78
C ASN H 138 13.43 0.46 -12.38
N PRO H 139 12.80 -0.58 -12.97
CA PRO H 139 13.45 -1.49 -13.92
C PRO H 139 13.52 -0.90 -15.34
N VAL H 140 14.75 -0.79 -15.84
CA VAL H 140 15.08 0.07 -17.02
C VAL H 140 14.35 -0.48 -18.25
N ASP H 141 14.40 -1.79 -18.49
CA ASP H 141 13.91 -2.41 -19.76
C ASP H 141 12.39 -2.30 -19.83
N ILE H 142 11.71 -2.31 -18.68
CA ILE H 142 10.23 -2.16 -18.59
C ILE H 142 9.88 -0.66 -18.66
N LEU H 143 10.59 0.18 -17.90
CA LEU H 143 10.31 1.65 -17.81
C LEU H 143 10.67 2.35 -19.13
N THR H 144 11.62 1.82 -19.90
CA THR H 144 11.94 2.33 -21.25
C THR H 144 10.73 2.10 -22.15
N TYR H 145 10.19 0.87 -22.14
CA TYR H 145 8.89 0.53 -22.78
C TYR H 145 7.82 1.54 -22.38
N VAL H 146 7.62 1.72 -21.08
CA VAL H 146 6.59 2.65 -20.53
C VAL H 146 6.70 3.99 -21.28
N ALA H 147 7.88 4.60 -21.26
CA ALA H 147 8.14 5.96 -21.81
C ALA H 147 7.88 5.98 -23.33
N TRP H 148 8.32 4.93 -24.04
CA TRP H 148 8.15 4.80 -25.52
C TRP H 148 6.66 4.78 -25.91
N LYS H 149 5.86 4.00 -25.17
CA LYS H 149 4.38 3.98 -25.26
C LYS H 149 3.83 5.38 -24.95
N ILE H 150 4.22 5.97 -23.81
CA ILE H 150 3.59 7.24 -23.30
C ILE H 150 4.01 8.42 -24.18
N SER H 151 5.26 8.44 -24.67
CA SER H 151 5.80 9.54 -25.49
C SER H 151 5.11 9.52 -26.87
N GLY H 152 5.00 8.34 -27.48
CA GLY H 152 4.58 8.19 -28.88
C GLY H 152 5.71 8.50 -29.85
N PHE H 153 6.92 8.79 -29.33
CA PHE H 153 8.18 8.99 -30.09
C PHE H 153 8.46 7.72 -30.88
N PRO H 154 9.17 7.80 -32.02
CA PRO H 154 9.59 6.59 -32.73
C PRO H 154 10.70 5.85 -31.97
N LYS H 155 10.89 4.57 -32.32
CA LYS H 155 11.80 3.58 -31.68
C LYS H 155 13.20 4.19 -31.49
N ASN H 156 13.72 4.83 -32.54
CA ASN H 156 15.10 5.39 -32.59
C ASN H 156 15.29 6.41 -31.46
N ARG H 157 14.23 7.12 -31.02
CA ARG H 157 14.37 8.30 -30.11
C ARG H 157 14.08 7.92 -28.67
N VAL H 158 14.00 6.63 -28.32
CA VAL H 158 13.85 6.21 -26.89
C VAL H 158 14.83 5.07 -26.59
N ILE H 159 15.73 5.34 -25.63
CA ILE H 159 16.91 4.50 -25.30
C ILE H 159 16.83 4.11 -23.82
N GLY H 160 17.03 2.84 -23.51
CA GLY H 160 17.30 2.38 -22.14
C GLY H 160 18.78 2.19 -21.93
N SER H 161 19.34 2.69 -20.82
CA SER H 161 20.75 2.44 -20.41
C SER H 161 21.01 0.93 -20.39
N GLY H 162 19.98 0.10 -20.14
CA GLY H 162 20.03 -1.37 -20.29
C GLY H 162 21.29 -1.97 -19.68
N CYS H 163 22.08 -2.70 -20.48
CA CYS H 163 23.29 -3.47 -20.07
C CYS H 163 24.60 -2.74 -20.39
N ASN H 164 24.56 -1.41 -20.55
CA ASN H 164 25.73 -0.56 -20.88
C ASN H 164 26.74 -0.61 -19.72
N LEU H 165 26.29 -0.34 -18.50
CA LEU H 165 27.14 -0.43 -17.29
C LEU H 165 27.50 -1.90 -17.02
N ASP H 166 26.58 -2.84 -17.29
CA ASP H 166 26.82 -4.28 -17.07
C ASP H 166 28.07 -4.67 -17.89
N SER H 167 28.15 -4.25 -19.14
CA SER H 167 29.32 -4.47 -20.03
C SER H 167 30.56 -3.77 -19.46
N ALA H 168 30.45 -2.49 -19.10
CA ALA H 168 31.57 -1.70 -18.56
C ALA H 168 32.19 -2.48 -17.39
N ARG H 169 31.36 -3.07 -16.55
CA ARG H 169 31.78 -3.79 -15.31
C ARG H 169 32.51 -5.08 -15.69
N PHE H 170 32.02 -5.75 -16.73
CA PHE H 170 32.53 -7.07 -17.20
C PHE H 170 33.96 -6.90 -17.73
N ARG H 171 34.21 -5.79 -18.43
CA ARG H 171 35.52 -5.45 -19.08
C ARG H 171 36.48 -5.03 -17.97
N TYR H 172 36.01 -4.30 -16.96
CA TYR H 172 36.86 -3.99 -15.77
C TYR H 172 37.42 -5.28 -15.17
N LEU H 173 36.61 -6.36 -15.15
CA LEU H 173 36.93 -7.67 -14.52
C LEU H 173 37.69 -8.56 -15.50
N MET H 174 37.25 -8.62 -16.75
CA MET H 174 38.08 -9.15 -17.87
C MET H 174 39.47 -8.54 -17.72
N GLY H 175 39.55 -7.21 -17.63
CA GLY H 175 40.77 -6.40 -17.44
C GLY H 175 41.58 -6.75 -16.21
N GLU H 176 40.96 -6.92 -15.03
CA GLU H 176 41.72 -7.17 -13.77
C GLU H 176 42.29 -8.60 -13.77
N ARG H 177 41.67 -9.54 -14.50
CA ARG H 177 42.10 -10.96 -14.60
C ARG H 177 43.24 -11.12 -15.62
N LEU H 178 43.22 -10.40 -16.74
CA LEU H 178 44.24 -10.51 -17.82
C LEU H 178 45.42 -9.54 -17.61
N GLY H 179 45.36 -8.63 -16.63
CA GLY H 179 46.40 -7.61 -16.37
C GLY H 179 46.43 -6.54 -17.46
N VAL H 180 45.29 -6.23 -18.06
CA VAL H 180 45.21 -5.31 -19.22
C VAL H 180 44.08 -4.30 -18.96
N HIS H 181 44.15 -3.09 -19.52
CA HIS H 181 43.14 -2.02 -19.27
C HIS H 181 41.79 -2.46 -19.85
N ALA H 182 40.70 -2.03 -19.21
CA ALA H 182 39.31 -2.27 -19.65
C ALA H 182 39.13 -1.88 -21.12
N LEU H 183 39.87 -0.90 -21.62
CA LEU H 183 39.68 -0.39 -23.01
C LEU H 183 40.06 -1.47 -24.02
N SER H 184 40.99 -2.37 -23.66
CA SER H 184 41.56 -3.39 -24.58
C SER H 184 40.90 -4.75 -24.37
N CYS H 185 39.98 -4.85 -23.41
CA CYS H 185 39.19 -6.07 -23.11
C CYS H 185 37.78 -5.92 -23.69
N HIS H 186 37.43 -6.74 -24.66
CA HIS H 186 36.11 -6.70 -25.36
C HIS H 186 35.20 -7.85 -24.91
N GLY H 187 33.90 -7.57 -24.79
CA GLY H 187 32.89 -8.47 -24.22
C GLY H 187 31.56 -7.76 -24.06
N TRP H 188 30.48 -8.51 -24.30
CA TRP H 188 29.10 -7.99 -24.41
C TRP H 188 28.18 -8.75 -23.44
N ILE H 189 27.65 -8.05 -22.44
CA ILE H 189 26.49 -8.47 -21.61
C ILE H 189 25.22 -7.90 -22.28
N LEU H 190 24.36 -8.77 -22.83
CA LEU H 190 23.15 -8.40 -23.63
C LEU H 190 21.86 -8.83 -22.92
N GLY H 191 20.73 -8.49 -23.52
CA GLY H 191 19.37 -8.90 -23.09
C GLY H 191 18.80 -8.01 -22.02
N GLU H 192 18.29 -8.62 -20.95
CA GLU H 192 17.67 -7.89 -19.80
C GLU H 192 18.80 -7.52 -18.84
N HIS H 193 18.75 -6.32 -18.25
CA HIS H 193 19.78 -5.81 -17.29
C HIS H 193 19.71 -6.64 -15.99
N GLY H 194 20.85 -6.83 -15.31
CA GLY H 194 20.92 -7.48 -13.99
C GLY H 194 20.79 -8.99 -14.08
N ASP H 195 19.93 -9.58 -13.22
CA ASP H 195 19.94 -11.03 -12.87
C ASP H 195 19.98 -11.90 -14.14
N SER H 196 19.22 -11.56 -15.18
CA SER H 196 18.97 -12.45 -16.35
C SER H 196 19.79 -12.00 -17.57
N SER H 197 20.90 -11.29 -17.38
CA SER H 197 21.76 -10.80 -18.50
C SER H 197 22.50 -11.98 -19.18
N VAL H 198 22.57 -11.98 -20.50
CA VAL H 198 23.22 -13.03 -21.34
C VAL H 198 24.66 -12.62 -21.66
N PRO H 199 25.70 -13.21 -21.02
CA PRO H 199 27.07 -12.96 -21.47
C PRO H 199 27.38 -13.70 -22.78
N VAL H 200 27.74 -12.96 -23.83
CA VAL H 200 28.04 -13.51 -25.18
C VAL H 200 29.54 -13.87 -25.23
N TRP H 201 29.82 -15.14 -24.88
CA TRP H 201 31.19 -15.72 -24.75
C TRP H 201 31.91 -15.72 -26.10
N SER H 202 31.21 -16.01 -27.21
CA SER H 202 31.83 -16.07 -28.58
C SER H 202 32.64 -14.80 -28.83
N GLY H 203 32.09 -13.63 -28.50
CA GLY H 203 32.63 -12.30 -28.88
C GLY H 203 33.71 -11.77 -27.95
N MET H 204 33.84 -12.31 -26.74
CA MET H 204 34.89 -11.90 -25.79
C MET H 204 36.27 -12.19 -26.41
N ASN H 205 37.15 -11.20 -26.37
CA ASN H 205 38.39 -11.13 -27.18
C ASN H 205 39.28 -9.99 -26.67
N VAL H 206 40.60 -10.19 -26.74
CA VAL H 206 41.65 -9.13 -26.70
C VAL H 206 42.37 -9.16 -28.06
N ALA H 207 42.64 -7.99 -28.62
CA ALA H 207 43.34 -7.79 -29.90
C ALA H 207 42.79 -8.74 -30.98
N GLY H 208 41.47 -8.90 -31.03
CA GLY H 208 40.76 -9.71 -32.04
C GLY H 208 40.99 -11.20 -31.87
N VAL H 209 41.42 -11.65 -30.68
CA VAL H 209 41.68 -13.10 -30.38
C VAL H 209 40.55 -13.62 -29.49
N SER H 210 39.68 -14.47 -30.05
CA SER H 210 38.54 -15.10 -29.32
C SER H 210 39.09 -15.91 -28.14
N LEU H 211 38.72 -15.50 -26.92
CA LEU H 211 39.02 -16.26 -25.67
C LEU H 211 38.28 -17.60 -25.72
N LYS H 212 37.08 -17.65 -26.32
CA LYS H 212 36.26 -18.88 -26.47
C LYS H 212 37.04 -19.96 -27.22
N THR H 213 37.59 -19.64 -28.39
CA THR H 213 38.36 -20.61 -29.22
C THR H 213 39.68 -20.97 -28.50
N LEU H 214 40.32 -20.00 -27.83
CA LEU H 214 41.61 -20.18 -27.11
C LEU H 214 41.39 -21.03 -25.85
N HIS H 215 40.15 -21.07 -25.35
CA HIS H 215 39.77 -21.77 -24.09
C HIS H 215 38.33 -22.26 -24.22
N PRO H 216 38.05 -23.40 -24.91
CA PRO H 216 36.68 -23.81 -25.23
C PRO H 216 35.81 -24.04 -24.00
N GLU H 217 36.43 -24.28 -22.83
CA GLU H 217 35.77 -24.51 -21.51
C GLU H 217 35.04 -23.24 -21.05
N LEU H 218 35.46 -22.06 -21.55
CA LEU H 218 35.00 -20.69 -21.15
C LEU H 218 33.47 -20.63 -21.16
N GLY H 219 32.88 -20.15 -20.06
CA GLY H 219 31.44 -19.92 -19.95
C GLY H 219 30.66 -21.17 -19.60
N THR H 220 31.33 -22.31 -19.38
CA THR H 220 30.74 -23.57 -18.86
C THR H 220 31.13 -23.69 -17.38
N ASP H 221 30.34 -24.44 -16.61
CA ASP H 221 30.51 -24.62 -15.13
C ASP H 221 31.76 -25.45 -14.83
N ALA H 222 32.09 -26.40 -15.72
CA ALA H 222 33.33 -27.22 -15.69
C ALA H 222 34.54 -26.29 -15.49
N ASP H 223 34.71 -25.29 -16.37
CA ASP H 223 35.92 -24.43 -16.50
C ASP H 223 36.53 -24.15 -15.12
N LYS H 224 37.78 -24.59 -14.93
CA LYS H 224 38.59 -24.44 -13.70
C LYS H 224 38.73 -22.95 -13.37
N GLU H 225 38.77 -22.10 -14.39
CA GLU H 225 39.12 -20.67 -14.24
C GLU H 225 37.87 -19.84 -13.92
N GLN H 226 36.69 -20.46 -13.88
CA GLN H 226 35.49 -19.88 -13.22
C GLN H 226 35.13 -18.52 -13.86
N TRP H 227 34.91 -18.50 -15.17
CA TRP H 227 34.60 -17.25 -15.93
C TRP H 227 33.08 -17.04 -16.03
N LYS H 228 32.28 -18.06 -15.72
CA LYS H 228 30.81 -17.92 -15.59
C LYS H 228 30.49 -17.09 -14.33
N GLN H 229 31.39 -17.16 -13.33
CA GLN H 229 31.28 -16.48 -12.01
C GLN H 229 31.67 -15.01 -12.15
N VAL H 230 32.38 -14.65 -13.23
CA VAL H 230 32.73 -13.25 -13.61
C VAL H 230 31.44 -12.54 -14.06
N HIS H 231 30.72 -13.12 -15.03
CA HIS H 231 29.37 -12.65 -15.42
C HIS H 231 28.52 -12.41 -14.18
N LYS H 232 28.51 -13.35 -13.24
CA LYS H 232 27.62 -13.25 -12.06
C LYS H 232 28.18 -12.19 -11.10
N GLN H 233 29.49 -11.94 -11.15
CA GLN H 233 30.15 -10.90 -10.31
C GLN H 233 29.68 -9.51 -10.77
N VAL H 234 29.34 -9.36 -12.05
CA VAL H 234 28.74 -8.12 -12.61
C VAL H 234 27.35 -7.95 -12.01
N VAL H 235 26.45 -8.86 -12.37
CA VAL H 235 25.05 -8.98 -11.88
C VAL H 235 24.99 -8.65 -10.38
N ASP H 236 25.91 -9.24 -9.61
CA ASP H 236 26.01 -9.11 -8.12
C ASP H 236 26.67 -7.79 -7.74
N SER H 237 27.70 -7.36 -8.49
CA SER H 237 28.57 -6.20 -8.16
C SER H 237 27.72 -5.06 -7.60
N ALA H 238 26.58 -4.75 -8.23
CA ALA H 238 25.61 -3.74 -7.75
C ALA H 238 25.24 -4.03 -6.29
N TYR H 239 24.70 -5.23 -6.04
CA TYR H 239 24.17 -5.69 -4.73
C TYR H 239 25.24 -5.49 -3.66
N GLU H 240 26.52 -5.72 -3.98
CA GLU H 240 27.61 -5.63 -2.96
C GLU H 240 27.93 -4.16 -2.68
N VAL H 241 28.04 -3.33 -3.73
CA VAL H 241 28.27 -1.88 -3.54
C VAL H 241 27.11 -1.34 -2.69
N ILE H 242 25.87 -1.75 -3.01
CA ILE H 242 24.62 -1.35 -2.29
C ILE H 242 24.73 -1.81 -0.83
N LYS H 243 25.24 -3.01 -0.58
CA LYS H 243 25.48 -3.55 0.78
C LYS H 243 26.47 -2.63 1.52
N LEU H 244 27.44 -2.06 0.80
CA LEU H 244 28.66 -1.43 1.37
C LEU H 244 28.49 0.07 1.58
N LYS H 245 27.90 0.78 0.64
CA LYS H 245 27.75 2.25 0.75
C LYS H 245 26.29 2.68 0.65
N GLY H 246 25.38 1.79 0.22
CA GLY H 246 23.92 2.04 0.27
C GLY H 246 23.29 2.29 -1.09
N TYR H 247 24.08 2.57 -2.12
CA TYR H 247 23.60 2.93 -3.48
C TYR H 247 24.81 2.86 -4.45
N THR H 248 24.56 2.85 -5.75
CA THR H 248 25.63 2.92 -6.79
C THR H 248 25.43 4.26 -7.49
N SER H 249 26.50 5.02 -7.76
CA SER H 249 26.29 6.33 -8.41
C SER H 249 27.34 6.68 -9.47
N TRP H 250 28.61 6.67 -9.11
CA TRP H 250 29.75 7.07 -9.97
C TRP H 250 29.80 6.38 -11.33
N ALA H 251 29.66 5.06 -11.36
CA ALA H 251 29.84 4.20 -12.56
C ALA H 251 28.68 4.38 -13.54
N ILE H 252 27.43 4.39 -13.05
CA ILE H 252 26.25 4.61 -13.93
C ILE H 252 26.37 6.03 -14.52
N GLY H 253 26.83 7.01 -13.73
CA GLY H 253 26.95 8.41 -14.15
C GLY H 253 27.94 8.55 -15.28
N LEU H 254 29.07 7.85 -15.18
CA LEU H 254 30.12 7.81 -16.23
C LEU H 254 29.64 7.00 -17.44
N SER H 255 28.83 5.96 -17.22
CA SER H 255 28.14 5.13 -18.26
C SER H 255 27.12 5.97 -19.05
N VAL H 256 26.32 6.79 -18.38
CA VAL H 256 25.26 7.64 -19.03
C VAL H 256 25.94 8.75 -19.85
N ALA H 257 26.85 9.50 -19.25
CA ALA H 257 27.72 10.51 -19.89
C ALA H 257 28.30 9.98 -21.21
N ASP H 258 28.70 8.71 -21.26
CA ASP H 258 29.32 8.07 -22.46
C ASP H 258 28.26 7.91 -23.55
N LEU H 259 27.04 7.55 -23.18
CA LEU H 259 25.93 7.42 -24.16
C LEU H 259 25.62 8.82 -24.71
N ALA H 260 25.47 9.79 -23.80
CA ALA H 260 25.25 11.22 -24.10
C ALA H 260 26.33 11.76 -25.05
N GLU H 261 27.59 11.37 -24.86
CA GLU H 261 28.70 11.81 -25.75
C GLU H 261 28.38 11.38 -27.18
N SER H 262 28.05 10.10 -27.38
CA SER H 262 27.66 9.54 -28.71
C SER H 262 26.49 10.33 -29.29
N ILE H 263 25.47 10.60 -28.48
CA ILE H 263 24.23 11.27 -28.97
C ILE H 263 24.60 12.70 -29.33
N MET H 264 25.27 13.44 -28.43
CA MET H 264 25.49 14.91 -28.57
C MET H 264 26.49 15.23 -29.70
N LYS H 265 27.52 14.40 -29.90
CA LYS H 265 28.58 14.56 -30.94
C LYS H 265 28.29 13.70 -32.17
N ASN H 266 27.21 12.92 -32.17
CA ASN H 266 26.75 12.09 -33.32
C ASN H 266 27.82 11.09 -33.74
N LEU H 267 28.45 10.41 -32.78
CA LEU H 267 29.69 9.61 -33.03
C LEU H 267 29.40 8.37 -33.87
N ARG H 268 28.22 7.78 -33.76
CA ARG H 268 27.84 6.49 -34.39
C ARG H 268 28.70 5.36 -33.80
N ARG H 269 29.04 5.45 -32.51
CA ARG H 269 29.68 4.33 -31.76
C ARG H 269 28.63 3.26 -31.42
N VAL H 270 29.07 2.02 -31.26
CA VAL H 270 28.23 0.86 -30.86
C VAL H 270 28.30 0.75 -29.32
N HIS H 271 27.13 0.77 -28.67
CA HIS H 271 26.97 0.54 -27.20
C HIS H 271 25.92 -0.54 -26.99
N PRO H 272 26.05 -1.38 -25.93
CA PRO H 272 25.01 -2.31 -25.55
C PRO H 272 23.95 -1.57 -24.74
N ILE H 273 22.88 -1.10 -25.40
CA ILE H 273 21.79 -0.31 -24.76
C ILE H 273 20.45 -0.94 -25.16
N SER H 274 19.39 -0.59 -24.41
CA SER H 274 18.03 -1.15 -24.52
C SER H 274 17.22 -0.44 -25.61
N THR H 275 16.94 -1.14 -26.71
CA THR H 275 16.17 -0.67 -27.89
C THR H 275 14.92 -1.55 -28.08
N MET H 276 13.92 -1.03 -28.78
CA MET H 276 12.68 -1.77 -29.08
C MET H 276 12.95 -2.73 -30.24
N LEU H 277 13.27 -3.99 -29.92
CA LEU H 277 13.84 -4.98 -30.89
C LEU H 277 12.81 -6.03 -31.32
N LYS H 278 11.51 -5.70 -31.34
CA LYS H 278 10.52 -6.51 -32.12
C LYS H 278 11.03 -6.58 -33.55
N GLY H 279 11.06 -7.78 -34.13
CA GLY H 279 11.55 -8.07 -35.50
C GLY H 279 12.83 -8.87 -35.47
N LEU H 280 13.78 -8.46 -34.63
CA LEU H 280 15.17 -8.99 -34.61
C LEU H 280 15.34 -9.96 -33.45
N TYR H 281 16.34 -10.86 -33.56
CA TYR H 281 16.79 -11.82 -32.52
C TYR H 281 15.66 -12.82 -32.20
N GLY H 282 14.66 -12.91 -33.09
CA GLY H 282 13.54 -13.86 -33.02
C GLY H 282 12.37 -13.36 -32.19
N ILE H 283 12.49 -12.16 -31.61
CA ILE H 283 11.58 -11.59 -30.58
C ILE H 283 10.30 -11.09 -31.26
N LYS H 284 9.14 -11.47 -30.71
CA LYS H 284 7.83 -11.37 -31.40
C LYS H 284 7.05 -10.12 -30.95
N GLU H 285 7.16 -9.68 -29.69
CA GLU H 285 6.32 -8.60 -29.11
C GLU H 285 7.17 -7.35 -28.76
N ASP H 286 6.46 -6.26 -28.43
CA ASP H 286 7.01 -4.90 -28.13
C ASP H 286 7.72 -4.89 -26.77
N VAL H 287 8.99 -5.32 -26.75
CA VAL H 287 9.89 -5.32 -25.55
C VAL H 287 11.20 -4.60 -25.89
N PHE H 288 11.82 -4.03 -24.86
CA PHE H 288 13.17 -3.40 -24.92
C PHE H 288 14.20 -4.35 -24.30
N LEU H 289 15.21 -4.78 -25.08
CA LEU H 289 16.37 -5.61 -24.63
C LEU H 289 17.69 -5.00 -25.15
N SER H 290 18.79 -5.20 -24.41
CA SER H 290 20.12 -4.62 -24.71
C SER H 290 20.80 -5.41 -25.83
N VAL H 291 20.99 -4.78 -26.99
CA VAL H 291 21.81 -5.32 -28.13
C VAL H 291 22.86 -4.28 -28.48
N PRO H 292 23.92 -4.61 -29.27
CA PRO H 292 24.88 -3.59 -29.73
C PRO H 292 24.21 -2.63 -30.73
N CYS H 293 23.96 -1.38 -30.31
CA CYS H 293 23.24 -0.37 -31.11
C CYS H 293 24.20 0.75 -31.56
N VAL H 294 24.04 1.19 -32.80
CA VAL H 294 24.73 2.39 -33.35
C VAL H 294 23.99 3.64 -32.86
N LEU H 295 24.68 4.51 -32.11
CA LEU H 295 24.07 5.60 -31.31
C LEU H 295 24.59 6.95 -31.80
N GLY H 296 23.69 7.84 -32.23
CA GLY H 296 24.04 9.13 -32.89
C GLY H 296 23.07 10.24 -32.55
N GLN H 297 23.16 11.35 -33.30
CA GLN H 297 22.36 12.58 -33.04
C GLN H 297 20.85 12.25 -33.15
N ASN H 298 20.48 11.17 -33.85
CA ASN H 298 19.08 10.70 -34.01
C ASN H 298 18.85 9.46 -33.14
N GLY H 299 19.69 9.23 -32.14
CA GLY H 299 19.52 8.07 -31.24
C GLY H 299 19.92 6.78 -31.93
N ILE H 300 19.11 5.73 -31.83
CA ILE H 300 19.50 4.38 -32.34
C ILE H 300 19.15 4.27 -33.83
N SER H 301 20.19 4.33 -34.67
CA SER H 301 20.12 4.42 -36.16
C SER H 301 20.08 3.02 -36.77
N ASP H 302 20.81 2.06 -36.16
CA ASP H 302 20.95 0.68 -36.64
C ASP H 302 21.31 -0.22 -35.45
N VAL H 303 20.88 -1.48 -35.45
CA VAL H 303 21.23 -2.51 -34.43
C VAL H 303 22.17 -3.52 -35.09
N VAL H 304 23.21 -3.97 -34.35
CA VAL H 304 24.13 -5.05 -34.81
C VAL H 304 23.40 -6.36 -34.56
N LYS H 305 23.43 -7.25 -35.57
CA LYS H 305 22.87 -8.62 -35.49
C LYS H 305 23.99 -9.55 -35.05
N VAL H 306 24.03 -9.86 -33.75
CA VAL H 306 24.99 -10.80 -33.14
C VAL H 306 24.51 -12.23 -33.48
N THR H 307 25.41 -13.04 -34.06
CA THR H 307 25.31 -14.52 -34.14
C THR H 307 25.32 -15.07 -32.71
N LEU H 308 24.17 -15.53 -32.20
CA LEU H 308 24.01 -16.16 -30.86
C LEU H 308 23.96 -17.70 -30.97
N THR H 309 24.32 -18.41 -29.88
CA THR H 309 24.17 -19.88 -29.73
C THR H 309 22.68 -20.20 -29.51
N SER H 310 22.27 -21.48 -29.65
CA SER H 310 20.88 -21.94 -29.44
C SER H 310 20.40 -21.49 -28.06
N GLU H 311 21.21 -21.76 -27.03
CA GLU H 311 20.93 -21.49 -25.60
C GLU H 311 20.76 -19.98 -25.36
N GLU H 312 21.57 -19.14 -26.01
CA GLU H 312 21.59 -17.66 -25.84
C GLU H 312 20.28 -17.06 -26.37
N GLU H 313 19.83 -17.46 -27.56
CA GLU H 313 18.53 -17.04 -28.20
C GLU H 313 17.34 -17.32 -27.25
N ALA H 314 17.33 -18.49 -26.61
CA ALA H 314 16.28 -18.94 -25.67
C ALA H 314 16.20 -17.97 -24.47
N HIS H 315 17.36 -17.51 -23.96
CA HIS H 315 17.47 -16.60 -22.77
C HIS H 315 16.84 -15.24 -23.10
N LEU H 316 17.13 -14.70 -24.27
CA LEU H 316 16.52 -13.45 -24.79
C LEU H 316 15.01 -13.66 -24.94
N LYS H 317 14.62 -14.69 -25.70
CA LYS H 317 13.20 -15.01 -26.03
C LYS H 317 12.42 -15.21 -24.73
N LYS H 318 13.06 -15.77 -23.71
CA LYS H 318 12.47 -15.97 -22.36
C LYS H 318 12.39 -14.63 -21.64
N SER H 319 13.41 -13.77 -21.78
CA SER H 319 13.42 -12.38 -21.23
C SER H 319 12.30 -11.56 -21.89
N ALA H 320 12.17 -11.63 -23.21
CA ALA H 320 11.06 -11.02 -23.99
C ALA H 320 9.70 -11.49 -23.44
N ASP H 321 9.53 -12.78 -23.16
CA ASP H 321 8.28 -13.36 -22.59
C ASP H 321 8.04 -12.78 -21.19
N THR H 322 9.06 -12.74 -20.33
CA THR H 322 8.94 -12.19 -18.95
C THR H 322 8.45 -10.75 -19.04
N LEU H 323 9.14 -9.89 -19.80
CA LEU H 323 8.87 -8.43 -19.83
C LEU H 323 7.45 -8.19 -20.39
N TRP H 324 7.10 -8.83 -21.52
CA TRP H 324 5.77 -8.67 -22.19
C TRP H 324 4.66 -9.14 -21.25
N GLY H 325 4.93 -10.18 -20.47
CA GLY H 325 4.04 -10.71 -19.42
C GLY H 325 3.78 -9.69 -18.33
N ILE H 326 4.84 -9.00 -17.85
CA ILE H 326 4.72 -7.97 -16.77
C ILE H 326 4.01 -6.75 -17.36
N GLN H 327 4.37 -6.40 -18.60
CA GLN H 327 3.91 -5.19 -19.31
C GLN H 327 2.41 -5.29 -19.58
N LYS H 328 1.88 -6.51 -19.80
CA LYS H 328 0.44 -6.79 -20.04
C LYS H 328 -0.41 -6.40 -18.81
N GLU H 329 0.16 -6.39 -17.61
CA GLU H 329 -0.57 -6.21 -16.32
C GLU H 329 -0.52 -4.74 -15.85
N LEU H 330 0.14 -3.86 -16.60
CA LEU H 330 0.36 -2.44 -16.18
C LEU H 330 -0.78 -1.54 -16.68
N GLN H 331 -1.16 -0.54 -15.89
CA GLN H 331 -2.31 0.36 -16.19
C GLN H 331 -1.80 1.69 -16.74
N PHE H 332 -1.96 1.90 -18.06
CA PHE H 332 -1.60 3.14 -18.80
C PHE H 332 -2.78 4.12 -18.86
N ALA I 2 -68.48 12.85 -28.10
CA ALA I 2 -67.04 13.22 -28.30
C ALA I 2 -66.50 12.46 -29.51
N ALA I 3 -65.23 12.02 -29.44
CA ALA I 3 -64.51 11.34 -30.53
C ALA I 3 -65.17 9.98 -30.83
N LEU I 4 -65.14 9.58 -32.09
CA LEU I 4 -65.49 8.23 -32.58
C LEU I 4 -64.92 7.16 -31.64
N LYS I 5 -63.66 7.31 -31.22
CA LYS I 5 -62.91 6.33 -30.40
C LYS I 5 -63.50 6.21 -28.99
N ASP I 6 -63.87 7.32 -28.35
CA ASP I 6 -64.55 7.30 -27.02
C ASP I 6 -65.95 6.70 -27.20
N GLN I 7 -66.63 7.04 -28.31
CA GLN I 7 -67.96 6.48 -28.69
C GLN I 7 -67.88 4.95 -28.79
N LEU I 8 -66.88 4.46 -29.51
CA LEU I 8 -66.77 3.04 -29.96
C LEU I 8 -66.14 2.19 -28.85
N ILE I 9 -65.14 2.71 -28.16
CA ILE I 9 -64.25 1.92 -27.26
C ILE I 9 -64.25 2.56 -25.87
N HIS I 10 -64.46 1.73 -24.84
CA HIS I 10 -64.24 2.04 -23.40
C HIS I 10 -62.87 1.55 -22.98
N ASN I 11 -62.03 2.47 -22.52
CA ASN I 11 -60.65 2.18 -22.07
C ASN I 11 -60.73 1.69 -20.63
N LEU I 12 -59.95 0.67 -20.28
CA LEU I 12 -59.87 0.08 -18.91
C LEU I 12 -58.44 0.10 -18.40
N LEU I 13 -57.47 0.62 -19.15
CA LEU I 13 -56.03 0.37 -18.87
C LEU I 13 -55.16 1.34 -19.67
N LYS I 14 -54.27 2.06 -18.97
CA LYS I 14 -53.40 3.10 -19.56
C LYS I 14 -52.05 2.45 -19.92
N GLU I 15 -51.52 2.80 -21.10
CA GLU I 15 -50.55 1.99 -21.87
C GLU I 15 -49.09 2.28 -21.47
N GLU I 16 -48.70 1.94 -20.22
CA GLU I 16 -47.28 1.96 -19.76
C GLU I 16 -46.56 0.79 -20.45
N HIS I 17 -46.26 0.95 -21.73
CA HIS I 17 -45.82 -0.11 -22.67
C HIS I 17 -44.31 -0.37 -22.50
N VAL I 18 -43.92 -1.54 -22.02
CA VAL I 18 -42.52 -2.03 -22.04
C VAL I 18 -42.48 -3.28 -22.90
N PRO I 19 -41.79 -3.25 -24.07
CA PRO I 19 -41.92 -4.32 -25.06
C PRO I 19 -41.11 -5.57 -24.67
N GLN I 20 -41.66 -6.76 -24.94
CA GLN I 20 -41.21 -8.05 -24.36
C GLN I 20 -40.26 -8.78 -25.31
N ASN I 21 -40.42 -8.63 -26.63
CA ASN I 21 -39.67 -9.43 -27.65
C ASN I 21 -39.18 -8.51 -28.79
N LYS I 22 -38.41 -7.47 -28.42
CA LYS I 22 -38.05 -6.33 -29.32
C LYS I 22 -36.69 -6.61 -30.00
N ILE I 23 -36.64 -6.48 -31.32
CA ILE I 23 -35.41 -6.59 -32.15
C ILE I 23 -35.16 -5.21 -32.77
N THR I 24 -33.89 -4.82 -32.88
CA THR I 24 -33.43 -3.60 -33.60
C THR I 24 -32.48 -4.02 -34.73
N VAL I 25 -32.76 -3.54 -35.94
CA VAL I 25 -31.82 -3.60 -37.09
C VAL I 25 -31.18 -2.21 -37.23
N VAL I 26 -29.86 -2.11 -37.02
CA VAL I 26 -29.07 -0.85 -37.21
C VAL I 26 -28.53 -0.84 -38.65
N GLY I 27 -28.94 0.14 -39.46
CA GLY I 27 -28.60 0.20 -40.88
C GLY I 27 -29.75 -0.29 -41.71
N VAL I 28 -30.25 0.57 -42.61
CA VAL I 28 -31.38 0.24 -43.51
C VAL I 28 -30.87 0.22 -44.95
N GLY I 29 -29.61 -0.18 -45.14
CA GLY I 29 -29.15 -0.69 -46.44
C GLY I 29 -29.91 -1.96 -46.81
N ALA I 30 -29.64 -2.49 -48.01
CA ALA I 30 -30.28 -3.70 -48.59
C ALA I 30 -30.18 -4.86 -47.59
N VAL I 31 -29.08 -4.95 -46.83
CA VAL I 31 -28.78 -6.05 -45.86
C VAL I 31 -29.61 -5.89 -44.58
N GLY I 32 -29.60 -4.70 -43.96
CA GLY I 32 -30.55 -4.35 -42.89
C GLY I 32 -32.00 -4.66 -43.26
N MET I 33 -32.49 -4.21 -44.43
CA MET I 33 -33.94 -4.27 -44.76
C MET I 33 -34.36 -5.70 -45.06
N ALA I 34 -33.43 -6.55 -45.48
CA ALA I 34 -33.63 -7.99 -45.72
C ALA I 34 -33.68 -8.73 -44.37
N CYS I 35 -32.76 -8.43 -43.46
CA CYS I 35 -32.83 -8.88 -42.04
C CYS I 35 -34.21 -8.48 -41.47
N ALA I 36 -34.69 -7.26 -41.76
CA ALA I 36 -35.98 -6.74 -41.24
C ALA I 36 -37.11 -7.62 -41.74
N ILE I 37 -37.32 -7.69 -43.07
CA ILE I 37 -38.54 -8.31 -43.68
C ILE I 37 -38.61 -9.79 -43.30
N SER I 38 -37.46 -10.46 -43.22
CA SER I 38 -37.37 -11.91 -42.88
C SER I 38 -37.77 -12.09 -41.42
N ILE I 39 -37.27 -11.24 -40.53
CA ILE I 39 -37.60 -11.23 -39.08
C ILE I 39 -39.11 -11.01 -38.91
N LEU I 40 -39.70 -10.08 -39.68
CA LEU I 40 -41.16 -9.79 -39.60
C LEU I 40 -41.98 -11.00 -40.06
N MET I 41 -41.58 -11.67 -41.13
CA MET I 41 -42.36 -12.79 -41.71
C MET I 41 -42.12 -14.10 -40.96
N LYS I 42 -41.23 -14.12 -39.97
CA LYS I 42 -40.99 -15.27 -39.06
C LYS I 42 -41.64 -15.03 -37.68
N ASP I 43 -42.32 -13.90 -37.46
CA ASP I 43 -43.12 -13.64 -36.23
C ASP I 43 -42.24 -13.86 -34.99
N LEU I 44 -41.04 -13.25 -34.94
CA LEU I 44 -39.99 -13.44 -33.90
C LEU I 44 -40.05 -12.32 -32.85
N ALA I 45 -40.53 -11.15 -33.27
CA ALA I 45 -40.47 -9.88 -32.52
C ALA I 45 -41.89 -9.34 -32.32
N ASP I 46 -42.19 -8.71 -31.19
CA ASP I 46 -43.45 -7.95 -30.98
C ASP I 46 -43.19 -6.45 -31.26
N GLU I 47 -41.95 -6.03 -31.38
CA GLU I 47 -41.58 -4.65 -31.80
C GLU I 47 -40.30 -4.73 -32.60
N LEU I 48 -40.25 -4.04 -33.74
CA LEU I 48 -39.03 -3.88 -34.58
C LEU I 48 -38.70 -2.40 -34.66
N ALA I 49 -37.48 -2.03 -34.33
CA ALA I 49 -36.90 -0.67 -34.44
C ALA I 49 -35.86 -0.66 -35.58
N LEU I 50 -35.85 0.38 -36.42
CA LEU I 50 -34.82 0.58 -37.46
C LEU I 50 -34.11 1.91 -37.18
N VAL I 51 -32.77 1.91 -37.17
CA VAL I 51 -31.92 3.12 -36.98
C VAL I 51 -30.93 3.22 -38.14
N ASP I 52 -30.79 4.42 -38.69
CA ASP I 52 -29.81 4.78 -39.74
C ASP I 52 -29.54 6.28 -39.62
N VAL I 53 -28.50 6.79 -40.27
CA VAL I 53 -28.12 8.24 -40.21
C VAL I 53 -28.93 9.05 -41.24
N MET I 54 -29.54 8.37 -42.23
CA MET I 54 -30.32 8.98 -43.36
C MET I 54 -31.81 8.96 -43.01
N GLU I 55 -32.30 10.03 -42.40
CA GLU I 55 -33.65 10.11 -41.79
C GLU I 55 -34.76 9.81 -42.81
N ASP I 56 -34.68 10.36 -44.02
CA ASP I 56 -35.74 10.23 -45.05
C ASP I 56 -35.94 8.77 -45.41
N LYS I 57 -34.85 8.12 -45.86
CA LYS I 57 -34.75 6.67 -46.21
C LYS I 57 -35.32 5.86 -45.04
N LEU I 58 -34.86 6.15 -43.82
CA LEU I 58 -35.30 5.45 -42.60
C LEU I 58 -36.84 5.51 -42.51
N LYS I 59 -37.40 6.72 -42.57
CA LYS I 59 -38.86 6.91 -42.44
C LYS I 59 -39.56 6.17 -43.59
N GLY I 60 -38.98 6.23 -44.79
CA GLY I 60 -39.52 5.56 -45.99
C GLY I 60 -39.72 4.06 -45.76
N GLU I 61 -38.65 3.35 -45.42
CA GLU I 61 -38.69 1.91 -45.10
C GLU I 61 -39.70 1.69 -43.97
N MET I 62 -39.65 2.51 -42.91
CA MET I 62 -40.50 2.31 -41.73
C MET I 62 -41.97 2.31 -42.19
N MET I 63 -42.35 3.29 -43.02
CA MET I 63 -43.75 3.49 -43.49
C MET I 63 -44.15 2.33 -44.39
N ASP I 64 -43.26 1.93 -45.30
CA ASP I 64 -43.48 0.77 -46.22
C ASP I 64 -43.85 -0.43 -45.34
N LEU I 65 -43.03 -0.77 -44.34
CA LEU I 65 -43.26 -1.95 -43.47
C LEU I 65 -44.60 -1.83 -42.77
N GLN I 66 -44.88 -0.69 -42.16
CA GLN I 66 -46.16 -0.43 -41.43
C GLN I 66 -47.32 -0.69 -42.38
N HIS I 67 -47.25 -0.21 -43.63
CA HIS I 67 -48.33 -0.39 -44.63
C HIS I 67 -48.63 -1.89 -44.80
N GLY I 68 -47.68 -2.76 -44.44
CA GLY I 68 -47.87 -4.23 -44.49
C GLY I 68 -48.51 -4.83 -43.25
N SER I 69 -48.88 -4.00 -42.25
CA SER I 69 -49.24 -4.41 -40.85
C SER I 69 -50.40 -5.41 -40.85
N LEU I 70 -51.34 -5.28 -41.79
CA LEU I 70 -52.49 -6.21 -41.90
C LEU I 70 -51.96 -7.64 -42.09
N PHE I 71 -50.81 -7.80 -42.75
CA PHE I 71 -50.31 -9.10 -43.24
C PHE I 71 -49.22 -9.64 -42.32
N LEU I 72 -48.91 -8.96 -41.23
CA LEU I 72 -47.82 -9.32 -40.26
C LEU I 72 -48.41 -9.52 -38.86
N ARG I 73 -47.55 -9.91 -37.93
CA ARG I 73 -47.90 -10.25 -36.52
C ARG I 73 -46.87 -9.58 -35.60
N THR I 74 -46.26 -8.50 -36.08
CA THR I 74 -45.40 -7.57 -35.30
C THR I 74 -46.19 -6.27 -35.25
N PRO I 75 -46.85 -5.97 -34.12
CA PRO I 75 -47.83 -4.88 -34.10
C PRO I 75 -47.20 -3.48 -34.04
N LYS I 76 -45.91 -3.37 -33.75
CA LYS I 76 -45.23 -2.07 -33.49
C LYS I 76 -43.92 -2.01 -34.28
N ILE I 77 -43.90 -1.20 -35.34
CA ILE I 77 -42.68 -0.91 -36.14
C ILE I 77 -42.32 0.56 -35.91
N VAL I 78 -41.14 0.82 -35.34
CA VAL I 78 -40.68 2.20 -34.97
C VAL I 78 -39.33 2.46 -35.63
N SER I 79 -39.00 3.71 -35.93
CA SER I 79 -37.68 4.11 -36.50
C SER I 79 -37.27 5.47 -35.96
N GLY I 80 -35.97 5.78 -36.05
CA GLY I 80 -35.45 7.13 -35.78
C GLY I 80 -33.94 7.14 -35.81
N LYS I 81 -33.35 8.30 -36.03
CA LYS I 81 -31.87 8.50 -36.03
C LYS I 81 -31.36 8.37 -34.59
N ASP I 82 -32.20 8.72 -33.60
CA ASP I 82 -31.84 8.72 -32.15
C ASP I 82 -32.12 7.33 -31.56
N TYR I 83 -31.11 6.76 -30.89
CA TYR I 83 -31.07 5.34 -30.42
C TYR I 83 -32.06 5.12 -29.27
N SER I 84 -32.77 6.16 -28.81
CA SER I 84 -33.88 6.02 -27.83
C SER I 84 -34.92 5.01 -28.33
N VAL I 85 -35.20 4.96 -29.65
CA VAL I 85 -36.20 4.04 -30.28
C VAL I 85 -35.78 2.58 -30.08
N THR I 86 -34.50 2.29 -29.84
CA THR I 86 -33.95 0.92 -29.69
C THR I 86 -34.04 0.44 -28.23
N ALA I 87 -34.65 1.19 -27.32
CA ALA I 87 -34.65 0.85 -25.87
C ALA I 87 -35.33 -0.50 -25.63
N ASN I 88 -34.71 -1.35 -24.81
CA ASN I 88 -35.30 -2.60 -24.28
C ASN I 88 -35.38 -3.64 -25.40
N SER I 89 -34.44 -3.60 -26.35
CA SER I 89 -34.29 -4.66 -27.38
C SER I 89 -33.60 -5.86 -26.74
N LYS I 90 -33.97 -7.08 -27.16
CA LYS I 90 -33.35 -8.37 -26.77
C LYS I 90 -32.18 -8.69 -27.69
N LEU I 91 -32.23 -8.19 -28.93
CA LEU I 91 -31.29 -8.50 -30.04
C LEU I 91 -31.08 -7.24 -30.86
N VAL I 92 -29.85 -6.76 -30.97
CA VAL I 92 -29.50 -5.61 -31.86
C VAL I 92 -28.63 -6.19 -32.98
N ILE I 93 -29.11 -6.11 -34.22
CA ILE I 93 -28.38 -6.50 -35.47
C ILE I 93 -27.72 -5.23 -36.04
N ILE I 94 -26.38 -5.19 -36.05
CA ILE I 94 -25.55 -4.09 -36.64
C ILE I 94 -25.19 -4.46 -38.09
N THR I 95 -25.73 -3.73 -39.07
CA THR I 95 -25.45 -3.89 -40.54
C THR I 95 -24.81 -2.61 -41.12
N ALA I 96 -24.53 -1.61 -40.28
CA ALA I 96 -23.98 -0.29 -40.67
C ALA I 96 -22.45 -0.35 -40.71
N GLY I 97 -21.83 0.31 -41.69
CA GLY I 97 -20.38 0.39 -41.88
C GLY I 97 -19.99 1.50 -42.86
N ALA I 98 -18.81 1.40 -43.46
CA ALA I 98 -18.18 2.45 -44.28
C ALA I 98 -18.31 2.12 -45.78
N VAL I 110 -11.49 0.14 -42.07
CA VAL I 110 -11.59 -0.63 -40.78
C VAL I 110 -11.54 0.35 -39.60
N GLN I 111 -10.51 1.19 -39.51
CA GLN I 111 -10.44 2.29 -38.50
C GLN I 111 -11.63 3.24 -38.73
N ARG I 112 -12.09 3.38 -39.98
CA ARG I 112 -13.28 4.22 -40.32
C ARG I 112 -14.56 3.52 -39.88
N ASN I 113 -14.52 2.20 -39.75
CA ASN I 113 -15.64 1.38 -39.20
C ASN I 113 -15.63 1.42 -37.66
N VAL I 114 -14.45 1.40 -37.03
CA VAL I 114 -14.29 1.58 -35.54
C VAL I 114 -14.90 2.93 -35.14
N ASN I 115 -14.65 3.99 -35.92
CA ASN I 115 -15.12 5.37 -35.63
C ASN I 115 -16.66 5.43 -35.70
N ILE I 116 -17.27 4.65 -36.58
CA ILE I 116 -18.76 4.53 -36.68
C ILE I 116 -19.32 3.72 -35.50
N PHE I 117 -18.64 2.64 -35.06
CA PHE I 117 -19.07 1.74 -33.95
C PHE I 117 -18.83 2.41 -32.58
N LYS I 118 -17.98 3.44 -32.51
CA LYS I 118 -17.73 4.21 -31.26
C LYS I 118 -18.91 5.14 -31.01
N PHE I 119 -19.70 5.46 -32.05
CA PHE I 119 -20.98 6.20 -31.93
C PHE I 119 -22.14 5.22 -31.68
N ILE I 120 -22.17 4.10 -32.41
CA ILE I 120 -23.32 3.12 -32.43
C ILE I 120 -23.41 2.35 -31.08
N ILE I 121 -22.35 1.63 -30.71
CA ILE I 121 -22.35 0.53 -29.69
C ILE I 121 -22.57 1.09 -28.28
N PRO I 122 -21.93 2.22 -27.88
CA PRO I 122 -22.23 2.85 -26.59
C PRO I 122 -23.69 3.29 -26.46
N ASN I 123 -24.29 3.71 -27.59
CA ASN I 123 -25.72 4.13 -27.73
C ASN I 123 -26.63 2.91 -27.61
N VAL I 124 -26.32 1.85 -28.35
CA VAL I 124 -27.09 0.56 -28.30
C VAL I 124 -27.05 0.02 -26.87
N VAL I 125 -25.90 0.17 -26.19
CA VAL I 125 -25.65 -0.35 -24.81
C VAL I 125 -26.43 0.51 -23.80
N LYS I 126 -26.42 1.82 -24.00
CA LYS I 126 -27.14 2.80 -23.13
C LYS I 126 -28.59 2.34 -22.95
N TYR I 127 -29.28 2.08 -24.07
CA TYR I 127 -30.76 1.89 -24.14
C TYR I 127 -31.15 0.40 -24.11
N SER I 128 -30.22 -0.53 -24.35
CA SER I 128 -30.48 -1.98 -24.33
C SER I 128 -29.29 -2.71 -23.72
N PRO I 129 -29.02 -2.48 -22.41
CA PRO I 129 -27.85 -3.04 -21.74
C PRO I 129 -27.86 -4.57 -21.48
N HIS I 130 -29.00 -5.25 -21.68
CA HIS I 130 -29.09 -6.73 -21.58
C HIS I 130 -29.34 -7.36 -22.95
N CYS I 131 -29.17 -6.60 -24.04
CA CYS I 131 -29.35 -7.09 -25.43
C CYS I 131 -28.19 -8.02 -25.78
N LYS I 132 -28.43 -8.94 -26.72
CA LYS I 132 -27.39 -9.65 -27.52
C LYS I 132 -27.07 -8.78 -28.76
N LEU I 133 -25.79 -8.61 -29.09
CA LEU I 133 -25.32 -7.91 -30.33
C LEU I 133 -25.00 -8.96 -31.40
N LEU I 134 -25.52 -8.78 -32.61
CA LEU I 134 -25.24 -9.66 -33.77
C LEU I 134 -24.72 -8.77 -34.91
N VAL I 135 -23.42 -8.90 -35.22
CA VAL I 135 -22.67 -7.99 -36.14
C VAL I 135 -22.62 -8.68 -37.51
N VAL I 136 -23.14 -7.99 -38.55
CA VAL I 136 -23.24 -8.45 -39.97
C VAL I 136 -22.29 -7.61 -40.84
N SER I 137 -22.09 -6.33 -40.47
CA SER I 137 -21.13 -5.37 -41.09
C SER I 137 -19.79 -6.07 -41.35
N ASN I 138 -19.24 -5.93 -42.57
CA ASN I 138 -17.90 -6.47 -42.96
C ASN I 138 -16.81 -5.45 -42.67
N PRO I 139 -15.55 -5.86 -42.36
CA PRO I 139 -15.18 -7.25 -42.11
C PRO I 139 -15.65 -7.78 -40.74
N VAL I 140 -16.43 -8.86 -40.74
CA VAL I 140 -17.35 -9.27 -39.65
C VAL I 140 -16.55 -9.73 -38.42
N ASP I 141 -15.42 -10.44 -38.62
CA ASP I 141 -14.62 -11.06 -37.52
C ASP I 141 -13.84 -9.98 -36.76
N ILE I 142 -13.53 -8.83 -37.40
CA ILE I 142 -12.84 -7.68 -36.76
C ILE I 142 -13.89 -6.74 -36.15
N LEU I 143 -14.95 -6.42 -36.89
CA LEU I 143 -16.00 -5.50 -36.39
C LEU I 143 -16.77 -6.17 -35.23
N THR I 144 -16.83 -7.50 -35.16
CA THR I 144 -17.44 -8.19 -34.01
C THR I 144 -16.53 -8.00 -32.80
N TYR I 145 -15.21 -8.16 -32.96
CA TYR I 145 -14.21 -7.83 -31.92
C TYR I 145 -14.38 -6.37 -31.50
N VAL I 146 -14.49 -5.45 -32.46
CA VAL I 146 -14.64 -3.97 -32.21
C VAL I 146 -15.92 -3.72 -31.38
N ALA I 147 -17.04 -4.35 -31.72
CA ALA I 147 -18.31 -4.21 -30.96
C ALA I 147 -18.14 -4.79 -29.55
N TRP I 148 -17.36 -5.87 -29.42
CA TRP I 148 -17.19 -6.60 -28.14
C TRP I 148 -16.38 -5.73 -27.16
N LYS I 149 -15.20 -5.22 -27.55
CA LYS I 149 -14.38 -4.33 -26.68
C LYS I 149 -15.23 -3.15 -26.23
N ILE I 150 -15.76 -2.37 -27.19
CA ILE I 150 -16.44 -1.07 -26.94
C ILE I 150 -17.62 -1.29 -26.00
N SER I 151 -18.40 -2.35 -26.18
CA SER I 151 -19.70 -2.58 -25.48
C SER I 151 -19.44 -2.98 -24.02
N GLY I 152 -18.25 -3.50 -23.73
CA GLY I 152 -17.92 -4.07 -22.41
C GLY I 152 -18.81 -5.24 -22.05
N PHE I 153 -19.51 -5.82 -23.04
CA PHE I 153 -20.40 -7.00 -22.89
C PHE I 153 -19.54 -8.24 -22.72
N PRO I 154 -20.06 -9.28 -22.05
CA PRO I 154 -19.40 -10.59 -22.05
C PRO I 154 -19.56 -11.25 -23.42
N LYS I 155 -18.63 -12.15 -23.74
CA LYS I 155 -18.42 -12.71 -25.10
C LYS I 155 -19.67 -13.48 -25.54
N ASN I 156 -20.37 -14.14 -24.63
CA ASN I 156 -21.59 -14.92 -24.96
C ASN I 156 -22.62 -14.04 -25.69
N ARG I 157 -22.62 -12.72 -25.41
CA ARG I 157 -23.68 -11.78 -25.88
C ARG I 157 -23.15 -10.92 -27.03
N VAL I 158 -22.02 -11.26 -27.65
CA VAL I 158 -21.50 -10.50 -28.83
C VAL I 158 -21.15 -11.52 -29.92
N ILE I 159 -22.03 -11.61 -30.93
CA ILE I 159 -22.06 -12.67 -31.96
C ILE I 159 -21.72 -12.04 -33.31
N GLY I 160 -20.93 -12.72 -34.14
CA GLY I 160 -20.64 -12.31 -35.52
C GLY I 160 -21.34 -13.23 -36.50
N SER I 161 -22.06 -12.67 -37.48
CA SER I 161 -22.72 -13.45 -38.56
C SER I 161 -21.69 -14.45 -39.14
N GLY I 162 -20.42 -14.05 -39.29
CA GLY I 162 -19.30 -14.97 -39.59
C GLY I 162 -19.57 -15.83 -40.81
N CYS I 163 -19.40 -17.15 -40.70
CA CYS I 163 -19.51 -18.12 -41.82
C CYS I 163 -20.87 -18.80 -41.83
N ASN I 164 -21.88 -18.22 -41.19
CA ASN I 164 -23.21 -18.86 -41.03
C ASN I 164 -23.86 -19.02 -42.40
N LEU I 165 -23.74 -18.02 -43.27
CA LEU I 165 -24.30 -18.02 -44.64
C LEU I 165 -23.38 -18.77 -45.61
N ASP I 166 -22.05 -18.71 -45.39
CA ASP I 166 -21.07 -19.49 -46.20
C ASP I 166 -21.42 -20.98 -46.11
N SER I 167 -21.68 -21.46 -44.89
CA SER I 167 -22.12 -22.85 -44.60
C SER I 167 -23.45 -23.11 -45.31
N ALA I 168 -24.38 -22.16 -45.25
CA ALA I 168 -25.69 -22.20 -45.95
C ALA I 168 -25.50 -22.34 -47.47
N ARG I 169 -24.66 -21.51 -48.10
CA ARG I 169 -24.36 -21.64 -49.56
C ARG I 169 -23.66 -22.98 -49.84
N PHE I 170 -22.67 -23.33 -49.03
CA PHE I 170 -21.97 -24.62 -49.16
C PHE I 170 -23.00 -25.77 -49.21
N ARG I 171 -24.04 -25.69 -48.37
CA ARG I 171 -24.98 -26.82 -48.21
C ARG I 171 -25.96 -26.84 -49.40
N TYR I 172 -26.32 -25.67 -49.94
CA TYR I 172 -27.20 -25.54 -51.13
C TYR I 172 -26.54 -26.24 -52.31
N LEU I 173 -25.27 -25.90 -52.57
CA LEU I 173 -24.44 -26.39 -53.71
C LEU I 173 -24.23 -27.90 -53.58
N MET I 174 -23.99 -28.36 -52.35
CA MET I 174 -23.87 -29.81 -52.01
C MET I 174 -25.15 -30.53 -52.45
N GLY I 175 -26.30 -29.89 -52.23
CA GLY I 175 -27.63 -30.45 -52.53
C GLY I 175 -27.94 -30.48 -54.02
N GLU I 176 -27.53 -29.46 -54.78
CA GLU I 176 -27.77 -29.41 -56.26
C GLU I 176 -26.99 -30.56 -56.89
N ARG I 177 -25.76 -30.82 -56.41
CA ARG I 177 -24.87 -31.91 -56.89
C ARG I 177 -25.44 -33.30 -56.57
N LEU I 178 -25.85 -33.56 -55.32
CA LEU I 178 -26.31 -34.90 -54.87
C LEU I 178 -27.81 -35.09 -55.13
N GLY I 179 -28.49 -34.00 -55.52
CA GLY I 179 -29.93 -34.02 -55.83
C GLY I 179 -30.78 -34.27 -54.60
N VAL I 180 -30.39 -33.72 -53.43
CA VAL I 180 -31.22 -33.68 -52.19
C VAL I 180 -31.28 -32.24 -51.66
N HIS I 181 -32.35 -31.91 -50.91
CA HIS I 181 -32.56 -30.58 -50.27
C HIS I 181 -31.39 -30.25 -49.37
N ALA I 182 -31.06 -28.97 -49.22
CA ALA I 182 -29.92 -28.50 -48.40
C ALA I 182 -30.07 -28.95 -46.94
N LEU I 183 -31.28 -29.10 -46.42
CA LEU I 183 -31.53 -29.48 -44.99
C LEU I 183 -30.95 -30.87 -44.71
N SER I 184 -30.96 -31.76 -45.71
CA SER I 184 -30.45 -33.16 -45.59
C SER I 184 -28.97 -33.29 -46.03
N CYS I 185 -28.29 -32.17 -46.28
CA CYS I 185 -26.84 -32.08 -46.60
C CYS I 185 -26.16 -31.34 -45.46
N HIS I 186 -25.08 -31.89 -44.92
CA HIS I 186 -24.39 -31.34 -43.73
C HIS I 186 -22.94 -31.05 -44.08
N GLY I 187 -22.51 -29.81 -43.81
CA GLY I 187 -21.14 -29.37 -44.04
C GLY I 187 -20.87 -28.06 -43.35
N TRP I 188 -19.61 -27.83 -42.99
CA TRP I 188 -19.23 -26.74 -42.06
C TRP I 188 -18.06 -25.96 -42.65
N ILE I 189 -18.22 -24.65 -42.68
CA ILE I 189 -17.20 -23.67 -43.10
C ILE I 189 -16.91 -22.79 -41.89
N LEU I 190 -15.64 -22.71 -41.51
CA LEU I 190 -15.20 -22.19 -40.19
C LEU I 190 -14.11 -21.14 -40.37
N GLY I 191 -13.73 -20.50 -39.27
CA GLY I 191 -12.60 -19.54 -39.21
C GLY I 191 -13.00 -18.18 -39.71
N GLU I 192 -12.06 -17.51 -40.37
CA GLU I 192 -12.25 -16.16 -40.97
C GLU I 192 -13.27 -16.30 -42.09
N HIS I 193 -14.38 -15.56 -42.03
CA HIS I 193 -15.34 -15.37 -43.17
C HIS I 193 -14.58 -14.65 -44.31
N GLY I 194 -14.52 -15.28 -45.49
CA GLY I 194 -13.79 -14.79 -46.68
C GLY I 194 -12.81 -15.84 -47.21
N ASP I 195 -11.78 -15.38 -47.94
CA ASP I 195 -10.81 -16.20 -48.71
C ASP I 195 -10.22 -17.33 -47.84
N SER I 196 -9.91 -17.02 -46.57
CA SER I 196 -9.19 -17.92 -45.61
C SER I 196 -10.16 -18.80 -44.81
N SER I 197 -11.35 -19.11 -45.32
CA SER I 197 -12.36 -19.95 -44.62
C SER I 197 -12.05 -21.43 -44.88
N VAL I 198 -12.18 -22.25 -43.85
CA VAL I 198 -11.74 -23.68 -43.82
C VAL I 198 -12.94 -24.61 -44.04
N PRO I 199 -13.05 -25.30 -45.20
CA PRO I 199 -14.06 -26.35 -45.38
C PRO I 199 -13.66 -27.68 -44.72
N VAL I 200 -14.46 -28.15 -43.77
CA VAL I 200 -14.15 -29.33 -42.92
C VAL I 200 -14.71 -30.59 -43.62
N TRP I 201 -13.93 -31.08 -44.58
CA TRP I 201 -14.28 -32.18 -45.50
C TRP I 201 -14.67 -33.42 -44.71
N SER I 202 -14.01 -33.65 -43.56
CA SER I 202 -14.21 -34.82 -42.67
C SER I 202 -15.65 -34.83 -42.13
N GLY I 203 -16.26 -33.65 -42.00
CA GLY I 203 -17.58 -33.47 -41.35
C GLY I 203 -18.73 -33.45 -42.34
N MET I 204 -18.42 -33.40 -43.65
CA MET I 204 -19.45 -33.35 -44.70
C MET I 204 -20.11 -34.71 -44.77
N ASN I 205 -21.43 -34.75 -44.91
CA ASN I 205 -22.17 -36.04 -44.92
C ASN I 205 -23.65 -35.82 -45.22
N VAL I 206 -24.33 -36.91 -45.55
CA VAL I 206 -25.80 -37.06 -45.74
C VAL I 206 -26.20 -38.30 -44.97
N ALA I 207 -27.31 -38.26 -44.25
CA ALA I 207 -27.77 -39.37 -43.37
C ALA I 207 -26.59 -39.94 -42.58
N GLY I 208 -25.57 -39.13 -42.26
CA GLY I 208 -24.45 -39.49 -41.37
C GLY I 208 -23.40 -40.37 -42.04
N VAL I 209 -23.39 -40.43 -43.37
CA VAL I 209 -22.42 -41.24 -44.19
C VAL I 209 -21.28 -40.32 -44.63
N SER I 210 -20.06 -40.50 -44.09
CA SER I 210 -18.92 -39.60 -44.40
C SER I 210 -18.61 -39.62 -45.91
N LEU I 211 -18.78 -38.47 -46.56
CA LEU I 211 -18.46 -38.22 -47.99
C LEU I 211 -16.96 -38.42 -48.19
N LYS I 212 -16.17 -38.04 -47.18
CA LYS I 212 -14.69 -38.19 -47.15
C LYS I 212 -14.30 -39.67 -47.10
N THR I 213 -15.17 -40.54 -46.57
CA THR I 213 -14.94 -42.01 -46.51
C THR I 213 -15.25 -42.63 -47.87
N LEU I 214 -16.37 -42.28 -48.51
CA LEU I 214 -16.76 -42.84 -49.84
C LEU I 214 -15.78 -42.38 -50.94
N HIS I 215 -15.18 -41.20 -50.79
CA HIS I 215 -14.50 -40.46 -51.90
C HIS I 215 -13.31 -39.69 -51.32
N PRO I 216 -12.22 -40.40 -50.94
CA PRO I 216 -11.09 -39.82 -50.20
C PRO I 216 -10.31 -38.66 -50.86
N GLU I 217 -10.49 -38.43 -52.15
CA GLU I 217 -9.91 -37.28 -52.87
C GLU I 217 -10.78 -36.02 -52.65
N LEU I 218 -11.94 -36.14 -52.01
CA LEU I 218 -12.74 -34.97 -51.57
C LEU I 218 -11.82 -34.05 -50.77
N GLY I 219 -11.62 -32.82 -51.26
CA GLY I 219 -10.86 -31.74 -50.59
C GLY I 219 -9.46 -31.56 -51.16
N THR I 220 -9.12 -32.33 -52.21
CA THR I 220 -7.83 -32.19 -52.95
C THR I 220 -8.11 -31.57 -54.33
N ASP I 221 -7.11 -30.86 -54.87
CA ASP I 221 -7.08 -30.30 -56.27
C ASP I 221 -7.30 -31.44 -57.27
N ALA I 222 -6.69 -32.61 -56.97
CA ALA I 222 -6.65 -33.85 -57.77
C ALA I 222 -8.06 -34.39 -58.05
N ASP I 223 -9.01 -34.18 -57.13
CA ASP I 223 -10.41 -34.67 -57.21
C ASP I 223 -10.97 -34.46 -58.63
N LYS I 224 -11.47 -35.52 -59.28
CA LYS I 224 -12.14 -35.48 -60.60
C LYS I 224 -13.43 -34.66 -60.50
N GLU I 225 -14.16 -34.79 -59.39
CA GLU I 225 -15.44 -34.06 -59.13
C GLU I 225 -15.16 -32.63 -58.63
N GLN I 226 -13.91 -32.31 -58.29
CA GLN I 226 -13.41 -30.93 -57.98
C GLN I 226 -14.29 -30.31 -56.88
N TRP I 227 -14.39 -31.00 -55.74
CA TRP I 227 -15.18 -30.57 -54.54
C TRP I 227 -14.51 -29.37 -53.87
N LYS I 228 -13.18 -29.25 -53.96
CA LYS I 228 -12.44 -28.06 -53.49
C LYS I 228 -12.92 -26.80 -54.25
N GLN I 229 -13.55 -26.96 -55.43
CA GLN I 229 -14.03 -25.80 -56.26
C GLN I 229 -15.39 -25.32 -55.75
N VAL I 230 -16.16 -26.22 -55.12
CA VAL I 230 -17.42 -25.84 -54.42
C VAL I 230 -17.08 -24.81 -53.33
N HIS I 231 -15.93 -24.95 -52.63
CA HIS I 231 -15.50 -24.02 -51.54
C HIS I 231 -15.07 -22.66 -52.11
N LYS I 232 -14.35 -22.63 -53.23
CA LYS I 232 -13.97 -21.34 -53.86
C LYS I 232 -15.27 -20.70 -54.39
N GLN I 233 -16.22 -21.50 -54.86
CA GLN I 233 -17.56 -21.03 -55.33
C GLN I 233 -18.32 -20.31 -54.19
N VAL I 234 -18.02 -20.62 -52.93
CA VAL I 234 -18.70 -20.04 -51.72
C VAL I 234 -18.03 -18.71 -51.33
N VAL I 235 -16.70 -18.66 -51.33
CA VAL I 235 -15.89 -17.43 -51.02
C VAL I 235 -16.22 -16.36 -52.06
N ASP I 236 -16.48 -16.78 -53.30
CA ASP I 236 -16.65 -15.88 -54.47
C ASP I 236 -18.15 -15.59 -54.69
N SER I 237 -19.05 -16.27 -53.95
CA SER I 237 -20.53 -16.16 -54.12
C SER I 237 -20.95 -14.69 -54.08
N ALA I 238 -20.52 -13.95 -53.06
CA ALA I 238 -20.83 -12.51 -52.88
C ALA I 238 -20.33 -11.71 -54.09
N TYR I 239 -19.02 -11.76 -54.37
CA TYR I 239 -18.41 -11.13 -55.57
C TYR I 239 -19.23 -11.48 -56.85
N GLU I 240 -19.66 -12.74 -57.04
CA GLU I 240 -20.37 -13.21 -58.26
C GLU I 240 -21.79 -12.60 -58.35
N VAL I 241 -22.49 -12.47 -57.21
CA VAL I 241 -23.87 -11.92 -57.12
C VAL I 241 -23.78 -10.39 -57.25
N ILE I 242 -22.68 -9.78 -56.78
CA ILE I 242 -22.51 -8.29 -56.71
C ILE I 242 -22.33 -7.73 -58.12
N LYS I 243 -21.47 -8.33 -58.94
CA LYS I 243 -21.31 -7.97 -60.38
C LYS I 243 -22.67 -8.08 -61.11
N LEU I 244 -23.54 -8.98 -60.67
CA LEU I 244 -24.81 -9.31 -61.38
C LEU I 244 -25.92 -8.30 -61.05
N LYS I 245 -26.04 -7.85 -59.78
CA LYS I 245 -27.19 -7.00 -59.32
C LYS I 245 -26.79 -5.91 -58.32
N GLY I 246 -25.50 -5.78 -57.97
CA GLY I 246 -24.98 -4.58 -57.27
C GLY I 246 -24.70 -4.80 -55.79
N TYR I 247 -25.21 -5.88 -55.20
CA TYR I 247 -25.16 -6.13 -53.74
C TYR I 247 -25.77 -7.50 -53.42
N THR I 248 -25.74 -7.86 -52.15
CA THR I 248 -26.31 -9.11 -51.60
C THR I 248 -27.47 -8.71 -50.71
N SER I 249 -28.60 -9.38 -50.83
CA SER I 249 -29.81 -8.95 -50.11
C SER I 249 -30.41 -10.07 -49.25
N TRP I 250 -31.12 -10.94 -49.94
CA TRP I 250 -32.00 -12.00 -49.43
C TRP I 250 -31.36 -13.08 -48.55
N ALA I 251 -30.37 -13.78 -49.07
CA ALA I 251 -29.80 -14.98 -48.42
C ALA I 251 -29.22 -14.62 -47.04
N ILE I 252 -28.50 -13.50 -46.94
CA ILE I 252 -27.89 -13.03 -45.65
C ILE I 252 -29.04 -12.62 -44.72
N GLY I 253 -30.09 -12.01 -45.26
CA GLY I 253 -31.32 -11.66 -44.53
C GLY I 253 -31.94 -12.88 -43.87
N LEU I 254 -32.17 -13.95 -44.66
CA LEU I 254 -32.73 -15.25 -44.20
C LEU I 254 -31.83 -15.89 -43.15
N SER I 255 -30.52 -15.87 -43.37
CA SER I 255 -29.51 -16.50 -42.46
C SER I 255 -29.49 -15.76 -41.11
N VAL I 256 -29.65 -14.43 -41.11
CA VAL I 256 -29.65 -13.59 -39.88
C VAL I 256 -30.98 -13.84 -39.13
N ALA I 257 -32.07 -14.00 -39.85
CA ALA I 257 -33.40 -14.29 -39.25
C ALA I 257 -33.35 -15.69 -38.62
N ASP I 258 -32.62 -16.64 -39.22
CA ASP I 258 -32.42 -18.00 -38.65
C ASP I 258 -31.69 -17.89 -37.30
N LEU I 259 -30.66 -17.06 -37.23
CA LEU I 259 -29.90 -16.83 -35.97
C LEU I 259 -30.81 -16.15 -34.94
N ALA I 260 -31.56 -15.12 -35.34
CA ALA I 260 -32.48 -14.38 -34.44
C ALA I 260 -33.49 -15.36 -33.85
N GLU I 261 -34.01 -16.26 -34.68
CA GLU I 261 -34.97 -17.33 -34.29
C GLU I 261 -34.39 -18.15 -33.12
N SER I 262 -33.15 -18.60 -33.28
CA SER I 262 -32.47 -19.42 -32.25
C SER I 262 -32.33 -18.62 -30.95
N ILE I 263 -32.04 -17.30 -31.06
CA ILE I 263 -31.89 -16.38 -29.89
C ILE I 263 -33.26 -16.12 -29.26
N MET I 264 -34.25 -15.65 -30.04
CA MET I 264 -35.57 -15.24 -29.50
C MET I 264 -36.31 -16.45 -28.89
N LYS I 265 -36.08 -17.67 -29.39
CA LYS I 265 -36.85 -18.90 -29.04
C LYS I 265 -35.99 -19.86 -28.21
N ASN I 266 -34.74 -19.48 -27.93
CA ASN I 266 -33.80 -20.21 -27.03
C ASN I 266 -33.63 -21.66 -27.51
N LEU I 267 -33.43 -21.86 -28.82
CA LEU I 267 -33.55 -23.19 -29.45
C LEU I 267 -32.35 -24.05 -29.09
N ARG I 268 -31.19 -23.44 -28.82
CA ARG I 268 -29.92 -24.18 -28.60
C ARG I 268 -29.64 -25.02 -29.84
N ARG I 269 -29.83 -24.46 -31.03
CA ARG I 269 -29.34 -25.06 -32.29
C ARG I 269 -27.88 -24.63 -32.45
N VAL I 270 -27.09 -25.49 -33.08
CA VAL I 270 -25.66 -25.26 -33.38
C VAL I 270 -25.60 -24.54 -34.74
N HIS I 271 -24.98 -23.37 -34.78
CA HIS I 271 -24.70 -22.60 -36.02
C HIS I 271 -23.22 -22.23 -36.10
N PRO I 272 -22.65 -22.15 -37.32
CA PRO I 272 -21.29 -21.68 -37.52
C PRO I 272 -21.23 -20.15 -37.52
N ILE I 273 -20.95 -19.57 -36.35
CA ILE I 273 -20.98 -18.11 -36.11
C ILE I 273 -19.70 -17.73 -35.38
N SER I 274 -19.39 -16.45 -35.39
CA SER I 274 -18.09 -15.90 -34.96
C SER I 274 -18.20 -15.56 -33.47
N THR I 275 -17.44 -16.29 -32.66
CA THR I 275 -17.34 -16.10 -31.18
C THR I 275 -15.90 -15.73 -30.83
N MET I 276 -15.71 -15.09 -29.68
CA MET I 276 -14.36 -14.77 -29.15
C MET I 276 -13.72 -16.09 -28.73
N LEU I 277 -12.73 -16.56 -29.51
CA LEU I 277 -12.24 -17.97 -29.49
C LEU I 277 -10.99 -18.14 -28.61
N LYS I 278 -10.49 -17.10 -27.94
CA LYS I 278 -9.33 -17.20 -27.03
C LYS I 278 -9.53 -18.42 -26.13
N GLY I 279 -8.60 -19.38 -26.14
CA GLY I 279 -8.62 -20.55 -25.24
C GLY I 279 -8.95 -21.85 -25.97
N LEU I 280 -9.58 -21.76 -27.14
CA LEU I 280 -9.99 -22.94 -27.95
C LEU I 280 -9.27 -22.95 -29.31
N TYR I 281 -9.22 -24.11 -29.97
CA TYR I 281 -8.53 -24.36 -31.27
C TYR I 281 -7.15 -23.69 -31.30
N GLY I 282 -6.38 -23.78 -30.21
CA GLY I 282 -4.97 -23.34 -30.11
C GLY I 282 -4.78 -21.83 -30.10
N ILE I 283 -5.87 -21.04 -30.18
CA ILE I 283 -5.84 -19.56 -30.31
C ILE I 283 -5.53 -18.97 -28.93
N LYS I 284 -4.64 -17.97 -28.87
CA LYS I 284 -4.15 -17.41 -27.57
C LYS I 284 -4.28 -15.89 -27.60
N GLU I 285 -5.14 -15.35 -28.46
CA GLU I 285 -5.42 -13.89 -28.53
C GLU I 285 -6.94 -13.65 -28.52
N ASP I 286 -7.35 -12.39 -28.37
CA ASP I 286 -8.76 -11.95 -28.36
C ASP I 286 -9.23 -11.70 -29.79
N VAL I 287 -9.38 -12.76 -30.59
CA VAL I 287 -9.92 -12.67 -31.97
C VAL I 287 -11.29 -13.33 -31.98
N PHE I 288 -12.04 -13.17 -33.07
CA PHE I 288 -13.36 -13.81 -33.32
C PHE I 288 -13.28 -14.64 -34.59
N LEU I 289 -13.55 -15.93 -34.48
CA LEU I 289 -13.62 -16.88 -35.62
C LEU I 289 -14.90 -17.73 -35.52
N SER I 290 -15.29 -18.31 -36.64
CA SER I 290 -16.50 -19.16 -36.76
C SER I 290 -16.18 -20.59 -36.33
N VAL I 291 -17.04 -21.13 -35.48
CA VAL I 291 -16.99 -22.51 -34.91
C VAL I 291 -18.43 -22.91 -34.61
N PRO I 292 -18.80 -24.22 -34.61
CA PRO I 292 -20.15 -24.60 -34.24
C PRO I 292 -20.43 -24.14 -32.79
N CYS I 293 -21.32 -23.15 -32.64
CA CYS I 293 -21.76 -22.54 -31.36
C CYS I 293 -23.23 -22.89 -31.09
N VAL I 294 -23.55 -23.32 -29.87
CA VAL I 294 -24.94 -23.47 -29.36
C VAL I 294 -25.47 -22.07 -29.07
N LEU I 295 -26.52 -21.63 -29.79
CA LEU I 295 -27.14 -20.28 -29.71
C LEU I 295 -28.52 -20.35 -29.02
N GLY I 296 -28.76 -19.45 -28.08
CA GLY I 296 -30.02 -19.37 -27.31
C GLY I 296 -30.26 -18.00 -26.73
N GLN I 297 -31.13 -17.90 -25.72
CA GLN I 297 -31.69 -16.60 -25.25
C GLN I 297 -30.59 -15.76 -24.58
N ASN I 298 -29.45 -16.35 -24.19
CA ASN I 298 -28.29 -15.61 -23.62
C ASN I 298 -27.13 -15.58 -24.62
N GLY I 299 -27.41 -15.72 -25.92
CA GLY I 299 -26.42 -15.70 -27.00
C GLY I 299 -25.74 -17.04 -27.15
N ILE I 300 -24.41 -17.05 -27.15
CA ILE I 300 -23.57 -18.27 -27.30
C ILE I 300 -23.37 -18.86 -25.91
N SER I 301 -23.92 -20.06 -25.67
CA SER I 301 -23.80 -20.76 -24.37
C SER I 301 -22.63 -21.76 -24.44
N ASP I 302 -22.39 -22.33 -25.62
CA ASP I 302 -21.47 -23.48 -25.78
C ASP I 302 -20.80 -23.43 -27.16
N VAL I 303 -19.58 -23.99 -27.27
CA VAL I 303 -18.82 -24.18 -28.56
C VAL I 303 -18.53 -25.68 -28.72
N VAL I 304 -18.85 -26.25 -29.88
CA VAL I 304 -18.51 -27.65 -30.24
C VAL I 304 -17.00 -27.68 -30.53
N LYS I 305 -16.27 -28.62 -29.93
CA LYS I 305 -14.84 -28.88 -30.23
C LYS I 305 -14.74 -29.76 -31.50
N VAL I 306 -14.55 -29.16 -32.68
CA VAL I 306 -14.45 -29.94 -33.95
C VAL I 306 -13.00 -30.40 -34.09
N THR I 307 -12.79 -31.71 -34.31
CA THR I 307 -11.45 -32.34 -34.51
C THR I 307 -10.90 -31.88 -35.87
N LEU I 308 -9.87 -31.03 -35.86
CA LEU I 308 -9.29 -30.45 -37.10
C LEU I 308 -7.96 -31.17 -37.41
N THR I 309 -7.67 -31.40 -38.70
CA THR I 309 -6.33 -31.76 -39.22
C THR I 309 -5.34 -30.64 -38.86
N SER I 310 -4.08 -30.97 -38.56
CA SER I 310 -3.01 -30.00 -38.18
C SER I 310 -2.89 -28.91 -39.26
N GLU I 311 -3.15 -29.26 -40.53
CA GLU I 311 -3.30 -28.29 -41.65
C GLU I 311 -4.41 -27.30 -41.28
N GLU I 312 -5.61 -27.82 -41.06
CA GLU I 312 -6.82 -27.03 -40.74
C GLU I 312 -6.50 -26.16 -39.52
N GLU I 313 -5.94 -26.74 -38.46
CA GLU I 313 -5.62 -26.04 -37.19
C GLU I 313 -4.67 -24.88 -37.45
N ALA I 314 -3.67 -25.07 -38.33
CA ALA I 314 -2.65 -24.06 -38.68
C ALA I 314 -3.34 -22.91 -39.44
N HIS I 315 -4.29 -23.25 -40.31
CA HIS I 315 -5.12 -22.28 -41.07
C HIS I 315 -5.86 -21.36 -40.09
N LEU I 316 -6.49 -21.93 -39.07
CA LEU I 316 -7.21 -21.17 -38.01
C LEU I 316 -6.23 -20.27 -37.25
N LYS I 317 -5.06 -20.80 -36.88
CA LYS I 317 -4.04 -20.07 -36.09
C LYS I 317 -3.44 -18.94 -36.94
N LYS I 318 -3.28 -19.18 -38.25
CA LYS I 318 -2.80 -18.16 -39.23
C LYS I 318 -3.82 -17.02 -39.31
N SER I 319 -5.10 -17.34 -39.56
CA SER I 319 -6.23 -16.38 -39.59
C SER I 319 -6.21 -15.53 -38.29
N ALA I 320 -6.10 -16.19 -37.13
CA ALA I 320 -6.03 -15.51 -35.81
C ALA I 320 -4.94 -14.44 -35.84
N ASP I 321 -3.74 -14.78 -36.31
CA ASP I 321 -2.56 -13.87 -36.33
C ASP I 321 -2.88 -12.61 -37.17
N THR I 322 -3.32 -12.79 -38.41
CA THR I 322 -3.72 -11.68 -39.32
C THR I 322 -4.66 -10.72 -38.57
N LEU I 323 -5.65 -11.27 -37.86
CA LEU I 323 -6.75 -10.49 -37.21
C LEU I 323 -6.20 -9.75 -36.00
N TRP I 324 -5.38 -10.40 -35.18
CA TRP I 324 -4.73 -9.76 -34.00
C TRP I 324 -3.77 -8.67 -34.48
N GLY I 325 -3.07 -8.93 -35.58
CA GLY I 325 -2.21 -7.93 -36.25
C GLY I 325 -2.98 -6.64 -36.52
N ILE I 326 -4.05 -6.75 -37.30
CA ILE I 326 -4.87 -5.59 -37.75
C ILE I 326 -5.51 -4.94 -36.51
N GLN I 327 -5.91 -5.73 -35.49
CA GLN I 327 -6.67 -5.24 -34.31
C GLN I 327 -5.77 -4.41 -33.38
N LYS I 328 -4.51 -4.82 -33.14
CA LYS I 328 -3.55 -4.18 -32.20
C LYS I 328 -3.18 -2.75 -32.67
N GLU I 329 -3.38 -2.42 -33.95
CA GLU I 329 -3.05 -1.09 -34.53
C GLU I 329 -4.28 -0.17 -34.49
N LEU I 330 -5.49 -0.68 -34.23
CA LEU I 330 -6.75 0.13 -34.24
C LEU I 330 -6.75 1.05 -33.01
N GLN I 331 -7.26 2.28 -33.18
CA GLN I 331 -7.33 3.31 -32.10
C GLN I 331 -8.76 3.33 -31.55
N PHE I 332 -8.93 2.93 -30.28
CA PHE I 332 -10.22 2.91 -29.56
C PHE I 332 -10.44 4.27 -28.88
N ALA J 2 -12.19 -38.46 -20.02
CA ALA J 2 -13.24 -37.42 -19.78
C ALA J 2 -14.52 -37.83 -20.51
N ALA J 3 -15.67 -37.28 -20.10
CA ALA J 3 -17.01 -37.65 -20.63
C ALA J 3 -17.17 -37.14 -22.07
N LEU J 4 -17.97 -37.84 -22.88
CA LEU J 4 -18.22 -37.52 -24.31
C LEU J 4 -18.70 -36.07 -24.41
N LYS J 5 -19.70 -35.71 -23.61
CA LYS J 5 -20.25 -34.33 -23.55
C LYS J 5 -19.09 -33.33 -23.51
N ASP J 6 -18.10 -33.60 -22.65
CA ASP J 6 -16.97 -32.68 -22.32
C ASP J 6 -15.93 -32.68 -23.45
N GLN J 7 -15.75 -33.77 -24.19
CA GLN J 7 -14.78 -33.81 -25.32
C GLN J 7 -15.46 -33.28 -26.59
N LEU J 8 -16.81 -33.27 -26.64
CA LEU J 8 -17.57 -32.71 -27.79
C LEU J 8 -17.81 -31.21 -27.61
N ILE J 9 -18.15 -30.74 -26.40
CA ILE J 9 -18.71 -29.38 -26.17
C ILE J 9 -17.96 -28.68 -25.05
N HIS J 10 -17.40 -27.50 -25.35
CA HIS J 10 -16.81 -26.54 -24.39
C HIS J 10 -17.90 -25.61 -23.87
N ASN J 11 -18.14 -25.66 -22.56
CA ASN J 11 -19.25 -24.94 -21.87
C ASN J 11 -18.76 -23.53 -21.54
N LEU J 12 -19.34 -22.52 -22.19
CA LEU J 12 -18.75 -21.16 -22.32
C LEU J 12 -19.15 -20.28 -21.13
N LEU J 13 -20.21 -20.66 -20.39
CA LEU J 13 -21.01 -19.68 -19.62
C LEU J 13 -22.13 -20.39 -18.87
N LYS J 14 -22.07 -20.38 -17.55
CA LYS J 14 -23.17 -20.86 -16.66
C LYS J 14 -24.40 -19.95 -16.87
N VAL J 18 -34.58 -18.56 -16.57
CA VAL J 18 -35.38 -17.30 -16.47
C VAL J 18 -36.25 -17.12 -17.72
N PRO J 19 -37.30 -17.96 -17.90
CA PRO J 19 -37.96 -18.10 -19.20
C PRO J 19 -38.78 -16.87 -19.63
N GLN J 20 -38.72 -16.50 -20.90
CA GLN J 20 -39.20 -15.19 -21.39
C GLN J 20 -40.64 -15.29 -21.93
N ASN J 21 -41.05 -16.45 -22.45
CA ASN J 21 -42.40 -16.63 -23.06
C ASN J 21 -43.01 -17.96 -22.59
N LYS J 22 -43.13 -18.15 -21.29
CA LYS J 22 -43.65 -19.41 -20.72
C LYS J 22 -45.17 -19.32 -20.63
N ILE J 23 -45.85 -20.33 -21.16
CA ILE J 23 -47.30 -20.57 -21.02
C ILE J 23 -47.44 -21.79 -20.13
N THR J 24 -48.49 -21.84 -19.31
CA THR J 24 -48.89 -23.00 -18.50
C THR J 24 -50.31 -23.41 -18.93
N VAL J 25 -50.52 -24.70 -19.20
CA VAL J 25 -51.88 -25.28 -19.24
C VAL J 25 -52.12 -26.02 -17.92
N VAL J 26 -53.16 -25.66 -17.16
CA VAL J 26 -53.64 -26.42 -15.97
C VAL J 26 -54.74 -27.39 -16.44
N GLY J 27 -54.48 -28.69 -16.36
CA GLY J 27 -55.39 -29.76 -16.77
C GLY J 27 -54.94 -30.36 -18.08
N VAL J 28 -54.87 -31.69 -18.15
CA VAL J 28 -54.39 -32.42 -19.36
C VAL J 28 -55.48 -33.40 -19.83
N GLY J 29 -56.75 -33.07 -19.55
CA GLY J 29 -57.92 -33.60 -20.26
C GLY J 29 -57.85 -33.30 -21.76
N ALA J 30 -58.78 -33.86 -22.53
CA ALA J 30 -58.81 -33.71 -24.00
C ALA J 30 -58.64 -32.23 -24.35
N VAL J 31 -59.29 -31.34 -23.61
CA VAL J 31 -59.36 -29.87 -23.91
C VAL J 31 -57.97 -29.28 -23.75
N GLY J 32 -57.36 -29.46 -22.56
CA GLY J 32 -56.06 -28.91 -22.18
C GLY J 32 -54.93 -29.30 -23.11
N MET J 33 -54.94 -30.50 -23.67
CA MET J 33 -53.86 -31.01 -24.55
C MET J 33 -54.13 -30.52 -25.99
N ALA J 34 -55.39 -30.31 -26.39
CA ALA J 34 -55.72 -29.61 -27.65
C ALA J 34 -55.12 -28.21 -27.60
N CYS J 35 -55.22 -27.54 -26.44
CA CYS J 35 -54.60 -26.22 -26.15
C CYS J 35 -53.08 -26.33 -26.32
N ALA J 36 -52.44 -27.35 -25.75
CA ALA J 36 -50.97 -27.55 -25.72
C ALA J 36 -50.42 -27.76 -27.14
N ILE J 37 -50.99 -28.68 -27.92
CA ILE J 37 -50.52 -29.01 -29.31
C ILE J 37 -50.66 -27.78 -30.20
N SER J 38 -51.74 -27.00 -30.05
CA SER J 38 -52.09 -25.81 -30.88
C SER J 38 -51.13 -24.65 -30.57
N ILE J 39 -50.85 -24.40 -29.28
CA ILE J 39 -49.83 -23.42 -28.82
C ILE J 39 -48.45 -23.87 -29.33
N LEU J 40 -48.07 -25.13 -29.07
CA LEU J 40 -46.75 -25.68 -29.50
C LEU J 40 -46.54 -25.43 -31.00
N MET J 41 -47.55 -25.69 -31.83
CA MET J 41 -47.46 -25.61 -33.31
C MET J 41 -47.81 -24.22 -33.82
N LYS J 42 -47.85 -23.20 -32.96
CA LYS J 42 -47.90 -21.79 -33.36
C LYS J 42 -46.68 -21.02 -32.85
N ASP J 43 -45.71 -21.71 -32.24
CA ASP J 43 -44.47 -21.10 -31.69
C ASP J 43 -44.85 -19.85 -30.90
N LEU J 44 -45.68 -20.01 -29.89
CA LEU J 44 -46.14 -18.87 -29.07
C LEU J 44 -45.29 -18.80 -27.81
N ALA J 45 -44.57 -19.88 -27.48
CA ALA J 45 -43.85 -20.04 -26.20
C ALA J 45 -42.51 -20.72 -26.43
N ASP J 46 -41.56 -20.40 -25.53
CA ASP J 46 -40.21 -21.00 -25.41
C ASP J 46 -40.15 -21.99 -24.25
N GLU J 47 -41.19 -22.00 -23.41
CA GLU J 47 -41.41 -23.00 -22.32
C GLU J 47 -42.92 -23.21 -22.13
N LEU J 48 -43.37 -24.46 -22.25
CA LEU J 48 -44.75 -24.92 -21.94
C LEU J 48 -44.69 -25.80 -20.69
N ALA J 49 -45.45 -25.45 -19.66
CA ALA J 49 -45.61 -26.28 -18.44
C ALA J 49 -47.01 -26.90 -18.47
N LEU J 50 -47.12 -28.15 -18.03
CA LEU J 50 -48.41 -28.86 -17.79
C LEU J 50 -48.54 -29.21 -16.29
N VAL J 51 -49.69 -28.90 -15.68
CA VAL J 51 -50.05 -29.32 -14.29
C VAL J 51 -51.38 -30.09 -14.34
N ASP J 52 -51.50 -31.10 -13.48
CA ASP J 52 -52.70 -31.95 -13.25
C ASP J 52 -52.43 -32.81 -12.01
N VAL J 53 -53.49 -33.33 -11.39
CA VAL J 53 -53.42 -34.20 -10.18
C VAL J 53 -52.99 -35.63 -10.60
N MET J 54 -53.49 -36.09 -11.75
CA MET J 54 -53.21 -37.45 -12.30
C MET J 54 -51.74 -37.50 -12.73
N GLU J 55 -50.83 -37.86 -11.82
CA GLU J 55 -49.35 -37.74 -12.02
C GLU J 55 -48.88 -38.56 -13.24
N ASP J 56 -49.47 -39.74 -13.47
CA ASP J 56 -48.97 -40.68 -14.50
C ASP J 56 -49.46 -40.21 -15.88
N LYS J 57 -50.76 -39.91 -16.02
CA LYS J 57 -51.36 -39.30 -17.24
C LYS J 57 -50.53 -38.10 -17.68
N LEU J 58 -50.19 -37.23 -16.74
CA LEU J 58 -49.50 -35.93 -16.93
C LEU J 58 -48.06 -36.13 -17.46
N LYS J 59 -47.33 -37.11 -16.91
CA LYS J 59 -45.96 -37.44 -17.32
C LYS J 59 -46.02 -38.03 -18.73
N GLY J 60 -47.01 -38.89 -19.00
CA GLY J 60 -47.26 -39.50 -20.33
C GLY J 60 -47.42 -38.45 -21.42
N GLU J 61 -48.42 -37.57 -21.28
CA GLU J 61 -48.64 -36.44 -22.22
C GLU J 61 -47.31 -35.69 -22.41
N MET J 62 -46.62 -35.28 -21.34
CA MET J 62 -45.36 -34.49 -21.43
C MET J 62 -44.36 -35.23 -22.33
N MET J 63 -44.12 -36.51 -22.06
CA MET J 63 -43.13 -37.35 -22.80
C MET J 63 -43.54 -37.48 -24.27
N ASP J 64 -44.83 -37.49 -24.55
CA ASP J 64 -45.35 -37.75 -25.92
C ASP J 64 -45.10 -36.49 -26.77
N LEU J 65 -45.35 -35.31 -26.17
CA LEU J 65 -45.00 -33.99 -26.73
C LEU J 65 -43.48 -33.93 -26.92
N GLN J 66 -42.70 -34.21 -25.88
CA GLN J 66 -41.22 -34.03 -25.87
C GLN J 66 -40.58 -34.81 -27.02
N HIS J 67 -41.18 -35.96 -27.42
CA HIS J 67 -40.64 -36.87 -28.47
C HIS J 67 -40.81 -36.28 -29.87
N GLY J 68 -41.64 -35.23 -30.02
CA GLY J 68 -41.80 -34.45 -31.25
C GLY J 68 -40.90 -33.23 -31.26
N SER J 69 -40.06 -33.03 -30.23
CA SER J 69 -39.22 -31.82 -30.07
C SER J 69 -38.56 -31.47 -31.41
N LEU J 70 -38.15 -32.48 -32.17
CA LEU J 70 -37.44 -32.31 -33.46
C LEU J 70 -38.29 -31.46 -34.43
N PHE J 71 -39.62 -31.57 -34.36
CA PHE J 71 -40.61 -31.01 -35.32
C PHE J 71 -41.28 -29.73 -34.74
N LEU J 72 -40.79 -29.23 -33.61
CA LEU J 72 -41.34 -28.04 -32.90
C LEU J 72 -40.23 -26.98 -32.76
N ARG J 73 -40.60 -25.79 -32.29
CA ARG J 73 -39.64 -24.72 -31.93
C ARG J 73 -39.97 -24.20 -30.53
N THR J 74 -40.50 -25.08 -29.67
CA THR J 74 -40.69 -24.86 -28.21
C THR J 74 -39.72 -25.79 -27.48
N PRO J 75 -38.52 -25.33 -27.08
CA PRO J 75 -37.45 -26.25 -26.69
C PRO J 75 -37.59 -26.88 -25.29
N LYS J 76 -38.46 -26.36 -24.41
CA LYS J 76 -38.64 -26.82 -23.00
C LYS J 76 -40.12 -27.20 -22.75
N ILE J 77 -40.39 -28.49 -22.61
CA ILE J 77 -41.72 -29.01 -22.16
C ILE J 77 -41.51 -29.67 -20.80
N VAL J 78 -42.17 -29.13 -19.76
CA VAL J 78 -42.07 -29.57 -18.33
C VAL J 78 -43.49 -29.87 -17.81
N SER J 79 -43.58 -30.67 -16.76
CA SER J 79 -44.85 -31.15 -16.15
C SER J 79 -44.61 -31.47 -14.67
N GLY J 80 -45.69 -31.56 -13.87
CA GLY J 80 -45.59 -31.71 -12.41
C GLY J 80 -46.92 -31.44 -11.72
N LYS J 81 -47.17 -32.19 -10.64
CA LYS J 81 -48.31 -31.98 -9.72
C LYS J 81 -48.05 -30.67 -8.96
N ASP J 82 -46.79 -30.40 -8.62
CA ASP J 82 -46.35 -29.17 -7.91
C ASP J 82 -46.38 -28.00 -8.89
N TYR J 83 -47.08 -26.92 -8.53
CA TYR J 83 -47.20 -25.65 -9.29
C TYR J 83 -45.85 -24.92 -9.37
N SER J 84 -44.80 -25.40 -8.71
CA SER J 84 -43.43 -24.86 -8.89
C SER J 84 -43.00 -24.86 -10.36
N VAL J 85 -43.43 -25.83 -11.18
CA VAL J 85 -43.12 -25.96 -12.63
C VAL J 85 -43.74 -24.82 -13.45
N THR J 86 -44.77 -24.13 -12.94
CA THR J 86 -45.50 -23.05 -13.64
C THR J 86 -44.80 -21.69 -13.42
N ALA J 87 -43.69 -21.67 -12.67
CA ALA J 87 -42.97 -20.45 -12.23
C ALA J 87 -42.71 -19.56 -13.45
N ASN J 88 -43.00 -18.27 -13.32
CA ASN J 88 -42.68 -17.19 -14.30
C ASN J 88 -43.42 -17.39 -15.64
N SER J 89 -44.63 -17.93 -15.66
CA SER J 89 -45.43 -17.97 -16.90
C SER J 89 -46.08 -16.60 -17.13
N LYS J 90 -46.12 -16.15 -18.37
CA LYS J 90 -46.83 -14.91 -18.78
C LYS J 90 -48.31 -15.23 -18.87
N LEU J 91 -48.65 -16.45 -19.28
CA LEU J 91 -50.05 -16.86 -19.47
C LEU J 91 -50.26 -18.22 -18.83
N VAL J 92 -51.30 -18.35 -18.01
CA VAL J 92 -51.75 -19.64 -17.45
C VAL J 92 -53.21 -19.84 -17.85
N ILE J 93 -53.45 -20.92 -18.60
CA ILE J 93 -54.77 -21.37 -19.14
C ILE J 93 -55.33 -22.42 -18.19
N ILE J 94 -56.55 -22.23 -17.69
CA ILE J 94 -57.19 -23.11 -16.69
C ILE J 94 -58.26 -23.94 -17.37
N THR J 95 -58.05 -25.25 -17.44
CA THR J 95 -58.98 -26.20 -18.11
C THR J 95 -59.54 -27.21 -17.10
N ALA J 96 -58.97 -27.26 -15.88
CA ALA J 96 -59.30 -28.19 -14.79
C ALA J 96 -60.65 -27.85 -14.14
N GLY J 97 -61.34 -28.89 -13.63
CA GLY J 97 -62.64 -28.83 -12.93
C GLY J 97 -63.28 -30.19 -12.77
N ALA J 98 -64.55 -30.25 -12.36
CA ALA J 98 -65.26 -31.50 -11.95
C ALA J 98 -66.34 -31.90 -12.97
N ASN J 108 -74.11 -26.01 -7.09
CA ASN J 108 -73.54 -27.16 -6.33
C ASN J 108 -72.43 -27.83 -7.15
N LEU J 109 -72.70 -28.12 -8.43
CA LEU J 109 -71.68 -28.43 -9.47
C LEU J 109 -70.64 -27.30 -9.48
N VAL J 110 -71.11 -26.04 -9.45
CA VAL J 110 -70.25 -24.82 -9.42
C VAL J 110 -69.39 -24.84 -8.13
N GLN J 111 -70.00 -25.04 -6.96
CA GLN J 111 -69.31 -24.92 -5.65
C GLN J 111 -68.15 -25.94 -5.59
N ARG J 112 -68.28 -27.10 -6.24
CA ARG J 112 -67.20 -28.11 -6.27
C ARG J 112 -66.03 -27.58 -7.10
N ASN J 113 -66.33 -26.98 -8.26
CA ASN J 113 -65.35 -26.25 -9.12
C ASN J 113 -64.66 -25.15 -8.28
N VAL J 114 -65.43 -24.39 -7.51
CA VAL J 114 -64.88 -23.33 -6.61
C VAL J 114 -63.86 -23.99 -5.65
N ASN J 115 -64.17 -25.18 -5.12
CA ASN J 115 -63.30 -25.91 -4.17
C ASN J 115 -61.97 -26.26 -4.86
N ILE J 116 -62.03 -26.76 -6.09
CA ILE J 116 -60.84 -27.09 -6.93
C ILE J 116 -60.04 -25.81 -7.15
N PHE J 117 -60.72 -24.70 -7.46
CA PHE J 117 -60.10 -23.40 -7.83
C PHE J 117 -59.38 -22.78 -6.63
N LYS J 118 -59.91 -22.98 -5.42
CA LYS J 118 -59.34 -22.40 -4.18
C LYS J 118 -58.02 -23.10 -3.87
N PHE J 119 -57.74 -24.25 -4.47
CA PHE J 119 -56.39 -24.87 -4.48
C PHE J 119 -55.57 -24.35 -5.68
N ILE J 120 -56.13 -24.35 -6.90
CA ILE J 120 -55.35 -24.10 -8.15
C ILE J 120 -54.89 -22.64 -8.17
N ILE J 121 -55.82 -21.70 -7.99
CA ILE J 121 -55.55 -20.27 -8.32
C ILE J 121 -54.49 -19.74 -7.36
N PRO J 122 -54.60 -19.93 -6.03
CA PRO J 122 -53.55 -19.47 -5.11
C PRO J 122 -52.15 -19.95 -5.53
N ASN J 123 -51.98 -21.23 -5.88
CA ASN J 123 -50.68 -21.80 -6.33
C ASN J 123 -50.23 -21.17 -7.66
N VAL J 124 -51.13 -20.91 -8.61
CA VAL J 124 -50.79 -20.23 -9.88
C VAL J 124 -50.25 -18.83 -9.58
N VAL J 125 -50.87 -18.04 -8.69
CA VAL J 125 -50.42 -16.64 -8.40
C VAL J 125 -49.14 -16.71 -7.57
N LYS J 126 -49.04 -17.60 -6.60
CA LYS J 126 -47.82 -17.76 -5.76
C LYS J 126 -46.61 -17.78 -6.69
N TYR J 127 -46.68 -18.54 -7.79
CA TYR J 127 -45.52 -18.82 -8.67
C TYR J 127 -45.42 -17.84 -9.86
N SER J 128 -46.54 -17.27 -10.34
CA SER J 128 -46.59 -16.29 -11.46
C SER J 128 -47.46 -15.09 -11.10
N PRO J 129 -47.02 -14.22 -10.16
CA PRO J 129 -47.87 -13.10 -9.74
C PRO J 129 -48.23 -12.11 -10.87
N HIS J 130 -47.47 -12.08 -11.97
CA HIS J 130 -47.67 -11.10 -13.08
C HIS J 130 -48.26 -11.77 -14.32
N CYS J 131 -48.75 -13.01 -14.20
CA CYS J 131 -49.31 -13.77 -15.36
C CYS J 131 -50.69 -13.19 -15.71
N LYS J 132 -51.16 -13.43 -16.94
CA LYS J 132 -52.59 -13.37 -17.29
C LYS J 132 -53.19 -14.76 -17.05
N LEU J 133 -54.39 -14.82 -16.48
CA LEU J 133 -55.19 -16.05 -16.30
C LEU J 133 -56.21 -16.13 -17.42
N LEU J 134 -56.22 -17.24 -18.12
CA LEU J 134 -57.21 -17.51 -19.17
C LEU J 134 -58.01 -18.72 -18.69
N VAL J 135 -59.29 -18.54 -18.33
CA VAL J 135 -60.16 -19.64 -17.83
C VAL J 135 -61.02 -20.18 -18.98
N VAL J 136 -61.02 -21.51 -19.11
CA VAL J 136 -61.71 -22.25 -20.21
C VAL J 136 -62.74 -23.19 -19.57
N SER J 137 -62.51 -23.60 -18.32
CA SER J 137 -63.39 -24.53 -17.56
C SER J 137 -64.85 -24.06 -17.57
N ASN J 138 -65.79 -24.98 -17.71
CA ASN J 138 -67.25 -24.68 -17.63
C ASN J 138 -67.73 -24.82 -16.20
N PRO J 139 -68.74 -24.02 -15.78
CA PRO J 139 -69.28 -22.92 -16.60
C PRO J 139 -68.40 -21.65 -16.58
N VAL J 140 -67.94 -21.24 -17.77
CA VAL J 140 -66.74 -20.38 -17.95
C VAL J 140 -66.95 -18.97 -17.37
N ASP J 141 -68.12 -18.36 -17.53
CA ASP J 141 -68.34 -16.94 -17.12
C ASP J 141 -68.29 -16.85 -15.58
N ILE J 142 -68.92 -17.79 -14.88
CA ILE J 142 -68.90 -17.92 -13.40
C ILE J 142 -67.47 -18.27 -12.92
N LEU J 143 -66.83 -19.28 -13.50
CA LEU J 143 -65.51 -19.73 -13.00
C LEU J 143 -64.44 -18.67 -13.31
N THR J 144 -64.58 -17.90 -14.39
CA THR J 144 -63.71 -16.71 -14.62
C THR J 144 -63.85 -15.76 -13.43
N TYR J 145 -65.10 -15.52 -12.96
CA TYR J 145 -65.40 -14.73 -11.74
C TYR J 145 -64.65 -15.33 -10.56
N VAL J 146 -64.79 -16.65 -10.36
CA VAL J 146 -64.19 -17.40 -9.22
C VAL J 146 -62.68 -17.13 -9.16
N ALA J 147 -61.99 -17.31 -10.29
CA ALA J 147 -60.53 -17.12 -10.41
C ALA J 147 -60.20 -15.65 -10.19
N TRP J 148 -61.03 -14.74 -10.70
CA TRP J 148 -60.83 -13.28 -10.45
C TRP J 148 -60.88 -13.02 -8.93
N LYS J 149 -61.97 -13.42 -8.26
CA LYS J 149 -62.15 -13.19 -6.80
C LYS J 149 -60.98 -13.83 -6.04
N ILE J 150 -60.60 -15.07 -6.33
CA ILE J 150 -59.63 -15.81 -5.47
C ILE J 150 -58.22 -15.26 -5.68
N SER J 151 -57.90 -14.78 -6.88
CA SER J 151 -56.55 -14.27 -7.25
C SER J 151 -56.34 -12.86 -6.71
N GLY J 152 -57.42 -12.10 -6.55
CA GLY J 152 -57.34 -10.64 -6.38
C GLY J 152 -56.45 -10.01 -7.43
N PHE J 153 -56.47 -10.51 -8.68
CA PHE J 153 -55.81 -9.87 -9.84
C PHE J 153 -56.68 -8.72 -10.32
N PRO J 154 -56.09 -7.66 -10.94
CA PRO J 154 -56.89 -6.66 -11.64
C PRO J 154 -57.62 -7.36 -12.79
N LYS J 155 -58.79 -6.83 -13.17
CA LYS J 155 -59.73 -7.45 -14.14
C LYS J 155 -59.10 -7.60 -15.52
N ASN J 156 -58.12 -6.76 -15.87
CA ASN J 156 -57.42 -6.83 -17.19
C ASN J 156 -56.72 -8.20 -17.34
N ARG J 157 -56.20 -8.78 -16.26
CA ARG J 157 -55.31 -9.97 -16.32
C ARG J 157 -56.10 -11.25 -16.05
N VAL J 158 -57.44 -11.20 -16.03
CA VAL J 158 -58.28 -12.41 -15.85
C VAL J 158 -59.29 -12.50 -16.99
N ILE J 159 -59.01 -13.38 -17.95
CA ILE J 159 -59.84 -13.56 -19.16
C ILE J 159 -60.59 -14.88 -19.05
N GLY J 160 -61.80 -14.93 -19.59
CA GLY J 160 -62.57 -16.17 -19.82
C GLY J 160 -62.74 -16.43 -21.31
N SER J 161 -62.68 -17.69 -21.71
CA SER J 161 -62.74 -18.09 -23.15
C SER J 161 -64.06 -17.58 -23.75
N GLY J 162 -65.12 -17.60 -22.94
CA GLY J 162 -66.43 -16.99 -23.22
C GLY J 162 -67.04 -17.49 -24.53
N CYS J 163 -67.36 -16.57 -25.44
CA CYS J 163 -68.05 -16.85 -26.73
C CYS J 163 -67.07 -16.77 -27.91
N ASN J 164 -65.77 -16.96 -27.66
CA ASN J 164 -64.71 -16.90 -28.68
C ASN J 164 -64.98 -18.02 -29.69
N LEU J 165 -65.28 -19.21 -29.18
CA LEU J 165 -65.51 -20.44 -29.99
C LEU J 165 -66.87 -20.36 -30.67
N ASP J 166 -67.91 -19.98 -29.92
CA ASP J 166 -69.28 -19.81 -30.48
C ASP J 166 -69.22 -18.84 -31.68
N SER J 167 -68.58 -17.68 -31.52
CA SER J 167 -68.41 -16.68 -32.61
C SER J 167 -67.73 -17.36 -33.80
N ALA J 168 -66.67 -18.12 -33.53
CA ALA J 168 -65.84 -18.81 -34.55
C ALA J 168 -66.66 -19.88 -35.26
N ARG J 169 -67.42 -20.65 -34.48
CA ARG J 169 -68.41 -21.63 -34.99
C ARG J 169 -69.43 -20.92 -35.89
N PHE J 170 -69.87 -19.72 -35.48
CA PHE J 170 -70.94 -18.96 -36.16
C PHE J 170 -70.47 -18.60 -37.56
N ARG J 171 -69.22 -18.15 -37.67
CA ARG J 171 -68.62 -17.68 -38.94
C ARG J 171 -68.40 -18.87 -39.87
N TYR J 172 -68.10 -20.04 -39.31
CA TYR J 172 -67.94 -21.32 -40.07
C TYR J 172 -69.27 -21.65 -40.74
N LEU J 173 -70.37 -21.53 -39.97
CA LEU J 173 -71.73 -21.87 -40.45
C LEU J 173 -72.18 -20.84 -41.48
N MET J 174 -71.88 -19.57 -41.19
CA MET J 174 -72.12 -18.41 -42.08
C MET J 174 -71.44 -18.70 -43.41
N GLY J 175 -70.19 -19.21 -43.35
CA GLY J 175 -69.33 -19.48 -44.52
C GLY J 175 -69.89 -20.61 -45.38
N GLU J 176 -70.40 -21.67 -44.76
CA GLU J 176 -71.01 -22.82 -45.47
C GLU J 176 -72.18 -22.32 -46.33
N ARG J 177 -73.01 -21.42 -45.78
CA ARG J 177 -74.25 -20.91 -46.41
C ARG J 177 -73.94 -19.91 -47.53
N LEU J 178 -72.94 -19.05 -47.36
CA LEU J 178 -72.61 -17.96 -48.32
C LEU J 178 -71.51 -18.38 -49.31
N GLY J 179 -70.78 -19.47 -49.06
CA GLY J 179 -69.79 -20.05 -50.00
C GLY J 179 -68.47 -19.29 -50.01
N VAL J 180 -68.13 -18.63 -48.88
CA VAL J 180 -66.84 -17.89 -48.67
C VAL J 180 -66.16 -18.47 -47.42
N HIS J 181 -64.90 -18.07 -47.16
CA HIS J 181 -64.13 -18.52 -45.97
C HIS J 181 -64.73 -17.87 -44.71
N ALA J 182 -64.63 -18.55 -43.57
CA ALA J 182 -65.04 -18.00 -42.26
C ALA J 182 -64.31 -16.68 -42.03
N LEU J 183 -63.03 -16.59 -42.41
CA LEU J 183 -62.20 -15.37 -42.24
C LEU J 183 -62.92 -14.16 -42.83
N SER J 184 -63.67 -14.31 -43.94
CA SER J 184 -64.38 -13.20 -44.62
C SER J 184 -65.85 -13.06 -44.14
N CYS J 185 -66.32 -13.91 -43.24
CA CYS J 185 -67.69 -13.81 -42.65
C CYS J 185 -67.59 -13.28 -41.22
N HIS J 186 -67.96 -12.01 -41.03
CA HIS J 186 -67.90 -11.28 -39.74
C HIS J 186 -69.26 -11.42 -39.03
N GLY J 187 -69.25 -11.74 -37.74
CA GLY J 187 -70.44 -12.13 -36.95
C GLY J 187 -70.08 -12.38 -35.50
N TRP J 188 -70.95 -11.96 -34.58
CA TRP J 188 -70.58 -11.81 -33.16
C TRP J 188 -71.69 -12.40 -32.29
N ILE J 189 -71.29 -13.32 -31.41
CA ILE J 189 -72.13 -13.91 -30.34
C ILE J 189 -71.52 -13.44 -29.02
N LEU J 190 -72.31 -12.80 -28.16
CA LEU J 190 -71.85 -12.14 -26.91
C LEU J 190 -72.70 -12.59 -25.73
N GLY J 191 -72.41 -12.06 -24.54
CA GLY J 191 -73.16 -12.35 -23.31
C GLY J 191 -72.72 -13.66 -22.71
N GLU J 192 -73.67 -14.48 -22.26
CA GLU J 192 -73.41 -15.73 -21.52
C GLU J 192 -73.08 -16.83 -22.53
N HIS J 193 -72.00 -17.59 -22.31
CA HIS J 193 -71.62 -18.79 -23.11
C HIS J 193 -72.72 -19.86 -22.98
N GLY J 194 -73.14 -20.46 -24.10
CA GLY J 194 -74.13 -21.55 -24.13
C GLY J 194 -75.49 -21.07 -24.60
N ASP J 195 -76.55 -21.41 -23.86
CA ASP J 195 -77.96 -21.34 -24.35
C ASP J 195 -78.39 -19.87 -24.41
N SER J 196 -77.84 -19.02 -23.54
CA SER J 196 -78.25 -17.60 -23.35
C SER J 196 -77.37 -16.67 -24.18
N SER J 197 -76.51 -17.21 -25.04
CA SER J 197 -75.65 -16.39 -25.92
C SER J 197 -76.57 -15.50 -26.79
N VAL J 198 -76.07 -14.32 -27.17
CA VAL J 198 -76.83 -13.29 -27.92
C VAL J 198 -76.23 -13.13 -29.31
N PRO J 199 -76.94 -13.58 -30.37
CA PRO J 199 -76.53 -13.33 -31.76
C PRO J 199 -76.84 -11.89 -32.19
N VAL J 200 -75.80 -11.09 -32.46
CA VAL J 200 -75.95 -9.66 -32.86
C VAL J 200 -76.09 -9.61 -34.39
N TRP J 201 -77.33 -9.67 -34.88
CA TRP J 201 -77.65 -9.74 -36.32
C TRP J 201 -77.20 -8.45 -37.03
N SER J 202 -77.20 -7.32 -36.33
CA SER J 202 -76.84 -6.00 -36.90
C SER J 202 -75.39 -6.04 -37.44
N GLY J 203 -74.47 -6.70 -36.72
CA GLY J 203 -73.03 -6.72 -37.03
C GLY J 203 -72.60 -7.78 -38.04
N MET J 204 -73.48 -8.71 -38.42
CA MET J 204 -73.16 -9.78 -39.41
C MET J 204 -73.00 -9.13 -40.79
N ASN J 205 -71.88 -9.41 -41.46
CA ASN J 205 -71.54 -8.82 -42.78
C ASN J 205 -70.50 -9.67 -43.52
N VAL J 206 -70.41 -9.47 -44.84
CA VAL J 206 -69.23 -9.77 -45.71
C VAL J 206 -68.86 -8.45 -46.38
N ALA J 207 -67.61 -8.01 -46.25
CA ALA J 207 -67.06 -6.82 -46.93
C ALA J 207 -67.87 -5.56 -46.57
N GLY J 208 -68.30 -5.49 -45.31
CA GLY J 208 -68.94 -4.31 -44.71
C GLY J 208 -70.37 -4.15 -45.14
N VAL J 209 -70.97 -5.17 -45.79
CA VAL J 209 -72.38 -5.14 -46.27
C VAL J 209 -73.26 -5.82 -45.21
N SER J 210 -74.01 -5.06 -44.42
CA SER J 210 -74.90 -5.59 -43.35
C SER J 210 -75.93 -6.57 -43.93
N LEU J 211 -75.83 -7.85 -43.56
CA LEU J 211 -76.77 -8.92 -44.04
C LEU J 211 -78.19 -8.65 -43.51
N LYS J 212 -78.33 -7.99 -42.37
CA LYS J 212 -79.64 -7.67 -41.73
C LYS J 212 -80.32 -6.51 -42.50
N THR J 213 -79.58 -5.50 -42.94
CA THR J 213 -80.11 -4.40 -43.80
C THR J 213 -80.51 -4.97 -45.16
N LEU J 214 -79.65 -5.84 -45.71
CA LEU J 214 -79.84 -6.46 -47.04
C LEU J 214 -80.97 -7.52 -47.01
N HIS J 215 -81.24 -8.15 -45.85
CA HIS J 215 -82.26 -9.23 -45.69
C HIS J 215 -82.98 -9.03 -44.36
N PRO J 216 -83.88 -8.02 -44.28
CA PRO J 216 -84.51 -7.61 -43.02
C PRO J 216 -85.15 -8.68 -42.12
N GLU J 217 -85.61 -9.78 -42.72
CA GLU J 217 -86.26 -10.89 -41.98
C GLU J 217 -85.19 -11.71 -41.23
N LEU J 218 -83.91 -11.45 -41.49
CA LEU J 218 -82.75 -12.19 -40.90
C LEU J 218 -82.78 -12.06 -39.38
N GLY J 219 -82.69 -13.20 -38.69
CA GLY J 219 -82.64 -13.24 -37.21
C GLY J 219 -84.03 -13.13 -36.59
N THR J 220 -85.08 -13.33 -37.38
CA THR J 220 -86.49 -13.44 -36.91
C THR J 220 -87.09 -14.77 -37.34
N ASP J 221 -88.08 -15.24 -36.58
CA ASP J 221 -88.85 -16.50 -36.81
C ASP J 221 -89.35 -16.57 -38.26
N ALA J 222 -89.90 -15.48 -38.78
CA ALA J 222 -90.50 -15.38 -40.13
C ALA J 222 -89.41 -15.12 -41.18
N ASP J 223 -88.39 -15.98 -41.25
CA ASP J 223 -87.32 -15.93 -42.30
C ASP J 223 -87.30 -17.28 -43.01
N LYS J 224 -87.62 -17.29 -44.31
CA LYS J 224 -87.67 -18.52 -45.15
C LYS J 224 -86.29 -19.21 -45.15
N GLU J 225 -85.26 -18.57 -44.59
CA GLU J 225 -83.85 -19.04 -44.60
C GLU J 225 -83.37 -19.40 -43.19
N GLN J 226 -84.22 -19.28 -42.16
CA GLN J 226 -84.02 -19.91 -40.84
C GLN J 226 -82.65 -19.52 -40.26
N TRP J 227 -82.31 -18.22 -40.25
CA TRP J 227 -80.97 -17.74 -39.81
C TRP J 227 -80.88 -17.74 -38.29
N LYS J 228 -82.01 -17.64 -37.61
CA LYS J 228 -82.09 -17.79 -36.13
C LYS J 228 -81.78 -19.26 -35.77
N GLN J 229 -82.00 -20.21 -36.69
CA GLN J 229 -81.72 -21.66 -36.47
C GLN J 229 -80.21 -21.90 -36.51
N VAL J 230 -79.45 -20.99 -37.12
CA VAL J 230 -77.96 -21.04 -37.22
C VAL J 230 -77.36 -20.70 -35.84
N HIS J 231 -77.92 -19.72 -35.14
CA HIS J 231 -77.54 -19.45 -33.72
C HIS J 231 -77.68 -20.75 -32.92
N LYS J 232 -78.81 -21.44 -33.02
CA LYS J 232 -79.16 -22.61 -32.16
C LYS J 232 -78.25 -23.79 -32.55
N GLN J 233 -77.83 -23.87 -33.81
CA GLN J 233 -76.77 -24.83 -34.25
C GLN J 233 -75.50 -24.58 -33.42
N VAL J 234 -75.10 -23.31 -33.27
CA VAL J 234 -73.88 -22.90 -32.52
C VAL J 234 -74.05 -23.23 -31.04
N VAL J 235 -75.17 -22.84 -30.43
CA VAL J 235 -75.54 -23.15 -29.02
C VAL J 235 -75.46 -24.67 -28.78
N ASP J 236 -75.94 -25.49 -29.74
CA ASP J 236 -76.16 -26.96 -29.59
C ASP J 236 -74.94 -27.75 -30.07
N SER J 237 -73.85 -27.07 -30.44
CA SER J 237 -72.71 -27.67 -31.18
C SER J 237 -71.98 -28.64 -30.25
N ALA J 238 -71.52 -28.13 -29.11
CA ALA J 238 -70.89 -28.92 -28.03
C ALA J 238 -71.72 -30.18 -27.80
N TYR J 239 -73.03 -30.01 -27.53
CA TYR J 239 -73.96 -31.12 -27.18
C TYR J 239 -73.92 -32.21 -28.27
N GLU J 240 -73.94 -31.81 -29.54
CA GLU J 240 -74.04 -32.75 -30.69
C GLU J 240 -72.66 -33.34 -30.97
N VAL J 241 -71.57 -32.62 -30.72
CA VAL J 241 -70.19 -33.17 -30.94
C VAL J 241 -69.90 -34.16 -29.83
N ILE J 242 -70.21 -33.79 -28.58
CA ILE J 242 -70.14 -34.67 -27.39
C ILE J 242 -70.92 -35.94 -27.70
N LYS J 243 -72.15 -35.83 -28.18
CA LYS J 243 -73.04 -36.98 -28.52
C LYS J 243 -72.26 -37.94 -29.42
N LEU J 244 -71.53 -37.43 -30.41
CA LEU J 244 -70.96 -38.21 -31.55
C LEU J 244 -69.59 -38.80 -31.22
N LYS J 245 -68.71 -38.05 -30.54
CA LYS J 245 -67.32 -38.48 -30.27
C LYS J 245 -66.99 -38.41 -28.78
N GLY J 246 -67.96 -38.10 -27.91
CA GLY J 246 -67.82 -38.20 -26.44
C GLY J 246 -67.45 -36.88 -25.77
N TYR J 247 -66.89 -35.91 -26.51
CA TYR J 247 -66.29 -34.64 -26.01
C TYR J 247 -65.90 -33.76 -27.21
N THR J 248 -65.42 -32.55 -26.98
CA THR J 248 -64.91 -31.66 -28.07
C THR J 248 -63.52 -31.20 -27.64
N SER J 249 -62.60 -30.99 -28.59
CA SER J 249 -61.25 -30.58 -28.17
C SER J 249 -60.51 -29.74 -29.21
N TRP J 250 -60.56 -30.11 -30.47
CA TRP J 250 -59.77 -29.47 -31.55
C TRP J 250 -60.12 -28.00 -31.77
N ALA J 251 -61.40 -27.70 -31.81
CA ALA J 251 -61.95 -26.36 -32.07
C ALA J 251 -61.65 -25.46 -30.87
N ILE J 252 -61.98 -25.88 -29.64
CA ILE J 252 -61.69 -25.06 -28.41
C ILE J 252 -60.17 -24.86 -28.32
N GLY J 253 -59.40 -25.89 -28.64
CA GLY J 253 -57.92 -25.89 -28.61
C GLY J 253 -57.32 -24.85 -29.54
N LEU J 254 -57.86 -24.73 -30.76
CA LEU J 254 -57.40 -23.70 -31.74
C LEU J 254 -57.86 -22.30 -31.29
N SER J 255 -59.13 -22.17 -30.88
CA SER J 255 -59.72 -20.89 -30.39
C SER J 255 -58.85 -20.33 -29.25
N VAL J 256 -58.35 -21.20 -28.36
CA VAL J 256 -57.55 -20.76 -27.17
C VAL J 256 -56.16 -20.28 -27.64
N ALA J 257 -55.46 -21.05 -28.49
CA ALA J 257 -54.16 -20.64 -29.06
C ALA J 257 -54.30 -19.28 -29.74
N ASP J 258 -55.39 -19.05 -30.48
CA ASP J 258 -55.70 -17.73 -31.10
C ASP J 258 -55.65 -16.63 -30.03
N LEU J 259 -56.26 -16.85 -28.86
CA LEU J 259 -56.19 -15.89 -27.72
C LEU J 259 -54.75 -15.81 -27.19
N ALA J 260 -54.05 -16.93 -27.07
CA ALA J 260 -52.64 -16.95 -26.60
C ALA J 260 -51.82 -16.08 -27.54
N GLU J 261 -51.98 -16.26 -28.86
CA GLU J 261 -51.23 -15.47 -29.86
C GLU J 261 -51.45 -13.96 -29.62
N SER J 262 -52.70 -13.53 -29.52
CA SER J 262 -53.07 -12.11 -29.25
C SER J 262 -52.30 -11.60 -28.01
N ILE J 263 -52.19 -12.43 -26.97
CA ILE J 263 -51.60 -12.05 -25.64
C ILE J 263 -50.07 -12.11 -25.70
N MET J 264 -49.50 -13.18 -26.25
CA MET J 264 -48.04 -13.37 -26.29
C MET J 264 -47.42 -12.35 -27.26
N LYS J 265 -48.11 -11.99 -28.33
CA LYS J 265 -47.57 -11.06 -29.36
C LYS J 265 -48.17 -9.65 -29.24
N ASN J 266 -48.88 -9.32 -28.15
CA ASN J 266 -49.42 -7.96 -27.91
C ASN J 266 -50.13 -7.39 -29.17
N LEU J 267 -51.01 -8.16 -29.81
CA LEU J 267 -51.55 -7.81 -31.15
C LEU J 267 -52.62 -6.73 -31.04
N ARG J 268 -53.23 -6.55 -29.87
CA ARG J 268 -54.42 -5.67 -29.64
C ARG J 268 -55.47 -5.99 -30.73
N ARG J 269 -55.73 -7.27 -30.95
CA ARG J 269 -56.92 -7.72 -31.73
C ARG J 269 -58.17 -7.72 -30.86
N VAL J 270 -59.33 -7.73 -31.51
CA VAL J 270 -60.66 -7.72 -30.85
C VAL J 270 -61.25 -9.12 -30.98
N HIS J 271 -61.55 -9.73 -29.82
CA HIS J 271 -62.10 -11.10 -29.63
C HIS J 271 -63.33 -11.01 -28.73
N PRO J 272 -64.38 -11.83 -28.94
CA PRO J 272 -65.52 -11.86 -28.02
C PRO J 272 -65.14 -12.77 -26.86
N ILE J 273 -64.42 -12.22 -25.89
CA ILE J 273 -63.95 -12.94 -24.66
C ILE J 273 -64.69 -12.37 -23.45
N SER J 274 -64.87 -13.20 -22.42
CA SER J 274 -65.54 -12.88 -21.15
C SER J 274 -64.65 -12.01 -20.28
N THR J 275 -65.14 -10.82 -19.94
CA THR J 275 -64.47 -9.83 -19.08
C THR J 275 -65.42 -9.37 -17.97
N MET J 276 -64.86 -8.82 -16.90
CA MET J 276 -65.62 -8.23 -15.77
C MET J 276 -66.16 -6.89 -16.28
N LEU J 277 -67.47 -6.73 -16.46
CA LEU J 277 -68.01 -5.50 -17.12
C LEU J 277 -69.10 -4.83 -16.28
N LYS J 278 -68.88 -4.72 -14.97
CA LYS J 278 -69.65 -3.79 -14.09
C LYS J 278 -69.37 -2.38 -14.64
N GLY J 279 -70.42 -1.61 -14.95
CA GLY J 279 -70.29 -0.23 -15.43
C GLY J 279 -70.47 -0.10 -16.94
N LEU J 280 -70.76 -1.19 -17.65
CA LEU J 280 -70.89 -1.21 -19.14
C LEU J 280 -72.07 -2.12 -19.52
N TYR J 281 -72.73 -1.81 -20.63
CA TYR J 281 -73.91 -2.55 -21.18
C TYR J 281 -75.07 -2.58 -20.17
N GLY J 282 -75.02 -1.67 -19.18
CA GLY J 282 -76.11 -1.39 -18.22
C GLY J 282 -76.04 -2.28 -17.00
N ILE J 283 -74.92 -2.98 -16.82
CA ILE J 283 -74.78 -4.03 -15.77
C ILE J 283 -74.12 -3.38 -14.56
N LYS J 284 -74.61 -3.71 -13.36
CA LYS J 284 -74.29 -2.97 -12.11
C LYS J 284 -73.57 -3.86 -11.09
N GLU J 285 -73.41 -5.17 -11.35
CA GLU J 285 -72.80 -6.16 -10.41
C GLU J 285 -71.57 -6.86 -11.04
N ASP J 286 -70.71 -7.43 -10.20
CA ASP J 286 -69.47 -8.18 -10.54
C ASP J 286 -69.79 -9.51 -11.23
N VAL J 287 -70.06 -9.47 -12.53
CA VAL J 287 -70.23 -10.65 -13.43
C VAL J 287 -69.27 -10.52 -14.62
N PHE J 288 -68.88 -11.66 -15.17
CA PHE J 288 -68.06 -11.80 -16.40
C PHE J 288 -68.97 -12.25 -17.54
N LEU J 289 -69.06 -11.46 -18.63
CA LEU J 289 -69.81 -11.78 -19.87
C LEU J 289 -68.91 -11.51 -21.08
N SER J 290 -69.29 -11.97 -22.27
CA SER J 290 -68.48 -11.87 -23.51
C SER J 290 -68.93 -10.64 -24.30
N VAL J 291 -67.98 -9.73 -24.53
CA VAL J 291 -68.13 -8.52 -25.37
C VAL J 291 -66.83 -8.38 -26.15
N PRO J 292 -66.80 -7.68 -27.30
CA PRO J 292 -65.56 -7.45 -28.04
C PRO J 292 -64.54 -6.74 -27.13
N CYS J 293 -63.42 -7.41 -26.84
CA CYS J 293 -62.33 -6.89 -25.98
C CYS J 293 -61.05 -6.82 -26.79
N VAL J 294 -60.29 -5.75 -26.61
CA VAL J 294 -58.93 -5.59 -27.19
C VAL J 294 -57.97 -6.40 -26.33
N LEU J 295 -57.32 -7.39 -26.93
CA LEU J 295 -56.49 -8.38 -26.20
C LEU J 295 -55.03 -8.21 -26.63
N GLY J 296 -54.14 -8.05 -25.65
CA GLY J 296 -52.68 -7.84 -25.82
C GLY J 296 -51.90 -8.29 -24.60
N GLN J 297 -50.63 -7.85 -24.50
CA GLN J 297 -49.64 -8.39 -23.53
C GLN J 297 -50.12 -8.13 -22.09
N ASN J 298 -51.05 -7.19 -21.87
CA ASN J 298 -51.59 -6.86 -20.52
C ASN J 298 -53.00 -7.43 -20.32
N GLY J 299 -53.40 -8.43 -21.12
CA GLY J 299 -54.78 -8.97 -21.08
C GLY J 299 -55.74 -8.05 -21.80
N ILE J 300 -56.89 -7.74 -21.20
CA ILE J 300 -57.95 -6.90 -21.83
C ILE J 300 -57.73 -5.44 -21.44
N SER J 301 -57.35 -4.62 -22.40
CA SER J 301 -57.01 -3.19 -22.20
C SER J 301 -58.26 -2.32 -22.43
N ASP J 302 -59.19 -2.79 -23.28
CA ASP J 302 -60.28 -1.96 -23.87
C ASP J 302 -61.45 -2.85 -24.29
N VAL J 303 -62.68 -2.40 -24.05
CA VAL J 303 -63.94 -3.09 -24.43
C VAL J 303 -64.59 -2.27 -25.53
N VAL J 304 -64.91 -2.89 -26.64
CA VAL J 304 -65.68 -2.20 -27.70
C VAL J 304 -67.13 -2.13 -27.21
N LYS J 305 -67.79 -1.00 -27.46
CA LYS J 305 -69.19 -0.71 -27.03
C LYS J 305 -70.09 -0.98 -28.23
N VAL J 306 -70.77 -2.13 -28.22
CA VAL J 306 -71.70 -2.59 -29.28
C VAL J 306 -73.03 -1.90 -29.02
N THR J 307 -73.55 -1.18 -30.01
CA THR J 307 -74.96 -0.70 -30.05
C THR J 307 -75.83 -1.96 -30.08
N LEU J 308 -76.64 -2.21 -29.05
CA LEU J 308 -77.54 -3.38 -28.95
C LEU J 308 -79.00 -2.96 -29.20
N THR J 309 -79.81 -3.86 -29.76
CA THR J 309 -81.29 -3.72 -29.77
C THR J 309 -81.78 -3.90 -28.33
N SER J 310 -82.95 -3.38 -27.98
CA SER J 310 -83.50 -3.41 -26.60
C SER J 310 -83.62 -4.86 -26.15
N GLU J 311 -83.98 -5.75 -27.08
CA GLU J 311 -84.06 -7.22 -26.89
C GLU J 311 -82.69 -7.78 -26.46
N GLU J 312 -81.62 -7.36 -27.15
CA GLU J 312 -80.21 -7.80 -26.93
C GLU J 312 -79.71 -7.33 -25.56
N GLU J 313 -79.89 -6.05 -25.17
CA GLU J 313 -79.39 -5.56 -23.85
C GLU J 313 -80.24 -6.16 -22.73
N ALA J 314 -81.48 -6.54 -23.02
CA ALA J 314 -82.38 -7.24 -22.09
C ALA J 314 -81.77 -8.60 -21.73
N HIS J 315 -81.37 -9.38 -22.74
CA HIS J 315 -80.80 -10.75 -22.59
C HIS J 315 -79.48 -10.65 -21.82
N LEU J 316 -78.66 -9.63 -22.10
CA LEU J 316 -77.40 -9.42 -21.35
C LEU J 316 -77.72 -9.12 -19.88
N LYS J 317 -78.62 -8.16 -19.62
CA LYS J 317 -78.98 -7.75 -18.23
C LYS J 317 -79.56 -8.94 -17.48
N LYS J 318 -80.28 -9.84 -18.17
CA LYS J 318 -80.92 -11.03 -17.56
C LYS J 318 -79.84 -12.05 -17.16
N SER J 319 -78.91 -12.33 -18.07
CA SER J 319 -77.71 -13.17 -17.81
C SER J 319 -76.99 -12.64 -16.55
N ALA J 320 -76.71 -11.33 -16.49
CA ALA J 320 -75.92 -10.67 -15.41
C ALA J 320 -76.61 -10.86 -14.05
N ASP J 321 -77.94 -10.80 -14.05
CA ASP J 321 -78.77 -11.11 -12.87
C ASP J 321 -78.56 -12.59 -12.52
N THR J 322 -78.92 -13.54 -13.39
CA THR J 322 -78.96 -14.98 -13.01
C THR J 322 -77.54 -15.47 -12.67
N LEU J 323 -76.50 -14.88 -13.27
CA LEU J 323 -75.05 -15.13 -12.96
C LEU J 323 -74.76 -14.63 -11.54
N TRP J 324 -75.04 -13.36 -11.25
CA TRP J 324 -74.76 -12.77 -9.92
C TRP J 324 -75.48 -13.58 -8.83
N GLY J 325 -76.70 -14.04 -9.13
CA GLY J 325 -77.56 -14.85 -8.24
C GLY J 325 -76.89 -16.15 -7.81
N ILE J 326 -76.21 -16.84 -8.72
CA ILE J 326 -75.49 -18.11 -8.39
C ILE J 326 -74.25 -17.71 -7.58
N GLN J 327 -73.52 -16.70 -8.07
CA GLN J 327 -72.25 -16.17 -7.47
C GLN J 327 -72.47 -15.81 -6.00
N LYS J 328 -73.52 -15.10 -5.65
CA LYS J 328 -73.69 -14.58 -4.26
C LYS J 328 -73.82 -15.75 -3.28
N GLU J 329 -74.38 -16.90 -3.73
CA GLU J 329 -74.63 -18.13 -2.90
C GLU J 329 -73.32 -18.86 -2.57
N LEU J 330 -72.37 -18.86 -3.52
CA LEU J 330 -71.00 -19.46 -3.42
C LEU J 330 -70.32 -19.03 -2.12
N GLN J 331 -69.56 -19.94 -1.51
CA GLN J 331 -68.75 -19.67 -0.28
C GLN J 331 -67.26 -19.92 -0.60
N PHE J 332 -66.47 -18.86 -0.49
CA PHE J 332 -65.01 -18.81 -0.82
C PHE J 332 -64.19 -19.11 0.44
N ALA K 3 -19.07 -41.77 -59.48
CA ALA K 3 -19.10 -40.41 -58.86
C ALA K 3 -19.62 -40.53 -57.42
N LEU K 4 -19.44 -39.49 -56.61
CA LEU K 4 -19.88 -39.46 -55.19
C LEU K 4 -21.40 -39.68 -55.13
N LYS K 5 -22.18 -39.03 -56.00
CA LYS K 5 -23.66 -39.13 -56.03
C LYS K 5 -24.09 -40.60 -56.11
N ASP K 6 -23.38 -41.40 -56.93
CA ASP K 6 -23.72 -42.82 -57.23
C ASP K 6 -23.18 -43.74 -56.14
N GLN K 7 -22.07 -43.36 -55.48
CA GLN K 7 -21.48 -44.09 -54.33
C GLN K 7 -22.42 -44.00 -53.12
N LEU K 8 -23.10 -42.85 -52.97
CA LEU K 8 -23.84 -42.42 -51.76
C LEU K 8 -25.34 -42.63 -51.92
N ILE K 9 -25.87 -42.49 -53.15
CA ILE K 9 -27.32 -42.55 -53.47
C ILE K 9 -27.55 -43.58 -54.56
N HIS K 10 -28.51 -44.46 -54.37
CA HIS K 10 -29.01 -45.40 -55.41
C HIS K 10 -30.33 -44.87 -55.96
N ASN K 11 -30.45 -44.74 -57.28
CA ASN K 11 -31.67 -44.16 -57.92
C ASN K 11 -32.73 -45.25 -58.09
N LEU K 12 -33.93 -45.03 -57.54
CA LEU K 12 -35.07 -46.00 -57.55
C LEU K 12 -36.09 -45.61 -58.61
N LEU K 13 -35.91 -44.44 -59.25
CA LEU K 13 -36.93 -43.79 -60.10
C LEU K 13 -36.29 -42.68 -60.92
N LYS K 14 -36.46 -42.75 -62.25
CA LYS K 14 -36.23 -41.62 -63.20
C LYS K 14 -37.49 -40.74 -63.16
N GLU K 15 -37.34 -39.47 -62.80
CA GLU K 15 -38.44 -38.57 -62.35
C GLU K 15 -39.03 -37.79 -63.52
N GLU K 16 -40.36 -37.62 -63.50
CA GLU K 16 -41.19 -36.86 -64.48
C GLU K 16 -41.48 -35.47 -63.88
N HIS K 17 -40.50 -34.56 -63.96
CA HIS K 17 -40.52 -33.20 -63.36
C HIS K 17 -41.56 -32.31 -64.07
N VAL K 18 -42.85 -32.40 -63.69
CA VAL K 18 -43.88 -31.34 -63.94
C VAL K 18 -44.29 -30.77 -62.58
N PRO K 19 -44.25 -29.42 -62.39
CA PRO K 19 -44.48 -28.81 -61.08
C PRO K 19 -45.97 -28.60 -60.78
N GLN K 20 -46.38 -28.87 -59.54
CA GLN K 20 -47.81 -28.97 -59.12
C GLN K 20 -48.29 -27.64 -58.52
N ASN K 21 -47.38 -26.80 -58.02
CA ASN K 21 -47.74 -25.52 -57.36
C ASN K 21 -46.73 -24.45 -57.79
N LYS K 22 -46.48 -24.30 -59.10
CA LYS K 22 -45.49 -23.34 -59.61
C LYS K 22 -46.06 -21.91 -59.62
N ILE K 23 -45.22 -20.93 -59.26
CA ILE K 23 -45.51 -19.46 -59.38
C ILE K 23 -44.37 -18.80 -60.19
N THR K 24 -44.72 -17.99 -61.19
CA THR K 24 -43.78 -17.10 -61.92
C THR K 24 -44.07 -15.65 -61.51
N VAL K 25 -43.00 -14.88 -61.31
CA VAL K 25 -43.01 -13.40 -61.14
C VAL K 25 -42.32 -12.78 -62.36
N VAL K 26 -43.06 -12.04 -63.18
CA VAL K 26 -42.49 -11.30 -64.34
C VAL K 26 -42.04 -9.92 -63.82
N GLY K 27 -40.76 -9.62 -63.90
CA GLY K 27 -40.20 -8.34 -63.40
C GLY K 27 -39.50 -8.54 -62.08
N VAL K 28 -38.19 -8.36 -62.04
CA VAL K 28 -37.37 -8.38 -60.79
C VAL K 28 -37.02 -6.93 -60.39
N GLY K 29 -37.95 -6.01 -60.66
CA GLY K 29 -37.96 -4.70 -59.99
C GLY K 29 -38.05 -4.85 -58.48
N ALA K 30 -37.98 -3.75 -57.75
CA ALA K 30 -38.11 -3.74 -56.28
C ALA K 30 -39.43 -4.41 -55.91
N VAL K 31 -40.45 -4.28 -56.76
CA VAL K 31 -41.80 -4.85 -56.51
C VAL K 31 -41.80 -6.37 -56.78
N GLY K 32 -41.27 -6.83 -57.91
CA GLY K 32 -41.26 -8.27 -58.24
C GLY K 32 -40.56 -9.11 -57.17
N MET K 33 -39.43 -8.63 -56.65
CA MET K 33 -38.57 -9.33 -55.66
C MET K 33 -39.19 -9.29 -54.26
N ALA K 34 -39.88 -8.21 -53.90
CA ALA K 34 -40.68 -8.15 -52.66
C ALA K 34 -41.75 -9.26 -52.70
N CYS K 35 -42.50 -9.35 -53.82
CA CYS K 35 -43.53 -10.38 -54.09
C CYS K 35 -42.90 -11.78 -53.98
N ALA K 36 -41.70 -11.96 -54.51
CA ALA K 36 -40.99 -13.26 -54.57
C ALA K 36 -40.56 -13.69 -53.17
N ILE K 37 -39.87 -12.84 -52.41
CA ILE K 37 -39.37 -13.21 -51.06
C ILE K 37 -40.59 -13.51 -50.15
N SER K 38 -41.66 -12.72 -50.29
CA SER K 38 -42.93 -12.84 -49.53
C SER K 38 -43.66 -14.14 -49.88
N ILE K 39 -43.69 -14.54 -51.15
CA ILE K 39 -44.27 -15.85 -51.60
C ILE K 39 -43.39 -16.98 -51.04
N LEU K 40 -42.07 -16.85 -51.11
CA LEU K 40 -41.13 -17.91 -50.65
C LEU K 40 -41.33 -18.11 -49.14
N MET K 41 -41.34 -17.05 -48.37
CA MET K 41 -41.45 -17.13 -46.88
C MET K 41 -42.88 -17.50 -46.42
N LYS K 42 -43.83 -17.70 -47.33
CA LYS K 42 -45.18 -18.20 -47.00
C LYS K 42 -45.38 -19.62 -47.55
N ASP K 43 -44.36 -20.23 -48.16
CA ASP K 43 -44.41 -21.65 -48.60
C ASP K 43 -45.64 -21.91 -49.46
N LEU K 44 -45.94 -21.00 -50.39
CA LEU K 44 -47.12 -21.10 -51.28
C LEU K 44 -46.79 -21.89 -52.54
N ALA K 45 -45.52 -22.02 -52.91
CA ALA K 45 -45.07 -22.59 -54.21
C ALA K 45 -43.98 -23.66 -54.02
N ASP K 46 -44.12 -24.81 -54.71
CA ASP K 46 -43.05 -25.84 -54.82
C ASP K 46 -42.06 -25.45 -55.92
N GLU K 47 -42.40 -24.52 -56.82
CA GLU K 47 -41.43 -23.93 -57.78
C GLU K 47 -41.74 -22.44 -57.97
N LEU K 48 -40.68 -21.62 -58.07
CA LEU K 48 -40.75 -20.17 -58.33
C LEU K 48 -39.82 -19.83 -59.52
N ALA K 49 -40.35 -19.17 -60.55
CA ALA K 49 -39.60 -18.65 -61.73
C ALA K 49 -39.55 -17.12 -61.73
N LEU K 50 -38.38 -16.55 -62.01
CA LEU K 50 -38.22 -15.11 -62.35
C LEU K 50 -37.91 -14.98 -63.85
N VAL K 51 -38.47 -13.96 -64.49
CA VAL K 51 -38.12 -13.53 -65.88
C VAL K 51 -38.08 -12.01 -65.87
N ASP K 52 -37.10 -11.44 -66.58
CA ASP K 52 -36.95 -9.98 -66.78
C ASP K 52 -35.94 -9.78 -67.92
N VAL K 53 -36.01 -8.66 -68.61
CA VAL K 53 -35.18 -8.41 -69.82
C VAL K 53 -33.71 -8.19 -69.42
N MET K 54 -33.46 -7.62 -68.22
CA MET K 54 -32.11 -7.27 -67.70
C MET K 54 -31.38 -8.52 -67.17
N GLU K 55 -30.72 -9.27 -68.05
CA GLU K 55 -30.20 -10.67 -67.82
C GLU K 55 -29.33 -10.81 -66.56
N ASP K 56 -28.33 -9.94 -66.37
CA ASP K 56 -27.36 -10.01 -65.24
C ASP K 56 -28.12 -9.89 -63.91
N LYS K 57 -28.93 -8.83 -63.77
CA LYS K 57 -29.82 -8.58 -62.60
C LYS K 57 -30.66 -9.82 -62.31
N LEU K 58 -31.33 -10.35 -63.33
CA LEU K 58 -32.25 -11.53 -63.22
C LEU K 58 -31.47 -12.76 -62.73
N LYS K 59 -30.27 -12.97 -63.26
CA LYS K 59 -29.35 -14.05 -62.81
C LYS K 59 -29.00 -13.78 -61.33
N GLY K 60 -28.51 -12.57 -61.02
CA GLY K 60 -28.06 -12.17 -59.67
C GLY K 60 -29.14 -12.38 -58.61
N GLU K 61 -30.38 -11.96 -58.91
CA GLU K 61 -31.55 -12.08 -58.00
C GLU K 61 -31.91 -13.55 -57.81
N MET K 62 -31.85 -14.37 -58.86
CA MET K 62 -32.15 -15.84 -58.75
C MET K 62 -31.10 -16.51 -57.87
N MET K 63 -29.83 -16.18 -58.05
CA MET K 63 -28.73 -16.76 -57.25
C MET K 63 -28.90 -16.35 -55.77
N ASP K 64 -29.32 -15.11 -55.51
CA ASP K 64 -29.43 -14.60 -54.12
C ASP K 64 -30.52 -15.37 -53.38
N LEU K 65 -31.60 -15.78 -54.05
CA LEU K 65 -32.68 -16.56 -53.41
C LEU K 65 -32.19 -18.00 -53.23
N GLN K 66 -31.53 -18.55 -54.25
CA GLN K 66 -31.04 -19.95 -54.26
C GLN K 66 -30.19 -20.17 -53.00
N HIS K 67 -29.26 -19.25 -52.74
CA HIS K 67 -28.30 -19.27 -51.60
C HIS K 67 -29.03 -19.35 -50.25
N GLY K 68 -30.30 -18.93 -50.23
CA GLY K 68 -31.16 -18.93 -49.04
C GLY K 68 -31.92 -20.24 -48.85
N SER K 69 -31.82 -21.18 -49.80
CA SER K 69 -32.69 -22.39 -49.92
C SER K 69 -32.76 -23.14 -48.59
N LEU K 70 -31.66 -23.19 -47.83
CA LEU K 70 -31.58 -23.98 -46.57
C LEU K 70 -32.72 -23.51 -45.67
N PHE K 71 -33.05 -22.22 -45.74
CA PHE K 71 -33.97 -21.52 -44.80
C PHE K 71 -35.40 -21.53 -45.38
N LEU K 72 -35.63 -22.28 -46.45
CA LEU K 72 -36.91 -22.24 -47.20
C LEU K 72 -37.43 -23.66 -47.43
N ARG K 73 -38.69 -23.72 -47.88
CA ARG K 73 -39.41 -24.98 -48.20
C ARG K 73 -39.85 -24.91 -49.67
N THR K 74 -39.11 -24.15 -50.50
CA THR K 74 -39.36 -23.97 -51.96
C THR K 74 -38.16 -24.57 -52.69
N PRO K 75 -38.22 -25.87 -53.07
CA PRO K 75 -37.02 -26.61 -53.47
C PRO K 75 -36.37 -26.20 -54.79
N LYS K 76 -37.08 -25.50 -55.69
CA LYS K 76 -36.59 -25.18 -57.07
C LYS K 76 -36.91 -23.73 -57.46
N ILE K 77 -35.85 -22.95 -57.68
CA ILE K 77 -35.87 -21.52 -58.12
C ILE K 77 -35.08 -21.41 -59.43
N VAL K 78 -35.80 -21.23 -60.52
CA VAL K 78 -35.25 -21.09 -61.91
C VAL K 78 -35.42 -19.63 -62.37
N SER K 79 -34.65 -19.22 -63.38
CA SER K 79 -34.77 -17.89 -64.03
C SER K 79 -34.23 -17.96 -65.47
N GLY K 80 -34.43 -16.89 -66.25
CA GLY K 80 -34.01 -16.73 -67.66
C GLY K 80 -34.86 -15.70 -68.37
N LYS K 81 -34.41 -15.21 -69.53
CA LYS K 81 -35.19 -14.23 -70.32
C LYS K 81 -36.25 -14.99 -71.12
N ASP K 82 -35.93 -16.20 -71.59
CA ASP K 82 -36.86 -17.06 -72.39
C ASP K 82 -37.95 -17.59 -71.44
N TYR K 83 -39.21 -17.40 -71.80
CA TYR K 83 -40.39 -17.68 -70.95
C TYR K 83 -40.58 -19.20 -70.75
N SER K 84 -39.78 -20.04 -71.42
CA SER K 84 -39.81 -21.52 -71.25
C SER K 84 -39.62 -21.88 -69.77
N VAL K 85 -38.80 -21.11 -69.03
CA VAL K 85 -38.54 -21.32 -67.57
C VAL K 85 -39.84 -21.16 -66.77
N THR K 86 -40.89 -20.51 -67.32
CA THR K 86 -42.17 -20.21 -66.60
C THR K 86 -43.25 -21.28 -66.87
N ALA K 87 -42.86 -22.41 -67.48
CA ALA K 87 -43.78 -23.43 -68.03
C ALA K 87 -44.63 -24.06 -66.92
N ASN K 88 -45.94 -24.05 -67.09
CA ASN K 88 -46.93 -24.77 -66.25
C ASN K 88 -46.96 -24.19 -64.82
N SER K 89 -46.97 -22.86 -64.73
CA SER K 89 -47.27 -22.09 -63.49
C SER K 89 -48.79 -22.10 -63.24
N LYS K 90 -49.22 -22.18 -61.98
CA LYS K 90 -50.65 -22.06 -61.57
C LYS K 90 -51.02 -20.57 -61.56
N LEU K 91 -50.05 -19.72 -61.21
CA LEU K 91 -50.20 -18.25 -61.09
C LEU K 91 -48.95 -17.58 -61.66
N VAL K 92 -49.12 -16.58 -62.53
CA VAL K 92 -48.01 -15.73 -63.03
C VAL K 92 -48.36 -14.30 -62.63
N ILE K 93 -47.40 -13.63 -61.99
CA ILE K 93 -47.55 -12.28 -61.38
C ILE K 93 -46.79 -11.26 -62.23
N ILE K 94 -47.52 -10.31 -62.83
CA ILE K 94 -46.98 -9.33 -63.81
C ILE K 94 -46.61 -8.06 -63.07
N THR K 95 -45.31 -7.74 -62.98
CA THR K 95 -44.78 -6.52 -62.35
C THR K 95 -43.89 -5.74 -63.32
N ALA K 96 -43.65 -6.27 -64.51
CA ALA K 96 -42.97 -5.54 -65.61
C ALA K 96 -43.88 -4.41 -66.10
N GLY K 97 -43.29 -3.31 -66.55
CA GLY K 97 -44.04 -2.22 -67.20
C GLY K 97 -43.13 -1.06 -67.57
N ALA K 98 -43.73 0.11 -67.74
CA ALA K 98 -43.03 1.37 -68.06
C ALA K 98 -43.54 2.44 -67.12
N ARG K 99 -42.63 3.14 -66.45
CA ARG K 99 -42.96 4.24 -65.51
C ARG K 99 -43.24 5.51 -66.31
N GLN K 100 -44.22 6.30 -65.85
CA GLN K 100 -44.61 7.57 -66.51
C GLN K 100 -43.40 8.49 -66.56
N GLN K 101 -43.16 9.07 -67.73
CA GLN K 101 -42.06 10.02 -67.96
C GLN K 101 -42.67 11.43 -67.94
N GLU K 102 -41.81 12.46 -67.90
CA GLU K 102 -42.21 13.86 -67.62
C GLU K 102 -43.04 14.38 -68.81
N GLY K 103 -44.22 14.90 -68.48
CA GLY K 103 -45.16 15.49 -69.44
C GLY K 103 -45.88 14.42 -70.24
N GLU K 104 -45.67 13.14 -69.94
CA GLU K 104 -46.27 12.04 -70.74
C GLU K 104 -47.78 11.98 -70.45
N SER K 105 -48.57 11.82 -71.51
CA SER K 105 -50.05 11.61 -71.46
C SER K 105 -50.33 10.27 -70.79
N ARG K 106 -51.55 10.07 -70.29
CA ARG K 106 -52.06 8.78 -69.77
C ARG K 106 -52.05 7.76 -70.92
N LEU K 107 -52.65 8.11 -72.05
CA LEU K 107 -52.83 7.18 -73.19
C LEU K 107 -51.45 6.68 -73.66
N ASN K 108 -50.44 7.55 -73.69
CA ASN K 108 -49.09 7.16 -74.20
C ASN K 108 -48.43 6.24 -73.17
N LEU K 109 -48.58 6.54 -71.88
CA LEU K 109 -48.08 5.63 -70.82
C LEU K 109 -48.66 4.23 -71.06
N VAL K 110 -49.98 4.14 -71.22
CA VAL K 110 -50.70 2.85 -71.39
C VAL K 110 -50.18 2.15 -72.66
N GLN K 111 -50.07 2.89 -73.78
CA GLN K 111 -49.63 2.35 -75.09
C GLN K 111 -48.22 1.75 -74.96
N ARG K 112 -47.29 2.45 -74.30
CA ARG K 112 -45.91 1.91 -74.17
C ARG K 112 -45.95 0.60 -73.38
N ASN K 113 -46.84 0.50 -72.36
CA ASN K 113 -47.01 -0.73 -71.54
C ASN K 113 -47.65 -1.81 -72.40
N VAL K 114 -48.69 -1.45 -73.16
CA VAL K 114 -49.38 -2.34 -74.15
C VAL K 114 -48.31 -2.96 -75.05
N ASN K 115 -47.39 -2.18 -75.60
CA ASN K 115 -46.34 -2.70 -76.52
C ASN K 115 -45.46 -3.69 -75.74
N ILE K 116 -45.25 -3.45 -74.44
CA ILE K 116 -44.43 -4.32 -73.55
C ILE K 116 -45.20 -5.59 -73.22
N PHE K 117 -46.51 -5.49 -72.94
CA PHE K 117 -47.35 -6.67 -72.58
C PHE K 117 -47.51 -7.58 -73.81
N LYS K 118 -47.58 -6.98 -75.01
CA LYS K 118 -47.73 -7.68 -76.31
C LYS K 118 -46.62 -8.73 -76.50
N PHE K 119 -45.42 -8.52 -75.93
CA PHE K 119 -44.33 -9.51 -75.87
C PHE K 119 -44.55 -10.45 -74.68
N ILE K 120 -44.81 -9.89 -73.49
CA ILE K 120 -44.85 -10.66 -72.21
C ILE K 120 -46.05 -11.62 -72.21
N ILE K 121 -47.26 -11.09 -72.35
CA ILE K 121 -48.54 -11.81 -72.06
C ILE K 121 -48.72 -13.03 -72.97
N PRO K 122 -48.53 -12.97 -74.31
CA PRO K 122 -48.55 -14.18 -75.14
C PRO K 122 -47.49 -15.22 -74.75
N ASN K 123 -46.25 -14.79 -74.56
CA ASN K 123 -45.13 -15.63 -74.07
C ASN K 123 -45.56 -16.42 -72.81
N VAL K 124 -46.32 -15.78 -71.91
CA VAL K 124 -46.80 -16.38 -70.63
C VAL K 124 -47.90 -17.40 -70.94
N VAL K 125 -48.79 -17.09 -71.89
CA VAL K 125 -49.97 -17.92 -72.28
C VAL K 125 -49.49 -19.16 -73.04
N LYS K 126 -48.45 -18.99 -73.86
CA LYS K 126 -47.86 -20.10 -74.67
C LYS K 126 -47.50 -21.23 -73.72
N TYR K 127 -46.73 -20.93 -72.66
CA TYR K 127 -46.01 -21.90 -71.79
C TYR K 127 -46.82 -22.28 -70.54
N SER K 128 -47.89 -21.55 -70.20
CA SER K 128 -48.77 -21.79 -69.03
C SER K 128 -50.22 -21.50 -69.41
N PRO K 129 -50.80 -22.23 -70.39
CA PRO K 129 -52.07 -21.84 -71.00
C PRO K 129 -53.32 -21.92 -70.10
N HIS K 130 -53.22 -22.47 -68.89
CA HIS K 130 -54.37 -22.60 -67.94
C HIS K 130 -54.04 -21.94 -66.59
N CYS K 131 -53.04 -21.05 -66.54
CA CYS K 131 -52.65 -20.29 -65.32
C CYS K 131 -53.68 -19.21 -64.99
N LYS K 132 -53.57 -18.63 -63.79
CA LYS K 132 -54.22 -17.35 -63.45
C LYS K 132 -53.17 -16.26 -63.59
N LEU K 133 -53.59 -15.11 -64.12
CA LEU K 133 -52.75 -13.89 -64.29
C LEU K 133 -53.13 -12.91 -63.19
N LEU K 134 -52.12 -12.47 -62.46
CA LEU K 134 -52.22 -11.41 -61.43
C LEU K 134 -51.35 -10.25 -61.86
N VAL K 135 -51.99 -9.14 -62.22
CA VAL K 135 -51.34 -7.90 -62.75
C VAL K 135 -51.23 -6.91 -61.61
N VAL K 136 -50.01 -6.45 -61.32
CA VAL K 136 -49.63 -5.49 -60.23
C VAL K 136 -49.19 -4.15 -60.86
N SER K 137 -48.56 -4.23 -62.04
CA SER K 137 -48.13 -3.11 -62.93
C SER K 137 -49.18 -2.00 -62.98
N ASN K 138 -48.76 -0.73 -62.86
CA ASN K 138 -49.68 0.45 -62.75
C ASN K 138 -49.65 1.25 -64.05
N PRO K 139 -50.79 1.75 -64.58
CA PRO K 139 -52.10 1.74 -63.91
C PRO K 139 -52.90 0.44 -64.01
N VAL K 140 -53.14 -0.21 -62.86
CA VAL K 140 -53.45 -1.67 -62.76
C VAL K 140 -54.82 -1.96 -63.41
N ASP K 141 -55.80 -1.08 -63.24
CA ASP K 141 -57.14 -1.27 -63.85
C ASP K 141 -56.98 -1.41 -65.37
N ILE K 142 -56.13 -0.61 -66.00
CA ILE K 142 -56.05 -0.57 -67.50
C ILE K 142 -55.14 -1.71 -67.90
N LEU K 143 -54.00 -1.82 -67.23
CA LEU K 143 -53.00 -2.85 -67.60
C LEU K 143 -53.60 -4.25 -67.38
N THR K 144 -54.50 -4.41 -66.40
CA THR K 144 -55.25 -5.69 -66.19
C THR K 144 -56.12 -5.95 -67.43
N TYR K 145 -56.96 -4.99 -67.85
CA TYR K 145 -57.71 -5.04 -69.15
C TYR K 145 -56.76 -5.42 -70.30
N VAL K 146 -55.63 -4.74 -70.43
CA VAL K 146 -54.67 -5.00 -71.54
C VAL K 146 -54.26 -6.46 -71.51
N ALA K 147 -53.90 -6.99 -70.33
CA ALA K 147 -53.42 -8.38 -70.16
C ALA K 147 -54.53 -9.36 -70.55
N TRP K 148 -55.76 -9.08 -70.12
CA TRP K 148 -56.96 -9.90 -70.42
C TRP K 148 -57.18 -9.98 -71.93
N LYS K 149 -57.15 -8.84 -72.62
CA LYS K 149 -57.46 -8.77 -74.06
C LYS K 149 -56.35 -9.51 -74.84
N ILE K 150 -55.07 -9.34 -74.47
CA ILE K 150 -53.94 -9.97 -75.22
C ILE K 150 -53.90 -11.47 -74.93
N SER K 151 -54.16 -11.89 -73.69
CA SER K 151 -54.17 -13.33 -73.29
C SER K 151 -55.41 -14.01 -73.90
N GLY K 152 -56.51 -13.28 -74.00
CA GLY K 152 -57.83 -13.85 -74.34
C GLY K 152 -58.12 -15.04 -73.46
N PHE K 153 -57.77 -14.95 -72.17
CA PHE K 153 -58.25 -15.82 -71.07
C PHE K 153 -59.68 -15.41 -70.75
N PRO K 154 -60.48 -16.31 -70.13
CA PRO K 154 -61.76 -15.91 -69.57
C PRO K 154 -61.47 -14.94 -68.41
N LYS K 155 -62.51 -14.26 -67.88
CA LYS K 155 -62.32 -13.09 -67.00
C LYS K 155 -61.92 -13.58 -65.60
N ASN K 156 -62.52 -14.68 -65.13
CA ASN K 156 -62.23 -15.33 -63.82
C ASN K 156 -60.71 -15.41 -63.60
N ARG K 157 -59.91 -15.59 -64.65
CA ARG K 157 -58.46 -15.93 -64.54
C ARG K 157 -57.56 -14.72 -64.83
N VAL K 158 -58.13 -13.52 -65.04
CA VAL K 158 -57.31 -12.28 -65.09
C VAL K 158 -57.78 -11.38 -63.94
N ILE K 159 -56.80 -10.95 -63.14
CA ILE K 159 -56.96 -10.35 -61.79
C ILE K 159 -56.02 -9.14 -61.72
N GLY K 160 -56.51 -8.02 -61.19
CA GLY K 160 -55.64 -6.86 -60.90
C GLY K 160 -55.43 -6.68 -59.41
N SER K 161 -54.19 -6.39 -58.98
CA SER K 161 -53.84 -6.12 -57.57
C SER K 161 -54.84 -5.09 -57.00
N GLY K 162 -55.22 -4.10 -57.81
CA GLY K 162 -56.30 -3.12 -57.53
C GLY K 162 -56.16 -2.41 -56.19
N CYS K 163 -57.23 -2.36 -55.41
CA CYS K 163 -57.27 -1.64 -54.12
C CYS K 163 -56.98 -2.57 -52.93
N ASN K 164 -56.38 -3.73 -53.16
CA ASN K 164 -56.01 -4.65 -52.04
C ASN K 164 -55.15 -3.86 -51.05
N LEU K 165 -53.97 -3.38 -51.47
CA LEU K 165 -53.06 -2.57 -50.61
C LEU K 165 -53.78 -1.35 -50.06
N ASP K 166 -54.43 -0.54 -50.91
CA ASP K 166 -55.20 0.68 -50.52
C ASP K 166 -56.03 0.35 -49.28
N SER K 167 -56.79 -0.74 -49.36
CA SER K 167 -57.70 -1.22 -48.29
C SER K 167 -56.88 -1.58 -47.07
N ALA K 168 -55.73 -2.25 -47.29
CA ALA K 168 -54.78 -2.62 -46.22
C ALA K 168 -54.20 -1.38 -45.54
N ARG K 169 -53.78 -0.38 -46.31
CA ARG K 169 -53.31 0.95 -45.79
C ARG K 169 -54.42 1.62 -44.98
N PHE K 170 -55.65 1.54 -45.47
CA PHE K 170 -56.83 2.17 -44.83
C PHE K 170 -57.08 1.48 -43.47
N ARG K 171 -56.99 0.15 -43.42
CA ARG K 171 -57.24 -0.68 -42.21
C ARG K 171 -56.17 -0.40 -41.14
N TYR K 172 -54.93 -0.21 -41.56
CA TYR K 172 -53.82 0.28 -40.70
C TYR K 172 -54.13 1.66 -40.12
N LEU K 173 -54.31 2.67 -40.98
CA LEU K 173 -54.58 4.08 -40.56
C LEU K 173 -55.79 4.12 -39.65
N MET K 174 -56.80 3.31 -39.97
CA MET K 174 -58.04 3.13 -39.17
C MET K 174 -57.67 2.61 -37.77
N GLY K 175 -56.70 1.70 -37.67
CA GLY K 175 -56.29 1.05 -36.41
C GLY K 175 -55.40 1.93 -35.56
N GLU K 176 -54.63 2.82 -36.19
CA GLU K 176 -53.74 3.80 -35.51
C GLU K 176 -54.61 4.87 -34.83
N ARG K 177 -55.73 5.24 -35.44
CA ARG K 177 -56.71 6.18 -34.84
C ARG K 177 -57.43 5.52 -33.65
N LEU K 178 -57.89 4.27 -33.79
CA LEU K 178 -58.75 3.58 -32.78
C LEU K 178 -57.92 2.80 -31.76
N GLY K 179 -56.62 2.62 -31.98
CA GLY K 179 -55.73 1.90 -31.06
C GLY K 179 -56.00 0.40 -31.05
N VAL K 180 -56.43 -0.17 -32.17
CA VAL K 180 -56.51 -1.65 -32.36
C VAL K 180 -55.68 -2.06 -33.59
N HIS K 181 -55.39 -3.36 -33.70
CA HIS K 181 -54.69 -3.95 -34.88
C HIS K 181 -55.50 -3.67 -36.14
N ALA K 182 -54.82 -3.53 -37.28
CA ALA K 182 -55.46 -3.43 -38.63
C ALA K 182 -56.36 -4.65 -38.82
N LEU K 183 -55.98 -5.79 -38.23
CA LEU K 183 -56.70 -7.08 -38.37
C LEU K 183 -58.15 -6.91 -37.95
N SER K 184 -58.44 -6.09 -36.95
CA SER K 184 -59.79 -6.00 -36.32
C SER K 184 -60.51 -4.71 -36.75
N CYS K 185 -59.87 -3.88 -37.58
CA CYS K 185 -60.46 -2.68 -38.22
C CYS K 185 -60.87 -3.01 -39.66
N HIS K 186 -62.16 -2.89 -40.00
CA HIS K 186 -62.67 -3.24 -41.35
C HIS K 186 -63.04 -1.95 -42.08
N GLY K 187 -62.73 -1.88 -43.38
CA GLY K 187 -63.01 -0.75 -44.31
C GLY K 187 -62.51 -1.08 -45.70
N TRP K 188 -63.27 -0.72 -46.72
CA TRP K 188 -63.06 -1.15 -48.13
C TRP K 188 -62.86 0.06 -49.05
N ILE K 189 -61.70 0.14 -49.72
CA ILE K 189 -61.43 1.11 -50.82
C ILE K 189 -61.77 0.39 -52.14
N LEU K 190 -62.75 0.89 -52.89
CA LEU K 190 -63.20 0.25 -54.17
C LEU K 190 -62.98 1.19 -55.37
N GLY K 191 -63.29 0.72 -56.58
CA GLY K 191 -63.19 1.47 -57.83
C GLY K 191 -61.80 1.43 -58.44
N GLU K 192 -61.40 2.55 -59.03
CA GLU K 192 -60.06 2.79 -59.63
C GLU K 192 -59.03 2.99 -58.51
N HIS K 193 -57.99 2.16 -58.47
CA HIS K 193 -56.75 2.36 -57.65
C HIS K 193 -56.13 3.70 -58.03
N GLY K 194 -56.00 4.64 -57.10
CA GLY K 194 -55.43 5.98 -57.35
C GLY K 194 -56.28 7.12 -56.80
N ASP K 195 -56.33 8.24 -57.53
CA ASP K 195 -56.97 9.51 -57.10
C ASP K 195 -58.47 9.31 -56.87
N SER K 196 -59.13 8.50 -57.71
CA SER K 196 -60.61 8.41 -57.83
C SER K 196 -61.15 7.27 -56.96
N SER K 197 -60.29 6.50 -56.31
CA SER K 197 -60.68 5.34 -55.44
C SER K 197 -61.77 5.80 -54.48
N VAL K 198 -62.71 4.92 -54.16
CA VAL K 198 -63.94 5.23 -53.34
C VAL K 198 -63.80 4.62 -51.95
N PRO K 199 -63.73 5.44 -50.86
CA PRO K 199 -63.83 4.89 -49.52
C PRO K 199 -65.32 4.59 -49.22
N VAL K 200 -65.64 3.34 -48.90
CA VAL K 200 -67.02 2.92 -48.53
C VAL K 200 -67.17 3.10 -47.02
N TRP K 201 -67.66 4.28 -46.61
CA TRP K 201 -67.91 4.66 -45.19
C TRP K 201 -69.01 3.76 -44.60
N SER K 202 -69.95 3.32 -45.44
CA SER K 202 -71.12 2.47 -45.09
C SER K 202 -70.66 1.24 -44.27
N GLY K 203 -69.59 0.57 -44.72
CA GLY K 203 -69.18 -0.75 -44.21
C GLY K 203 -68.01 -0.70 -43.25
N MET K 204 -67.49 0.48 -42.91
CA MET K 204 -66.37 0.65 -41.95
C MET K 204 -66.81 0.24 -40.54
N ASN K 205 -66.27 -0.83 -39.97
CA ASN K 205 -66.73 -1.30 -38.64
C ASN K 205 -65.58 -1.90 -37.83
N VAL K 206 -65.75 -1.88 -36.50
CA VAL K 206 -64.97 -2.70 -35.54
C VAL K 206 -65.98 -3.52 -34.72
N ALA K 207 -65.87 -4.86 -34.80
CA ALA K 207 -66.73 -5.86 -34.12
C ALA K 207 -68.19 -5.67 -34.53
N GLY K 208 -68.45 -5.35 -35.80
CA GLY K 208 -69.81 -5.27 -36.36
C GLY K 208 -70.50 -3.95 -36.04
N VAL K 209 -69.82 -3.00 -35.37
CA VAL K 209 -70.35 -1.67 -34.97
C VAL K 209 -70.08 -0.65 -36.09
N SER K 210 -71.11 -0.27 -36.84
CA SER K 210 -71.03 0.71 -37.96
C SER K 210 -70.47 2.04 -37.43
N LEU K 211 -69.27 2.44 -37.86
CA LEU K 211 -68.64 3.71 -37.42
C LEU K 211 -69.42 4.88 -38.02
N LYS K 212 -70.07 4.69 -39.17
CA LYS K 212 -70.80 5.81 -39.82
C LYS K 212 -72.16 6.01 -39.13
N THR K 213 -72.74 4.94 -38.58
CA THR K 213 -73.99 5.03 -37.78
C THR K 213 -73.68 5.75 -36.47
N LEU K 214 -72.60 5.37 -35.79
CA LEU K 214 -72.22 5.88 -34.44
C LEU K 214 -71.74 7.34 -34.55
N HIS K 215 -71.23 7.74 -35.71
CA HIS K 215 -70.58 9.05 -35.99
C HIS K 215 -70.97 9.47 -37.40
N PRO K 216 -72.21 10.01 -37.58
CA PRO K 216 -72.76 10.29 -38.90
C PRO K 216 -71.92 11.21 -39.80
N GLU K 217 -71.12 12.10 -39.19
CA GLU K 217 -70.32 13.12 -39.93
C GLU K 217 -69.11 12.43 -40.60
N LEU K 218 -68.87 11.14 -40.31
CA LEU K 218 -67.83 10.32 -40.96
C LEU K 218 -68.02 10.38 -42.47
N GLY K 219 -67.02 10.89 -43.19
CA GLY K 219 -67.01 10.94 -44.66
C GLY K 219 -67.24 12.35 -45.19
N THR K 220 -67.99 13.19 -44.45
CA THR K 220 -68.41 14.55 -44.86
C THR K 220 -67.29 15.55 -44.58
N ASP K 221 -67.40 16.76 -45.10
CA ASP K 221 -66.39 17.85 -44.88
C ASP K 221 -66.53 18.34 -43.43
N ALA K 222 -67.76 18.34 -42.91
CA ALA K 222 -68.09 18.79 -41.53
C ALA K 222 -67.08 18.18 -40.53
N ASP K 223 -67.10 16.86 -40.40
CA ASP K 223 -66.26 16.01 -39.50
C ASP K 223 -65.06 16.78 -38.95
N LYS K 224 -65.01 17.01 -37.64
CA LYS K 224 -63.86 17.65 -36.95
C LYS K 224 -62.76 16.62 -36.69
N GLU K 225 -63.05 15.34 -36.87
CA GLU K 225 -62.04 14.25 -36.82
C GLU K 225 -61.44 14.05 -38.21
N GLN K 226 -62.01 14.66 -39.25
CA GLN K 226 -61.35 14.84 -40.57
C GLN K 226 -61.02 13.48 -41.19
N TRP K 227 -61.91 12.49 -40.99
CA TRP K 227 -61.77 11.10 -41.48
C TRP K 227 -61.73 11.04 -43.02
N LYS K 228 -62.20 12.08 -43.70
CA LYS K 228 -62.09 12.19 -45.18
C LYS K 228 -60.60 12.27 -45.56
N GLN K 229 -59.74 12.75 -44.65
CA GLN K 229 -58.27 12.90 -44.91
C GLN K 229 -57.54 11.56 -44.66
N VAL K 230 -58.19 10.57 -44.05
CA VAL K 230 -57.64 9.19 -43.92
C VAL K 230 -57.63 8.55 -45.30
N HIS K 231 -58.66 8.81 -46.12
CA HIS K 231 -58.76 8.31 -47.51
C HIS K 231 -57.72 9.04 -48.39
N LYS K 232 -57.38 10.28 -48.06
CA LYS K 232 -56.35 11.08 -48.79
C LYS K 232 -54.95 10.56 -48.42
N GLN K 233 -54.73 10.19 -47.17
CA GLN K 233 -53.46 9.56 -46.71
C GLN K 233 -53.19 8.28 -47.52
N VAL K 234 -54.23 7.44 -47.74
CA VAL K 234 -54.25 6.19 -48.56
C VAL K 234 -53.82 6.53 -50.00
N VAL K 235 -54.56 7.43 -50.66
CA VAL K 235 -54.27 7.93 -52.04
C VAL K 235 -52.80 8.36 -52.13
N ASP K 236 -52.31 9.07 -51.11
CA ASP K 236 -50.97 9.73 -51.11
C ASP K 236 -49.88 8.80 -50.54
N SER K 237 -50.17 7.51 -50.27
CA SER K 237 -49.22 6.59 -49.57
C SER K 237 -47.95 6.37 -50.40
N ALA K 238 -48.09 6.00 -51.68
CA ALA K 238 -46.94 5.81 -52.59
C ALA K 238 -46.21 7.14 -52.74
N TYR K 239 -46.96 8.24 -52.92
CA TYR K 239 -46.38 9.60 -53.07
C TYR K 239 -45.41 9.83 -51.91
N GLU K 240 -45.84 9.61 -50.65
CA GLU K 240 -45.05 9.98 -49.43
C GLU K 240 -43.84 9.04 -49.30
N VAL K 241 -44.03 7.74 -49.51
CA VAL K 241 -42.97 6.70 -49.38
C VAL K 241 -41.94 6.89 -50.50
N ILE K 242 -42.38 7.25 -51.72
CA ILE K 242 -41.47 7.52 -52.87
C ILE K 242 -40.67 8.80 -52.58
N LYS K 243 -41.30 9.83 -52.00
CA LYS K 243 -40.63 11.06 -51.52
C LYS K 243 -39.47 10.70 -50.57
N LEU K 244 -39.61 9.65 -49.75
CA LEU K 244 -38.68 9.30 -48.64
C LEU K 244 -37.62 8.28 -49.08
N LYS K 245 -37.96 7.14 -49.67
CA LYS K 245 -36.96 6.09 -50.04
C LYS K 245 -36.92 5.86 -51.56
N GLY K 246 -37.76 6.55 -52.35
CA GLY K 246 -37.62 6.55 -53.82
C GLY K 246 -38.44 5.49 -54.52
N TYR K 247 -39.14 4.63 -53.76
CA TYR K 247 -40.00 3.52 -54.24
C TYR K 247 -40.78 2.89 -53.08
N THR K 248 -41.80 2.09 -53.40
CA THR K 248 -42.50 1.26 -52.39
C THR K 248 -42.21 -0.20 -52.77
N SER K 249 -42.07 -1.07 -51.77
CA SER K 249 -41.76 -2.49 -52.08
C SER K 249 -42.40 -3.45 -51.08
N TRP K 250 -42.03 -3.37 -49.82
CA TRP K 250 -42.48 -4.28 -48.74
C TRP K 250 -43.99 -4.51 -48.71
N ALA K 251 -44.77 -3.47 -48.48
CA ALA K 251 -46.24 -3.53 -48.40
C ALA K 251 -46.88 -4.15 -49.64
N ILE K 252 -46.48 -3.73 -50.84
CA ILE K 252 -47.17 -4.28 -52.05
C ILE K 252 -46.95 -5.80 -52.07
N GLY K 253 -45.69 -6.23 -52.00
CA GLY K 253 -45.32 -7.65 -51.94
C GLY K 253 -46.21 -8.43 -50.97
N LEU K 254 -46.34 -7.93 -49.74
CA LEU K 254 -47.14 -8.59 -48.68
C LEU K 254 -48.58 -8.70 -49.18
N SER K 255 -49.08 -7.63 -49.80
CA SER K 255 -50.44 -7.55 -50.39
C SER K 255 -50.59 -8.63 -51.47
N VAL K 256 -49.61 -8.71 -52.36
CA VAL K 256 -49.65 -9.67 -53.50
C VAL K 256 -49.56 -11.08 -52.96
N ALA K 257 -48.63 -11.35 -52.03
CA ALA K 257 -48.45 -12.69 -51.40
C ALA K 257 -49.76 -13.11 -50.70
N ASP K 258 -50.52 -12.16 -50.17
CA ASP K 258 -51.82 -12.48 -49.54
C ASP K 258 -52.87 -12.86 -50.60
N LEU K 259 -52.77 -12.30 -51.81
CA LEU K 259 -53.68 -12.67 -52.92
C LEU K 259 -53.25 -14.04 -53.42
N ALA K 260 -51.95 -14.25 -53.56
CA ALA K 260 -51.36 -15.55 -53.97
C ALA K 260 -51.81 -16.67 -53.03
N GLU K 261 -51.90 -16.43 -51.72
CA GLU K 261 -52.25 -17.48 -50.74
C GLU K 261 -53.68 -17.97 -51.04
N SER K 262 -54.61 -17.05 -51.26
CA SER K 262 -56.06 -17.35 -51.47
C SER K 262 -56.21 -18.19 -52.74
N ILE K 263 -55.45 -17.84 -53.78
CA ILE K 263 -55.46 -18.58 -55.08
C ILE K 263 -54.93 -20.00 -54.84
N MET K 264 -53.68 -20.14 -54.37
CA MET K 264 -52.95 -21.44 -54.27
C MET K 264 -53.64 -22.39 -53.29
N LYS K 265 -54.15 -21.89 -52.16
CA LYS K 265 -54.82 -22.74 -51.13
C LYS K 265 -56.35 -22.74 -51.32
N ASN K 266 -56.87 -22.11 -52.38
CA ASN K 266 -58.32 -22.10 -52.73
C ASN K 266 -59.14 -21.75 -51.48
N LEU K 267 -58.79 -20.63 -50.83
CA LEU K 267 -59.40 -20.19 -49.55
C LEU K 267 -60.79 -19.58 -49.77
N ARG K 268 -61.07 -19.02 -50.96
CA ARG K 268 -62.35 -18.30 -51.25
C ARG K 268 -62.56 -17.24 -50.16
N ARG K 269 -61.53 -16.41 -49.95
CA ARG K 269 -61.54 -15.18 -49.14
C ARG K 269 -62.01 -14.00 -50.03
N VAL K 270 -62.55 -12.94 -49.42
CA VAL K 270 -63.01 -11.74 -50.16
C VAL K 270 -61.91 -10.67 -50.08
N HIS K 271 -61.46 -10.17 -51.23
CA HIS K 271 -60.45 -9.08 -51.35
C HIS K 271 -60.98 -7.98 -52.27
N PRO K 272 -60.60 -6.71 -52.04
CA PRO K 272 -60.93 -5.65 -52.99
C PRO K 272 -59.91 -5.73 -54.14
N ILE K 273 -60.29 -6.27 -55.31
CA ILE K 273 -59.36 -6.47 -56.45
C ILE K 273 -60.07 -6.22 -57.80
N SER K 274 -59.27 -5.85 -58.79
CA SER K 274 -59.68 -5.51 -60.18
C SER K 274 -60.18 -6.77 -60.89
N THR K 275 -61.47 -6.78 -61.25
CA THR K 275 -62.13 -7.81 -62.11
C THR K 275 -62.97 -7.11 -63.17
N MET K 276 -63.12 -7.73 -64.34
CA MET K 276 -63.94 -7.25 -65.46
C MET K 276 -65.42 -7.33 -65.04
N LEU K 277 -65.99 -6.21 -64.56
CA LEU K 277 -67.39 -6.17 -64.00
C LEU K 277 -68.37 -5.43 -64.93
N LYS K 278 -68.21 -5.49 -66.25
CA LYS K 278 -69.31 -5.15 -67.18
C LYS K 278 -70.54 -5.96 -66.75
N GLY K 279 -71.68 -5.29 -66.53
CA GLY K 279 -72.94 -5.93 -66.14
C GLY K 279 -73.31 -5.70 -64.69
N LEU K 280 -72.35 -5.26 -63.86
CA LEU K 280 -72.59 -4.95 -62.42
C LEU K 280 -72.24 -3.49 -62.14
N TYR K 281 -72.77 -2.94 -61.04
CA TYR K 281 -72.58 -1.53 -60.63
C TYR K 281 -72.83 -0.61 -61.83
N GLY K 282 -73.87 -0.93 -62.63
CA GLY K 282 -74.34 -0.11 -63.76
C GLY K 282 -73.34 0.01 -64.90
N ILE K 283 -72.09 -0.42 -64.69
CA ILE K 283 -71.01 -0.31 -65.73
C ILE K 283 -71.51 -1.05 -66.97
N LYS K 284 -71.08 -0.61 -68.16
CA LYS K 284 -71.64 -1.07 -69.46
C LYS K 284 -70.52 -1.42 -70.45
N GLU K 285 -69.26 -1.13 -70.14
CA GLU K 285 -68.14 -1.41 -71.07
C GLU K 285 -67.04 -2.21 -70.39
N ASP K 286 -66.16 -2.81 -71.20
CA ASP K 286 -65.13 -3.79 -70.77
C ASP K 286 -64.08 -3.07 -69.93
N VAL K 287 -64.37 -2.94 -68.64
CA VAL K 287 -63.58 -2.16 -67.64
C VAL K 287 -63.38 -2.99 -66.35
N PHE K 288 -62.15 -2.98 -65.83
CA PHE K 288 -61.76 -3.58 -64.52
C PHE K 288 -61.78 -2.50 -63.44
N LEU K 289 -62.70 -2.62 -62.48
CA LEU K 289 -62.68 -1.82 -61.21
C LEU K 289 -62.49 -2.78 -60.03
N SER K 290 -61.99 -2.28 -58.89
CA SER K 290 -61.82 -3.07 -57.64
C SER K 290 -63.16 -3.13 -56.90
N VAL K 291 -63.71 -4.33 -56.73
CA VAL K 291 -64.88 -4.67 -55.85
C VAL K 291 -64.48 -5.83 -54.95
N PRO K 292 -65.22 -6.13 -53.87
CA PRO K 292 -64.93 -7.32 -53.05
C PRO K 292 -65.16 -8.60 -53.85
N CYS K 293 -64.09 -9.33 -54.12
CA CYS K 293 -64.10 -10.54 -54.99
C CYS K 293 -63.77 -11.76 -54.15
N VAL K 294 -64.42 -12.89 -54.43
CA VAL K 294 -64.06 -14.20 -53.83
C VAL K 294 -62.94 -14.82 -54.68
N LEU K 295 -61.79 -15.03 -54.06
CA LEU K 295 -60.53 -15.49 -54.73
C LEU K 295 -60.23 -16.93 -54.31
N GLY K 296 -60.17 -17.85 -55.27
CA GLY K 296 -59.87 -19.28 -55.08
C GLY K 296 -58.93 -19.81 -56.16
N GLN K 297 -58.95 -21.13 -56.41
CA GLN K 297 -57.94 -21.80 -57.27
C GLN K 297 -58.30 -21.51 -58.74
N ASN K 298 -59.54 -21.08 -59.03
CA ASN K 298 -59.95 -20.68 -60.41
C ASN K 298 -60.04 -19.16 -60.54
N GLY K 299 -59.35 -18.42 -59.67
CA GLY K 299 -59.36 -16.94 -59.65
C GLY K 299 -60.68 -16.43 -59.15
N ILE K 300 -61.25 -15.41 -59.82
CA ILE K 300 -62.46 -14.68 -59.34
C ILE K 300 -63.70 -15.49 -59.77
N SER K 301 -64.40 -16.09 -58.82
CA SER K 301 -65.58 -16.94 -59.04
C SER K 301 -66.86 -16.14 -58.77
N ASP K 302 -66.78 -15.16 -57.86
CA ASP K 302 -67.94 -14.34 -57.40
C ASP K 302 -67.47 -12.96 -56.95
N VAL K 303 -68.35 -11.98 -57.04
CA VAL K 303 -68.11 -10.58 -56.62
C VAL K 303 -69.22 -10.20 -55.64
N VAL K 304 -68.89 -9.58 -54.51
CA VAL K 304 -69.89 -9.14 -53.50
C VAL K 304 -70.56 -7.88 -54.07
N LYS K 305 -71.88 -7.78 -53.90
CA LYS K 305 -72.70 -6.62 -54.33
C LYS K 305 -72.85 -5.66 -53.16
N VAL K 306 -71.95 -4.68 -53.07
CA VAL K 306 -71.99 -3.64 -52.01
C VAL K 306 -73.09 -2.64 -52.39
N THR K 307 -74.01 -2.34 -51.45
CA THR K 307 -75.03 -1.27 -51.62
C THR K 307 -74.29 0.07 -51.52
N LEU K 308 -74.21 0.80 -52.63
CA LEU K 308 -73.50 2.10 -52.72
C LEU K 308 -74.53 3.24 -52.81
N THR K 309 -74.21 4.37 -52.17
CA THR K 309 -74.83 5.70 -52.36
C THR K 309 -74.76 6.08 -53.84
N SER K 310 -75.58 7.05 -54.29
CA SER K 310 -75.61 7.55 -55.69
C SER K 310 -74.37 8.39 -55.98
N GLU K 311 -73.75 9.00 -54.95
CA GLU K 311 -72.43 9.68 -55.06
C GLU K 311 -71.34 8.63 -55.36
N GLU K 312 -71.46 7.42 -54.79
CA GLU K 312 -70.45 6.32 -54.91
C GLU K 312 -70.63 5.56 -56.23
N GLU K 313 -71.85 5.13 -56.58
CA GLU K 313 -72.19 4.53 -57.91
C GLU K 313 -71.67 5.44 -59.02
N ALA K 314 -71.93 6.75 -58.91
CA ALA K 314 -71.51 7.80 -59.86
C ALA K 314 -69.98 7.84 -60.00
N HIS K 315 -69.23 7.74 -58.91
CA HIS K 315 -67.74 7.79 -58.95
C HIS K 315 -67.22 6.57 -59.72
N LEU K 316 -67.89 5.41 -59.60
CA LEU K 316 -67.48 4.17 -60.33
C LEU K 316 -67.73 4.33 -61.83
N LYS K 317 -68.87 4.89 -62.24
CA LYS K 317 -69.28 5.03 -63.68
C LYS K 317 -68.37 6.06 -64.38
N LYS K 318 -68.00 7.15 -63.71
CA LYS K 318 -67.07 8.18 -64.25
C LYS K 318 -65.65 7.64 -64.27
N SER K 319 -65.33 6.69 -63.38
CA SER K 319 -64.08 5.89 -63.45
C SER K 319 -64.15 4.91 -64.63
N ALA K 320 -65.31 4.30 -64.87
CA ALA K 320 -65.54 3.36 -66.00
C ALA K 320 -65.56 4.11 -67.33
N ASP K 321 -66.03 5.36 -67.37
CA ASP K 321 -66.05 6.21 -68.59
C ASP K 321 -64.62 6.64 -68.96
N THR K 322 -63.83 7.09 -67.98
CA THR K 322 -62.40 7.49 -68.13
C THR K 322 -61.58 6.32 -68.70
N LEU K 323 -61.62 5.15 -68.03
CA LEU K 323 -60.82 3.95 -68.43
C LEU K 323 -61.20 3.55 -69.87
N TRP K 324 -62.49 3.49 -70.20
CA TRP K 324 -62.94 3.09 -71.55
C TRP K 324 -62.40 4.08 -72.59
N GLY K 325 -62.50 5.38 -72.30
CA GLY K 325 -62.00 6.50 -73.14
C GLY K 325 -60.54 6.33 -73.52
N ILE K 326 -59.72 5.81 -72.59
CA ILE K 326 -58.28 5.48 -72.83
C ILE K 326 -58.18 4.14 -73.56
N GLN K 327 -59.04 3.17 -73.22
CA GLN K 327 -58.98 1.77 -73.73
C GLN K 327 -59.33 1.74 -75.23
N LYS K 328 -60.41 2.43 -75.63
CA LYS K 328 -60.85 2.70 -77.04
C LYS K 328 -59.68 3.09 -77.95
N GLU K 329 -58.76 3.92 -77.45
CA GLU K 329 -57.69 4.59 -78.23
C GLU K 329 -56.40 3.74 -78.23
N LEU K 330 -56.48 2.43 -77.96
CA LEU K 330 -55.28 1.55 -77.79
C LEU K 330 -55.02 0.72 -79.06
N GLN K 331 -53.79 0.76 -79.56
CA GLN K 331 -53.33 -0.05 -80.72
C GLN K 331 -52.73 -1.33 -80.17
N PHE K 332 -53.47 -2.44 -80.28
CA PHE K 332 -53.05 -3.80 -79.85
C PHE K 332 -52.33 -4.47 -81.03
N ALA L 2 -86.08 -12.72 -52.73
CA ALA L 2 -84.81 -13.31 -53.27
C ALA L 2 -83.99 -13.93 -52.14
N ALA L 3 -83.06 -14.83 -52.46
CA ALA L 3 -82.19 -15.56 -51.50
C ALA L 3 -81.01 -14.68 -51.08
N LEU L 4 -80.78 -14.54 -49.76
CA LEU L 4 -79.73 -13.67 -49.15
C LEU L 4 -78.37 -13.93 -49.82
N LYS L 5 -78.03 -15.18 -50.11
CA LYS L 5 -76.80 -15.52 -50.85
C LYS L 5 -76.81 -14.80 -52.21
N ASP L 6 -77.96 -14.82 -52.90
CA ASP L 6 -78.13 -14.20 -54.24
C ASP L 6 -78.16 -12.68 -54.11
N GLN L 7 -78.69 -12.14 -53.01
CA GLN L 7 -78.75 -10.68 -52.74
C GLN L 7 -77.33 -10.11 -52.56
N LEU L 8 -76.43 -10.88 -51.91
CA LEU L 8 -75.07 -10.46 -51.46
C LEU L 8 -74.00 -10.78 -52.50
N ILE L 9 -74.01 -12.02 -53.02
CA ILE L 9 -73.00 -12.56 -53.98
C ILE L 9 -73.65 -12.65 -55.36
N HIS L 10 -72.92 -12.25 -56.39
CA HIS L 10 -73.20 -12.55 -57.81
C HIS L 10 -72.14 -13.54 -58.31
N ASN L 11 -72.58 -14.75 -58.69
CA ASN L 11 -71.71 -15.84 -59.19
C ASN L 11 -71.37 -15.55 -60.66
N LEU L 12 -70.08 -15.51 -61.01
CA LEU L 12 -69.59 -15.20 -62.39
C LEU L 12 -69.02 -16.46 -63.05
N LEU L 13 -68.80 -17.54 -62.29
CA LEU L 13 -67.95 -18.69 -62.70
C LEU L 13 -68.59 -20.00 -62.22
N LYS L 14 -68.92 -20.87 -63.19
CA LYS L 14 -69.40 -22.27 -63.02
C LYS L 14 -68.22 -23.11 -62.49
N GLU L 15 -68.23 -23.37 -61.18
CA GLU L 15 -67.11 -23.97 -60.40
C GLU L 15 -67.57 -25.30 -59.78
N GLU L 16 -67.19 -26.42 -60.40
CA GLU L 16 -67.12 -27.77 -59.78
C GLU L 16 -65.66 -28.01 -59.36
N HIS L 17 -65.45 -28.38 -58.10
CA HIS L 17 -64.12 -28.46 -57.44
C HIS L 17 -63.49 -29.84 -57.69
N VAL L 18 -62.36 -29.88 -58.42
CA VAL L 18 -61.36 -31.00 -58.40
C VAL L 18 -60.16 -30.53 -57.56
N PRO L 19 -59.90 -31.15 -56.39
CA PRO L 19 -58.92 -30.61 -55.43
C PRO L 19 -57.48 -30.85 -55.88
N GLN L 20 -56.57 -29.94 -55.54
CA GLN L 20 -55.18 -29.91 -56.08
C GLN L 20 -54.16 -30.48 -55.09
N ASN L 21 -54.46 -30.48 -53.77
CA ASN L 21 -53.50 -30.85 -52.69
C ASN L 21 -54.22 -31.65 -51.60
N LYS L 22 -55.07 -32.60 -51.98
CA LYS L 22 -55.92 -33.39 -51.06
C LYS L 22 -55.04 -34.40 -50.31
N ILE L 23 -55.27 -34.57 -49.01
CA ILE L 23 -54.63 -35.60 -48.14
C ILE L 23 -55.77 -36.33 -47.44
N THR L 24 -55.75 -37.67 -47.40
CA THR L 24 -56.74 -38.50 -46.65
C THR L 24 -56.04 -39.16 -45.44
N VAL L 25 -56.58 -39.01 -44.23
CA VAL L 25 -56.17 -39.85 -43.07
C VAL L 25 -57.27 -40.92 -42.91
N VAL L 26 -56.89 -42.20 -43.03
CA VAL L 26 -57.78 -43.37 -42.75
C VAL L 26 -57.54 -43.84 -41.30
N GLY L 27 -58.57 -43.85 -40.47
CA GLY L 27 -58.44 -44.09 -39.02
C GLY L 27 -58.50 -42.77 -38.26
N VAL L 28 -59.48 -42.62 -37.36
CA VAL L 28 -59.66 -41.42 -36.49
C VAL L 28 -59.54 -41.89 -35.03
N GLY L 29 -58.66 -42.87 -34.80
CA GLY L 29 -58.12 -43.15 -33.46
C GLY L 29 -57.26 -41.97 -33.05
N ALA L 30 -56.62 -42.06 -31.88
CA ALA L 30 -55.77 -41.01 -31.30
C ALA L 30 -54.64 -40.64 -32.28
N VAL L 31 -54.08 -41.61 -33.00
CA VAL L 31 -52.94 -41.41 -33.95
C VAL L 31 -53.44 -40.69 -35.21
N GLY L 32 -54.59 -41.12 -35.74
CA GLY L 32 -55.16 -40.57 -36.98
C GLY L 32 -55.53 -39.11 -36.83
N MET L 33 -56.19 -38.78 -35.71
CA MET L 33 -56.48 -37.36 -35.35
C MET L 33 -55.17 -36.56 -35.12
N ALA L 34 -54.15 -37.11 -34.47
CA ALA L 34 -52.85 -36.43 -34.29
C ALA L 34 -52.26 -36.05 -35.65
N CYS L 35 -52.27 -36.97 -36.61
CA CYS L 35 -51.82 -36.72 -38.00
C CYS L 35 -52.71 -35.63 -38.62
N ALA L 36 -54.03 -35.71 -38.39
CA ALA L 36 -55.02 -34.74 -38.93
C ALA L 36 -54.67 -33.32 -38.46
N ILE L 37 -54.48 -33.11 -37.17
CA ILE L 37 -54.37 -31.75 -36.57
C ILE L 37 -53.01 -31.16 -36.94
N SER L 38 -51.96 -31.97 -36.85
CA SER L 38 -50.58 -31.60 -37.25
C SER L 38 -50.54 -31.23 -38.74
N ILE L 39 -51.35 -31.89 -39.56
CA ILE L 39 -51.39 -31.65 -41.03
C ILE L 39 -52.09 -30.31 -41.30
N LEU L 40 -53.21 -30.04 -40.61
CA LEU L 40 -54.01 -28.78 -40.75
C LEU L 40 -53.23 -27.58 -40.21
N MET L 41 -52.43 -27.75 -39.16
CA MET L 41 -51.69 -26.63 -38.51
C MET L 41 -50.37 -26.32 -39.23
N LYS L 42 -49.99 -27.10 -40.24
CA LYS L 42 -48.80 -26.85 -41.12
C LYS L 42 -49.21 -26.42 -42.55
N ASP L 43 -50.51 -26.35 -42.83
CA ASP L 43 -51.10 -25.85 -44.10
C ASP L 43 -50.53 -26.63 -45.27
N LEU L 44 -50.68 -27.97 -45.26
CA LEU L 44 -50.16 -28.89 -46.31
C LEU L 44 -51.26 -29.30 -47.30
N ALA L 45 -52.53 -29.14 -46.93
CA ALA L 45 -53.70 -29.63 -47.71
C ALA L 45 -54.73 -28.53 -47.94
N ASP L 46 -55.33 -28.53 -49.14
CA ASP L 46 -56.45 -27.64 -49.57
C ASP L 46 -57.77 -28.38 -49.34
N GLU L 47 -57.73 -29.70 -49.15
CA GLU L 47 -58.90 -30.52 -48.71
C GLU L 47 -58.33 -31.66 -47.84
N LEU L 48 -58.93 -31.90 -46.67
CA LEU L 48 -58.60 -33.05 -45.78
C LEU L 48 -59.82 -33.94 -45.67
N ALA L 49 -59.70 -35.21 -46.07
CA ALA L 49 -60.74 -36.26 -45.95
C ALA L 49 -60.40 -37.19 -44.77
N LEU L 50 -61.37 -37.47 -43.91
CA LEU L 50 -61.24 -38.46 -42.81
C LEU L 50 -62.14 -39.67 -43.11
N VAL L 51 -61.64 -40.90 -42.90
CA VAL L 51 -62.41 -42.16 -43.13
C VAL L 51 -62.15 -43.15 -42.00
N ASP L 52 -63.19 -43.84 -41.55
CA ASP L 52 -63.13 -44.93 -40.52
C ASP L 52 -64.38 -45.81 -40.69
N VAL L 53 -64.61 -46.74 -39.76
CA VAL L 53 -65.80 -47.66 -39.72
C VAL L 53 -66.74 -47.21 -38.59
N MET L 54 -66.25 -46.31 -37.74
CA MET L 54 -67.02 -45.66 -36.66
C MET L 54 -67.89 -44.54 -37.25
N GLU L 55 -69.20 -44.75 -37.40
CA GLU L 55 -70.08 -43.78 -38.12
C GLU L 55 -70.20 -42.49 -37.27
N ASP L 56 -70.43 -42.60 -35.96
CA ASP L 56 -70.56 -41.44 -35.03
C ASP L 56 -69.19 -40.77 -34.83
N LYS L 57 -68.19 -41.52 -34.34
CA LYS L 57 -66.83 -41.01 -34.02
C LYS L 57 -66.31 -40.13 -35.18
N LEU L 58 -66.47 -40.63 -36.41
CA LEU L 58 -65.93 -40.00 -37.64
C LEU L 58 -66.58 -38.63 -37.86
N LYS L 59 -67.91 -38.57 -37.85
CA LYS L 59 -68.70 -37.32 -38.04
C LYS L 59 -68.34 -36.34 -36.92
N GLY L 60 -68.40 -36.80 -35.67
CA GLY L 60 -67.99 -36.04 -34.49
C GLY L 60 -66.63 -35.37 -34.65
N GLU L 61 -65.60 -36.13 -35.06
CA GLU L 61 -64.21 -35.62 -35.14
C GLU L 61 -64.13 -34.58 -36.27
N MET L 62 -64.74 -34.89 -37.42
CA MET L 62 -64.81 -33.97 -38.59
C MET L 62 -65.45 -32.65 -38.17
N MET L 63 -66.59 -32.71 -37.47
CA MET L 63 -67.28 -31.47 -37.03
C MET L 63 -66.34 -30.65 -36.12
N ASP L 64 -65.65 -31.30 -35.19
CA ASP L 64 -64.76 -30.61 -34.22
C ASP L 64 -63.67 -29.85 -34.98
N LEU L 65 -63.03 -30.47 -35.97
CA LEU L 65 -62.02 -29.80 -36.84
C LEU L 65 -62.69 -28.66 -37.63
N GLN L 66 -63.82 -28.92 -38.28
CA GLN L 66 -64.57 -27.93 -39.11
C GLN L 66 -64.86 -26.66 -38.31
N HIS L 67 -65.28 -26.81 -37.05
CA HIS L 67 -65.60 -25.71 -36.10
C HIS L 67 -64.36 -24.82 -35.89
N GLY L 68 -63.17 -25.35 -36.11
CA GLY L 68 -61.91 -24.58 -36.01
C GLY L 68 -61.47 -23.97 -37.32
N SER L 69 -62.31 -23.99 -38.37
CA SER L 69 -61.98 -23.55 -39.75
C SER L 69 -61.39 -22.15 -39.72
N LEU L 70 -61.94 -21.25 -38.91
CA LEU L 70 -61.51 -19.81 -38.79
C LEU L 70 -60.00 -19.71 -38.49
N PHE L 71 -59.44 -20.64 -37.73
CA PHE L 71 -58.01 -20.60 -37.29
C PHE L 71 -57.12 -21.44 -38.22
N LEU L 72 -57.64 -21.84 -39.37
CA LEU L 72 -56.96 -22.76 -40.31
C LEU L 72 -56.98 -22.20 -41.73
N ARG L 73 -56.02 -22.63 -42.55
CA ARG L 73 -55.93 -22.30 -44.00
C ARG L 73 -56.20 -23.59 -44.79
N THR L 74 -57.20 -24.40 -44.37
CA THR L 74 -57.63 -25.64 -45.06
C THR L 74 -59.14 -25.61 -45.20
N PRO L 75 -59.64 -25.14 -46.36
CA PRO L 75 -61.04 -24.75 -46.54
C PRO L 75 -62.07 -25.88 -46.47
N LYS L 76 -61.74 -27.06 -46.99
CA LYS L 76 -62.66 -28.23 -47.03
C LYS L 76 -62.13 -29.33 -46.11
N ILE L 77 -62.98 -29.80 -45.19
CA ILE L 77 -62.76 -30.99 -44.35
C ILE L 77 -64.02 -31.84 -44.49
N VAL L 78 -63.91 -33.03 -45.09
CA VAL L 78 -65.05 -33.99 -45.30
C VAL L 78 -64.74 -35.31 -44.59
N SER L 79 -65.77 -36.13 -44.42
CA SER L 79 -65.63 -37.49 -43.84
C SER L 79 -66.70 -38.44 -44.39
N GLY L 80 -66.49 -39.74 -44.18
CA GLY L 80 -67.52 -40.77 -44.30
C GLY L 80 -66.90 -42.14 -44.28
N LYS L 81 -67.71 -43.18 -44.06
CA LYS L 81 -67.35 -44.61 -44.25
C LYS L 81 -66.98 -44.87 -45.71
N ASP L 82 -67.80 -44.40 -46.63
CA ASP L 82 -67.66 -44.69 -48.09
C ASP L 82 -66.50 -43.87 -48.66
N TYR L 83 -65.57 -44.54 -49.33
CA TYR L 83 -64.23 -44.02 -49.71
C TYR L 83 -64.33 -43.02 -50.89
N SER L 84 -65.55 -42.66 -51.32
CA SER L 84 -65.79 -41.65 -52.41
C SER L 84 -65.16 -40.31 -52.01
N VAL L 85 -65.46 -39.87 -50.79
CA VAL L 85 -64.95 -38.63 -50.12
C VAL L 85 -63.42 -38.53 -50.26
N THR L 86 -62.72 -39.62 -50.55
CA THR L 86 -61.23 -39.68 -50.56
C THR L 86 -60.69 -39.44 -51.98
N ALA L 87 -61.58 -39.25 -52.95
CA ALA L 87 -61.22 -39.16 -54.39
C ALA L 87 -60.14 -38.10 -54.60
N ASN L 88 -59.24 -38.36 -55.55
CA ASN L 88 -58.20 -37.42 -56.04
C ASN L 88 -57.25 -36.97 -54.92
N SER L 89 -56.99 -37.83 -53.94
CA SER L 89 -55.99 -37.58 -52.88
C SER L 89 -54.59 -37.70 -53.51
N LYS L 90 -53.70 -36.77 -53.17
CA LYS L 90 -52.26 -36.83 -53.50
C LYS L 90 -51.57 -37.81 -52.56
N LEU L 91 -51.98 -37.82 -51.29
CA LEU L 91 -51.35 -38.59 -50.18
C LEU L 91 -52.45 -39.20 -49.31
N VAL L 92 -52.50 -40.53 -49.20
CA VAL L 92 -53.42 -41.26 -48.29
C VAL L 92 -52.58 -41.91 -47.19
N ILE L 93 -52.75 -41.44 -45.94
CA ILE L 93 -52.07 -41.97 -44.72
C ILE L 93 -52.99 -43.02 -44.08
N ILE L 94 -52.59 -44.31 -44.04
CA ILE L 94 -53.41 -45.39 -43.39
C ILE L 94 -52.92 -45.59 -41.95
N THR L 95 -53.81 -45.42 -40.97
CA THR L 95 -53.55 -45.54 -39.51
C THR L 95 -54.52 -46.53 -38.86
N ALA L 96 -55.41 -47.14 -39.63
CA ALA L 96 -56.50 -48.02 -39.12
C ALA L 96 -55.96 -49.42 -39.01
N GLY L 97 -56.65 -50.27 -38.24
CA GLY L 97 -56.25 -51.67 -38.05
C GLY L 97 -57.18 -52.40 -37.11
N ALA L 98 -56.85 -53.65 -36.78
CA ALA L 98 -57.70 -54.55 -36.00
C ALA L 98 -57.58 -54.16 -34.53
N ARG L 99 -58.72 -54.01 -33.85
CA ARG L 99 -58.78 -53.84 -32.38
C ARG L 99 -58.45 -55.20 -31.76
N GLN L 100 -57.35 -55.28 -31.01
CA GLN L 100 -56.74 -56.55 -30.54
C GLN L 100 -57.73 -57.31 -29.65
N GLN L 101 -57.56 -58.63 -29.59
CA GLN L 101 -58.36 -59.57 -28.77
C GLN L 101 -57.42 -60.11 -27.68
N GLU L 102 -57.91 -60.23 -26.44
CA GLU L 102 -57.27 -61.03 -25.37
C GLU L 102 -57.05 -62.46 -25.90
N GLY L 103 -55.83 -62.99 -25.77
CA GLY L 103 -55.52 -64.42 -26.02
C GLY L 103 -55.34 -64.76 -27.50
N GLU L 104 -54.91 -63.81 -28.31
CA GLU L 104 -54.76 -63.98 -29.77
C GLU L 104 -53.27 -64.11 -30.11
N SER L 105 -52.91 -64.99 -31.04
CA SER L 105 -51.53 -65.15 -31.56
C SER L 105 -51.15 -63.92 -32.40
N ARG L 106 -49.87 -63.62 -32.50
CA ARG L 106 -49.36 -62.48 -33.30
C ARG L 106 -49.86 -62.68 -34.73
N LEU L 107 -49.74 -63.88 -35.27
CA LEU L 107 -50.12 -64.19 -36.68
C LEU L 107 -51.64 -63.98 -36.89
N ASN L 108 -52.49 -64.27 -35.90
CA ASN L 108 -53.96 -64.12 -36.07
C ASN L 108 -54.31 -62.63 -36.11
N LEU L 109 -53.56 -61.81 -35.36
CA LEU L 109 -53.68 -60.32 -35.27
C LEU L 109 -53.29 -59.72 -36.63
N VAL L 110 -52.10 -60.06 -37.12
CA VAL L 110 -51.53 -59.56 -38.41
C VAL L 110 -52.51 -59.92 -39.53
N GLN L 111 -53.06 -61.15 -39.51
CA GLN L 111 -54.00 -61.66 -40.54
C GLN L 111 -55.28 -60.81 -40.54
N ARG L 112 -55.84 -60.55 -39.35
CA ARG L 112 -57.05 -59.69 -39.18
C ARG L 112 -56.77 -58.30 -39.77
N ASN L 113 -55.57 -57.76 -39.58
CA ASN L 113 -55.14 -56.46 -40.16
C ASN L 113 -55.06 -56.59 -41.68
N VAL L 114 -54.56 -57.73 -42.17
CA VAL L 114 -54.49 -58.01 -43.62
C VAL L 114 -55.91 -57.99 -44.17
N ASN L 115 -56.85 -58.63 -43.48
CA ASN L 115 -58.26 -58.75 -43.91
C ASN L 115 -58.90 -57.36 -43.99
N ILE L 116 -58.51 -56.45 -43.08
CA ILE L 116 -58.98 -55.04 -43.03
C ILE L 116 -58.34 -54.24 -44.19
N PHE L 117 -57.07 -54.49 -44.50
CA PHE L 117 -56.33 -53.83 -45.61
C PHE L 117 -56.83 -54.33 -46.97
N LYS L 118 -57.41 -55.53 -47.00
CA LYS L 118 -58.09 -56.10 -48.19
C LYS L 118 -59.36 -55.31 -48.50
N PHE L 119 -60.03 -54.78 -47.47
CA PHE L 119 -61.15 -53.82 -47.63
C PHE L 119 -60.57 -52.41 -47.88
N ILE L 120 -59.69 -51.90 -47.02
CA ILE L 120 -59.23 -50.47 -47.05
C ILE L 120 -58.54 -50.17 -48.39
N ILE L 121 -57.51 -50.93 -48.76
CA ILE L 121 -56.59 -50.52 -49.86
C ILE L 121 -57.31 -50.48 -51.21
N PRO L 122 -57.98 -51.54 -51.70
CA PRO L 122 -58.59 -51.48 -53.03
C PRO L 122 -59.49 -50.24 -53.18
N ASN L 123 -60.37 -50.03 -52.20
CA ASN L 123 -61.27 -48.85 -52.07
C ASN L 123 -60.47 -47.54 -52.16
N VAL L 124 -59.29 -47.44 -51.54
CA VAL L 124 -58.42 -46.23 -51.64
C VAL L 124 -57.98 -46.08 -53.10
N VAL L 125 -57.43 -47.14 -53.69
CA VAL L 125 -56.83 -47.12 -55.06
C VAL L 125 -57.92 -46.88 -56.12
N LYS L 126 -59.16 -47.29 -55.84
CA LYS L 126 -60.31 -47.10 -56.76
C LYS L 126 -60.49 -45.59 -56.96
N TYR L 127 -60.66 -44.86 -55.86
CA TYR L 127 -61.07 -43.43 -55.86
C TYR L 127 -59.87 -42.48 -55.97
N SER L 128 -58.62 -42.94 -55.77
CA SER L 128 -57.37 -42.12 -55.81
C SER L 128 -56.25 -42.94 -56.42
N PRO L 129 -56.33 -43.27 -57.74
CA PRO L 129 -55.39 -44.19 -58.38
C PRO L 129 -53.92 -43.76 -58.57
N HIS L 130 -53.57 -42.49 -58.34
CA HIS L 130 -52.19 -41.96 -58.49
C HIS L 130 -51.61 -41.52 -57.13
N CYS L 131 -52.35 -41.71 -56.04
CA CYS L 131 -51.98 -41.25 -54.66
C CYS L 131 -50.68 -41.94 -54.22
N LYS L 132 -49.96 -41.31 -53.28
CA LYS L 132 -48.88 -41.94 -52.48
C LYS L 132 -49.50 -42.49 -51.20
N LEU L 133 -49.22 -43.75 -50.86
CA LEU L 133 -49.67 -44.39 -49.61
C LEU L 133 -48.59 -44.18 -48.55
N LEU L 134 -48.98 -43.71 -47.35
CA LEU L 134 -48.13 -43.68 -46.13
C LEU L 134 -48.82 -44.56 -45.09
N VAL L 135 -48.26 -45.74 -44.83
CA VAL L 135 -48.83 -46.73 -43.83
C VAL L 135 -48.20 -46.45 -42.46
N VAL L 136 -49.05 -46.27 -41.44
CA VAL L 136 -48.65 -45.92 -40.05
C VAL L 136 -49.03 -47.07 -39.09
N SER L 137 -50.02 -47.88 -39.47
CA SER L 137 -50.57 -49.02 -38.68
C SER L 137 -49.46 -50.03 -38.36
N ASN L 138 -49.46 -50.57 -37.13
CA ASN L 138 -48.47 -51.55 -36.60
C ASN L 138 -49.07 -52.96 -36.65
N PRO L 139 -48.30 -54.01 -37.03
CA PRO L 139 -46.87 -53.89 -37.36
C PRO L 139 -46.58 -53.20 -38.71
N VAL L 140 -45.84 -52.10 -38.69
CA VAL L 140 -45.77 -51.12 -39.81
C VAL L 140 -45.00 -51.70 -41.01
N ASP L 141 -43.87 -52.36 -40.77
CA ASP L 141 -43.02 -52.93 -41.86
C ASP L 141 -43.85 -53.96 -42.64
N ILE L 142 -44.60 -54.81 -41.92
CA ILE L 142 -45.45 -55.88 -42.51
C ILE L 142 -46.58 -55.23 -43.31
N LEU L 143 -47.37 -54.35 -42.69
CA LEU L 143 -48.63 -53.86 -43.30
C LEU L 143 -48.32 -52.92 -44.48
N THR L 144 -47.14 -52.30 -44.55
CA THR L 144 -46.69 -51.53 -45.74
C THR L 144 -46.62 -52.47 -46.94
N TYR L 145 -45.97 -53.63 -46.77
CA TYR L 145 -45.85 -54.74 -47.76
C TYR L 145 -47.26 -55.18 -48.19
N VAL L 146 -48.15 -55.37 -47.22
CA VAL L 146 -49.55 -55.80 -47.48
C VAL L 146 -50.22 -54.74 -48.38
N ALA L 147 -50.05 -53.45 -48.07
CA ALA L 147 -50.62 -52.30 -48.81
C ALA L 147 -49.98 -52.22 -50.20
N TRP L 148 -48.68 -52.48 -50.30
CA TRP L 148 -47.89 -52.42 -51.56
C TRP L 148 -48.35 -53.52 -52.51
N LYS L 149 -48.49 -54.75 -52.00
CA LYS L 149 -48.86 -55.96 -52.79
C LYS L 149 -50.31 -55.81 -53.28
N ILE L 150 -51.28 -55.57 -52.39
CA ILE L 150 -52.73 -55.48 -52.72
C ILE L 150 -52.96 -54.38 -53.78
N SER L 151 -52.47 -53.16 -53.53
CA SER L 151 -52.58 -51.99 -54.44
C SER L 151 -51.87 -52.26 -55.78
N GLY L 152 -50.77 -53.01 -55.75
CA GLY L 152 -49.90 -53.20 -56.92
C GLY L 152 -49.34 -51.88 -57.41
N PHE L 153 -49.07 -50.95 -56.49
CA PHE L 153 -48.38 -49.68 -56.79
C PHE L 153 -46.91 -49.94 -57.02
N PRO L 154 -46.20 -49.06 -57.76
CA PRO L 154 -44.75 -49.12 -57.81
C PRO L 154 -44.20 -48.83 -56.41
N LYS L 155 -43.03 -49.39 -56.07
CA LYS L 155 -42.42 -49.32 -54.71
C LYS L 155 -42.20 -47.86 -54.28
N ASN L 156 -42.01 -46.94 -55.24
CA ASN L 156 -41.71 -45.50 -54.99
C ASN L 156 -42.93 -44.78 -54.37
N ARG L 157 -44.15 -45.27 -54.56
CA ARG L 157 -45.38 -44.62 -54.03
C ARG L 157 -46.00 -45.40 -52.87
N VAL L 158 -45.28 -46.34 -52.23
CA VAL L 158 -45.76 -46.95 -50.95
C VAL L 158 -44.64 -46.80 -49.92
N ILE L 159 -44.93 -46.06 -48.86
CA ILE L 159 -43.97 -45.65 -47.79
C ILE L 159 -44.54 -46.18 -46.46
N GLY L 160 -43.68 -46.69 -45.58
CA GLY L 160 -44.00 -46.99 -44.18
C GLY L 160 -43.41 -45.91 -43.28
N SER L 161 -44.11 -45.54 -42.20
CA SER L 161 -43.64 -44.53 -41.21
C SER L 161 -42.31 -45.01 -40.60
N GLY L 162 -42.13 -46.32 -40.52
CA GLY L 162 -40.85 -46.98 -40.14
C GLY L 162 -40.25 -46.41 -38.88
N CYS L 163 -38.97 -46.02 -38.95
CA CYS L 163 -38.12 -45.57 -37.81
C CYS L 163 -37.96 -44.04 -37.87
N ASN L 164 -38.74 -43.37 -38.71
CA ASN L 164 -38.80 -41.89 -38.76
C ASN L 164 -38.91 -41.40 -37.31
N LEU L 165 -39.91 -41.90 -36.56
CA LEU L 165 -40.15 -41.49 -35.14
C LEU L 165 -39.02 -42.02 -34.24
N ASP L 166 -38.60 -43.27 -34.43
CA ASP L 166 -37.53 -43.89 -33.60
C ASP L 166 -36.34 -42.93 -33.62
N SER L 167 -35.96 -42.44 -34.82
CA SER L 167 -34.88 -41.45 -35.04
C SER L 167 -35.18 -40.13 -34.31
N ALA L 168 -36.37 -39.60 -34.50
CA ALA L 168 -36.83 -38.37 -33.82
C ALA L 168 -36.64 -38.50 -32.29
N ARG L 169 -37.15 -39.58 -31.69
CA ARG L 169 -36.98 -39.88 -30.24
C ARG L 169 -35.50 -39.96 -29.90
N PHE L 170 -34.74 -40.68 -30.69
CA PHE L 170 -33.28 -40.85 -30.48
C PHE L 170 -32.58 -39.49 -30.51
N ARG L 171 -32.94 -38.62 -31.44
CA ARG L 171 -32.31 -37.28 -31.55
C ARG L 171 -32.74 -36.43 -30.35
N TYR L 172 -33.97 -36.57 -29.86
CA TYR L 172 -34.41 -35.87 -28.61
C TYR L 172 -33.54 -36.33 -27.44
N LEU L 173 -33.47 -37.65 -27.25
CA LEU L 173 -32.68 -38.30 -26.15
C LEU L 173 -31.23 -37.85 -26.24
N MET L 174 -30.60 -38.01 -27.41
CA MET L 174 -29.21 -37.55 -27.69
C MET L 174 -29.04 -36.08 -27.25
N GLY L 175 -29.91 -35.18 -27.72
CA GLY L 175 -29.87 -33.73 -27.41
C GLY L 175 -30.00 -33.43 -25.92
N GLU L 176 -30.86 -34.18 -25.23
CA GLU L 176 -31.04 -34.04 -23.76
C GLU L 176 -29.70 -34.36 -23.06
N ARG L 177 -28.96 -35.36 -23.52
CA ARG L 177 -27.66 -35.73 -22.90
C ARG L 177 -26.59 -34.67 -23.21
N LEU L 178 -26.59 -34.09 -24.41
CA LEU L 178 -25.54 -33.14 -24.86
C LEU L 178 -25.94 -31.69 -24.55
N GLY L 179 -27.22 -31.42 -24.30
CA GLY L 179 -27.72 -30.07 -23.97
C GLY L 179 -27.73 -29.21 -25.21
N VAL L 180 -28.32 -29.77 -26.27
CA VAL L 180 -28.41 -29.17 -27.63
C VAL L 180 -29.75 -29.60 -28.25
N HIS L 181 -30.36 -28.74 -29.08
CA HIS L 181 -31.65 -29.08 -29.73
C HIS L 181 -31.50 -30.41 -30.47
N ALA L 182 -32.59 -31.19 -30.56
CA ALA L 182 -32.65 -32.43 -31.36
C ALA L 182 -32.32 -32.12 -32.83
N LEU L 183 -32.56 -30.88 -33.29
CA LEU L 183 -32.33 -30.45 -34.70
C LEU L 183 -30.85 -30.52 -35.03
N SER L 184 -29.97 -30.30 -34.05
CA SER L 184 -28.51 -30.18 -34.21
C SER L 184 -27.79 -31.44 -33.72
N CYS L 185 -28.54 -32.48 -33.37
CA CYS L 185 -28.03 -33.85 -33.03
C CYS L 185 -28.52 -34.81 -34.11
N HIS L 186 -27.62 -35.37 -34.91
CA HIS L 186 -27.97 -36.26 -36.03
C HIS L 186 -27.62 -37.70 -35.63
N GLY L 187 -28.50 -38.64 -35.93
CA GLY L 187 -28.36 -40.07 -35.62
C GLY L 187 -29.49 -40.82 -36.31
N TRP L 188 -29.27 -42.09 -36.69
CA TRP L 188 -30.24 -42.86 -37.51
C TRP L 188 -30.52 -44.22 -36.87
N ILE L 189 -31.80 -44.52 -36.74
CA ILE L 189 -32.35 -45.84 -36.37
C ILE L 189 -32.95 -46.41 -37.64
N LEU L 190 -32.39 -47.51 -38.13
CA LEU L 190 -32.84 -48.13 -39.40
C LEU L 190 -33.39 -49.52 -39.11
N GLY L 191 -33.84 -50.20 -40.16
CA GLY L 191 -34.28 -51.60 -40.12
C GLY L 191 -35.73 -51.71 -39.70
N GLU L 192 -36.05 -52.75 -38.92
CA GLU L 192 -37.41 -53.07 -38.39
C GLU L 192 -37.73 -52.06 -37.28
N HIS L 193 -38.83 -51.32 -37.40
CA HIS L 193 -39.36 -50.40 -36.36
C HIS L 193 -39.81 -51.20 -35.13
N GLY L 194 -39.30 -50.84 -33.95
CA GLY L 194 -39.55 -51.56 -32.68
C GLY L 194 -38.27 -52.05 -32.05
N ASP L 195 -38.30 -53.24 -31.44
CA ASP L 195 -37.20 -53.77 -30.58
C ASP L 195 -36.00 -54.20 -31.45
N SER L 196 -36.24 -54.62 -32.70
CA SER L 196 -35.20 -55.15 -33.62
C SER L 196 -34.45 -54.02 -34.34
N SER L 197 -34.83 -52.76 -34.09
CA SER L 197 -34.30 -51.55 -34.78
C SER L 197 -32.78 -51.45 -34.61
N VAL L 198 -32.11 -50.94 -35.63
CA VAL L 198 -30.62 -50.93 -35.75
C VAL L 198 -30.13 -49.51 -35.52
N PRO L 199 -29.45 -49.23 -34.39
CA PRO L 199 -28.80 -47.93 -34.18
C PRO L 199 -27.43 -47.89 -34.87
N VAL L 200 -27.18 -46.83 -35.63
CA VAL L 200 -26.01 -46.67 -36.52
C VAL L 200 -25.07 -45.64 -35.87
N TRP L 201 -24.21 -46.11 -34.96
CA TRP L 201 -23.32 -45.28 -34.11
C TRP L 201 -22.31 -44.45 -34.92
N SER L 202 -21.91 -44.91 -36.12
CA SER L 202 -20.95 -44.21 -37.01
C SER L 202 -21.53 -42.88 -37.49
N GLY L 203 -22.85 -42.86 -37.76
CA GLY L 203 -23.57 -41.69 -38.30
C GLY L 203 -23.89 -40.63 -37.26
N MET L 204 -23.90 -41.00 -35.98
CA MET L 204 -24.25 -40.08 -34.86
C MET L 204 -23.19 -38.98 -34.75
N ASN L 205 -23.62 -37.71 -34.68
CA ASN L 205 -22.69 -36.55 -34.62
C ASN L 205 -23.43 -35.25 -34.28
N VAL L 206 -22.64 -34.24 -33.89
CA VAL L 206 -23.02 -32.81 -33.79
C VAL L 206 -22.00 -32.00 -34.61
N ALA L 207 -22.45 -31.17 -35.53
CA ALA L 207 -21.60 -30.26 -36.35
C ALA L 207 -20.60 -31.10 -37.16
N GLY L 208 -21.00 -32.31 -37.53
CA GLY L 208 -20.16 -33.25 -38.29
C GLY L 208 -19.06 -33.92 -37.47
N VAL L 209 -19.02 -33.75 -36.14
CA VAL L 209 -18.06 -34.49 -35.26
C VAL L 209 -18.69 -35.83 -34.87
N SER L 210 -18.06 -36.93 -35.28
CA SER L 210 -18.49 -38.32 -34.98
C SER L 210 -18.26 -38.60 -33.49
N LEU L 211 -19.32 -38.97 -32.79
CA LEU L 211 -19.28 -39.31 -31.34
C LEU L 211 -18.49 -40.61 -31.15
N LYS L 212 -18.64 -41.58 -32.06
CA LYS L 212 -17.91 -42.87 -32.00
C LYS L 212 -16.41 -42.59 -32.11
N THR L 213 -15.97 -41.66 -32.97
CA THR L 213 -14.50 -41.34 -33.12
C THR L 213 -14.02 -40.70 -31.80
N LEU L 214 -14.73 -39.73 -31.26
CA LEU L 214 -14.35 -39.07 -29.98
C LEU L 214 -14.38 -40.05 -28.80
N HIS L 215 -15.21 -41.11 -28.88
CA HIS L 215 -15.56 -42.02 -27.76
C HIS L 215 -15.82 -43.39 -28.35
N PRO L 216 -14.76 -44.17 -28.67
CA PRO L 216 -14.94 -45.46 -29.35
C PRO L 216 -15.81 -46.44 -28.56
N GLU L 217 -15.91 -46.28 -27.24
CA GLU L 217 -16.74 -47.13 -26.35
C GLU L 217 -18.20 -47.12 -26.84
N LEU L 218 -18.65 -46.02 -27.46
CA LEU L 218 -20.06 -45.82 -27.90
C LEU L 218 -20.57 -47.06 -28.63
N GLY L 219 -21.77 -47.54 -28.28
CA GLY L 219 -22.35 -48.77 -28.86
C GLY L 219 -22.09 -50.00 -28.00
N THR L 220 -20.90 -50.09 -27.36
CA THR L 220 -20.45 -51.26 -26.56
C THR L 220 -21.22 -51.31 -25.23
N ASP L 221 -21.21 -52.47 -24.58
CA ASP L 221 -21.80 -52.72 -23.23
C ASP L 221 -20.82 -52.22 -22.15
N ALA L 222 -19.51 -52.24 -22.41
CA ALA L 222 -18.48 -51.66 -21.52
C ALA L 222 -18.79 -50.18 -21.25
N ASP L 223 -19.05 -49.41 -22.30
CA ASP L 223 -19.27 -47.93 -22.32
C ASP L 223 -19.77 -47.42 -20.96
N LYS L 224 -18.94 -46.64 -20.24
CA LYS L 224 -19.24 -46.12 -18.89
C LYS L 224 -20.52 -45.27 -18.93
N GLU L 225 -20.81 -44.61 -20.05
CA GLU L 225 -21.91 -43.62 -20.19
C GLU L 225 -23.21 -44.31 -20.64
N GLN L 226 -23.18 -45.59 -21.00
CA GLN L 226 -24.38 -46.44 -21.26
C GLN L 226 -25.20 -45.85 -22.42
N TRP L 227 -24.54 -45.49 -23.53
CA TRP L 227 -25.21 -44.96 -24.75
C TRP L 227 -26.07 -46.05 -25.40
N LYS L 228 -25.69 -47.32 -25.27
CA LYS L 228 -26.46 -48.47 -25.81
C LYS L 228 -27.88 -48.43 -25.22
N GLN L 229 -28.02 -47.95 -23.98
CA GLN L 229 -29.32 -47.84 -23.23
C GLN L 229 -30.15 -46.69 -23.80
N VAL L 230 -29.51 -45.73 -24.47
CA VAL L 230 -30.19 -44.61 -25.20
C VAL L 230 -30.96 -45.22 -26.36
N HIS L 231 -30.37 -46.18 -27.08
CA HIS L 231 -31.10 -46.96 -28.11
C HIS L 231 -32.31 -47.64 -27.47
N LYS L 232 -32.10 -48.32 -26.35
CA LYS L 232 -33.15 -49.10 -25.65
C LYS L 232 -34.22 -48.10 -25.18
N GLN L 233 -33.79 -46.89 -24.77
CA GLN L 233 -34.69 -45.79 -24.31
C GLN L 233 -35.66 -45.43 -25.45
N VAL L 234 -35.22 -45.50 -26.70
CA VAL L 234 -36.09 -45.31 -27.90
C VAL L 234 -37.07 -46.48 -27.97
N VAL L 235 -36.56 -47.71 -28.11
CA VAL L 235 -37.35 -48.98 -28.13
C VAL L 235 -38.49 -48.93 -27.11
N ASP L 236 -38.19 -48.53 -25.86
CA ASP L 236 -39.10 -48.69 -24.68
C ASP L 236 -39.82 -47.36 -24.35
N SER L 237 -39.51 -46.26 -25.02
CA SER L 237 -40.14 -44.94 -24.73
C SER L 237 -41.63 -44.99 -25.08
N ALA L 238 -42.01 -45.63 -26.18
CA ALA L 238 -43.42 -45.91 -26.57
C ALA L 238 -44.11 -46.71 -25.46
N TYR L 239 -43.54 -47.87 -25.12
CA TYR L 239 -44.02 -48.81 -24.07
C TYR L 239 -44.25 -48.04 -22.76
N GLU L 240 -43.35 -47.10 -22.40
CA GLU L 240 -43.45 -46.31 -21.15
C GLU L 240 -44.57 -45.26 -21.26
N VAL L 241 -44.73 -44.59 -22.42
CA VAL L 241 -45.83 -43.60 -22.65
C VAL L 241 -47.16 -44.34 -22.60
N ILE L 242 -47.21 -45.58 -23.14
CA ILE L 242 -48.44 -46.43 -23.16
C ILE L 242 -48.86 -46.74 -21.72
N LYS L 243 -47.92 -47.10 -20.87
CA LYS L 243 -48.15 -47.41 -19.43
C LYS L 243 -48.80 -46.21 -18.73
N LEU L 244 -48.40 -44.96 -19.05
CA LEU L 244 -48.70 -43.72 -18.28
C LEU L 244 -50.02 -43.09 -18.72
N LYS L 245 -50.17 -42.83 -20.03
CA LYS L 245 -51.39 -42.22 -20.61
C LYS L 245 -52.22 -43.24 -21.39
N GLY L 246 -51.70 -44.43 -21.66
CA GLY L 246 -52.46 -45.55 -22.27
C GLY L 246 -52.26 -45.70 -23.76
N TYR L 247 -51.57 -44.75 -24.43
CA TYR L 247 -51.34 -44.72 -25.90
C TYR L 247 -50.39 -43.57 -26.27
N THR L 248 -49.92 -43.51 -27.51
CA THR L 248 -49.04 -42.43 -28.03
C THR L 248 -49.78 -41.73 -29.17
N SER L 249 -49.63 -40.44 -29.33
CA SER L 249 -50.41 -39.78 -30.40
C SER L 249 -49.68 -38.58 -30.99
N TRP L 250 -49.23 -37.65 -30.16
CA TRP L 250 -48.59 -36.37 -30.52
C TRP L 250 -47.31 -36.50 -31.33
N ALA L 251 -46.35 -37.25 -30.83
CA ALA L 251 -45.03 -37.49 -31.46
C ALA L 251 -45.21 -38.11 -32.85
N ILE L 252 -45.91 -39.26 -32.95
CA ILE L 252 -46.15 -39.98 -34.25
C ILE L 252 -46.87 -39.03 -35.22
N GLY L 253 -47.88 -38.31 -34.73
CA GLY L 253 -48.63 -37.27 -35.50
C GLY L 253 -47.71 -36.21 -36.09
N LEU L 254 -46.96 -35.51 -35.24
CA LEU L 254 -45.96 -34.50 -35.68
C LEU L 254 -45.00 -35.12 -36.71
N SER L 255 -44.62 -36.39 -36.56
CA SER L 255 -43.56 -37.05 -37.39
C SER L 255 -44.16 -37.51 -38.74
N VAL L 256 -45.42 -37.97 -38.78
CA VAL L 256 -46.14 -38.23 -40.06
C VAL L 256 -46.24 -36.93 -40.86
N ALA L 257 -46.53 -35.82 -40.19
CA ALA L 257 -46.71 -34.48 -40.80
C ALA L 257 -45.41 -34.01 -41.44
N ASP L 258 -44.27 -34.29 -40.81
CA ASP L 258 -42.95 -34.05 -41.43
C ASP L 258 -42.86 -34.83 -42.77
N LEU L 259 -43.34 -36.08 -42.79
CA LEU L 259 -43.36 -36.95 -44.00
C LEU L 259 -44.28 -36.34 -45.06
N ALA L 260 -45.52 -36.02 -44.70
CA ALA L 260 -46.53 -35.35 -45.56
C ALA L 260 -45.95 -34.05 -46.17
N GLU L 261 -45.33 -33.20 -45.37
CA GLU L 261 -44.67 -31.94 -45.83
C GLU L 261 -43.71 -32.24 -47.00
N SER L 262 -42.76 -33.16 -46.82
CA SER L 262 -41.74 -33.47 -47.86
C SER L 262 -42.46 -33.94 -49.14
N ILE L 263 -43.51 -34.75 -49.01
CA ILE L 263 -44.26 -35.27 -50.19
C ILE L 263 -44.94 -34.09 -50.91
N MET L 264 -45.78 -33.35 -50.20
CA MET L 264 -46.67 -32.32 -50.79
C MET L 264 -45.85 -31.15 -51.37
N LYS L 265 -44.69 -30.83 -50.81
CA LYS L 265 -43.86 -29.65 -51.21
C LYS L 265 -42.67 -30.06 -52.09
N ASN L 266 -42.47 -31.37 -52.27
CA ASN L 266 -41.48 -31.98 -53.21
C ASN L 266 -40.06 -31.61 -52.77
N LEU L 267 -39.79 -31.69 -51.47
CA LEU L 267 -38.57 -31.12 -50.87
C LEU L 267 -37.33 -31.96 -51.21
N ARG L 268 -37.49 -33.26 -51.40
CA ARG L 268 -36.37 -34.24 -51.54
C ARG L 268 -35.51 -34.20 -50.26
N ARG L 269 -36.16 -34.41 -49.10
CA ARG L 269 -35.49 -34.47 -47.78
C ARG L 269 -35.22 -35.95 -47.48
N VAL L 270 -34.07 -36.26 -46.89
CA VAL L 270 -33.70 -37.65 -46.50
C VAL L 270 -34.34 -37.96 -45.14
N HIS L 271 -35.27 -38.92 -45.14
CA HIS L 271 -36.00 -39.44 -43.96
C HIS L 271 -35.75 -40.93 -43.80
N PRO L 272 -35.61 -41.41 -42.54
CA PRO L 272 -35.51 -42.84 -42.27
C PRO L 272 -36.93 -43.39 -42.31
N ILE L 273 -37.37 -43.86 -43.48
CA ILE L 273 -38.74 -44.44 -43.70
C ILE L 273 -38.59 -45.84 -44.29
N SER L 274 -39.70 -46.58 -44.30
CA SER L 274 -39.78 -47.99 -44.78
C SER L 274 -40.07 -48.01 -46.28
N THR L 275 -39.05 -48.36 -47.07
CA THR L 275 -39.14 -48.58 -48.53
C THR L 275 -38.98 -50.09 -48.79
N MET L 276 -39.41 -50.56 -49.96
CA MET L 276 -39.21 -51.94 -50.46
C MET L 276 -37.77 -52.04 -51.00
N LEU L 277 -36.89 -52.82 -50.34
CA LEU L 277 -35.42 -52.78 -50.63
C LEU L 277 -34.85 -54.15 -51.01
N LYS L 278 -35.62 -55.02 -51.68
CA LYS L 278 -35.04 -56.09 -52.52
C LYS L 278 -34.05 -55.40 -53.47
N GLY L 279 -32.83 -55.91 -53.59
CA GLY L 279 -31.77 -55.35 -54.45
C GLY L 279 -30.66 -54.65 -53.67
N LEU L 280 -30.98 -54.08 -52.50
CA LEU L 280 -30.08 -53.18 -51.72
C LEU L 280 -29.81 -53.78 -50.33
N TYR L 281 -28.74 -53.31 -49.68
CA TYR L 281 -28.40 -53.66 -48.27
C TYR L 281 -28.31 -55.18 -48.14
N GLY L 282 -27.90 -55.84 -49.23
CA GLY L 282 -27.78 -57.31 -49.36
C GLY L 282 -29.06 -58.06 -49.00
N ILE L 283 -30.22 -57.45 -49.23
CA ILE L 283 -31.55 -58.08 -48.98
C ILE L 283 -32.02 -58.68 -50.31
N LYS L 284 -32.65 -59.86 -50.26
CA LYS L 284 -32.97 -60.69 -51.44
C LYS L 284 -34.47 -61.03 -51.49
N GLU L 285 -35.26 -60.63 -50.48
CA GLU L 285 -36.72 -60.89 -50.43
C GLU L 285 -37.48 -59.56 -50.48
N ASP L 286 -38.74 -59.63 -50.92
CA ASP L 286 -39.70 -58.50 -50.95
C ASP L 286 -40.02 -58.11 -49.48
N VAL L 287 -39.21 -57.27 -48.85
CA VAL L 287 -39.52 -56.75 -47.49
C VAL L 287 -39.33 -55.22 -47.45
N PHE L 288 -39.98 -54.58 -46.47
CA PHE L 288 -39.93 -53.14 -46.15
C PHE L 288 -39.14 -52.96 -44.85
N LEU L 289 -38.07 -52.16 -44.91
CA LEU L 289 -37.17 -51.82 -43.77
C LEU L 289 -36.79 -50.36 -43.87
N SER L 290 -36.51 -49.71 -42.75
CA SER L 290 -36.20 -48.26 -42.71
C SER L 290 -34.75 -48.05 -43.14
N VAL L 291 -34.55 -47.21 -44.14
CA VAL L 291 -33.23 -46.70 -44.62
C VAL L 291 -33.40 -45.23 -44.97
N PRO L 292 -32.34 -44.40 -44.95
CA PRO L 292 -32.48 -42.98 -45.29
C PRO L 292 -32.99 -42.88 -46.73
N CYS L 293 -34.24 -42.41 -46.90
CA CYS L 293 -34.96 -42.38 -48.21
C CYS L 293 -35.19 -40.93 -48.65
N VAL L 294 -34.87 -40.59 -49.91
CA VAL L 294 -35.16 -39.23 -50.49
C VAL L 294 -36.66 -39.14 -50.82
N LEU L 295 -37.38 -38.19 -50.20
CA LEU L 295 -38.86 -38.14 -50.21
C LEU L 295 -39.33 -36.88 -50.93
N GLY L 296 -40.21 -37.04 -51.93
CA GLY L 296 -40.69 -35.95 -52.80
C GLY L 296 -42.10 -36.19 -53.28
N GLN L 297 -42.48 -35.61 -54.43
CA GLN L 297 -43.89 -35.62 -54.90
C GLN L 297 -44.28 -36.99 -55.48
N ASN L 298 -43.33 -37.77 -56.00
CA ASN L 298 -43.58 -39.14 -56.52
C ASN L 298 -43.17 -40.18 -55.46
N GLY L 299 -42.86 -39.73 -54.24
CA GLY L 299 -42.63 -40.56 -53.05
C GLY L 299 -41.15 -40.74 -52.81
N ILE L 300 -40.71 -41.98 -52.63
CA ILE L 300 -39.28 -42.34 -52.47
C ILE L 300 -38.73 -42.53 -53.89
N SER L 301 -37.82 -41.65 -54.31
CA SER L 301 -37.20 -41.62 -55.66
C SER L 301 -35.79 -42.23 -55.63
N ASP L 302 -35.12 -42.19 -54.48
CA ASP L 302 -33.73 -42.69 -54.26
C ASP L 302 -33.60 -43.16 -52.81
N VAL L 303 -32.60 -44.02 -52.52
CA VAL L 303 -32.21 -44.41 -51.13
C VAL L 303 -30.71 -44.12 -50.96
N VAL L 304 -30.32 -43.47 -49.84
CA VAL L 304 -28.89 -43.35 -49.42
C VAL L 304 -28.44 -44.76 -49.07
N LYS L 305 -27.19 -45.08 -49.41
CA LYS L 305 -26.53 -46.38 -49.07
C LYS L 305 -25.62 -46.10 -47.86
N VAL L 306 -26.05 -46.50 -46.66
CA VAL L 306 -25.27 -46.30 -45.41
C VAL L 306 -24.26 -47.44 -45.33
N THR L 307 -23.00 -47.11 -45.00
CA THR L 307 -21.92 -48.08 -44.71
C THR L 307 -22.21 -48.66 -43.32
N LEU L 308 -22.43 -49.97 -43.23
CA LEU L 308 -22.79 -50.67 -41.97
C LEU L 308 -21.61 -51.55 -41.52
N THR L 309 -21.47 -51.74 -40.21
CA THR L 309 -20.61 -52.79 -39.59
C THR L 309 -21.12 -54.16 -40.09
N SER L 310 -20.24 -55.15 -40.19
CA SER L 310 -20.52 -56.60 -40.27
C SER L 310 -21.84 -56.95 -39.56
N GLU L 311 -21.95 -56.53 -38.30
CA GLU L 311 -23.00 -56.95 -37.32
C GLU L 311 -24.35 -56.29 -37.66
N GLU L 312 -24.34 -54.98 -37.98
CA GLU L 312 -25.53 -54.19 -38.40
C GLU L 312 -26.16 -54.84 -39.64
N GLU L 313 -25.36 -55.10 -40.67
CA GLU L 313 -25.75 -55.87 -41.88
C GLU L 313 -26.48 -57.16 -41.48
N ALA L 314 -25.96 -57.91 -40.50
CA ALA L 314 -26.51 -59.19 -40.04
C ALA L 314 -27.90 -58.97 -39.41
N HIS L 315 -28.08 -57.87 -38.69
CA HIS L 315 -29.37 -57.48 -38.05
C HIS L 315 -30.41 -57.17 -39.13
N LEU L 316 -30.06 -56.38 -40.15
CA LEU L 316 -30.96 -56.08 -41.29
C LEU L 316 -31.39 -57.39 -41.98
N LYS L 317 -30.44 -58.27 -42.27
CA LYS L 317 -30.70 -59.58 -42.93
C LYS L 317 -31.59 -60.41 -42.01
N LYS L 318 -31.26 -60.49 -40.71
CA LYS L 318 -32.05 -61.29 -39.74
C LYS L 318 -33.51 -60.81 -39.80
N SER L 319 -33.72 -59.49 -39.66
CA SER L 319 -35.03 -58.81 -39.74
C SER L 319 -35.75 -59.15 -41.06
N ALA L 320 -35.05 -59.06 -42.20
CA ALA L 320 -35.60 -59.43 -43.52
C ALA L 320 -36.07 -60.88 -43.49
N ASP L 321 -35.31 -61.79 -42.86
CA ASP L 321 -35.72 -63.22 -42.71
C ASP L 321 -37.07 -63.24 -41.99
N THR L 322 -37.10 -62.78 -40.73
CA THR L 322 -38.27 -62.97 -39.81
C THR L 322 -39.50 -62.31 -40.45
N LEU L 323 -39.30 -61.18 -41.15
CA LEU L 323 -40.39 -60.45 -41.84
C LEU L 323 -40.97 -61.35 -42.94
N TRP L 324 -40.12 -61.78 -43.89
CA TRP L 324 -40.51 -62.71 -44.99
C TRP L 324 -41.02 -64.01 -44.39
N GLY L 325 -40.28 -64.57 -43.42
CA GLY L 325 -40.77 -65.70 -42.59
C GLY L 325 -42.24 -65.53 -42.28
N ILE L 326 -42.61 -64.35 -41.78
CA ILE L 326 -43.99 -64.00 -41.34
C ILE L 326 -44.91 -63.81 -42.55
N GLN L 327 -44.46 -63.05 -43.55
CA GLN L 327 -45.28 -62.64 -44.73
C GLN L 327 -45.74 -63.89 -45.49
N LYS L 328 -44.84 -64.87 -45.68
CA LYS L 328 -45.09 -66.18 -46.35
C LYS L 328 -46.41 -66.83 -45.86
N GLU L 329 -46.68 -66.82 -44.56
CA GLU L 329 -47.83 -67.55 -43.95
C GLU L 329 -49.12 -66.70 -43.97
N LEU L 330 -49.16 -65.59 -44.72
CA LEU L 330 -50.32 -64.64 -44.77
C LEU L 330 -51.24 -64.97 -45.95
N GLN L 331 -52.53 -65.14 -45.65
CA GLN L 331 -53.63 -65.35 -46.63
C GLN L 331 -54.08 -63.98 -47.18
N PHE L 332 -53.60 -63.63 -48.38
CA PHE L 332 -54.11 -62.49 -49.19
C PHE L 332 -55.37 -62.96 -49.93
N ALA M 2 -28.83 24.30 46.78
CA ALA M 2 -28.58 25.78 46.86
C ALA M 2 -27.41 26.13 45.93
N ALA M 3 -26.68 27.22 46.25
CA ALA M 3 -25.48 27.69 45.51
C ALA M 3 -24.41 26.58 45.45
N LEU M 4 -23.61 26.56 44.37
CA LEU M 4 -22.46 25.65 44.16
C LEU M 4 -21.43 25.89 45.27
N LYS M 5 -21.23 27.15 45.66
CA LYS M 5 -20.24 27.52 46.69
C LYS M 5 -20.58 26.80 48.00
N ASP M 6 -21.86 26.65 48.33
CA ASP M 6 -22.34 26.03 49.61
C ASP M 6 -22.27 24.51 49.52
N GLN M 7 -22.51 23.93 48.34
CA GLN M 7 -22.42 22.46 48.09
C GLN M 7 -20.96 22.02 48.23
N LEU M 8 -20.03 22.91 47.87
CA LEU M 8 -18.58 22.63 47.73
C LEU M 8 -17.84 22.98 49.03
N ILE M 9 -18.19 24.12 49.63
CA ILE M 9 -17.37 24.78 50.68
C ILE M 9 -18.26 25.05 51.88
N HIS M 10 -17.91 24.45 53.02
CA HIS M 10 -18.48 24.78 54.35
C HIS M 10 -17.64 25.89 54.98
N ASN M 11 -18.18 27.09 55.08
CA ASN M 11 -17.49 28.22 55.75
C ASN M 11 -17.36 27.85 57.22
N LEU M 12 -16.27 28.25 57.88
CA LEU M 12 -16.02 27.98 59.32
C LEU M 12 -15.65 29.26 60.07
N LEU M 13 -15.56 30.42 59.38
CA LEU M 13 -14.96 31.65 59.94
C LEU M 13 -15.42 32.91 59.19
N LYS M 14 -15.82 33.95 59.95
CA LYS M 14 -16.01 35.37 59.52
C LYS M 14 -14.71 35.92 58.94
N GLU M 15 -14.76 36.67 57.83
CA GLU M 15 -13.56 37.15 57.09
C GLU M 15 -13.09 38.52 57.64
N GLU M 16 -12.53 38.47 58.86
CA GLU M 16 -11.81 39.53 59.60
C GLU M 16 -10.54 39.96 58.85
N HIS M 17 -10.69 40.53 57.66
CA HIS M 17 -9.56 40.80 56.73
C HIS M 17 -9.13 42.26 56.82
N VAL M 18 -8.18 42.56 57.71
CA VAL M 18 -7.26 43.75 57.60
C VAL M 18 -5.90 43.21 57.17
N PRO M 19 -5.29 43.78 56.11
CA PRO M 19 -4.09 43.18 55.51
C PRO M 19 -2.81 43.42 56.33
N GLN M 20 -1.87 42.47 56.29
CA GLN M 20 -0.65 42.44 57.15
C GLN M 20 0.58 43.01 56.42
N ASN M 21 0.66 42.91 55.08
CA ASN M 21 1.88 43.28 54.30
C ASN M 21 1.46 43.94 53.00
N LYS M 22 0.65 45.02 53.12
CA LYS M 22 0.03 45.75 52.00
C LYS M 22 1.02 46.80 51.48
N ILE M 23 1.16 46.85 50.16
CA ILE M 23 1.88 47.93 49.44
C ILE M 23 0.84 48.63 48.56
N THR M 24 0.96 49.95 48.46
CA THR M 24 0.22 50.77 47.47
C THR M 24 1.20 51.33 46.44
N VAL M 25 0.84 51.29 45.17
CA VAL M 25 1.47 52.18 44.15
C VAL M 25 0.46 53.25 43.75
N VAL M 26 0.86 54.51 43.91
CA VAL M 26 0.13 55.69 43.41
C VAL M 26 0.71 56.06 42.04
N GLY M 27 -0.15 55.99 41.02
CA GLY M 27 0.19 56.29 39.62
C GLY M 27 0.47 55.00 38.90
N VAL M 28 -0.24 54.76 37.79
CA VAL M 28 -0.29 53.50 37.00
C VAL M 28 0.19 53.80 35.57
N GLY M 29 1.12 54.74 35.46
CA GLY M 29 1.91 54.96 34.24
C GLY M 29 3.05 53.96 34.20
N ALA M 30 3.94 54.11 33.24
CA ALA M 30 5.01 53.14 32.93
C ALA M 30 5.78 52.83 34.21
N VAL M 31 6.17 53.87 34.94
CA VAL M 31 7.00 53.71 36.17
C VAL M 31 6.21 52.90 37.22
N GLY M 32 4.98 53.31 37.51
CA GLY M 32 4.11 52.64 38.48
C GLY M 32 3.88 51.19 38.17
N MET M 33 3.57 50.86 36.91
CA MET M 33 3.25 49.48 36.48
C MET M 33 4.48 48.56 36.55
N ALA M 34 5.69 49.12 36.43
CA ALA M 34 6.98 48.40 36.53
C ALA M 34 7.35 48.17 38.00
N CYS M 35 7.04 49.15 38.87
CA CYS M 35 7.16 49.01 40.34
C CYS M 35 6.24 47.84 40.76
N ALA M 36 5.02 47.85 40.22
CA ALA M 36 3.95 46.86 40.51
C ALA M 36 4.40 45.44 40.15
N ILE M 37 4.79 45.20 38.88
CA ILE M 37 5.14 43.83 38.41
C ILE M 37 6.40 43.37 39.16
N SER M 38 7.39 44.23 39.38
CA SER M 38 8.62 43.91 40.16
C SER M 38 8.22 43.52 41.59
N ILE M 39 7.37 44.32 42.24
CA ILE M 39 6.88 44.02 43.61
C ILE M 39 6.11 42.70 43.56
N LEU M 40 5.26 42.49 42.55
CA LEU M 40 4.43 41.25 42.45
C LEU M 40 5.34 40.03 42.25
N MET M 41 6.34 40.12 41.39
CA MET M 41 7.16 38.94 41.04
C MET M 41 8.30 38.72 42.06
N LYS M 42 8.45 39.57 43.08
CA LYS M 42 9.38 39.33 44.21
C LYS M 42 8.63 38.92 45.51
N ASP M 43 7.30 38.75 45.47
CA ASP M 43 6.48 38.28 46.63
C ASP M 43 6.76 39.14 47.88
N LEU M 44 6.66 40.47 47.80
CA LEU M 44 6.94 41.37 48.95
C LEU M 44 5.64 41.67 49.70
N ALA M 45 4.50 41.38 49.11
CA ALA M 45 3.17 41.83 49.61
C ALA M 45 2.10 40.72 49.47
N ASP M 46 1.12 40.74 50.38
CA ASP M 46 -0.09 39.88 50.42
C ASP M 46 -1.28 40.63 49.79
N GLU M 47 -1.21 41.95 49.74
CA GLU M 47 -2.22 42.78 49.02
C GLU M 47 -1.47 43.92 48.36
N LEU M 48 -1.83 44.21 47.11
CA LEU M 48 -1.32 45.38 46.36
C LEU M 48 -2.51 46.25 45.95
N ALA M 49 -2.48 47.53 46.30
CA ALA M 49 -3.44 48.55 45.82
C ALA M 49 -2.80 49.40 44.75
N LEU M 50 -3.55 49.72 43.68
CA LEU M 50 -3.18 50.77 42.70
C LEU M 50 -4.12 51.98 42.81
N VAL M 51 -3.58 53.20 42.75
CA VAL M 51 -4.41 54.44 42.65
C VAL M 51 -3.88 55.36 41.56
N ASP M 52 -4.79 55.89 40.72
CA ASP M 52 -4.53 56.92 39.69
C ASP M 52 -5.87 57.53 39.28
N VAL M 53 -5.84 58.75 38.74
CA VAL M 53 -7.05 59.57 38.42
C VAL M 53 -7.72 59.05 37.13
N MET M 54 -7.00 58.29 36.30
CA MET M 54 -7.56 57.71 35.05
C MET M 54 -8.27 56.38 35.41
N GLU M 55 -9.60 56.42 35.57
CA GLU M 55 -10.41 55.27 36.07
C GLU M 55 -10.33 54.12 35.05
N ASP M 56 -10.55 54.42 33.77
CA ASP M 56 -10.53 53.41 32.68
C ASP M 56 -9.17 52.71 32.70
N LYS M 57 -8.10 53.49 32.63
CA LYS M 57 -6.69 53.02 32.55
C LYS M 57 -6.38 52.17 33.78
N LEU M 58 -6.65 52.73 34.97
CA LEU M 58 -6.43 52.11 36.29
C LEU M 58 -7.09 50.72 36.34
N LYS M 59 -8.36 50.61 36.01
CA LYS M 59 -9.12 49.35 36.15
C LYS M 59 -8.56 48.31 35.16
N GLY M 60 -8.07 48.76 34.02
CA GLY M 60 -7.45 47.88 33.00
C GLY M 60 -6.18 47.27 33.55
N GLU M 61 -5.34 48.09 34.17
CA GLU M 61 -4.03 47.66 34.74
C GLU M 61 -4.31 46.62 35.84
N MET M 62 -5.20 46.95 36.78
CA MET M 62 -5.69 46.02 37.83
C MET M 62 -6.11 44.70 37.20
N MET M 63 -6.93 44.74 36.14
CA MET M 63 -7.59 43.54 35.55
C MET M 63 -6.53 42.64 34.92
N ASP M 64 -5.54 43.23 34.24
CA ASP M 64 -4.42 42.52 33.59
C ASP M 64 -3.57 41.84 34.68
N LEU M 65 -3.10 42.57 35.70
CA LEU M 65 -2.38 41.99 36.86
C LEU M 65 -3.22 40.82 37.45
N GLN M 66 -4.51 41.05 37.74
CA GLN M 66 -5.39 40.02 38.38
C GLN M 66 -5.47 38.77 37.51
N HIS M 67 -5.48 38.89 36.16
CA HIS M 67 -5.59 37.74 35.23
C HIS M 67 -4.32 36.90 35.29
N GLY M 68 -3.27 37.42 35.92
CA GLY M 68 -2.01 36.69 36.15
C GLY M 68 -1.90 36.05 37.54
N SER M 69 -3.00 36.07 38.32
CA SER M 69 -3.02 35.64 39.75
C SER M 69 -2.41 34.24 39.90
N LEU M 70 -2.67 33.33 38.96
CA LEU M 70 -2.22 31.90 38.97
C LEU M 70 -0.68 31.83 39.06
N PHE M 71 0.04 32.72 38.39
CA PHE M 71 1.52 32.71 38.33
C PHE M 71 2.11 33.61 39.41
N LEU M 72 1.30 34.17 40.30
CA LEU M 72 1.77 35.10 41.35
C LEU M 72 1.42 34.50 42.71
N ARG M 73 1.84 35.18 43.78
CA ARG M 73 1.77 34.74 45.20
C ARG M 73 1.20 35.89 46.02
N THR M 74 0.47 36.80 45.37
CA THR M 74 -0.18 37.99 45.97
C THR M 74 -1.67 37.82 45.76
N PRO M 75 -2.42 37.32 46.78
CA PRO M 75 -3.80 36.89 46.57
C PRO M 75 -4.84 37.99 46.38
N LYS M 76 -4.52 39.26 46.69
CA LYS M 76 -5.45 40.42 46.53
C LYS M 76 -4.75 41.55 45.78
N ILE M 77 -5.29 41.90 44.61
CA ILE M 77 -4.92 43.13 43.84
C ILE M 77 -6.18 43.98 43.74
N VAL M 78 -6.13 45.20 44.25
CA VAL M 78 -7.29 46.15 44.28
C VAL M 78 -6.88 47.49 43.64
N SER M 79 -7.85 48.20 43.09
CA SER M 79 -7.69 49.59 42.60
C SER M 79 -8.98 50.37 42.81
N GLY M 80 -8.85 51.70 42.93
CA GLY M 80 -9.94 52.66 42.75
C GLY M 80 -9.40 54.07 42.75
N LYS M 81 -10.19 55.02 42.25
CA LYS M 81 -9.93 56.49 42.36
C LYS M 81 -9.88 56.87 43.85
N ASP M 82 -10.68 56.21 44.69
CA ASP M 82 -10.85 56.50 46.13
C ASP M 82 -9.63 55.99 46.92
N TYR M 83 -9.02 56.81 47.76
CA TYR M 83 -7.83 56.44 48.57
C TYR M 83 -8.21 55.52 49.74
N SER M 84 -9.48 55.10 49.83
CA SER M 84 -9.95 54.08 50.81
C SER M 84 -9.37 52.70 50.46
N VAL M 85 -8.93 52.48 49.23
CA VAL M 85 -8.34 51.17 48.82
C VAL M 85 -6.87 51.08 49.24
N THR M 86 -6.28 52.16 49.78
CA THR M 86 -4.86 52.21 50.22
C THR M 86 -4.73 51.95 51.72
N ALA M 87 -5.84 51.79 52.45
CA ALA M 87 -5.85 51.71 53.92
C ALA M 87 -5.00 50.54 54.42
N ASN M 88 -4.19 50.80 55.45
CA ASN M 88 -3.38 49.79 56.21
C ASN M 88 -2.12 49.41 55.43
N SER M 89 -1.69 50.23 54.47
CA SER M 89 -0.43 50.02 53.70
C SER M 89 0.77 50.15 54.64
N LYS M 90 1.67 49.16 54.62
CA LYS M 90 2.99 49.27 55.30
C LYS M 90 3.83 50.28 54.51
N LEU M 91 3.64 50.35 53.20
CA LEU M 91 4.46 51.18 52.29
C LEU M 91 3.58 51.76 51.18
N VAL M 92 3.73 53.07 50.90
CA VAL M 92 3.00 53.76 49.80
C VAL M 92 4.03 54.41 48.87
N ILE M 93 3.97 54.05 47.58
CA ILE M 93 4.95 54.43 46.54
C ILE M 93 4.31 55.45 45.61
N ILE M 94 4.83 56.67 45.58
CA ILE M 94 4.33 57.80 44.76
C ILE M 94 5.15 57.93 43.47
N THR M 95 4.54 57.52 42.34
CA THR M 95 5.07 57.69 40.97
C THR M 95 4.27 58.77 40.22
N ALA M 96 3.12 59.18 40.77
CA ALA M 96 2.20 60.14 40.12
C ALA M 96 2.77 61.57 40.16
N GLY M 97 2.45 62.36 39.15
CA GLY M 97 2.76 63.80 39.11
C GLY M 97 2.11 64.53 37.95
N ALA M 98 2.43 65.81 37.84
CA ALA M 98 1.87 66.78 36.86
C ALA M 98 2.19 66.30 35.45
N ARG M 99 1.17 66.11 34.61
CA ARG M 99 1.30 65.93 33.14
C ARG M 99 1.93 67.20 32.59
N GLN M 100 3.16 67.12 32.05
CA GLN M 100 3.95 68.32 31.66
C GLN M 100 3.17 69.06 30.55
N GLN M 101 3.06 70.37 30.73
CA GLN M 101 2.66 71.35 29.68
C GLN M 101 3.96 71.91 29.13
N GLU M 102 3.87 72.68 28.05
CA GLU M 102 5.07 73.22 27.37
C GLU M 102 5.03 74.74 27.35
N GLY M 103 6.17 75.36 27.05
CA GLY M 103 6.45 76.77 27.37
C GLY M 103 6.31 77.02 28.85
N GLU M 104 6.48 75.98 29.68
CA GLU M 104 6.25 76.04 31.15
C GLU M 104 7.61 76.04 31.85
N SER M 105 7.76 76.89 32.88
CA SER M 105 9.00 77.05 33.69
C SER M 105 9.13 75.92 34.72
N ARG M 106 10.33 75.74 35.27
CA ARG M 106 10.64 74.72 36.31
C ARG M 106 9.73 74.95 37.53
N LEU M 107 9.70 76.18 38.04
CA LEU M 107 8.96 76.52 39.29
C LEU M 107 7.48 76.17 39.11
N ASN M 108 6.87 76.60 38.00
CA ASN M 108 5.43 76.39 37.72
C ASN M 108 5.12 74.89 37.68
N LEU M 109 6.01 74.03 37.17
CA LEU M 109 5.74 72.57 37.02
C LEU M 109 5.84 71.87 38.38
N VAL M 110 6.78 72.32 39.22
CA VAL M 110 7.00 71.76 40.58
C VAL M 110 5.85 72.22 41.49
N GLN M 111 5.36 73.45 41.30
CA GLN M 111 4.20 74.00 42.06
C GLN M 111 2.95 73.22 41.67
N ARG M 112 2.83 72.89 40.38
CA ARG M 112 1.66 72.17 39.81
C ARG M 112 1.63 70.75 40.39
N ASN M 113 2.81 70.19 40.68
CA ASN M 113 3.00 68.88 41.38
C ASN M 113 2.65 69.05 42.86
N VAL M 114 3.24 70.05 43.51
CA VAL M 114 2.95 70.38 44.93
C VAL M 114 1.42 70.35 45.09
N ASN M 115 0.67 70.88 44.11
CA ASN M 115 -0.81 70.98 44.15
C ASN M 115 -1.41 69.59 43.95
N ILE M 116 -0.76 68.71 43.20
CA ILE M 116 -1.24 67.30 43.05
C ILE M 116 -0.93 66.58 44.37
N PHE M 117 0.22 66.86 45.00
CA PHE M 117 0.66 66.17 46.24
C PHE M 117 -0.23 66.61 47.41
N LYS M 118 -0.76 67.82 47.33
CA LYS M 118 -1.62 68.38 48.40
C LYS M 118 -2.94 67.60 48.44
N PHE M 119 -3.38 67.01 47.32
CA PHE M 119 -4.50 66.04 47.26
C PHE M 119 -3.99 64.66 47.74
N ILE M 120 -2.92 64.15 47.11
CA ILE M 120 -2.44 62.75 47.31
C ILE M 120 -2.03 62.53 48.78
N ILE M 121 -1.03 63.25 49.29
CA ILE M 121 -0.32 62.89 50.54
C ILE M 121 -1.31 62.81 51.70
N PRO M 122 -2.22 63.80 51.92
CA PRO M 122 -3.15 63.71 53.05
C PRO M 122 -4.12 62.52 52.95
N ASN M 123 -4.54 62.18 51.74
CA ASN M 123 -5.41 60.99 51.49
C ASN M 123 -4.63 59.71 51.85
N VAL M 124 -3.34 59.65 51.51
CA VAL M 124 -2.43 58.52 51.87
C VAL M 124 -2.29 58.46 53.39
N VAL M 125 -2.05 59.60 54.04
CA VAL M 125 -1.84 59.68 55.53
C VAL M 125 -3.14 59.33 56.27
N LYS M 126 -4.30 59.65 55.68
CA LYS M 126 -5.62 59.44 56.29
C LYS M 126 -5.83 57.94 56.55
N TYR M 127 -5.59 57.13 55.52
CA TYR M 127 -5.93 55.70 55.48
C TYR M 127 -4.74 54.84 55.97
N SER M 128 -3.51 55.36 55.93
CA SER M 128 -2.28 54.61 56.35
C SER M 128 -1.36 55.51 57.16
N PRO M 129 -1.79 55.95 58.36
CA PRO M 129 -1.01 56.92 59.14
C PRO M 129 0.37 56.44 59.63
N HIS M 130 0.61 55.12 59.66
CA HIS M 130 1.89 54.52 60.12
C HIS M 130 2.69 53.97 58.92
N CYS M 131 2.32 54.31 57.68
CA CYS M 131 2.97 53.79 56.44
C CYS M 131 4.36 54.44 56.26
N LYS M 132 5.18 53.86 55.38
CA LYS M 132 6.37 54.54 54.81
C LYS M 132 5.96 55.15 53.47
N LEU M 133 6.44 56.36 53.18
CA LEU M 133 6.30 57.05 51.87
C LEU M 133 7.61 56.86 51.12
N LEU M 134 7.52 56.20 49.95
CA LEU M 134 8.61 56.15 48.95
C LEU M 134 8.22 56.98 47.73
N VAL M 135 8.81 58.17 47.60
CA VAL M 135 8.56 59.09 46.45
C VAL M 135 9.49 58.78 45.28
N VAL M 136 8.91 58.51 44.12
CA VAL M 136 9.63 58.17 42.86
C VAL M 136 9.45 59.35 41.87
N SER M 137 8.31 60.05 41.96
CA SER M 137 7.95 61.22 41.12
C SER M 137 9.10 62.23 41.05
N ASN M 138 9.34 62.80 39.86
CA ASN M 138 10.40 63.81 39.60
C ASN M 138 9.82 65.22 39.51
N PRO M 139 10.50 66.25 40.07
CA PRO M 139 11.85 66.11 40.61
C PRO M 139 11.89 65.48 42.01
N VAL M 140 12.51 64.30 42.10
CA VAL M 140 12.34 63.35 43.23
C VAL M 140 12.82 64.00 44.53
N ASP M 141 13.90 64.77 44.53
CA ASP M 141 14.48 65.33 45.77
C ASP M 141 13.58 66.46 46.31
N ILE M 142 13.10 67.37 45.44
CA ILE M 142 12.14 68.43 45.83
C ILE M 142 10.81 67.77 46.23
N LEU M 143 10.29 66.83 45.43
CA LEU M 143 8.96 66.21 45.68
C LEU M 143 8.97 65.34 46.95
N THR M 144 10.12 64.79 47.37
CA THR M 144 10.22 64.02 48.64
C THR M 144 10.06 65.02 49.80
N TYR M 145 10.70 66.20 49.72
CA TYR M 145 10.56 67.32 50.68
C TYR M 145 9.08 67.75 50.81
N VAL M 146 8.41 67.89 49.66
CA VAL M 146 6.97 68.27 49.58
C VAL M 146 6.14 67.20 50.32
N ALA M 147 6.34 65.92 49.99
CA ALA M 147 5.62 64.78 50.63
C ALA M 147 5.86 64.74 52.16
N TRP M 148 7.06 65.13 52.61
CA TRP M 148 7.49 65.15 54.04
C TRP M 148 6.87 66.30 54.84
N LYS M 149 6.90 67.53 54.30
CA LYS M 149 6.26 68.73 54.92
C LYS M 149 4.76 68.44 55.07
N ILE M 150 4.11 67.98 53.99
CA ILE M 150 2.62 67.80 53.89
C ILE M 150 2.17 66.70 54.85
N SER M 151 2.73 65.50 54.72
CA SER M 151 2.33 64.31 55.54
C SER M 151 2.48 64.64 57.03
N GLY M 152 3.51 65.41 57.38
CA GLY M 152 3.92 65.70 58.76
C GLY M 152 4.50 64.48 59.44
N PHE M 153 4.86 63.45 58.66
CA PHE M 153 5.55 62.22 59.13
C PHE M 153 6.95 62.61 59.56
N PRO M 154 7.59 61.86 60.48
CA PRO M 154 9.00 62.08 60.81
C PRO M 154 9.92 61.54 59.69
N LYS M 155 11.10 62.13 59.52
CA LYS M 155 11.99 61.98 58.33
C LYS M 155 12.30 60.50 58.04
N ASN M 156 12.30 59.65 59.07
CA ASN M 156 12.65 58.21 58.97
C ASN M 156 11.67 57.49 58.02
N ARG M 157 10.46 58.02 57.85
CA ARG M 157 9.36 57.34 57.11
C ARG M 157 9.07 58.00 55.76
N VAL M 158 9.96 58.86 55.29
CA VAL M 158 9.81 59.55 53.97
C VAL M 158 11.12 59.39 53.22
N ILE M 159 11.12 58.53 52.22
CA ILE M 159 12.31 58.15 51.41
C ILE M 159 12.10 58.69 49.99
N GLY M 160 13.16 59.28 49.43
CA GLY M 160 13.26 59.51 47.98
C GLY M 160 13.97 58.34 47.30
N SER M 161 13.43 57.90 46.16
CA SER M 161 14.17 57.05 45.18
C SER M 161 15.62 57.53 45.10
N GLY M 162 15.81 58.85 45.05
CA GLY M 162 17.14 59.49 44.96
C GLY M 162 17.97 58.90 43.84
N CYS M 163 19.18 58.44 44.19
CA CYS M 163 20.22 57.93 43.27
C CYS M 163 20.30 56.41 43.35
N ASN M 164 19.28 55.74 43.88
CA ASN M 164 19.31 54.25 43.96
C ASN M 164 19.56 53.75 42.54
N LEU M 165 18.78 54.20 41.55
CA LEU M 165 18.92 53.69 40.15
C LEU M 165 20.21 54.24 39.54
N ASP M 166 20.62 55.45 39.95
CA ASP M 166 21.86 56.13 39.45
C ASP M 166 23.09 55.28 39.81
N SER M 167 23.11 54.74 41.03
CA SER M 167 24.22 53.90 41.51
C SER M 167 24.21 52.55 40.79
N ALA M 168 23.04 51.93 40.61
CA ALA M 168 22.82 50.65 39.88
C ALA M 168 23.27 50.75 38.42
N ARG M 169 22.94 51.86 37.74
CA ARG M 169 23.39 52.14 36.35
C ARG M 169 24.92 52.18 36.35
N PHE M 170 25.53 52.96 37.26
CA PHE M 170 27.00 53.12 37.39
C PHE M 170 27.67 51.75 37.54
N ARG M 171 27.08 50.85 38.33
CA ARG M 171 27.70 49.54 38.66
C ARG M 171 27.55 48.65 37.44
N TYR M 172 26.40 48.70 36.77
CA TYR M 172 26.23 48.04 35.45
C TYR M 172 27.40 48.43 34.54
N LEU M 173 27.73 49.72 34.48
CA LEU M 173 28.78 50.27 33.57
C LEU M 173 30.17 49.88 34.11
N MET M 174 30.35 49.95 35.41
CA MET M 174 31.58 49.49 36.08
C MET M 174 31.82 48.04 35.65
N GLY M 175 30.81 47.18 35.83
CA GLY M 175 30.74 45.77 35.40
C GLY M 175 31.12 45.53 33.94
N GLU M 176 30.52 46.26 32.98
CA GLU M 176 30.78 46.02 31.53
C GLU M 176 32.24 46.37 31.19
N ARG M 177 32.89 47.28 31.93
CA ARG M 177 34.30 47.67 31.64
C ARG M 177 35.26 46.62 32.18
N LEU M 178 35.06 46.17 33.42
CA LEU M 178 35.94 45.21 34.14
C LEU M 178 35.59 43.76 33.81
N GLY M 179 34.53 43.51 33.01
CA GLY M 179 34.01 42.18 32.66
C GLY M 179 33.66 41.34 33.88
N VAL M 180 33.09 41.93 34.93
CA VAL M 180 32.52 41.18 36.09
C VAL M 180 31.08 41.68 36.31
N HIS M 181 30.33 41.00 37.16
CA HIS M 181 28.88 41.29 37.35
C HIS M 181 28.72 42.57 38.18
N ALA M 182 27.72 43.39 37.84
CA ALA M 182 27.37 44.61 38.59
C ALA M 182 27.37 44.28 40.09
N LEU M 183 27.00 43.06 40.47
CA LEU M 183 26.85 42.66 41.90
C LEU M 183 28.19 42.78 42.58
N SER M 184 29.29 42.54 41.85
CA SER M 184 30.66 42.47 42.41
C SER M 184 31.42 43.78 42.17
N CYS M 185 30.79 44.76 41.51
CA CYS M 185 31.34 46.12 41.26
C CYS M 185 30.63 47.14 42.14
N HIS M 186 31.39 47.80 43.03
CA HIS M 186 30.85 48.72 44.04
C HIS M 186 31.26 50.16 43.72
N GLY M 187 30.35 51.10 43.97
CA GLY M 187 30.48 52.52 43.63
C GLY M 187 29.19 53.26 43.95
N TRP M 188 29.31 54.51 44.40
CA TRP M 188 28.17 55.29 44.97
C TRP M 188 28.02 56.64 44.26
N ILE M 189 26.88 56.85 43.62
CA ILE M 189 26.40 58.17 43.11
C ILE M 189 25.47 58.75 44.17
N LEU M 190 25.89 59.84 44.84
CA LEU M 190 25.18 60.51 45.96
C LEU M 190 24.69 61.90 45.53
N GLY M 191 23.91 62.54 46.38
CA GLY M 191 23.45 63.93 46.22
C GLY M 191 22.16 64.03 45.42
N GLU M 192 22.15 64.90 44.41
CA GLU M 192 20.95 65.22 43.62
C GLU M 192 20.86 64.19 42.49
N HIS M 193 19.73 63.49 42.36
CA HIS M 193 19.45 62.55 41.23
C HIS M 193 19.43 63.32 39.90
N GLY M 194 19.96 62.72 38.84
CA GLY M 194 20.10 63.38 37.52
C GLY M 194 21.45 64.05 37.34
N ASP M 195 21.46 65.35 37.01
CA ASP M 195 22.64 66.04 36.42
C ASP M 195 23.70 66.38 37.48
N SER M 196 23.29 66.88 38.65
CA SER M 196 24.20 67.38 39.72
C SER M 196 24.68 66.24 40.63
N SER M 197 24.38 64.98 40.28
CA SER M 197 24.80 63.79 41.08
C SER M 197 26.32 63.77 41.25
N VAL M 198 26.80 63.29 42.41
CA VAL M 198 28.24 63.25 42.76
C VAL M 198 28.71 61.81 42.77
N PRO M 199 29.65 61.41 41.89
CA PRO M 199 30.30 60.11 41.99
C PRO M 199 31.44 60.17 43.02
N VAL M 200 31.44 59.23 43.96
CA VAL M 200 32.41 59.14 45.10
C VAL M 200 33.52 58.18 44.67
N TRP M 201 34.49 58.69 43.91
CA TRP M 201 35.56 57.88 43.28
C TRP M 201 36.30 57.13 44.39
N SER M 202 36.43 57.79 45.54
CA SER M 202 37.07 57.27 46.78
C SER M 202 36.74 55.78 47.03
N GLY M 203 35.48 55.36 46.87
CA GLY M 203 35.00 54.04 47.33
C GLY M 203 34.61 53.10 46.20
N MET M 204 34.94 53.47 44.96
CA MET M 204 34.81 52.55 43.80
C MET M 204 35.87 51.47 43.96
N ASN M 205 35.45 50.21 43.85
CA ASN M 205 36.30 49.04 44.16
C ASN M 205 35.63 47.77 43.64
N VAL M 206 36.44 46.74 43.43
CA VAL M 206 36.04 45.30 43.32
C VAL M 206 36.79 44.58 44.45
N ALA M 207 36.12 43.68 45.18
CA ALA M 207 36.73 42.77 46.17
C ALA M 207 37.55 43.54 47.21
N GLY M 208 37.23 44.82 47.42
CA GLY M 208 37.86 45.68 48.43
C GLY M 208 39.13 46.35 47.93
N VAL M 209 39.35 46.42 46.63
CA VAL M 209 40.56 47.05 46.01
C VAL M 209 40.18 48.42 45.42
N SER M 210 40.60 49.51 46.06
CA SER M 210 40.30 50.89 45.59
C SER M 210 40.82 51.06 44.16
N LEU M 211 39.93 51.28 43.20
CA LEU M 211 40.29 51.66 41.80
C LEU M 211 41.01 53.02 41.82
N LYS M 212 40.60 53.95 42.70
CA LYS M 212 41.24 55.28 42.87
C LYS M 212 42.72 55.11 43.21
N THR M 213 43.08 54.17 44.07
CA THR M 213 44.48 53.95 44.50
C THR M 213 45.28 53.17 43.44
N LEU M 214 44.64 52.36 42.58
CA LEU M 214 45.36 51.60 41.51
C LEU M 214 45.59 52.55 40.33
N HIS M 215 44.55 53.32 39.93
CA HIS M 215 44.50 54.20 38.74
C HIS M 215 44.19 55.61 39.22
N PRO M 216 45.14 56.29 39.89
CA PRO M 216 44.86 57.47 40.69
C PRO M 216 44.43 58.73 39.92
N GLU M 217 44.49 58.71 38.58
CA GLU M 217 43.89 59.77 37.72
C GLU M 217 42.43 59.38 37.39
N LEU M 218 41.79 58.56 38.24
CA LEU M 218 40.37 58.16 38.11
C LEU M 218 39.49 59.36 38.44
N GLY M 219 38.60 59.71 37.51
CA GLY M 219 37.68 60.86 37.68
C GLY M 219 38.40 62.17 37.52
N THR M 220 39.52 62.21 36.79
CA THR M 220 40.13 63.47 36.27
C THR M 220 40.01 63.46 34.75
N ASP M 221 40.01 64.64 34.12
CA ASP M 221 39.90 64.82 32.64
C ASP M 221 41.08 64.11 31.96
N ALA M 222 42.28 64.26 32.51
CA ALA M 222 43.54 63.65 32.02
C ALA M 222 43.31 62.18 31.61
N ASP M 223 42.69 61.39 32.49
CA ASP M 223 42.49 59.92 32.40
C ASP M 223 42.32 59.44 30.94
N LYS M 224 43.16 58.51 30.48
CA LYS M 224 43.00 57.84 29.16
C LYS M 224 41.74 56.96 29.17
N GLU M 225 41.45 56.36 30.33
CA GLU M 225 40.31 55.42 30.57
C GLU M 225 38.98 56.16 30.53
N GLN M 226 38.98 57.49 30.67
CA GLN M 226 37.77 58.37 30.54
C GLN M 226 36.66 57.86 31.49
N TRP M 227 37.00 57.55 32.76
CA TRP M 227 36.05 57.03 33.78
C TRP M 227 35.15 58.15 34.30
N LYS M 228 35.54 59.42 34.09
CA LYS M 228 34.67 60.61 34.32
C LYS M 228 33.50 60.64 33.33
N GLN M 229 33.73 60.15 32.10
CA GLN M 229 32.68 60.10 31.05
C GLN M 229 31.63 59.04 31.45
N VAL M 230 32.03 58.01 32.21
CA VAL M 230 31.16 56.90 32.72
C VAL M 230 30.04 57.51 33.58
N HIS M 231 30.40 58.46 34.45
CA HIS M 231 29.45 59.22 35.30
C HIS M 231 28.45 59.99 34.43
N LYS M 232 28.91 60.64 33.37
CA LYS M 232 28.06 61.44 32.45
C LYS M 232 27.06 60.48 31.77
N GLN M 233 27.51 59.26 31.46
CA GLN M 233 26.75 58.21 30.74
C GLN M 233 25.59 57.74 31.62
N VAL M 234 25.80 57.66 32.94
CA VAL M 234 24.76 57.44 33.99
C VAL M 234 23.78 58.62 33.93
N VAL M 235 24.30 59.82 34.20
CA VAL M 235 23.60 61.15 34.14
C VAL M 235 22.71 61.24 32.90
N ASP M 236 23.23 60.81 31.73
CA ASP M 236 22.60 60.92 30.40
C ASP M 236 21.72 59.69 30.10
N SER M 237 21.97 58.57 30.79
CA SER M 237 21.39 57.22 30.53
C SER M 237 19.91 57.36 30.13
N ALA M 238 19.15 58.07 30.94
CA ALA M 238 17.68 58.23 30.84
C ALA M 238 17.35 59.02 29.57
N TYR M 239 17.93 60.21 29.41
CA TYR M 239 17.81 61.07 28.19
C TYR M 239 18.02 60.22 26.94
N GLU M 240 18.97 59.28 26.97
CA GLU M 240 19.31 58.36 25.85
C GLU M 240 18.16 57.35 25.66
N VAL M 241 17.77 56.62 26.70
CA VAL M 241 16.64 55.64 26.68
C VAL M 241 15.35 56.39 26.26
N ILE M 242 15.20 57.65 26.67
CA ILE M 242 13.99 58.46 26.38
C ILE M 242 14.00 58.86 24.91
N LYS M 243 15.18 59.06 24.31
CA LYS M 243 15.31 59.31 22.84
C LYS M 243 14.79 58.08 22.09
N LEU M 244 15.19 56.87 22.53
CA LEU M 244 15.05 55.60 21.76
C LEU M 244 13.65 55.02 21.92
N LYS M 245 13.13 54.91 23.15
CA LYS M 245 11.84 54.21 23.41
C LYS M 245 10.76 55.16 23.95
N GLY M 246 11.12 56.34 24.45
CA GLY M 246 10.16 57.43 24.77
C GLY M 246 10.02 57.68 26.26
N TYR M 247 10.42 56.73 27.11
CA TYR M 247 10.35 56.77 28.59
C TYR M 247 11.37 55.76 29.14
N THR M 248 11.54 55.64 30.46
CA THR M 248 12.19 54.48 31.11
C THR M 248 11.17 53.81 32.03
N SER M 249 11.33 52.51 32.18
CA SER M 249 10.36 51.63 32.85
C SER M 249 11.00 50.70 33.88
N TRP M 250 11.54 49.62 33.36
CA TRP M 250 12.12 48.41 33.97
C TRP M 250 13.13 48.63 35.11
N ALA M 251 14.13 49.46 34.88
CA ALA M 251 15.26 49.67 35.81
C ALA M 251 14.78 50.39 37.07
N ILE M 252 14.04 51.50 36.93
CA ILE M 252 13.43 52.21 38.10
C ILE M 252 12.51 51.24 38.87
N GLY M 253 11.76 50.40 38.17
CA GLY M 253 10.86 49.40 38.77
C GLY M 253 11.61 48.39 39.63
N LEU M 254 12.73 47.89 39.11
CA LEU M 254 13.57 46.87 39.80
C LEU M 254 14.32 47.54 40.96
N SER M 255 14.72 48.81 40.78
CA SER M 255 15.35 49.68 41.81
C SER M 255 14.38 49.85 42.99
N VAL M 256 13.10 50.11 42.72
CA VAL M 256 12.11 50.43 43.78
C VAL M 256 11.71 49.15 44.54
N ALA M 257 11.36 48.07 43.84
CA ALA M 257 11.14 46.71 44.39
C ALA M 257 12.33 46.28 45.27
N ASP M 258 13.55 46.74 44.98
CA ASP M 258 14.76 46.45 45.80
C ASP M 258 14.68 47.21 47.14
N LEU M 259 14.30 48.47 47.12
CA LEU M 259 14.10 49.27 48.36
C LEU M 259 12.92 48.71 49.12
N ALA M 260 11.85 48.33 48.40
CA ALA M 260 10.63 47.74 48.99
C ALA M 260 11.00 46.41 49.63
N GLU M 261 11.83 45.59 48.98
CA GLU M 261 12.31 44.33 49.59
C GLU M 261 12.95 44.67 50.95
N SER M 262 13.80 45.69 51.04
CA SER M 262 14.55 46.02 52.28
C SER M 262 13.60 46.44 53.41
N ILE M 263 12.57 47.22 53.08
CA ILE M 263 11.60 47.83 54.04
C ILE M 263 10.66 46.74 54.56
N MET M 264 10.10 45.92 53.67
CA MET M 264 9.10 44.87 54.02
C MET M 264 9.78 43.72 54.79
N LYS M 265 10.96 43.26 54.37
CA LYS M 265 11.75 42.18 55.03
C LYS M 265 12.71 42.71 56.10
N ASN M 266 12.64 44.00 56.44
CA ASN M 266 13.41 44.67 57.51
C ASN M 266 14.91 44.30 57.41
N LEU M 267 15.52 44.42 56.23
CA LEU M 267 16.87 43.82 56.00
C LEU M 267 17.99 44.66 56.63
N ARG M 268 17.82 45.98 56.76
CA ARG M 268 18.91 46.92 57.16
C ARG M 268 20.08 46.81 56.18
N ARG M 269 19.81 46.70 54.88
CA ARG M 269 20.82 46.90 53.81
C ARG M 269 21.00 48.40 53.60
N VAL M 270 22.17 48.79 53.13
CA VAL M 270 22.52 50.21 52.85
C VAL M 270 22.17 50.47 51.38
N HIS M 271 21.35 51.49 51.10
CA HIS M 271 21.10 51.99 49.73
C HIS M 271 21.37 53.48 49.68
N PRO M 272 21.73 54.01 48.48
CA PRO M 272 21.88 55.44 48.26
C PRO M 272 20.48 55.96 47.98
N ILE M 273 19.79 56.42 49.02
CA ILE M 273 18.40 56.95 48.92
C ILE M 273 18.37 58.36 49.52
N SER M 274 17.37 59.14 49.08
CA SER M 274 17.21 60.57 49.40
C SER M 274 16.48 60.72 50.75
N THR M 275 17.21 61.22 51.76
CA THR M 275 16.77 61.44 53.15
C THR M 275 16.85 62.91 53.51
N MET M 276 16.16 63.35 54.55
CA MET M 276 16.22 64.76 54.99
C MET M 276 17.58 64.95 55.66
N LEU M 277 18.50 65.61 54.97
CA LEU M 277 19.93 65.50 55.28
C LEU M 277 20.43 66.58 56.23
N LYS M 278 19.61 67.52 56.70
CA LYS M 278 20.15 68.66 57.48
C LYS M 278 20.70 68.10 58.80
N GLY M 279 21.77 68.72 59.32
CA GLY M 279 22.57 68.24 60.45
C GLY M 279 23.86 67.57 60.01
N LEU M 280 23.87 66.98 58.80
CA LEU M 280 24.94 66.08 58.29
C LEU M 280 25.51 66.62 56.97
N TYR M 281 26.70 66.14 56.60
CA TYR M 281 27.40 66.42 55.31
C TYR M 281 27.60 67.93 55.12
N GLY M 282 27.60 68.70 56.21
CA GLY M 282 27.81 70.16 56.25
C GLY M 282 26.66 70.93 55.62
N ILE M 283 25.42 70.57 55.96
CA ILE M 283 24.17 71.10 55.35
C ILE M 283 23.22 71.58 56.46
N LYS M 284 22.66 72.78 56.26
CA LYS M 284 21.99 73.60 57.31
C LYS M 284 20.56 73.94 56.91
N GLU M 285 20.04 73.45 55.78
CA GLU M 285 18.63 73.69 55.35
C GLU M 285 17.87 72.35 55.23
N ASP M 286 16.53 72.42 55.25
CA ASP M 286 15.62 71.26 55.14
C ASP M 286 15.56 70.81 53.68
N VAL M 287 16.54 70.03 53.24
CA VAL M 287 16.56 69.43 51.87
C VAL M 287 16.76 67.92 51.98
N PHE M 288 16.36 67.22 50.92
CA PHE M 288 16.51 65.76 50.72
C PHE M 288 17.62 65.51 49.68
N LEU M 289 18.68 64.81 50.09
CA LEU M 289 19.79 64.35 49.21
C LEU M 289 20.09 62.87 49.47
N SER M 290 20.66 62.21 48.45
CA SER M 290 21.01 60.77 48.49
C SER M 290 22.36 60.58 49.19
N VAL M 291 22.34 59.80 50.28
CA VAL M 291 23.53 59.32 51.05
C VAL M 291 23.27 57.86 51.40
N PRO M 292 24.32 57.07 51.72
CA PRO M 292 24.11 55.66 52.04
C PRO M 292 23.25 55.55 53.31
N CYS M 293 22.06 54.99 53.19
CA CYS M 293 21.09 54.89 54.30
C CYS M 293 20.79 53.43 54.60
N VAL M 294 20.70 53.09 55.89
CA VAL M 294 20.19 51.78 56.38
C VAL M 294 18.66 51.80 56.33
N LEU M 295 18.09 50.86 55.60
CA LEU M 295 16.65 50.79 55.25
C LEU M 295 16.04 49.56 55.93
N GLY M 296 14.95 49.76 56.66
CA GLY M 296 14.34 48.75 57.54
C GLY M 296 12.84 48.96 57.69
N GLN M 297 12.22 48.20 58.60
CA GLN M 297 10.74 48.11 58.73
C GLN M 297 10.16 49.46 59.16
N ASN M 298 11.02 50.41 59.60
CA ASN M 298 10.61 51.80 59.94
C ASN M 298 11.26 52.83 59.00
N GLY M 299 11.53 52.50 57.74
CA GLY M 299 12.18 53.44 56.80
C GLY M 299 13.66 53.55 57.11
N ILE M 300 14.19 54.77 57.24
CA ILE M 300 15.66 55.06 57.35
C ILE M 300 16.05 55.17 58.84
N SER M 301 16.79 54.18 59.35
CA SER M 301 17.16 54.07 60.78
C SER M 301 18.46 54.82 61.04
N ASP M 302 19.31 54.97 60.01
CA ASP M 302 20.74 55.28 60.15
C ASP M 302 21.31 55.77 58.81
N VAL M 303 22.25 56.70 58.86
CA VAL M 303 22.93 57.26 57.68
C VAL M 303 24.43 56.94 57.79
N VAL M 304 25.03 56.44 56.72
CA VAL M 304 26.51 56.23 56.67
C VAL M 304 27.14 57.58 56.33
N LYS M 305 28.10 58.02 57.17
CA LYS M 305 28.91 59.24 56.97
C LYS M 305 30.07 58.92 56.01
N VAL M 306 29.82 59.06 54.71
CA VAL M 306 30.88 58.92 53.67
C VAL M 306 31.84 60.08 53.83
N THR M 307 33.14 59.79 53.87
CA THR M 307 34.23 60.80 53.80
C THR M 307 34.30 61.31 52.37
N LEU M 308 34.07 62.61 52.19
CA LEU M 308 34.07 63.28 50.87
C LEU M 308 35.32 64.15 50.74
N THR M 309 35.73 64.44 49.50
CA THR M 309 36.79 65.42 49.19
C THR M 309 36.19 66.82 49.34
N SER M 310 37.02 67.86 49.28
CA SER M 310 36.57 69.29 49.35
C SER M 310 35.62 69.58 48.19
N GLU M 311 35.90 69.01 47.02
CA GLU M 311 35.15 69.21 45.76
C GLU M 311 33.78 68.50 45.84
N GLU M 312 33.77 67.28 46.37
CA GLU M 312 32.54 66.45 46.54
C GLU M 312 31.62 67.11 47.57
N GLU M 313 32.17 67.61 48.68
CA GLU M 313 31.40 68.27 49.78
C GLU M 313 30.80 69.57 49.24
N ALA M 314 31.55 70.29 48.41
CA ALA M 314 31.11 71.54 47.75
C ALA M 314 29.89 71.25 46.87
N HIS M 315 29.88 70.10 46.16
CA HIS M 315 28.81 69.71 45.20
C HIS M 315 27.49 69.42 45.94
N LEU M 316 27.57 68.72 47.07
CA LEU M 316 26.44 68.45 48.00
C LEU M 316 25.82 69.80 48.43
N LYS M 317 26.65 70.73 48.92
CA LYS M 317 26.20 72.04 49.50
C LYS M 317 25.60 72.91 48.39
N LYS M 318 26.16 72.86 47.19
CA LYS M 318 25.60 73.60 46.01
C LYS M 318 24.20 73.04 45.70
N SER M 319 24.07 71.72 45.60
CA SER M 319 22.77 71.03 45.34
C SER M 319 21.76 71.43 46.41
N ALA M 320 22.14 71.38 47.70
CA ALA M 320 21.27 71.75 48.85
C ALA M 320 20.81 73.23 48.71
N ASP M 321 21.71 74.14 48.33
CA ASP M 321 21.39 75.57 48.08
C ASP M 321 20.35 75.70 46.97
N THR M 322 20.57 75.04 45.81
CA THR M 322 19.63 75.02 44.67
C THR M 322 18.26 74.54 45.17
N LEU M 323 18.23 73.47 45.96
CA LEU M 323 16.95 72.87 46.40
C LEU M 323 16.22 73.84 47.34
N TRP M 324 16.89 74.35 48.37
CA TRP M 324 16.29 75.28 49.37
C TRP M 324 15.72 76.50 48.64
N GLY M 325 16.47 76.99 47.64
CA GLY M 325 16.08 78.11 46.77
C GLY M 325 14.75 77.88 46.10
N ILE M 326 14.51 76.66 45.61
CA ILE M 326 13.24 76.29 44.91
C ILE M 326 12.14 76.12 45.97
N GLN M 327 12.48 75.43 47.07
CA GLN M 327 11.50 74.98 48.08
C GLN M 327 10.81 76.20 48.72
N LYS M 328 11.58 77.21 49.14
CA LYS M 328 11.10 78.47 49.79
C LYS M 328 10.10 79.24 48.90
N GLU M 329 10.09 79.03 47.57
CA GLU M 329 9.19 79.74 46.63
C GLU M 329 7.92 78.91 46.36
N LEU M 330 7.80 77.70 46.88
CA LEU M 330 6.59 76.85 46.66
C LEU M 330 5.49 77.25 47.64
N GLN M 331 4.23 77.27 47.20
CA GLN M 331 3.07 77.69 48.04
C GLN M 331 2.28 76.45 48.49
N PHE M 332 2.42 76.07 49.75
CA PHE M 332 1.67 74.95 50.39
C PHE M 332 0.27 75.41 50.85
N ALA N 2 35.72 58.14 70.16
CA ALA N 2 34.51 57.60 69.45
C ALA N 2 34.78 56.16 68.99
N ALA N 3 33.80 55.27 69.14
CA ALA N 3 33.78 53.89 68.61
C ALA N 3 33.65 53.95 67.09
N LEU N 4 34.31 53.03 66.37
CA LEU N 4 34.33 52.99 64.87
C LEU N 4 32.90 53.05 64.30
N LYS N 5 31.94 52.36 64.93
CA LYS N 5 30.54 52.32 64.45
C LYS N 5 29.96 53.74 64.36
N ASP N 6 30.25 54.56 65.38
CA ASP N 6 29.70 55.93 65.59
C ASP N 6 30.31 56.90 64.56
N GLN N 7 31.61 56.74 64.26
CA GLN N 7 32.35 57.52 63.23
C GLN N 7 31.82 57.21 61.82
N LEU N 8 31.30 55.99 61.62
CA LEU N 8 30.85 55.45 60.31
C LEU N 8 29.33 55.65 60.11
N ILE N 9 28.53 55.47 61.15
CA ILE N 9 27.05 55.40 61.05
C ILE N 9 26.46 56.41 62.06
N HIS N 10 25.74 57.41 61.56
CA HIS N 10 24.94 58.36 62.38
C HIS N 10 23.54 57.78 62.57
N ASN N 11 23.16 57.48 63.80
CA ASN N 11 21.82 56.93 64.17
C ASN N 11 20.79 58.07 64.16
N LEU N 12 19.70 57.93 63.41
CA LEU N 12 18.64 58.96 63.29
C LEU N 12 17.38 58.51 64.04
N LEU N 13 17.31 57.26 64.49
CA LEU N 13 16.05 56.63 65.00
C LEU N 13 16.34 55.50 65.99
N LYS N 14 15.99 55.71 67.26
CA LYS N 14 15.96 54.67 68.33
C LYS N 14 14.68 53.85 68.16
N GLU N 15 14.72 52.76 67.38
CA GLU N 15 13.50 52.04 66.92
C GLU N 15 13.25 50.81 67.82
N GLU N 16 11.98 50.57 68.13
CA GLU N 16 11.49 49.39 68.91
C GLU N 16 11.34 48.20 67.95
N HIS N 17 12.04 47.10 68.26
CA HIS N 17 12.10 45.86 67.45
C HIS N 17 10.91 44.98 67.85
N VAL N 18 9.73 45.29 67.32
CA VAL N 18 8.54 44.40 67.39
C VAL N 18 8.41 43.72 66.02
N PRO N 19 8.63 42.37 65.94
CA PRO N 19 8.79 41.69 64.65
C PRO N 19 7.43 41.57 63.94
N GLN N 20 7.42 41.45 62.61
CA GLN N 20 6.19 41.62 61.78
C GLN N 20 5.75 40.32 61.13
N ASN N 21 6.67 39.43 60.79
CA ASN N 21 6.36 38.16 60.08
C ASN N 21 7.21 37.06 60.71
N LYS N 22 7.15 36.95 62.04
CA LYS N 22 7.98 36.01 62.82
C LYS N 22 7.36 34.62 62.78
N ILE N 23 8.22 33.62 62.65
CA ILE N 23 7.83 32.18 62.78
C ILE N 23 8.68 31.56 63.89
N THR N 24 8.07 30.71 64.71
CA THR N 24 8.79 29.90 65.72
C THR N 24 8.74 28.44 65.30
N VAL N 25 9.88 27.76 65.39
CA VAL N 25 9.96 26.27 65.32
C VAL N 25 10.27 25.79 66.73
N VAL N 26 9.44 24.89 67.24
CA VAL N 26 9.63 24.21 68.55
C VAL N 26 10.21 22.84 68.24
N GLY N 27 11.43 22.56 68.68
CA GLY N 27 12.12 21.30 68.41
C GLY N 27 13.16 21.46 67.30
N VAL N 28 14.43 21.27 67.62
CA VAL N 28 15.54 21.32 66.62
C VAL N 28 16.05 19.89 66.36
N GLY N 29 15.14 18.93 66.45
CA GLY N 29 15.30 17.61 65.80
C GLY N 29 15.48 17.79 64.31
N ALA N 30 15.49 16.69 63.56
CA ALA N 30 15.80 16.71 62.13
C ALA N 30 14.62 17.38 61.39
N VAL N 31 13.39 17.10 61.83
CA VAL N 31 12.15 17.64 61.24
C VAL N 31 12.07 19.16 61.51
N GLY N 32 12.45 19.59 62.71
CA GLY N 32 12.47 21.02 63.08
C GLY N 32 13.42 21.80 62.20
N MET N 33 14.59 21.21 61.91
CA MET N 33 15.67 21.95 61.21
C MET N 33 15.39 21.90 59.71
N ALA N 34 14.72 20.88 59.18
CA ALA N 34 14.30 20.84 57.77
C ALA N 34 13.16 21.84 57.52
N CYS N 35 12.25 22.01 58.49
CA CYS N 35 11.24 23.11 58.48
C CYS N 35 11.99 24.45 58.51
N ALA N 36 12.93 24.60 59.44
CA ALA N 36 13.69 25.85 59.67
C ALA N 36 14.38 26.27 58.37
N ILE N 37 15.21 25.41 57.77
CA ILE N 37 15.94 25.75 56.52
C ILE N 37 14.97 26.01 55.36
N SER N 38 13.87 25.26 55.25
CA SER N 38 12.90 25.39 54.13
C SER N 38 12.24 26.76 54.22
N ILE N 39 11.99 27.21 55.44
CA ILE N 39 11.32 28.51 55.68
C ILE N 39 12.32 29.62 55.35
N LEU N 40 13.58 29.46 55.71
CA LEU N 40 14.62 30.50 55.48
C LEU N 40 14.81 30.70 53.97
N MET N 41 14.61 29.66 53.18
CA MET N 41 14.95 29.69 51.73
C MET N 41 13.70 29.97 50.89
N LYS N 42 12.52 30.06 51.52
CA LYS N 42 11.30 30.56 50.85
C LYS N 42 11.04 32.00 51.29
N ASP N 43 11.91 32.55 52.12
CA ASP N 43 11.87 33.97 52.57
C ASP N 43 10.48 34.27 53.17
N LEU N 44 10.01 33.42 54.09
CA LEU N 44 8.62 33.49 54.62
C LEU N 44 8.58 34.27 55.95
N ALA N 45 9.72 34.74 56.47
CA ALA N 45 9.77 35.40 57.79
C ALA N 45 10.80 36.53 57.79
N ASP N 46 10.58 37.52 58.65
CA ASP N 46 11.56 38.59 58.96
C ASP N 46 12.28 38.25 60.27
N GLU N 47 11.80 37.23 61.01
CA GLU N 47 12.46 36.70 62.24
C GLU N 47 12.11 35.21 62.40
N LEU N 48 13.13 34.38 62.63
CA LEU N 48 12.99 32.94 62.95
C LEU N 48 13.46 32.71 64.38
N ALA N 49 12.64 32.06 65.19
CA ALA N 49 12.91 31.70 66.60
C ALA N 49 12.90 30.18 66.72
N LEU N 50 14.00 29.61 67.20
CA LEU N 50 14.12 28.16 67.54
C LEU N 50 14.09 28.00 69.07
N VAL N 51 13.24 27.10 69.58
CA VAL N 51 13.20 26.72 71.03
C VAL N 51 13.33 25.19 71.15
N ASP N 52 14.03 24.70 72.17
CA ASP N 52 14.22 23.25 72.50
C ASP N 52 14.86 23.15 73.90
N VAL N 53 14.91 21.95 74.48
CA VAL N 53 15.42 21.70 75.86
C VAL N 53 16.94 21.51 75.84
N MET N 54 17.49 20.94 74.77
CA MET N 54 18.94 20.64 74.65
C MET N 54 19.71 21.91 74.30
N GLU N 55 20.12 22.65 75.34
CA GLU N 55 20.71 24.02 75.32
C GLU N 55 21.77 24.16 74.21
N ASP N 56 22.71 23.22 74.12
CA ASP N 56 23.92 23.28 73.25
C ASP N 56 23.51 23.07 71.79
N LYS N 57 22.86 21.95 71.51
CA LYS N 57 22.28 21.56 70.19
C LYS N 57 21.50 22.75 69.59
N LEU N 58 20.67 23.39 70.42
CA LEU N 58 19.90 24.60 70.03
C LEU N 58 20.87 25.70 69.60
N LYS N 59 21.74 26.14 70.52
CA LYS N 59 22.72 27.24 70.27
C LYS N 59 23.50 26.92 68.99
N GLY N 60 23.90 25.66 68.77
CA GLY N 60 24.71 25.23 67.61
C GLY N 60 23.96 25.40 66.31
N GLU N 61 22.67 25.03 66.31
CA GLU N 61 21.81 25.04 65.09
C GLU N 61 21.52 26.49 64.73
N MET N 62 21.31 27.35 65.75
CA MET N 62 21.13 28.81 65.57
C MET N 62 22.37 29.40 64.89
N MET N 63 23.54 29.23 65.51
CA MET N 63 24.81 29.83 65.03
C MET N 63 25.10 29.40 63.58
N ASP N 64 24.88 28.13 63.26
CA ASP N 64 25.13 27.56 61.92
C ASP N 64 24.23 28.30 60.92
N LEU N 65 22.94 28.38 61.20
CA LEU N 65 21.96 29.18 60.40
C LEU N 65 22.43 30.63 60.32
N GLN N 66 22.88 31.23 61.43
CA GLN N 66 23.28 32.66 61.51
C GLN N 66 24.42 32.92 60.52
N HIS N 67 25.40 32.02 60.46
CA HIS N 67 26.61 32.09 59.60
C HIS N 67 26.22 32.07 58.10
N GLY N 68 24.95 31.80 57.78
CA GLY N 68 24.44 31.76 56.39
C GLY N 68 23.63 33.00 56.05
N SER N 69 23.56 33.99 56.96
CA SER N 69 22.80 35.26 56.81
C SER N 69 23.11 35.92 55.47
N LEU N 70 24.36 35.92 55.03
CA LEU N 70 24.80 36.63 53.79
C LEU N 70 24.02 36.12 52.57
N PHE N 71 23.55 34.88 52.63
CA PHE N 71 22.89 34.11 51.53
C PHE N 71 21.38 34.04 51.75
N LEU N 72 20.85 34.78 52.73
CA LEU N 72 19.44 34.68 53.19
C LEU N 72 18.81 36.09 53.35
N ARG N 73 17.49 36.14 53.36
CA ARG N 73 16.67 37.36 53.40
C ARG N 73 15.77 37.30 54.64
N THR N 74 16.26 36.68 55.71
CA THR N 74 15.63 36.61 57.05
C THR N 74 16.67 37.14 58.03
N PRO N 75 16.60 38.45 58.38
CA PRO N 75 17.72 39.14 59.03
C PRO N 75 18.00 38.89 60.52
N LYS N 76 17.13 38.18 61.24
CA LYS N 76 17.29 37.93 62.70
C LYS N 76 16.88 36.48 62.99
N ILE N 77 17.81 35.66 63.46
CA ILE N 77 17.52 34.28 63.92
C ILE N 77 18.01 34.19 65.37
N VAL N 78 17.08 33.90 66.26
CA VAL N 78 17.30 33.84 67.74
C VAL N 78 16.91 32.45 68.22
N SER N 79 17.26 32.09 69.45
CA SER N 79 16.88 30.78 70.05
C SER N 79 17.07 30.80 71.55
N GLY N 80 16.38 29.92 72.25
CA GLY N 80 16.50 29.77 73.70
C GLY N 80 15.60 28.68 74.24
N LYS N 81 15.85 28.31 75.50
CA LYS N 81 15.04 27.36 76.29
C LYS N 81 13.80 28.15 76.70
N ASP N 82 14.03 29.41 77.03
CA ASP N 82 13.00 30.37 77.48
C ASP N 82 12.12 30.75 76.28
N TYR N 83 10.81 30.56 76.44
CA TYR N 83 9.79 30.85 75.39
C TYR N 83 9.60 32.35 75.18
N SER N 84 10.25 33.20 75.99
CA SER N 84 10.30 34.68 75.77
C SER N 84 10.78 34.98 74.34
N VAL N 85 11.74 34.21 73.81
CA VAL N 85 12.30 34.43 72.44
C VAL N 85 11.24 34.15 71.35
N THR N 86 10.09 33.54 71.69
CA THR N 86 9.01 33.21 70.71
C THR N 86 8.01 34.37 70.64
N ALA N 87 8.29 35.48 71.33
CA ALA N 87 7.34 36.60 71.48
C ALA N 87 6.90 37.04 70.10
N ASN N 88 5.58 37.21 69.91
CA ASN N 88 4.98 37.89 68.75
C ASN N 88 5.19 37.04 67.49
N SER N 89 5.06 35.71 67.60
CA SER N 89 5.10 34.77 66.44
C SER N 89 3.74 34.81 65.75
N LYS N 90 3.73 35.00 64.44
CA LYS N 90 2.50 34.86 63.61
C LYS N 90 2.11 33.38 63.54
N LEU N 91 3.10 32.49 63.48
CA LEU N 91 2.95 31.03 63.25
C LEU N 91 3.96 30.31 64.14
N VAL N 92 3.49 29.39 64.98
CA VAL N 92 4.39 28.51 65.77
C VAL N 92 4.20 27.08 65.28
N ILE N 93 5.30 26.50 64.82
CA ILE N 93 5.39 25.10 64.32
C ILE N 93 5.92 24.22 65.45
N ILE N 94 5.10 23.25 65.88
CA ILE N 94 5.39 22.26 66.97
C ILE N 94 5.90 20.96 66.34
N THR N 95 7.17 20.64 66.52
CA THR N 95 7.77 19.35 66.10
C THR N 95 8.24 18.55 67.31
N ALA N 96 8.42 19.17 68.48
CA ALA N 96 8.88 18.52 69.72
C ALA N 96 7.86 17.45 70.11
N GLY N 97 8.32 16.37 70.75
CA GLY N 97 7.46 15.32 71.33
C GLY N 97 8.24 14.12 71.85
N ALA N 98 7.55 13.00 72.04
CA ALA N 98 8.11 11.71 72.48
C ALA N 98 7.85 10.67 71.39
N ARG N 99 8.84 9.83 71.10
CA ARG N 99 8.78 8.80 70.03
C ARG N 99 8.43 7.46 70.70
N GLN N 100 7.44 6.74 70.13
CA GLN N 100 6.92 5.47 70.69
C GLN N 100 8.08 4.59 71.18
N GLN N 101 8.02 4.14 72.45
CA GLN N 101 8.90 3.08 73.02
C GLN N 101 8.28 1.71 72.71
N GLU N 102 9.12 0.68 72.59
CA GLU N 102 8.70 -0.70 72.24
C GLU N 102 7.64 -1.22 73.23
N GLY N 103 6.52 -1.73 72.70
CA GLY N 103 5.44 -2.37 73.48
C GLY N 103 4.37 -1.40 73.95
N GLU N 104 4.62 -0.09 73.86
CA GLU N 104 3.76 0.98 74.43
C GLU N 104 2.40 0.99 73.72
N SER N 105 1.32 1.24 74.46
CA SER N 105 -0.05 1.44 73.90
C SER N 105 -0.13 2.82 73.23
N ARG N 106 -1.16 3.07 72.42
CA ARG N 106 -1.39 4.42 71.83
C ARG N 106 -1.70 5.40 72.97
N LEU N 107 -2.54 5.02 73.91
CA LEU N 107 -2.87 5.90 75.06
C LEU N 107 -1.59 6.38 75.75
N ASN N 108 -0.62 5.51 76.06
CA ASN N 108 0.52 5.89 76.93
C ASN N 108 1.46 6.84 76.17
N LEU N 109 1.75 6.50 74.92
CA LEU N 109 2.52 7.35 73.96
C LEU N 109 1.88 8.74 73.94
N VAL N 110 0.57 8.81 73.70
CA VAL N 110 -0.12 10.13 73.56
C VAL N 110 0.04 10.89 74.89
N GLN N 111 -0.13 10.22 76.02
CA GLN N 111 -0.09 10.86 77.37
C GLN N 111 1.32 11.41 77.65
N ARG N 112 2.37 10.67 77.31
CA ARG N 112 3.77 11.14 77.48
C ARG N 112 3.97 12.43 76.65
N ASN N 113 3.23 12.57 75.54
CA ASN N 113 3.26 13.74 74.64
C ASN N 113 2.36 14.86 75.22
N VAL N 114 1.25 14.51 75.84
CA VAL N 114 0.37 15.48 76.57
C VAL N 114 1.18 16.14 77.70
N ASN N 115 1.95 15.35 78.46
CA ASN N 115 2.74 15.86 79.61
C ASN N 115 3.75 16.87 79.06
N ILE N 116 4.37 16.60 77.91
CA ILE N 116 5.35 17.54 77.28
C ILE N 116 4.61 18.80 76.79
N PHE N 117 3.45 18.61 76.15
CA PHE N 117 2.68 19.73 75.56
C PHE N 117 2.11 20.60 76.68
N LYS N 118 1.92 20.10 77.90
CA LYS N 118 1.34 20.96 78.96
C LYS N 118 2.45 21.87 79.52
N PHE N 119 3.68 21.72 79.05
CA PHE N 119 4.78 22.72 79.22
C PHE N 119 4.86 23.65 78.00
N ILE N 120 4.82 23.10 76.79
CA ILE N 120 5.07 23.84 75.52
C ILE N 120 3.92 24.81 75.22
N ILE N 121 2.72 24.28 74.99
CA ILE N 121 1.55 25.06 74.48
C ILE N 121 1.28 26.30 75.34
N PRO N 122 1.26 26.19 76.69
CA PRO N 122 0.96 27.35 77.54
C PRO N 122 2.02 28.46 77.44
N ASN N 123 3.30 28.10 77.42
CA ASN N 123 4.43 29.02 77.12
C ASN N 123 4.24 29.70 75.74
N VAL N 124 3.83 28.94 74.72
CA VAL N 124 3.63 29.45 73.33
C VAL N 124 2.53 30.50 73.39
N VAL N 125 1.44 30.21 74.10
CA VAL N 125 0.21 31.05 74.17
C VAL N 125 0.47 32.30 75.03
N LYS N 126 1.28 32.15 76.07
CA LYS N 126 1.69 33.27 76.94
C LYS N 126 2.35 34.36 76.09
N TYR N 127 3.30 34.00 75.21
CA TYR N 127 4.22 34.93 74.51
C TYR N 127 3.73 35.30 73.09
N SER N 128 2.96 34.42 72.42
CA SER N 128 2.33 34.66 71.09
C SER N 128 0.85 34.32 71.13
N PRO N 129 0.04 35.09 71.87
CA PRO N 129 -1.38 34.74 72.07
C PRO N 129 -2.26 34.79 70.81
N HIS N 130 -1.86 35.49 69.74
CA HIS N 130 -2.66 35.69 68.50
C HIS N 130 -2.13 34.79 67.38
N CYS N 131 -1.15 33.92 67.69
CA CYS N 131 -0.43 33.08 66.70
C CYS N 131 -1.35 31.96 66.21
N LYS N 132 -1.10 31.43 65.02
CA LYS N 132 -1.65 30.13 64.54
C LYS N 132 -0.70 29.04 65.01
N LEU N 133 -1.23 27.90 65.43
CA LEU N 133 -0.42 26.73 65.85
C LEU N 133 -0.41 25.74 64.69
N LEU N 134 0.76 25.20 64.37
CA LEU N 134 0.87 24.13 63.37
C LEU N 134 1.58 22.93 63.99
N VAL N 135 0.85 21.86 64.24
CA VAL N 135 1.40 20.66 64.93
C VAL N 135 1.89 19.69 63.86
N VAL N 136 3.16 19.32 63.94
CA VAL N 136 3.83 18.38 63.00
C VAL N 136 4.07 17.05 63.74
N SER N 137 4.34 17.11 65.04
CA SER N 137 4.64 15.95 65.93
C SER N 137 3.64 14.83 65.70
N ASN N 138 4.08 13.57 65.80
CA ASN N 138 3.20 12.38 65.66
C ASN N 138 2.84 11.82 67.02
N PRO N 139 1.68 11.13 67.17
CA PRO N 139 0.66 11.07 66.11
C PRO N 139 -0.13 12.38 66.00
N VAL N 140 -0.18 12.93 64.79
CA VAL N 140 -0.48 14.36 64.50
C VAL N 140 -1.96 14.67 64.77
N ASP N 141 -2.89 13.78 64.41
CA ASP N 141 -4.33 14.08 64.49
C ASP N 141 -4.72 14.29 65.95
N ILE N 142 -4.25 13.43 66.87
CA ILE N 142 -4.53 13.51 68.34
C ILE N 142 -3.72 14.66 68.94
N LEU N 143 -2.42 14.77 68.62
CA LEU N 143 -1.51 15.80 69.22
C LEU N 143 -1.90 17.20 68.75
N THR N 144 -2.65 17.32 67.66
CA THR N 144 -3.30 18.59 67.24
C THR N 144 -4.46 18.86 68.22
N TYR N 145 -5.30 17.88 68.50
CA TYR N 145 -6.37 17.95 69.53
C TYR N 145 -5.81 18.41 70.88
N VAL N 146 -4.71 17.78 71.31
CA VAL N 146 -3.99 18.12 72.57
C VAL N 146 -3.71 19.63 72.60
N ALA N 147 -2.99 20.14 71.60
CA ALA N 147 -2.50 21.54 71.53
C ALA N 147 -3.69 22.49 71.49
N TRP N 148 -4.74 22.15 70.76
CA TRP N 148 -6.04 22.87 70.73
C TRP N 148 -6.63 22.97 72.15
N LYS N 149 -6.84 21.84 72.83
CA LYS N 149 -7.46 21.83 74.18
C LYS N 149 -6.62 22.66 75.15
N ILE N 150 -5.30 22.43 75.22
CA ILE N 150 -4.36 23.14 76.16
C ILE N 150 -4.19 24.64 75.82
N SER N 151 -4.12 25.04 74.55
CA SER N 151 -4.06 26.47 74.15
C SER N 151 -5.39 27.16 74.49
N GLY N 152 -6.49 26.44 74.30
CA GLY N 152 -7.85 27.01 74.17
C GLY N 152 -7.94 28.03 73.05
N PHE N 153 -7.20 27.86 71.94
CA PHE N 153 -7.39 28.72 70.73
C PHE N 153 -8.62 28.26 69.99
N PRO N 154 -9.24 29.17 69.22
CA PRO N 154 -10.35 28.79 68.34
C PRO N 154 -9.83 27.82 67.28
N LYS N 155 -10.68 26.90 66.83
CA LYS N 155 -10.26 25.72 66.02
C LYS N 155 -9.58 26.17 64.73
N ASN N 156 -9.92 27.35 64.24
CA ASN N 156 -9.37 27.90 62.97
C ASN N 156 -7.84 28.02 63.09
N ARG N 157 -7.34 28.34 64.29
CA ARG N 157 -5.93 28.74 64.53
C ARG N 157 -5.09 27.57 65.07
N VAL N 158 -5.58 26.32 64.99
CA VAL N 158 -4.85 25.09 65.41
C VAL N 158 -4.95 24.05 64.27
N ILE N 159 -3.81 23.78 63.63
CA ILE N 159 -3.70 22.99 62.36
C ILE N 159 -2.72 21.84 62.59
N GLY N 160 -3.08 20.66 62.07
CA GLY N 160 -2.18 19.50 61.93
C GLY N 160 -1.62 19.41 60.53
N SER N 161 -0.30 19.25 60.39
CA SER N 161 0.39 18.97 59.11
C SER N 161 -0.33 17.81 58.42
N GLY N 162 -0.84 16.86 59.21
CA GLY N 162 -1.85 15.87 58.79
C GLY N 162 -1.38 15.07 57.59
N CYS N 163 -2.20 15.08 56.53
CA CYS N 163 -2.02 14.23 55.31
C CYS N 163 -1.46 15.07 54.14
N ASN N 164 -0.76 16.15 54.46
CA ASN N 164 -0.17 17.05 53.45
C ASN N 164 1.00 16.32 52.78
N LEU N 165 1.96 15.87 53.59
CA LEU N 165 3.13 15.13 53.07
C LEU N 165 2.61 13.91 52.32
N ASP N 166 1.69 13.14 52.91
CA ASP N 166 1.11 11.89 52.35
C ASP N 166 0.59 12.15 50.94
N SER N 167 -0.11 13.25 50.72
CA SER N 167 -0.68 13.61 49.40
C SER N 167 0.45 13.94 48.43
N ALA N 168 1.39 14.76 48.86
CA ALA N 168 2.60 15.16 48.10
C ALA N 168 3.29 13.90 47.55
N ARG N 169 3.42 12.91 48.44
CA ARG N 169 4.09 11.60 48.21
C ARG N 169 3.32 10.78 47.19
N PHE N 170 1.99 10.83 47.28
CA PHE N 170 1.08 10.11 46.36
C PHE N 170 1.21 10.72 44.96
N ARG N 171 1.25 12.06 44.87
CA ARG N 171 1.28 12.79 43.58
C ARG N 171 2.65 12.57 42.94
N TYR N 172 3.71 12.53 43.76
CA TYR N 172 5.06 12.11 43.28
C TYR N 172 5.00 10.70 42.69
N LEU N 173 4.35 9.75 43.37
CA LEU N 173 4.27 8.32 42.94
C LEU N 173 3.36 8.22 41.71
N MET N 174 2.32 9.04 41.67
CA MET N 174 1.38 9.14 40.52
C MET N 174 2.17 9.62 39.30
N GLY N 175 3.04 10.62 39.49
CA GLY N 175 3.85 11.25 38.44
C GLY N 175 4.87 10.31 37.82
N GLU N 176 5.50 9.43 38.60
CA GLU N 176 6.55 8.52 38.08
C GLU N 176 5.86 7.35 37.40
N ARG N 177 4.58 7.08 37.65
CA ARG N 177 3.81 6.07 36.87
C ARG N 177 3.47 6.63 35.49
N LEU N 178 3.10 7.91 35.40
CA LEU N 178 2.44 8.51 34.22
C LEU N 178 3.42 9.33 33.37
N GLY N 179 4.64 9.56 33.86
CA GLY N 179 5.69 10.31 33.14
C GLY N 179 5.40 11.80 33.09
N VAL N 180 4.58 12.31 34.03
CA VAL N 180 4.37 13.78 34.19
C VAL N 180 4.87 14.15 35.60
N HIS N 181 5.04 15.46 35.86
CA HIS N 181 5.47 16.06 37.15
C HIS N 181 4.34 15.87 38.17
N ALA N 182 4.66 15.84 39.47
CA ALA N 182 3.67 15.78 40.57
C ALA N 182 2.67 16.97 40.51
N LEU N 183 3.09 18.14 40.01
CA LEU N 183 2.29 19.40 39.98
C LEU N 183 1.09 19.27 39.02
N SER N 184 1.11 18.31 38.11
CA SER N 184 0.01 18.09 37.13
C SER N 184 -0.63 16.71 37.35
N CYS N 185 -0.25 16.05 38.45
CA CYS N 185 -0.94 14.87 38.99
C CYS N 185 -1.71 15.31 40.20
N HIS N 186 -2.98 14.94 40.25
CA HIS N 186 -3.90 15.36 41.34
C HIS N 186 -4.41 14.09 42.03
N GLY N 187 -4.45 14.13 43.35
CA GLY N 187 -4.80 12.99 44.19
C GLY N 187 -4.91 13.45 45.63
N TRP N 188 -5.89 12.93 46.36
CA TRP N 188 -6.05 13.30 47.78
C TRP N 188 -6.04 12.06 48.69
N ILE N 189 -5.17 12.10 49.68
CA ILE N 189 -5.20 11.18 50.84
C ILE N 189 -5.74 11.94 52.05
N LEU N 190 -6.89 11.49 52.58
CA LEU N 190 -7.67 12.17 53.64
C LEU N 190 -7.81 11.28 54.87
N GLY N 191 -8.47 11.80 55.91
CA GLY N 191 -8.71 11.11 57.18
C GLY N 191 -7.50 11.16 58.08
N GLU N 192 -7.22 10.05 58.77
CA GLU N 192 -6.18 9.95 59.82
C GLU N 192 -4.82 9.70 59.14
N HIS N 193 -3.85 10.59 59.31
CA HIS N 193 -2.44 10.36 58.90
C HIS N 193 -1.98 9.02 59.49
N GLY N 194 -1.59 8.07 58.64
CA GLY N 194 -0.95 6.79 59.02
C GLY N 194 -1.61 5.58 58.37
N ASP N 195 -1.75 4.50 59.13
CA ASP N 195 -2.33 3.19 58.71
C ASP N 195 -3.63 3.37 57.93
N SER N 196 -4.52 4.26 58.42
CA SER N 196 -5.98 4.27 58.12
C SER N 196 -6.34 5.36 57.12
N SER N 197 -5.35 6.11 56.62
CA SER N 197 -5.53 7.25 55.66
C SER N 197 -6.35 6.78 54.45
N VAL N 198 -7.30 7.60 54.00
CA VAL N 198 -8.28 7.27 52.93
C VAL N 198 -7.78 7.82 51.60
N PRO N 199 -7.45 6.94 50.62
CA PRO N 199 -7.11 7.40 49.27
C PRO N 199 -8.42 7.63 48.50
N VAL N 200 -8.67 8.87 48.08
CA VAL N 200 -9.92 9.22 47.36
C VAL N 200 -9.69 8.96 45.86
N TRP N 201 -10.06 7.77 45.39
CA TRP N 201 -9.80 7.33 43.99
C TRP N 201 -10.56 8.24 43.01
N SER N 202 -11.79 8.58 43.34
CA SER N 202 -12.71 9.38 42.51
C SER N 202 -12.02 10.66 42.01
N GLY N 203 -11.14 11.25 42.84
CA GLY N 203 -10.57 12.61 42.65
C GLY N 203 -9.15 12.58 42.11
N MET N 204 -8.73 11.51 41.45
CA MET N 204 -7.37 11.40 40.87
C MET N 204 -7.51 11.71 39.38
N ASN N 205 -6.76 12.70 38.92
CA ASN N 205 -6.87 13.17 37.52
C ASN N 205 -5.58 13.88 37.12
N VAL N 206 -5.25 13.75 35.84
CA VAL N 206 -4.39 14.70 35.11
C VAL N 206 -5.34 15.54 34.25
N ALA N 207 -5.13 16.85 34.18
CA ALA N 207 -5.83 17.76 33.23
C ALA N 207 -7.35 17.57 33.31
N GLY N 208 -7.87 17.27 34.51
CA GLY N 208 -9.33 17.18 34.76
C GLY N 208 -9.91 15.87 34.24
N VAL N 209 -9.06 14.91 33.86
CA VAL N 209 -9.47 13.59 33.34
C VAL N 209 -9.46 12.64 34.55
N SER N 210 -10.64 12.27 35.05
CA SER N 210 -10.88 11.22 36.07
C SER N 210 -10.15 9.92 35.70
N LEU N 211 -9.27 9.45 36.56
CA LEU N 211 -8.59 8.14 36.36
C LEU N 211 -9.56 7.00 36.74
N LYS N 212 -10.50 7.25 37.64
CA LYS N 212 -11.53 6.24 38.04
C LYS N 212 -12.44 5.96 36.83
N THR N 213 -12.89 7.00 36.12
CA THR N 213 -13.81 6.84 34.94
C THR N 213 -13.10 6.09 33.82
N LEU N 214 -11.85 6.44 33.53
CA LEU N 214 -11.13 5.94 32.33
C LEU N 214 -10.60 4.52 32.57
N HIS N 215 -10.38 4.17 33.85
CA HIS N 215 -9.82 2.88 34.33
C HIS N 215 -10.66 2.39 35.50
N PRO N 216 -11.91 1.93 35.28
CA PRO N 216 -12.89 1.74 36.36
C PRO N 216 -12.49 0.70 37.41
N GLU N 217 -11.51 -0.16 37.10
CA GLU N 217 -10.96 -1.15 38.06
C GLU N 217 -9.92 -0.46 38.97
N LEU N 218 -9.89 0.88 39.05
CA LEU N 218 -8.87 1.63 39.84
C LEU N 218 -9.23 1.60 41.32
N GLY N 219 -8.27 1.18 42.15
CA GLY N 219 -8.41 1.19 43.63
C GLY N 219 -9.12 -0.05 44.14
N THR N 220 -9.19 -1.09 43.31
CA THR N 220 -9.81 -2.40 43.64
C THR N 220 -8.67 -3.43 43.66
N ASP N 221 -9.01 -4.70 43.95
CA ASP N 221 -8.04 -5.82 44.04
C ASP N 221 -7.85 -6.43 42.65
N ALA N 222 -8.93 -6.48 41.85
CA ALA N 222 -8.95 -7.08 40.49
C ALA N 222 -8.15 -6.22 39.49
N ASP N 223 -7.74 -5.00 39.88
CA ASP N 223 -6.91 -4.04 39.09
C ASP N 223 -5.54 -4.67 38.78
N LYS N 224 -5.18 -4.80 37.50
CA LYS N 224 -3.88 -5.38 37.09
C LYS N 224 -2.75 -4.38 37.40
N GLU N 225 -3.05 -3.09 37.46
CA GLU N 225 -2.07 -2.00 37.72
C GLU N 225 -1.80 -1.83 39.23
N GLN N 226 -2.70 -2.32 40.09
CA GLN N 226 -2.52 -2.41 41.58
C GLN N 226 -2.18 -1.05 42.20
N TRP N 227 -3.03 -0.05 41.94
CA TRP N 227 -2.87 1.33 42.46
C TRP N 227 -3.05 1.33 43.98
N LYS N 228 -3.83 0.40 44.53
CA LYS N 228 -3.99 0.21 45.99
C LYS N 228 -2.60 0.06 46.64
N GLN N 229 -1.64 -0.55 45.94
CA GLN N 229 -0.25 -0.76 46.40
C GLN N 229 0.56 0.55 46.38
N VAL N 230 0.12 1.54 45.61
CA VAL N 230 0.71 2.92 45.57
C VAL N 230 0.34 3.64 46.87
N HIS N 231 -0.93 3.59 47.28
CA HIS N 231 -1.38 4.13 48.59
C HIS N 231 -0.65 3.41 49.73
N LYS N 232 -0.33 2.12 49.55
CA LYS N 232 0.46 1.33 50.53
C LYS N 232 1.89 1.90 50.58
N GLN N 233 2.45 2.27 49.42
CA GLN N 233 3.79 2.92 49.37
C GLN N 233 3.76 4.25 50.12
N VAL N 234 2.64 4.99 50.05
CA VAL N 234 2.51 6.29 50.76
C VAL N 234 2.60 6.01 52.24
N VAL N 235 1.81 5.02 52.69
CA VAL N 235 1.71 4.52 54.09
C VAL N 235 3.09 4.04 54.55
N ASP N 236 3.82 3.32 53.70
CA ASP N 236 5.09 2.63 54.07
C ASP N 236 6.30 3.54 53.82
N SER N 237 6.10 4.83 53.51
CA SER N 237 7.17 5.77 53.07
C SER N 237 8.10 6.13 54.23
N ALA N 238 7.55 6.64 55.34
CA ALA N 238 8.31 6.93 56.56
C ALA N 238 9.16 5.71 56.92
N TYR N 239 8.51 4.54 56.95
CA TYR N 239 9.12 3.26 57.38
C TYR N 239 10.30 2.95 56.44
N GLU N 240 10.06 2.92 55.12
CA GLU N 240 11.10 2.60 54.09
C GLU N 240 12.27 3.58 54.21
N VAL N 241 12.02 4.87 54.44
CA VAL N 241 13.09 5.92 54.50
C VAL N 241 13.83 5.78 55.83
N ILE N 242 13.10 5.66 56.93
CA ILE N 242 13.67 5.49 58.30
C ILE N 242 14.54 4.23 58.32
N LYS N 243 14.15 3.20 57.57
CA LYS N 243 14.81 1.87 57.50
C LYS N 243 16.14 2.01 56.74
N LEU N 244 16.36 3.15 56.06
CA LEU N 244 17.50 3.37 55.12
C LEU N 244 18.44 4.44 55.68
N LYS N 245 17.92 5.59 56.15
CA LYS N 245 18.79 6.69 56.65
C LYS N 245 18.61 6.91 58.15
N GLY N 246 17.58 6.31 58.77
CA GLY N 246 17.34 6.37 60.22
C GLY N 246 16.34 7.44 60.64
N TYR N 247 15.83 8.19 59.67
CA TYR N 247 14.80 9.23 59.90
C TYR N 247 14.33 9.78 58.56
N THR N 248 13.31 10.63 58.62
CA THR N 248 12.74 11.42 57.50
C THR N 248 13.01 12.87 57.87
N SER N 249 13.37 13.68 56.90
CA SER N 249 13.86 15.05 57.17
C SER N 249 13.32 16.06 56.17
N TRP N 250 13.79 15.93 54.94
CA TRP N 250 13.60 16.85 53.80
C TRP N 250 12.15 17.02 53.32
N ALA N 251 11.45 15.95 53.04
CA ALA N 251 10.09 16.04 52.45
C ALA N 251 9.10 16.75 53.42
N ILE N 252 9.20 16.46 54.73
CA ILE N 252 8.35 17.11 55.77
C ILE N 252 8.79 18.57 55.96
N GLY N 253 10.09 18.86 55.85
CA GLY N 253 10.57 20.26 55.81
C GLY N 253 9.87 21.07 54.73
N LEU N 254 9.80 20.52 53.51
CA LEU N 254 9.22 21.22 52.33
C LEU N 254 7.70 21.27 52.46
N SER N 255 7.06 20.21 52.97
CA SER N 255 5.59 20.20 53.16
C SER N 255 5.20 21.26 54.18
N VAL N 256 5.98 21.46 55.24
CA VAL N 256 5.65 22.45 56.31
C VAL N 256 5.88 23.88 55.79
N ALA N 257 6.98 24.12 55.07
CA ALA N 257 7.25 25.44 54.48
C ALA N 257 6.10 25.81 53.53
N ASP N 258 5.46 24.81 52.92
CA ASP N 258 4.36 25.02 51.95
C ASP N 258 3.10 25.51 52.68
N LEU N 259 2.75 24.89 53.81
CA LEU N 259 1.63 25.36 54.67
C LEU N 259 1.96 26.75 55.24
N ALA N 260 3.20 26.93 55.71
CA ALA N 260 3.77 28.23 56.18
C ALA N 260 3.46 29.34 55.18
N GLU N 261 3.76 29.10 53.91
CA GLU N 261 3.60 30.10 52.81
C GLU N 261 2.11 30.42 52.61
N SER N 262 1.24 29.41 52.53
CA SER N 262 -0.23 29.63 52.43
C SER N 262 -0.70 30.52 53.58
N ILE N 263 -0.18 30.28 54.78
CA ILE N 263 -0.60 31.03 56.01
C ILE N 263 -0.02 32.45 55.99
N MET N 264 1.30 32.60 55.87
CA MET N 264 1.98 33.91 56.04
C MET N 264 1.59 34.89 54.94
N LYS N 265 1.28 34.38 53.73
CA LYS N 265 1.01 35.21 52.52
C LYS N 265 -0.48 35.20 52.20
N ASN N 266 -1.31 34.66 53.10
CA ASN N 266 -2.80 34.68 53.04
C ASN N 266 -3.32 34.17 51.70
N LEU N 267 -2.81 33.02 51.24
CA LEU N 267 -3.04 32.56 49.85
C LEU N 267 -4.44 31.96 49.67
N ARG N 268 -5.01 31.34 50.71
CA ARG N 268 -6.29 30.59 50.62
C ARG N 268 -6.13 29.51 49.54
N ARG N 269 -5.05 28.74 49.62
CA ARG N 269 -4.90 27.47 48.88
C ARG N 269 -5.52 26.34 49.70
N VAL N 270 -5.80 25.23 49.03
CA VAL N 270 -6.55 24.08 49.59
C VAL N 270 -5.51 22.99 49.83
N HIS N 271 -5.20 22.71 51.09
CA HIS N 271 -4.26 21.64 51.52
C HIS N 271 -5.04 20.55 52.23
N PRO N 272 -4.61 19.28 52.10
CA PRO N 272 -5.17 18.20 52.90
C PRO N 272 -4.49 18.26 54.28
N ILE N 273 -5.00 19.09 55.19
CA ILE N 273 -4.44 19.32 56.55
C ILE N 273 -5.50 18.95 57.61
N SER N 274 -5.06 18.80 58.86
CA SER N 274 -5.86 18.20 59.96
C SER N 274 -6.57 19.31 60.73
N THR N 275 -7.89 19.37 60.62
CA THR N 275 -8.75 20.39 61.29
C THR N 275 -9.81 19.68 62.12
N MET N 276 -10.36 20.42 63.10
CA MET N 276 -11.39 19.95 64.08
C MET N 276 -12.72 19.79 63.33
N LEU N 277 -13.13 18.54 63.07
CA LEU N 277 -14.09 18.14 62.00
C LEU N 277 -15.50 17.89 62.54
N LYS N 278 -15.69 17.90 63.86
CA LYS N 278 -17.02 17.68 64.48
C LYS N 278 -18.01 18.54 63.70
N GLY N 279 -19.10 17.93 63.22
CA GLY N 279 -20.19 18.64 62.53
C GLY N 279 -20.15 18.46 61.02
N LEU N 280 -19.04 17.96 60.47
CA LEU N 280 -18.92 17.61 59.02
C LEU N 280 -18.55 16.12 58.90
N TYR N 281 -18.80 15.55 57.71
CA TYR N 281 -18.38 14.19 57.27
C TYR N 281 -18.93 13.12 58.22
N GLY N 282 -20.11 13.38 58.81
CA GLY N 282 -20.83 12.50 59.73
C GLY N 282 -20.08 12.28 61.05
N ILE N 283 -19.20 13.21 61.44
CA ILE N 283 -18.36 13.12 62.68
C ILE N 283 -19.04 13.94 63.78
N LYS N 284 -19.20 13.36 64.98
CA LYS N 284 -20.03 13.93 66.08
C LYS N 284 -19.18 14.28 67.31
N GLU N 285 -17.96 13.78 67.43
CA GLU N 285 -17.06 14.05 68.59
C GLU N 285 -15.95 15.04 68.18
N ASP N 286 -15.26 15.63 69.17
CA ASP N 286 -14.18 16.64 68.99
C ASP N 286 -12.88 15.93 68.60
N VAL N 287 -12.76 15.53 67.33
CA VAL N 287 -11.54 14.88 66.76
C VAL N 287 -11.02 15.72 65.60
N PHE N 288 -9.78 15.47 65.18
CA PHE N 288 -9.12 16.15 64.04
C PHE N 288 -8.85 15.12 62.93
N LEU N 289 -9.29 15.38 61.69
CA LEU N 289 -8.99 14.50 60.51
C LEU N 289 -8.56 15.37 59.32
N SER N 290 -7.71 14.83 58.44
CA SER N 290 -7.27 15.52 57.20
C SER N 290 -8.45 15.62 56.21
N VAL N 291 -8.86 16.85 55.90
CA VAL N 291 -9.78 17.17 54.78
C VAL N 291 -9.19 18.33 54.01
N PRO N 292 -9.62 18.59 52.77
CA PRO N 292 -9.14 19.75 52.02
C PRO N 292 -9.66 21.01 52.71
N CYS N 293 -8.73 21.81 53.22
CA CYS N 293 -8.98 23.01 54.07
C CYS N 293 -8.44 24.24 53.36
N VAL N 294 -9.17 25.35 53.41
CA VAL N 294 -8.69 26.64 52.84
C VAL N 294 -7.84 27.38 53.89
N LEU N 295 -6.54 27.53 53.62
CA LEU N 295 -5.52 27.99 54.59
C LEU N 295 -5.09 29.41 54.25
N GLY N 296 -5.14 30.33 55.21
CA GLY N 296 -4.81 31.76 55.04
C GLY N 296 -4.22 32.36 56.31
N GLN N 297 -4.27 33.70 56.46
CA GLN N 297 -3.59 34.42 57.57
C GLN N 297 -4.29 34.21 58.92
N ASN N 298 -5.54 33.72 58.93
CA ASN N 298 -6.33 33.44 60.15
C ASN N 298 -6.51 31.92 60.29
N GLY N 299 -5.55 31.14 59.77
CA GLY N 299 -5.59 29.67 59.74
C GLY N 299 -6.66 29.15 58.80
N ILE N 300 -7.40 28.12 59.23
CA ILE N 300 -8.45 27.40 58.43
C ILE N 300 -9.78 28.14 58.54
N SER N 301 -10.17 28.82 57.46
CA SER N 301 -11.42 29.61 57.38
C SER N 301 -12.53 28.78 56.71
N ASP N 302 -12.17 27.71 56.00
CA ASP N 302 -13.10 26.94 55.12
C ASP N 302 -12.61 25.50 54.95
N VAL N 303 -13.54 24.59 54.72
CA VAL N 303 -13.28 23.14 54.48
C VAL N 303 -14.04 22.73 53.23
N VAL N 304 -13.40 21.98 52.36
CA VAL N 304 -14.04 21.45 51.12
C VAL N 304 -14.75 20.14 51.49
N LYS N 305 -16.03 20.05 51.10
CA LYS N 305 -16.94 18.92 51.39
C LYS N 305 -16.79 17.91 50.25
N VAL N 306 -15.81 17.02 50.35
CA VAL N 306 -15.53 15.94 49.37
C VAL N 306 -16.67 14.90 49.46
N THR N 307 -17.24 14.52 48.31
CA THR N 307 -18.18 13.37 48.20
C THR N 307 -17.38 12.08 48.36
N LEU N 308 -17.64 11.31 49.43
CA LEU N 308 -17.00 10.00 49.66
C LEU N 308 -18.00 8.90 49.31
N THR N 309 -17.51 7.73 48.89
CA THR N 309 -18.32 6.48 48.85
C THR N 309 -18.61 6.04 50.30
N SER N 310 -19.50 5.05 50.46
CA SER N 310 -20.01 4.55 51.76
C SER N 310 -18.85 3.98 52.59
N GLU N 311 -17.93 3.23 51.95
CA GLU N 311 -16.70 2.66 52.57
C GLU N 311 -15.84 3.80 53.13
N GLU N 312 -15.57 4.83 52.32
CA GLU N 312 -14.74 6.01 52.66
C GLU N 312 -15.34 6.82 53.83
N GLU N 313 -16.65 7.07 53.82
CA GLU N 313 -17.32 7.78 54.95
C GLU N 313 -17.17 6.90 56.20
N ALA N 314 -17.35 5.58 56.03
CA ALA N 314 -17.27 4.55 57.11
C ALA N 314 -15.85 4.50 57.66
N HIS N 315 -14.88 4.66 56.77
CA HIS N 315 -13.43 4.63 57.06
C HIS N 315 -13.09 5.82 57.97
N LEU N 316 -13.66 6.99 57.69
CA LEU N 316 -13.38 8.26 58.42
C LEU N 316 -14.01 8.22 59.81
N LYS N 317 -15.16 7.56 59.93
CA LYS N 317 -16.00 7.56 61.16
C LYS N 317 -15.39 6.55 62.14
N LYS N 318 -14.79 5.49 61.61
CA LYS N 318 -14.01 4.49 62.39
C LYS N 318 -12.72 5.12 62.93
N SER N 319 -12.13 6.08 62.22
CA SER N 319 -10.96 6.86 62.68
C SER N 319 -11.38 7.87 63.75
N ALA N 320 -12.53 8.54 63.61
CA ALA N 320 -13.06 9.48 64.62
C ALA N 320 -13.41 8.73 65.92
N ASP N 321 -13.94 7.51 65.81
CA ASP N 321 -14.32 6.63 66.96
C ASP N 321 -13.07 6.27 67.74
N THR N 322 -12.08 5.69 67.08
CA THR N 322 -10.85 5.16 67.72
C THR N 322 -10.07 6.34 68.31
N LEU N 323 -10.06 7.51 67.65
CA LEU N 323 -9.35 8.73 68.14
C LEU N 323 -10.04 9.30 69.38
N TRP N 324 -11.37 9.40 69.37
CA TRP N 324 -12.13 9.82 70.58
C TRP N 324 -11.86 8.82 71.71
N GLY N 325 -11.87 7.51 71.41
CA GLY N 325 -11.65 6.42 72.38
C GLY N 325 -10.42 6.65 73.24
N ILE N 326 -9.29 7.00 72.61
CA ILE N 326 -8.01 7.41 73.27
C ILE N 326 -8.19 8.78 73.94
N GLN N 327 -8.68 9.77 73.19
CA GLN N 327 -8.77 11.19 73.63
C GLN N 327 -9.52 11.26 74.97
N LYS N 328 -10.61 10.51 75.13
CA LYS N 328 -11.37 10.38 76.40
C LYS N 328 -10.39 10.15 77.55
N GLU N 329 -9.61 9.06 77.47
CA GLU N 329 -8.81 8.53 78.60
C GLU N 329 -7.63 9.48 78.88
N LEU N 330 -7.39 10.50 78.06
CA LEU N 330 -6.30 11.48 78.29
C LEU N 330 -6.58 12.24 79.58
N GLN N 331 -5.53 12.50 80.35
CA GLN N 331 -5.53 13.30 81.60
C GLN N 331 -4.77 14.59 81.34
N PHE N 332 -5.48 15.73 81.38
CA PHE N 332 -4.92 17.07 81.11
C PHE N 332 -4.48 17.69 82.45
N ALA O 2 49.21 49.43 32.66
CA ALA O 2 48.66 50.77 32.28
C ALA O 2 47.15 50.77 32.55
N ALA O 3 46.39 49.95 31.80
CA ALA O 3 44.90 49.88 31.87
C ALA O 3 44.47 49.37 33.25
N LEU O 4 43.45 50.02 33.84
CA LEU O 4 42.90 49.70 35.18
C LEU O 4 42.45 48.24 35.21
N LYS O 5 41.71 47.79 34.19
CA LYS O 5 41.17 46.42 34.08
C LYS O 5 42.29 45.40 34.31
N ASP O 6 43.49 45.66 33.77
CA ASP O 6 44.68 44.75 33.83
C ASP O 6 45.45 44.98 35.13
N GLN O 7 45.48 46.18 35.66
CA GLN O 7 46.07 46.42 37.01
C GLN O 7 45.27 45.62 38.04
N LEU O 8 43.94 45.53 37.83
CA LEU O 8 42.99 45.00 38.84
C LEU O 8 42.81 43.48 38.67
N ILE O 9 42.71 42.99 37.44
CA ILE O 9 42.32 41.58 37.14
C ILE O 9 43.40 40.94 36.25
N HIS O 10 44.04 39.88 36.77
CA HIS O 10 44.86 38.94 35.98
C HIS O 10 43.94 37.96 35.24
N ASN O 11 43.74 38.14 33.94
CA ASN O 11 43.05 37.13 33.09
C ASN O 11 43.90 35.86 33.13
N LEU O 12 43.26 34.69 33.18
CA LEU O 12 44.00 33.39 33.15
C LEU O 12 43.29 32.39 32.23
N LEU O 13 42.31 32.84 31.44
CA LEU O 13 41.52 31.96 30.54
C LEU O 13 40.88 32.80 29.43
N LYS O 14 41.18 32.48 28.18
CA LYS O 14 40.58 33.12 26.98
C LYS O 14 39.22 32.46 26.73
N GLU O 15 38.13 33.23 26.82
CA GLU O 15 36.78 32.73 27.21
C GLU O 15 35.98 32.19 26.02
N GLU O 16 35.37 31.03 26.27
CA GLU O 16 34.40 30.29 25.41
C GLU O 16 33.01 30.91 25.62
N HIS O 17 32.59 31.85 24.77
CA HIS O 17 31.30 32.57 24.96
C HIS O 17 30.16 31.80 24.27
N VAL O 18 29.80 30.64 24.82
CA VAL O 18 28.73 29.73 24.32
C VAL O 18 27.58 29.77 25.32
N PRO O 19 26.40 30.32 24.95
CA PRO O 19 25.30 30.40 25.91
C PRO O 19 24.77 28.99 26.18
N GLN O 20 24.35 28.75 27.42
CA GLN O 20 23.87 27.42 27.87
C GLN O 20 22.34 27.44 28.06
N ASN O 21 21.75 28.54 28.54
CA ASN O 21 20.27 28.61 28.70
C ASN O 21 19.79 29.96 28.20
N LYS O 22 19.95 30.19 26.90
CA LYS O 22 19.65 31.47 26.23
C LYS O 22 18.20 31.50 25.73
N ILE O 23 17.48 32.59 25.99
CA ILE O 23 16.12 32.82 25.42
C ILE O 23 16.09 34.10 24.56
N THR O 24 15.45 34.01 23.39
CA THR O 24 15.18 35.15 22.50
C THR O 24 13.68 35.48 22.56
N VAL O 25 13.36 36.77 22.69
CA VAL O 25 12.00 37.29 22.43
C VAL O 25 12.06 38.07 21.11
N VAL O 26 11.29 37.62 20.12
CA VAL O 26 11.11 38.36 18.84
C VAL O 26 9.87 39.23 19.00
N GLY O 27 10.03 40.55 18.87
CA GLY O 27 8.96 41.56 19.00
C GLY O 27 9.06 42.30 20.32
N VAL O 28 9.39 43.59 20.30
CA VAL O 28 9.55 44.41 21.55
C VAL O 28 8.30 45.30 21.75
N GLY O 29 7.13 44.79 21.39
CA GLY O 29 5.83 45.39 21.74
C GLY O 29 5.40 45.06 23.16
N ALA O 30 4.24 45.56 23.58
CA ALA O 30 3.80 45.45 24.98
C ALA O 30 4.00 44.01 25.47
N VAL O 31 3.63 43.03 24.64
CA VAL O 31 3.61 41.57 24.97
C VAL O 31 5.04 41.05 25.15
N GLY O 32 5.85 41.20 24.10
CA GLY O 32 7.28 40.82 24.10
C GLY O 32 8.02 41.29 25.33
N MET O 33 7.91 42.58 25.68
CA MET O 33 8.66 43.19 26.83
C MET O 33 8.15 42.62 28.16
N ALA O 34 6.86 42.24 28.25
CA ALA O 34 6.21 41.62 29.42
C ALA O 34 6.69 40.16 29.52
N CYS O 35 6.80 39.49 28.38
CA CYS O 35 7.45 38.16 28.31
C CYS O 35 8.86 38.32 28.88
N ALA O 36 9.57 39.39 28.47
CA ALA O 36 11.00 39.65 28.77
C ALA O 36 11.19 39.83 30.27
N ILE O 37 10.56 40.87 30.81
CA ILE O 37 10.65 41.23 32.24
C ILE O 37 10.28 39.98 33.07
N SER O 38 9.23 39.23 32.68
CA SER O 38 8.77 38.01 33.41
C SER O 38 9.84 36.89 33.36
N ILE O 39 10.53 36.74 32.23
CA ILE O 39 11.55 35.68 32.08
C ILE O 39 12.77 36.10 32.92
N LEU O 40 13.12 37.39 32.90
CA LEU O 40 14.28 37.92 33.64
C LEU O 40 14.06 37.69 35.13
N MET O 41 12.88 37.99 35.61
CA MET O 41 12.59 37.99 37.06
C MET O 41 12.38 36.57 37.56
N LYS O 42 12.17 35.60 36.66
CA LYS O 42 12.07 34.15 37.01
C LYS O 42 13.39 33.39 36.79
N ASP O 43 14.49 34.07 36.43
CA ASP O 43 15.87 33.52 36.31
C ASP O 43 15.89 32.26 35.42
N LEU O 44 15.22 32.28 34.26
CA LEU O 44 15.12 31.11 33.33
C LEU O 44 16.30 31.11 32.34
N ALA O 45 16.89 32.29 32.08
CA ALA O 45 17.92 32.54 31.05
C ALA O 45 19.28 32.95 31.69
N ASP O 46 20.38 32.57 31.03
CA ASP O 46 21.73 33.10 31.33
C ASP O 46 22.02 34.23 30.34
N GLU O 47 21.42 34.19 29.15
CA GLU O 47 21.51 35.26 28.14
C GLU O 47 20.10 35.48 27.59
N LEU O 48 19.72 36.72 27.32
CA LEU O 48 18.44 37.04 26.65
C LEU O 48 18.71 37.95 25.45
N ALA O 49 18.04 37.68 24.34
CA ALA O 49 18.15 38.43 23.08
C ALA O 49 16.78 39.00 22.68
N LEU O 50 16.74 40.30 22.37
CA LEU O 50 15.57 41.01 21.80
C LEU O 50 15.81 41.25 20.31
N VAL O 51 14.82 41.01 19.46
CA VAL O 51 14.88 41.39 18.02
C VAL O 51 13.55 42.01 17.60
N ASP O 52 13.61 42.98 16.68
CA ASP O 52 12.49 43.80 16.17
C ASP O 52 13.03 44.71 15.05
N VAL O 53 12.16 45.07 14.11
CA VAL O 53 12.49 45.85 12.89
C VAL O 53 12.79 47.31 13.30
N MET O 54 12.19 47.77 14.40
CA MET O 54 12.32 49.15 14.97
C MET O 54 13.56 49.24 15.86
N GLU O 55 14.69 49.70 15.32
CA GLU O 55 16.04 49.65 15.95
C GLU O 55 16.10 50.53 17.21
N ASP O 56 15.36 51.64 17.22
CA ASP O 56 15.42 52.67 18.29
C ASP O 56 14.74 52.10 19.56
N LYS O 57 13.48 51.70 19.42
CA LYS O 57 12.68 51.05 20.49
C LYS O 57 13.48 49.83 20.99
N LEU O 58 13.94 48.99 20.06
CA LEU O 58 14.70 47.76 20.39
C LEU O 58 15.88 48.10 21.29
N LYS O 59 16.63 49.15 20.98
CA LYS O 59 17.87 49.53 21.72
C LYS O 59 17.51 50.21 23.04
N GLY O 60 16.41 50.96 23.06
CA GLY O 60 15.89 51.63 24.28
C GLY O 60 15.49 50.59 25.32
N GLU O 61 14.69 49.64 24.87
CA GLU O 61 14.23 48.47 25.66
C GLU O 61 15.45 47.69 26.19
N MET O 62 16.35 47.27 25.32
CA MET O 62 17.57 46.52 25.74
C MET O 62 18.31 47.30 26.84
N MET O 63 18.54 48.61 26.62
CA MET O 63 19.36 49.46 27.53
C MET O 63 18.67 49.52 28.90
N ASP O 64 17.34 49.72 28.91
CA ASP O 64 16.50 49.91 30.14
C ASP O 64 16.56 48.64 31.00
N LEU O 65 16.40 47.45 30.38
CA LEU O 65 16.58 46.12 31.02
C LEU O 65 17.97 46.05 31.64
N GLN O 66 18.98 46.45 30.86
CA GLN O 66 20.43 46.39 31.22
C GLN O 66 20.72 47.20 32.49
N HIS O 67 20.09 48.37 32.67
CA HIS O 67 20.29 49.28 33.85
C HIS O 67 19.80 48.59 35.13
N GLY O 68 19.03 47.52 34.97
CA GLY O 68 18.50 46.72 36.09
C GLY O 68 19.33 45.49 36.41
N SER O 69 20.43 45.23 35.71
CA SER O 69 21.27 44.00 35.82
C SER O 69 21.67 43.71 37.28
N LEU O 70 21.98 44.74 38.08
CA LEU O 70 22.28 44.60 39.54
C LEU O 70 21.19 43.77 40.26
N PHE O 71 19.92 43.92 39.84
CA PHE O 71 18.73 43.40 40.54
C PHE O 71 18.31 42.05 39.91
N LEU O 72 19.03 41.60 38.88
CA LEU O 72 18.71 40.40 38.08
C LEU O 72 19.85 39.37 38.19
N ARG O 73 19.60 38.19 37.63
CA ARG O 73 20.55 37.04 37.63
C ARG O 73 20.59 36.47 36.21
N THR O 74 20.46 37.35 35.21
CA THR O 74 20.66 37.06 33.77
C THR O 74 21.81 37.95 33.30
N PRO O 75 23.07 37.45 33.31
CA PRO O 75 24.23 38.33 33.17
C PRO O 75 24.28 39.11 31.85
N LYS O 76 23.68 38.63 30.77
CA LYS O 76 23.84 39.21 29.41
C LYS O 76 22.47 39.47 28.75
N ILE O 77 22.16 40.73 28.47
CA ILE O 77 20.98 41.16 27.68
C ILE O 77 21.47 41.79 26.37
N VAL O 78 21.06 41.24 25.21
CA VAL O 78 21.51 41.72 23.87
C VAL O 78 20.29 42.01 23.01
N SER O 79 20.51 42.73 21.89
CA SER O 79 19.47 43.13 20.90
C SER O 79 20.11 43.50 19.56
N GLY O 80 19.27 43.63 18.55
CA GLY O 80 19.68 43.96 17.17
C GLY O 80 18.56 43.58 16.21
N LYS O 81 18.47 44.23 15.05
CA LYS O 81 17.52 43.79 14.00
C LYS O 81 18.15 42.59 13.26
N ASP O 82 19.46 42.40 13.42
CA ASP O 82 20.24 41.25 12.87
C ASP O 82 20.08 40.01 13.78
N TYR O 83 19.59 38.89 13.24
CA TYR O 83 19.25 37.65 13.98
C TYR O 83 20.54 36.92 14.42
N SER O 84 21.71 37.41 13.98
CA SER O 84 23.02 37.01 14.54
C SER O 84 22.94 36.99 16.08
N VAL O 85 22.22 37.95 16.67
CA VAL O 85 22.21 38.18 18.13
C VAL O 85 21.42 37.06 18.83
N THR O 86 20.64 36.28 18.07
CA THR O 86 19.71 35.24 18.58
C THR O 86 20.40 33.86 18.59
N ALA O 87 21.71 33.80 18.36
CA ALA O 87 22.41 32.52 18.06
C ALA O 87 22.40 31.60 19.30
N ASN O 88 22.08 30.32 19.07
CA ASN O 88 22.20 29.22 20.07
C ASN O 88 21.18 29.49 21.18
N SER O 89 19.98 29.94 20.78
CA SER O 89 18.81 30.04 21.67
C SER O 89 18.27 28.64 21.92
N LYS O 90 18.12 28.27 23.19
CA LYS O 90 17.30 27.11 23.59
C LYS O 90 15.87 27.35 23.10
N LEU O 91 15.37 28.58 23.19
CA LEU O 91 13.92 28.86 23.02
C LEU O 91 13.76 30.27 22.43
N VAL O 92 12.84 30.38 21.47
CA VAL O 92 12.56 31.63 20.74
C VAL O 92 11.06 31.88 20.79
N ILE O 93 10.71 33.07 21.27
CA ILE O 93 9.32 33.51 21.54
C ILE O 93 8.95 34.54 20.49
N ILE O 94 8.18 34.11 19.49
CA ILE O 94 7.68 35.00 18.39
C ILE O 94 6.44 35.73 18.89
N THR O 95 6.56 37.07 19.04
CA THR O 95 5.47 37.98 19.46
C THR O 95 5.11 38.95 18.32
N ALA O 96 6.02 39.17 17.36
CA ALA O 96 5.82 40.09 16.21
C ALA O 96 4.75 39.53 15.27
N GLY O 97 4.28 40.38 14.37
CA GLY O 97 3.22 40.10 13.38
C GLY O 97 2.58 41.40 12.91
N ALA O 98 1.50 41.31 12.13
CA ALA O 98 0.71 42.45 11.63
C ALA O 98 -0.67 42.40 12.28
N ARG O 99 -1.31 43.56 12.47
CA ARG O 99 -2.62 43.74 13.15
C ARG O 99 -3.72 43.98 12.11
N GLN O 100 -4.92 43.43 12.34
CA GLN O 100 -6.13 43.61 11.50
C GLN O 100 -6.24 45.09 11.09
N GLN O 101 -6.33 45.36 9.79
CA GLN O 101 -6.72 46.69 9.24
C GLN O 101 -8.22 46.64 8.99
N GLU O 102 -8.91 47.79 9.04
CA GLU O 102 -10.40 47.87 8.91
C GLU O 102 -10.82 47.18 7.60
N GLY O 103 -11.89 46.38 7.66
CA GLY O 103 -12.41 45.60 6.52
C GLY O 103 -11.33 44.86 5.75
N GLU O 104 -10.37 44.24 6.46
CA GLU O 104 -9.40 43.26 5.90
C GLU O 104 -9.94 41.86 6.21
N SER O 105 -9.94 40.95 5.23
CA SER O 105 -10.34 39.52 5.38
C SER O 105 -9.31 38.80 6.25
N ARG O 106 -9.74 37.93 7.18
CA ARG O 106 -8.81 37.18 8.07
C ARG O 106 -7.70 36.56 7.21
N LEU O 107 -8.03 36.13 5.98
CA LEU O 107 -7.10 35.45 5.04
C LEU O 107 -5.96 36.39 4.65
N ASN O 108 -6.27 37.64 4.32
CA ASN O 108 -5.27 38.66 3.91
C ASN O 108 -4.43 39.02 5.14
N LEU O 109 -5.08 39.14 6.31
CA LEU O 109 -4.39 39.37 7.60
C LEU O 109 -3.35 38.26 7.81
N VAL O 110 -3.77 37.01 7.69
CA VAL O 110 -2.87 35.84 7.92
C VAL O 110 -1.72 35.90 6.91
N GLN O 111 -2.02 36.15 5.64
CA GLN O 111 -1.02 36.12 4.54
C GLN O 111 0.07 37.17 4.80
N ARG O 112 -0.31 38.35 5.29
CA ARG O 112 0.68 39.42 5.63
C ARG O 112 1.60 38.89 6.73
N ASN O 113 1.03 38.17 7.70
CA ASN O 113 1.76 37.55 8.83
C ASN O 113 2.75 36.51 8.29
N VAL O 114 2.26 35.58 7.47
CA VAL O 114 3.10 34.60 6.69
C VAL O 114 4.29 35.37 6.09
N ASN O 115 4.03 36.49 5.44
CA ASN O 115 5.07 37.30 4.75
C ASN O 115 6.05 37.82 5.77
N ILE O 116 5.60 38.24 6.95
CA ILE O 116 6.51 38.68 8.06
C ILE O 116 7.28 37.44 8.55
N PHE O 117 6.60 36.30 8.62
CA PHE O 117 7.15 35.01 9.11
C PHE O 117 8.15 34.44 8.10
N LYS O 118 8.05 34.77 6.81
CA LYS O 118 8.97 34.22 5.77
C LYS O 118 10.37 34.87 5.91
N PHE O 119 10.47 35.98 6.66
CA PHE O 119 11.76 36.61 7.05
C PHE O 119 12.19 36.15 8.46
N ILE O 120 11.33 36.30 9.47
CA ILE O 120 11.70 36.08 10.91
C ILE O 120 12.25 34.65 11.07
N ILE O 121 11.49 33.64 10.62
CA ILE O 121 11.62 32.20 10.97
C ILE O 121 12.85 31.57 10.32
N PRO O 122 13.06 31.69 9.00
CA PRO O 122 14.29 31.18 8.39
C PRO O 122 15.52 31.78 9.07
N ASN O 123 15.43 33.00 9.59
CA ASN O 123 16.56 33.68 10.28
C ASN O 123 16.78 33.05 11.65
N VAL O 124 15.69 32.75 12.37
CA VAL O 124 15.70 32.15 13.73
C VAL O 124 16.37 30.78 13.60
N VAL O 125 15.99 30.03 12.56
CA VAL O 125 16.43 28.62 12.32
C VAL O 125 17.93 28.62 12.00
N LYS O 126 18.39 29.59 11.21
CA LYS O 126 19.81 29.72 10.81
C LYS O 126 20.64 29.72 12.10
N TYR O 127 20.30 30.56 13.07
CA TYR O 127 21.19 30.87 14.22
C TYR O 127 20.82 30.01 15.44
N SER O 128 19.60 29.47 15.50
CA SER O 128 19.18 28.53 16.58
C SER O 128 18.48 27.34 15.94
N PRO O 129 19.27 26.46 15.28
CA PRO O 129 18.69 25.33 14.54
C PRO O 129 18.09 24.24 15.43
N HIS O 130 18.43 24.21 16.72
CA HIS O 130 17.94 23.17 17.68
C HIS O 130 16.91 23.76 18.65
N CYS O 131 16.44 24.98 18.44
CA CYS O 131 15.61 25.70 19.44
C CYS O 131 14.18 25.14 19.43
N LYS O 132 13.42 25.43 20.47
CA LYS O 132 11.94 25.30 20.48
C LYS O 132 11.38 26.67 20.12
N LEU O 133 10.36 26.70 19.24
CA LEU O 133 9.65 27.94 18.84
C LEU O 133 8.42 28.06 19.72
N LEU O 134 8.24 29.20 20.37
CA LEU O 134 6.99 29.51 21.12
C LEU O 134 6.31 30.66 20.39
N VAL O 135 5.17 30.39 19.74
CA VAL O 135 4.42 31.42 18.97
C VAL O 135 3.31 31.99 19.84
N VAL O 136 3.35 33.31 20.07
CA VAL O 136 2.37 34.10 20.87
C VAL O 136 1.52 34.99 19.95
N SER O 137 2.05 35.37 18.78
CA SER O 137 1.40 36.22 17.75
C SER O 137 0.02 35.68 17.34
N ASN O 138 -1.00 36.54 17.26
CA ASN O 138 -2.40 36.20 16.88
C ASN O 138 -2.61 36.33 15.37
N PRO O 139 -3.50 35.52 14.75
CA PRO O 139 -4.23 34.43 15.42
C PRO O 139 -3.39 33.16 15.63
N VAL O 140 -3.16 32.77 16.91
CA VAL O 140 -1.97 32.00 17.39
C VAL O 140 -1.94 30.60 16.75
N ASP O 141 -3.09 29.99 16.49
CA ASP O 141 -3.20 28.57 16.06
C ASP O 141 -2.83 28.44 14.57
N ILE O 142 -3.18 29.41 13.72
CA ILE O 142 -2.76 29.43 12.28
C ILE O 142 -1.28 29.79 12.19
N LEU O 143 -0.82 30.75 13.00
CA LEU O 143 0.56 31.27 12.95
C LEU O 143 1.54 30.25 13.55
N THR O 144 1.12 29.44 14.53
CA THR O 144 1.93 28.29 15.00
C THR O 144 2.08 27.32 13.83
N TYR O 145 1.02 27.15 13.01
CA TYR O 145 1.05 26.37 11.75
C TYR O 145 2.05 26.99 10.76
N VAL O 146 1.93 28.30 10.49
CA VAL O 146 2.84 29.05 9.55
C VAL O 146 4.32 28.84 9.94
N ALA O 147 4.62 28.87 11.25
CA ALA O 147 5.99 28.81 11.82
C ALA O 147 6.57 27.40 11.71
N TRP O 148 5.72 26.37 11.80
CA TRP O 148 6.10 24.92 11.74
C TRP O 148 6.45 24.53 10.29
N LYS O 149 5.57 24.89 9.34
CA LYS O 149 5.76 24.62 7.90
C LYS O 149 7.02 25.35 7.39
N ILE O 150 7.24 26.62 7.76
CA ILE O 150 8.40 27.44 7.28
C ILE O 150 9.68 26.99 8.00
N SER O 151 9.59 26.58 9.27
CA SER O 151 10.77 26.21 10.11
C SER O 151 11.40 24.91 9.58
N GLY O 152 10.55 23.98 9.12
CA GLY O 152 10.91 22.57 8.87
C GLY O 152 10.96 21.73 10.16
N PHE O 153 10.87 22.37 11.33
CA PHE O 153 11.03 21.70 12.65
C PHE O 153 10.04 20.55 12.79
N PRO O 154 10.39 19.46 13.51
CA PRO O 154 9.42 18.44 13.88
C PRO O 154 8.42 19.03 14.88
N LYS O 155 7.17 18.57 14.84
CA LYS O 155 6.02 19.19 15.54
C LYS O 155 6.31 19.36 17.03
N ASN O 156 7.17 18.53 17.62
CA ASN O 156 7.47 18.58 19.06
C ASN O 156 8.12 19.93 19.42
N ARG O 157 8.79 20.62 18.50
CA ARG O 157 9.59 21.83 18.80
C ARG O 157 8.88 23.11 18.34
N VAL O 158 7.59 23.08 18.07
CA VAL O 158 6.85 24.29 17.61
C VAL O 158 5.50 24.36 18.34
N ILE O 159 5.33 25.41 19.14
CA ILE O 159 4.33 25.49 20.24
C ILE O 159 3.55 26.80 20.13
N GLY O 160 2.23 26.72 20.16
CA GLY O 160 1.36 27.90 20.25
C GLY O 160 1.01 28.18 21.69
N SER O 161 1.16 29.43 22.15
CA SER O 161 0.75 29.86 23.50
C SER O 161 -0.73 29.50 23.69
N GLY O 162 -1.47 29.40 22.57
CA GLY O 162 -2.82 28.84 22.47
C GLY O 162 -3.74 29.34 23.57
N CYS O 163 -4.28 28.41 24.37
CA CYS O 163 -5.28 28.66 25.44
C CYS O 163 -4.62 28.68 26.84
N ASN O 164 -3.28 28.87 26.94
CA ASN O 164 -2.59 28.86 28.25
C ASN O 164 -3.12 30.00 29.11
N LEU O 165 -3.35 31.19 28.56
CA LEU O 165 -3.84 32.34 29.36
C LEU O 165 -5.37 32.33 29.50
N ASP O 166 -6.09 31.80 28.52
CA ASP O 166 -7.56 31.58 28.61
C ASP O 166 -7.84 30.73 29.84
N SER O 167 -7.17 29.58 29.95
CA SER O 167 -7.30 28.62 31.07
C SER O 167 -6.93 29.28 32.40
N ALA O 168 -5.93 30.17 32.44
CA ALA O 168 -5.48 30.85 33.67
C ALA O 168 -6.53 31.87 34.14
N ARG O 169 -7.01 32.72 33.23
CA ARG O 169 -8.16 33.64 33.45
C ARG O 169 -9.37 32.87 33.99
N PHE O 170 -9.65 31.70 33.43
CA PHE O 170 -10.81 30.86 33.82
C PHE O 170 -10.68 30.41 35.28
N ARG O 171 -9.46 30.09 35.69
CA ARG O 171 -9.13 29.64 37.07
C ARG O 171 -9.16 30.84 38.02
N TYR O 172 -8.63 31.99 37.61
CA TYR O 172 -8.73 33.25 38.38
C TYR O 172 -10.20 33.57 38.69
N LEU O 173 -11.08 33.50 37.69
CA LEU O 173 -12.52 33.86 37.80
C LEU O 173 -13.22 32.84 38.71
N MET O 174 -12.97 31.56 38.43
CA MET O 174 -13.43 30.40 39.23
C MET O 174 -13.07 30.60 40.72
N GLY O 175 -11.88 31.14 40.98
CA GLY O 175 -11.37 31.41 42.35
C GLY O 175 -12.07 32.56 43.01
N GLU O 176 -12.40 33.63 42.28
CA GLU O 176 -13.11 34.80 42.84
C GLU O 176 -14.54 34.37 43.23
N ARG O 177 -15.12 33.43 42.50
CA ARG O 177 -16.51 32.91 42.69
C ARG O 177 -16.60 31.97 43.90
N LEU O 178 -15.54 31.21 44.22
CA LEU O 178 -15.55 30.17 45.29
C LEU O 178 -14.77 30.66 46.52
N GLY O 179 -14.13 31.81 46.48
CA GLY O 179 -13.29 32.34 47.59
C GLY O 179 -11.99 31.55 47.80
N VAL O 180 -11.41 30.99 46.75
CA VAL O 180 -10.24 30.06 46.76
C VAL O 180 -9.21 30.61 45.78
N HIS O 181 -7.91 30.38 45.99
CA HIS O 181 -6.83 30.85 45.09
C HIS O 181 -6.91 30.06 43.78
N ALA O 182 -6.51 30.65 42.65
CA ALA O 182 -6.64 30.02 41.31
C ALA O 182 -5.85 28.72 41.24
N LEU O 183 -4.67 28.68 41.87
CA LEU O 183 -3.83 27.45 42.01
C LEU O 183 -4.66 26.24 42.43
N SER O 184 -5.65 26.43 43.30
CA SER O 184 -6.45 25.35 43.92
C SER O 184 -7.76 25.12 43.15
N CYS O 185 -8.06 25.95 42.16
CA CYS O 185 -9.19 25.74 41.21
C CYS O 185 -8.64 25.13 39.93
N HIS O 186 -9.22 24.04 39.47
CA HIS O 186 -8.79 23.36 38.24
C HIS O 186 -9.89 23.49 37.19
N GLY O 187 -9.49 23.85 35.98
CA GLY O 187 -10.39 24.02 34.83
C GLY O 187 -9.61 24.19 33.53
N TRP O 188 -10.05 23.50 32.49
CA TRP O 188 -9.32 23.45 31.20
C TRP O 188 -10.16 24.11 30.10
N ILE O 189 -9.50 24.94 29.30
CA ILE O 189 -10.03 25.56 28.07
C ILE O 189 -9.17 25.11 26.88
N LEU O 190 -9.79 24.42 25.92
CA LEU O 190 -9.12 23.66 24.84
C LEU O 190 -9.57 24.17 23.46
N GLY O 191 -8.84 23.72 22.42
CA GLY O 191 -9.12 23.99 20.99
C GLY O 191 -8.62 25.34 20.52
N GLU O 192 -9.42 26.02 19.71
CA GLU O 192 -9.11 27.33 19.09
C GLU O 192 -9.17 28.43 20.16
N HIS O 193 -8.06 29.15 20.39
CA HIS O 193 -8.03 30.40 21.20
C HIS O 193 -9.00 31.41 20.57
N GLY O 194 -9.85 32.02 21.39
CA GLY O 194 -10.89 32.99 20.97
C GLY O 194 -12.29 32.51 21.30
N ASP O 195 -13.24 32.81 20.42
CA ASP O 195 -14.70 32.69 20.65
C ASP O 195 -15.13 31.23 20.56
N SER O 196 -14.33 30.37 19.92
CA SER O 196 -14.67 28.95 19.63
C SER O 196 -13.98 27.98 20.62
N SER O 197 -13.17 28.50 21.55
CA SER O 197 -12.50 27.71 22.62
C SER O 197 -13.55 26.85 23.34
N VAL O 198 -13.19 25.64 23.78
CA VAL O 198 -14.12 24.65 24.40
C VAL O 198 -13.83 24.53 25.91
N PRO O 199 -14.74 25.01 26.81
CA PRO O 199 -14.55 24.85 28.24
C PRO O 199 -14.97 23.42 28.65
N VAL O 200 -14.00 22.57 28.99
CA VAL O 200 -14.27 21.16 29.42
C VAL O 200 -14.89 21.19 30.83
N TRP O 201 -16.21 21.33 30.91
CA TRP O 201 -17.01 21.37 32.17
C TRP O 201 -16.70 20.14 33.03
N SER O 202 -16.54 18.97 32.41
CA SER O 202 -16.28 17.66 33.06
C SER O 202 -15.08 17.77 34.02
N GLY O 203 -14.02 18.47 33.62
CA GLY O 203 -12.72 18.52 34.34
C GLY O 203 -12.57 19.66 35.33
N MET O 204 -13.59 20.51 35.49
CA MET O 204 -13.54 21.64 36.44
C MET O 204 -13.74 21.14 37.86
N ASN O 205 -12.77 21.37 38.76
CA ASN O 205 -12.77 20.74 40.10
C ASN O 205 -11.96 21.56 41.10
N VAL O 206 -12.26 21.32 42.39
CA VAL O 206 -11.47 21.68 43.59
C VAL O 206 -11.25 20.39 44.39
N ALA O 207 -10.01 20.11 44.78
CA ALA O 207 -9.64 18.93 45.58
C ALA O 207 -10.23 17.65 44.99
N GLY O 208 -10.23 17.51 43.66
CA GLY O 208 -10.72 16.32 42.97
C GLY O 208 -12.24 16.20 42.99
N VAL O 209 -12.96 17.21 43.48
CA VAL O 209 -14.45 17.23 43.54
C VAL O 209 -14.93 17.85 42.22
N SER O 210 -15.55 17.03 41.37
CA SER O 210 -16.08 17.45 40.05
C SER O 210 -17.25 18.41 40.29
N LEU O 211 -17.13 19.67 39.85
CA LEU O 211 -18.16 20.71 40.06
C LEU O 211 -19.38 20.36 39.20
N LYS O 212 -19.15 19.64 38.10
CA LYS O 212 -20.21 19.21 37.16
C LYS O 212 -21.12 18.21 37.89
N THR O 213 -20.54 17.16 38.48
CA THR O 213 -21.30 16.05 39.12
C THR O 213 -21.98 16.53 40.41
N LEU O 214 -21.50 17.62 41.04
CA LEU O 214 -22.05 18.20 42.30
C LEU O 214 -23.16 19.23 41.99
N HIS O 215 -23.18 19.77 40.76
CA HIS O 215 -24.15 20.80 40.29
C HIS O 215 -24.41 20.56 38.80
N PRO O 216 -25.21 19.53 38.43
CA PRO O 216 -25.30 19.06 37.03
C PRO O 216 -25.69 20.10 35.95
N GLU O 217 -26.27 21.23 36.38
CA GLU O 217 -26.66 22.37 35.50
C GLU O 217 -25.41 23.05 34.94
N LEU O 218 -24.24 22.85 35.57
CA LEU O 218 -23.00 23.62 35.29
C LEU O 218 -22.68 23.57 33.80
N GLY O 219 -22.77 24.73 33.11
CA GLY O 219 -22.40 24.88 31.69
C GLY O 219 -23.58 24.71 30.74
N THR O 220 -24.80 24.87 31.26
CA THR O 220 -26.05 24.97 30.47
C THR O 220 -26.60 26.39 30.68
N ASP O 221 -27.50 26.86 29.80
CA ASP O 221 -28.19 28.16 29.96
C ASP O 221 -29.28 28.00 31.04
N ALA O 222 -29.65 26.75 31.35
CA ALA O 222 -30.58 26.33 32.42
C ALA O 222 -30.06 26.76 33.80
N ASP O 223 -28.73 26.64 34.03
CA ASP O 223 -28.00 26.96 35.28
C ASP O 223 -28.44 28.32 35.83
N LYS O 224 -28.72 28.39 37.14
CA LYS O 224 -29.18 29.63 37.84
C LYS O 224 -27.98 30.55 38.06
N GLU O 225 -26.78 29.98 38.14
CA GLU O 225 -25.52 30.69 38.52
C GLU O 225 -24.82 31.28 37.28
N GLN O 226 -25.12 30.75 36.09
CA GLN O 226 -24.69 31.30 34.77
C GLN O 226 -23.19 31.04 34.56
N TRP O 227 -22.68 29.88 34.96
CA TRP O 227 -21.24 29.57 34.83
C TRP O 227 -20.81 29.60 33.36
N LYS O 228 -21.74 29.43 32.41
CA LYS O 228 -21.45 29.58 30.97
C LYS O 228 -20.90 31.00 30.70
N GLN O 229 -21.42 32.01 31.40
CA GLN O 229 -21.05 33.44 31.19
C GLN O 229 -19.59 33.65 31.60
N VAL O 230 -19.08 32.81 32.51
CA VAL O 230 -17.68 32.85 33.01
C VAL O 230 -16.74 32.59 31.82
N HIS O 231 -17.10 31.64 30.96
CA HIS O 231 -16.32 31.30 29.75
C HIS O 231 -16.34 32.49 28.77
N LYS O 232 -17.49 33.15 28.65
CA LYS O 232 -17.64 34.33 27.76
C LYS O 232 -16.85 35.49 28.37
N GLN O 233 -16.76 35.56 29.72
CA GLN O 233 -15.89 36.51 30.46
C GLN O 233 -14.44 36.31 30.01
N VAL O 234 -13.99 35.05 29.93
CA VAL O 234 -12.63 34.67 29.42
C VAL O 234 -12.50 35.16 27.97
N VAL O 235 -13.37 34.68 27.08
CA VAL O 235 -13.41 35.06 25.63
C VAL O 235 -13.26 36.60 25.50
N ASP O 236 -14.01 37.39 26.24
CA ASP O 236 -14.09 38.87 26.08
C ASP O 236 -13.02 39.59 26.93
N SER O 237 -12.08 38.85 27.52
CA SER O 237 -11.11 39.39 28.51
C SER O 237 -10.13 40.34 27.83
N ALA O 238 -9.47 39.87 26.77
CA ALA O 238 -8.58 40.71 25.93
C ALA O 238 -9.29 42.02 25.60
N TYR O 239 -10.44 41.92 24.92
CA TYR O 239 -11.23 43.07 24.41
C TYR O 239 -11.41 44.08 25.54
N GLU O 240 -11.90 43.59 26.69
CA GLU O 240 -12.31 44.44 27.84
C GLU O 240 -11.08 45.13 28.43
N VAL O 241 -9.95 44.42 28.49
CA VAL O 241 -8.65 44.98 28.98
C VAL O 241 -8.12 45.93 27.90
N ILE O 242 -8.22 45.57 26.62
CA ILE O 242 -7.85 46.50 25.51
C ILE O 242 -8.71 47.78 25.62
N LYS O 243 -10.03 47.65 25.78
CA LYS O 243 -10.98 48.79 25.91
C LYS O 243 -10.50 49.74 27.02
N LEU O 244 -9.94 49.23 28.11
CA LEU O 244 -9.61 50.06 29.28
C LEU O 244 -8.22 50.67 29.17
N LYS O 245 -7.20 49.91 28.75
CA LYS O 245 -5.78 50.37 28.86
C LYS O 245 -5.05 50.33 27.52
N GLY O 246 -5.70 49.90 26.43
CA GLY O 246 -5.17 49.98 25.06
C GLY O 246 -4.64 48.65 24.55
N TYR O 247 -4.35 47.69 25.45
CA TYR O 247 -3.60 46.44 25.17
C TYR O 247 -3.58 45.56 26.44
N THR O 248 -3.18 44.30 26.28
CA THR O 248 -2.97 43.39 27.43
C THR O 248 -1.49 43.04 27.43
N SER O 249 -0.88 42.97 28.61
CA SER O 249 0.57 42.69 28.64
C SER O 249 0.98 41.82 29.83
N TRP O 250 0.71 42.26 31.05
CA TRP O 250 1.10 41.62 32.33
C TRP O 250 0.77 40.13 32.42
N ALA O 251 -0.47 39.75 32.10
CA ALA O 251 -0.99 38.36 32.20
C ALA O 251 -0.37 37.46 31.11
N ILE O 252 -0.37 37.86 29.84
CA ILE O 252 0.22 37.00 28.75
C ILE O 252 1.71 36.82 29.00
N GLY O 253 2.40 37.79 29.60
CA GLY O 253 3.85 37.69 29.88
C GLY O 253 4.14 36.63 30.93
N LEU O 254 3.34 36.60 31.99
CA LEU O 254 3.51 35.63 33.10
C LEU O 254 3.13 34.22 32.62
N SER O 255 2.05 34.08 31.86
CA SER O 255 1.67 32.76 31.31
C SER O 255 2.81 32.26 30.40
N VAL O 256 3.46 33.12 29.63
CA VAL O 256 4.55 32.71 28.69
C VAL O 256 5.79 32.31 29.51
N ALA O 257 6.16 33.10 30.52
CA ALA O 257 7.32 32.79 31.40
C ALA O 257 7.12 31.40 32.01
N ASP O 258 5.85 31.06 32.29
CA ASP O 258 5.40 29.75 32.83
C ASP O 258 5.74 28.63 31.84
N LEU O 259 5.30 28.76 30.58
CA LEU O 259 5.65 27.78 29.51
C LEU O 259 7.17 27.71 29.40
N ALA O 260 7.84 28.86 29.53
CA ALA O 260 9.32 28.97 29.42
C ALA O 260 9.96 28.21 30.58
N GLU O 261 9.42 28.36 31.80
CA GLU O 261 9.91 27.66 33.02
C GLU O 261 9.87 26.16 32.75
N SER O 262 8.72 25.63 32.33
CA SER O 262 8.53 24.21 31.98
C SER O 262 9.64 23.76 31.01
N ILE O 263 9.80 24.45 29.87
CA ILE O 263 10.73 24.06 28.79
C ILE O 263 12.14 24.06 29.36
N MET O 264 12.59 25.16 29.94
CA MET O 264 14.03 25.38 30.28
C MET O 264 14.45 24.46 31.44
N LYS O 265 13.51 24.06 32.31
CA LYS O 265 13.78 23.23 33.53
C LYS O 265 13.28 21.79 33.35
N ASN O 266 12.74 21.46 32.17
CA ASN O 266 12.35 20.08 31.77
C ASN O 266 11.38 19.49 32.80
N LEU O 267 10.42 20.30 33.26
CA LEU O 267 9.50 19.96 34.37
C LEU O 267 8.55 18.81 33.95
N ARG O 268 8.10 18.78 32.70
CA ARG O 268 7.06 17.84 32.23
C ARG O 268 5.74 18.14 32.95
N ARG O 269 5.44 19.42 33.16
CA ARG O 269 4.11 19.91 33.59
C ARG O 269 3.18 19.84 32.39
N VAL O 270 1.88 19.76 32.64
CA VAL O 270 0.83 19.73 31.58
C VAL O 270 0.33 21.17 31.43
N HIS O 271 0.33 21.70 30.21
CA HIS O 271 -0.19 23.05 29.91
C HIS O 271 -1.23 22.92 28.80
N PRO O 272 -2.28 23.78 28.79
CA PRO O 272 -3.22 23.81 27.69
C PRO O 272 -2.59 24.68 26.59
N ILE O 273 -1.87 24.07 25.66
CA ILE O 273 -1.12 24.81 24.60
C ILE O 273 -1.40 24.22 23.22
N SER O 274 -1.14 25.00 22.17
CA SER O 274 -1.49 24.69 20.77
C SER O 274 -0.40 23.82 20.15
N THR O 275 -0.76 22.59 19.78
CA THR O 275 0.15 21.57 19.20
C THR O 275 -0.46 21.05 17.90
N MET O 276 0.38 20.58 16.98
CA MET O 276 -0.06 19.96 15.71
C MET O 276 -0.72 18.63 16.08
N LEU O 277 -2.05 18.54 16.02
CA LEU O 277 -2.73 17.33 16.57
C LEU O 277 -3.52 16.63 15.46
N LYS O 278 -2.97 16.57 14.25
CA LYS O 278 -3.47 15.61 13.23
C LYS O 278 -3.39 14.21 13.83
N GLY O 279 -4.45 13.42 13.71
CA GLY O 279 -4.47 11.99 14.11
C GLY O 279 -5.18 11.75 15.44
N LEU O 280 -5.38 12.80 16.23
CA LEU O 280 -6.01 12.79 17.57
C LEU O 280 -7.28 13.61 17.49
N TYR O 281 -8.16 13.46 18.50
CA TYR O 281 -9.42 14.21 18.71
C TYR O 281 -10.24 14.25 17.41
N GLY O 282 -10.10 13.25 16.54
CA GLY O 282 -10.88 13.09 15.29
C GLY O 282 -10.26 13.77 14.07
N ILE O 283 -9.21 14.60 14.27
CA ILE O 283 -8.69 15.63 13.31
C ILE O 283 -7.78 14.95 12.28
N LYS O 284 -8.08 15.09 10.98
CA LYS O 284 -7.39 14.40 9.86
C LYS O 284 -6.56 15.39 9.03
N GLU O 285 -6.44 16.65 9.47
CA GLU O 285 -5.70 17.73 8.76
C GLU O 285 -4.48 18.21 9.60
N ASP O 286 -3.54 18.90 8.95
CA ASP O 286 -2.35 19.54 9.60
C ASP O 286 -2.76 20.87 10.23
N VAL O 287 -3.23 20.79 11.49
CA VAL O 287 -3.85 21.92 12.25
C VAL O 287 -3.33 21.89 13.69
N PHE O 288 -3.14 23.08 14.28
CA PHE O 288 -2.73 23.26 15.71
C PHE O 288 -3.95 23.66 16.55
N LEU O 289 -4.24 22.90 17.59
CA LEU O 289 -5.29 23.24 18.57
C LEU O 289 -4.74 23.01 19.98
N SER O 290 -5.28 23.70 20.98
CA SER O 290 -4.82 23.67 22.39
C SER O 290 -5.41 22.46 23.10
N VAL O 291 -4.55 21.51 23.49
CA VAL O 291 -4.88 20.31 24.31
C VAL O 291 -3.86 20.25 25.45
N PRO O 292 -4.16 19.60 26.58
CA PRO O 292 -3.19 19.48 27.67
C PRO O 292 -1.98 18.69 27.14
N CYS O 293 -0.81 19.31 27.19
CA CYS O 293 0.45 18.79 26.58
C CYS O 293 1.53 18.76 27.65
N VAL O 294 2.31 17.70 27.68
CA VAL O 294 3.52 17.60 28.55
C VAL O 294 4.64 18.45 27.91
N LEU O 295 5.00 19.54 28.59
CA LEU O 295 6.00 20.51 28.16
C LEU O 295 7.33 20.21 28.87
N GLY O 296 8.43 20.08 28.11
CA GLY O 296 9.77 19.74 28.63
C GLY O 296 10.88 20.33 27.77
N GLN O 297 12.14 19.96 28.02
CA GLN O 297 13.33 20.53 27.35
C GLN O 297 13.32 20.18 25.86
N ASN O 298 12.49 19.21 25.45
CA ASN O 298 12.30 18.84 24.01
C ASN O 298 10.94 19.33 23.54
N GLY O 299 10.30 20.23 24.27
CA GLY O 299 9.00 20.80 23.91
C GLY O 299 7.89 19.85 24.35
N ILE O 300 6.92 19.58 23.47
CA ILE O 300 5.74 18.71 23.72
C ILE O 300 6.12 17.26 23.41
N SER O 301 6.35 16.45 24.45
CA SER O 301 6.72 15.02 24.36
C SER O 301 5.46 14.16 24.28
N ASP O 302 4.38 14.61 24.92
CA ASP O 302 3.16 13.82 25.19
C ASP O 302 1.94 14.75 25.17
N VAL O 303 0.81 14.23 24.71
CA VAL O 303 -0.53 14.89 24.80
C VAL O 303 -1.41 14.02 25.70
N VAL O 304 -2.15 14.67 26.61
CA VAL O 304 -3.17 14.01 27.48
C VAL O 304 -4.44 13.85 26.64
N LYS O 305 -4.97 12.62 26.57
CA LYS O 305 -6.17 12.23 25.78
C LYS O 305 -7.41 12.52 26.62
N VAL O 306 -7.76 13.79 26.77
CA VAL O 306 -9.01 14.25 27.45
C VAL O 306 -10.18 13.52 26.80
N THR O 307 -11.16 13.05 27.59
CA THR O 307 -12.46 12.48 27.13
C THR O 307 -13.50 13.60 27.10
N LEU O 308 -13.95 13.94 25.89
CA LEU O 308 -14.90 15.06 25.59
C LEU O 308 -16.25 14.45 25.20
N THR O 309 -17.33 15.20 25.42
CA THR O 309 -18.69 14.86 24.94
C THR O 309 -18.68 14.74 23.42
N SER O 310 -19.82 14.40 22.81
CA SER O 310 -19.98 14.34 21.32
C SER O 310 -19.97 15.76 20.75
N GLU O 311 -20.49 16.73 21.52
CA GLU O 311 -20.61 18.17 21.15
C GLU O 311 -19.23 18.84 21.21
N GLU O 312 -18.42 18.51 22.23
CA GLU O 312 -17.09 19.12 22.45
C GLU O 312 -16.15 18.68 21.32
N GLU O 313 -16.23 17.42 20.87
CA GLU O 313 -15.45 16.92 19.71
C GLU O 313 -15.93 17.63 18.43
N ALA O 314 -17.24 17.86 18.31
CA ALA O 314 -17.87 18.62 17.22
C ALA O 314 -17.16 19.98 17.11
N HIS O 315 -17.08 20.72 18.22
CA HIS O 315 -16.53 22.10 18.31
C HIS O 315 -15.08 22.14 17.82
N LEU O 316 -14.28 21.14 18.23
CA LEU O 316 -12.86 20.97 17.85
C LEU O 316 -12.77 20.63 16.35
N LYS O 317 -13.52 19.63 15.87
CA LYS O 317 -13.51 19.21 14.44
C LYS O 317 -13.96 20.39 13.57
N LYS O 318 -14.89 21.21 14.05
CA LYS O 318 -15.39 22.44 13.37
C LYS O 318 -14.24 23.46 13.27
N SER O 319 -13.55 23.71 14.38
CA SER O 319 -12.41 24.68 14.45
C SER O 319 -11.29 24.25 13.47
N ALA O 320 -11.00 22.95 13.42
CA ALA O 320 -9.94 22.35 12.56
C ALA O 320 -10.29 22.53 11.08
N ASP O 321 -11.59 22.45 10.73
CA ASP O 321 -12.10 22.58 9.34
C ASP O 321 -11.81 24.02 8.88
N THR O 322 -12.26 25.00 9.66
CA THR O 322 -12.02 26.47 9.52
C THR O 322 -10.52 26.77 9.39
N LEU O 323 -9.69 26.22 10.28
CA LEU O 323 -8.22 26.47 10.32
C LEU O 323 -7.58 25.99 9.01
N TRP O 324 -8.00 24.83 8.51
CA TRP O 324 -7.51 24.26 7.22
C TRP O 324 -8.11 25.06 6.06
N GLY O 325 -9.39 25.41 6.15
CA GLY O 325 -10.04 26.42 5.29
C GLY O 325 -9.06 27.49 4.87
N ILE O 326 -8.57 28.29 5.83
CA ILE O 326 -7.68 29.44 5.53
C ILE O 326 -6.26 28.91 5.27
N GLN O 327 -5.79 27.92 6.03
CA GLN O 327 -4.41 27.37 5.88
C GLN O 327 -4.21 26.91 4.42
N LYS O 328 -5.25 26.35 3.80
CA LYS O 328 -5.23 25.78 2.42
C LYS O 328 -4.94 26.87 1.38
N GLU O 329 -5.37 28.13 1.61
CA GLU O 329 -5.26 29.24 0.64
C GLU O 329 -3.99 30.07 0.88
N LEU O 330 -3.11 29.69 1.81
CA LEU O 330 -1.93 30.53 2.18
C LEU O 330 -0.83 30.38 1.11
N GLN O 331 -0.13 31.48 0.82
CA GLN O 331 1.00 31.53 -0.14
C GLN O 331 2.30 31.49 0.66
N PHE O 332 3.03 30.36 0.60
CA PHE O 332 4.34 30.19 1.26
C PHE O 332 5.45 30.38 0.22
N ALA P 2 -6.17 -2.48 29.34
CA ALA P 2 -5.18 -1.46 28.92
C ALA P 2 -4.41 -0.97 30.16
N ALA P 3 -3.10 -0.71 30.00
CA ALA P 3 -2.27 0.11 30.90
C ALA P 3 -2.86 1.52 30.99
N LEU P 4 -2.84 2.13 32.17
CA LEU P 4 -3.52 3.43 32.44
C LEU P 4 -2.80 4.57 31.69
N LYS P 5 -1.47 4.48 31.58
CA LYS P 5 -0.60 5.49 30.94
C LYS P 5 -0.98 5.61 29.45
N ASP P 6 -1.25 4.47 28.82
CA ASP P 6 -1.68 4.33 27.40
C ASP P 6 -3.09 4.91 27.21
N GLN P 7 -3.99 4.80 28.19
CA GLN P 7 -5.39 5.27 28.05
C GLN P 7 -5.49 6.77 28.30
N LEU P 8 -4.52 7.34 29.04
CA LEU P 8 -4.50 8.77 29.46
C LEU P 8 -3.64 9.63 28.51
N ILE P 9 -2.51 9.10 28.04
CA ILE P 9 -1.42 9.88 27.41
C ILE P 9 -1.08 9.30 26.04
N HIS P 10 -1.10 10.15 25.01
CA HIS P 10 -0.52 9.86 23.68
C HIS P 10 0.93 10.34 23.67
N ASN P 11 1.88 9.44 23.44
CA ASN P 11 3.33 9.75 23.36
C ASN P 11 3.66 10.06 21.89
N LEU P 12 4.17 11.26 21.58
CA LEU P 12 4.57 11.68 20.21
C LEU P 12 6.09 11.53 20.05
N LEU P 13 6.83 11.55 21.15
CA LEU P 13 8.30 11.77 21.15
C LEU P 13 9.01 10.66 21.92
N LYS P 14 9.70 9.78 21.20
CA LYS P 14 10.83 8.95 21.71
C LYS P 14 11.74 9.91 22.49
N GLU P 15 11.81 9.77 23.83
CA GLU P 15 12.31 10.83 24.75
C GLU P 15 13.60 10.37 25.47
N GLU P 16 14.76 10.59 24.84
CA GLU P 16 16.11 10.26 25.37
C GLU P 16 16.66 11.46 26.15
N HIS P 17 16.58 11.40 27.49
CA HIS P 17 17.14 12.40 28.44
C HIS P 17 18.68 12.43 28.34
N VAL P 18 19.23 13.47 27.69
CA VAL P 18 20.62 13.97 27.96
C VAL P 18 20.46 15.25 28.80
N PRO P 19 20.88 15.24 30.09
CA PRO P 19 20.57 16.32 31.02
C PRO P 19 21.32 17.60 30.68
N GLN P 20 20.67 18.77 30.81
CA GLN P 20 21.19 20.06 30.30
C GLN P 20 21.92 20.83 31.40
N ASN P 21 21.47 20.77 32.66
CA ASN P 21 22.04 21.55 33.79
C ASN P 21 22.18 20.66 35.02
N LYS P 22 23.03 19.65 34.95
CA LYS P 22 23.06 18.58 35.99
C LYS P 22 24.13 18.91 37.00
N ILE P 23 23.79 18.72 38.28
CA ILE P 23 24.76 18.86 39.40
C ILE P 23 24.80 17.51 40.09
N THR P 24 25.99 17.12 40.52
CA THR P 24 26.26 15.86 41.26
C THR P 24 26.87 16.23 42.61
N VAL P 25 26.33 15.71 43.71
CA VAL P 25 26.97 15.84 45.05
C VAL P 25 27.53 14.48 45.44
N VAL P 26 28.85 14.40 45.58
CA VAL P 26 29.61 13.19 46.02
C VAL P 26 29.73 13.27 47.55
N GLY P 27 29.17 12.31 48.28
CA GLY P 27 29.08 12.37 49.76
C GLY P 27 27.68 12.82 50.20
N VAL P 28 27.04 12.09 51.11
CA VAL P 28 25.70 12.41 51.65
C VAL P 28 25.77 12.44 53.20
N GLY P 29 26.94 12.86 53.72
CA GLY P 29 27.12 13.40 55.08
C GLY P 29 26.31 14.67 55.23
N ALA P 30 26.41 15.34 56.37
CA ALA P 30 25.55 16.49 56.67
C ALA P 30 25.93 17.63 55.71
N VAL P 31 27.21 17.75 55.37
CA VAL P 31 27.72 18.85 54.52
C VAL P 31 27.11 18.71 53.12
N GLY P 32 27.15 17.50 52.55
CA GLY P 32 26.67 17.23 51.18
C GLY P 32 25.16 17.30 51.09
N MET P 33 24.44 16.90 52.13
CA MET P 33 22.96 16.94 52.10
C MET P 33 22.51 18.38 52.24
N ALA P 34 23.33 19.23 52.89
CA ALA P 34 23.08 20.68 53.08
C ALA P 34 23.28 21.40 51.74
N CYS P 35 24.38 21.08 51.04
CA CYS P 35 24.68 21.49 49.65
C CYS P 35 23.50 21.06 48.74
N ALA P 36 23.02 19.82 48.87
CA ALA P 36 21.93 19.24 48.04
C ALA P 36 20.61 20.00 48.25
N ILE P 37 20.22 20.23 49.50
CA ILE P 37 18.91 20.91 49.80
C ILE P 37 18.98 22.35 49.29
N SER P 38 20.09 23.04 49.52
CA SER P 38 20.31 24.47 49.14
C SER P 38 20.17 24.63 47.63
N ILE P 39 20.79 23.74 46.88
CA ILE P 39 20.74 23.72 45.39
C ILE P 39 19.31 23.40 44.92
N LEU P 40 18.63 22.50 45.61
CA LEU P 40 17.27 22.06 45.24
C LEU P 40 16.29 23.21 45.42
N MET P 41 16.46 23.99 46.49
CA MET P 41 15.57 25.13 46.83
C MET P 41 15.98 26.40 46.08
N LYS P 42 17.07 26.40 45.33
CA LYS P 42 17.52 27.59 44.58
C LYS P 42 17.31 27.36 43.09
N ASP P 43 16.74 26.21 42.71
CA ASP P 43 16.39 25.85 41.31
C ASP P 43 17.61 26.01 40.38
N LEU P 44 18.80 25.52 40.71
CA LEU P 44 19.99 25.72 39.84
C LEU P 44 20.20 24.52 38.91
N ALA P 45 19.41 23.45 39.04
CA ALA P 45 19.60 22.17 38.31
C ALA P 45 18.28 21.65 37.75
N ASP P 46 18.32 21.01 36.58
CA ASP P 46 17.21 20.16 36.06
C ASP P 46 17.43 18.69 36.50
N GLU P 47 18.61 18.34 37.01
CA GLU P 47 18.91 16.95 37.48
C GLU P 47 19.96 16.97 38.59
N LEU P 48 19.64 16.42 39.75
CA LEU P 48 20.58 16.23 40.88
C LEU P 48 20.89 14.74 41.04
N ALA P 49 22.18 14.41 41.08
CA ALA P 49 22.73 13.05 41.30
C ALA P 49 23.51 13.04 42.63
N LEU P 50 23.35 12.00 43.42
CA LEU P 50 24.09 11.82 44.70
C LEU P 50 24.86 10.50 44.62
N VAL P 51 26.10 10.48 45.10
CA VAL P 51 26.87 9.21 45.29
C VAL P 51 27.58 9.21 46.66
N ASP P 52 27.70 8.02 47.23
CA ASP P 52 28.40 7.76 48.51
C ASP P 52 28.70 6.26 48.52
N VAL P 53 29.62 5.80 49.37
CA VAL P 53 29.98 4.36 49.47
C VAL P 53 28.90 3.63 50.29
N MET P 54 28.27 4.31 51.24
CA MET P 54 27.16 3.74 52.06
C MET P 54 25.87 3.79 51.26
N GLU P 55 25.39 2.63 50.78
CA GLU P 55 24.33 2.49 49.74
C GLU P 55 22.95 2.81 50.35
N ASP P 56 22.68 2.29 51.54
CA ASP P 56 21.35 2.40 52.21
C ASP P 56 21.05 3.89 52.47
N LYS P 57 21.97 4.56 53.18
CA LYS P 57 21.85 5.99 53.58
C LYS P 57 21.65 6.83 52.31
N LEU P 58 22.35 6.47 51.25
CA LEU P 58 22.26 7.15 49.94
C LEU P 58 20.83 7.06 49.41
N LYS P 59 20.25 5.88 49.43
CA LYS P 59 18.92 5.59 48.81
C LYS P 59 17.83 6.30 49.61
N GLY P 60 18.00 6.41 50.92
CA GLY P 60 17.05 7.11 51.80
C GLY P 60 17.11 8.62 51.65
N GLU P 61 18.32 9.18 51.58
CA GLU P 61 18.48 10.62 51.33
C GLU P 61 17.78 10.93 50.01
N MET P 62 18.09 10.18 48.96
CA MET P 62 17.45 10.37 47.63
C MET P 62 15.92 10.34 47.79
N MET P 63 15.36 9.23 48.29
CA MET P 63 13.90 8.98 48.43
C MET P 63 13.23 10.12 49.19
N ASP P 64 13.89 10.63 50.23
CA ASP P 64 13.37 11.70 51.10
C ASP P 64 13.29 13.02 50.31
N LEU P 65 14.33 13.32 49.52
CA LEU P 65 14.34 14.48 48.61
C LEU P 65 13.22 14.27 47.59
N GLN P 66 13.13 13.07 47.01
CA GLN P 66 12.15 12.72 45.94
C GLN P 66 10.72 12.97 46.44
N HIS P 67 10.42 12.59 47.68
CA HIS P 67 9.06 12.72 48.27
C HIS P 67 8.60 14.18 48.33
N GLY P 68 9.52 15.14 48.12
CA GLY P 68 9.25 16.60 48.14
C GLY P 68 9.17 17.24 46.76
N SER P 69 9.22 16.44 45.68
CA SER P 69 9.25 16.92 44.27
C SER P 69 8.14 17.93 44.01
N LEU P 70 6.96 17.76 44.61
CA LEU P 70 5.77 18.63 44.37
C LEU P 70 6.12 20.07 44.76
N PHE P 71 6.96 20.19 45.78
CA PHE P 71 7.41 21.49 46.36
C PHE P 71 8.68 22.00 45.68
N LEU P 72 9.20 21.30 44.67
CA LEU P 72 10.50 21.63 44.00
C LEU P 72 10.30 21.81 42.49
N ARG P 73 11.35 22.30 41.83
CA ARG P 73 11.41 22.52 40.36
C ARG P 73 12.67 21.86 39.77
N THR P 74 13.13 20.77 40.38
CA THR P 74 14.19 19.87 39.87
C THR P 74 13.55 18.52 39.59
N PRO P 75 13.14 18.23 38.34
CA PRO P 75 12.26 17.11 38.06
C PRO P 75 12.89 15.71 38.19
N LYS P 76 14.22 15.62 38.35
CA LYS P 76 14.92 14.32 38.38
C LYS P 76 15.99 14.34 39.46
N ILE P 77 15.84 13.48 40.46
CA ILE P 77 16.87 13.18 41.49
C ILE P 77 17.22 11.68 41.40
N VAL P 78 18.51 11.37 41.41
CA VAL P 78 19.06 10.01 41.18
C VAL P 78 20.22 9.80 42.15
N SER P 79 20.58 8.55 42.45
CA SER P 79 21.66 8.21 43.42
C SER P 79 22.27 6.84 43.12
N GLY P 80 23.54 6.66 43.46
CA GLY P 80 24.21 5.37 43.22
C GLY P 80 25.63 5.34 43.77
N LYS P 81 26.09 4.15 44.12
CA LYS P 81 27.52 3.81 44.36
C LYS P 81 28.28 4.06 43.05
N ASP P 82 27.68 3.68 41.92
CA ASP P 82 28.32 3.64 40.58
C ASP P 82 28.21 5.04 39.93
N TYR P 83 29.30 5.54 39.35
CA TYR P 83 29.40 6.94 38.85
C TYR P 83 28.73 7.12 37.48
N SER P 84 28.20 6.05 36.87
CA SER P 84 27.40 6.11 35.61
C SER P 84 26.14 6.95 35.82
N VAL P 85 25.78 7.21 37.08
CA VAL P 85 24.60 8.01 37.51
C VAL P 85 24.95 9.51 37.46
N THR P 86 26.25 9.86 37.43
CA THR P 86 26.77 11.25 37.50
C THR P 86 27.10 11.76 36.09
N ALA P 87 26.71 11.05 35.04
CA ALA P 87 27.08 11.35 33.63
C ALA P 87 26.57 12.74 33.25
N ASN P 88 27.37 13.52 32.53
CA ASN P 88 27.02 14.85 31.95
C ASN P 88 26.65 15.81 33.06
N SER P 89 27.34 15.71 34.19
CA SER P 89 27.28 16.75 35.25
C SER P 89 28.02 17.97 34.68
N LYS P 90 27.38 19.15 34.73
CA LYS P 90 28.03 20.46 34.47
C LYS P 90 28.91 20.82 35.67
N LEU P 91 28.47 20.46 36.88
CA LEU P 91 29.16 20.72 38.17
C LEU P 91 29.16 19.45 39.02
N VAL P 92 30.32 19.07 39.54
CA VAL P 92 30.46 17.92 40.49
C VAL P 92 31.11 18.47 41.76
N ILE P 93 30.45 18.23 42.89
CA ILE P 93 30.78 18.83 44.22
C ILE P 93 31.27 17.70 45.12
N ILE P 94 32.55 17.73 45.48
CA ILE P 94 33.20 16.69 46.34
C ILE P 94 33.14 17.12 47.80
N THR P 95 32.31 16.46 48.61
CA THR P 95 32.25 16.62 50.10
C THR P 95 32.88 15.42 50.81
N ALA P 96 32.84 14.22 50.23
CA ALA P 96 33.37 12.97 50.84
C ALA P 96 34.84 13.15 51.17
N GLY P 97 35.24 12.56 52.30
CA GLY P 97 36.61 12.52 52.82
C GLY P 97 36.70 11.60 54.03
N ALA P 98 37.91 11.39 54.56
CA ALA P 98 38.22 10.41 55.62
C ALA P 98 37.93 10.95 57.04
N SER P 105 47.90 11.05 62.64
CA SER P 105 48.95 12.04 62.30
C SER P 105 48.50 12.91 61.12
N ARG P 106 48.96 14.17 61.12
CA ARG P 106 48.87 15.18 60.03
C ARG P 106 48.81 14.56 58.61
N LEU P 107 49.83 13.78 58.22
CA LEU P 107 50.13 13.45 56.79
C LEU P 107 49.49 12.12 56.38
N ASN P 108 49.26 11.20 57.31
CA ASN P 108 48.44 9.99 57.02
C ASN P 108 47.08 10.48 56.54
N LEU P 109 46.41 11.32 57.36
CA LEU P 109 45.04 11.84 57.09
C LEU P 109 44.99 12.33 55.64
N VAL P 110 45.87 13.27 55.32
CA VAL P 110 45.90 13.92 53.97
C VAL P 110 46.12 12.82 52.91
N GLN P 111 46.91 11.78 53.20
CA GLN P 111 47.17 10.69 52.21
C GLN P 111 45.99 9.71 52.17
N ARG P 112 45.33 9.45 53.30
CA ARG P 112 44.15 8.55 53.35
C ARG P 112 43.06 9.13 52.43
N ASN P 113 42.89 10.46 52.46
CA ASN P 113 41.98 11.26 51.57
C ASN P 113 42.49 11.15 50.12
N VAL P 114 43.79 11.24 49.91
CA VAL P 114 44.40 11.07 48.55
C VAL P 114 44.00 9.70 48.01
N ASN P 115 44.13 8.64 48.82
CA ASN P 115 43.76 7.24 48.45
C ASN P 115 42.31 7.17 48.00
N ILE P 116 41.41 7.92 48.64
CA ILE P 116 39.96 7.95 48.33
C ILE P 116 39.75 8.70 47.02
N PHE P 117 40.36 9.88 46.85
CA PHE P 117 40.18 10.73 45.63
C PHE P 117 40.69 9.99 44.41
N LYS P 118 41.72 9.14 44.60
CA LYS P 118 42.29 8.28 43.54
C LYS P 118 41.19 7.38 42.97
N PHE P 119 40.14 7.09 43.75
CA PHE P 119 38.95 6.31 43.30
C PHE P 119 37.86 7.24 42.77
N ILE P 120 37.62 8.36 43.47
CA ILE P 120 36.43 9.22 43.20
C ILE P 120 36.67 10.01 41.90
N ILE P 121 37.81 10.70 41.79
CA ILE P 121 38.04 11.68 40.71
C ILE P 121 38.05 10.99 39.36
N PRO P 122 38.81 9.90 39.14
CA PRO P 122 38.80 9.25 37.83
C PRO P 122 37.38 8.84 37.38
N ASN P 123 36.56 8.32 38.29
CA ASN P 123 35.17 7.91 37.99
C ASN P 123 34.37 9.16 37.52
N VAL P 124 34.61 10.31 38.17
CA VAL P 124 33.94 11.63 37.91
C VAL P 124 34.30 12.10 36.50
N VAL P 125 35.60 12.12 36.21
CA VAL P 125 36.20 12.58 34.93
C VAL P 125 35.71 11.65 33.79
N LYS P 126 35.60 10.36 34.05
CA LYS P 126 35.19 9.32 33.06
C LYS P 126 33.79 9.65 32.51
N TYR P 127 32.84 9.97 33.39
CA TYR P 127 31.40 10.12 33.01
C TYR P 127 31.02 11.57 32.72
N SER P 128 31.77 12.54 33.29
CA SER P 128 31.56 14.00 33.14
C SER P 128 32.89 14.69 32.85
N PRO P 129 33.48 14.45 31.66
CA PRO P 129 34.83 14.93 31.37
C PRO P 129 34.92 16.46 31.17
N HIS P 130 33.80 17.13 30.89
CA HIS P 130 33.74 18.60 30.69
C HIS P 130 33.27 19.32 31.98
N CYS P 131 33.03 18.62 33.09
CA CYS P 131 32.44 19.19 34.34
C CYS P 131 33.39 20.23 34.94
N LYS P 132 32.90 21.02 35.89
CA LYS P 132 33.76 21.80 36.82
C LYS P 132 33.74 21.08 38.18
N LEU P 133 34.90 20.95 38.83
CA LEU P 133 35.05 20.27 40.14
C LEU P 133 35.04 21.35 41.22
N LEU P 134 34.10 21.27 42.16
CA LEU P 134 34.08 22.13 43.37
C LEU P 134 34.39 21.22 44.56
N VAL P 135 35.61 21.31 45.07
CA VAL P 135 36.07 20.45 46.19
C VAL P 135 35.70 21.17 47.47
N VAL P 136 35.02 20.48 48.39
CA VAL P 136 34.60 21.03 49.70
C VAL P 136 35.35 20.31 50.85
N SER P 137 35.54 19.01 50.76
CA SER P 137 36.14 18.20 51.86
C SER P 137 37.46 18.82 52.29
N ASN P 138 37.80 18.68 53.58
CA ASN P 138 39.00 19.28 54.23
C ASN P 138 40.09 18.24 54.49
N PRO P 139 41.39 18.63 54.55
CA PRO P 139 41.82 20.02 54.28
C PRO P 139 41.72 20.44 52.79
N VAL P 140 40.92 21.48 52.51
CA VAL P 140 40.37 21.84 51.16
C VAL P 140 41.46 22.40 50.23
N ASP P 141 42.41 23.17 50.73
CA ASP P 141 43.45 23.78 49.87
C ASP P 141 44.29 22.65 49.26
N ILE P 142 44.60 21.60 50.04
CA ILE P 142 45.40 20.41 49.60
C ILE P 142 44.55 19.50 48.70
N LEU P 143 43.34 19.15 49.15
CA LEU P 143 42.44 18.18 48.46
C LEU P 143 41.93 18.80 47.14
N THR P 144 41.96 20.12 47.01
CA THR P 144 41.71 20.80 45.72
C THR P 144 42.90 20.55 44.79
N TYR P 145 44.14 20.72 45.29
CA TYR P 145 45.40 20.41 44.55
C TYR P 145 45.39 18.92 44.17
N VAL P 146 45.03 18.05 45.12
CA VAL P 146 44.96 16.57 44.91
C VAL P 146 44.05 16.29 43.71
N ALA P 147 42.81 16.81 43.71
CA ALA P 147 41.80 16.55 42.67
C ALA P 147 42.27 17.10 41.31
N TRP P 148 42.89 18.27 41.31
CA TRP P 148 43.40 18.90 40.06
C TRP P 148 44.40 17.94 39.40
N LYS P 149 45.25 17.31 40.20
CA LYS P 149 46.40 16.55 39.68
C LYS P 149 45.89 15.23 39.10
N ILE P 150 44.95 14.57 39.80
CA ILE P 150 44.36 13.25 39.41
C ILE P 150 43.34 13.43 38.28
N SER P 151 42.58 14.53 38.27
CA SER P 151 41.59 14.83 37.21
C SER P 151 42.31 15.05 35.87
N GLY P 152 43.47 15.71 35.93
CA GLY P 152 44.21 16.25 34.77
C GLY P 152 43.47 17.40 34.07
N PHE P 153 42.50 18.02 34.76
CA PHE P 153 41.66 19.14 34.22
C PHE P 153 42.50 20.42 34.27
N PRO P 154 42.28 21.37 33.34
CA PRO P 154 42.91 22.68 33.42
C PRO P 154 42.45 23.43 34.69
N LYS P 155 43.28 24.35 35.19
CA LYS P 155 43.13 24.96 36.54
C LYS P 155 41.80 25.71 36.69
N ASN P 156 41.20 26.17 35.58
CA ASN P 156 39.95 26.99 35.63
C ASN P 156 38.76 26.11 36.04
N ARG P 157 38.81 24.81 35.77
CA ARG P 157 37.70 23.86 36.04
C ARG P 157 37.92 23.12 37.38
N VAL P 158 38.80 23.60 38.27
CA VAL P 158 38.99 22.96 39.62
C VAL P 158 39.00 24.04 40.70
N ILE P 159 37.95 24.04 41.51
CA ILE P 159 37.68 25.11 42.52
C ILE P 159 37.66 24.48 43.91
N GLY P 160 38.17 25.20 44.90
CA GLY P 160 38.05 24.82 46.32
C GLY P 160 37.12 25.78 47.02
N SER P 161 36.13 25.26 47.74
CA SER P 161 35.17 26.09 48.51
C SER P 161 35.97 27.16 49.28
N GLY P 162 37.19 26.84 49.72
CA GLY P 162 38.19 27.83 50.19
C GLY P 162 37.73 28.65 51.38
N CYS P 163 37.85 29.98 51.28
CA CYS P 163 37.55 30.97 52.36
C CYS P 163 36.19 31.64 52.11
N ASN P 164 35.41 31.14 51.15
CA ASN P 164 34.05 31.59 50.78
C ASN P 164 33.13 31.67 52.03
N LEU P 165 33.05 30.59 52.79
CA LEU P 165 32.26 30.55 54.05
C LEU P 165 32.91 31.46 55.10
N ASP P 166 34.22 31.32 55.30
CA ASP P 166 35.00 32.13 56.27
C ASP P 166 34.71 33.61 56.01
N SER P 167 34.67 34.01 54.73
CA SER P 167 34.41 35.40 54.28
C SER P 167 32.95 35.78 54.59
N ALA P 168 31.97 34.93 54.27
CA ALA P 168 30.53 35.12 54.55
C ALA P 168 30.27 35.17 56.07
N ARG P 169 31.03 34.41 56.85
CA ARG P 169 30.95 34.42 58.34
C ARG P 169 31.53 35.73 58.87
N PHE P 170 32.61 36.22 58.26
CA PHE P 170 33.29 37.49 58.61
C PHE P 170 32.27 38.63 58.48
N ARG P 171 31.54 38.66 57.36
CA ARG P 171 30.57 39.72 56.99
C ARG P 171 29.36 39.67 57.94
N TYR P 172 28.94 38.49 58.39
CA TYR P 172 27.86 38.34 59.39
C TYR P 172 28.29 39.02 60.69
N LEU P 173 29.55 38.81 61.13
CA LEU P 173 30.12 39.28 62.42
C LEU P 173 30.34 40.80 62.38
N MET P 174 30.94 41.30 61.30
CA MET P 174 31.05 42.74 60.95
C MET P 174 29.66 43.37 61.06
N GLY P 175 28.67 42.76 60.42
CA GLY P 175 27.26 43.24 60.39
C GLY P 175 26.63 43.32 61.76
N GLU P 176 26.96 42.44 62.69
CA GLU P 176 26.33 42.44 64.04
C GLU P 176 26.93 43.59 64.87
N ARG P 177 28.23 43.86 64.67
CA ARG P 177 28.97 44.92 65.41
C ARG P 177 28.54 46.31 64.92
N LEU P 178 28.19 46.44 63.63
CA LEU P 178 27.92 47.75 62.97
C LEU P 178 26.43 48.01 62.88
N GLY P 179 25.58 46.99 63.13
CA GLY P 179 24.11 47.13 63.12
C GLY P 179 23.53 47.16 61.70
N VAL P 180 24.14 46.39 60.79
CA VAL P 180 23.87 46.41 59.33
C VAL P 180 23.94 44.98 58.80
N HIS P 181 23.14 44.62 57.78
CA HIS P 181 23.12 43.27 57.13
C HIS P 181 24.48 42.98 56.52
N ALA P 182 24.90 41.72 56.55
CA ALA P 182 26.16 41.20 55.96
C ALA P 182 26.35 41.64 54.50
N LEU P 183 25.26 41.75 53.73
CA LEU P 183 25.24 42.10 52.28
C LEU P 183 25.88 43.47 52.04
N SER P 184 25.84 44.33 53.05
CA SER P 184 26.30 45.74 52.97
C SER P 184 27.58 45.95 53.78
N CYS P 185 28.05 44.93 54.51
CA CYS P 185 29.39 44.87 55.15
C CYS P 185 30.35 44.06 54.28
N HIS P 186 31.39 44.68 53.74
CA HIS P 186 32.34 44.04 52.79
C HIS P 186 33.65 43.78 53.51
N GLY P 187 34.22 42.59 53.29
CA GLY P 187 35.42 42.11 53.98
C GLY P 187 35.86 40.79 53.39
N TRP P 188 37.16 40.58 53.27
CA TRP P 188 37.72 39.38 52.61
C TRP P 188 38.71 38.69 53.53
N ILE P 189 38.49 37.39 53.73
CA ILE P 189 39.43 36.42 54.33
C ILE P 189 40.07 35.66 53.16
N LEU P 190 41.39 35.79 52.95
CA LEU P 190 42.13 35.14 51.84
C LEU P 190 43.12 34.10 52.38
N GLY P 191 43.82 33.42 51.48
CA GLY P 191 44.91 32.47 51.76
C GLY P 191 44.41 31.07 52.10
N GLU P 192 44.90 30.51 53.19
CA GLU P 192 44.66 29.09 53.55
C GLU P 192 43.45 29.00 54.48
N HIS P 193 42.39 28.31 54.04
CA HIS P 193 41.17 28.09 54.85
C HIS P 193 41.58 27.67 56.25
N GLY P 194 41.01 28.27 57.30
CA GLY P 194 41.28 27.90 58.71
C GLY P 194 42.28 28.83 59.37
N ASP P 195 43.20 28.27 60.18
CA ASP P 195 43.96 28.94 61.27
C ASP P 195 44.95 29.99 60.72
N SER P 196 45.41 29.83 59.46
CA SER P 196 46.41 30.71 58.80
C SER P 196 45.74 31.72 57.85
N SER P 197 44.41 31.72 57.76
CA SER P 197 43.54 32.73 57.06
C SER P 197 44.13 34.13 57.19
N VAL P 198 44.12 34.90 56.10
CA VAL P 198 44.63 36.32 56.11
C VAL P 198 43.44 37.26 55.93
N PRO P 199 42.95 37.94 56.99
CA PRO P 199 41.90 38.95 56.85
C PRO P 199 42.50 40.22 56.26
N VAL P 200 41.90 40.77 55.21
CA VAL P 200 42.45 41.92 54.45
C VAL P 200 41.76 43.19 54.94
N TRP P 201 42.28 43.79 56.01
CA TRP P 201 41.75 44.98 56.72
C TRP P 201 41.58 46.16 55.74
N SER P 202 42.57 46.43 54.89
CA SER P 202 42.46 47.47 53.83
C SER P 202 41.06 47.42 53.21
N GLY P 203 40.51 46.22 52.99
CA GLY P 203 39.34 45.95 52.14
C GLY P 203 38.02 46.04 52.89
N MET P 204 38.05 46.07 54.22
CA MET P 204 36.82 46.10 55.01
C MET P 204 36.17 47.47 54.87
N ASN P 205 34.91 47.52 54.46
CA ASN P 205 34.18 48.79 54.22
C ASN P 205 32.67 48.58 54.29
N VAL P 206 31.92 49.66 54.48
CA VAL P 206 30.46 49.77 54.22
C VAL P 206 30.28 50.98 53.29
N ALA P 207 29.68 50.77 52.11
CA ALA P 207 29.36 51.84 51.15
C ALA P 207 30.63 52.51 50.65
N GLY P 208 31.72 51.76 50.55
CA GLY P 208 33.00 52.25 50.00
C GLY P 208 33.72 53.16 50.97
N VAL P 209 33.42 53.06 52.26
CA VAL P 209 34.19 53.74 53.35
C VAL P 209 35.08 52.72 54.04
N SER P 210 36.37 52.73 53.72
CA SER P 210 37.43 51.94 54.38
C SER P 210 37.31 52.13 55.89
N LEU P 211 37.00 51.07 56.63
CA LEU P 211 37.05 51.07 58.11
C LEU P 211 38.50 51.26 58.57
N LYS P 212 39.47 50.96 57.70
CA LYS P 212 40.92 51.05 58.03
C LYS P 212 41.33 52.53 58.07
N THR P 213 40.83 53.37 57.16
CA THR P 213 41.19 54.81 57.09
C THR P 213 40.60 55.56 58.30
N LEU P 214 39.35 55.26 58.67
CA LEU P 214 38.63 55.86 59.83
C LEU P 214 39.30 55.42 61.16
N HIS P 215 39.73 54.15 61.25
CA HIS P 215 40.24 53.49 62.49
C HIS P 215 41.55 52.79 62.15
N PRO P 216 42.68 53.53 62.03
CA PRO P 216 43.88 52.96 61.40
C PRO P 216 44.61 51.92 62.27
N GLU P 217 44.18 51.75 63.52
CA GLU P 217 44.67 50.67 64.44
C GLU P 217 43.81 49.40 64.25
N LEU P 218 42.77 49.44 63.41
CA LEU P 218 41.94 48.26 63.01
C LEU P 218 42.87 47.11 62.60
N GLY P 219 42.77 45.97 63.28
CA GLY P 219 43.47 44.73 62.89
C GLY P 219 44.77 44.50 63.66
N THR P 220 45.22 45.48 64.45
CA THR P 220 46.44 45.38 65.29
C THR P 220 46.02 44.95 66.70
N ASP P 221 47.00 44.50 67.50
CA ASP P 221 46.77 44.00 68.88
C ASP P 221 46.50 45.21 69.79
N ALA P 222 47.01 46.38 69.42
CA ALA P 222 46.78 47.68 70.10
C ALA P 222 45.28 47.97 70.15
N ASP P 223 44.59 47.90 69.00
CA ASP P 223 43.14 48.19 68.78
C ASP P 223 42.33 48.12 70.09
N LYS P 224 41.75 49.24 70.51
CA LYS P 224 40.82 49.27 71.66
C LYS P 224 39.62 48.38 71.34
N GLU P 225 39.17 48.38 70.07
CA GLU P 225 37.93 47.72 69.59
C GLU P 225 38.18 46.26 69.17
N GLN P 226 39.40 45.75 69.32
CA GLN P 226 39.72 44.29 69.34
C GLN P 226 39.40 43.62 67.99
N TRP P 227 39.35 44.38 66.88
CA TRP P 227 38.82 43.87 65.59
C TRP P 227 39.63 42.66 65.11
N LYS P 228 40.87 42.44 65.58
CA LYS P 228 41.64 41.20 65.28
C LYS P 228 40.87 40.00 65.82
N GLN P 229 40.16 40.16 66.94
CA GLN P 229 39.38 39.08 67.61
C GLN P 229 38.22 38.63 66.70
N VAL P 230 37.81 39.47 65.74
CA VAL P 230 36.67 39.14 64.83
C VAL P 230 37.17 38.07 63.85
N HIS P 231 38.40 38.18 63.37
CA HIS P 231 39.05 37.12 62.55
C HIS P 231 39.11 35.83 63.38
N LYS P 232 39.55 35.92 64.62
CA LYS P 232 39.77 34.74 65.50
C LYS P 232 38.43 34.02 65.74
N GLN P 233 37.31 34.75 65.76
CA GLN P 233 35.95 34.13 65.84
C GLN P 233 35.64 33.38 64.54
N VAL P 234 35.99 33.96 63.39
CA VAL P 234 35.80 33.32 62.05
C VAL P 234 36.55 31.99 62.07
N VAL P 235 37.81 32.01 62.47
CA VAL P 235 38.72 30.83 62.49
C VAL P 235 38.16 29.76 63.44
N ASP P 236 37.63 30.18 64.61
CA ASP P 236 37.13 29.27 65.67
C ASP P 236 35.66 28.92 65.42
N SER P 237 35.03 29.50 64.39
CA SER P 237 33.55 29.38 64.14
C SER P 237 33.13 27.91 64.17
N ALA P 238 33.64 27.12 63.22
CA ALA P 238 33.27 25.69 63.04
C ALA P 238 33.45 24.92 64.35
N TYR P 239 34.65 24.98 64.93
CA TYR P 239 35.05 24.33 66.21
C TYR P 239 34.01 24.60 67.30
N GLU P 240 33.48 25.84 67.35
CA GLU P 240 32.46 26.25 68.35
C GLU P 240 31.15 25.54 68.01
N VAL P 241 30.72 25.58 66.75
CA VAL P 241 29.44 24.97 66.30
C VAL P 241 29.51 23.45 66.51
N ILE P 242 30.67 22.86 66.19
CA ILE P 242 30.95 21.41 66.35
C ILE P 242 30.80 21.05 67.83
N LYS P 243 31.41 21.81 68.73
CA LYS P 243 31.34 21.50 70.19
C LYS P 243 29.86 21.41 70.59
N LEU P 244 29.02 22.25 70.00
CA LEU P 244 27.61 22.48 70.45
C LEU P 244 26.67 21.47 69.80
N LYS P 245 26.87 21.13 68.52
CA LYS P 245 25.90 20.27 67.77
C LYS P 245 26.62 19.15 67.00
N GLY P 246 27.95 19.06 67.07
CA GLY P 246 28.71 17.87 66.64
C GLY P 246 29.25 17.99 65.23
N TYR P 247 28.63 18.82 64.37
CA TYR P 247 29.08 19.09 62.99
C TYR P 247 28.61 20.50 62.60
N THR P 248 29.01 20.97 61.42
CA THR P 248 28.46 22.20 60.77
C THR P 248 27.72 21.70 59.54
N SER P 249 26.68 22.39 59.11
CA SER P 249 25.81 21.84 58.06
C SER P 249 25.32 22.92 57.10
N TRP P 250 24.46 23.78 57.62
CA TRP P 250 23.68 24.81 56.92
C TRP P 250 24.48 25.89 56.20
N ALA P 251 25.44 26.50 56.87
CA ALA P 251 26.24 27.65 56.42
C ALA P 251 27.02 27.27 55.17
N ILE P 252 27.74 26.14 55.23
CA ILE P 252 28.57 25.63 54.10
C ILE P 252 27.62 25.25 52.95
N GLY P 253 26.47 24.66 53.29
CA GLY P 253 25.37 24.35 52.34
C GLY P 253 25.06 25.56 51.50
N LEU P 254 24.72 26.68 52.13
CA LEU P 254 24.25 27.91 51.47
C LEU P 254 25.43 28.54 50.72
N SER P 255 26.63 28.49 51.30
CA SER P 255 27.84 29.11 50.69
C SER P 255 28.21 28.36 49.41
N VAL P 256 27.86 27.07 49.32
CA VAL P 256 28.19 26.20 48.16
C VAL P 256 27.11 26.35 47.08
N ALA P 257 25.83 26.37 47.47
CA ALA P 257 24.74 26.68 46.53
C ALA P 257 25.04 28.03 45.86
N ASP P 258 25.61 28.98 46.61
CA ASP P 258 25.96 30.34 46.13
C ASP P 258 27.05 30.24 45.06
N LEU P 259 28.14 29.51 45.33
CA LEU P 259 29.20 29.30 44.32
C LEU P 259 28.56 28.61 43.11
N ALA P 260 27.62 27.69 43.35
CA ALA P 260 26.91 26.88 42.32
C ALA P 260 26.14 27.80 41.38
N GLU P 261 25.41 28.76 41.95
CA GLU P 261 24.64 29.81 41.21
C GLU P 261 25.56 30.50 40.20
N SER P 262 26.68 31.08 40.67
CA SER P 262 27.62 31.85 39.81
C SER P 262 28.05 30.98 38.63
N ILE P 263 28.31 29.69 38.87
CA ILE P 263 28.81 28.73 37.85
C ILE P 263 27.70 28.39 36.87
N MET P 264 26.55 27.91 37.38
CA MET P 264 25.44 27.38 36.55
C MET P 264 24.73 28.51 35.79
N LYS P 265 24.87 29.77 36.21
CA LYS P 265 24.19 30.91 35.55
C LYS P 265 25.20 31.88 34.93
N ASN P 266 26.49 31.51 34.94
CA ASN P 266 27.62 32.30 34.38
C ASN P 266 27.59 33.74 34.90
N LEU P 267 27.48 33.97 36.21
CA LEU P 267 27.26 35.33 36.76
C LEU P 267 28.53 36.16 36.69
N ARG P 268 29.70 35.53 36.84
CA ARG P 268 31.03 36.20 36.86
C ARG P 268 31.04 37.13 38.07
N ARG P 269 30.46 36.67 39.18
CA ARG P 269 30.65 37.33 40.50
C ARG P 269 32.04 36.95 41.01
N VAL P 270 32.60 37.77 41.89
CA VAL P 270 33.93 37.58 42.53
C VAL P 270 33.65 36.91 43.87
N HIS P 271 34.04 35.64 44.06
CA HIS P 271 34.01 34.92 45.36
C HIS P 271 35.44 34.74 45.85
N PRO P 272 35.67 34.64 47.18
CA PRO P 272 36.97 34.22 47.71
C PRO P 272 37.04 32.69 47.74
N ILE P 273 37.55 32.10 46.65
CA ILE P 273 37.62 30.61 46.44
C ILE P 273 39.06 30.22 46.07
N SER P 274 39.43 28.95 46.33
CA SER P 274 40.79 28.37 46.22
C SER P 274 41.11 28.04 44.76
N THR P 275 41.97 28.82 44.11
CA THR P 275 42.43 28.55 42.73
C THR P 275 43.93 28.24 42.75
N MET P 276 44.42 27.54 41.72
CA MET P 276 45.86 27.22 41.54
C MET P 276 46.61 28.53 41.25
N LEU P 277 47.41 29.00 42.20
CA LEU P 277 47.87 30.42 42.28
C LEU P 277 49.31 30.62 41.81
N LYS P 278 50.05 29.56 41.49
CA LYS P 278 51.46 29.66 41.02
C LYS P 278 51.53 30.77 39.97
N GLY P 279 52.54 31.63 40.05
CA GLY P 279 52.81 32.71 39.09
C GLY P 279 52.11 34.01 39.46
N LEU P 280 51.37 34.02 40.57
CA LEU P 280 50.64 35.19 41.11
C LEU P 280 50.85 35.25 42.63
N TYR P 281 50.64 36.43 43.22
CA TYR P 281 50.73 36.73 44.67
C TYR P 281 52.11 36.26 45.21
N GLY P 282 53.15 36.38 44.37
CA GLY P 282 54.54 36.00 44.70
C GLY P 282 54.68 34.55 45.12
N ILE P 283 53.88 33.65 44.51
CA ILE P 283 53.82 32.17 44.76
C ILE P 283 54.49 31.48 43.57
N LYS P 284 55.27 30.42 43.83
CA LYS P 284 56.12 29.78 42.79
C LYS P 284 55.95 28.25 42.78
N GLU P 285 55.11 27.69 43.66
CA GLU P 285 54.79 26.24 43.68
C GLU P 285 53.34 26.04 43.24
N ASP P 286 53.02 24.86 42.70
CA ASP P 286 51.65 24.42 42.33
C ASP P 286 50.83 24.22 43.64
N VAL P 287 50.21 25.30 44.14
CA VAL P 287 49.33 25.27 45.36
C VAL P 287 48.01 26.00 45.10
N PHE P 288 46.99 25.68 45.90
CA PHE P 288 45.66 26.34 45.86
C PHE P 288 45.51 27.19 47.13
N LEU P 289 45.24 28.49 46.95
CA LEU P 289 44.94 29.47 48.02
C LEU P 289 43.70 30.26 47.64
N SER P 290 42.92 30.73 48.62
CA SER P 290 41.72 31.57 48.41
C SER P 290 42.15 33.00 48.04
N VAL P 291 41.84 33.44 46.82
CA VAL P 291 41.90 34.85 46.34
C VAL P 291 40.54 35.22 45.72
N PRO P 292 40.24 36.52 45.54
CA PRO P 292 39.05 36.92 44.82
C PRO P 292 39.14 36.48 43.36
N CYS P 293 38.30 35.52 42.97
CA CYS P 293 38.22 34.90 41.61
C CYS P 293 36.86 35.21 40.98
N VAL P 294 36.84 35.51 39.69
CA VAL P 294 35.62 35.65 38.84
C VAL P 294 35.10 34.26 38.48
N LEU P 295 33.87 33.92 38.86
CA LEU P 295 33.31 32.55 38.81
C LEU P 295 32.09 32.55 37.87
N GLY P 296 32.20 31.84 36.75
CA GLY P 296 31.19 31.77 35.67
C GLY P 296 31.17 30.36 35.09
N GLN P 297 30.64 30.17 33.87
CA GLN P 297 30.24 28.82 33.37
C GLN P 297 31.47 27.95 33.10
N ASN P 298 32.67 28.55 32.93
CA ASN P 298 33.94 27.81 32.70
C ASN P 298 34.78 27.78 33.97
N GLY P 299 34.16 27.98 35.14
CA GLY P 299 34.87 28.05 36.43
C GLY P 299 35.63 29.35 36.52
N ILE P 300 36.85 29.30 37.05
CA ILE P 300 37.64 30.52 37.39
C ILE P 300 38.37 31.01 36.13
N SER P 301 37.88 32.12 35.56
CA SER P 301 38.35 32.71 34.28
C SER P 301 39.43 33.75 34.54
N ASP P 302 39.30 34.48 35.65
CA ASP P 302 40.18 35.63 36.00
C ASP P 302 40.33 35.71 37.51
N VAL P 303 41.39 36.37 37.98
CA VAL P 303 41.67 36.60 39.42
C VAL P 303 41.76 38.10 39.64
N VAL P 304 41.16 38.58 40.72
CA VAL P 304 41.38 39.98 41.18
C VAL P 304 42.73 40.01 41.89
N LYS P 305 43.52 41.05 41.60
CA LYS P 305 44.88 41.25 42.15
C LYS P 305 44.79 42.24 43.32
N VAL P 306 44.54 41.70 44.51
CA VAL P 306 44.45 42.49 45.77
C VAL P 306 45.85 42.96 46.15
N THR P 307 46.01 44.29 46.30
CA THR P 307 47.18 44.96 46.88
C THR P 307 47.28 44.56 48.34
N LEU P 308 48.25 43.73 48.71
CA LEU P 308 48.42 43.24 50.10
C LEU P 308 49.50 44.06 50.80
N THR P 309 49.47 44.13 52.13
CA THR P 309 50.59 44.65 52.96
C THR P 309 51.71 43.60 52.91
N SER P 310 52.97 44.00 53.14
CA SER P 310 54.13 43.06 53.14
C SER P 310 53.89 41.92 54.14
N GLU P 311 53.23 42.19 55.28
CA GLU P 311 52.93 41.16 56.32
C GLU P 311 52.02 40.09 55.70
N GLU P 312 51.00 40.50 54.94
CA GLU P 312 49.96 39.62 54.34
C GLU P 312 50.57 38.78 53.22
N GLU P 313 51.41 39.37 52.37
CA GLU P 313 52.10 38.68 51.25
C GLU P 313 52.95 37.55 51.85
N ALA P 314 53.66 37.83 52.94
CA ALA P 314 54.56 36.89 53.65
C ALA P 314 53.75 35.75 54.28
N HIS P 315 52.51 36.02 54.71
CA HIS P 315 51.58 35.00 55.27
C HIS P 315 51.22 34.02 54.14
N LEU P 316 50.86 34.54 52.96
CA LEU P 316 50.43 33.73 51.78
C LEU P 316 51.61 32.92 51.25
N LYS P 317 52.81 33.53 51.15
CA LYS P 317 54.08 32.82 50.83
C LYS P 317 54.28 31.67 51.84
N LYS P 318 54.07 31.90 53.14
CA LYS P 318 54.35 30.89 54.21
C LYS P 318 53.29 29.77 54.18
N SER P 319 52.09 30.04 53.66
CA SER P 319 51.01 29.04 53.48
C SER P 319 51.32 28.20 52.24
N ALA P 320 51.81 28.83 51.18
CA ALA P 320 52.21 28.15 49.92
C ALA P 320 53.46 27.27 50.18
N ASP P 321 54.27 27.64 51.17
CA ASP P 321 55.51 26.91 51.57
C ASP P 321 55.11 25.62 52.29
N THR P 322 54.17 25.70 53.24
CA THR P 322 53.73 24.56 54.08
C THR P 322 52.79 23.66 53.27
N LEU P 323 51.97 24.23 52.39
CA LEU P 323 51.10 23.46 51.47
C LEU P 323 51.99 22.63 50.54
N TRP P 324 53.01 23.24 49.94
CA TRP P 324 53.93 22.55 49.00
C TRP P 324 54.74 21.48 49.74
N GLY P 325 55.16 21.82 50.96
CA GLY P 325 55.86 20.88 51.88
C GLY P 325 55.17 19.54 51.94
N ILE P 326 53.85 19.56 52.17
CA ILE P 326 53.02 18.34 52.40
C ILE P 326 52.76 17.65 51.04
N GLN P 327 52.49 18.43 50.00
CA GLN P 327 52.08 17.95 48.65
C GLN P 327 53.23 17.22 47.95
N LYS P 328 54.48 17.58 48.24
CA LYS P 328 55.71 16.85 47.77
C LYS P 328 55.63 15.41 48.27
N GLU P 329 55.41 15.25 49.57
CA GLU P 329 55.43 13.96 50.32
C GLU P 329 54.16 13.13 50.05
N LEU P 330 53.25 13.59 49.18
CA LEU P 330 52.02 12.82 48.81
C LEU P 330 52.37 11.84 47.70
N GLN P 331 51.90 10.59 47.81
CA GLN P 331 52.10 9.50 46.81
C GLN P 331 50.83 9.38 45.97
N PHE P 332 50.94 9.67 44.67
CA PHE P 332 49.84 9.55 43.68
C PHE P 332 49.98 8.21 42.95
C1 CIT Q . 1.19 -55.14 19.90
O1 CIT Q . 1.99 -55.59 20.72
O2 CIT Q . 1.54 -54.62 18.82
C2 CIT Q . -0.28 -55.28 20.21
C3 CIT Q . -0.97 -56.41 19.44
O7 CIT Q . -0.90 -57.61 20.19
C4 CIT Q . -2.45 -56.04 19.21
C5 CIT Q . -3.41 -57.20 19.00
O3 CIT Q . -3.85 -57.80 20.01
O4 CIT Q . -3.73 -57.50 17.82
C6 CIT Q . -0.22 -56.58 18.08
O5 CIT Q . 0.71 -57.41 18.06
O6 CIT Q . -0.53 -55.82 17.12
C1 CIT R . -16.94 -7.12 10.41
O1 CIT R . -17.84 -7.87 10.86
O2 CIT R . -16.83 -5.92 10.67
C2 CIT R . -15.94 -7.67 9.41
C3 CIT R . -16.33 -7.45 7.94
O7 CIT R . -16.02 -6.11 7.60
C4 CIT R . -15.52 -8.41 7.04
C5 CIT R . -15.68 -8.19 5.54
O3 CIT R . -15.83 -9.19 4.79
O4 CIT R . -15.63 -7.02 5.10
C6 CIT R . -17.85 -7.72 7.80
O5 CIT R . -18.24 -8.88 7.46
O6 CIT R . -18.62 -6.76 8.10
C1 CIT S . -21.45 -42.74 34.84
O1 CIT S . -21.53 -43.49 33.86
O2 CIT S . -22.43 -42.21 35.39
C2 CIT S . -20.07 -42.48 35.41
C3 CIT S . -19.83 -43.16 36.76
O7 CIT S . -19.61 -44.54 36.56
C4 CIT S . -18.58 -42.50 37.41
C5 CIT S . -17.86 -43.28 38.51
O3 CIT S . -18.14 -44.49 38.67
O4 CIT S . -17.00 -42.67 39.20
C6 CIT S . -21.11 -42.94 37.61
O5 CIT S . -21.86 -43.94 37.77
O6 CIT S . -21.35 -41.79 38.00
C1 CIT T . 11.76 -15.40 5.28
O1 CIT T . 11.53 -16.57 5.05
O2 CIT T . 12.66 -14.75 4.74
C2 CIT T . 10.94 -14.70 6.31
C3 CIT T . 11.72 -13.70 7.16
O7 CIT T . 12.10 -12.63 6.33
C4 CIT T . 10.81 -13.20 8.30
C5 CIT T . 11.38 -12.09 9.18
O3 CIT T . 12.02 -12.41 10.20
O4 CIT T . 11.18 -10.91 8.83
C6 CIT T . 12.98 -14.42 7.74
O5 CIT T . 12.90 -14.92 8.89
O6 CIT T . 13.99 -14.45 7.00
C1 CIT U . 52.65 7.04 -42.89
O1 CIT U . 51.56 6.90 -42.35
O2 CIT U . 53.11 6.23 -43.71
C2 CIT U . 53.45 8.27 -42.51
C3 CIT U . 54.97 8.05 -42.40
O7 CIT U . 55.56 8.30 -43.66
C4 CIT U . 55.57 9.00 -41.36
C5 CIT U . 57.08 8.92 -41.18
O3 CIT U . 57.78 8.61 -42.17
O4 CIT U . 57.56 9.17 -40.05
C6 CIT U . 55.22 6.56 -41.97
O5 CIT U . 55.29 5.71 -42.88
O6 CIT U . 55.30 6.33 -40.74
C1 CIT V . 31.88 25.11 1.39
O1 CIT V . 31.63 25.34 0.20
O2 CIT V . 31.99 25.98 2.27
C2 CIT V . 32.10 23.67 1.77
C3 CIT V . 32.81 23.46 3.12
O7 CIT V . 31.83 23.52 4.14
C4 CIT V . 33.50 22.08 3.07
C5 CIT V . 33.95 21.48 4.40
O3 CIT V . 33.11 21.36 5.31
O4 CIT V . 35.15 21.12 4.52
C6 CIT V . 33.85 24.59 3.31
O5 CIT V . 34.91 24.55 2.64
O6 CIT V . 33.56 25.52 4.12
C1 CIT W . 50.46 36.65 -36.05
O1 CIT W . 49.85 36.67 -34.97
O2 CIT W . 51.19 37.58 -36.44
C2 CIT W . 50.21 35.51 -37.01
C3 CIT W . 49.50 35.96 -38.28
O7 CIT W . 50.49 36.45 -39.18
C4 CIT W . 48.74 34.79 -38.92
C5 CIT W . 48.40 34.94 -40.40
O3 CIT W . 47.20 34.95 -40.74
O4 CIT W . 49.36 35.03 -41.20
C6 CIT W . 48.52 37.11 -37.91
O5 CIT W . 47.40 36.80 -37.42
O6 CIT W . 48.93 38.29 -38.06
C1 CIT X . 23.66 -0.51 -10.79
O1 CIT X . 23.34 -1.22 -9.84
O2 CIT X . 24.28 -0.91 -11.77
C2 CIT X . 23.21 0.94 -10.77
C3 CIT X . 21.71 1.11 -10.97
O7 CIT X . 21.05 0.58 -9.84
C4 CIT X . 21.42 2.62 -11.13
C5 CIT X . 19.97 3.08 -11.00
O3 CIT X . 19.48 3.11 -9.85
O4 CIT X . 19.34 3.44 -12.04
C6 CIT X . 21.34 0.33 -12.25
O5 CIT X . 21.08 -0.89 -12.10
O6 CIT X . 21.39 0.93 -13.35
C1 CIT Y . -22.30 -12.25 -48.52
O1 CIT Y . -23.07 -13.18 -48.69
O2 CIT Y . -21.06 -12.36 -48.48
C2 CIT Y . -22.91 -10.88 -48.30
C3 CIT Y . -22.17 -9.99 -47.30
O7 CIT Y . -21.30 -9.10 -48.01
C4 CIT Y . -23.20 -9.18 -46.52
C5 CIT Y . -22.62 -8.10 -45.63
O3 CIT Y . -23.04 -8.01 -44.47
O4 CIT Y . -21.72 -7.37 -46.11
C6 CIT Y . -21.33 -10.87 -46.32
O5 CIT Y . -21.93 -11.77 -45.68
O6 CIT Y . -20.12 -10.63 -46.25
C1 CIT Z . -67.57 -25.77 -26.36
O1 CIT Z . -68.77 -26.10 -26.28
O2 CIT Z . -67.18 -24.67 -26.78
C2 CIT Z . -66.55 -26.74 -25.79
C3 CIT Z . -66.54 -26.80 -24.26
O7 CIT Z . -67.48 -27.79 -23.85
C4 CIT Z . -65.13 -27.16 -23.75
C5 CIT Z . -64.95 -27.20 -22.23
O3 CIT Z . -65.77 -27.85 -21.56
O4 CIT Z . -63.97 -26.59 -21.72
C6 CIT Z . -66.95 -25.41 -23.71
O5 CIT Z . -68.18 -25.17 -23.61
O6 CIT Z . -66.04 -24.58 -23.44
C1 CIT AA . -48.87 1.51 -54.57
O1 CIT AA . -49.79 0.85 -54.07
O2 CIT AA . -48.94 2.73 -54.79
C2 CIT AA . -47.62 0.78 -55.02
C3 CIT AA . -47.53 0.60 -56.54
O7 CIT AA . -46.95 1.79 -57.09
C4 CIT AA . -46.65 -0.60 -56.90
C5 CIT AA . -46.42 -0.84 -58.38
O3 CIT AA . -47.29 -1.47 -59.04
O4 CIT AA . -45.36 -0.41 -58.89
C6 CIT AA . -48.96 0.38 -57.12
O5 CIT AA . -49.48 -0.77 -57.02
O6 CIT AA . -49.53 1.36 -57.63
C1 CIT BA . -44.62 -45.56 -31.35
O1 CIT BA . -44.35 -46.69 -30.90
O2 CIT BA . -43.78 -44.76 -31.77
C2 CIT BA . -46.07 -45.16 -31.48
C3 CIT BA . -46.93 -46.18 -32.25
O7 CIT BA . -47.49 -47.07 -31.31
C4 CIT BA . -48.04 -45.45 -33.02
C5 CIT BA . -49.11 -46.36 -33.62
O3 CIT BA . -49.87 -46.96 -32.83
O4 CIT BA . -49.16 -46.45 -34.87
C6 CIT BA . -46.02 -46.94 -33.24
O5 CIT BA . -45.51 -48.01 -32.83
O6 CIT BA . -45.82 -46.44 -34.38
C1 CIT CA . 15.40 57.63 35.04
O1 CIT CA . 16.28 56.77 35.07
O2 CIT CA . 15.61 58.84 34.87
C2 CIT CA . 13.97 57.19 35.22
C3 CIT CA . 13.09 58.23 35.91
O7 CIT CA . 12.90 59.31 35.01
C4 CIT CA . 11.75 57.56 36.26
C5 CIT CA . 10.53 58.47 36.23
O3 CIT CA . 9.92 58.60 35.13
O4 CIT CA . 10.15 59.00 37.31
C6 CIT CA . 13.80 58.73 37.20
O5 CIT CA . 13.70 58.06 38.26
O6 CIT CA . 14.45 59.79 37.08
C1 CIT DA . 6.69 11.36 57.19
O1 CIT DA . 7.30 10.41 56.67
O2 CIT DA . 5.49 11.67 56.94
C2 CIT DA . 7.47 12.20 58.17
C3 CIT DA . 7.01 12.10 59.63
O7 CIT DA . 7.50 10.88 60.18
C4 CIT DA . 7.60 13.30 60.39
C5 CIT DA . 7.63 13.20 61.92
O3 CIT DA . 8.36 12.33 62.44
O4 CIT DA . 6.93 14.02 62.58
C6 CIT DA . 5.45 12.11 59.69
O5 CIT DA . 4.87 11.00 59.72
O6 CIT DA . 4.88 13.22 59.65
C1 CIT EA . -5.00 37.76 25.30
O1 CIT EA . -4.86 37.16 26.37
O2 CIT EA . -5.98 37.59 24.54
C2 CIT EA . -3.91 38.73 24.88
C3 CIT EA . -3.47 38.63 23.41
O7 CIT EA . -4.17 39.63 22.70
C4 CIT EA . -1.94 38.88 23.34
C5 CIT EA . -1.34 38.93 21.94
O3 CIT EA . -0.44 38.11 21.64
O4 CIT EA . -1.73 39.83 21.17
C6 CIT EA . -3.81 37.23 22.84
O5 CIT EA . -4.94 37.11 22.33
O6 CIT EA . -2.95 36.31 22.93
C1 CIT FA . 33.35 25.04 58.45
O1 CIT FA . 34.50 24.88 58.90
O2 CIT FA . 32.79 26.12 58.37
C2 CIT FA . 32.63 23.82 57.91
C3 CIT FA . 33.55 22.72 57.37
O7 CIT FA . 34.02 21.96 58.48
C4 CIT FA . 32.76 21.82 56.40
C5 CIT FA . 33.43 20.50 56.02
O3 CIT FA . 33.79 19.75 56.94
O4 CIT FA . 33.59 20.23 54.79
C6 CIT FA . 34.73 23.39 56.63
O5 CIT FA . 34.54 23.74 55.44
O6 CIT FA . 35.78 23.58 57.28
#